data_8ZHF
#
_entry.id   8ZHF
#
loop_
_entity.id
_entity.type
_entity.pdbx_description
1 polymer 'Spike glycoprotein,Fibritin,Expression Tag'
2 polymer 'Heavy chain of R1-26 Fab'
3 polymer 'Light chain of R1-26 Fab'
4 branched 2-acetamido-2-deoxy-beta-D-glucopyranose-(1-4)-2-acetamido-2-deoxy-beta-D-glucopyranose
5 non-polymer 2-acetamido-2-deoxy-beta-D-glucopyranose
#
loop_
_entity_poly.entity_id
_entity_poly.type
_entity_poly.pdbx_seq_one_letter_code
_entity_poly.pdbx_strand_id
1 'polypeptide(L)'
;VSSQCVNLTTRTQLPPAYTNSFTRGVYYPDKVFRSSVLHSTQDLFLPFFSNVTWFHAIHVSGTNGTKRFDNPVLPFNDGV
YFASTEKSNIIRGWIFGTTLDSKTQSLLIVNNATNVVIKVCEFQFCNDPFLGVYYHKNNKSWMESEFRVYSSANNCTFEY
VSQPFLMDLEGKQGNFKNLREFVFKNIDGYFKIYSKHTPINLVRDLPQGFSALEPLVDLPIGINITRFQTLLALHRSYLT
PGDSSSGWTAGAAAYYVGYLQPRTFLLKYNENGTITDAVDCALDPLSETKCTLKSFTVEKGIYQTSNFRVQPTESIVRFP
NITNLCPFGEVFNATRFASVYAWNRKRISNCVADYSVLYNSASFSTFKCYGVSPTKLNDLCFTNVYADSFVIRGDEVRQI
APGQTGKIADYNYKLPDDFTGCVIAWNSNNLDSKVGGNYNYLYRLFRKSNLKPFERDISTEIYQAGSTPCNGVEGFNCYF
PLQSYGFQPTNGVGYQPYRVVVLSFELLHAPATVCGPKKSTNLVKNKCVNFNFNGLTGTGVLTESNKKFLPFQQFGRDIA
DTTDAVRDPQTLEILDITPCSFGGVSVITPGTNTSNQVAVLYQDVNCTEVPVAIHADQLTPTWRVYSTGSNVFQTRAGCL
IGAEHVNNSYECDIPIGAGICASYQTQTNSPGSASSVASQSIIAYTMSLGAENSVAYSNNSIAIPTNFTISVTTEILPVS
MTKTSVDCTMYICGDSTECSNLLLQYGSFCTQLNRALTGIAVEQDKNTQEVFAQVKQIYKTPPIKDFGGFNFSQILPDPS
KPSKRSPIEDLLFNKVTLADAGFIKQYGDCLGDIAARDLICAQKFNGLTVLPPLLTDEMIAQYTSALLAGTITSGWTFGA
GPALQIPFPMQMAYRFNGIGVTQNVLYENQKLIANQFNSAIGKIQDSLSSTPSALGKLQDVVNQNAQALNTLVKQLSSNF
GAISSVLNDILSRLDPPEAEVQIDRLITGRLQSLQTYVTQQLIRAAEIRASANLAATKMSECVLGQSKRVDFCGKGYHLM
SFPQSAPHGVVFLHVTYVPAQEKNFTTAPAICHDGKAHFPREGVFVSNGTHWFVTQRNFYEPQIITTDNTFVSGNCDVVI
GIVNNTVYDPLQPELDSFKEELDKYFKNHTSPDVDLGDISGINASVVNIQKEIDRLNEVAKNLNESLIDLQELGKYEQGS
GYIPEAPRDGQAYVRKDGEWVLLSTFLGRSLEVLFQGPGHHHHHHHHSAWSHPQFEKGGGSGGGGSGGSAWSHPQFEK
;
A,B,C,D,E,I
2 'polypeptide(L)'
;MGWSLILLFLVAVATRVLSEVQLVESGGGLVQPGGSLRLSCAASGFTFSSYWMSWVRQAPGKGLEWVANIKQDGSEKYYV
DSVKGRFTISRDNAKNSLYLQMNSLRAEDTAVYYCARGQLGPWVGVDYWGQGTLVTVSSASTKGPSVFPLAPSSKSTSGG
TAALGCLVKDYFPEPVTVSWNSGALTSGVHTFPAVLQSSGLYSLSSVVTVPSSSLGTQTYICNVNHKPSNTKVDKKVEPK
SCD
;
H,F,J,R,M,S
3 'polypeptide(L)'
;MGWSCIILFLVATATGVNFMLTQPHSVSESPGKTVTISCTGSSGSIASNYVQWYQQRPGSAPTTVIYEDNQRPSGVPDRF
SGSIDSSSNSASLTISGLKTEDEADYYCQSYDSSNWVFGGGTQLTVLGTKLTVLGQPKAAPSVTLFPPSSEELQANKATL
VCLISDFYPGAVTVAWKADSSPVKAGVETTTPSKQSNNKYAASSYLSLTPEQWKSHRSYSCQVTHEGSTVEKTVAPTECS
;
L,G,K,U,N,T
#
loop_
_chem_comp.id
_chem_comp.type
_chem_comp.name
_chem_comp.formula
NAG D-saccharide, beta linking 2-acetamido-2-deoxy-beta-D-glucopyranose 'C8 H15 N O6'
#
# COMPACT_ATOMS: atom_id res chain seq x y z
N GLN A 4 -49.78 -46.02 2.73
CA GLN A 4 -50.86 -45.59 1.85
C GLN A 4 -52.14 -45.32 2.63
N CYS A 5 -53.05 -44.57 2.01
CA CYS A 5 -54.31 -44.21 2.65
C CYS A 5 -55.41 -44.15 1.60
N VAL A 6 -56.66 -44.19 2.08
CA VAL A 6 -57.83 -44.03 1.24
C VAL A 6 -58.68 -42.91 1.81
N ASN A 7 -59.55 -42.36 0.97
CA ASN A 7 -60.44 -41.28 1.35
C ASN A 7 -61.82 -41.81 1.73
N LEU A 8 -62.50 -41.07 2.59
CA LEU A 8 -63.84 -41.43 3.01
C LEU A 8 -64.89 -40.74 2.14
N THR A 9 -66.14 -41.14 2.32
CA THR A 9 -67.26 -40.60 1.57
C THR A 9 -68.15 -39.76 2.48
N THR A 10 -68.87 -38.83 1.87
CA THR A 10 -69.75 -37.95 2.64
C THR A 10 -70.95 -38.73 3.17
N ARG A 11 -71.22 -38.57 4.46
CA ARG A 11 -72.31 -39.26 5.14
C ARG A 11 -72.90 -38.34 6.19
N THR A 12 -73.95 -38.81 6.85
CA THR A 12 -74.62 -38.05 7.89
C THR A 12 -73.91 -38.31 9.22
N GLN A 13 -73.42 -37.25 9.84
CA GLN A 13 -72.72 -37.32 11.11
C GLN A 13 -73.53 -36.61 12.18
N LEU A 14 -72.96 -36.55 13.40
CA LEU A 14 -73.58 -35.86 14.50
C LEU A 14 -72.74 -34.67 14.92
N PRO A 15 -73.36 -33.52 15.20
CA PRO A 15 -72.59 -32.36 15.63
C PRO A 15 -71.99 -32.59 17.01
N PRO A 16 -70.83 -32.01 17.31
CA PRO A 16 -70.24 -32.18 18.64
C PRO A 16 -71.07 -31.46 19.70
N ALA A 17 -71.11 -32.06 20.88
CA ALA A 17 -71.81 -31.51 22.02
C ALA A 17 -70.81 -31.05 23.08
N TYR A 18 -71.31 -30.33 24.09
CA TYR A 18 -70.46 -29.74 25.12
C TYR A 18 -70.94 -30.22 26.48
N THR A 19 -69.99 -30.68 27.30
CA THR A 19 -70.29 -31.17 28.64
C THR A 19 -69.48 -30.38 29.66
N ASN A 20 -69.70 -30.70 30.94
CA ASN A 20 -69.07 -29.98 32.05
C ASN A 20 -68.18 -30.93 32.83
N SER A 21 -66.96 -30.47 33.14
CA SER A 21 -66.04 -31.25 33.95
C SER A 21 -66.37 -31.10 35.43
N PHE A 22 -65.98 -32.10 36.21
CA PHE A 22 -66.24 -32.13 37.66
C PHE A 22 -64.99 -32.63 38.37
N THR A 23 -64.16 -31.69 38.80
CA THR A 23 -62.91 -31.95 39.54
C THR A 23 -62.01 -32.94 38.81
N ARG A 24 -61.70 -32.60 37.55
CA ARG A 24 -60.87 -33.44 36.70
C ARG A 24 -59.73 -32.61 36.15
N GLY A 25 -58.62 -33.29 35.84
CA GLY A 25 -57.45 -32.63 35.29
C GLY A 25 -56.43 -32.20 36.31
N VAL A 26 -56.26 -32.97 37.39
CA VAL A 26 -55.29 -32.65 38.45
C VAL A 26 -54.19 -33.70 38.41
N TYR A 27 -52.94 -33.23 38.33
CA TYR A 27 -51.78 -34.11 38.27
C TYR A 27 -50.72 -33.58 39.21
N TYR A 28 -49.67 -34.37 39.41
CA TYR A 28 -48.54 -33.95 40.23
C TYR A 28 -47.70 -32.94 39.47
N PRO A 29 -47.53 -31.72 39.98
CA PRO A 29 -46.74 -30.72 39.25
C PRO A 29 -45.24 -30.83 39.45
N ASP A 30 -44.78 -31.71 40.33
CA ASP A 30 -43.35 -31.82 40.62
C ASP A 30 -43.03 -33.24 41.07
N LYS A 31 -41.74 -33.57 41.03
CA LYS A 31 -41.25 -34.91 41.35
C LYS A 31 -40.67 -34.97 42.76
N VAL A 32 -41.25 -34.25 43.72
CA VAL A 32 -40.78 -34.25 45.09
C VAL A 32 -41.90 -34.75 46.00
N PHE A 33 -41.55 -34.96 47.27
CA PHE A 33 -42.46 -35.53 48.26
C PHE A 33 -42.88 -34.45 49.24
N ARG A 34 -44.19 -34.32 49.45
CA ARG A 34 -44.75 -33.40 50.44
C ARG A 34 -45.74 -34.15 51.31
N SER A 35 -45.56 -34.08 52.62
CA SER A 35 -46.42 -34.77 53.58
C SER A 35 -47.07 -33.75 54.49
N SER A 36 -48.42 -33.76 54.51
CA SER A 36 -49.21 -32.82 55.31
C SER A 36 -48.85 -31.37 55.02
N VAL A 37 -48.70 -31.06 53.72
CA VAL A 37 -48.28 -29.75 53.26
C VAL A 37 -49.36 -29.18 52.36
N LEU A 38 -49.81 -27.96 52.66
CA LEU A 38 -50.73 -27.22 51.79
C LEU A 38 -49.88 -26.26 50.96
N HIS A 39 -49.44 -26.73 49.81
CA HIS A 39 -48.50 -26.00 48.95
C HIS A 39 -49.23 -25.48 47.72
N SER A 40 -48.94 -24.23 47.36
CA SER A 40 -49.50 -23.60 46.18
C SER A 40 -48.41 -23.44 45.13
N THR A 41 -48.70 -23.82 43.89
CA THR A 41 -47.75 -23.74 42.79
C THR A 41 -48.43 -23.16 41.56
N GLN A 42 -47.62 -22.59 40.67
CA GLN A 42 -48.09 -22.04 39.41
C GLN A 42 -47.78 -23.05 38.31
N ASP A 43 -48.82 -23.67 37.76
CA ASP A 43 -48.65 -24.68 36.73
C ASP A 43 -49.95 -24.75 35.93
N LEU A 44 -49.87 -25.42 34.78
CA LEU A 44 -50.99 -25.49 33.84
C LEU A 44 -51.90 -26.66 34.24
N PHE A 45 -53.11 -26.35 34.67
CA PHE A 45 -54.10 -27.36 35.06
C PHE A 45 -55.39 -27.12 34.29
N LEU A 46 -56.37 -27.99 34.54
CA LEU A 46 -57.71 -27.82 34.01
C LEU A 46 -58.60 -27.18 35.06
N PRO A 47 -59.22 -26.04 34.77
CA PRO A 47 -60.08 -25.40 35.77
C PRO A 47 -61.29 -26.25 36.12
N PHE A 48 -61.72 -26.14 37.37
CA PHE A 48 -62.89 -26.88 37.81
C PHE A 48 -64.17 -26.25 37.27
N PHE A 49 -65.11 -27.11 36.88
CA PHE A 49 -66.38 -26.70 36.27
C PHE A 49 -66.15 -25.86 35.02
N SER A 50 -65.13 -26.25 34.25
CA SER A 50 -64.80 -25.60 32.98
C SER A 50 -65.43 -26.37 31.83
N ASN A 51 -65.51 -25.70 30.69
CA ASN A 51 -66.42 -26.15 29.64
C ASN A 51 -65.57 -26.87 28.59
N VAL A 52 -65.81 -28.16 28.42
CA VAL A 52 -64.86 -29.06 27.76
C VAL A 52 -65.50 -29.64 26.50
N THR A 53 -64.72 -29.72 25.42
CA THR A 53 -65.20 -30.27 24.16
C THR A 53 -65.43 -31.77 24.26
N TRP A 54 -66.55 -32.24 23.71
CA TRP A 54 -66.96 -33.64 23.78
C TRP A 54 -67.18 -34.19 22.38
N PHE A 55 -66.66 -35.38 22.11
CA PHE A 55 -66.83 -36.06 20.83
C PHE A 55 -67.45 -37.42 21.04
N HIS A 56 -68.10 -37.92 19.99
CA HIS A 56 -68.73 -39.23 20.00
C HIS A 56 -67.98 -40.19 19.07
N ALA A 57 -68.01 -41.48 19.42
CA ALA A 57 -67.40 -42.50 18.58
C ALA A 57 -68.26 -43.75 18.46
N ILE A 58 -69.52 -43.72 18.90
CA ILE A 58 -70.39 -44.89 18.84
C ILE A 58 -70.98 -45.00 17.43
N HIS A 59 -71.09 -46.23 16.94
CA HIS A 59 -71.62 -46.46 15.60
C HIS A 59 -73.13 -46.21 15.56
N VAL A 60 -73.88 -46.95 16.38
CA VAL A 60 -75.33 -46.81 16.41
C VAL A 60 -75.71 -45.55 17.17
N THR A 66 -76.65 -42.19 13.08
CA THR A 66 -75.73 -43.32 13.14
C THR A 66 -74.48 -43.04 12.32
N LYS A 67 -73.52 -43.97 12.39
CA LYS A 67 -72.24 -43.90 11.69
C LYS A 67 -71.50 -42.60 12.05
N ARG A 68 -71.20 -42.47 13.34
CA ARG A 68 -70.52 -41.29 13.86
C ARG A 68 -69.02 -41.53 13.84
N PHE A 69 -68.30 -40.71 13.07
CA PHE A 69 -66.84 -40.80 12.98
C PHE A 69 -66.32 -39.37 12.74
N ASP A 70 -65.99 -38.69 13.83
CA ASP A 70 -65.55 -37.29 13.79
C ASP A 70 -64.22 -37.18 14.54
N ASN A 71 -63.12 -37.08 13.79
CA ASN A 71 -61.78 -36.90 14.36
C ASN A 71 -61.12 -35.71 13.68
N PRO A 72 -61.51 -34.49 14.03
CA PRO A 72 -60.90 -33.31 13.42
C PRO A 72 -59.51 -33.06 13.96
N VAL A 73 -58.73 -32.30 13.21
CA VAL A 73 -57.37 -31.96 13.61
C VAL A 73 -57.44 -30.74 14.51
N LEU A 74 -57.61 -30.97 15.80
CA LEU A 74 -57.78 -29.88 16.75
C LEU A 74 -56.45 -29.18 17.02
N PRO A 75 -56.48 -27.87 17.25
CA PRO A 75 -55.24 -27.16 17.58
C PRO A 75 -54.73 -27.55 18.96
N PHE A 76 -53.40 -27.53 19.09
CA PHE A 76 -52.72 -27.90 20.34
C PHE A 76 -52.29 -26.62 21.05
N ASN A 77 -52.99 -26.30 22.14
CA ASN A 77 -52.64 -25.14 22.97
C ASN A 77 -51.61 -25.56 24.01
N ASP A 78 -51.35 -24.68 24.97
CA ASP A 78 -50.41 -24.99 26.04
C ASP A 78 -51.00 -26.01 27.00
N GLY A 79 -50.73 -27.29 26.76
CA GLY A 79 -51.26 -28.35 27.58
C GLY A 79 -52.67 -28.73 27.21
N VAL A 80 -52.93 -30.03 27.10
CA VAL A 80 -54.26 -30.54 26.76
C VAL A 80 -54.65 -31.61 27.78
N TYR A 81 -55.96 -31.82 27.90
CA TYR A 81 -56.52 -32.84 28.78
C TYR A 81 -57.31 -33.82 27.94
N PHE A 82 -56.96 -35.10 28.03
CA PHE A 82 -57.60 -36.16 27.24
C PHE A 82 -58.09 -37.23 28.20
N ALA A 83 -59.40 -37.34 28.34
CA ALA A 83 -60.04 -38.35 29.19
C ALA A 83 -60.93 -39.24 28.33
N SER A 84 -60.83 -40.55 28.52
CA SER A 84 -61.64 -41.51 27.80
C SER A 84 -62.19 -42.55 28.76
N THR A 85 -63.49 -42.85 28.64
CA THR A 85 -64.11 -43.93 29.39
C THR A 85 -64.11 -45.21 28.54
N GLU A 86 -62.91 -45.68 28.24
CA GLU A 86 -62.74 -46.80 27.33
C GLU A 86 -63.12 -48.11 28.02
N LYS A 87 -63.91 -48.93 27.33
CA LYS A 87 -64.35 -50.22 27.81
C LYS A 87 -63.86 -51.37 26.94
N SER A 88 -64.06 -51.29 25.62
CA SER A 88 -63.68 -52.35 24.71
C SER A 88 -62.33 -52.10 24.04
N ASN A 89 -61.59 -51.08 24.49
CA ASN A 89 -60.27 -50.73 23.99
C ASN A 89 -60.31 -50.41 22.48
N ILE A 90 -61.18 -49.46 22.14
CA ILE A 90 -61.32 -49.03 20.75
C ILE A 90 -60.30 -47.96 20.41
N ILE A 91 -59.95 -47.10 21.36
CA ILE A 91 -58.95 -46.06 21.13
C ILE A 91 -57.58 -46.70 20.96
N ARG A 92 -56.77 -46.15 20.06
CA ARG A 92 -55.47 -46.72 19.74
C ARG A 92 -54.31 -45.82 20.16
N GLY A 93 -54.30 -44.57 19.72
CA GLY A 93 -53.20 -43.69 20.06
C GLY A 93 -53.43 -42.28 19.57
N TRP A 94 -52.35 -41.50 19.58
CA TRP A 94 -52.41 -40.09 19.21
C TRP A 94 -51.23 -39.74 18.33
N ILE A 95 -51.41 -38.69 17.52
CA ILE A 95 -50.35 -38.13 16.70
C ILE A 95 -50.34 -36.62 16.92
N PHE A 96 -49.16 -36.02 16.71
CA PHE A 96 -48.97 -34.59 16.87
C PHE A 96 -48.20 -34.05 15.68
N GLY A 97 -48.12 -32.73 15.58
CA GLY A 97 -47.40 -32.11 14.50
C GLY A 97 -47.87 -30.67 14.30
N THR A 98 -47.34 -30.06 13.24
CA THR A 98 -47.68 -28.68 12.90
C THR A 98 -48.45 -28.59 11.59
N THR A 99 -47.90 -29.13 10.50
CA THR A 99 -48.57 -29.10 9.19
C THR A 99 -48.83 -30.47 8.60
N LEU A 100 -48.13 -31.51 9.06
CA LEU A 100 -48.36 -32.91 8.65
C LEU A 100 -48.21 -33.08 7.15
N ASP A 101 -47.11 -32.54 6.61
CA ASP A 101 -46.82 -32.70 5.18
C ASP A 101 -45.33 -32.97 4.95
N SER A 102 -44.69 -33.68 5.90
CA SER A 102 -43.29 -34.12 5.80
C SER A 102 -42.34 -32.93 5.65
N LYS A 103 -42.62 -31.84 6.37
CA LYS A 103 -41.71 -30.71 6.44
C LYS A 103 -41.21 -30.41 7.85
N THR A 104 -41.88 -30.92 8.87
CA THR A 104 -41.49 -30.73 10.26
C THR A 104 -41.64 -32.05 11.01
N GLN A 105 -40.95 -32.14 12.14
CA GLN A 105 -41.04 -33.36 12.96
C GLN A 105 -42.44 -33.49 13.55
N SER A 106 -42.94 -34.72 13.54
CA SER A 106 -44.30 -35.01 13.98
C SER A 106 -44.31 -36.27 14.83
N LEU A 107 -45.14 -36.25 15.87
CA LEU A 107 -45.20 -37.37 16.80
C LEU A 107 -46.08 -38.49 16.26
N LEU A 108 -45.80 -39.71 16.71
CA LEU A 108 -46.60 -40.89 16.38
C LEU A 108 -46.62 -41.78 17.62
N ILE A 109 -47.68 -41.65 18.42
CA ILE A 109 -47.85 -42.42 19.64
C ILE A 109 -48.98 -43.43 19.37
N VAL A 110 -48.61 -44.69 19.18
CA VAL A 110 -49.57 -45.76 18.88
C VAL A 110 -49.38 -46.87 19.90
N ASN A 111 -50.45 -47.23 20.59
CA ASN A 111 -50.46 -48.36 21.50
C ASN A 111 -50.91 -49.58 20.70
N ASN A 112 -49.95 -50.35 20.21
CA ASN A 112 -50.27 -51.54 19.43
C ASN A 112 -50.53 -52.73 20.35
N ALA A 113 -51.01 -53.82 19.75
CA ALA A 113 -51.35 -55.01 20.52
C ALA A 113 -50.13 -55.74 21.07
N THR A 114 -48.94 -55.50 20.50
CA THR A 114 -47.73 -56.17 20.93
C THR A 114 -46.85 -55.29 21.80
N ASN A 115 -46.60 -54.05 21.37
CA ASN A 115 -45.73 -53.14 22.11
C ASN A 115 -46.14 -51.71 21.82
N VAL A 116 -45.67 -50.81 22.69
CA VAL A 116 -45.92 -49.38 22.57
C VAL A 116 -44.61 -48.70 22.21
N VAL A 117 -44.61 -47.97 21.10
CA VAL A 117 -43.42 -47.27 20.63
C VAL A 117 -43.74 -45.79 20.49
N ILE A 118 -42.70 -44.96 20.61
CA ILE A 118 -42.81 -43.51 20.46
C ILE A 118 -41.81 -43.12 19.39
N LYS A 119 -42.27 -42.94 18.17
CA LYS A 119 -41.43 -42.52 17.05
C LYS A 119 -41.88 -41.15 16.59
N VAL A 120 -40.97 -40.19 16.58
CA VAL A 120 -41.26 -38.80 16.24
C VAL A 120 -40.43 -38.45 15.01
N CYS A 121 -41.07 -38.40 13.84
CA CYS A 121 -40.35 -38.16 12.59
C CYS A 121 -41.25 -37.34 11.67
N GLU A 122 -40.92 -37.33 10.39
CA GLU A 122 -41.60 -36.54 9.37
C GLU A 122 -42.56 -37.37 8.55
N PHE A 123 -43.29 -38.28 9.20
CA PHE A 123 -44.19 -39.20 8.52
C PHE A 123 -45.24 -38.46 7.70
N GLN A 124 -45.47 -38.94 6.48
CA GLN A 124 -46.43 -38.33 5.57
C GLN A 124 -47.82 -38.82 5.93
N PHE A 125 -48.58 -37.98 6.62
CA PHE A 125 -49.92 -38.35 7.07
C PHE A 125 -50.96 -38.03 6.00
N CYS A 126 -51.98 -38.88 5.93
CA CYS A 126 -53.12 -38.65 5.07
C CYS A 126 -54.16 -37.83 5.82
N ASN A 127 -55.34 -37.64 5.22
CA ASN A 127 -56.38 -36.83 5.84
C ASN A 127 -57.07 -37.52 7.01
N ASP A 128 -56.98 -38.85 7.12
CA ASP A 128 -57.54 -39.55 8.28
C ASP A 128 -56.80 -40.85 8.56
N PRO A 129 -55.68 -40.80 9.29
CA PRO A 129 -55.03 -42.04 9.72
C PRO A 129 -55.94 -42.87 10.62
N PHE A 130 -55.92 -44.18 10.42
CA PHE A 130 -56.79 -45.08 11.16
C PHE A 130 -56.22 -46.49 11.11
N LEU A 131 -56.76 -47.36 11.95
CA LEU A 131 -56.36 -48.75 12.01
C LEU A 131 -57.56 -49.63 11.69
N GLY A 132 -57.35 -50.66 10.87
CA GLY A 132 -58.39 -51.57 10.45
C GLY A 132 -58.28 -52.91 11.14
N VAL A 133 -59.39 -53.38 11.68
CA VAL A 133 -59.46 -54.63 12.40
C VAL A 133 -60.40 -55.57 11.64
N TYR A 134 -59.93 -56.79 11.37
CA TYR A 134 -60.69 -57.78 10.63
C TYR A 134 -61.06 -58.94 11.54
N TYR A 135 -62.20 -59.58 11.22
CA TYR A 135 -62.66 -60.76 11.93
C TYR A 135 -62.43 -61.97 11.02
N HIS A 136 -61.55 -62.86 11.45
CA HIS A 136 -61.24 -64.05 10.67
C HIS A 136 -62.40 -65.04 10.72
N LYS A 137 -62.60 -65.77 9.63
CA LYS A 137 -63.64 -66.79 9.58
C LYS A 137 -63.24 -68.03 10.38
N ASN A 138 -62.02 -68.51 10.17
CA ASN A 138 -61.56 -69.71 10.86
C ASN A 138 -61.18 -69.44 12.32
N ASN A 139 -60.62 -68.27 12.61
CA ASN A 139 -60.20 -67.91 13.95
C ASN A 139 -61.18 -66.91 14.55
N LYS A 140 -61.67 -67.21 15.75
CA LYS A 140 -62.65 -66.36 16.41
C LYS A 140 -61.95 -65.31 17.28
N SER A 141 -61.16 -64.47 16.61
CA SER A 141 -60.43 -63.41 17.30
C SER A 141 -60.31 -62.22 16.36
N TRP A 142 -60.12 -61.04 16.95
CA TRP A 142 -60.00 -59.79 16.22
C TRP A 142 -58.52 -59.45 16.05
N MET A 143 -58.12 -59.15 14.81
CA MET A 143 -56.73 -58.93 14.46
C MET A 143 -56.64 -57.68 13.58
N GLU A 144 -55.61 -56.88 13.81
CA GLU A 144 -55.41 -55.61 13.11
C GLU A 144 -54.37 -55.78 12.01
N SER A 145 -54.75 -55.43 10.79
CA SER A 145 -53.88 -55.59 9.63
C SER A 145 -53.66 -54.32 8.85
N GLU A 146 -54.68 -53.47 8.72
CA GLU A 146 -54.57 -52.23 7.95
C GLU A 146 -53.81 -51.21 8.78
N PHE A 147 -52.50 -51.13 8.55
CA PHE A 147 -51.65 -50.16 9.23
C PHE A 147 -51.46 -48.93 8.34
N ARG A 148 -52.57 -48.21 8.15
CA ARG A 148 -52.59 -47.02 7.30
C ARG A 148 -52.56 -45.79 8.19
N VAL A 149 -51.36 -45.41 8.61
CA VAL A 149 -51.18 -44.23 9.45
C VAL A 149 -50.22 -43.24 8.80
N TYR A 150 -49.34 -43.72 7.92
CA TYR A 150 -48.44 -42.84 7.19
C TYR A 150 -47.96 -43.56 5.93
N SER A 151 -47.17 -42.84 5.13
CA SER A 151 -46.57 -43.40 3.92
C SER A 151 -45.08 -43.67 4.08
N SER A 152 -44.30 -42.64 4.42
CA SER A 152 -42.86 -42.77 4.56
C SER A 152 -42.31 -41.58 5.34
N ALA A 153 -41.04 -41.70 5.73
CA ALA A 153 -40.32 -40.63 6.41
C ALA A 153 -38.90 -40.55 5.86
N ASN A 154 -38.33 -39.36 5.92
CA ASN A 154 -36.98 -39.14 5.38
C ASN A 154 -35.90 -39.30 6.43
N ASN A 155 -35.94 -38.49 7.50
CA ASN A 155 -35.02 -38.67 8.62
C ASN A 155 -35.67 -38.09 9.87
N CYS A 156 -35.10 -38.45 11.02
CA CYS A 156 -35.54 -37.91 12.31
C CYS A 156 -34.45 -38.17 13.35
N THR A 157 -34.75 -37.79 14.58
CA THR A 157 -33.77 -37.78 15.67
C THR A 157 -34.14 -38.72 16.82
N PHE A 158 -35.39 -38.71 17.27
CA PHE A 158 -35.77 -39.35 18.52
C PHE A 158 -36.65 -40.56 18.26
N GLU A 159 -36.46 -41.59 19.08
CA GLU A 159 -37.29 -42.79 19.06
C GLU A 159 -37.27 -43.42 20.44
N TYR A 160 -38.39 -44.04 20.83
CA TYR A 160 -38.51 -44.66 22.14
C TYR A 160 -39.53 -45.79 22.06
N VAL A 161 -39.31 -46.81 22.88
CA VAL A 161 -40.21 -47.96 22.99
C VAL A 161 -40.64 -48.07 24.45
N SER A 162 -41.95 -48.12 24.67
CA SER A 162 -42.50 -48.21 26.02
C SER A 162 -42.70 -49.68 26.41
N GLN A 163 -43.40 -49.92 27.52
CA GLN A 163 -43.64 -51.27 27.97
C GLN A 163 -44.67 -51.97 27.07
N PRO A 164 -44.57 -53.29 26.90
CA PRO A 164 -45.53 -54.01 26.05
C PRO A 164 -46.88 -54.17 26.71
N PHE A 165 -47.73 -53.14 26.61
CA PHE A 165 -49.06 -53.19 27.20
C PHE A 165 -49.93 -54.18 26.43
N LEU A 166 -50.58 -55.09 27.17
CA LEU A 166 -51.47 -56.06 26.57
C LEU A 166 -52.80 -55.39 26.19
N MET A 167 -53.26 -55.66 24.97
CA MET A 167 -54.43 -54.96 24.43
C MET A 167 -55.48 -55.97 23.98
N ASP A 168 -56.75 -55.58 24.13
CA ASP A 168 -57.88 -56.37 23.66
C ASP A 168 -58.46 -55.72 22.42
N LEU A 169 -58.64 -56.51 21.36
CA LEU A 169 -59.11 -56.01 20.07
C LEU A 169 -60.60 -56.24 19.86
N GLU A 170 -61.30 -56.76 20.87
CA GLU A 170 -62.73 -57.06 20.74
C GLU A 170 -63.56 -55.84 21.14
N GLY A 171 -64.52 -55.49 20.29
CA GLY A 171 -65.40 -54.36 20.53
C GLY A 171 -66.81 -54.83 20.85
N LYS A 172 -67.45 -54.15 21.81
CA LYS A 172 -68.79 -54.47 22.24
C LYS A 172 -69.63 -53.20 22.28
N GLN A 173 -70.91 -53.36 22.67
CA GLN A 173 -71.84 -52.25 22.79
C GLN A 173 -72.32 -52.04 24.21
N GLY A 174 -71.64 -52.63 25.19
CA GLY A 174 -72.06 -52.56 26.57
C GLY A 174 -71.63 -51.27 27.25
N ASN A 175 -71.97 -51.18 28.53
CA ASN A 175 -71.63 -50.01 29.33
C ASN A 175 -70.14 -49.98 29.64
N PHE A 176 -69.64 -48.78 29.91
CA PHE A 176 -68.22 -48.58 30.19
C PHE A 176 -67.88 -49.07 31.60
N LYS A 177 -66.66 -49.60 31.73
CA LYS A 177 -66.18 -50.11 33.01
C LYS A 177 -64.85 -49.50 33.46
N ASN A 178 -64.14 -48.79 32.60
CA ASN A 178 -62.87 -48.20 32.96
C ASN A 178 -62.80 -46.77 32.44
N LEU A 179 -62.02 -45.95 33.12
CA LEU A 179 -61.80 -44.55 32.75
C LEU A 179 -60.31 -44.28 32.69
N ARG A 180 -59.86 -43.71 31.56
CA ARG A 180 -58.45 -43.40 31.36
C ARG A 180 -58.30 -41.93 31.02
N GLU A 181 -57.34 -41.27 31.68
CA GLU A 181 -57.07 -39.86 31.46
C GLU A 181 -55.63 -39.68 31.01
N PHE A 182 -55.42 -38.71 30.12
CA PHE A 182 -54.09 -38.41 29.59
C PHE A 182 -53.90 -36.90 29.53
N VAL A 183 -52.72 -36.44 29.94
CA VAL A 183 -52.36 -35.03 29.91
C VAL A 183 -51.05 -34.90 29.14
N PHE A 184 -51.08 -34.09 28.08
CA PHE A 184 -49.89 -33.85 27.26
C PHE A 184 -49.49 -32.39 27.40
N LYS A 185 -48.23 -32.16 27.74
CA LYS A 185 -47.70 -30.82 27.92
C LYS A 185 -46.39 -30.66 27.16
N ASN A 186 -46.07 -29.42 26.82
CA ASN A 186 -44.83 -29.10 26.11
C ASN A 186 -44.28 -27.79 26.67
N ILE A 187 -43.36 -27.93 27.63
CA ILE A 187 -42.69 -26.73 28.22
C ILE A 187 -41.18 -26.99 28.10
N ASP A 188 -40.42 -26.01 27.57
CA ASP A 188 -38.95 -26.17 27.39
C ASP A 188 -38.68 -27.39 26.49
N GLY A 189 -39.46 -27.57 25.43
CA GLY A 189 -39.24 -28.68 24.48
C GLY A 189 -39.35 -30.05 25.15
N TYR A 190 -39.79 -30.08 26.40
CA TYR A 190 -39.95 -31.35 27.12
C TYR A 190 -41.38 -31.83 27.01
N PHE A 191 -41.56 -33.07 26.58
CA PHE A 191 -42.88 -33.67 26.48
C PHE A 191 -43.23 -34.37 27.79
N LYS A 192 -44.38 -34.03 28.35
CA LYS A 192 -44.83 -34.56 29.64
C LYS A 192 -46.13 -35.34 29.43
N ILE A 193 -46.17 -36.57 29.95
CA ILE A 193 -47.34 -37.42 29.86
C ILE A 193 -47.74 -37.84 31.28
N TYR A 194 -49.00 -37.56 31.63
CA TYR A 194 -49.56 -37.95 32.92
C TYR A 194 -50.79 -38.81 32.67
N SER A 195 -50.85 -39.97 33.33
CA SER A 195 -51.95 -40.89 33.12
C SER A 195 -52.18 -41.72 34.37
N LYS A 196 -53.43 -42.19 34.51
CA LYS A 196 -53.83 -43.04 35.63
C LYS A 196 -55.11 -43.77 35.24
N HIS A 197 -55.14 -45.08 35.43
CA HIS A 197 -56.31 -45.89 35.14
C HIS A 197 -57.20 -45.95 36.38
N THR A 198 -58.43 -45.47 36.24
CA THR A 198 -59.39 -45.44 37.35
C THR A 198 -60.66 -46.16 36.94
N PRO A 199 -60.95 -47.33 37.51
CA PRO A 199 -62.22 -48.01 37.17
C PRO A 199 -63.42 -47.25 37.71
N ILE A 200 -64.52 -47.36 36.96
CA ILE A 200 -65.77 -46.70 37.33
C ILE A 200 -66.91 -47.42 36.62
N ASN A 201 -68.12 -47.27 37.15
CA ASN A 201 -69.33 -47.83 36.53
C ASN A 201 -70.24 -46.67 36.15
N LEU A 202 -69.99 -46.11 34.97
CA LEU A 202 -70.77 -44.97 34.48
C LEU A 202 -70.58 -44.87 32.97
N VAL A 203 -71.57 -44.24 32.33
CA VAL A 203 -71.54 -44.03 30.89
C VAL A 203 -71.41 -42.54 30.54
N ARG A 204 -72.02 -41.66 31.33
CA ARG A 204 -72.05 -40.25 31.02
C ARG A 204 -72.05 -39.46 32.31
N ASP A 205 -71.70 -38.17 32.21
CA ASP A 205 -71.67 -37.22 33.33
C ASP A 205 -70.72 -37.72 34.43
N LEU A 206 -69.43 -37.72 34.08
CA LEU A 206 -68.29 -38.16 34.90
C LEU A 206 -68.40 -37.72 36.35
N PRO A 207 -68.09 -38.60 37.30
CA PRO A 207 -68.35 -38.30 38.71
C PRO A 207 -67.42 -37.22 39.24
N GLN A 208 -67.78 -36.70 40.41
CA GLN A 208 -67.05 -35.64 41.10
C GLN A 208 -65.88 -36.17 41.92
N GLY A 209 -65.45 -37.41 41.69
CA GLY A 209 -64.34 -37.95 42.44
C GLY A 209 -63.01 -37.31 42.07
N PHE A 210 -62.05 -37.48 42.96
CA PHE A 210 -60.72 -36.91 42.81
C PHE A 210 -59.70 -38.02 42.60
N SER A 211 -58.80 -37.81 41.64
CA SER A 211 -57.75 -38.79 41.34
C SER A 211 -56.59 -38.06 40.69
N ALA A 212 -55.50 -37.91 41.42
CA ALA A 212 -54.31 -37.26 40.89
C ALA A 212 -53.64 -38.16 39.85
N LEU A 213 -53.11 -37.54 38.80
CA LEU A 213 -52.48 -38.24 37.70
C LEU A 213 -50.97 -38.28 37.93
N GLU A 214 -50.42 -39.48 38.07
CA GLU A 214 -48.99 -39.63 38.25
C GLU A 214 -48.26 -39.47 36.93
N PRO A 215 -47.02 -38.96 36.95
CA PRO A 215 -46.23 -38.90 35.71
C PRO A 215 -45.91 -40.28 35.19
N LEU A 216 -45.83 -40.39 33.86
CA LEU A 216 -45.55 -41.65 33.19
C LEU A 216 -44.17 -41.66 32.54
N VAL A 217 -43.84 -40.61 31.77
CA VAL A 217 -42.57 -40.55 31.06
C VAL A 217 -42.27 -39.09 30.75
N ASP A 218 -41.00 -38.79 30.53
CA ASP A 218 -40.49 -37.42 30.32
C ASP A 218 -39.64 -37.36 29.06
N LEU A 219 -40.20 -37.82 27.94
CA LEU A 219 -39.47 -37.97 26.69
C LEU A 219 -39.00 -36.62 26.16
N PRO A 220 -37.70 -36.44 25.91
CA PRO A 220 -37.21 -35.19 25.30
C PRO A 220 -37.31 -35.24 23.77
N ILE A 221 -38.03 -34.28 23.20
CA ILE A 221 -38.19 -34.16 21.75
C ILE A 221 -37.75 -32.79 21.24
N GLY A 222 -38.24 -31.72 21.87
CA GLY A 222 -37.84 -30.37 21.54
C GLY A 222 -38.24 -29.86 20.17
N ILE A 223 -39.50 -30.12 19.79
CA ILE A 223 -40.04 -29.59 18.53
C ILE A 223 -41.28 -28.76 18.84
N ASN A 224 -41.89 -28.26 17.75
CA ASN A 224 -43.10 -27.43 17.88
C ASN A 224 -44.35 -28.30 17.65
N ILE A 225 -45.35 -28.17 18.51
CA ILE A 225 -46.61 -28.91 18.39
C ILE A 225 -47.74 -27.90 18.41
N THR A 226 -48.55 -27.89 17.35
CA THR A 226 -49.72 -27.02 17.30
C THR A 226 -50.97 -27.70 16.79
N ARG A 227 -50.89 -28.94 16.30
CA ARG A 227 -52.06 -29.68 15.82
C ARG A 227 -51.93 -31.13 16.24
N PHE A 228 -53.08 -31.78 16.44
CA PHE A 228 -53.09 -33.20 16.80
C PHE A 228 -54.35 -33.85 16.25
N GLN A 229 -54.28 -35.17 16.10
CA GLN A 229 -55.37 -35.95 15.53
C GLN A 229 -55.52 -37.24 16.32
N THR A 230 -56.74 -37.79 16.33
CA THR A 230 -57.09 -38.96 17.12
C THR A 230 -57.32 -40.16 16.22
N LEU A 231 -56.74 -41.29 16.59
CA LEU A 231 -56.82 -42.52 15.83
C LEU A 231 -57.92 -43.43 16.38
N LEU A 232 -58.79 -43.92 15.51
CA LEU A 232 -59.86 -44.83 15.88
C LEU A 232 -59.75 -46.10 15.05
N ALA A 233 -60.31 -47.19 15.58
CA ALA A 233 -60.30 -48.49 14.93
C ALA A 233 -61.72 -48.95 14.66
N LEU A 234 -61.95 -49.46 13.45
CA LEU A 234 -63.24 -49.99 13.04
C LEU A 234 -63.15 -51.50 12.85
N HIS A 235 -64.32 -52.12 12.69
CA HIS A 235 -64.43 -53.56 12.53
C HIS A 235 -65.07 -53.89 11.19
N ARG A 236 -64.64 -55.01 10.60
CA ARG A 236 -65.18 -55.51 9.33
C ARG A 236 -65.59 -56.96 9.53
N SER A 237 -66.85 -57.17 9.92
CA SER A 237 -67.38 -58.50 10.14
C SER A 237 -68.02 -59.02 8.85
N TYR A 238 -68.73 -60.14 8.94
CA TYR A 238 -69.38 -60.71 7.77
C TYR A 238 -70.63 -59.96 7.36
N LEU A 239 -71.20 -59.14 8.25
CA LEU A 239 -72.39 -58.37 7.90
C LEU A 239 -72.06 -57.28 6.89
N THR A 240 -71.00 -56.52 7.13
CA THR A 240 -70.59 -55.49 6.19
C THR A 240 -69.93 -56.12 4.96
N PRO A 241 -70.08 -55.49 3.79
CA PRO A 241 -69.39 -56.01 2.59
C PRO A 241 -67.88 -55.97 2.68
N GLY A 242 -67.32 -55.14 3.55
CA GLY A 242 -65.88 -55.05 3.71
C GLY A 242 -65.22 -53.87 3.01
N ASP A 243 -66.00 -52.99 2.40
CA ASP A 243 -65.46 -51.81 1.73
C ASP A 243 -65.65 -50.59 2.61
N SER A 244 -64.61 -49.76 2.68
CA SER A 244 -64.65 -48.56 3.52
C SER A 244 -65.23 -47.36 2.76
N SER A 245 -66.42 -47.54 2.19
CA SER A 245 -67.11 -46.47 1.48
C SER A 245 -68.40 -46.07 2.17
N SER A 246 -69.31 -47.02 2.41
CA SER A 246 -70.57 -46.72 3.05
C SER A 246 -71.00 -47.72 4.12
N GLY A 247 -70.39 -48.90 4.19
CA GLY A 247 -70.78 -49.89 5.17
C GLY A 247 -69.66 -50.30 6.09
N TRP A 248 -69.77 -49.96 7.37
CA TRP A 248 -68.74 -50.29 8.36
C TRP A 248 -69.36 -50.20 9.75
N THR A 249 -68.66 -50.77 10.71
CA THR A 249 -69.04 -50.68 12.12
C THR A 249 -67.82 -50.36 12.96
N ALA A 250 -68.05 -49.71 14.10
CA ALA A 250 -66.95 -49.30 14.96
C ALA A 250 -67.22 -49.58 16.44
N GLY A 251 -68.26 -50.34 16.78
CA GLY A 251 -68.54 -50.62 18.16
C GLY A 251 -69.06 -49.39 18.90
N ALA A 252 -68.80 -49.35 20.20
CA ALA A 252 -69.20 -48.23 21.05
C ALA A 252 -67.98 -47.67 21.74
N ALA A 253 -67.75 -46.36 21.60
CA ALA A 253 -66.61 -45.71 22.21
C ALA A 253 -66.93 -44.23 22.39
N ALA A 254 -66.16 -43.59 23.27
CA ALA A 254 -66.31 -42.16 23.52
C ALA A 254 -65.01 -41.63 24.09
N TYR A 255 -64.66 -40.40 23.72
CA TYR A 255 -63.46 -39.75 24.21
C TYR A 255 -63.73 -38.27 24.42
N TYR A 256 -63.00 -37.67 25.36
CA TYR A 256 -63.14 -36.26 25.70
C TYR A 256 -61.81 -35.55 25.49
N VAL A 257 -61.87 -34.34 24.96
CA VAL A 257 -60.69 -33.53 24.69
C VAL A 257 -60.85 -32.18 25.39
N GLY A 258 -59.86 -31.83 26.21
CA GLY A 258 -59.89 -30.57 26.92
C GLY A 258 -58.58 -29.83 26.75
N TYR A 259 -58.63 -28.53 27.03
CA TYR A 259 -57.49 -27.64 26.90
C TYR A 259 -57.11 -27.07 28.27
N LEU A 260 -55.81 -27.03 28.55
CA LEU A 260 -55.29 -26.55 29.82
C LEU A 260 -54.90 -25.08 29.73
N GLN A 261 -55.09 -24.36 30.83
CA GLN A 261 -54.70 -22.97 30.95
C GLN A 261 -54.00 -22.77 32.29
N PRO A 262 -53.08 -21.81 32.38
CA PRO A 262 -52.33 -21.62 33.63
C PRO A 262 -53.22 -21.03 34.73
N ARG A 263 -53.20 -21.69 35.89
CA ARG A 263 -53.96 -21.23 37.05
C ARG A 263 -53.18 -21.55 38.31
N THR A 264 -53.54 -20.86 39.39
CA THR A 264 -52.91 -21.06 40.70
C THR A 264 -53.80 -21.98 41.53
N PHE A 265 -53.23 -23.10 42.00
CA PHE A 265 -53.97 -24.11 42.73
C PHE A 265 -53.28 -24.40 44.06
N LEU A 266 -54.09 -24.59 45.10
CA LEU A 266 -53.62 -25.01 46.41
C LEU A 266 -53.86 -26.50 46.56
N LEU A 267 -52.79 -27.27 46.74
CA LEU A 267 -52.86 -28.72 46.77
C LEU A 267 -52.74 -29.22 48.21
N LYS A 268 -53.60 -30.16 48.58
CA LYS A 268 -53.57 -30.79 49.89
C LYS A 268 -52.83 -32.11 49.82
N TYR A 269 -51.91 -32.33 50.75
CA TYR A 269 -51.14 -33.55 50.83
C TYR A 269 -51.41 -34.25 52.15
N ASN A 270 -51.45 -35.57 52.12
CA ASN A 270 -51.71 -36.38 53.29
C ASN A 270 -50.41 -36.96 53.83
N GLU A 271 -50.51 -37.85 54.82
CA GLU A 271 -49.33 -38.51 55.37
C GLU A 271 -48.68 -39.46 54.38
N ASN A 272 -49.42 -39.90 53.36
CA ASN A 272 -48.89 -40.79 52.34
C ASN A 272 -48.15 -40.04 51.24
N GLY A 273 -48.21 -38.71 51.25
CA GLY A 273 -47.70 -37.91 50.16
C GLY A 273 -48.48 -38.02 48.87
N THR A 274 -49.81 -38.03 48.99
CA THR A 274 -50.70 -38.10 47.83
C THR A 274 -51.68 -36.93 47.87
N ILE A 275 -52.03 -36.42 46.70
CA ILE A 275 -52.93 -35.28 46.58
C ILE A 275 -54.36 -35.73 46.85
N THR A 276 -55.07 -34.98 47.69
CA THR A 276 -56.44 -35.31 48.06
C THR A 276 -57.45 -34.28 47.55
N ASP A 277 -57.24 -33.00 47.83
CA ASP A 277 -58.15 -31.95 47.39
C ASP A 277 -57.36 -30.79 46.81
N ALA A 278 -58.02 -30.01 45.95
CA ALA A 278 -57.43 -28.84 45.32
C ALA A 278 -58.40 -27.66 45.44
N VAL A 279 -57.87 -26.49 45.77
CA VAL A 279 -58.65 -25.27 45.92
C VAL A 279 -58.08 -24.21 44.98
N ASP A 280 -58.96 -23.57 44.21
CA ASP A 280 -58.58 -22.51 43.30
C ASP A 280 -58.53 -21.17 44.04
N CYS A 281 -58.01 -20.15 43.35
CA CYS A 281 -57.95 -18.80 43.90
C CYS A 281 -58.65 -17.76 43.02
N ALA A 282 -59.05 -18.11 41.80
CA ALA A 282 -59.70 -17.17 40.89
C ALA A 282 -61.03 -17.70 40.41
N LEU A 283 -61.68 -18.55 41.21
CA LEU A 283 -62.96 -19.15 40.86
C LEU A 283 -64.08 -18.75 41.80
N ASP A 284 -63.85 -18.84 43.11
CA ASP A 284 -64.83 -18.54 44.14
C ASP A 284 -64.18 -17.65 45.19
N PRO A 285 -64.86 -16.58 45.61
CA PRO A 285 -64.34 -15.80 46.76
C PRO A 285 -64.17 -16.64 48.03
N LEU A 286 -65.01 -17.66 48.22
CA LEU A 286 -64.76 -18.61 49.29
C LEU A 286 -63.48 -19.40 49.06
N SER A 287 -63.24 -19.82 47.81
CA SER A 287 -62.00 -20.52 47.49
C SER A 287 -60.79 -19.60 47.58
N GLU A 288 -60.98 -18.33 47.21
CA GLU A 288 -59.90 -17.35 47.36
C GLU A 288 -59.55 -17.14 48.82
N THR A 289 -60.57 -17.09 49.69
CA THR A 289 -60.33 -16.94 51.13
C THR A 289 -59.60 -18.16 51.68
N LYS A 290 -59.96 -19.36 51.21
CA LYS A 290 -59.31 -20.58 51.67
C LYS A 290 -57.83 -20.62 51.28
N CYS A 291 -57.51 -20.24 50.04
CA CYS A 291 -56.14 -20.39 49.57
C CYS A 291 -55.23 -19.24 50.00
N THR A 292 -55.78 -18.07 50.30
CA THR A 292 -54.95 -17.00 50.84
C THR A 292 -54.58 -17.25 52.30
N LEU A 293 -55.44 -17.90 53.06
CA LEU A 293 -55.14 -18.24 54.45
C LEU A 293 -54.28 -19.49 54.59
N LYS A 294 -54.02 -20.20 53.49
CA LYS A 294 -53.25 -21.44 53.48
C LYS A 294 -53.84 -22.47 54.43
N SER A 295 -55.16 -22.57 54.46
CA SER A 295 -55.85 -23.53 55.32
C SER A 295 -57.18 -23.90 54.68
N PHE A 296 -57.64 -25.12 54.96
CA PHE A 296 -58.90 -25.61 54.44
C PHE A 296 -60.08 -25.29 55.33
N THR A 297 -59.84 -24.71 56.51
CA THR A 297 -60.89 -24.34 57.45
C THR A 297 -60.87 -22.84 57.66
N VAL A 298 -62.03 -22.20 57.44
CA VAL A 298 -62.17 -20.75 57.56
C VAL A 298 -63.19 -20.46 58.67
N GLU A 299 -62.77 -19.65 59.64
CA GLU A 299 -63.63 -19.28 60.76
C GLU A 299 -64.39 -18.00 60.42
N LYS A 300 -65.10 -17.47 61.41
CA LYS A 300 -65.88 -16.25 61.22
C LYS A 300 -65.02 -15.02 61.53
N GLY A 301 -65.12 -14.02 60.67
CA GLY A 301 -64.40 -12.78 60.86
C GLY A 301 -64.18 -12.08 59.55
N ILE A 302 -63.42 -10.98 59.62
CA ILE A 302 -63.07 -10.18 58.45
C ILE A 302 -61.82 -10.75 57.81
N TYR A 303 -61.87 -10.96 56.50
CA TYR A 303 -60.74 -11.46 55.74
C TYR A 303 -60.55 -10.61 54.49
N GLN A 304 -59.30 -10.27 54.19
CA GLN A 304 -58.95 -9.49 53.01
C GLN A 304 -58.21 -10.41 52.03
N THR A 305 -58.74 -10.52 50.82
CA THR A 305 -58.19 -11.42 49.80
C THR A 305 -57.34 -10.67 48.78
N SER A 306 -57.90 -9.67 48.11
CA SER A 306 -57.20 -8.94 47.07
C SER A 306 -57.71 -7.50 47.04
N ASN A 307 -57.39 -6.80 45.97
CA ASN A 307 -57.77 -5.41 45.78
C ASN A 307 -58.57 -5.24 44.48
N PHE A 308 -59.16 -4.05 44.33
CA PHE A 308 -59.98 -3.73 43.18
C PHE A 308 -59.59 -2.36 42.66
N ARG A 309 -59.36 -2.25 41.35
CA ARG A 309 -58.90 -1.01 40.73
C ARG A 309 -59.55 -0.85 39.37
N VAL A 310 -60.06 0.35 39.10
CA VAL A 310 -60.69 0.66 37.82
C VAL A 310 -59.63 1.11 36.84
N GLN A 311 -59.70 0.58 35.59
CA GLN A 311 -58.78 0.91 34.52
C GLN A 311 -59.36 2.00 33.63
N PRO A 312 -58.51 2.90 33.11
CA PRO A 312 -59.01 3.93 32.20
C PRO A 312 -59.48 3.34 30.87
N THR A 313 -60.45 4.00 30.27
CA THR A 313 -61.07 3.52 29.02
C THR A 313 -60.53 4.25 27.79
N GLU A 314 -60.64 5.56 27.75
CA GLU A 314 -60.24 6.36 26.60
C GLU A 314 -58.99 7.17 26.92
N SER A 315 -58.54 7.95 25.93
CA SER A 315 -57.37 8.80 26.08
C SER A 315 -57.61 10.05 25.23
N ILE A 316 -58.07 11.12 25.87
CA ILE A 316 -58.41 12.36 25.18
C ILE A 316 -57.22 13.30 25.23
N VAL A 317 -57.03 14.07 24.16
CA VAL A 317 -55.91 15.05 24.11
C VAL A 317 -56.47 16.41 23.68
N ARG A 318 -57.20 17.07 24.59
CA ARG A 318 -57.75 18.43 24.28
C ARG A 318 -56.58 19.42 24.27
N PHE A 319 -55.84 19.48 23.15
CA PHE A 319 -54.67 20.39 23.05
C PHE A 319 -55.14 21.84 23.12
N PRO A 320 -54.26 22.84 23.38
CA PRO A 320 -54.70 24.24 23.56
C PRO A 320 -55.25 24.92 22.30
N ASN A 321 -55.85 26.10 22.47
CA ASN A 321 -56.39 26.88 21.32
C ASN A 321 -55.27 27.78 20.78
N ILE A 322 -54.11 27.79 21.43
CA ILE A 322 -53.00 28.70 21.02
C ILE A 322 -52.11 28.01 19.98
N THR A 323 -52.57 26.88 19.42
CA THR A 323 -51.80 26.19 18.36
C THR A 323 -51.40 27.23 17.30
N ASN A 324 -50.10 27.35 17.01
CA ASN A 324 -49.63 28.37 16.03
C ASN A 324 -49.57 27.75 14.63
N LEU A 325 -48.91 28.43 13.68
CA LEU A 325 -48.81 27.92 12.30
C LEU A 325 -47.41 28.23 11.74
N CYS A 326 -47.01 27.54 10.66
CA CYS A 326 -45.67 27.77 10.05
C CYS A 326 -45.78 28.78 8.90
N PRO A 327 -44.73 29.57 8.62
CA PRO A 327 -44.75 30.56 7.54
C PRO A 327 -44.58 29.93 6.14
N PHE A 328 -45.54 29.10 5.72
CA PHE A 328 -45.47 28.46 4.40
C PHE A 328 -46.10 29.38 3.35
N GLY A 329 -46.58 30.54 3.76
CA GLY A 329 -47.27 31.46 2.83
C GLY A 329 -46.32 32.33 2.04
N GLU A 330 -45.67 33.30 2.69
CA GLU A 330 -44.81 34.23 1.97
C GLU A 330 -43.66 33.54 1.24
N VAL A 331 -43.29 32.32 1.65
CA VAL A 331 -42.25 31.59 0.93
C VAL A 331 -42.80 31.04 -0.39
N PHE A 332 -44.11 30.81 -0.47
CA PHE A 332 -44.76 30.38 -1.71
C PHE A 332 -45.37 31.55 -2.48
N ASN A 333 -45.97 32.51 -1.78
CA ASN A 333 -46.50 33.72 -2.40
C ASN A 333 -45.48 34.84 -2.34
N ALA A 334 -44.37 34.63 -3.04
CA ALA A 334 -43.26 35.57 -3.06
C ALA A 334 -43.25 36.32 -4.39
N THR A 335 -43.19 37.65 -4.32
CA THR A 335 -43.16 38.45 -5.54
C THR A 335 -41.83 38.29 -6.28
N ARG A 336 -40.74 38.15 -5.55
CA ARG A 336 -39.41 38.03 -6.13
C ARG A 336 -38.86 36.64 -5.90
N PHE A 337 -38.22 36.07 -6.92
CA PHE A 337 -37.55 34.78 -6.83
C PHE A 337 -36.11 34.93 -7.30
N ALA A 338 -35.19 34.31 -6.58
CA ALA A 338 -33.77 34.44 -6.88
C ALA A 338 -33.37 33.51 -8.03
N SER A 339 -32.14 33.70 -8.50
CA SER A 339 -31.62 32.89 -9.58
C SER A 339 -31.24 31.50 -9.08
N VAL A 340 -30.99 30.59 -10.03
CA VAL A 340 -30.67 29.21 -9.68
C VAL A 340 -29.29 29.13 -9.03
N TYR A 341 -28.33 29.95 -9.50
CA TYR A 341 -27.00 29.93 -8.93
C TYR A 341 -26.91 30.68 -7.60
N ALA A 342 -27.94 31.41 -7.22
CA ALA A 342 -28.01 32.14 -5.96
C ALA A 342 -29.33 31.85 -5.26
N TRP A 343 -29.67 30.56 -5.16
CA TRP A 343 -30.94 30.14 -4.59
C TRP A 343 -31.02 30.49 -3.11
N ASN A 344 -32.21 30.92 -2.68
CA ASN A 344 -32.41 31.32 -1.29
C ASN A 344 -32.43 30.10 -0.38
N ARG A 345 -32.09 30.33 0.88
CA ARG A 345 -32.13 29.29 1.92
C ARG A 345 -32.85 29.86 3.12
N LYS A 346 -34.04 29.34 3.41
CA LYS A 346 -34.87 29.81 4.51
C LYS A 346 -35.12 28.66 5.47
N ARG A 347 -34.92 28.92 6.76
CA ARG A 347 -35.10 27.93 7.81
C ARG A 347 -36.44 28.17 8.49
N ILE A 348 -37.26 27.11 8.58
CA ILE A 348 -38.59 27.23 9.24
C ILE A 348 -38.60 26.26 10.43
N SER A 349 -38.81 26.79 11.65
CA SER A 349 -38.76 25.93 12.87
C SER A 349 -39.62 26.54 13.99
N ASN A 350 -39.83 25.79 15.07
CA ASN A 350 -40.61 26.29 16.23
C ASN A 350 -41.99 26.76 15.77
N CYS A 351 -42.66 25.98 14.91
CA CYS A 351 -44.03 26.33 14.45
C CYS A 351 -44.79 25.05 14.11
N VAL A 352 -46.12 25.09 14.17
CA VAL A 352 -46.96 23.89 13.85
C VAL A 352 -46.99 23.70 12.33
N ALA A 353 -46.57 22.54 11.85
CA ALA A 353 -46.55 22.26 10.39
C ALA A 353 -47.98 22.25 9.86
N ASP A 354 -48.20 22.81 8.67
CA ASP A 354 -49.55 22.85 8.06
C ASP A 354 -49.44 22.47 6.58
N TYR A 355 -49.30 21.17 6.28
CA TYR A 355 -49.20 20.73 4.90
C TYR A 355 -50.57 20.51 4.26
N SER A 356 -51.66 20.82 4.97
CA SER A 356 -53.00 20.58 4.43
C SER A 356 -53.25 21.40 3.18
N VAL A 357 -53.01 22.72 3.25
CA VAL A 357 -53.17 23.58 2.07
C VAL A 357 -52.15 23.27 0.98
N LEU A 358 -51.06 22.57 1.32
CA LEU A 358 -50.05 22.24 0.32
C LEU A 358 -50.57 21.21 -0.67
N TYR A 359 -51.23 20.15 -0.19
CA TYR A 359 -51.78 19.15 -1.09
C TYR A 359 -53.24 19.37 -1.45
N ASN A 360 -53.94 20.26 -0.75
CA ASN A 360 -55.31 20.58 -1.15
C ASN A 360 -55.34 21.64 -2.26
N SER A 361 -54.19 22.12 -2.69
CA SER A 361 -54.12 22.93 -3.90
C SER A 361 -53.72 22.06 -5.09
N ALA A 362 -54.10 22.51 -6.28
CA ALA A 362 -53.81 21.78 -7.51
C ALA A 362 -53.11 22.63 -8.55
N SER A 363 -52.71 23.86 -8.20
CA SER A 363 -51.99 24.71 -9.14
C SER A 363 -50.58 24.20 -9.41
N PHE A 364 -50.01 23.41 -8.50
CA PHE A 364 -48.68 22.86 -8.70
C PHE A 364 -48.71 21.74 -9.73
N SER A 365 -47.54 21.47 -10.32
CA SER A 365 -47.40 20.42 -11.32
C SER A 365 -46.64 19.20 -10.83
N THR A 366 -45.79 19.34 -9.81
CA THR A 366 -44.99 18.25 -9.30
C THR A 366 -45.20 18.13 -7.80
N PHE A 367 -45.56 16.93 -7.33
CA PHE A 367 -45.74 16.64 -5.91
C PHE A 367 -45.06 15.32 -5.58
N LYS A 368 -43.81 15.19 -6.00
CA LYS A 368 -43.03 13.98 -5.73
C LYS A 368 -42.22 14.17 -4.45
N CYS A 369 -42.40 13.25 -3.49
CA CYS A 369 -41.73 13.32 -2.20
C CYS A 369 -40.77 12.14 -2.09
N TYR A 370 -39.47 12.41 -2.20
CA TYR A 370 -38.47 11.37 -2.10
C TYR A 370 -38.18 11.05 -0.64
N GLY A 371 -37.78 9.81 -0.40
CA GLY A 371 -37.43 9.38 0.95
C GLY A 371 -38.62 9.05 1.81
N VAL A 372 -39.45 10.06 2.09
CA VAL A 372 -40.63 9.90 2.93
C VAL A 372 -41.87 9.93 2.05
N SER A 373 -42.87 9.14 2.43
CA SER A 373 -44.11 9.06 1.68
C SER A 373 -44.97 10.29 1.94
N PRO A 374 -45.66 10.83 0.94
CA PRO A 374 -46.48 12.03 1.16
C PRO A 374 -47.78 11.76 1.93
N THR A 375 -48.15 10.50 2.13
CA THR A 375 -49.43 10.19 2.77
C THR A 375 -49.40 10.36 4.28
N LYS A 376 -48.23 10.49 4.89
CA LYS A 376 -48.12 10.51 6.35
C LYS A 376 -47.16 11.58 6.84
N LEU A 377 -47.21 12.78 6.28
CA LEU A 377 -46.42 13.89 6.82
C LEU A 377 -46.98 14.38 8.15
N ASN A 378 -48.28 14.23 8.37
CA ASN A 378 -48.92 14.84 9.53
C ASN A 378 -48.51 14.16 10.84
N ASP A 379 -48.38 12.85 10.82
CA ASP A 379 -48.07 12.12 12.06
C ASP A 379 -46.56 11.94 12.25
N LEU A 380 -45.77 12.79 11.63
CA LEU A 380 -44.32 12.78 11.79
C LEU A 380 -43.85 14.11 12.35
N CYS A 381 -42.96 14.05 13.33
CA CYS A 381 -42.37 15.23 13.96
C CYS A 381 -40.93 15.39 13.50
N PHE A 382 -40.58 16.59 13.08
CA PHE A 382 -39.24 16.89 12.59
C PHE A 382 -38.60 17.99 13.43
N THR A 383 -37.27 18.06 13.37
CA THR A 383 -36.52 19.06 14.13
C THR A 383 -36.34 20.35 13.34
N ASN A 384 -35.79 20.26 12.13
CA ASN A 384 -35.51 21.41 11.30
C ASN A 384 -36.19 21.25 9.95
N VAL A 385 -36.75 22.36 9.45
CA VAL A 385 -37.41 22.39 8.15
C VAL A 385 -36.73 23.47 7.31
N TYR A 386 -36.26 23.09 6.12
CA TYR A 386 -35.59 24.01 5.21
C TYR A 386 -36.36 24.07 3.90
N ALA A 387 -36.36 25.26 3.29
CA ALA A 387 -37.10 25.49 2.05
C ALA A 387 -36.27 26.38 1.13
N ASP A 388 -35.86 25.83 -0.01
CA ASP A 388 -35.17 26.58 -1.05
C ASP A 388 -36.17 27.05 -2.10
N SER A 389 -35.73 27.99 -2.93
CA SER A 389 -36.59 28.54 -3.96
C SER A 389 -35.75 29.02 -5.14
N PHE A 390 -36.08 28.55 -6.34
CA PHE A 390 -35.43 29.01 -7.55
C PHE A 390 -36.37 28.77 -8.72
N VAL A 391 -36.10 29.48 -9.83
CA VAL A 391 -36.90 29.40 -11.04
C VAL A 391 -36.09 28.68 -12.10
N ILE A 392 -36.71 27.68 -12.74
CA ILE A 392 -36.05 26.90 -13.77
C ILE A 392 -37.06 26.63 -14.90
N ARG A 393 -36.53 26.41 -16.10
CA ARG A 393 -37.34 26.10 -17.26
C ARG A 393 -38.05 24.75 -17.08
N GLY A 394 -39.20 24.61 -17.74
CA GLY A 394 -39.98 23.40 -17.66
C GLY A 394 -39.27 22.16 -18.16
N ASP A 395 -38.26 22.33 -19.02
CA ASP A 395 -37.46 21.18 -19.46
C ASP A 395 -36.59 20.65 -18.32
N GLU A 396 -35.97 21.54 -17.56
CA GLU A 396 -35.05 21.15 -16.49
C GLU A 396 -35.76 21.13 -15.13
N VAL A 397 -36.83 20.34 -15.06
CA VAL A 397 -37.52 20.09 -13.80
C VAL A 397 -37.22 18.69 -13.28
N ARG A 398 -37.13 17.71 -14.17
CA ARG A 398 -36.72 16.36 -13.79
C ARG A 398 -35.29 16.31 -13.27
N GLN A 399 -34.45 17.28 -13.64
CA GLN A 399 -33.06 17.28 -13.22
C GLN A 399 -32.90 17.63 -11.74
N ILE A 400 -33.95 18.17 -11.12
CA ILE A 400 -33.92 18.46 -9.68
C ILE A 400 -33.85 17.15 -8.89
N ALA A 401 -34.45 16.09 -9.41
CA ALA A 401 -34.46 14.80 -8.72
C ALA A 401 -33.04 14.25 -8.61
N PRO A 402 -32.68 13.64 -7.49
CA PRO A 402 -31.33 13.07 -7.36
C PRO A 402 -31.14 11.88 -8.30
N GLY A 403 -29.89 11.70 -8.73
CA GLY A 403 -29.55 10.63 -9.63
C GLY A 403 -29.37 11.12 -11.06
N GLN A 404 -30.23 12.03 -11.49
CA GLN A 404 -30.13 12.59 -12.83
C GLN A 404 -28.97 13.57 -12.91
N THR A 405 -28.46 13.75 -14.14
CA THR A 405 -27.33 14.65 -14.39
C THR A 405 -27.71 15.63 -15.49
N GLY A 406 -27.07 16.81 -15.44
CA GLY A 406 -27.34 17.83 -16.42
C GLY A 406 -26.58 19.09 -16.08
N LYS A 407 -26.90 20.16 -16.83
CA LYS A 407 -26.26 21.45 -16.57
C LYS A 407 -26.69 22.01 -15.23
N ILE A 408 -27.99 22.00 -14.94
CA ILE A 408 -28.48 22.50 -13.66
C ILE A 408 -28.15 21.53 -12.53
N ALA A 409 -28.23 20.22 -12.79
CA ALA A 409 -28.09 19.23 -11.73
C ALA A 409 -26.67 19.11 -11.21
N ASP A 410 -25.66 19.55 -11.97
CA ASP A 410 -24.28 19.39 -11.57
C ASP A 410 -23.49 20.70 -11.48
N TYR A 411 -23.98 21.79 -12.06
CA TYR A 411 -23.25 23.05 -12.04
C TYR A 411 -23.94 24.15 -11.25
N ASN A 412 -25.23 24.01 -10.96
CA ASN A 412 -25.97 25.04 -10.23
C ASN A 412 -26.61 24.54 -8.95
N TYR A 413 -27.18 23.34 -8.95
CA TYR A 413 -27.87 22.80 -7.77
C TYR A 413 -27.82 21.29 -7.82
N LYS A 414 -27.22 20.68 -6.79
CA LYS A 414 -27.10 19.23 -6.69
C LYS A 414 -27.78 18.76 -5.42
N LEU A 415 -28.56 17.68 -5.53
CA LEU A 415 -29.22 17.10 -4.37
C LEU A 415 -28.57 15.78 -3.97
N PRO A 416 -28.51 15.47 -2.68
CA PRO A 416 -27.89 14.21 -2.26
C PRO A 416 -28.76 13.01 -2.62
N ASP A 417 -28.10 11.85 -2.68
CA ASP A 417 -28.78 10.61 -3.06
C ASP A 417 -29.66 10.05 -1.96
N ASP A 418 -29.59 10.59 -0.74
CA ASP A 418 -30.41 10.16 0.38
C ASP A 418 -31.41 11.25 0.78
N PHE A 419 -32.00 11.90 -0.21
CA PHE A 419 -32.90 13.02 0.04
C PHE A 419 -34.24 12.50 0.56
N THR A 420 -34.66 13.03 1.71
CA THR A 420 -35.90 12.61 2.37
C THR A 420 -36.89 13.77 2.47
N GLY A 421 -36.98 14.57 1.41
CA GLY A 421 -37.88 15.71 1.42
C GLY A 421 -38.88 15.70 0.27
N CYS A 422 -39.37 16.88 -0.10
CA CYS A 422 -40.36 17.02 -1.16
C CYS A 422 -39.97 18.16 -2.09
N VAL A 423 -40.42 18.07 -3.34
CA VAL A 423 -40.16 19.08 -4.36
C VAL A 423 -41.50 19.59 -4.89
N ILE A 424 -41.69 20.90 -4.88
CA ILE A 424 -42.91 21.54 -5.32
C ILE A 424 -42.58 22.42 -6.52
N ALA A 425 -43.31 22.23 -7.62
CA ALA A 425 -43.09 23.00 -8.84
C ALA A 425 -44.43 23.42 -9.42
N TRP A 426 -44.47 24.63 -9.97
CA TRP A 426 -45.68 25.14 -10.62
C TRP A 426 -45.28 26.12 -11.71
N ASN A 427 -46.23 26.43 -12.59
CA ASN A 427 -46.01 27.26 -13.75
C ASN A 427 -46.57 28.67 -13.51
N SER A 428 -45.74 29.68 -13.76
CA SER A 428 -46.14 31.09 -13.66
C SER A 428 -45.44 31.85 -14.78
N ASN A 429 -46.13 32.00 -15.91
CA ASN A 429 -45.58 32.63 -17.09
C ASN A 429 -45.90 34.12 -17.18
N ASN A 430 -47.14 34.51 -16.87
CA ASN A 430 -47.51 35.92 -16.97
C ASN A 430 -46.85 36.77 -15.89
N LEU A 431 -46.68 36.20 -14.70
CA LEU A 431 -46.09 36.97 -13.61
C LEU A 431 -44.58 37.14 -13.78
N ASP A 432 -43.90 36.09 -14.23
CA ASP A 432 -42.44 36.11 -14.32
C ASP A 432 -41.93 36.68 -15.64
N SER A 433 -42.82 36.98 -16.59
CA SER A 433 -42.40 37.51 -17.88
C SER A 433 -43.43 38.51 -18.39
N LYS A 434 -42.96 39.67 -18.82
CA LYS A 434 -43.82 40.69 -19.42
C LYS A 434 -43.90 40.45 -20.93
N VAL A 435 -44.44 41.42 -21.66
CA VAL A 435 -44.60 41.28 -23.10
C VAL A 435 -43.24 41.27 -23.81
N GLY A 436 -42.22 41.89 -23.20
CA GLY A 436 -40.90 41.94 -23.80
C GLY A 436 -39.94 40.85 -23.39
N GLY A 437 -40.30 40.04 -22.40
CA GLY A 437 -39.42 39.00 -21.92
C GLY A 437 -38.57 39.45 -20.75
N ASN A 438 -38.09 38.47 -20.00
CA ASN A 438 -37.31 38.71 -18.79
C ASN A 438 -35.86 38.34 -19.01
N TYR A 439 -34.94 39.25 -18.64
CA TYR A 439 -33.52 39.07 -18.90
C TYR A 439 -32.66 39.27 -17.65
N ASN A 440 -33.26 39.29 -16.47
CA ASN A 440 -32.50 39.50 -15.24
C ASN A 440 -32.17 38.20 -14.52
N TYR A 441 -32.39 37.06 -15.16
CA TYR A 441 -32.19 35.75 -14.55
C TYR A 441 -30.91 35.13 -15.10
N LEU A 442 -30.05 34.66 -14.18
CA LEU A 442 -28.71 34.20 -14.53
C LEU A 442 -28.57 32.73 -14.15
N TYR A 443 -27.73 32.02 -14.92
CA TYR A 443 -27.46 30.61 -14.67
C TYR A 443 -26.07 30.27 -15.18
N ARG A 444 -25.56 29.13 -14.72
CA ARG A 444 -24.19 28.72 -14.95
C ARG A 444 -24.12 27.56 -15.95
N LEU A 445 -23.15 27.62 -16.87
CA LEU A 445 -22.90 26.53 -17.80
C LEU A 445 -21.51 25.93 -17.69
N PHE A 446 -20.56 26.61 -17.04
CA PHE A 446 -19.18 26.14 -16.96
C PHE A 446 -18.70 26.18 -15.52
N ARG A 447 -17.88 25.20 -15.16
CA ARG A 447 -17.31 25.11 -13.83
C ARG A 447 -16.01 24.31 -13.91
N LYS A 448 -15.18 24.48 -12.88
CA LYS A 448 -13.92 23.74 -12.84
C LYS A 448 -14.15 22.24 -12.67
N SER A 449 -15.10 21.86 -11.83
CA SER A 449 -15.43 20.46 -11.61
C SER A 449 -16.90 20.36 -11.23
N ASN A 450 -17.30 19.19 -10.72
CA ASN A 450 -18.67 19.00 -10.28
C ASN A 450 -18.90 19.70 -8.94
N LEU A 451 -20.17 19.86 -8.59
CA LEU A 451 -20.57 20.55 -7.36
C LEU A 451 -21.13 19.54 -6.37
N LYS A 452 -20.66 19.65 -5.12
CA LYS A 452 -21.18 18.79 -4.06
C LYS A 452 -22.62 19.16 -3.74
N PRO A 453 -23.40 18.22 -3.20
CA PRO A 453 -24.79 18.53 -2.84
C PRO A 453 -24.86 19.60 -1.75
N PHE A 454 -25.92 20.41 -1.83
CA PHE A 454 -26.19 21.51 -0.90
C PHE A 454 -25.03 22.50 -0.85
N GLU A 455 -24.46 22.80 -2.01
CA GLU A 455 -23.37 23.77 -2.13
C GLU A 455 -23.72 24.77 -3.22
N ARG A 456 -23.58 26.06 -2.91
CA ARG A 456 -23.84 27.13 -3.86
C ARG A 456 -22.58 27.96 -4.03
N ASP A 457 -22.45 28.58 -5.21
CA ASP A 457 -21.30 29.40 -5.55
C ASP A 457 -21.76 30.78 -6.00
N ILE A 458 -21.04 31.81 -5.54
CA ILE A 458 -21.39 33.19 -5.87
C ILE A 458 -20.35 33.86 -6.76
N SER A 459 -19.14 33.30 -6.86
CA SER A 459 -18.08 33.94 -7.63
C SER A 459 -18.36 33.90 -9.12
N THR A 460 -18.02 34.98 -9.81
CA THR A 460 -18.30 35.13 -11.24
C THR A 460 -17.02 35.32 -12.04
N GLU A 461 -16.02 34.47 -11.80
CA GLU A 461 -14.74 34.61 -12.49
C GLU A 461 -14.86 34.14 -13.95
N ILE A 462 -13.73 34.10 -14.63
CA ILE A 462 -13.67 33.64 -16.02
C ILE A 462 -13.36 32.16 -16.02
N TYR A 463 -14.23 31.36 -16.64
CA TYR A 463 -14.03 29.92 -16.71
C TYR A 463 -12.91 29.59 -17.68
N GLN A 464 -12.05 28.66 -17.28
CA GLN A 464 -10.92 28.22 -18.09
C GLN A 464 -11.25 26.88 -18.72
N ALA A 465 -11.14 26.80 -20.05
CA ALA A 465 -11.41 25.57 -20.80
C ALA A 465 -10.15 24.95 -21.40
N GLY A 466 -9.26 25.77 -21.96
CA GLY A 466 -8.03 25.28 -22.54
C GLY A 466 -6.88 25.30 -21.56
N SER A 467 -5.67 25.11 -22.10
CA SER A 467 -4.46 25.12 -21.28
C SER A 467 -3.81 26.49 -21.21
N THR A 468 -3.86 27.27 -22.29
CA THR A 468 -3.26 28.59 -22.29
C THR A 468 -4.18 29.58 -21.58
N PRO A 469 -3.71 30.27 -20.54
CA PRO A 469 -4.55 31.27 -19.88
C PRO A 469 -4.79 32.47 -20.79
N CYS A 470 -5.95 33.09 -20.61
CA CYS A 470 -6.34 34.26 -21.41
C CYS A 470 -6.11 35.57 -20.66
N ASN A 471 -5.38 35.53 -19.54
CA ASN A 471 -4.98 36.72 -18.78
C ASN A 471 -6.17 37.52 -18.28
N GLY A 472 -7.28 36.85 -18.00
CA GLY A 472 -8.44 37.48 -17.39
C GLY A 472 -9.15 38.50 -18.26
N VAL A 473 -9.19 38.28 -19.57
CA VAL A 473 -9.98 39.11 -20.48
C VAL A 473 -10.77 38.19 -21.40
N GLU A 474 -11.79 38.76 -22.02
CA GLU A 474 -12.65 37.98 -22.91
C GLU A 474 -11.90 37.60 -24.19
N GLY A 475 -12.03 36.35 -24.59
CA GLY A 475 -11.32 35.89 -25.76
C GLY A 475 -11.61 34.43 -26.08
N PHE A 476 -10.68 33.82 -26.79
CA PHE A 476 -10.82 32.44 -27.19
C PHE A 476 -10.34 31.51 -26.07
N ASN A 477 -10.99 30.34 -25.97
CA ASN A 477 -10.75 29.29 -24.98
C ASN A 477 -11.08 29.72 -23.55
N CYS A 478 -11.72 30.88 -23.37
CA CYS A 478 -12.21 31.27 -22.05
C CYS A 478 -13.40 32.19 -22.25
N TYR A 479 -14.47 31.94 -21.51
CA TYR A 479 -15.72 32.68 -21.68
C TYR A 479 -16.27 33.00 -20.30
N PHE A 480 -17.50 33.50 -20.26
CA PHE A 480 -18.12 33.92 -19.01
C PHE A 480 -19.11 32.85 -18.57
N PRO A 481 -18.80 32.08 -17.51
CA PRO A 481 -19.62 30.90 -17.17
C PRO A 481 -21.04 31.24 -16.72
N LEU A 482 -21.31 32.48 -16.34
CA LEU A 482 -22.66 32.90 -16.01
C LEU A 482 -23.35 33.38 -17.29
N GLN A 483 -24.58 32.96 -17.50
CA GLN A 483 -25.31 33.32 -18.72
C GLN A 483 -26.69 33.87 -18.36
N SER A 484 -27.07 34.91 -19.09
CA SER A 484 -28.41 35.45 -19.01
C SER A 484 -29.37 34.56 -19.79
N TYR A 485 -30.66 34.72 -19.51
CA TYR A 485 -31.68 33.87 -20.11
C TYR A 485 -32.76 34.73 -20.75
N GLY A 486 -33.34 34.22 -21.84
CA GLY A 486 -34.36 34.93 -22.59
C GLY A 486 -35.71 34.24 -22.48
N PHE A 487 -36.73 35.03 -22.15
CA PHE A 487 -38.10 34.55 -21.99
C PHE A 487 -38.99 35.14 -23.07
N GLN A 488 -40.01 34.40 -23.46
CA GLN A 488 -41.01 34.88 -24.39
C GLN A 488 -42.41 34.64 -23.84
N PRO A 489 -43.36 35.52 -24.17
CA PRO A 489 -44.73 35.30 -23.70
C PRO A 489 -45.47 34.23 -24.49
N THR A 490 -45.08 33.98 -25.74
CA THR A 490 -45.76 33.03 -26.60
C THR A 490 -44.92 31.78 -26.89
N ASN A 491 -43.94 31.51 -26.02
CA ASN A 491 -43.02 30.40 -26.23
C ASN A 491 -43.72 29.06 -25.95
N GLY A 492 -42.98 27.98 -26.07
CA GLY A 492 -43.54 26.66 -25.87
C GLY A 492 -43.86 26.38 -24.41
N VAL A 493 -44.66 25.33 -24.20
CA VAL A 493 -45.08 24.97 -22.85
C VAL A 493 -43.89 24.47 -22.02
N GLY A 494 -42.94 23.78 -22.66
CA GLY A 494 -41.76 23.34 -21.95
C GLY A 494 -40.73 24.43 -21.74
N TYR A 495 -40.95 25.61 -22.31
CA TYR A 495 -40.01 26.72 -22.18
C TYR A 495 -40.58 27.89 -21.39
N GLN A 496 -41.77 27.73 -20.80
CA GLN A 496 -42.30 28.74 -19.90
C GLN A 496 -41.60 28.66 -18.55
N PRO A 497 -41.53 29.76 -17.81
CA PRO A 497 -40.89 29.72 -16.49
C PRO A 497 -41.65 28.86 -15.50
N TYR A 498 -40.91 28.13 -14.68
CA TYR A 498 -41.47 27.31 -13.62
C TYR A 498 -40.75 27.62 -12.32
N ARG A 499 -41.52 27.78 -11.25
CA ARG A 499 -40.98 28.07 -9.93
C ARG A 499 -40.90 26.77 -9.14
N VAL A 500 -39.70 26.43 -8.67
CA VAL A 500 -39.44 25.18 -7.98
C VAL A 500 -39.04 25.51 -6.54
N VAL A 501 -39.76 24.93 -5.58
CA VAL A 501 -39.47 25.07 -4.17
C VAL A 501 -39.22 23.68 -3.60
N VAL A 502 -38.06 23.50 -2.95
CA VAL A 502 -37.63 22.20 -2.44
C VAL A 502 -37.67 22.25 -0.92
N LEU A 503 -38.35 21.27 -0.33
CA LEU A 503 -38.47 21.17 1.12
C LEU A 503 -37.53 20.08 1.63
N SER A 504 -36.77 20.40 2.67
CA SER A 504 -35.81 19.46 3.26
C SER A 504 -36.12 19.28 4.73
N PHE A 505 -36.15 18.03 5.19
CA PHE A 505 -36.44 17.69 6.57
C PHE A 505 -35.27 16.90 7.14
N GLU A 506 -34.76 17.33 8.28
CA GLU A 506 -33.62 16.70 8.93
C GLU A 506 -33.93 16.46 10.40
N LEU A 507 -33.24 15.46 10.97
CA LEU A 507 -33.38 15.09 12.37
C LEU A 507 -32.05 15.26 13.07
N LEU A 508 -32.06 15.95 14.22
CA LEU A 508 -30.85 16.13 15.01
C LEU A 508 -31.11 15.74 16.46
N HIS A 509 -30.12 15.96 17.33
CA HIS A 509 -30.28 15.65 18.74
C HIS A 509 -31.16 16.65 19.47
N ALA A 510 -31.45 17.80 18.87
CA ALA A 510 -32.34 18.77 19.48
C ALA A 510 -33.77 18.23 19.50
N PRO A 511 -34.58 18.65 20.47
CA PRO A 511 -35.98 18.24 20.49
C PRO A 511 -36.74 18.77 19.28
N ALA A 512 -37.75 18.02 18.83
CA ALA A 512 -38.49 18.41 17.61
C ALA A 512 -39.09 19.81 17.79
N THR A 513 -38.87 20.70 16.81
CA THR A 513 -39.43 22.07 16.88
C THR A 513 -40.65 22.17 15.95
N VAL A 514 -40.79 21.22 15.01
CA VAL A 514 -41.91 21.26 14.03
C VAL A 514 -42.67 19.93 14.07
N CYS A 515 -43.96 19.96 14.37
CA CYS A 515 -44.78 18.73 14.39
C CYS A 515 -46.06 18.96 13.57
N GLY A 516 -46.78 17.88 13.23
CA GLY A 516 -48.03 18.00 12.45
C GLY A 516 -49.12 18.67 13.25
N PRO A 517 -50.22 19.13 12.62
CA PRO A 517 -51.22 19.98 13.30
C PRO A 517 -51.68 19.33 14.62
N LYS A 518 -51.70 20.11 15.71
CA LYS A 518 -52.12 19.57 17.02
C LYS A 518 -53.53 18.99 16.90
N LYS A 519 -53.73 17.76 17.40
CA LYS A 519 -55.06 17.11 17.31
C LYS A 519 -55.84 17.34 18.62
N SER A 520 -57.09 17.79 18.51
CA SER A 520 -57.92 18.03 19.72
C SER A 520 -59.18 17.16 19.69
N THR A 521 -59.18 16.05 20.42
CA THR A 521 -60.33 15.17 20.47
C THR A 521 -61.47 15.81 21.28
N ASN A 522 -62.64 15.19 21.19
CA ASN A 522 -63.80 15.67 21.94
C ASN A 522 -63.61 15.46 23.43
N LEU A 523 -64.06 16.42 24.23
CA LEU A 523 -63.94 16.34 25.67
C LEU A 523 -65.05 15.48 26.25
N VAL A 524 -64.68 14.49 27.05
CA VAL A 524 -65.62 13.62 27.74
C VAL A 524 -65.43 13.81 29.24
N LYS A 525 -66.55 13.95 29.97
CA LYS A 525 -66.53 14.26 31.38
C LYS A 525 -67.26 13.19 32.18
N ASN A 526 -67.02 13.21 33.50
CA ASN A 526 -67.65 12.29 34.45
C ASN A 526 -67.33 10.83 34.16
N LYS A 527 -66.18 10.57 33.53
CA LYS A 527 -65.75 9.22 33.23
C LYS A 527 -64.26 9.09 33.50
N CYS A 528 -63.83 7.88 33.85
CA CYS A 528 -62.44 7.58 34.16
C CYS A 528 -61.66 7.51 32.85
N VAL A 529 -61.16 8.66 32.39
CA VAL A 529 -60.43 8.76 31.14
C VAL A 529 -59.04 9.32 31.41
N ASN A 530 -58.20 9.29 30.38
CA ASN A 530 -56.83 9.78 30.45
C ASN A 530 -56.69 11.04 29.59
N PHE A 531 -56.02 12.05 30.14
CA PHE A 531 -55.81 13.30 29.45
C PHE A 531 -54.36 13.74 29.58
N ASN A 532 -53.89 14.50 28.59
CA ASN A 532 -52.52 15.03 28.57
C ASN A 532 -52.61 16.50 28.16
N PHE A 533 -52.73 17.38 29.15
CA PHE A 533 -52.87 18.81 28.90
C PHE A 533 -51.51 19.51 29.01
N ASN A 534 -50.58 19.04 28.17
CA ASN A 534 -49.29 19.66 27.91
C ASN A 534 -48.32 19.64 29.08
N GLY A 535 -48.74 19.14 30.23
CA GLY A 535 -47.84 19.10 31.37
C GLY A 535 -47.88 17.85 32.22
N LEU A 536 -48.82 16.95 31.95
CA LEU A 536 -49.00 15.77 32.77
C LEU A 536 -49.90 14.78 32.04
N THR A 537 -49.59 13.49 32.17
CA THR A 537 -50.44 12.42 31.63
C THR A 537 -51.24 11.84 32.80
N GLY A 538 -52.33 12.51 33.14
CA GLY A 538 -53.16 12.14 34.27
C GLY A 538 -54.40 11.38 33.84
N THR A 539 -54.79 10.40 34.66
CA THR A 539 -55.97 9.59 34.42
C THR A 539 -56.99 9.85 35.51
N GLY A 540 -58.20 10.21 35.12
CA GLY A 540 -59.25 10.46 36.09
C GLY A 540 -60.42 11.16 35.45
N VAL A 541 -61.40 11.48 36.29
CA VAL A 541 -62.61 12.16 35.83
C VAL A 541 -62.37 13.66 35.75
N LEU A 542 -63.26 14.34 35.04
CA LEU A 542 -63.21 15.79 34.85
C LEU A 542 -64.57 16.37 35.22
N THR A 543 -64.75 16.69 36.49
CA THR A 543 -66.01 17.25 36.95
C THR A 543 -66.05 18.76 36.74
N GLU A 544 -67.25 19.34 36.86
CA GLU A 544 -67.44 20.77 36.71
C GLU A 544 -67.26 21.44 38.07
N SER A 545 -66.28 22.33 38.16
CA SER A 545 -65.97 23.01 39.40
C SER A 545 -66.75 24.33 39.51
N ASN A 546 -66.69 24.93 40.69
CA ASN A 546 -67.36 26.19 40.97
C ASN A 546 -66.38 27.30 41.37
N LYS A 547 -65.09 27.09 41.19
CA LYS A 547 -64.07 28.06 41.57
C LYS A 547 -63.46 28.67 40.31
N LYS A 548 -63.36 29.99 40.29
CA LYS A 548 -62.83 30.73 39.15
C LYS A 548 -61.31 30.85 39.26
N PHE A 549 -60.65 30.80 38.11
CA PHE A 549 -59.20 30.91 38.03
C PHE A 549 -58.82 32.25 37.39
N LEU A 550 -57.73 32.83 37.88
CA LEU A 550 -57.24 34.09 37.32
C LEU A 550 -56.81 33.88 35.87
N PRO A 551 -57.02 34.90 35.00
CA PRO A 551 -56.81 34.72 33.55
C PRO A 551 -55.34 34.74 33.11
N PHE A 552 -54.48 34.10 33.89
CA PHE A 552 -53.11 33.86 33.46
C PHE A 552 -52.60 32.48 33.83
N GLN A 553 -53.43 31.61 34.40
CA GLN A 553 -52.98 30.33 34.92
C GLN A 553 -53.59 29.19 34.12
N GLN A 554 -52.79 28.14 33.90
CA GLN A 554 -53.24 26.93 33.22
C GLN A 554 -53.26 25.70 34.12
N PHE A 555 -52.56 25.73 35.25
CA PHE A 555 -52.48 24.60 36.17
C PHE A 555 -53.16 24.96 37.49
N GLY A 556 -53.06 24.04 38.44
CA GLY A 556 -53.62 24.24 39.77
C GLY A 556 -53.35 23.07 40.69
N ARG A 557 -52.98 23.36 41.94
CA ARG A 557 -52.64 22.35 42.92
C ARG A 557 -53.52 22.50 44.15
N ASP A 558 -53.27 21.66 45.15
CA ASP A 558 -54.04 21.66 46.39
C ASP A 558 -53.12 21.77 47.59
N ILE A 559 -53.68 21.55 48.78
CA ILE A 559 -52.89 21.59 50.02
C ILE A 559 -51.83 20.50 50.01
N ALA A 560 -52.19 19.31 49.56
CA ALA A 560 -51.28 18.17 49.53
C ALA A 560 -50.32 18.19 48.34
N ASP A 561 -50.28 19.30 47.58
CA ASP A 561 -49.38 19.49 46.44
C ASP A 561 -49.60 18.41 45.39
N THR A 562 -50.81 18.38 44.86
CA THR A 562 -51.19 17.46 43.79
C THR A 562 -51.98 18.23 42.74
N THR A 563 -51.64 18.04 41.48
CA THR A 563 -52.32 18.72 40.37
C THR A 563 -53.71 18.12 40.22
N ASP A 564 -54.72 18.83 40.72
CA ASP A 564 -56.10 18.36 40.70
C ASP A 564 -57.04 19.36 40.07
N ALA A 565 -56.52 20.37 39.35
CA ALA A 565 -57.37 21.36 38.71
C ALA A 565 -56.59 21.94 37.53
N VAL A 566 -57.08 21.68 36.32
CA VAL A 566 -56.42 22.13 35.09
C VAL A 566 -57.46 22.83 34.21
N ARG A 567 -57.08 23.98 33.67
CA ARG A 567 -57.97 24.75 32.80
C ARG A 567 -57.90 24.23 31.37
N ASP A 568 -59.06 23.94 30.80
CA ASP A 568 -59.12 23.59 29.38
C ASP A 568 -58.91 24.84 28.53
N PRO A 569 -58.01 24.82 27.55
CA PRO A 569 -57.62 26.06 26.88
C PRO A 569 -58.58 26.55 25.80
N GLN A 570 -59.33 25.66 25.15
CA GLN A 570 -60.09 26.04 23.97
C GLN A 570 -61.47 26.63 24.27
N THR A 571 -61.98 26.49 25.48
CA THR A 571 -63.31 26.96 25.80
C THR A 571 -63.35 27.68 27.16
N LEU A 572 -62.26 27.64 27.92
CA LEU A 572 -62.10 28.34 29.20
C LEU A 572 -63.13 27.85 30.22
N GLU A 573 -62.95 26.61 30.64
CA GLU A 573 -63.68 26.03 31.75
C GLU A 573 -62.68 25.38 32.70
N ILE A 574 -63.03 25.36 33.99
CA ILE A 574 -62.16 24.81 35.03
C ILE A 574 -62.66 23.42 35.37
N LEU A 575 -61.80 22.42 35.21
CA LEU A 575 -62.15 21.03 35.46
C LEU A 575 -61.24 20.44 36.52
N ASP A 576 -61.82 19.69 37.44
CA ASP A 576 -61.08 19.06 38.52
C ASP A 576 -60.59 17.67 38.11
N ILE A 577 -59.55 17.21 38.79
CA ILE A 577 -58.95 15.90 38.56
C ILE A 577 -59.13 15.07 39.82
N THR A 578 -59.73 13.89 39.67
CA THR A 578 -60.00 12.98 40.77
C THR A 578 -59.67 11.56 40.33
N PRO A 579 -58.97 10.79 41.16
CA PRO A 579 -58.76 9.37 40.84
C PRO A 579 -60.09 8.63 40.75
N CYS A 580 -60.14 7.67 39.82
CA CYS A 580 -61.37 6.98 39.48
C CYS A 580 -61.95 6.20 40.66
N SER A 581 -61.26 5.14 41.08
CA SER A 581 -61.68 4.31 42.20
C SER A 581 -60.57 3.32 42.51
N PHE A 582 -60.44 2.99 43.80
CA PHE A 582 -59.57 1.91 44.25
C PHE A 582 -60.02 1.48 45.64
N GLY A 583 -59.61 0.28 46.02
CA GLY A 583 -59.99 -0.26 47.31
C GLY A 583 -59.60 -1.72 47.43
N GLY A 584 -60.22 -2.39 48.42
CA GLY A 584 -59.94 -3.78 48.66
C GLY A 584 -61.22 -4.60 48.68
N VAL A 585 -61.04 -5.91 48.51
CA VAL A 585 -62.15 -6.86 48.45
C VAL A 585 -62.18 -7.60 49.79
N SER A 586 -63.00 -7.13 50.71
CA SER A 586 -63.18 -7.80 52.00
C SER A 586 -64.37 -8.76 51.91
N VAL A 587 -64.28 -9.84 52.68
CA VAL A 587 -65.31 -10.87 52.70
C VAL A 587 -65.70 -11.16 54.14
N ILE A 588 -66.98 -11.46 54.35
CA ILE A 588 -67.50 -11.89 55.64
C ILE A 588 -67.83 -13.37 55.55
N THR A 589 -67.49 -14.12 56.60
CA THR A 589 -67.69 -15.56 56.61
C THR A 589 -68.52 -15.95 57.83
N PRO A 590 -69.63 -16.67 57.66
CA PRO A 590 -70.37 -17.16 58.83
C PRO A 590 -69.57 -18.13 59.70
N GLY A 591 -68.63 -18.86 59.11
CA GLY A 591 -67.79 -19.78 59.85
C GLY A 591 -67.81 -21.17 59.22
N THR A 592 -67.14 -22.09 59.92
CA THR A 592 -67.05 -23.48 59.48
C THR A 592 -68.15 -24.29 60.15
N ASN A 593 -68.68 -25.26 59.39
CA ASN A 593 -69.83 -26.09 59.78
C ASN A 593 -71.08 -25.27 60.07
N THR A 594 -71.18 -24.09 59.48
CA THR A 594 -72.36 -23.24 59.66
C THR A 594 -73.00 -22.83 58.34
N SER A 595 -72.19 -22.49 57.33
CA SER A 595 -72.70 -22.03 56.04
C SER A 595 -71.62 -22.25 54.99
N ASN A 596 -71.94 -21.84 53.76
CA ASN A 596 -71.00 -21.95 52.65
C ASN A 596 -70.91 -20.70 51.78
N GLN A 597 -71.82 -19.74 51.94
CA GLN A 597 -71.83 -18.55 51.10
C GLN A 597 -71.14 -17.38 51.81
N VAL A 598 -70.51 -16.52 51.02
CA VAL A 598 -69.83 -15.34 51.52
C VAL A 598 -70.40 -14.11 50.83
N ALA A 599 -70.01 -12.93 51.33
CA ALA A 599 -70.43 -11.66 50.76
C ALA A 599 -69.21 -10.79 50.51
N VAL A 600 -69.25 -10.03 49.42
CA VAL A 600 -68.14 -9.16 49.03
C VAL A 600 -68.38 -7.78 49.64
N LEU A 601 -67.39 -7.29 50.39
CA LEU A 601 -67.45 -5.99 51.04
C LEU A 601 -66.37 -5.09 50.47
N TYR A 602 -66.77 -3.88 50.08
CA TYR A 602 -65.85 -2.88 49.56
C TYR A 602 -65.56 -1.82 50.63
N GLN A 603 -64.31 -1.35 50.66
CA GLN A 603 -63.87 -0.45 51.72
C GLN A 603 -64.48 0.93 51.55
N ASP A 604 -64.25 1.57 50.40
CA ASP A 604 -64.79 2.91 50.17
C ASP A 604 -65.35 3.08 48.76
N VAL A 605 -65.46 2.01 47.98
CA VAL A 605 -66.00 2.11 46.63
C VAL A 605 -67.50 2.28 46.70
N ASN A 606 -68.01 3.33 46.05
CA ASN A 606 -69.44 3.60 46.02
C ASN A 606 -70.07 2.91 44.82
N CYS A 607 -71.20 2.24 45.05
CA CYS A 607 -71.91 1.54 43.98
C CYS A 607 -72.57 2.53 43.02
N ASN A 631 -79.72 -8.08 48.56
CA ASN A 631 -78.78 -8.18 47.46
C ASN A 631 -77.65 -7.17 47.60
N VAL A 632 -77.93 -5.93 47.18
CA VAL A 632 -76.96 -4.84 47.23
C VAL A 632 -77.48 -3.80 48.21
N PHE A 633 -76.68 -3.47 49.22
CA PHE A 633 -77.03 -2.47 50.22
C PHE A 633 -75.92 -1.43 50.29
N GLN A 634 -76.30 -0.16 50.24
CA GLN A 634 -75.34 0.94 50.30
C GLN A 634 -75.14 1.31 51.77
N THR A 635 -74.10 0.75 52.37
CA THR A 635 -73.76 1.03 53.75
C THR A 635 -72.85 2.27 53.85
N ARG A 636 -72.68 2.75 55.08
CA ARG A 636 -71.81 3.90 55.30
C ARG A 636 -70.35 3.53 55.12
N ALA A 637 -70.00 2.27 55.36
CA ALA A 637 -68.61 1.80 55.26
C ALA A 637 -68.27 1.23 53.89
N GLY A 638 -68.89 1.73 52.82
CA GLY A 638 -68.59 1.29 51.47
C GLY A 638 -69.78 0.64 50.80
N CYS A 639 -69.50 -0.39 50.02
CA CYS A 639 -70.52 -1.20 49.36
C CYS A 639 -70.45 -2.63 49.87
N LEU A 640 -71.60 -3.16 50.28
CA LEU A 640 -71.74 -4.56 50.65
C LEU A 640 -72.77 -5.21 49.75
N ILE A 641 -72.38 -6.32 49.11
CA ILE A 641 -73.26 -7.04 48.20
C ILE A 641 -73.40 -8.48 48.69
N GLY A 642 -74.55 -9.08 48.40
CA GLY A 642 -74.83 -10.42 48.83
C GLY A 642 -75.42 -10.55 50.22
N ALA A 643 -75.58 -9.45 50.94
CA ALA A 643 -76.17 -9.45 52.27
C ALA A 643 -77.38 -8.53 52.28
N GLU A 644 -78.49 -9.02 52.82
CA GLU A 644 -79.73 -8.26 52.86
C GLU A 644 -79.80 -7.43 54.14
N HIS A 645 -80.03 -6.14 53.99
CA HIS A 645 -80.16 -5.25 55.14
C HIS A 645 -81.55 -5.39 55.77
N VAL A 646 -81.59 -5.37 57.09
CA VAL A 646 -82.82 -5.51 57.85
C VAL A 646 -82.89 -4.39 58.88
N ASN A 647 -84.10 -3.88 59.13
CA ASN A 647 -84.26 -2.72 59.99
C ASN A 647 -84.11 -3.06 61.47
N ASN A 648 -84.49 -4.28 61.87
CA ASN A 648 -84.40 -4.65 63.28
C ASN A 648 -82.93 -4.82 63.69
N SER A 649 -82.69 -4.69 65.00
CA SER A 649 -81.35 -4.67 65.55
C SER A 649 -81.18 -5.78 66.57
N TYR A 650 -80.09 -6.53 66.45
CA TYR A 650 -79.69 -7.55 67.42
C TYR A 650 -78.24 -7.30 67.83
N GLU A 651 -77.75 -8.16 68.72
CA GLU A 651 -76.34 -8.12 69.08
C GLU A 651 -75.51 -8.73 67.95
N CYS A 652 -74.46 -8.02 67.54
CA CYS A 652 -73.64 -8.46 66.41
C CYS A 652 -72.36 -9.13 66.90
N ASP A 653 -71.80 -9.98 66.03
CA ASP A 653 -70.58 -10.70 66.33
C ASP A 653 -69.44 -10.40 65.38
N ILE A 654 -69.72 -10.00 64.15
CA ILE A 654 -68.72 -9.77 63.12
C ILE A 654 -68.70 -8.27 62.83
N PRO A 655 -67.72 -7.52 63.33
CA PRO A 655 -67.71 -6.06 63.11
C PRO A 655 -67.34 -5.72 61.67
N ILE A 656 -68.13 -4.82 61.07
CA ILE A 656 -67.87 -4.30 59.75
C ILE A 656 -67.39 -2.85 59.80
N GLY A 657 -68.08 -2.01 60.54
CA GLY A 657 -67.70 -0.61 60.71
C GLY A 657 -68.88 0.31 60.50
N ALA A 658 -68.72 1.54 61.00
CA ALA A 658 -69.69 2.63 60.85
C ALA A 658 -71.06 2.27 61.39
N GLY A 659 -71.07 1.55 62.52
CA GLY A 659 -72.32 1.25 63.19
C GLY A 659 -73.17 0.17 62.55
N ILE A 660 -72.57 -0.70 61.75
CA ILE A 660 -73.28 -1.81 61.12
C ILE A 660 -72.40 -3.06 61.21
N CYS A 661 -72.99 -4.16 61.66
CA CYS A 661 -72.34 -5.48 61.67
C CYS A 661 -73.04 -6.39 60.68
N ALA A 662 -72.62 -7.66 60.68
CA ALA A 662 -73.24 -8.70 59.89
C ALA A 662 -73.34 -9.98 60.69
N SER A 663 -74.36 -10.79 60.39
CA SER A 663 -74.58 -12.04 61.10
C SER A 663 -75.39 -12.97 60.21
N TYR A 664 -75.38 -14.25 60.57
CA TYR A 664 -76.14 -15.29 59.87
C TYR A 664 -77.41 -15.56 60.66
N GLN A 665 -78.54 -15.04 60.17
CA GLN A 665 -79.80 -15.13 60.88
C GLN A 665 -80.89 -15.51 59.88
N THR A 666 -81.88 -16.26 60.36
CA THR A 666 -82.99 -16.73 59.54
C THR A 666 -83.81 -15.57 58.95
N SER A 679 -85.12 -19.90 53.95
CA SER A 679 -84.21 -20.49 54.91
C SER A 679 -83.46 -19.42 55.70
N GLN A 680 -82.17 -19.63 55.91
CA GLN A 680 -81.33 -18.70 56.64
C GLN A 680 -80.26 -18.16 55.71
N SER A 681 -80.05 -16.84 55.75
CA SER A 681 -79.07 -16.17 54.91
C SER A 681 -78.31 -15.15 55.74
N ILE A 682 -77.25 -14.61 55.15
CA ILE A 682 -76.43 -13.60 55.80
C ILE A 682 -77.13 -12.25 55.71
N ILE A 683 -77.21 -11.54 56.84
CA ILE A 683 -77.91 -10.28 56.92
C ILE A 683 -76.97 -9.23 57.53
N ALA A 684 -77.29 -7.96 57.28
CA ALA A 684 -76.55 -6.83 57.82
C ALA A 684 -77.52 -5.91 58.55
N TYR A 685 -77.09 -5.41 59.71
CA TYR A 685 -77.96 -4.58 60.54
C TYR A 685 -77.11 -3.71 61.44
N THR A 686 -77.73 -2.63 61.93
CA THR A 686 -77.13 -1.84 63.00
C THR A 686 -77.12 -2.65 64.29
N MET A 687 -75.98 -2.69 64.97
CA MET A 687 -75.90 -3.49 66.19
C MET A 687 -76.71 -2.87 67.32
N SER A 688 -77.03 -3.69 68.29
CA SER A 688 -77.71 -3.26 69.51
C SER A 688 -76.68 -3.04 70.60
N LEU A 689 -76.76 -1.87 71.26
CA LEU A 689 -75.88 -1.59 72.39
C LEU A 689 -76.22 -2.44 73.60
N GLY A 690 -77.39 -3.05 73.61
CA GLY A 690 -77.81 -3.89 74.72
C GLY A 690 -79.31 -3.80 74.90
N ALA A 691 -79.78 -4.38 76.00
CA ALA A 691 -81.20 -4.34 76.32
C ALA A 691 -81.61 -2.94 76.77
N GLU A 692 -82.66 -2.40 76.15
CA GLU A 692 -83.17 -1.08 76.51
C GLU A 692 -84.07 -1.25 77.73
N ASN A 693 -83.53 -0.94 78.91
CA ASN A 693 -84.27 -1.05 80.16
C ASN A 693 -84.20 0.28 80.89
N SER A 694 -85.36 0.78 81.30
CA SER A 694 -85.46 2.03 82.04
C SER A 694 -85.75 1.72 83.50
N VAL A 695 -84.89 2.18 84.39
CA VAL A 695 -85.07 1.95 85.81
C VAL A 695 -85.94 3.06 86.39
N ALA A 696 -86.76 2.71 87.38
CA ALA A 696 -87.63 3.67 88.04
C ALA A 696 -86.84 4.44 89.09
N TYR A 697 -87.04 5.75 89.14
CA TYR A 697 -86.35 6.61 90.09
C TYR A 697 -87.37 7.38 90.92
N SER A 698 -87.11 7.45 92.23
CA SER A 698 -87.93 8.23 93.14
C SER A 698 -87.07 8.69 94.30
N ASN A 699 -87.52 9.73 94.98
CA ASN A 699 -86.78 10.31 96.10
C ASN A 699 -86.98 9.56 97.41
N ASN A 700 -87.89 8.58 97.45
CA ASN A 700 -88.15 7.83 98.68
C ASN A 700 -88.32 6.34 98.40
N SER A 701 -87.71 5.83 97.34
CA SER A 701 -87.80 4.42 96.99
C SER A 701 -86.40 3.82 96.98
N ILE A 702 -86.24 2.71 97.71
CA ILE A 702 -84.97 2.01 97.78
C ILE A 702 -85.21 0.54 97.40
N ALA A 703 -84.14 -0.10 96.92
CA ALA A 703 -84.16 -1.51 96.58
C ALA A 703 -82.96 -2.17 97.27
N ILE A 704 -83.22 -3.26 97.98
CA ILE A 704 -82.21 -3.97 98.75
C ILE A 704 -82.21 -5.42 98.29
N PRO A 705 -81.06 -5.99 97.92
CA PRO A 705 -81.02 -7.42 97.57
C PRO A 705 -81.34 -8.30 98.75
N THR A 706 -82.01 -9.42 98.48
CA THR A 706 -82.35 -10.40 99.49
C THR A 706 -81.70 -11.75 99.24
N ASN A 707 -81.00 -11.91 98.13
CA ASN A 707 -80.33 -13.17 97.80
C ASN A 707 -79.12 -12.86 96.93
N PHE A 708 -78.24 -13.85 96.81
CA PHE A 708 -77.00 -13.66 96.06
C PHE A 708 -76.58 -14.98 95.43
N THR A 709 -75.76 -14.87 94.39
CA THR A 709 -75.19 -16.01 93.70
C THR A 709 -73.67 -15.88 93.70
N ILE A 710 -72.98 -16.99 93.95
CA ILE A 710 -71.52 -17.02 93.97
C ILE A 710 -71.06 -17.34 92.55
N SER A 711 -70.60 -16.31 91.84
CA SER A 711 -70.15 -16.45 90.46
C SER A 711 -68.63 -16.41 90.39
N VAL A 712 -68.07 -17.15 89.43
CA VAL A 712 -66.64 -17.26 89.24
C VAL A 712 -66.30 -16.78 87.82
N THR A 713 -65.36 -15.85 87.73
CA THR A 713 -64.97 -15.24 86.46
C THR A 713 -63.50 -15.53 86.21
N THR A 714 -63.18 -15.95 84.99
CA THR A 714 -61.80 -16.28 84.59
C THR A 714 -61.34 -15.31 83.52
N GLU A 715 -60.15 -14.74 83.71
CA GLU A 715 -59.51 -13.86 82.76
C GLU A 715 -58.18 -14.45 82.31
N ILE A 716 -57.89 -14.32 81.02
CA ILE A 716 -56.69 -14.90 80.41
C ILE A 716 -55.66 -13.80 80.23
N LEU A 717 -54.45 -14.04 80.71
CA LEU A 717 -53.42 -13.01 80.64
C LEU A 717 -52.05 -13.64 80.39
N PRO A 718 -51.48 -13.46 79.19
CA PRO A 718 -50.15 -14.03 78.92
C PRO A 718 -49.06 -13.30 79.69
N VAL A 719 -48.00 -14.05 80.04
CA VAL A 719 -46.92 -13.49 80.84
C VAL A 719 -45.58 -13.69 80.13
N SER A 720 -45.47 -14.71 79.28
CA SER A 720 -44.20 -15.02 78.64
C SER A 720 -44.40 -15.41 77.18
N MET A 721 -43.30 -15.45 76.45
CA MET A 721 -43.29 -15.75 75.03
C MET A 721 -42.00 -16.48 74.68
N THR A 722 -41.96 -17.00 73.45
CA THR A 722 -40.86 -17.87 73.03
C THR A 722 -39.53 -17.13 72.99
N LYS A 723 -38.54 -17.65 73.70
CA LYS A 723 -37.23 -17.04 73.77
C LYS A 723 -36.34 -17.59 72.66
N THR A 724 -35.96 -16.71 71.73
CA THR A 724 -35.14 -17.09 70.60
C THR A 724 -33.85 -16.28 70.59
N SER A 725 -32.83 -16.83 69.93
CA SER A 725 -31.56 -16.14 69.73
C SER A 725 -31.18 -16.24 68.26
N VAL A 726 -30.86 -15.10 67.64
CA VAL A 726 -30.57 -15.01 66.22
C VAL A 726 -29.14 -14.50 66.06
N ASP A 727 -28.33 -15.23 65.30
CA ASP A 727 -26.97 -14.84 64.99
C ASP A 727 -26.81 -14.65 63.49
N CYS A 728 -26.07 -13.61 63.11
CA CYS A 728 -25.90 -13.31 61.69
C CYS A 728 -25.05 -14.35 60.97
N THR A 729 -24.01 -14.86 61.65
CA THR A 729 -23.02 -15.73 61.01
C THR A 729 -23.65 -17.00 60.42
N MET A 730 -24.78 -17.46 60.99
CA MET A 730 -25.52 -18.57 60.43
C MET A 730 -26.62 -18.13 59.47
N TYR A 731 -27.24 -16.97 59.71
CA TYR A 731 -28.39 -16.58 58.92
C TYR A 731 -27.98 -15.90 57.61
N ILE A 732 -27.30 -14.75 57.71
CA ILE A 732 -26.96 -14.00 56.49
C ILE A 732 -25.86 -14.70 55.72
N CYS A 733 -24.97 -15.41 56.40
CA CYS A 733 -23.87 -16.13 55.77
C CYS A 733 -24.07 -17.62 55.96
N GLY A 734 -23.67 -18.39 54.93
CA GLY A 734 -23.75 -19.84 55.01
C GLY A 734 -22.43 -20.46 55.40
N ASP A 735 -21.74 -21.06 54.43
CA ASP A 735 -20.44 -21.65 54.64
C ASP A 735 -19.40 -20.98 53.74
N SER A 736 -19.46 -19.66 53.65
CA SER A 736 -18.57 -18.87 52.82
C SER A 736 -17.84 -17.84 53.67
N THR A 737 -16.53 -17.71 53.45
CA THR A 737 -15.73 -16.75 54.20
C THR A 737 -15.94 -15.33 53.70
N GLU A 738 -16.20 -15.15 52.40
CA GLU A 738 -16.34 -13.82 51.82
C GLU A 738 -17.55 -13.08 52.37
N CYS A 739 -18.61 -13.81 52.74
CA CYS A 739 -19.75 -13.17 53.39
C CYS A 739 -19.35 -12.58 54.74
N SER A 740 -18.54 -13.32 55.52
CA SER A 740 -18.06 -12.81 56.80
C SER A 740 -17.09 -11.66 56.62
N ASN A 741 -16.31 -11.68 55.52
CA ASN A 741 -15.40 -10.57 55.24
C ASN A 741 -16.15 -9.27 55.00
N LEU A 742 -17.26 -9.34 54.25
CA LEU A 742 -18.10 -8.17 54.07
C LEU A 742 -18.96 -7.88 55.29
N LEU A 743 -19.18 -8.88 56.16
CA LEU A 743 -19.91 -8.68 57.39
C LEU A 743 -19.08 -7.98 58.46
N LEU A 744 -17.76 -7.86 58.25
CA LEU A 744 -16.92 -7.10 59.17
C LEU A 744 -17.33 -5.64 59.25
N GLN A 745 -17.89 -5.11 58.16
CA GLN A 745 -18.42 -3.75 58.18
C GLN A 745 -19.82 -3.67 58.79
N TYR A 746 -20.50 -4.80 58.96
CA TYR A 746 -21.83 -4.83 59.56
C TYR A 746 -21.87 -5.61 60.87
N GLY A 747 -20.72 -5.97 61.42
CA GLY A 747 -20.68 -6.66 62.69
C GLY A 747 -21.09 -5.78 63.86
N SER A 748 -21.00 -4.45 63.70
CA SER A 748 -21.44 -3.54 64.76
C SER A 748 -22.95 -3.62 64.94
N PHE A 749 -23.70 -3.61 63.84
CA PHE A 749 -25.15 -3.74 63.94
C PHE A 749 -25.57 -5.13 64.41
N CYS A 750 -24.84 -6.17 64.00
CA CYS A 750 -25.14 -7.51 64.48
C CYS A 750 -24.92 -7.63 65.98
N THR A 751 -23.97 -6.87 66.53
CA THR A 751 -23.83 -6.78 67.97
C THR A 751 -25.04 -6.12 68.60
N GLN A 752 -25.58 -5.08 67.95
CA GLN A 752 -26.78 -4.43 68.46
C GLN A 752 -27.98 -5.37 68.47
N LEU A 753 -28.14 -6.16 67.40
CA LEU A 753 -29.23 -7.13 67.36
C LEU A 753 -29.00 -8.24 68.38
N ASN A 754 -27.76 -8.69 68.54
CA ASN A 754 -27.46 -9.72 69.52
C ASN A 754 -27.70 -9.23 70.94
N ARG A 755 -27.33 -7.97 71.21
CA ARG A 755 -27.63 -7.37 72.52
C ARG A 755 -29.14 -7.23 72.72
N ALA A 756 -29.86 -6.86 71.66
CA ALA A 756 -31.31 -6.73 71.76
C ALA A 756 -31.96 -8.10 71.98
N LEU A 757 -31.48 -9.12 71.27
CA LEU A 757 -32.01 -10.47 71.47
C LEU A 757 -31.66 -11.01 72.85
N THR A 758 -30.47 -10.68 73.36
CA THR A 758 -30.14 -11.02 74.74
C THR A 758 -30.97 -10.21 75.72
N GLY A 759 -31.25 -8.95 75.37
CA GLY A 759 -32.02 -8.09 76.27
C GLY A 759 -33.46 -8.56 76.45
N ILE A 760 -34.11 -8.97 75.37
CA ILE A 760 -35.48 -9.48 75.49
C ILE A 760 -35.48 -10.85 76.16
N ALA A 761 -34.39 -11.61 76.04
CA ALA A 761 -34.31 -12.90 76.69
C ALA A 761 -34.16 -12.76 78.20
N VAL A 762 -33.29 -11.84 78.64
CA VAL A 762 -33.12 -11.63 80.07
C VAL A 762 -34.31 -10.88 80.64
N GLU A 763 -35.06 -10.18 79.80
CA GLU A 763 -36.32 -9.58 80.25
C GLU A 763 -37.40 -10.64 80.41
N GLN A 764 -37.29 -11.76 79.69
CA GLN A 764 -38.37 -12.74 79.71
C GLN A 764 -38.26 -13.69 80.90
N ASP A 765 -37.08 -14.24 81.16
CA ASP A 765 -36.94 -15.09 82.34
C ASP A 765 -37.05 -14.30 83.64
N LYS A 766 -36.85 -12.97 83.58
CA LYS A 766 -37.16 -12.13 84.73
C LYS A 766 -38.66 -11.92 84.88
N ASN A 767 -39.41 -11.92 83.77
CA ASN A 767 -40.84 -11.63 83.82
C ASN A 767 -41.60 -12.70 84.59
N THR A 768 -41.09 -13.94 84.60
CA THR A 768 -41.72 -15.01 85.36
C THR A 768 -41.51 -14.86 86.86
N GLN A 769 -40.50 -14.09 87.28
CA GLN A 769 -40.15 -14.00 88.68
C GLN A 769 -41.15 -13.16 89.48
N GLU A 770 -41.61 -12.04 88.93
CA GLU A 770 -42.45 -11.13 89.67
C GLU A 770 -43.94 -11.51 89.63
N VAL A 771 -44.30 -12.57 88.92
CA VAL A 771 -45.70 -12.99 88.84
C VAL A 771 -45.97 -14.25 89.66
N PHE A 772 -45.01 -15.18 89.70
CA PHE A 772 -45.18 -16.45 90.39
C PHE A 772 -44.34 -16.57 91.65
N ALA A 773 -43.12 -16.05 91.63
CA ALA A 773 -42.22 -16.15 92.78
C ALA A 773 -42.47 -14.98 93.72
N GLN A 774 -43.64 -15.00 94.34
CA GLN A 774 -44.04 -14.01 95.33
C GLN A 774 -43.77 -14.43 96.76
N VAL A 775 -43.76 -15.74 97.03
CA VAL A 775 -43.57 -16.28 98.37
C VAL A 775 -42.36 -17.20 98.35
N LYS A 776 -41.47 -17.03 99.32
CA LYS A 776 -40.24 -17.79 99.43
C LYS A 776 -40.46 -19.06 100.26
N GLN A 777 -41.69 -19.32 100.71
CA GLN A 777 -42.01 -20.49 101.50
C GLN A 777 -43.03 -21.34 100.76
N ILE A 778 -42.75 -22.63 100.62
CA ILE A 778 -43.63 -23.56 99.92
C ILE A 778 -44.49 -24.27 100.95
N TYR A 779 -45.77 -23.94 100.99
CA TYR A 779 -46.70 -24.52 101.95
C TYR A 779 -47.40 -25.73 101.36
N LYS A 780 -48.13 -26.45 102.21
CA LYS A 780 -48.81 -27.67 101.80
C LYS A 780 -50.20 -27.72 102.42
N THR A 781 -51.07 -28.49 101.77
CA THR A 781 -52.43 -28.73 102.25
C THR A 781 -52.44 -29.82 103.32
N PRO A 782 -53.37 -29.76 104.27
CA PRO A 782 -53.48 -30.84 105.25
C PRO A 782 -53.93 -32.13 104.58
N PRO A 783 -53.54 -33.28 105.13
CA PRO A 783 -53.95 -34.56 104.54
C PRO A 783 -55.46 -34.79 104.55
N ILE A 784 -56.16 -34.29 105.56
CA ILE A 784 -57.61 -34.44 105.65
C ILE A 784 -58.25 -33.18 105.08
N LYS A 785 -59.06 -33.36 104.03
CA LYS A 785 -59.67 -32.24 103.32
C LYS A 785 -61.05 -31.97 103.91
N ASP A 786 -61.04 -31.28 105.05
CA ASP A 786 -62.27 -30.87 105.74
C ASP A 786 -62.27 -29.34 105.81
N PHE A 787 -62.95 -28.70 104.85
CA PHE A 787 -63.02 -27.26 104.75
C PHE A 787 -64.41 -26.71 105.03
N GLY A 788 -65.29 -27.50 105.63
CA GLY A 788 -66.64 -27.07 105.92
C GLY A 788 -67.64 -27.30 104.80
N GLY A 789 -67.22 -27.82 103.66
CA GLY A 789 -68.13 -28.07 102.56
C GLY A 789 -67.60 -27.59 101.22
N PHE A 790 -66.49 -26.85 101.26
CA PHE A 790 -65.89 -26.32 100.05
C PHE A 790 -65.04 -27.38 99.37
N ASN A 791 -65.38 -27.72 98.13
CA ASN A 791 -64.67 -28.73 97.37
C ASN A 791 -63.47 -28.08 96.69
N PHE A 792 -62.27 -28.56 97.01
CA PHE A 792 -61.03 -27.98 96.50
C PHE A 792 -60.24 -28.94 95.63
N SER A 793 -60.79 -30.12 95.32
CA SER A 793 -60.04 -31.12 94.56
C SER A 793 -59.78 -30.70 93.12
N GLN A 794 -60.57 -29.77 92.58
CA GLN A 794 -60.39 -29.34 91.20
C GLN A 794 -59.17 -28.43 91.04
N ILE A 795 -58.92 -27.58 92.03
CA ILE A 795 -57.77 -26.68 91.95
C ILE A 795 -56.53 -27.28 92.63
N LEU A 796 -56.72 -28.12 93.64
CA LEU A 796 -55.58 -28.77 94.28
C LEU A 796 -54.96 -29.80 93.35
N PRO A 797 -53.65 -29.94 93.37
CA PRO A 797 -53.01 -31.03 92.62
C PRO A 797 -53.42 -32.39 93.17
N ASP A 798 -53.54 -33.36 92.27
CA ASP A 798 -53.93 -34.70 92.63
C ASP A 798 -52.73 -35.64 92.57
N PRO A 799 -52.47 -36.43 93.62
CA PRO A 799 -51.32 -37.34 93.59
C PRO A 799 -51.53 -38.60 92.76
N SER A 800 -52.71 -38.77 92.15
CA SER A 800 -52.94 -39.95 91.32
C SER A 800 -52.07 -39.93 90.07
N LYS A 801 -51.85 -38.77 89.48
CA LYS A 801 -51.03 -38.60 88.29
C LYS A 801 -49.62 -38.16 88.66
N PRO A 802 -48.61 -38.58 87.89
CA PRO A 802 -47.24 -38.15 88.19
C PRO A 802 -47.03 -36.64 88.05
N SER A 803 -47.77 -35.98 87.16
CA SER A 803 -47.63 -34.55 87.00
C SER A 803 -48.21 -33.81 88.21
N LYS A 804 -47.56 -32.72 88.59
CA LYS A 804 -48.01 -31.91 89.71
C LYS A 804 -49.13 -30.94 89.31
N ARG A 805 -49.51 -30.92 88.04
CA ARG A 805 -50.56 -30.01 87.59
C ARG A 805 -51.94 -30.48 88.04
N SER A 806 -52.82 -29.50 88.25
CA SER A 806 -54.21 -29.77 88.58
C SER A 806 -54.94 -30.36 87.36
N PRO A 807 -56.06 -31.05 87.57
CA PRO A 807 -56.88 -31.46 86.42
C PRO A 807 -57.34 -30.30 85.56
N ILE A 808 -57.60 -29.14 86.16
CA ILE A 808 -57.85 -27.93 85.36
C ILE A 808 -56.59 -27.50 84.63
N GLU A 809 -55.44 -27.64 85.29
CA GLU A 809 -54.15 -27.31 84.66
C GLU A 809 -53.86 -28.22 83.48
N ASP A 810 -54.11 -29.53 83.64
CA ASP A 810 -53.89 -30.46 82.53
C ASP A 810 -54.88 -30.21 81.41
N LEU A 811 -56.09 -29.75 81.75
CA LEU A 811 -57.07 -29.40 80.74
C LEU A 811 -56.59 -28.22 79.89
N LEU A 812 -56.19 -27.12 80.54
CA LEU A 812 -55.76 -25.93 79.80
C LEU A 812 -54.43 -26.16 79.10
N PHE A 813 -53.62 -27.10 79.60
CA PHE A 813 -52.42 -27.50 78.88
C PHE A 813 -52.78 -28.16 77.55
N ASN A 814 -53.82 -29.00 77.56
CA ASN A 814 -54.24 -29.69 76.34
C ASN A 814 -55.03 -28.80 75.39
N LYS A 815 -55.63 -27.71 75.89
CA LYS A 815 -56.44 -26.85 75.02
C LYS A 815 -55.58 -26.01 74.09
N VAL A 816 -54.47 -25.47 74.59
CA VAL A 816 -53.60 -24.61 73.81
C VAL A 816 -52.47 -25.45 73.23
N THR A 817 -52.07 -25.14 72.00
CA THR A 817 -51.01 -25.87 71.32
C THR A 817 -49.66 -25.17 71.51
N ALA A 842 -39.64 -28.47 62.33
CA ALA A 842 -39.35 -27.43 63.32
C ALA A 842 -38.83 -26.17 62.63
N GLN A 843 -38.38 -25.21 63.44
CA GLN A 843 -37.86 -23.94 62.94
C GLN A 843 -36.43 -23.68 63.41
N LYS A 844 -35.73 -24.71 63.90
CA LYS A 844 -34.39 -24.56 64.41
C LYS A 844 -33.32 -25.01 63.43
N PHE A 845 -33.70 -25.30 62.19
CA PHE A 845 -32.75 -25.80 61.19
C PHE A 845 -31.94 -24.69 60.53
N ASN A 846 -32.23 -23.42 60.82
CA ASN A 846 -31.60 -22.29 60.14
C ASN A 846 -30.94 -21.34 61.13
N GLY A 847 -30.44 -21.86 62.25
CA GLY A 847 -29.83 -21.03 63.26
C GLY A 847 -30.80 -20.28 64.14
N LEU A 848 -32.10 -20.51 63.97
CA LEU A 848 -33.13 -19.81 64.75
C LEU A 848 -33.51 -20.63 65.98
N THR A 849 -32.52 -20.86 66.82
CA THR A 849 -32.68 -21.74 67.98
C THR A 849 -33.56 -21.09 69.03
N VAL A 850 -34.19 -21.92 69.86
CA VAL A 850 -35.07 -21.49 70.94
C VAL A 850 -34.33 -21.64 72.25
N LEU A 851 -34.65 -20.77 73.21
CA LEU A 851 -34.05 -20.81 74.54
C LEU A 851 -35.06 -21.36 75.53
N PRO A 852 -34.76 -22.47 76.23
CA PRO A 852 -35.71 -22.99 77.20
C PRO A 852 -35.90 -22.04 78.36
N PRO A 853 -37.08 -22.02 78.97
CA PRO A 853 -37.32 -21.12 80.10
C PRO A 853 -36.51 -21.53 81.33
N LEU A 854 -36.22 -20.53 82.16
CA LEU A 854 -35.51 -20.78 83.42
C LEU A 854 -36.35 -21.65 84.35
N LEU A 855 -37.64 -21.37 84.44
CA LEU A 855 -38.57 -22.16 85.23
C LEU A 855 -39.46 -22.97 84.29
N THR A 856 -39.45 -24.28 84.47
CA THR A 856 -40.23 -25.17 83.61
C THR A 856 -41.70 -25.15 84.04
N ASP A 857 -42.48 -26.03 83.41
CA ASP A 857 -43.90 -26.11 83.75
C ASP A 857 -44.13 -26.68 85.15
N GLU A 858 -43.29 -27.63 85.58
CA GLU A 858 -43.47 -28.20 86.91
C GLU A 858 -42.97 -27.22 87.98
N MET A 859 -42.00 -26.36 87.63
CA MET A 859 -41.62 -25.27 88.52
C MET A 859 -42.80 -24.33 88.78
N ILE A 860 -43.45 -23.86 87.72
CA ILE A 860 -44.51 -22.88 87.88
C ILE A 860 -45.80 -23.53 88.37
N ALA A 861 -45.96 -24.83 88.15
CA ALA A 861 -47.08 -25.55 88.75
C ALA A 861 -46.87 -25.71 90.25
N GLN A 862 -45.61 -25.92 90.67
CA GLN A 862 -45.31 -26.00 92.09
C GLN A 862 -45.51 -24.66 92.79
N TYR A 863 -45.23 -23.56 92.08
CA TYR A 863 -45.50 -22.24 92.63
C TYR A 863 -46.99 -22.03 92.83
N THR A 864 -47.80 -22.36 91.83
CA THR A 864 -49.24 -22.15 91.92
C THR A 864 -49.85 -23.00 93.02
N SER A 865 -49.35 -24.22 93.19
CA SER A 865 -49.82 -25.08 94.29
C SER A 865 -49.46 -24.48 95.64
N ALA A 866 -48.28 -23.85 95.74
CA ALA A 866 -47.88 -23.25 97.00
C ALA A 866 -48.71 -22.01 97.32
N LEU A 867 -48.97 -21.16 96.32
CA LEU A 867 -49.78 -19.96 96.55
C LEU A 867 -51.22 -20.31 96.88
N LEU A 868 -51.81 -21.33 96.23
CA LEU A 868 -53.18 -21.69 96.55
C LEU A 868 -53.26 -22.31 97.95
N ALA A 869 -52.23 -23.05 98.36
CA ALA A 869 -52.20 -23.60 99.71
C ALA A 869 -52.11 -22.49 100.74
N GLY A 870 -51.35 -21.43 100.45
CA GLY A 870 -51.24 -20.31 101.38
C GLY A 870 -52.53 -19.54 101.52
N THR A 871 -53.26 -19.34 100.43
CA THR A 871 -54.46 -18.51 100.44
C THR A 871 -55.69 -19.25 100.97
N ILE A 872 -55.62 -20.57 101.14
CA ILE A 872 -56.72 -21.31 101.75
C ILE A 872 -56.43 -21.72 103.18
N THR A 873 -55.18 -21.62 103.64
CA THR A 873 -54.83 -21.95 105.00
C THR A 873 -54.45 -20.74 105.85
N SER A 874 -54.15 -19.60 105.22
CA SER A 874 -53.75 -18.41 105.94
C SER A 874 -54.42 -17.13 105.47
N GLY A 875 -55.06 -17.12 104.31
CA GLY A 875 -55.76 -15.93 103.84
C GLY A 875 -54.84 -14.94 103.15
N TRP A 876 -54.52 -13.85 103.84
CA TRP A 876 -53.63 -12.83 103.30
C TRP A 876 -52.43 -12.54 104.20
N THR A 877 -52.33 -13.19 105.36
CA THR A 877 -51.20 -12.93 106.25
C THR A 877 -49.91 -13.51 105.71
N PHE A 878 -49.98 -14.57 104.90
CA PHE A 878 -48.77 -15.15 104.33
C PHE A 878 -48.18 -14.27 103.23
N GLY A 879 -49.03 -13.51 102.53
CA GLY A 879 -48.57 -12.58 101.52
C GLY A 879 -48.15 -11.23 102.05
N ALA A 880 -48.25 -11.02 103.37
CA ALA A 880 -47.87 -9.75 103.99
C ALA A 880 -47.06 -9.99 105.25
N GLY A 881 -46.37 -11.13 105.33
CA GLY A 881 -45.58 -11.46 106.49
C GLY A 881 -45.55 -12.95 106.77
N PRO A 882 -45.38 -13.32 108.05
CA PRO A 882 -45.39 -14.74 108.40
C PRO A 882 -46.76 -15.36 108.18
N ALA A 883 -46.73 -16.66 107.88
CA ALA A 883 -47.96 -17.39 107.58
C ALA A 883 -48.61 -17.88 108.87
N LEU A 884 -49.80 -17.36 109.17
CA LEU A 884 -50.59 -17.83 110.29
C LEU A 884 -51.47 -18.99 109.82
N GLN A 885 -52.40 -19.42 110.68
CA GLN A 885 -53.38 -20.42 110.30
C GLN A 885 -54.78 -19.88 110.59
N ILE A 886 -55.72 -20.14 109.69
CA ILE A 886 -57.09 -19.67 109.85
C ILE A 886 -58.05 -20.68 109.24
N PRO A 887 -59.12 -21.07 109.95
CA PRO A 887 -60.15 -21.91 109.33
C PRO A 887 -60.85 -21.17 108.19
N PHE A 888 -61.27 -21.95 107.20
CA PHE A 888 -61.89 -21.39 106.00
C PHE A 888 -63.21 -20.68 106.26
N PRO A 889 -64.18 -21.23 107.04
CA PRO A 889 -65.44 -20.48 107.23
C PRO A 889 -65.27 -19.11 107.86
N MET A 890 -64.34 -18.93 108.80
CA MET A 890 -64.11 -17.59 109.32
C MET A 890 -63.31 -16.72 108.37
N GLN A 891 -62.45 -17.32 107.55
CA GLN A 891 -61.76 -16.56 106.51
C GLN A 891 -62.77 -15.93 105.55
N MET A 892 -63.87 -16.63 105.28
CA MET A 892 -64.92 -16.07 104.45
C MET A 892 -65.62 -14.91 105.16
N ALA A 893 -65.77 -15.02 106.47
CA ALA A 893 -66.45 -13.99 107.25
C ALA A 893 -65.69 -12.67 107.26
N TYR A 894 -64.36 -12.71 107.34
CA TYR A 894 -63.59 -11.46 107.25
C TYR A 894 -63.71 -10.85 105.87
N ARG A 895 -63.79 -11.66 104.82
CA ARG A 895 -63.93 -11.13 103.48
C ARG A 895 -65.31 -10.55 103.23
N PHE A 896 -66.34 -11.10 103.88
CA PHE A 896 -67.68 -10.51 103.78
C PHE A 896 -67.76 -9.19 104.53
N ASN A 897 -66.96 -9.02 105.59
CA ASN A 897 -67.02 -7.80 106.38
C ASN A 897 -66.34 -6.61 105.71
N GLY A 898 -65.75 -6.80 104.53
CA GLY A 898 -65.12 -5.71 103.82
C GLY A 898 -65.92 -5.21 102.63
N ILE A 899 -67.08 -5.81 102.39
CA ILE A 899 -67.92 -5.45 101.25
C ILE A 899 -69.29 -4.94 101.70
N GLY A 900 -69.42 -4.55 102.97
CA GLY A 900 -70.64 -3.95 103.45
C GLY A 900 -71.70 -4.90 103.97
N VAL A 901 -71.37 -6.17 104.18
CA VAL A 901 -72.31 -7.13 104.73
C VAL A 901 -71.68 -7.74 105.98
N THR A 902 -72.56 -8.14 106.91
CA THR A 902 -72.13 -8.67 108.19
C THR A 902 -71.74 -10.15 108.08
N GLN A 903 -71.37 -10.74 109.21
CA GLN A 903 -70.77 -12.07 109.23
C GLN A 903 -71.74 -13.19 109.60
N ASN A 904 -72.87 -12.87 110.24
CA ASN A 904 -73.80 -13.92 110.64
C ASN A 904 -74.57 -14.48 109.46
N VAL A 905 -74.67 -13.72 108.37
CA VAL A 905 -75.38 -14.18 107.18
C VAL A 905 -74.65 -15.30 106.45
N LEU A 906 -73.42 -15.61 106.86
CA LEU A 906 -72.71 -16.79 106.38
C LEU A 906 -72.95 -18.00 107.27
N TYR A 907 -72.96 -17.82 108.59
CA TYR A 907 -73.07 -18.94 109.52
C TYR A 907 -74.46 -19.55 109.53
N GLU A 908 -75.46 -18.88 108.96
CA GLU A 908 -76.81 -19.41 108.92
C GLU A 908 -77.14 -20.13 107.62
N ASN A 909 -76.37 -19.91 106.56
CA ASN A 909 -76.55 -20.65 105.31
C ASN A 909 -75.20 -21.06 104.73
N GLN A 910 -74.31 -21.55 105.60
CA GLN A 910 -72.99 -21.99 105.16
C GLN A 910 -73.10 -23.16 104.19
N LYS A 911 -74.10 -24.02 104.39
CA LYS A 911 -74.34 -25.12 103.44
C LYS A 911 -74.74 -24.59 102.07
N LEU A 912 -75.59 -23.56 102.03
CA LEU A 912 -76.04 -23.02 100.76
C LEU A 912 -74.91 -22.35 99.98
N ILE A 913 -74.05 -21.58 100.68
CA ILE A 913 -72.95 -20.90 100.01
C ILE A 913 -71.90 -21.90 99.55
N ALA A 914 -71.63 -22.93 100.36
CA ALA A 914 -70.70 -23.97 99.96
C ALA A 914 -71.21 -24.74 98.76
N ASN A 915 -72.51 -25.05 98.72
CA ASN A 915 -73.09 -25.72 97.56
C ASN A 915 -73.04 -24.83 96.33
N GLN A 916 -73.28 -23.53 96.50
CA GLN A 916 -73.19 -22.59 95.39
C GLN A 916 -71.75 -22.50 94.87
N PHE A 917 -70.78 -22.50 95.78
CA PHE A 917 -69.38 -22.47 95.36
C PHE A 917 -68.98 -23.76 94.66
N ASN A 918 -69.46 -24.90 95.18
CA ASN A 918 -69.16 -26.18 94.53
C ASN A 918 -69.87 -26.31 93.19
N SER A 919 -71.06 -25.72 93.07
CA SER A 919 -71.72 -25.67 91.77
C SER A 919 -70.98 -24.76 90.80
N ALA A 920 -70.40 -23.67 91.31
CA ALA A 920 -69.70 -22.72 90.45
C ALA A 920 -68.42 -23.32 89.87
N ILE A 921 -67.64 -24.03 90.71
CA ILE A 921 -66.40 -24.61 90.23
C ILE A 921 -66.68 -25.75 89.25
N GLY A 922 -67.76 -26.50 89.47
CA GLY A 922 -68.13 -27.55 88.54
C GLY A 922 -68.60 -26.99 87.20
N LYS A 923 -69.35 -25.88 87.24
CA LYS A 923 -69.81 -25.25 86.00
C LYS A 923 -68.64 -24.68 85.21
N ILE A 924 -67.68 -24.06 85.88
CA ILE A 924 -66.59 -23.40 85.15
C ILE A 924 -65.57 -24.43 84.68
N GLN A 925 -65.43 -25.57 85.37
CA GLN A 925 -64.61 -26.64 84.86
C GLN A 925 -65.23 -27.24 83.60
N ASP A 926 -66.55 -27.34 83.57
CA ASP A 926 -67.25 -27.81 82.37
C ASP A 926 -67.18 -26.79 81.24
N SER A 927 -67.15 -25.50 81.57
CA SER A 927 -67.12 -24.47 80.54
C SER A 927 -65.77 -24.44 79.84
N LEU A 928 -64.68 -24.51 80.61
CA LEU A 928 -63.34 -24.55 80.01
C LEU A 928 -63.06 -25.88 79.32
N SER A 929 -63.77 -26.95 79.68
CA SER A 929 -63.57 -28.23 79.02
C SER A 929 -64.07 -28.20 77.58
N SER A 930 -65.01 -27.32 77.27
CA SER A 930 -65.52 -27.17 75.92
C SER A 930 -64.53 -26.41 75.05
N ALA A 934 -61.54 -21.32 73.05
CA ALA A 934 -60.29 -21.67 73.72
C ALA A 934 -59.60 -20.42 74.28
N LEU A 935 -58.31 -20.55 74.56
CA LEU A 935 -57.52 -19.44 75.10
C LEU A 935 -56.94 -18.67 73.92
N GLY A 936 -57.58 -17.56 73.57
CA GLY A 936 -57.21 -16.83 72.37
C GLY A 936 -55.85 -16.16 72.45
N LYS A 937 -55.51 -15.61 73.62
CA LYS A 937 -54.29 -14.79 73.73
C LYS A 937 -53.04 -15.62 73.54
N LEU A 938 -52.97 -16.80 74.16
CA LEU A 938 -51.77 -17.63 74.04
C LEU A 938 -51.65 -18.22 72.64
N GLN A 939 -52.77 -18.59 72.02
CA GLN A 939 -52.73 -19.10 70.65
C GLN A 939 -52.33 -18.01 69.66
N ASP A 940 -52.78 -16.77 69.90
CA ASP A 940 -52.48 -15.69 68.98
C ASP A 940 -51.00 -15.33 69.01
N VAL A 941 -50.40 -15.24 70.19
CA VAL A 941 -48.99 -14.85 70.29
C VAL A 941 -48.09 -15.97 69.76
N VAL A 942 -48.48 -17.24 69.97
CA VAL A 942 -47.69 -18.35 69.47
C VAL A 942 -47.75 -18.42 67.95
N ASN A 943 -48.95 -18.23 67.38
CA ASN A 943 -49.08 -18.20 65.93
C ASN A 943 -48.34 -17.01 65.33
N GLN A 944 -48.34 -15.87 66.01
CA GLN A 944 -47.58 -14.72 65.54
C GLN A 944 -46.08 -15.00 65.59
N ASN A 945 -45.62 -15.71 66.62
CA ASN A 945 -44.20 -16.07 66.70
C ASN A 945 -43.80 -16.99 65.55
N ALA A 946 -44.63 -18.00 65.27
CA ALA A 946 -44.31 -18.95 64.20
C ALA A 946 -44.38 -18.28 62.83
N GLN A 947 -45.42 -17.45 62.61
CA GLN A 947 -45.58 -16.81 61.31
C GLN A 947 -44.45 -15.83 61.02
N ALA A 948 -44.02 -15.06 62.03
CA ALA A 948 -42.89 -14.15 61.84
C ALA A 948 -41.59 -14.92 61.62
N LEU A 949 -41.42 -16.03 62.34
CA LEU A 949 -40.20 -16.81 62.20
C LEU A 949 -40.18 -17.58 60.89
N ASN A 950 -41.34 -18.08 60.45
CA ASN A 950 -41.42 -18.72 59.14
C ASN A 950 -41.24 -17.71 58.01
N THR A 951 -41.64 -16.45 58.24
CA THR A 951 -41.40 -15.41 57.24
C THR A 951 -39.91 -15.17 57.05
N LEU A 952 -39.15 -15.14 58.15
CA LEU A 952 -37.70 -14.94 58.06
C LEU A 952 -37.04 -16.08 57.30
N VAL A 953 -37.56 -17.30 57.45
CA VAL A 953 -37.08 -18.43 56.66
C VAL A 953 -37.42 -18.24 55.19
N LYS A 954 -38.67 -17.84 54.90
CA LYS A 954 -39.07 -17.61 53.52
C LYS A 954 -38.40 -16.37 52.94
N GLN A 955 -38.01 -15.42 53.79
CA GLN A 955 -37.33 -14.23 53.29
C GLN A 955 -35.91 -14.54 52.85
N LEU A 956 -35.28 -15.56 53.45
CA LEU A 956 -33.96 -15.99 52.99
C LEU A 956 -34.01 -16.60 51.61
N SER A 957 -35.18 -17.05 51.16
CA SER A 957 -35.36 -17.60 49.83
C SER A 957 -35.71 -16.53 48.80
N SER A 958 -35.57 -15.25 49.15
CA SER A 958 -35.85 -14.15 48.24
C SER A 958 -34.55 -13.63 47.62
N ASN A 959 -34.70 -12.98 46.46
CA ASN A 959 -33.55 -12.47 45.71
C ASN A 959 -33.20 -11.04 46.04
N PHE A 960 -34.15 -10.25 46.54
CA PHE A 960 -33.96 -8.82 46.83
C PHE A 960 -33.47 -8.06 45.60
N GLY A 961 -34.04 -8.39 44.43
CA GLY A 961 -33.68 -7.75 43.19
C GLY A 961 -32.46 -8.31 42.49
N ALA A 962 -31.82 -9.33 43.06
CA ALA A 962 -30.65 -9.93 42.45
C ALA A 962 -31.08 -11.03 41.50
N ILE A 963 -30.11 -11.79 40.96
CA ILE A 963 -30.42 -12.86 40.02
C ILE A 963 -30.60 -14.22 40.70
N SER A 964 -30.20 -14.36 41.96
CA SER A 964 -30.41 -15.60 42.69
C SER A 964 -30.44 -15.28 44.18
N SER A 965 -30.98 -16.22 44.95
CA SER A 965 -31.16 -16.03 46.39
C SER A 965 -29.98 -16.57 47.20
N VAL A 966 -29.62 -17.82 47.00
CA VAL A 966 -28.56 -18.45 47.78
C VAL A 966 -27.21 -17.90 47.33
N LEU A 967 -26.33 -17.67 48.30
CA LEU A 967 -25.03 -17.08 48.02
C LEU A 967 -24.10 -18.06 47.31
N ASN A 968 -24.28 -19.36 47.55
CA ASN A 968 -23.38 -20.35 46.98
C ASN A 968 -23.49 -20.41 45.46
N ASP A 969 -24.71 -20.25 44.93
CA ASP A 969 -24.90 -20.29 43.49
C ASP A 969 -24.24 -19.09 42.81
N ILE A 970 -24.29 -17.92 43.44
CA ILE A 970 -23.61 -16.74 42.92
C ILE A 970 -22.10 -16.95 42.94
N LEU A 971 -21.58 -17.52 44.03
CA LEU A 971 -20.14 -17.74 44.14
C LEU A 971 -19.65 -18.77 43.13
N SER A 972 -20.45 -19.81 42.87
CA SER A 972 -20.02 -20.86 41.95
C SER A 972 -20.07 -20.41 40.50
N ARG A 973 -21.04 -19.57 40.14
CA ARG A 973 -21.22 -19.16 38.76
C ARG A 973 -20.42 -17.92 38.39
N LEU A 974 -20.27 -16.97 39.31
CA LEU A 974 -19.61 -15.71 39.02
C LEU A 974 -18.40 -15.52 39.93
N ASP A 975 -17.40 -14.81 39.42
CA ASP A 975 -16.19 -14.55 40.18
C ASP A 975 -16.46 -13.54 41.29
N PRO A 976 -15.79 -13.68 42.42
CA PRO A 976 -16.00 -12.74 43.56
C PRO A 976 -15.71 -11.28 43.22
N PRO A 977 -14.68 -10.95 42.40
CA PRO A 977 -14.53 -9.53 42.02
C PRO A 977 -15.71 -8.93 41.28
N GLU A 978 -16.38 -9.71 40.43
CA GLU A 978 -17.51 -9.18 39.67
C GLU A 978 -18.82 -9.24 40.45
N ALA A 979 -19.01 -10.30 41.24
CA ALA A 979 -20.26 -10.52 41.95
C ALA A 979 -20.32 -9.80 43.30
N GLU A 980 -19.37 -8.91 43.58
CA GLU A 980 -19.34 -8.24 44.89
C GLU A 980 -20.57 -7.35 45.09
N VAL A 981 -21.03 -6.68 44.03
CA VAL A 981 -22.25 -5.88 44.13
C VAL A 981 -23.46 -6.78 44.34
N GLN A 982 -23.47 -7.96 43.73
CA GLN A 982 -24.54 -8.92 43.97
C GLN A 982 -24.53 -9.43 45.39
N ILE A 983 -23.33 -9.70 45.93
CA ILE A 983 -23.22 -10.18 47.31
C ILE A 983 -23.62 -9.09 48.30
N ASP A 984 -23.21 -7.85 48.03
CA ASP A 984 -23.53 -6.75 48.94
C ASP A 984 -25.03 -6.49 49.01
N ARG A 985 -25.72 -6.52 47.86
CA ARG A 985 -27.17 -6.33 47.86
C ARG A 985 -27.86 -7.49 48.57
N LEU A 986 -27.34 -8.71 48.41
CA LEU A 986 -27.82 -9.83 49.21
C LEU A 986 -27.52 -9.62 50.69
N ILE A 987 -26.31 -9.16 51.00
CA ILE A 987 -25.99 -8.82 52.39
C ILE A 987 -26.84 -7.63 52.84
N THR A 988 -27.08 -6.68 51.93
CA THR A 988 -28.01 -5.60 52.26
C THR A 988 -29.41 -6.14 52.52
N GLY A 989 -29.95 -6.92 51.57
CA GLY A 989 -31.33 -7.35 51.67
C GLY A 989 -31.64 -8.18 52.90
N ARG A 990 -30.69 -9.02 53.33
CA ARG A 990 -30.92 -9.82 54.52
C ARG A 990 -30.88 -8.99 55.79
N LEU A 991 -30.15 -7.87 55.71
CA LEU A 991 -29.96 -6.98 56.84
C LEU A 991 -31.24 -6.36 57.35
N GLN A 992 -32.03 -5.76 56.45
CA GLN A 992 -33.26 -5.13 56.92
C GLN A 992 -34.26 -6.20 57.35
N SER A 993 -34.13 -7.41 56.80
CA SER A 993 -34.95 -8.53 57.27
C SER A 993 -34.64 -8.85 58.73
N LEU A 994 -33.37 -8.69 59.14
CA LEU A 994 -33.01 -8.92 60.53
C LEU A 994 -33.59 -7.83 61.44
N GLN A 995 -33.41 -6.55 61.08
CA GLN A 995 -33.83 -5.49 61.99
C GLN A 995 -35.34 -5.37 62.06
N THR A 996 -36.04 -5.57 60.94
CA THR A 996 -37.51 -5.57 60.98
C THR A 996 -38.03 -6.71 61.84
N TYR A 997 -37.34 -7.86 61.82
CA TYR A 997 -37.65 -8.91 62.79
C TYR A 997 -37.31 -8.47 64.20
N VAL A 998 -36.18 -7.77 64.37
CA VAL A 998 -35.77 -7.31 65.70
C VAL A 998 -36.70 -6.24 66.24
N THR A 999 -37.04 -5.23 65.42
CA THR A 999 -37.97 -4.21 65.86
C THR A 999 -39.35 -4.79 66.14
N GLN A 1000 -39.76 -5.81 65.37
CA GLN A 1000 -40.99 -6.51 65.69
C GLN A 1000 -40.85 -7.33 66.97
N GLN A 1001 -39.68 -7.95 67.18
CA GLN A 1001 -39.48 -8.71 68.41
C GLN A 1001 -39.34 -7.79 69.61
N LEU A 1002 -38.72 -6.62 69.42
CA LEU A 1002 -38.62 -5.66 70.53
C LEU A 1002 -39.97 -5.08 70.91
N ILE A 1003 -40.85 -4.84 69.92
CA ILE A 1003 -42.16 -4.32 70.28
C ILE A 1003 -43.03 -5.42 70.90
N ARG A 1004 -42.87 -6.67 70.45
CA ARG A 1004 -43.64 -7.77 71.07
C ARG A 1004 -43.23 -7.98 72.51
N ALA A 1005 -41.97 -7.72 72.85
CA ALA A 1005 -41.55 -7.79 74.25
C ALA A 1005 -42.22 -6.70 75.07
N ALA A 1006 -42.69 -5.62 74.43
CA ALA A 1006 -43.26 -4.51 75.18
C ALA A 1006 -44.63 -4.87 75.78
N GLU A 1007 -45.56 -5.42 74.98
CA GLU A 1007 -46.86 -5.72 75.55
C GLU A 1007 -46.79 -6.96 76.44
N ILE A 1008 -45.84 -7.86 76.16
CA ILE A 1008 -45.63 -9.00 77.03
C ILE A 1008 -45.17 -8.55 78.40
N ARG A 1009 -44.22 -7.60 78.44
CA ARG A 1009 -43.83 -6.99 79.71
C ARG A 1009 -44.97 -6.17 80.30
N ALA A 1010 -45.71 -5.45 79.45
CA ALA A 1010 -46.87 -4.69 79.93
C ALA A 1010 -47.94 -5.62 80.48
N SER A 1011 -48.15 -6.77 79.83
CA SER A 1011 -49.09 -7.74 80.37
C SER A 1011 -48.55 -8.36 81.65
N ALA A 1012 -47.26 -8.71 81.67
CA ALA A 1012 -46.66 -9.35 82.85
C ALA A 1012 -46.70 -8.43 84.06
N ASN A 1013 -46.52 -7.13 83.85
CA ASN A 1013 -46.68 -6.17 84.95
C ASN A 1013 -48.13 -6.12 85.41
N LEU A 1014 -49.08 -6.20 84.48
CA LEU A 1014 -50.49 -6.23 84.86
C LEU A 1014 -50.83 -7.50 85.63
N ALA A 1015 -50.23 -8.62 85.22
CA ALA A 1015 -50.44 -9.87 85.96
C ALA A 1015 -49.81 -9.81 87.35
N ALA A 1016 -48.66 -9.14 87.47
CA ALA A 1016 -48.00 -9.03 88.76
C ALA A 1016 -48.81 -8.20 89.74
N THR A 1017 -49.38 -7.09 89.28
CA THR A 1017 -50.24 -6.27 90.13
C THR A 1017 -51.51 -7.02 90.51
N LYS A 1018 -52.10 -7.76 89.55
CA LYS A 1018 -53.30 -8.54 89.85
C LYS A 1018 -52.99 -9.71 90.77
N MET A 1019 -51.79 -10.29 90.64
CA MET A 1019 -51.33 -11.28 91.61
C MET A 1019 -51.17 -10.66 93.00
N SER A 1020 -50.62 -9.45 93.05
CA SER A 1020 -50.38 -8.79 94.32
C SER A 1020 -51.69 -8.34 94.98
N GLU A 1021 -52.67 -7.97 94.17
CA GLU A 1021 -53.92 -7.40 94.68
C GLU A 1021 -55.00 -8.45 94.88
N CYS A 1022 -55.40 -9.13 93.80
CA CYS A 1022 -56.57 -9.99 93.85
C CYS A 1022 -56.30 -11.32 94.54
N VAL A 1023 -55.06 -11.81 94.48
CA VAL A 1023 -54.73 -13.11 95.06
C VAL A 1023 -54.20 -12.98 96.48
N LEU A 1024 -53.18 -12.15 96.69
CA LEU A 1024 -52.55 -12.03 97.99
C LEU A 1024 -53.30 -11.05 98.89
N GLY A 1025 -54.61 -11.23 99.01
CA GLY A 1025 -55.47 -10.38 99.80
C GLY A 1025 -56.73 -10.03 99.06
N GLN A 1026 -57.50 -9.10 99.63
CA GLN A 1026 -58.74 -8.63 99.03
C GLN A 1026 -58.52 -7.21 98.52
N SER A 1027 -58.81 -7.00 97.25
CA SER A 1027 -58.65 -5.69 96.62
C SER A 1027 -59.97 -4.93 96.72
N LYS A 1028 -59.89 -3.71 97.27
CA LYS A 1028 -61.05 -2.84 97.37
C LYS A 1028 -61.44 -2.25 96.02
N ARG A 1029 -60.57 -2.36 95.02
CA ARG A 1029 -60.82 -1.81 93.69
C ARG A 1029 -61.95 -2.57 93.01
N VAL A 1030 -63.08 -1.89 92.80
CA VAL A 1030 -64.24 -2.51 92.18
C VAL A 1030 -64.02 -2.61 90.68
N ASP A 1031 -64.46 -3.73 90.10
CA ASP A 1031 -64.28 -4.05 88.67
C ASP A 1031 -62.81 -4.02 88.28
N PHE A 1032 -61.99 -4.66 89.11
CA PHE A 1032 -60.57 -4.83 88.82
C PHE A 1032 -60.21 -6.31 88.86
N CYS A 1033 -60.84 -7.05 89.78
CA CYS A 1033 -60.68 -8.50 89.89
C CYS A 1033 -61.96 -9.22 89.48
N GLY A 1034 -62.61 -8.74 88.42
CA GLY A 1034 -63.82 -9.34 87.92
C GLY A 1034 -65.04 -8.45 88.11
N LYS A 1035 -66.13 -8.86 87.48
CA LYS A 1035 -67.38 -8.12 87.56
C LYS A 1035 -68.09 -8.45 88.86
N GLY A 1036 -68.23 -7.46 89.74
CA GLY A 1036 -68.86 -7.63 91.03
C GLY A 1036 -67.89 -7.36 92.16
N TYR A 1037 -68.39 -7.55 93.39
CA TYR A 1037 -67.58 -7.36 94.58
C TYR A 1037 -66.61 -8.53 94.71
N HIS A 1038 -65.31 -8.24 94.56
CA HIS A 1038 -64.30 -9.28 94.59
C HIS A 1038 -64.13 -9.82 96.01
N LEU A 1039 -64.04 -11.14 96.12
CA LEU A 1039 -63.84 -11.80 97.41
C LEU A 1039 -62.46 -12.44 97.50
N MET A 1040 -62.10 -13.28 96.54
CA MET A 1040 -60.76 -13.86 96.48
C MET A 1040 -60.51 -14.31 95.05
N SER A 1041 -59.24 -14.54 94.74
CA SER A 1041 -58.84 -15.01 93.43
C SER A 1041 -57.95 -16.24 93.59
N PHE A 1042 -58.19 -17.25 92.77
CA PHE A 1042 -57.43 -18.50 92.83
C PHE A 1042 -56.50 -18.56 91.63
N PRO A 1043 -55.21 -18.30 91.80
CA PRO A 1043 -54.30 -18.30 90.65
C PRO A 1043 -54.04 -19.70 90.15
N GLN A 1044 -53.95 -19.80 88.82
CA GLN A 1044 -53.70 -21.07 88.15
C GLN A 1044 -52.69 -20.87 87.04
N SER A 1045 -51.82 -21.87 86.87
CA SER A 1045 -50.74 -21.76 85.90
C SER A 1045 -51.28 -21.90 84.48
N ALA A 1046 -50.46 -21.51 83.50
CA ALA A 1046 -50.78 -21.66 82.10
C ALA A 1046 -49.49 -21.69 81.29
N PRO A 1047 -49.49 -22.37 80.15
CA PRO A 1047 -48.32 -22.34 79.26
C PRO A 1047 -48.16 -20.96 78.64
N HIS A 1048 -47.06 -20.29 78.97
CA HIS A 1048 -46.76 -18.93 78.52
C HIS A 1048 -47.86 -17.95 78.90
N GLY A 1049 -48.40 -18.10 80.10
CA GLY A 1049 -49.47 -17.23 80.55
C GLY A 1049 -49.84 -17.54 81.99
N VAL A 1050 -50.89 -16.86 82.44
CA VAL A 1050 -51.46 -17.07 83.77
C VAL A 1050 -52.96 -16.79 83.70
N VAL A 1051 -53.73 -17.58 84.43
CA VAL A 1051 -55.18 -17.41 84.51
C VAL A 1051 -55.58 -17.29 85.98
N PHE A 1052 -56.64 -16.52 86.20
CA PHE A 1052 -57.13 -16.24 87.55
C PHE A 1052 -58.57 -16.71 87.67
N LEU A 1053 -58.86 -17.42 88.76
CA LEU A 1053 -60.22 -17.85 89.06
C LEU A 1053 -60.81 -16.90 90.09
N HIS A 1054 -61.17 -15.71 89.63
CA HIS A 1054 -61.81 -14.72 90.49
C HIS A 1054 -63.19 -15.20 90.92
N VAL A 1055 -63.49 -15.01 92.20
CA VAL A 1055 -64.80 -15.32 92.75
C VAL A 1055 -65.41 -14.01 93.22
N THR A 1056 -66.55 -13.64 92.65
CA THR A 1056 -67.19 -12.36 92.89
C THR A 1056 -68.48 -12.53 93.67
N TYR A 1057 -68.97 -11.41 94.20
CA TYR A 1057 -70.22 -11.35 94.95
C TYR A 1057 -71.17 -10.46 94.16
N VAL A 1058 -72.18 -11.08 93.55
CA VAL A 1058 -73.17 -10.38 92.74
C VAL A 1058 -74.55 -10.68 93.32
N PRO A 1059 -75.41 -9.67 93.52
CA PRO A 1059 -76.77 -9.93 93.97
C PRO A 1059 -77.61 -10.54 92.85
N ALA A 1060 -78.63 -11.29 93.25
CA ALA A 1060 -79.52 -11.97 92.32
C ALA A 1060 -80.95 -11.44 92.40
N GLN A 1061 -81.56 -11.44 93.57
CA GLN A 1061 -82.95 -11.04 93.74
C GLN A 1061 -83.02 -9.81 94.64
N GLU A 1062 -83.86 -8.85 94.26
CA GLU A 1062 -84.01 -7.61 95.01
C GLU A 1062 -85.49 -7.27 95.14
N LYS A 1063 -85.80 -6.45 96.14
CA LYS A 1063 -87.16 -6.02 96.41
C LYS A 1063 -87.19 -4.52 96.67
N ASN A 1064 -88.22 -3.85 96.16
CA ASN A 1064 -88.38 -2.42 96.38
C ASN A 1064 -88.84 -2.13 97.79
N PHE A 1065 -88.45 -0.96 98.30
CA PHE A 1065 -88.81 -0.56 99.65
C PHE A 1065 -88.92 0.96 99.71
N THR A 1066 -89.71 1.45 100.65
CA THR A 1066 -89.83 2.89 100.90
C THR A 1066 -88.86 3.28 102.01
N THR A 1067 -88.02 4.26 101.73
CA THR A 1067 -86.94 4.64 102.62
C THR A 1067 -87.08 6.10 103.07
N ALA A 1068 -86.44 6.41 104.18
CA ALA A 1068 -86.40 7.74 104.75
C ALA A 1068 -84.99 8.07 105.19
N PRO A 1069 -84.60 9.35 105.14
CA PRO A 1069 -83.23 9.70 105.59
C PRO A 1069 -83.09 9.69 107.10
N ALA A 1070 -84.10 10.14 107.84
CA ALA A 1070 -84.01 10.23 109.29
C ALA A 1070 -85.40 10.14 109.89
N ILE A 1071 -85.45 9.88 111.19
CA ILE A 1071 -86.70 9.72 111.94
C ILE A 1071 -86.61 10.55 113.20
N CYS A 1072 -87.65 11.36 113.46
CA CYS A 1072 -87.73 12.20 114.65
C CYS A 1072 -88.74 11.59 115.62
N HIS A 1073 -88.26 11.15 116.78
CA HIS A 1073 -89.16 10.59 117.79
C HIS A 1073 -89.82 11.67 118.63
N ASP A 1074 -89.02 12.39 119.43
CA ASP A 1074 -89.50 13.45 120.31
C ASP A 1074 -88.60 14.67 120.12
N GLY A 1075 -88.91 15.47 119.09
CA GLY A 1075 -88.16 16.68 118.81
C GLY A 1075 -86.67 16.47 118.55
N LYS A 1076 -86.26 15.25 118.21
CA LYS A 1076 -84.85 14.91 118.05
C LYS A 1076 -84.70 14.02 116.82
N ALA A 1077 -83.82 14.41 115.92
CA ALA A 1077 -83.60 13.67 114.67
C ALA A 1077 -82.67 12.50 114.93
N HIS A 1078 -83.15 11.29 114.63
CA HIS A 1078 -82.36 10.07 114.79
C HIS A 1078 -81.91 9.59 113.42
N PHE A 1079 -80.61 9.33 113.29
CA PHE A 1079 -80.01 8.87 112.05
C PHE A 1079 -79.49 7.45 112.21
N PRO A 1080 -79.54 6.64 111.14
CA PRO A 1080 -79.04 5.25 111.26
C PRO A 1080 -77.53 5.21 111.41
N ARG A 1081 -77.07 4.36 112.32
CA ARG A 1081 -75.64 4.27 112.59
C ARG A 1081 -74.89 3.54 111.48
N GLU A 1082 -75.46 2.45 110.97
CA GLU A 1082 -74.76 1.62 110.02
C GLU A 1082 -75.57 1.42 108.74
N GLY A 1083 -76.89 1.35 108.87
CA GLY A 1083 -77.72 0.99 107.74
C GLY A 1083 -78.65 2.08 107.23
N VAL A 1084 -79.84 1.68 106.79
CA VAL A 1084 -80.80 2.59 106.19
C VAL A 1084 -82.20 2.24 106.71
N PHE A 1085 -83.00 3.28 106.97
CA PHE A 1085 -84.38 3.07 107.41
C PHE A 1085 -85.24 2.65 106.22
N VAL A 1086 -86.01 1.58 106.39
CA VAL A 1086 -86.87 1.06 105.35
C VAL A 1086 -88.26 0.83 105.93
N SER A 1087 -89.27 0.85 105.07
CA SER A 1087 -90.66 0.68 105.47
C SER A 1087 -91.35 -0.33 104.58
N ASN A 1088 -92.32 -1.04 105.16
CA ASN A 1088 -93.17 -1.98 104.43
C ASN A 1088 -94.63 -1.57 104.55
N GLY A 1089 -94.89 -0.27 104.48
CA GLY A 1089 -96.23 0.25 104.57
C GLY A 1089 -96.66 0.71 105.96
N THR A 1090 -96.71 -0.22 106.92
CA THR A 1090 -97.21 0.08 108.25
C THR A 1090 -96.15 -0.02 109.34
N HIS A 1091 -94.89 -0.31 109.01
CA HIS A 1091 -93.85 -0.44 110.01
C HIS A 1091 -92.53 0.04 109.43
N TRP A 1092 -91.63 0.43 110.33
CA TRP A 1092 -90.30 0.92 109.96
C TRP A 1092 -89.24 0.08 110.65
N PHE A 1093 -88.18 -0.25 109.91
CA PHE A 1093 -87.09 -1.07 110.44
C PHE A 1093 -85.78 -0.52 109.90
N VAL A 1094 -84.69 -1.21 110.24
CA VAL A 1094 -83.36 -0.87 109.74
C VAL A 1094 -82.76 -2.12 109.11
N THR A 1095 -81.98 -1.93 108.05
CA THR A 1095 -81.43 -3.04 107.28
C THR A 1095 -79.99 -2.69 106.90
N GLN A 1096 -79.43 -3.45 105.96
CA GLN A 1096 -78.11 -3.19 105.41
C GLN A 1096 -78.22 -2.89 103.93
N ARG A 1097 -77.15 -2.32 103.38
CA ARG A 1097 -77.11 -1.87 102.00
C ARG A 1097 -76.77 -2.98 101.02
N ASN A 1098 -76.30 -4.13 101.52
CA ASN A 1098 -75.97 -5.27 100.66
C ASN A 1098 -76.80 -6.51 100.97
N PHE A 1099 -77.58 -6.51 102.04
CA PHE A 1099 -78.45 -7.64 102.37
C PHE A 1099 -79.65 -7.13 103.14
N TYR A 1100 -80.72 -7.92 103.13
CA TYR A 1100 -81.97 -7.54 103.77
C TYR A 1100 -82.11 -8.28 105.09
N GLU A 1101 -82.23 -7.52 106.19
CA GLU A 1101 -82.45 -8.07 107.52
C GLU A 1101 -83.10 -7.02 108.40
N PRO A 1102 -84.43 -6.99 108.50
CA PRO A 1102 -85.09 -5.95 109.29
C PRO A 1102 -84.83 -6.13 110.78
N GLN A 1103 -84.66 -5.01 111.47
CA GLN A 1103 -84.46 -4.99 112.92
C GLN A 1103 -85.27 -3.86 113.52
N ILE A 1104 -85.64 -4.04 114.79
CA ILE A 1104 -86.44 -3.04 115.49
C ILE A 1104 -85.58 -1.81 115.78
N ILE A 1105 -86.11 -0.63 115.47
CA ILE A 1105 -85.37 0.61 115.68
C ILE A 1105 -85.31 0.92 117.17
N THR A 1106 -84.10 0.97 117.70
CA THR A 1106 -83.84 1.27 119.11
C THR A 1106 -82.90 2.47 119.21
N THR A 1107 -82.41 2.73 120.42
CA THR A 1107 -81.43 3.78 120.66
C THR A 1107 -79.99 3.28 120.50
N ASP A 1108 -79.79 1.99 120.22
CA ASP A 1108 -78.46 1.45 120.05
C ASP A 1108 -77.98 1.47 118.61
N ASN A 1109 -78.90 1.36 117.65
CA ASN A 1109 -78.57 1.41 116.23
C ASN A 1109 -78.78 2.80 115.62
N THR A 1110 -79.15 3.79 116.44
CA THR A 1110 -79.40 5.14 115.97
C THR A 1110 -78.65 6.14 116.84
N PHE A 1111 -78.24 7.24 116.23
CA PHE A 1111 -77.61 8.35 116.94
C PHE A 1111 -78.38 9.64 116.64
N VAL A 1112 -78.39 10.54 117.62
CA VAL A 1112 -79.22 11.73 117.59
C VAL A 1112 -78.35 12.95 117.31
N SER A 1113 -78.78 13.78 116.35
CA SER A 1113 -78.09 15.03 116.05
C SER A 1113 -79.11 15.97 115.38
N GLY A 1114 -79.60 16.94 116.13
CA GLY A 1114 -80.49 17.96 115.61
C GLY A 1114 -81.84 17.94 116.29
N ASN A 1115 -82.72 18.80 115.78
CA ASN A 1115 -84.09 18.93 116.30
C ASN A 1115 -85.13 18.67 115.22
N CYS A 1116 -84.75 17.96 114.15
CA CYS A 1116 -85.63 17.53 113.06
C CYS A 1116 -86.45 18.68 112.48
N ASP A 1117 -85.84 19.86 112.37
CA ASP A 1117 -86.43 21.00 111.68
C ASP A 1117 -85.58 21.47 110.50
N VAL A 1118 -84.45 20.82 110.23
CA VAL A 1118 -83.57 21.18 109.14
C VAL A 1118 -83.51 20.10 108.06
N VAL A 1119 -83.87 18.86 108.39
CA VAL A 1119 -83.82 17.75 107.46
C VAL A 1119 -85.14 17.72 106.68
N ILE A 1120 -85.04 17.46 105.38
CA ILE A 1120 -86.21 17.41 104.51
C ILE A 1120 -86.59 15.94 104.30
N GLY A 1121 -87.82 15.58 104.67
CA GLY A 1121 -88.28 14.21 104.53
C GLY A 1121 -88.28 13.44 105.83
N ILE A 1122 -88.64 14.11 106.92
CA ILE A 1122 -88.65 13.48 108.24
C ILE A 1122 -89.91 12.63 108.38
N VAL A 1123 -89.79 11.54 109.14
CA VAL A 1123 -90.87 10.58 109.33
C VAL A 1123 -91.08 10.38 110.82
N ASN A 1124 -92.33 10.46 111.28
CA ASN A 1124 -92.65 10.27 112.69
C ASN A 1124 -92.66 8.79 113.05
N ASN A 1125 -91.98 8.45 114.13
CA ASN A 1125 -91.97 7.10 114.69
C ASN A 1125 -91.51 7.18 116.13
N THR A 1126 -91.29 6.02 116.74
CA THR A 1126 -90.85 5.95 118.14
C THR A 1126 -89.66 5.01 118.28
N VAL A 1127 -88.75 5.36 119.18
CA VAL A 1127 -87.60 4.52 119.49
C VAL A 1127 -87.99 3.54 120.59
N TYR A 1128 -87.17 2.51 120.79
CA TYR A 1128 -87.48 1.48 121.78
C TYR A 1128 -86.97 1.83 123.16
N ASP A 1129 -85.73 2.34 123.26
CA ASP A 1129 -85.07 2.72 124.52
C ASP A 1129 -85.02 1.51 125.45
N PRO A 1130 -84.16 0.52 125.17
CA PRO A 1130 -84.26 -0.79 125.82
C PRO A 1130 -84.02 -0.79 127.32
N LEU A 1131 -83.48 0.29 127.90
CA LEU A 1131 -83.17 0.30 129.33
C LEU A 1131 -84.43 0.27 130.18
N GLN A 1132 -85.48 0.95 129.75
CA GLN A 1132 -86.68 1.12 130.58
C GLN A 1132 -87.40 -0.16 130.98
N PRO A 1133 -87.65 -1.16 130.10
CA PRO A 1133 -88.40 -2.35 130.56
C PRO A 1133 -87.75 -3.11 131.71
N GLU A 1134 -86.41 -3.22 131.72
CA GLU A 1134 -85.76 -3.87 132.85
C GLU A 1134 -85.68 -2.97 134.06
N LEU A 1135 -85.47 -1.66 133.85
CA LEU A 1135 -85.38 -0.73 134.97
C LEU A 1135 -86.74 -0.48 135.60
N ASP A 1136 -87.78 -0.29 134.78
CA ASP A 1136 -89.11 -0.03 135.28
C ASP A 1136 -90.04 -1.21 135.04
N GLN B 4 -30.01 58.78 13.78
CA GLN B 4 -28.91 59.66 14.15
C GLN B 4 -29.09 60.22 15.56
N CYS B 5 -27.99 60.67 16.16
CA CYS B 5 -28.01 61.22 17.50
C CYS B 5 -27.07 62.41 17.59
N VAL B 6 -27.28 63.24 18.60
CA VAL B 6 -26.43 64.39 18.87
C VAL B 6 -25.92 64.30 20.31
N ASN B 7 -24.84 65.00 20.58
CA ASN B 7 -24.24 65.03 21.91
C ASN B 7 -24.81 66.16 22.74
N LEU B 8 -24.70 66.02 24.06
CA LEU B 8 -25.17 67.03 24.99
C LEU B 8 -24.01 67.92 25.43
N THR B 9 -24.31 68.91 26.25
CA THR B 9 -23.33 69.85 26.77
C THR B 9 -23.19 69.68 28.27
N THR B 10 -22.01 70.04 28.78
CA THR B 10 -21.76 69.93 30.21
C THR B 10 -22.55 70.97 30.98
N ARG B 11 -23.20 70.53 32.06
CA ARG B 11 -24.02 71.41 32.89
C ARG B 11 -24.00 70.87 34.31
N THR B 12 -24.63 71.63 35.22
CA THR B 12 -24.66 71.25 36.62
C THR B 12 -25.82 70.29 36.87
N GLN B 13 -25.51 69.11 37.37
CA GLN B 13 -26.51 68.09 37.70
C GLN B 13 -26.62 67.95 39.22
N LEU B 14 -27.42 66.97 39.64
CA LEU B 14 -27.57 66.63 41.03
C LEU B 14 -27.11 65.18 41.27
N PRO B 15 -26.43 64.91 42.38
CA PRO B 15 -26.01 63.53 42.65
C PRO B 15 -27.21 62.65 42.93
N PRO B 16 -27.13 61.37 42.59
CA PRO B 16 -28.25 60.46 42.88
C PRO B 16 -28.40 60.22 44.38
N ALA B 17 -29.64 59.96 44.78
CA ALA B 17 -29.97 59.69 46.17
C ALA B 17 -30.29 58.21 46.36
N TYR B 18 -30.29 57.79 47.62
CA TYR B 18 -30.56 56.40 48.00
C TYR B 18 -31.81 56.36 48.85
N THR B 19 -32.72 55.45 48.53
CA THR B 19 -34.01 55.35 49.21
C THR B 19 -34.24 53.92 49.69
N ASN B 20 -35.25 53.77 50.56
CA ASN B 20 -35.57 52.50 51.20
C ASN B 20 -36.91 52.01 50.71
N SER B 21 -36.97 50.73 50.34
CA SER B 21 -38.21 50.12 49.88
C SER B 21 -39.07 49.70 51.07
N PHE B 22 -40.38 49.62 50.83
CA PHE B 22 -41.35 49.26 51.87
C PHE B 22 -42.37 48.29 51.26
N THR B 23 -42.10 46.99 51.42
CA THR B 23 -42.95 45.90 50.95
C THR B 23 -43.26 46.03 49.45
N ARG B 24 -42.19 46.04 48.66
CA ARG B 24 -42.29 46.16 47.21
C ARG B 24 -41.46 45.07 46.55
N GLY B 25 -41.79 44.79 45.29
CA GLY B 25 -41.03 43.82 44.52
C GLY B 25 -41.52 42.39 44.68
N VAL B 26 -42.84 42.22 44.76
CA VAL B 26 -43.45 40.90 44.90
C VAL B 26 -44.26 40.61 43.65
N TYR B 27 -44.03 39.45 43.04
CA TYR B 27 -44.71 39.05 41.82
C TYR B 27 -45.07 37.58 41.91
N TYR B 28 -45.75 37.07 40.90
CA TYR B 28 -46.10 35.66 40.85
C TYR B 28 -44.90 34.85 40.40
N PRO B 29 -44.41 33.91 41.22
CA PRO B 29 -43.23 33.12 40.82
C PRO B 29 -43.52 32.08 39.75
N ASP B 30 -44.77 31.74 39.50
CA ASP B 30 -45.13 30.72 38.52
C ASP B 30 -46.54 31.00 38.03
N LYS B 31 -47.12 30.04 37.31
CA LYS B 31 -48.43 30.17 36.69
C LYS B 31 -49.39 29.09 37.21
N VAL B 32 -49.38 28.86 38.52
CA VAL B 32 -50.19 27.82 39.15
C VAL B 32 -51.08 28.46 40.19
N PHE B 33 -52.36 28.10 40.17
CA PHE B 33 -53.34 28.61 41.13
C PHE B 33 -53.16 27.90 42.46
N ARG B 34 -52.93 28.68 43.53
CA ARG B 34 -52.80 28.16 44.87
C ARG B 34 -53.76 28.91 45.79
N SER B 35 -54.63 28.20 46.47
CA SER B 35 -55.66 28.79 47.31
C SER B 35 -55.52 28.31 48.74
N SER B 36 -55.43 29.28 49.68
CA SER B 36 -55.40 29.02 51.12
C SER B 36 -54.25 28.09 51.53
N VAL B 37 -53.10 28.28 50.90
CA VAL B 37 -51.90 27.53 51.23
C VAL B 37 -50.75 28.51 51.45
N LEU B 38 -49.71 28.03 52.13
CA LEU B 38 -48.50 28.78 52.39
C LEU B 38 -47.35 28.04 51.69
N HIS B 39 -47.04 28.45 50.46
CA HIS B 39 -46.05 27.80 49.63
C HIS B 39 -44.78 28.64 49.57
N SER B 40 -43.64 28.01 49.80
CA SER B 40 -42.35 28.65 49.77
C SER B 40 -41.58 28.21 48.53
N THR B 41 -41.00 29.16 47.81
CA THR B 41 -40.26 28.88 46.59
C THR B 41 -38.94 29.63 46.59
N GLN B 42 -37.99 29.12 45.81
CA GLN B 42 -36.68 29.75 45.64
C GLN B 42 -36.69 30.47 44.30
N ASP B 43 -36.71 31.80 44.34
CA ASP B 43 -36.83 32.59 43.13
C ASP B 43 -36.30 33.99 43.42
N LEU B 44 -35.85 34.66 42.35
CA LEU B 44 -35.36 36.03 42.47
C LEU B 44 -36.47 36.97 42.92
N PHE B 45 -36.17 37.80 43.92
CA PHE B 45 -37.13 38.76 44.46
C PHE B 45 -36.39 40.00 44.93
N LEU B 46 -37.15 41.04 45.28
CA LEU B 46 -36.60 42.28 45.83
C LEU B 46 -36.57 42.21 47.35
N PRO B 47 -35.43 42.51 47.96
CA PRO B 47 -35.36 42.48 49.43
C PRO B 47 -36.22 43.55 50.06
N PHE B 48 -36.74 43.25 51.25
CA PHE B 48 -37.54 44.19 52.01
C PHE B 48 -36.64 45.00 52.94
N PHE B 49 -36.98 46.28 53.11
CA PHE B 49 -36.21 47.24 53.91
C PHE B 49 -34.75 47.29 53.47
N SER B 50 -34.54 47.33 52.16
CA SER B 50 -33.22 47.38 51.57
C SER B 50 -33.00 48.72 50.88
N ASN B 51 -31.75 49.17 50.85
CA ASN B 51 -31.42 50.46 50.28
C ASN B 51 -31.37 50.34 48.76
N VAL B 52 -32.22 51.11 48.07
CA VAL B 52 -32.35 51.04 46.62
C VAL B 52 -32.11 52.44 46.05
N THR B 53 -31.53 52.50 44.86
CA THR B 53 -31.13 53.77 44.27
C THR B 53 -32.35 54.58 43.83
N TRP B 54 -32.16 55.90 43.73
CA TRP B 54 -33.20 56.84 43.31
C TRP B 54 -32.61 57.77 42.26
N PHE B 55 -33.35 57.96 41.17
CA PHE B 55 -32.94 58.85 40.09
C PHE B 55 -34.04 59.88 39.84
N HIS B 56 -33.63 61.12 39.61
CA HIS B 56 -34.56 62.22 39.41
C HIS B 56 -34.71 62.52 37.92
N ALA B 57 -35.87 63.10 37.56
CA ALA B 57 -36.11 63.52 36.20
C ALA B 57 -36.81 64.88 36.12
N ILE B 58 -36.91 65.61 37.23
CA ILE B 58 -37.57 66.91 37.23
C ILE B 58 -36.68 67.95 36.58
N HIS B 59 -37.29 69.06 36.17
CA HIS B 59 -36.57 70.16 35.53
C HIS B 59 -36.10 71.19 36.55
N VAL B 60 -37.02 71.72 37.35
CA VAL B 60 -36.69 72.73 38.35
C VAL B 60 -36.57 72.09 39.73
N THR B 66 -31.05 72.58 39.19
CA THR B 66 -32.02 72.46 38.11
C THR B 66 -31.41 71.74 36.91
N LYS B 67 -32.26 71.46 35.92
CA LYS B 67 -31.88 70.76 34.69
C LYS B 67 -31.25 69.40 34.99
N ARG B 68 -32.03 68.57 35.68
CA ARG B 68 -31.59 67.24 36.08
C ARG B 68 -31.93 66.25 34.97
N PHE B 69 -30.89 65.67 34.36
CA PHE B 69 -31.07 64.69 33.29
C PHE B 69 -29.90 63.72 33.35
N ASP B 70 -30.11 62.57 34.01
CA ASP B 70 -29.08 61.55 34.17
C ASP B 70 -29.64 60.23 33.68
N ASN B 71 -28.96 59.61 32.72
CA ASN B 71 -29.30 58.28 32.21
C ASN B 71 -28.04 57.44 32.14
N PRO B 72 -27.51 57.00 33.28
CA PRO B 72 -26.33 56.14 33.26
C PRO B 72 -26.70 54.73 32.79
N VAL B 73 -25.69 54.03 32.28
CA VAL B 73 -25.89 52.66 31.76
C VAL B 73 -25.57 51.72 32.92
N LEU B 74 -26.60 51.41 33.71
CA LEU B 74 -26.42 50.54 34.85
C LEU B 74 -26.29 49.08 34.38
N PRO B 75 -25.50 48.28 35.09
CA PRO B 75 -25.40 46.86 34.73
C PRO B 75 -26.69 46.11 35.01
N PHE B 76 -26.93 45.07 34.22
CA PHE B 76 -28.12 44.24 34.35
C PHE B 76 -27.73 42.95 35.08
N ASN B 77 -28.12 42.85 36.36
CA ASN B 77 -27.85 41.68 37.16
C ASN B 77 -28.95 40.63 36.91
N ASP B 78 -28.97 39.59 37.73
CA ASP B 78 -29.97 38.53 37.64
C ASP B 78 -31.30 39.07 38.15
N GLY B 79 -32.02 39.77 37.27
CA GLY B 79 -33.30 40.36 37.62
C GLY B 79 -33.15 41.76 38.17
N VAL B 80 -33.98 42.69 37.67
CA VAL B 80 -33.98 44.07 38.14
C VAL B 80 -35.41 44.46 38.50
N TYR B 81 -35.53 45.50 39.32
CA TYR B 81 -36.81 46.04 39.74
C TYR B 81 -36.89 47.50 39.29
N PHE B 82 -37.92 47.83 38.52
CA PHE B 82 -38.10 49.17 37.98
C PHE B 82 -39.47 49.69 38.42
N ALA B 83 -39.48 50.62 39.37
CA ALA B 83 -40.70 51.25 39.85
C ALA B 83 -40.70 52.72 39.46
N SER B 84 -41.87 53.23 39.08
CA SER B 84 -42.00 54.62 38.69
C SER B 84 -43.37 55.14 39.11
N THR B 85 -43.37 56.29 39.77
CA THR B 85 -44.61 56.99 40.14
C THR B 85 -45.05 57.95 39.03
N GLU B 86 -45.21 57.37 37.84
CA GLU B 86 -45.48 58.14 36.64
C GLU B 86 -46.85 58.81 36.71
N LYS B 87 -46.89 60.07 36.28
CA LYS B 87 -48.11 60.89 36.29
C LYS B 87 -48.55 61.30 34.90
N SER B 88 -47.66 61.88 34.11
CA SER B 88 -48.00 62.41 32.78
C SER B 88 -47.33 61.63 31.65
N ASN B 89 -46.90 60.40 31.93
CA ASN B 89 -46.29 59.50 30.93
C ASN B 89 -45.05 60.14 30.29
N ILE B 90 -44.18 60.70 31.14
CA ILE B 90 -42.92 61.27 30.64
C ILE B 90 -42.01 60.17 30.11
N ILE B 91 -41.91 59.05 30.84
CA ILE B 91 -41.06 57.95 30.42
C ILE B 91 -41.69 57.24 29.23
N ARG B 92 -40.84 56.66 28.37
CA ARG B 92 -41.29 56.00 27.16
C ARG B 92 -41.02 54.50 27.18
N GLY B 93 -39.80 54.08 27.44
CA GLY B 93 -39.48 52.68 27.43
C GLY B 93 -38.07 52.41 27.90
N TRP B 94 -37.60 51.20 27.61
CA TRP B 94 -36.28 50.76 28.03
C TRP B 94 -35.52 50.15 26.85
N ILE B 95 -34.21 50.29 26.88
CA ILE B 95 -33.33 49.65 25.91
C ILE B 95 -32.34 48.78 26.67
N PHE B 96 -31.86 47.74 26.00
CA PHE B 96 -30.98 46.74 26.61
C PHE B 96 -29.81 46.45 25.68
N GLY B 97 -28.94 45.54 26.11
CA GLY B 97 -27.77 45.18 25.32
C GLY B 97 -26.56 44.88 26.19
N THR B 98 -25.41 44.66 25.56
CA THR B 98 -24.17 44.40 26.29
C THR B 98 -23.16 45.51 26.11
N THR B 99 -22.80 45.83 24.86
CA THR B 99 -21.85 46.90 24.58
C THR B 99 -22.42 48.00 23.70
N LEU B 100 -23.55 47.76 23.03
CA LEU B 100 -24.25 48.76 22.22
C LEU B 100 -23.37 49.32 21.11
N ASP B 101 -22.76 48.41 20.33
CA ASP B 101 -21.95 48.80 19.18
C ASP B 101 -22.21 47.91 17.98
N SER B 102 -23.45 47.41 17.85
CA SER B 102 -23.91 46.61 16.72
C SER B 102 -23.09 45.33 16.56
N LYS B 103 -22.91 44.61 17.67
CA LYS B 103 -22.31 43.29 17.64
C LYS B 103 -23.18 42.22 18.29
N THR B 104 -24.17 42.59 19.10
CA THR B 104 -25.03 41.66 19.80
C THR B 104 -26.48 42.02 19.52
N GLN B 105 -27.40 41.27 20.14
CA GLN B 105 -28.83 41.52 20.03
C GLN B 105 -29.24 42.44 21.17
N SER B 106 -29.48 43.71 20.83
CA SER B 106 -29.85 44.72 21.83
C SER B 106 -31.37 44.90 21.83
N LEU B 107 -31.99 44.62 22.97
CA LEU B 107 -33.44 44.74 23.08
C LEU B 107 -33.85 46.20 23.17
N LEU B 108 -34.94 46.54 22.48
CA LEU B 108 -35.46 47.90 22.44
C LEU B 108 -36.97 47.83 22.65
N ILE B 109 -37.41 48.15 23.86
CA ILE B 109 -38.83 48.19 24.19
C ILE B 109 -39.24 49.64 24.29
N VAL B 110 -40.11 50.08 23.37
CA VAL B 110 -40.58 51.46 23.32
C VAL B 110 -42.09 51.45 23.23
N ASN B 111 -42.73 52.33 24.00
CA ASN B 111 -44.19 52.48 24.00
C ASN B 111 -44.51 53.81 23.32
N ASN B 112 -44.69 53.78 22.01
CA ASN B 112 -45.03 54.98 21.27
C ASN B 112 -46.51 55.33 21.46
N ALA B 113 -46.91 56.47 20.91
CA ALA B 113 -48.26 56.99 21.13
C ALA B 113 -49.34 56.13 20.46
N THR B 114 -48.97 55.33 19.45
CA THR B 114 -49.94 54.50 18.74
C THR B 114 -49.96 53.06 19.22
N ASN B 115 -48.79 52.43 19.32
CA ASN B 115 -48.71 51.04 19.73
C ASN B 115 -47.39 50.77 20.42
N VAL B 116 -47.37 49.72 21.22
CA VAL B 116 -46.14 49.27 21.87
C VAL B 116 -45.29 48.54 20.84
N VAL B 117 -44.01 48.93 20.74
CA VAL B 117 -43.10 48.35 19.77
C VAL B 117 -41.96 47.70 20.54
N ILE B 118 -41.84 46.38 20.41
CA ILE B 118 -40.74 45.61 20.99
C ILE B 118 -40.01 44.92 19.86
N LYS B 119 -38.71 45.19 19.75
CA LYS B 119 -37.88 44.55 18.73
C LYS B 119 -36.45 44.50 19.25
N VAL B 120 -35.85 43.31 19.21
CA VAL B 120 -34.45 43.16 19.59
C VAL B 120 -33.60 43.01 18.33
N CYS B 121 -32.64 43.91 18.16
CA CYS B 121 -31.83 43.93 16.95
C CYS B 121 -30.43 44.41 17.33
N GLU B 122 -29.67 44.82 16.33
CA GLU B 122 -28.29 45.26 16.52
C GLU B 122 -28.16 46.75 16.21
N PHE B 123 -29.08 47.55 16.76
CA PHE B 123 -29.10 48.99 16.50
C PHE B 123 -27.77 49.64 16.88
N GLN B 124 -27.34 50.58 16.04
CA GLN B 124 -26.15 51.39 16.32
C GLN B 124 -26.54 52.42 17.39
N PHE B 125 -26.50 51.98 18.64
CA PHE B 125 -26.93 52.83 19.75
C PHE B 125 -25.95 53.96 19.98
N CYS B 126 -26.49 55.16 20.17
CA CYS B 126 -25.67 56.35 20.43
C CYS B 126 -25.40 56.46 21.93
N ASN B 127 -24.81 57.57 22.34
CA ASN B 127 -24.43 57.74 23.75
C ASN B 127 -25.66 57.88 24.63
N ASP B 128 -26.60 58.75 24.25
CA ASP B 128 -27.80 59.04 25.03
C ASP B 128 -29.03 59.02 24.13
N PRO B 129 -29.59 57.84 23.86
CA PRO B 129 -30.87 57.79 23.15
C PRO B 129 -31.97 58.45 23.97
N PHE B 130 -32.88 59.13 23.28
CA PHE B 130 -33.95 59.88 23.94
C PHE B 130 -35.11 60.03 22.97
N LEU B 131 -36.19 60.64 23.46
CA LEU B 131 -37.36 60.95 22.66
C LEU B 131 -37.60 62.45 22.69
N GLY B 132 -37.92 63.02 21.53
CA GLY B 132 -38.16 64.45 21.40
C GLY B 132 -39.64 64.73 21.16
N VAL B 133 -40.18 65.63 21.97
CA VAL B 133 -41.57 66.06 21.87
C VAL B 133 -41.60 67.54 21.51
N TYR B 134 -42.33 67.87 20.46
CA TYR B 134 -42.41 69.24 19.96
C TYR B 134 -43.83 69.78 20.14
N TYR B 135 -43.92 71.07 20.44
CA TYR B 135 -45.20 71.75 20.65
C TYR B 135 -45.53 72.58 19.41
N HIS B 136 -46.61 72.21 18.73
CA HIS B 136 -47.03 72.93 17.54
C HIS B 136 -47.69 74.25 17.93
N LYS B 137 -47.56 75.24 17.05
CA LYS B 137 -48.17 76.55 17.26
C LYS B 137 -49.65 76.56 16.91
N ASN B 138 -50.00 76.02 15.73
CA ASN B 138 -51.40 76.01 15.31
C ASN B 138 -52.20 74.96 16.05
N ASN B 139 -51.61 73.79 16.32
CA ASN B 139 -52.28 72.71 17.03
C ASN B 139 -51.82 72.72 18.49
N LYS B 140 -52.78 72.76 19.40
CA LYS B 140 -52.48 72.87 20.84
C LYS B 140 -52.37 71.48 21.47
N SER B 141 -51.48 70.67 20.90
CA SER B 141 -51.24 69.32 21.38
C SER B 141 -49.75 69.01 21.30
N TRP B 142 -49.30 68.08 22.13
CA TRP B 142 -47.91 67.67 22.18
C TRP B 142 -47.72 66.41 21.35
N MET B 143 -46.75 66.44 20.43
CA MET B 143 -46.49 65.33 19.53
C MET B 143 -44.99 65.03 19.51
N GLU B 144 -44.67 63.76 19.24
CA GLU B 144 -43.29 63.30 19.26
C GLU B 144 -42.72 63.35 17.85
N SER B 145 -41.63 64.09 17.67
CA SER B 145 -41.02 64.29 16.37
C SER B 145 -39.60 63.75 16.29
N GLU B 146 -38.75 64.09 17.27
CA GLU B 146 -37.35 63.67 17.25
C GLU B 146 -37.25 62.24 17.73
N PHE B 147 -37.32 61.30 16.78
CA PHE B 147 -37.19 59.87 17.08
C PHE B 147 -35.72 59.46 16.97
N ARG B 148 -34.93 60.01 17.89
CA ARG B 148 -33.48 59.77 17.91
C ARG B 148 -33.19 58.71 18.97
N VAL B 149 -33.38 57.44 18.59
CA VAL B 149 -33.12 56.33 19.48
C VAL B 149 -31.97 55.45 18.99
N TYR B 150 -31.67 55.43 17.70
CA TYR B 150 -30.50 54.73 17.18
C TYR B 150 -30.12 55.36 15.84
N SER B 151 -29.00 54.88 15.30
CA SER B 151 -28.51 55.37 14.01
C SER B 151 -29.06 54.52 12.86
N SER B 152 -28.81 53.21 12.89
CA SER B 152 -29.25 52.31 11.84
C SER B 152 -29.30 50.90 12.38
N ALA B 153 -29.80 49.98 11.57
CA ALA B 153 -29.88 48.57 11.91
C ALA B 153 -29.54 47.74 10.68
N ASN B 154 -29.08 46.51 10.92
CA ASN B 154 -28.63 45.64 9.84
C ASN B 154 -29.50 44.39 9.67
N ASN B 155 -29.66 43.58 10.72
CA ASN B 155 -30.43 42.34 10.61
C ASN B 155 -30.85 41.90 12.01
N CYS B 156 -32.04 41.31 12.10
CA CYS B 156 -32.56 40.78 13.35
C CYS B 156 -33.79 39.92 13.04
N THR B 157 -34.32 39.27 14.08
CA THR B 157 -35.37 38.27 13.94
C THR B 157 -36.68 38.69 14.59
N PHE B 158 -36.67 39.06 15.87
CA PHE B 158 -37.89 39.23 16.64
C PHE B 158 -38.49 40.62 16.45
N GLU B 159 -39.83 40.67 16.43
CA GLU B 159 -40.57 41.92 16.38
C GLU B 159 -41.98 41.65 16.89
N TYR B 160 -42.43 42.47 17.83
CA TYR B 160 -43.74 42.28 18.45
C TYR B 160 -44.47 43.62 18.52
N VAL B 161 -45.80 43.56 18.42
CA VAL B 161 -46.66 44.74 18.37
C VAL B 161 -47.68 44.74 19.50
N SER B 162 -48.40 43.63 19.67
CA SER B 162 -49.46 43.47 20.68
C SER B 162 -50.57 44.51 20.53
N GLN B 163 -51.34 44.70 21.59
CA GLN B 163 -52.46 45.64 21.55
C GLN B 163 -51.95 47.08 21.65
N PRO B 164 -52.68 48.03 21.05
CA PRO B 164 -52.29 49.43 21.17
C PRO B 164 -52.43 49.96 22.59
N PHE B 165 -51.56 50.91 22.93
CA PHE B 165 -51.58 51.54 24.24
C PHE B 165 -51.67 53.05 24.04
N LEU B 166 -52.60 53.69 24.76
CA LEU B 166 -52.83 55.12 24.66
C LEU B 166 -52.43 55.81 25.95
N MET B 167 -51.66 56.89 25.84
CA MET B 167 -51.19 57.67 26.97
C MET B 167 -51.23 59.15 26.60
N ASP B 168 -50.92 59.99 27.58
CA ASP B 168 -50.92 61.43 27.40
C ASP B 168 -49.49 61.95 27.22
N LEU B 169 -49.28 62.75 26.19
CA LEU B 169 -47.97 63.33 25.90
C LEU B 169 -47.78 64.71 26.52
N GLU B 170 -48.78 65.21 27.24
CA GLU B 170 -48.68 66.52 27.88
C GLU B 170 -48.04 66.36 29.25
N GLY B 171 -46.97 67.12 29.48
CA GLY B 171 -46.24 67.08 30.75
C GLY B 171 -46.61 68.25 31.63
N LYS B 172 -46.76 67.97 32.92
CA LYS B 172 -47.13 68.98 33.91
C LYS B 172 -46.12 68.93 35.07
N GLN B 173 -46.31 69.83 36.04
CA GLN B 173 -45.47 69.90 37.22
C GLN B 173 -46.21 69.57 38.50
N GLY B 174 -47.40 68.97 38.39
CA GLY B 174 -48.20 68.66 39.56
C GLY B 174 -47.79 67.38 40.24
N ASN B 175 -48.55 67.03 41.27
CA ASN B 175 -48.29 65.81 42.03
C ASN B 175 -48.67 64.58 41.23
N PHE B 176 -48.00 63.46 41.53
CA PHE B 176 -48.24 62.22 40.81
C PHE B 176 -49.57 61.59 41.23
N LYS B 177 -50.16 60.83 40.30
CA LYS B 177 -51.43 60.17 40.56
C LYS B 177 -51.42 58.67 40.27
N ASN B 178 -50.37 58.14 39.67
CA ASN B 178 -50.29 56.72 39.37
C ASN B 178 -48.89 56.21 39.70
N LEU B 179 -48.80 54.90 39.95
CA LEU B 179 -47.54 54.24 40.25
C LEU B 179 -47.43 52.99 39.38
N ARG B 180 -46.29 52.85 38.69
CA ARG B 180 -46.05 51.72 37.80
C ARG B 180 -44.77 51.01 38.23
N GLU B 181 -44.85 49.69 38.33
CA GLU B 181 -43.71 48.85 38.70
C GLU B 181 -43.45 47.84 37.60
N PHE B 182 -42.18 47.62 37.28
CA PHE B 182 -41.77 46.69 36.23
C PHE B 182 -40.65 45.80 36.75
N VAL B 183 -40.70 44.52 36.36
CA VAL B 183 -39.69 43.54 36.74
C VAL B 183 -39.21 42.85 35.48
N PHE B 184 -37.89 42.90 35.24
CA PHE B 184 -37.28 42.26 34.10
C PHE B 184 -36.35 41.15 34.58
N LYS B 185 -36.57 39.94 34.06
CA LYS B 185 -35.81 38.76 34.49
C LYS B 185 -35.26 38.03 33.27
N ASN B 186 -34.23 37.22 33.51
CA ASN B 186 -33.57 36.45 32.45
C ASN B 186 -33.11 35.12 33.04
N ILE B 187 -33.90 34.07 32.84
CA ILE B 187 -33.52 32.71 33.19
C ILE B 187 -33.65 31.84 31.95
N ASP B 188 -32.59 31.09 31.64
CA ASP B 188 -32.49 30.24 30.45
C ASP B 188 -32.74 31.02 29.16
N GLY B 189 -32.41 32.31 29.15
CA GLY B 189 -32.66 33.14 28.00
C GLY B 189 -34.07 33.67 27.88
N TYR B 190 -34.97 33.32 28.80
CA TYR B 190 -36.36 33.76 28.72
C TYR B 190 -36.48 35.16 29.33
N PHE B 191 -37.07 36.08 28.57
CA PHE B 191 -37.30 37.44 29.04
C PHE B 191 -38.67 37.52 29.71
N LYS B 192 -38.69 37.92 30.97
CA LYS B 192 -39.90 37.92 31.79
C LYS B 192 -40.30 39.35 32.13
N ILE B 193 -41.60 39.63 32.03
CA ILE B 193 -42.15 40.95 32.34
C ILE B 193 -43.21 40.78 33.41
N TYR B 194 -43.12 41.58 34.47
CA TYR B 194 -44.12 41.61 35.54
C TYR B 194 -44.47 43.06 35.80
N SER B 195 -45.75 43.41 35.65
CA SER B 195 -46.17 44.80 35.80
C SER B 195 -47.64 44.85 36.21
N LYS B 196 -47.98 45.88 36.98
CA LYS B 196 -49.36 46.12 37.38
C LYS B 196 -49.48 47.58 37.81
N HIS B 197 -50.40 48.32 37.18
CA HIS B 197 -50.61 49.72 37.53
C HIS B 197 -51.38 49.83 38.84
N THR B 198 -50.90 50.67 39.74
CA THR B 198 -51.52 50.87 41.04
C THR B 198 -51.66 52.36 41.31
N PRO B 199 -52.88 52.89 41.40
CA PRO B 199 -53.04 54.33 41.68
C PRO B 199 -52.59 54.67 43.09
N ILE B 200 -52.06 55.88 43.24
CA ILE B 200 -51.62 56.39 44.53
C ILE B 200 -51.62 57.91 44.45
N ASN B 201 -51.67 58.56 45.61
CA ASN B 201 -51.61 60.02 45.72
C ASN B 201 -50.44 60.35 46.63
N LEU B 202 -49.24 60.41 46.06
CA LEU B 202 -48.03 60.59 46.85
C LEU B 202 -46.89 60.99 45.91
N VAL B 203 -45.93 61.72 46.47
CA VAL B 203 -44.74 62.16 45.75
C VAL B 203 -43.52 61.31 46.10
N ARG B 204 -43.34 61.01 47.38
CA ARG B 204 -42.12 60.41 47.87
C ARG B 204 -42.47 59.59 49.11
N ASP B 205 -41.56 58.69 49.50
CA ASP B 205 -41.71 57.78 50.64
C ASP B 205 -42.91 56.85 50.44
N LEU B 206 -42.76 55.97 49.43
CA LEU B 206 -43.71 54.97 48.95
C LEU B 206 -44.43 54.24 50.08
N PRO B 207 -45.71 53.94 49.92
CA PRO B 207 -46.47 53.34 51.01
C PRO B 207 -46.04 51.90 51.30
N GLN B 208 -46.42 51.44 52.49
CA GLN B 208 -46.10 50.09 52.96
C GLN B 208 -47.13 49.06 52.53
N GLY B 209 -48.09 49.43 51.70
CA GLY B 209 -49.10 48.47 51.26
C GLY B 209 -48.53 47.41 50.34
N PHE B 210 -49.26 46.30 50.25
CA PHE B 210 -48.85 45.15 49.46
C PHE B 210 -49.59 45.14 48.14
N SER B 211 -48.87 44.83 47.06
CA SER B 211 -49.47 44.76 45.73
C SER B 211 -48.63 43.83 44.88
N ALA B 212 -49.17 42.65 44.58
CA ALA B 212 -48.46 41.69 43.74
C ALA B 212 -48.43 42.15 42.29
N LEU B 213 -47.44 41.67 41.56
CA LEU B 213 -47.22 42.05 40.16
C LEU B 213 -47.65 40.89 39.27
N GLU B 214 -48.78 41.07 38.58
CA GLU B 214 -49.28 40.05 37.68
C GLU B 214 -48.44 40.04 36.39
N PRO B 215 -48.08 38.86 35.91
CA PRO B 215 -47.14 38.78 34.78
C PRO B 215 -47.75 39.27 33.47
N LEU B 216 -46.87 39.58 32.53
CA LEU B 216 -47.21 40.17 31.25
C LEU B 216 -46.65 39.28 30.13
N VAL B 217 -46.65 39.80 28.91
CA VAL B 217 -46.28 39.01 27.74
C VAL B 217 -44.85 38.48 27.85
N ASP B 218 -44.68 37.20 27.53
CA ASP B 218 -43.40 36.51 27.63
C ASP B 218 -42.66 36.61 26.31
N LEU B 219 -41.35 36.86 26.39
CA LEU B 219 -40.51 37.01 25.20
C LEU B 219 -39.53 35.85 25.11
N PRO B 220 -39.74 34.87 24.22
CA PRO B 220 -38.78 33.77 24.04
C PRO B 220 -37.64 34.14 23.08
N ILE B 221 -36.66 34.88 23.60
CA ILE B 221 -35.59 35.42 22.77
C ILE B 221 -34.35 34.55 22.88
N GLY B 222 -33.79 34.46 24.09
CA GLY B 222 -32.57 33.65 24.32
C GLY B 222 -31.33 34.35 23.82
N ILE B 223 -30.97 35.48 24.43
CA ILE B 223 -29.79 36.28 23.98
C ILE B 223 -28.98 36.73 25.19
N ASN B 224 -27.70 37.08 24.97
CA ASN B 224 -26.84 37.59 26.07
C ASN B 224 -27.33 38.97 26.51
N ILE B 225 -27.18 39.31 27.79
CA ILE B 225 -27.58 40.67 28.27
C ILE B 225 -26.80 41.01 29.55
N THR B 226 -26.31 42.25 29.66
CA THR B 226 -25.60 42.69 30.86
C THR B 226 -25.77 44.16 31.19
N ARG B 227 -26.32 44.98 30.31
CA ARG B 227 -26.47 46.41 30.54
C ARG B 227 -27.83 46.87 30.05
N PHE B 228 -28.29 48.01 30.58
CA PHE B 228 -29.58 48.56 30.20
C PHE B 228 -29.57 50.07 30.43
N GLN B 229 -30.53 50.74 29.80
CA GLN B 229 -30.66 52.19 29.90
C GLN B 229 -32.11 52.56 29.62
N THR B 230 -32.57 53.63 30.26
CA THR B 230 -33.93 54.13 30.08
C THR B 230 -33.96 55.29 29.09
N LEU B 231 -35.17 55.60 28.63
CA LEU B 231 -35.40 56.68 27.68
C LEU B 231 -36.33 57.72 28.27
N LEU B 232 -36.01 59.00 28.07
CA LEU B 232 -36.79 60.11 28.59
C LEU B 232 -37.25 61.00 27.44
N ALA B 233 -38.30 61.77 27.70
CA ALA B 233 -38.89 62.67 26.72
C ALA B 233 -38.82 64.11 27.23
N LEU B 234 -38.42 65.02 26.36
CA LEU B 234 -38.34 66.44 26.68
C LEU B 234 -39.22 67.24 25.72
N HIS B 235 -39.66 68.40 26.19
CA HIS B 235 -40.58 69.26 25.44
C HIS B 235 -39.84 70.45 24.86
N ARG B 236 -40.32 70.91 23.69
CA ARG B 236 -39.76 72.08 23.01
C ARG B 236 -40.92 73.04 22.76
N SER B 237 -41.18 73.91 23.72
CA SER B 237 -42.26 74.89 23.62
C SER B 237 -41.72 76.18 23.00
N TYR B 238 -42.51 77.25 23.05
CA TYR B 238 -42.08 78.52 22.50
C TYR B 238 -41.14 79.28 23.43
N LEU B 239 -41.05 78.87 24.70
CA LEU B 239 -40.09 79.49 25.62
C LEU B 239 -38.66 79.16 25.20
N THR B 240 -38.37 77.89 24.97
CA THR B 240 -37.04 77.49 24.57
C THR B 240 -36.76 77.90 23.12
N PRO B 241 -35.51 78.20 22.77
CA PRO B 241 -35.20 78.49 21.35
C PRO B 241 -35.40 77.31 20.42
N GLY B 242 -35.40 76.08 20.94
CA GLY B 242 -35.62 74.90 20.13
C GLY B 242 -34.38 74.10 19.81
N ASP B 243 -33.23 74.46 20.37
CA ASP B 243 -31.99 73.72 20.15
C ASP B 243 -31.68 72.87 21.37
N SER B 244 -31.21 71.64 21.13
CA SER B 244 -30.90 70.70 22.20
C SER B 244 -29.46 70.87 22.69
N SER B 245 -29.11 72.10 23.07
CA SER B 245 -27.79 72.39 23.60
C SER B 245 -27.84 72.85 25.05
N SER B 246 -28.60 73.90 25.36
CA SER B 246 -28.70 74.38 26.72
C SER B 246 -30.12 74.74 27.16
N GLY B 247 -31.07 74.88 26.25
CA GLY B 247 -32.43 75.24 26.63
C GLY B 247 -33.45 74.18 26.30
N TRP B 248 -34.03 73.57 27.33
CA TRP B 248 -35.05 72.54 27.14
C TRP B 248 -35.83 72.39 28.44
N THR B 249 -36.99 71.74 28.33
CA THR B 249 -37.81 71.40 29.48
C THR B 249 -38.26 69.95 29.36
N ALA B 250 -38.44 69.30 30.52
CA ALA B 250 -38.80 67.89 30.56
C ALA B 250 -39.95 67.59 31.51
N GLY B 251 -40.59 68.61 32.07
CA GLY B 251 -41.68 68.37 32.99
C GLY B 251 -41.18 67.84 34.33
N ALA B 252 -42.06 67.10 35.01
CA ALA B 252 -41.76 66.51 36.31
C ALA B 252 -41.94 65.01 36.24
N ALA B 253 -40.91 64.27 36.62
CA ALA B 253 -40.96 62.81 36.61
C ALA B 253 -39.93 62.27 37.60
N ALA B 254 -40.10 61.01 37.96
CA ALA B 254 -39.19 60.34 38.88
C ALA B 254 -39.32 58.83 38.69
N TYR B 255 -38.19 58.15 38.48
CA TYR B 255 -38.16 56.72 38.27
C TYR B 255 -37.14 56.08 39.20
N TYR B 256 -37.46 54.89 39.69
CA TYR B 256 -36.60 54.15 40.60
C TYR B 256 -36.04 52.91 39.90
N VAL B 257 -34.78 52.61 40.17
CA VAL B 257 -34.09 51.46 39.58
C VAL B 257 -33.57 50.59 40.71
N GLY B 258 -33.89 49.29 40.66
CA GLY B 258 -33.47 48.37 41.70
C GLY B 258 -32.93 47.08 41.12
N TYR B 259 -32.28 46.30 41.99
CA TYR B 259 -31.69 45.02 41.65
C TYR B 259 -32.34 43.92 42.49
N LEU B 260 -32.36 42.71 41.94
CA LEU B 260 -32.96 41.57 42.59
C LEU B 260 -31.89 40.56 43.00
N GLN B 261 -32.03 40.00 44.20
CA GLN B 261 -31.16 38.95 44.69
C GLN B 261 -32.03 37.85 45.28
N PRO B 262 -31.61 36.59 45.19
CA PRO B 262 -32.50 35.48 45.57
C PRO B 262 -32.46 35.12 47.06
N ARG B 263 -33.62 34.98 47.67
CA ARG B 263 -33.76 34.42 49.01
C ARG B 263 -34.94 33.45 49.01
N THR B 264 -35.24 32.91 50.18
CA THR B 264 -36.38 32.01 50.37
C THR B 264 -37.53 32.80 50.99
N PHE B 265 -38.66 32.85 50.30
CA PHE B 265 -39.80 33.65 50.71
C PHE B 265 -41.01 32.75 50.97
N LEU B 266 -41.72 33.05 52.06
CA LEU B 266 -42.97 32.36 52.39
C LEU B 266 -44.13 33.22 51.93
N LEU B 267 -45.00 32.65 51.10
CA LEU B 267 -46.07 33.40 50.46
C LEU B 267 -47.41 33.07 51.11
N LYS B 268 -48.27 34.09 51.19
CA LYS B 268 -49.59 33.96 51.78
C LYS B 268 -50.62 34.02 50.66
N TYR B 269 -51.38 32.94 50.48
CA TYR B 269 -52.37 32.83 49.42
C TYR B 269 -53.78 32.88 50.02
N ASN B 270 -54.64 33.69 49.40
CA ASN B 270 -56.02 33.82 49.84
C ASN B 270 -56.89 32.81 49.10
N GLU B 271 -58.22 32.97 49.21
CA GLU B 271 -59.14 32.02 48.58
C GLU B 271 -59.11 32.11 47.06
N ASN B 272 -58.74 33.26 46.50
CA ASN B 272 -58.74 33.47 45.06
C ASN B 272 -57.32 33.50 44.47
N GLY B 273 -56.34 32.98 45.21
CA GLY B 273 -54.99 32.88 44.69
C GLY B 273 -54.26 34.18 44.43
N THR B 274 -54.33 35.13 45.37
CA THR B 274 -53.59 36.38 45.29
C THR B 274 -52.69 36.50 46.50
N ILE B 275 -51.47 36.99 46.28
CA ILE B 275 -50.49 37.10 47.35
C ILE B 275 -50.89 38.23 48.30
N THR B 276 -50.90 37.94 49.60
CA THR B 276 -51.13 38.94 50.64
C THR B 276 -49.87 39.32 51.40
N ASP B 277 -49.05 38.34 51.78
CA ASP B 277 -47.84 38.59 52.55
C ASP B 277 -46.67 37.80 51.96
N ALA B 278 -45.47 38.30 52.20
CA ALA B 278 -44.22 37.75 51.67
C ALA B 278 -43.16 37.66 52.76
N VAL B 279 -43.52 37.05 53.89
CA VAL B 279 -42.62 36.98 55.04
C VAL B 279 -41.36 36.21 54.68
N ASP B 280 -40.20 36.78 55.03
CA ASP B 280 -38.90 36.25 54.66
C ASP B 280 -38.43 35.22 55.69
N CYS B 281 -37.22 34.69 55.45
CA CYS B 281 -36.60 33.73 56.37
C CYS B 281 -35.18 34.12 56.79
N ALA B 282 -34.54 35.05 56.09
CA ALA B 282 -33.18 35.47 56.42
C ALA B 282 -33.08 36.96 56.73
N LEU B 283 -34.20 37.58 57.14
CA LEU B 283 -34.23 39.01 57.43
C LEU B 283 -34.34 39.29 58.94
N ASP B 284 -35.26 38.63 59.63
CA ASP B 284 -35.49 38.86 61.03
C ASP B 284 -35.61 37.53 61.77
N PRO B 285 -35.16 37.48 63.03
CA PRO B 285 -35.40 36.26 63.83
C PRO B 285 -36.87 35.94 64.02
N LEU B 286 -37.74 36.95 64.06
CA LEU B 286 -39.18 36.70 64.08
C LEU B 286 -39.65 36.11 62.75
N SER B 287 -39.09 36.60 61.64
CA SER B 287 -39.50 36.12 60.33
C SER B 287 -39.07 34.68 60.08
N GLU B 288 -37.87 34.31 60.55
CA GLU B 288 -37.41 32.94 60.36
C GLU B 288 -38.20 31.96 61.22
N THR B 289 -38.70 32.43 62.36
CA THR B 289 -39.53 31.57 63.21
C THR B 289 -40.90 31.34 62.57
N LYS B 290 -41.44 32.37 61.91
CA LYS B 290 -42.75 32.24 61.27
C LYS B 290 -42.69 31.26 60.10
N CYS B 291 -41.63 31.32 59.29
CA CYS B 291 -41.57 30.53 58.08
C CYS B 291 -41.01 29.13 58.30
N THR B 292 -40.40 28.85 59.45
CA THR B 292 -39.96 27.49 59.72
C THR B 292 -41.10 26.62 60.26
N LEU B 293 -42.14 27.24 60.81
CA LEU B 293 -43.31 26.53 61.29
C LEU B 293 -44.43 26.47 60.26
N LYS B 294 -44.25 27.14 59.11
CA LYS B 294 -45.24 27.21 58.04
C LYS B 294 -46.58 27.74 58.55
N SER B 295 -46.53 28.76 59.41
CA SER B 295 -47.73 29.36 59.95
C SER B 295 -47.46 30.83 60.25
N PHE B 296 -48.52 31.63 60.21
CA PHE B 296 -48.44 33.05 60.53
C PHE B 296 -48.69 33.35 61.99
N THR B 297 -49.15 32.38 62.77
CA THR B 297 -49.45 32.55 64.19
C THR B 297 -48.42 31.77 64.99
N VAL B 298 -47.69 32.47 65.86
CA VAL B 298 -46.65 31.87 66.68
C VAL B 298 -47.05 32.02 68.14
N GLU B 299 -47.11 30.90 68.85
CA GLU B 299 -47.48 30.89 70.25
C GLU B 299 -46.22 30.99 71.11
N LYS B 300 -46.36 30.79 72.42
CA LYS B 300 -45.25 30.89 73.36
C LYS B 300 -44.57 29.53 73.49
N GLY B 301 -43.25 29.52 73.39
CA GLY B 301 -42.50 28.29 73.49
C GLY B 301 -41.12 28.45 72.88
N ILE B 302 -40.42 27.31 72.83
CA ILE B 302 -39.07 27.26 72.27
C ILE B 302 -39.16 26.71 70.84
N TYR B 303 -38.60 27.46 69.90
CA TYR B 303 -38.60 27.08 68.49
C TYR B 303 -37.18 27.12 67.95
N GLN B 304 -36.78 26.06 67.26
CA GLN B 304 -35.47 25.96 66.65
C GLN B 304 -35.57 26.21 65.16
N THR B 305 -34.79 27.17 64.65
CA THR B 305 -34.87 27.57 63.25
C THR B 305 -33.68 27.07 62.44
N SER B 306 -32.46 27.31 62.90
CA SER B 306 -31.27 26.93 62.15
C SER B 306 -30.16 26.57 63.14
N ASN B 307 -28.95 26.47 62.64
CA ASN B 307 -27.77 26.11 63.43
C ASN B 307 -26.78 27.27 63.42
N PHE B 308 -25.72 27.13 64.23
CA PHE B 308 -24.67 28.13 64.35
C PHE B 308 -23.32 27.42 64.20
N ARG B 309 -22.72 27.55 63.02
CA ARG B 309 -21.45 26.90 62.70
C ARG B 309 -20.37 27.96 62.64
N VAL B 310 -19.40 27.87 63.55
CA VAL B 310 -18.25 28.79 63.58
C VAL B 310 -17.23 28.24 62.59
N GLN B 311 -17.22 28.79 61.37
CA GLN B 311 -16.28 28.35 60.35
C GLN B 311 -14.86 28.78 60.72
N PRO B 312 -13.85 27.94 60.47
CA PRO B 312 -12.47 28.36 60.73
C PRO B 312 -12.04 29.47 59.79
N THR B 313 -11.17 30.34 60.30
CA THR B 313 -10.70 31.49 59.55
C THR B 313 -9.26 31.39 59.09
N GLU B 314 -8.43 30.57 59.73
CA GLU B 314 -7.03 30.41 59.38
C GLU B 314 -6.71 28.94 59.15
N SER B 315 -5.66 28.70 58.38
CA SER B 315 -5.22 27.34 58.07
C SER B 315 -3.70 27.36 57.93
N ILE B 316 -3.02 26.63 58.81
CA ILE B 316 -1.56 26.57 58.83
C ILE B 316 -1.12 25.15 58.54
N VAL B 317 0.09 25.02 58.00
CA VAL B 317 0.71 23.73 57.72
C VAL B 317 2.08 23.72 58.38
N ARG B 318 2.51 22.54 58.84
CA ARG B 318 3.79 22.49 59.59
C ARG B 318 4.54 21.19 59.26
N PHE B 319 5.86 21.27 59.12
CA PHE B 319 6.68 20.06 58.87
C PHE B 319 7.66 19.88 60.04
N PRO B 320 7.92 18.64 60.51
CA PRO B 320 8.89 18.41 61.58
C PRO B 320 10.23 19.07 61.23
N ASN B 321 10.79 19.88 62.15
CA ASN B 321 12.13 20.46 61.88
C ASN B 321 13.11 19.30 61.64
N ILE B 322 12.63 18.06 61.76
CA ILE B 322 13.49 16.87 61.47
C ILE B 322 13.29 16.48 60.00
N THR B 323 13.86 17.27 59.08
CA THR B 323 13.66 17.01 57.63
C THR B 323 14.43 15.75 57.21
N ASN B 324 13.85 14.95 56.30
CA ASN B 324 14.55 13.74 55.80
C ASN B 324 15.43 14.14 54.61
N LEU B 325 16.71 14.42 54.87
CA LEU B 325 17.61 14.88 53.79
C LEU B 325 17.67 13.81 52.67
N CYS B 326 17.37 14.20 51.44
CA CYS B 326 17.43 13.25 50.29
C CYS B 326 18.89 12.96 49.96
N PRO B 327 19.24 11.75 49.47
CA PRO B 327 20.62 11.45 49.06
C PRO B 327 21.04 12.16 47.78
N PHE B 328 21.02 13.50 47.81
CA PHE B 328 21.42 14.30 46.66
C PHE B 328 22.92 14.55 46.61
N GLY B 329 23.65 14.22 47.66
CA GLY B 329 25.07 14.51 47.73
C GLY B 329 25.94 13.55 46.97
N GLU B 330 25.85 12.25 47.29
CA GLU B 330 26.70 11.26 46.65
C GLU B 330 26.31 11.00 45.19
N VAL B 331 25.08 11.30 44.80
CA VAL B 331 24.70 11.13 43.41
C VAL B 331 25.30 12.23 42.55
N PHE B 332 25.63 13.37 43.14
CA PHE B 332 26.31 14.44 42.42
C PHE B 332 27.83 14.40 42.66
N ASN B 333 28.25 14.11 43.88
CA ASN B 333 29.67 14.00 44.21
C ASN B 333 30.09 12.53 44.14
N ALA B 334 30.05 11.99 42.93
CA ALA B 334 30.40 10.60 42.66
C ALA B 334 31.78 10.54 42.01
N THR B 335 32.66 9.70 42.59
CA THR B 335 33.99 9.56 42.03
C THR B 335 33.97 8.82 40.69
N ARG B 336 33.06 7.86 40.55
CA ARG B 336 32.95 7.04 39.34
C ARG B 336 31.64 7.35 38.62
N PHE B 337 31.72 7.44 37.29
CA PHE B 337 30.55 7.65 36.45
C PHE B 337 30.53 6.58 35.37
N ALA B 338 29.34 6.03 35.12
CA ALA B 338 29.19 4.97 34.14
C ALA B 338 29.11 5.55 32.73
N SER B 339 29.15 4.65 31.75
CA SER B 339 29.14 5.05 30.35
C SER B 339 27.72 5.35 29.89
N VAL B 340 27.62 5.92 28.68
CA VAL B 340 26.33 6.37 28.16
C VAL B 340 25.45 5.17 27.83
N TYR B 341 26.03 4.08 27.32
CA TYR B 341 25.23 2.91 26.97
C TYR B 341 24.84 2.10 28.20
N ALA B 342 25.48 2.33 29.35
CA ALA B 342 25.21 1.61 30.59
C ALA B 342 24.97 2.61 31.72
N TRP B 343 24.10 3.59 31.46
CA TRP B 343 23.83 4.64 32.41
C TRP B 343 23.17 4.09 33.68
N ASN B 344 23.59 4.63 34.82
CA ASN B 344 23.05 4.18 36.10
C ASN B 344 21.60 4.65 36.27
N ARG B 345 20.87 3.93 37.09
CA ARG B 345 19.49 4.27 37.43
C ARG B 345 19.35 4.22 38.94
N LYS B 346 19.31 5.40 39.57
CA LYS B 346 19.21 5.52 41.02
C LYS B 346 17.84 6.06 41.38
N ARG B 347 17.14 5.36 42.27
CA ARG B 347 15.82 5.78 42.73
C ARG B 347 15.96 6.51 44.06
N ILE B 348 15.38 7.69 44.13
CA ILE B 348 15.39 8.51 45.35
C ILE B 348 13.95 8.72 45.78
N SER B 349 13.64 8.36 47.02
CA SER B 349 12.27 8.46 47.52
C SER B 349 12.32 8.59 49.04
N ASN B 350 11.12 8.62 49.63
CA ASN B 350 10.87 8.65 51.08
C ASN B 350 11.75 9.66 51.82
N CYS B 351 12.01 10.80 51.20
CA CYS B 351 12.86 11.82 51.80
C CYS B 351 12.35 13.20 51.43
N VAL B 352 12.69 14.18 52.26
CA VAL B 352 12.29 15.57 52.04
C VAL B 352 13.25 16.19 51.03
N ALA B 353 12.71 16.66 49.91
CA ALA B 353 13.54 17.18 48.83
C ALA B 353 14.17 18.50 49.21
N ASP B 354 15.40 18.71 48.73
CA ASP B 354 16.16 19.94 48.97
C ASP B 354 16.84 20.32 47.66
N TYR B 355 16.17 21.14 46.86
CA TYR B 355 16.71 21.66 45.63
C TYR B 355 17.40 23.02 45.79
N SER B 356 17.49 23.52 47.04
CA SER B 356 18.09 24.84 47.25
C SER B 356 19.55 24.87 46.83
N VAL B 357 20.33 23.86 47.24
CA VAL B 357 21.74 23.79 46.84
C VAL B 357 21.89 23.50 45.36
N LEU B 358 20.85 22.99 44.70
CA LEU B 358 20.94 22.66 43.28
C LEU B 358 21.01 23.91 42.42
N TYR B 359 20.14 24.90 42.69
CA TYR B 359 20.15 26.11 41.88
C TYR B 359 20.98 27.25 42.47
N ASN B 360 21.33 27.18 43.76
CA ASN B 360 22.22 28.20 44.32
C ASN B 360 23.67 27.99 43.93
N SER B 361 24.01 26.84 43.35
CA SER B 361 25.33 26.62 42.81
C SER B 361 25.41 27.17 41.39
N ALA B 362 26.65 27.45 40.94
CA ALA B 362 26.85 27.99 39.61
C ALA B 362 27.99 27.30 38.85
N SER B 363 28.56 26.22 39.40
CA SER B 363 29.58 25.49 38.68
C SER B 363 29.02 24.71 37.51
N PHE B 364 27.70 24.55 37.44
CA PHE B 364 27.04 23.83 36.37
C PHE B 364 26.94 24.72 35.12
N SER B 365 26.55 24.10 34.00
CA SER B 365 26.43 24.79 32.74
C SER B 365 25.03 24.80 32.15
N THR B 366 24.25 23.74 32.37
CA THR B 366 22.90 23.64 31.82
C THR B 366 21.93 23.35 32.95
N PHE B 367 20.90 24.18 33.08
CA PHE B 367 19.87 24.04 34.10
C PHE B 367 18.49 24.22 33.48
N LYS B 368 18.25 23.54 32.37
CA LYS B 368 16.96 23.61 31.69
C LYS B 368 16.03 22.53 32.24
N CYS B 369 14.81 22.93 32.59
CA CYS B 369 13.81 22.02 33.15
C CYS B 369 12.64 21.95 32.19
N TYR B 370 12.50 20.82 31.52
CA TYR B 370 11.40 20.62 30.58
C TYR B 370 10.14 20.19 31.31
N GLY B 371 8.99 20.59 30.77
CA GLY B 371 7.72 20.20 31.33
C GLY B 371 7.28 21.03 32.51
N VAL B 372 8.07 21.02 33.58
CA VAL B 372 7.73 21.72 34.82
C VAL B 372 8.66 22.93 34.96
N SER B 373 8.12 24.00 35.56
CA SER B 373 8.85 25.24 35.80
C SER B 373 9.69 25.11 37.07
N PRO B 374 11.00 25.39 37.01
CA PRO B 374 11.84 25.20 38.20
C PRO B 374 11.68 26.28 39.27
N THR B 375 10.91 27.35 39.00
CA THR B 375 10.72 28.38 40.02
C THR B 375 9.86 27.89 41.17
N LYS B 376 9.02 26.89 40.93
CA LYS B 376 8.20 26.27 41.97
C LYS B 376 8.58 24.79 42.05
N LEU B 377 9.55 24.49 42.91
CA LEU B 377 9.97 23.13 43.20
C LEU B 377 9.82 22.77 44.67
N ASN B 378 9.85 23.76 45.56
CA ASN B 378 9.60 23.51 46.98
C ASN B 378 8.11 23.52 47.31
N ASP B 379 7.25 23.82 46.34
CA ASP B 379 5.81 23.83 46.54
C ASP B 379 5.10 22.65 45.87
N LEU B 380 5.85 21.69 45.33
CA LEU B 380 5.29 20.58 44.57
C LEU B 380 5.63 19.26 45.23
N CYS B 381 4.67 18.34 45.24
CA CYS B 381 4.83 17.01 45.81
C CYS B 381 4.87 15.98 44.69
N PHE B 382 5.82 15.05 44.76
CA PHE B 382 5.98 14.00 43.78
C PHE B 382 6.08 12.64 44.46
N THR B 383 5.63 11.61 43.74
CA THR B 383 5.63 10.26 44.31
C THR B 383 6.99 9.58 44.14
N ASN B 384 7.54 9.61 42.93
CA ASN B 384 8.79 8.92 42.62
C ASN B 384 9.76 9.90 41.97
N VAL B 385 11.03 9.81 42.38
CA VAL B 385 12.10 10.64 41.84
C VAL B 385 13.20 9.71 41.34
N TYR B 386 13.64 9.91 40.11
CA TYR B 386 14.69 9.10 39.51
C TYR B 386 15.83 10.00 39.03
N ALA B 387 17.05 9.47 39.05
CA ALA B 387 18.22 10.23 38.66
C ALA B 387 19.18 9.32 37.91
N ASP B 388 19.45 9.65 36.66
CA ASP B 388 20.43 8.93 35.84
C ASP B 388 21.76 9.67 35.85
N SER B 389 22.79 9.00 35.35
CA SER B 389 24.12 9.60 35.35
C SER B 389 24.95 9.02 34.20
N PHE B 390 25.50 9.91 33.37
CA PHE B 390 26.42 9.51 32.31
C PHE B 390 27.27 10.71 31.93
N VAL B 391 28.38 10.44 31.27
CA VAL B 391 29.34 11.46 30.85
C VAL B 391 29.34 11.53 29.33
N ILE B 392 29.15 12.73 28.78
CA ILE B 392 29.08 12.93 27.35
C ILE B 392 29.95 14.12 26.97
N ARG B 393 30.40 14.13 25.71
CA ARG B 393 31.19 15.23 25.18
C ARG B 393 30.35 16.50 25.11
N GLY B 394 31.03 17.64 25.20
CA GLY B 394 30.36 18.94 25.18
C GLY B 394 29.59 19.23 23.90
N ASP B 395 29.95 18.57 22.79
CA ASP B 395 29.18 18.74 21.57
C ASP B 395 27.82 18.06 21.67
N GLU B 396 27.77 16.86 22.23
CA GLU B 396 26.52 16.10 22.33
C GLU B 396 25.80 16.32 23.66
N VAL B 397 25.54 17.58 23.99
CA VAL B 397 24.74 17.93 25.15
C VAL B 397 23.34 18.35 24.75
N ARG B 398 23.20 19.05 23.62
CA ARG B 398 21.88 19.44 23.13
C ARG B 398 21.09 18.24 22.62
N GLN B 399 21.75 17.11 22.34
CA GLN B 399 21.05 15.91 21.92
C GLN B 399 20.30 15.24 23.07
N ILE B 400 20.61 15.60 24.31
CA ILE B 400 19.91 15.04 25.46
C ILE B 400 18.46 15.49 25.48
N ALA B 401 18.19 16.72 25.05
CA ALA B 401 16.83 17.25 25.04
C ALA B 401 15.94 16.44 24.09
N PRO B 402 14.68 16.21 24.45
CA PRO B 402 13.78 15.48 23.56
C PRO B 402 13.49 16.26 22.28
N GLY B 403 13.27 15.51 21.20
CA GLY B 403 13.00 16.10 19.91
C GLY B 403 14.19 16.06 18.99
N GLN B 404 15.38 16.31 19.53
CA GLN B 404 16.60 16.26 18.74
C GLN B 404 16.99 14.82 18.44
N THR B 405 17.75 14.64 17.37
CA THR B 405 18.20 13.33 16.93
C THR B 405 19.70 13.33 16.76
N GLY B 406 20.31 12.15 16.88
CA GLY B 406 21.73 12.01 16.76
C GLY B 406 22.18 10.62 17.14
N LYS B 407 23.50 10.45 17.23
CA LYS B 407 24.05 9.15 17.62
C LYS B 407 23.70 8.83 19.06
N ILE B 408 23.93 9.77 19.99
CA ILE B 408 23.61 9.54 21.38
C ILE B 408 22.10 9.53 21.61
N ALA B 409 21.36 10.41 20.92
CA ALA B 409 19.95 10.59 21.17
C ALA B 409 19.09 9.41 20.73
N ASP B 410 19.58 8.60 19.79
CA ASP B 410 18.79 7.50 19.25
C ASP B 410 19.42 6.12 19.41
N TYR B 411 20.71 6.02 19.68
CA TYR B 411 21.36 4.73 19.81
C TYR B 411 21.83 4.40 21.22
N ASN B 412 21.92 5.39 22.11
CA ASN B 412 22.40 5.17 23.47
C ASN B 412 21.43 5.61 24.53
N TYR B 413 20.77 6.76 24.36
CA TYR B 413 19.85 7.27 25.37
C TYR B 413 18.79 8.13 24.68
N LYS B 414 17.53 7.75 24.84
CA LYS B 414 16.41 8.46 24.23
C LYS B 414 15.47 8.92 25.34
N LEU B 415 15.00 10.18 25.24
CA LEU B 415 14.07 10.73 26.20
C LEU B 415 12.69 10.87 25.57
N PRO B 416 11.61 10.65 26.34
CA PRO B 416 10.27 10.79 25.78
C PRO B 416 9.92 12.25 25.50
N ASP B 417 8.95 12.42 24.61
CA ASP B 417 8.53 13.76 24.19
C ASP B 417 7.69 14.48 25.25
N ASP B 418 7.23 13.77 26.28
CA ASP B 418 6.45 14.37 27.36
C ASP B 418 7.27 14.41 28.66
N PHE B 419 8.56 14.72 28.54
CA PHE B 419 9.44 14.74 29.69
C PHE B 419 9.13 15.94 30.58
N THR B 420 8.92 15.67 31.87
CA THR B 420 8.54 16.69 32.84
C THR B 420 9.56 16.76 33.98
N GLY B 421 10.83 16.57 33.66
CA GLY B 421 11.88 16.63 34.66
C GLY B 421 12.90 17.72 34.40
N CYS B 422 14.12 17.53 34.91
CA CYS B 422 15.19 18.50 34.75
C CYS B 422 16.47 17.79 34.32
N VAL B 423 17.30 18.53 33.58
CA VAL B 423 18.59 18.04 33.12
C VAL B 423 19.67 18.98 33.64
N ILE B 424 20.64 18.45 34.36
CA ILE B 424 21.74 19.23 34.92
C ILE B 424 23.05 18.71 34.35
N ALA B 425 23.94 19.62 33.98
CA ALA B 425 25.19 19.27 33.35
C ALA B 425 26.29 20.21 33.83
N TRP B 426 27.52 19.70 33.89
CA TRP B 426 28.67 20.48 34.30
C TRP B 426 29.92 19.92 33.67
N ASN B 427 31.00 20.71 33.71
CA ASN B 427 32.26 20.39 33.07
C ASN B 427 33.27 19.95 34.12
N SER B 428 33.94 18.82 33.88
CA SER B 428 34.99 18.33 34.77
C SER B 428 36.03 17.62 33.91
N ASN B 429 37.09 18.36 33.53
CA ASN B 429 38.12 17.84 32.64
C ASN B 429 39.31 17.24 33.38
N ASN B 430 39.76 17.88 34.47
CA ASN B 430 40.92 17.37 35.19
C ASN B 430 40.60 16.08 35.95
N LEU B 431 39.39 15.98 36.50
CA LEU B 431 39.03 14.80 37.29
C LEU B 431 38.78 13.58 36.40
N ASP B 432 38.07 13.77 35.29
CA ASP B 432 37.68 12.66 34.44
C ASP B 432 38.78 12.23 33.46
N SER B 433 39.90 12.94 33.41
CA SER B 433 40.96 12.60 32.47
C SER B 433 42.31 12.95 33.07
N LYS B 434 43.23 12.01 33.05
CA LYS B 434 44.63 12.28 33.34
C LYS B 434 45.29 12.85 32.08
N VAL B 435 46.61 13.03 32.11
CA VAL B 435 47.24 13.63 30.94
C VAL B 435 47.39 12.61 29.81
N GLY B 436 47.44 11.32 30.15
CA GLY B 436 47.52 10.30 29.12
C GLY B 436 46.24 10.03 28.38
N GLY B 437 45.15 10.64 28.80
CA GLY B 437 43.85 10.41 28.20
C GLY B 437 43.11 9.25 28.85
N ASN B 438 41.78 9.33 28.78
CA ASN B 438 40.92 8.32 29.36
C ASN B 438 40.38 7.42 28.24
N TYR B 439 40.63 6.12 28.35
CA TYR B 439 40.26 5.17 27.31
C TYR B 439 39.39 4.04 27.83
N ASN B 440 38.84 4.17 29.04
CA ASN B 440 37.96 3.16 29.61
C ASN B 440 36.48 3.45 29.31
N TYR B 441 36.21 4.46 28.48
CA TYR B 441 34.85 4.85 28.15
C TYR B 441 34.48 4.25 26.80
N LEU B 442 33.30 3.64 26.73
CA LEU B 442 32.81 2.97 25.54
C LEU B 442 31.46 3.55 25.17
N TYR B 443 31.13 3.50 23.87
CA TYR B 443 29.86 4.04 23.40
C TYR B 443 29.47 3.35 22.09
N ARG B 444 28.20 3.50 21.72
CA ARG B 444 27.61 2.79 20.60
C ARG B 444 27.44 3.70 19.39
N LEU B 445 27.80 3.19 18.22
CA LEU B 445 27.57 3.89 16.96
C LEU B 445 26.62 3.17 16.01
N PHE B 446 26.34 1.89 16.23
CA PHE B 446 25.51 1.11 15.33
C PHE B 446 24.45 0.34 16.12
N ARG B 447 23.29 0.17 15.50
CA ARG B 447 22.20 -0.57 16.11
C ARG B 447 21.30 -1.10 15.01
N LYS B 448 20.50 -2.11 15.36
CA LYS B 448 19.56 -2.69 14.39
C LYS B 448 18.47 -1.69 14.01
N SER B 449 17.96 -0.95 14.99
CA SER B 449 16.91 0.04 14.74
C SER B 449 17.04 1.14 15.80
N ASN B 450 16.02 1.98 15.88
CA ASN B 450 16.00 3.04 16.88
C ASN B 450 15.69 2.46 18.26
N LEU B 451 15.97 3.26 19.28
CA LEU B 451 15.79 2.85 20.67
C LEU B 451 14.60 3.60 21.28
N LYS B 452 13.73 2.86 21.96
CA LYS B 452 12.60 3.46 22.64
C LYS B 452 13.09 4.29 23.84
N PRO B 453 12.33 5.30 24.26
CA PRO B 453 12.72 6.08 25.43
C PRO B 453 12.79 5.25 26.69
N PHE B 454 13.73 5.62 27.57
CA PHE B 454 13.98 4.94 28.85
C PHE B 454 14.29 3.45 28.64
N GLU B 455 15.08 3.15 27.62
CA GLU B 455 15.52 1.79 27.35
C GLU B 455 17.03 1.77 27.19
N ARG B 456 17.68 0.86 27.90
CA ARG B 456 19.13 0.69 27.84
C ARG B 456 19.45 -0.71 27.34
N ASP B 457 20.59 -0.83 26.66
CA ASP B 457 21.05 -2.10 26.13
C ASP B 457 22.44 -2.41 26.66
N ILE B 458 22.65 -3.67 27.06
CA ILE B 458 23.94 -4.13 27.56
C ILE B 458 24.61 -5.09 26.60
N SER B 459 23.92 -5.57 25.57
CA SER B 459 24.50 -6.51 24.63
C SER B 459 25.58 -5.85 23.78
N THR B 460 26.66 -6.59 23.56
CA THR B 460 27.80 -6.09 22.78
C THR B 460 28.30 -7.16 21.82
N LEU B 482 30.27 -1.18 19.57
CA LEU B 482 30.89 -0.54 20.72
C LEU B 482 32.32 -0.13 20.40
N GLN B 483 32.61 1.16 20.54
CA GLN B 483 33.93 1.71 20.24
C GLN B 483 34.41 2.53 21.42
N SER B 484 35.74 2.55 21.59
CA SER B 484 36.37 3.30 22.67
C SER B 484 36.37 4.79 22.34
N TYR B 485 36.64 5.59 23.36
CA TYR B 485 36.65 7.04 23.22
C TYR B 485 37.99 7.59 23.71
N GLY B 486 38.45 8.67 23.07
CA GLY B 486 39.74 9.28 23.37
C GLY B 486 39.57 10.65 23.98
N PHE B 487 40.31 10.90 25.06
CA PHE B 487 40.30 12.18 25.76
C PHE B 487 41.68 12.82 25.68
N GLN B 488 41.71 14.15 25.62
CA GLN B 488 42.94 14.92 25.64
C GLN B 488 42.83 16.04 26.66
N PRO B 489 43.95 16.41 27.29
CA PRO B 489 43.90 17.54 28.24
C PRO B 489 43.91 18.89 27.55
N THR B 490 44.56 19.00 26.39
CA THR B 490 44.69 20.26 25.67
C THR B 490 43.81 20.28 24.42
N ASN B 491 42.68 19.58 24.46
CA ASN B 491 41.76 19.56 23.33
C ASN B 491 40.87 20.81 23.39
N GLY B 492 39.87 20.86 22.51
CA GLY B 492 38.96 21.99 22.48
C GLY B 492 37.99 21.98 23.66
N VAL B 493 37.33 23.12 23.84
CA VAL B 493 36.33 23.23 24.90
C VAL B 493 35.13 22.34 24.60
N GLY B 494 34.79 22.19 23.31
CA GLY B 494 33.69 21.32 22.94
C GLY B 494 34.02 19.84 23.01
N TYR B 495 35.30 19.50 23.13
CA TYR B 495 35.74 18.12 23.24
C TYR B 495 36.03 17.70 24.68
N GLN B 496 35.82 18.60 25.64
CA GLN B 496 36.09 18.28 27.04
C GLN B 496 34.95 17.44 27.62
N PRO B 497 35.23 16.62 28.64
CA PRO B 497 34.17 15.79 29.24
C PRO B 497 33.16 16.63 29.98
N TYR B 498 31.89 16.25 29.86
CA TYR B 498 30.80 16.87 30.60
C TYR B 498 29.96 15.78 31.26
N ARG B 499 29.69 15.97 32.55
CA ARG B 499 28.88 15.02 33.31
C ARG B 499 27.44 15.47 33.27
N VAL B 500 26.54 14.58 32.84
CA VAL B 500 25.14 14.90 32.66
C VAL B 500 24.31 14.00 33.57
N VAL B 501 23.47 14.63 34.39
CA VAL B 501 22.53 13.93 35.27
C VAL B 501 21.12 14.37 34.88
N VAL B 502 20.24 13.39 34.65
CA VAL B 502 18.87 13.64 34.25
C VAL B 502 17.96 13.25 35.41
N LEU B 503 17.13 14.19 35.83
CA LEU B 503 16.18 13.97 36.92
C LEU B 503 14.78 13.81 36.35
N SER B 504 14.09 12.76 36.77
CA SER B 504 12.76 12.44 36.28
C SER B 504 11.78 12.40 37.45
N PHE B 505 10.65 13.08 37.29
CA PHE B 505 9.61 13.13 38.31
C PHE B 505 8.33 12.55 37.75
N GLU B 506 7.75 11.58 38.46
CA GLU B 506 6.54 10.90 38.03
C GLU B 506 5.52 10.90 39.15
N LEU B 507 4.25 10.81 38.77
CA LEU B 507 3.13 10.76 39.70
C LEU B 507 2.44 9.40 39.57
N LEU B 508 2.19 8.76 40.71
CA LEU B 508 1.53 7.46 40.75
C LEU B 508 0.38 7.50 41.74
N HIS B 509 -0.33 6.38 41.86
CA HIS B 509 -1.44 6.28 42.81
C HIS B 509 -0.97 6.18 44.25
N ALA B 510 0.31 5.88 44.48
CA ALA B 510 0.84 5.82 45.82
C ALA B 510 0.89 7.23 46.43
N PRO B 511 0.79 7.34 47.75
CA PRO B 511 0.93 8.65 48.39
C PRO B 511 2.31 9.25 48.16
N ALA B 512 2.36 10.58 48.10
CA ALA B 512 3.60 11.27 47.79
C ALA B 512 4.62 11.10 48.91
N THR B 513 5.83 10.67 48.56
CA THR B 513 6.87 10.42 49.58
C THR B 513 8.05 11.38 49.39
N VAL B 514 8.11 12.08 48.26
CA VAL B 514 9.25 12.99 47.98
C VAL B 514 8.72 14.41 47.72
N CYS B 515 8.19 15.06 48.76
CA CYS B 515 7.73 16.47 48.61
C CYS B 515 8.93 17.39 48.83
N GLY B 516 8.75 18.70 48.67
CA GLY B 516 9.86 19.66 48.89
C GLY B 516 10.13 19.89 50.36
N PRO B 517 10.91 20.92 50.75
CA PRO B 517 11.23 21.21 52.14
C PRO B 517 9.95 21.46 52.96
N LYS B 518 8.84 21.77 52.29
CA LYS B 518 7.53 22.04 52.97
C LYS B 518 7.60 23.38 53.72
N LYS B 519 6.55 23.71 54.48
CA LYS B 519 6.52 25.01 55.19
C LYS B 519 6.00 24.80 56.62
N SER B 520 6.55 25.53 57.59
CA SER B 520 6.09 25.42 59.00
C SER B 520 5.12 26.55 59.33
N THR B 521 5.09 27.60 58.50
CA THR B 521 4.21 28.77 58.74
C THR B 521 4.43 29.30 60.16
N ASN B 522 3.34 29.60 60.89
CA ASN B 522 3.46 30.16 62.26
C ASN B 522 2.71 29.25 63.24
N LEU B 523 2.92 29.47 64.55
CA LEU B 523 2.20 28.68 65.55
C LEU B 523 1.20 29.59 66.26
N VAL B 524 -0.07 29.46 65.89
CA VAL B 524 -1.15 30.23 66.50
C VAL B 524 -1.91 29.30 67.44
N LYS B 525 -2.21 29.81 68.64
CA LYS B 525 -2.85 29.01 69.68
C LYS B 525 -4.16 29.67 70.12
N ASN B 526 -5.05 28.83 70.64
CA ASN B 526 -6.35 29.24 71.18
C ASN B 526 -7.24 29.90 70.12
N LYS B 527 -7.08 29.50 68.85
CA LYS B 527 -7.93 29.96 67.77
C LYS B 527 -8.38 28.78 66.93
N CYS B 528 -9.57 28.91 66.34
CA CYS B 528 -10.11 27.90 65.42
C CYS B 528 -9.30 27.90 64.12
N VAL B 529 -8.27 27.06 64.05
CA VAL B 529 -7.33 27.06 62.94
C VAL B 529 -7.14 25.63 62.43
N ASN B 530 -7.05 25.48 61.11
CA ASN B 530 -6.82 24.18 60.50
C ASN B 530 -5.33 23.85 60.49
N PHE B 531 -5.00 22.58 60.71
CA PHE B 531 -3.62 22.12 60.72
C PHE B 531 -3.51 20.76 60.03
N ASN B 532 -2.30 20.46 59.56
CA ASN B 532 -1.99 19.18 58.92
C ASN B 532 -0.74 18.62 59.61
N PHE B 533 -0.94 17.89 60.71
CA PHE B 533 0.16 17.36 61.50
C PHE B 533 0.51 15.92 61.08
N ASN B 534 0.83 15.79 59.79
CA ASN B 534 1.45 14.62 59.18
C ASN B 534 0.56 13.39 59.15
N GLY B 535 -0.63 13.44 59.73
CA GLY B 535 -1.51 12.29 59.70
C GLY B 535 -2.98 12.59 59.48
N LEU B 536 -3.35 13.86 59.48
CA LEU B 536 -4.74 14.27 59.34
C LEU B 536 -4.79 15.76 59.04
N THR B 537 -5.93 16.19 58.48
CA THR B 537 -6.21 17.60 58.23
C THR B 537 -7.40 17.97 59.12
N GLY B 538 -7.11 18.41 60.34
CA GLY B 538 -8.14 18.72 61.30
C GLY B 538 -8.26 20.20 61.62
N THR B 539 -9.44 20.62 62.09
CA THR B 539 -9.70 22.00 62.45
C THR B 539 -10.02 22.06 63.94
N GLY B 540 -9.39 23.00 64.64
CA GLY B 540 -9.64 23.17 66.05
C GLY B 540 -8.60 24.03 66.70
N VAL B 541 -8.81 24.30 67.99
CA VAL B 541 -7.89 25.12 68.75
C VAL B 541 -6.69 24.28 69.19
N LEU B 542 -5.61 24.97 69.57
CA LEU B 542 -4.38 24.34 70.05
C LEU B 542 -4.07 24.92 71.43
N THR B 543 -4.62 24.28 72.46
CA THR B 543 -4.41 24.73 73.83
C THR B 543 -3.14 24.12 74.41
N GLU B 544 -2.70 24.69 75.53
CA GLU B 544 -1.52 24.20 76.22
C GLU B 544 -1.92 23.05 77.14
N SER B 545 -1.31 21.89 76.94
CA SER B 545 -1.64 20.69 77.70
C SER B 545 -0.75 20.58 78.94
N ASN B 546 -1.19 19.72 79.87
CA ASN B 546 -0.44 19.46 81.09
C ASN B 546 0.04 18.01 81.18
N LYS B 547 -0.10 17.25 80.11
CA LYS B 547 0.32 15.85 80.08
C LYS B 547 1.44 15.69 79.06
N LYS B 548 2.50 14.99 79.46
CA LYS B 548 3.64 14.75 78.60
C LYS B 548 3.54 13.38 77.93
N PHE B 549 4.25 13.23 76.82
CA PHE B 549 4.26 11.99 76.06
C PHE B 549 5.62 11.30 76.20
N LEU B 550 5.61 10.00 75.96
CA LEU B 550 6.86 9.25 75.88
C LEU B 550 7.65 9.69 74.66
N PRO B 551 9.01 9.68 74.74
CA PRO B 551 9.84 10.21 73.64
C PRO B 551 9.97 9.27 72.44
N PHE B 552 8.86 8.63 72.07
CA PHE B 552 8.82 7.86 70.83
C PHE B 552 7.50 8.02 70.07
N GLN B 553 6.57 8.86 70.54
CA GLN B 553 5.25 8.96 69.96
C GLN B 553 5.04 10.34 69.33
N GLN B 554 4.14 10.38 68.35
CA GLN B 554 3.77 11.62 67.68
C GLN B 554 2.29 11.96 67.77
N PHE B 555 1.42 10.98 68.00
CA PHE B 555 -0.02 11.19 68.05
C PHE B 555 -0.55 10.84 69.44
N GLY B 556 -1.83 11.12 69.64
CA GLY B 556 -2.50 10.81 70.89
C GLY B 556 -4.01 10.75 70.74
N ARG B 557 -4.63 9.71 71.26
CA ARG B 557 -6.07 9.49 71.13
C ARG B 557 -6.73 9.51 72.50
N ASP B 558 -8.04 9.30 72.51
CA ASP B 558 -8.82 9.32 73.74
C ASP B 558 -9.65 8.06 73.88
N ILE B 559 -10.58 8.05 74.85
CA ILE B 559 -11.45 6.88 75.05
C ILE B 559 -12.38 6.69 73.87
N ALA B 560 -12.74 7.76 73.18
CA ALA B 560 -13.61 7.71 72.01
C ALA B 560 -12.85 7.43 70.72
N ASP B 561 -11.55 7.17 70.81
CA ASP B 561 -10.67 6.90 69.66
C ASP B 561 -10.70 8.06 68.66
N THR B 562 -10.44 9.25 69.18
CA THR B 562 -10.32 10.46 68.38
C THR B 562 -9.00 11.14 68.69
N THR B 563 -8.28 11.56 67.65
CA THR B 563 -6.99 12.19 67.82
C THR B 563 -7.19 13.59 68.41
N ASP B 564 -6.99 13.70 69.73
CA ASP B 564 -7.18 14.95 70.44
C ASP B 564 -5.89 15.50 71.05
N ALA B 565 -4.74 14.91 70.70
CA ALA B 565 -3.47 15.37 71.23
C ALA B 565 -2.37 15.05 70.23
N VAL B 566 -1.56 16.04 69.89
CA VAL B 566 -0.50 15.88 68.91
C VAL B 566 0.74 16.64 69.40
N ARG B 567 1.91 16.04 69.22
CA ARG B 567 3.16 16.66 69.63
C ARG B 567 3.67 17.59 68.52
N ASP B 568 4.01 18.82 68.89
CA ASP B 568 4.58 19.76 67.94
C ASP B 568 6.05 19.40 67.67
N PRO B 569 6.43 19.10 66.43
CA PRO B 569 7.81 18.67 66.17
C PRO B 569 8.84 19.78 66.24
N GLN B 570 8.42 21.05 66.28
CA GLN B 570 9.38 22.15 66.28
C GLN B 570 10.15 22.24 67.59
N THR B 571 9.43 22.18 68.72
CA THR B 571 10.06 22.45 70.00
C THR B 571 9.67 21.44 71.08
N LEU B 572 9.15 20.28 70.69
CA LEU B 572 8.71 19.22 71.61
C LEU B 572 7.65 19.77 72.56
N GLU B 573 6.50 20.14 71.98
CA GLU B 573 5.39 20.70 72.72
C GLU B 573 4.13 19.88 72.44
N ILE B 574 3.43 19.52 73.50
CA ILE B 574 2.20 18.73 73.37
C ILE B 574 1.02 19.69 73.35
N LEU B 575 0.24 19.66 72.27
CA LEU B 575 -0.90 20.54 72.08
C LEU B 575 -2.17 19.73 71.95
N ASP B 576 -3.21 20.16 72.66
CA ASP B 576 -4.49 19.47 72.62
C ASP B 576 -5.28 19.88 71.39
N ILE B 577 -6.17 18.99 70.96
CA ILE B 577 -7.07 19.22 69.83
C ILE B 577 -8.49 19.17 70.36
N THR B 578 -9.24 20.25 70.14
CA THR B 578 -10.63 20.35 70.56
C THR B 578 -11.49 20.71 69.36
N PRO B 579 -12.63 20.04 69.16
CA PRO B 579 -13.52 20.43 68.05
C PRO B 579 -14.05 21.85 68.22
N CYS B 580 -14.10 22.57 67.11
CA CYS B 580 -14.40 23.99 67.14
C CYS B 580 -15.89 24.19 67.39
N SER B 581 -16.24 25.36 67.92
CA SER B 581 -17.54 25.57 68.54
C SER B 581 -18.69 25.44 67.54
N PHE B 582 -19.79 24.84 68.00
CA PHE B 582 -20.95 24.60 67.15
C PHE B 582 -22.19 24.56 68.03
N GLY B 583 -23.35 24.63 67.38
CA GLY B 583 -24.60 24.59 68.09
C GLY B 583 -25.75 24.98 67.18
N GLY B 584 -26.88 25.26 67.80
CA GLY B 584 -28.07 25.67 67.07
C GLY B 584 -28.75 26.85 67.74
N VAL B 585 -29.37 27.70 66.93
CA VAL B 585 -30.08 28.86 67.46
C VAL B 585 -31.49 28.45 67.88
N SER B 586 -31.98 29.10 68.94
CA SER B 586 -33.33 28.87 69.45
C SER B 586 -34.00 30.21 69.66
N VAL B 587 -35.32 30.23 69.49
CA VAL B 587 -36.11 31.45 69.53
C VAL B 587 -37.10 31.37 70.67
N ILE B 588 -37.10 32.38 71.54
CA ILE B 588 -38.06 32.51 72.61
C ILE B 588 -39.13 33.51 72.16
N THR B 589 -40.37 33.03 72.05
CA THR B 589 -41.46 33.86 71.59
C THR B 589 -42.43 34.12 72.73
N PRO B 590 -42.71 35.38 73.07
CA PRO B 590 -43.72 35.66 74.10
C PRO B 590 -45.11 35.17 73.75
N GLY B 591 -45.48 35.17 72.48
CA GLY B 591 -46.76 34.67 72.04
C GLY B 591 -47.44 35.61 71.06
N THR B 592 -48.52 35.11 70.48
CA THR B 592 -49.30 35.88 69.51
C THR B 592 -50.20 36.87 70.23
N ASN B 593 -50.24 38.10 69.70
CA ASN B 593 -51.02 39.22 70.23
C ASN B 593 -50.57 39.63 71.63
N THR B 594 -49.33 39.31 71.99
CA THR B 594 -48.74 39.74 73.25
C THR B 594 -47.51 40.61 73.05
N SER B 595 -46.60 40.22 72.15
CA SER B 595 -45.39 40.98 71.90
C SER B 595 -44.94 40.73 70.47
N ASN B 596 -43.82 41.34 70.09
CA ASN B 596 -43.26 41.17 68.75
C ASN B 596 -41.80 40.75 68.82
N GLN B 597 -41.07 41.26 69.81
CA GLN B 597 -39.65 40.95 69.93
C GLN B 597 -39.44 39.52 70.42
N VAL B 598 -38.27 38.97 70.06
CA VAL B 598 -37.91 37.60 70.40
C VAL B 598 -36.48 37.58 70.92
N ALA B 599 -36.09 36.44 71.49
CA ALA B 599 -34.75 36.23 72.00
C ALA B 599 -34.09 35.08 71.25
N VAL B 600 -32.75 35.09 71.25
CA VAL B 600 -31.95 34.07 70.59
C VAL B 600 -31.17 33.30 71.65
N LEU B 601 -31.30 31.97 71.63
CA LEU B 601 -30.70 31.11 72.64
C LEU B 601 -29.77 30.10 71.98
N TYR B 602 -28.61 29.89 72.59
CA TYR B 602 -27.66 28.87 72.17
C TYR B 602 -27.62 27.74 73.19
N GLN B 603 -27.34 26.53 72.70
CA GLN B 603 -27.35 25.37 73.59
C GLN B 603 -26.06 25.26 74.41
N ASP B 604 -24.92 25.24 73.74
CA ASP B 604 -23.65 25.06 74.44
C ASP B 604 -22.54 25.98 73.92
N VAL B 605 -22.89 27.02 73.16
CA VAL B 605 -21.91 27.96 72.66
C VAL B 605 -21.63 28.99 73.75
N ASN B 606 -20.37 29.12 74.15
CA ASN B 606 -19.99 30.07 75.18
C ASN B 606 -19.76 31.45 74.57
N CYS B 607 -20.25 32.48 75.26
CA CYS B 607 -20.09 33.86 74.81
C CYS B 607 -18.64 34.31 74.91
N ASN B 631 -29.42 42.39 78.34
CA ASN B 631 -28.90 42.24 76.98
C ASN B 631 -28.34 40.83 76.77
N VAL B 632 -27.13 40.59 77.27
CA VAL B 632 -26.47 39.31 77.14
C VAL B 632 -26.28 38.72 78.53
N PHE B 633 -26.81 37.52 78.76
CA PHE B 633 -26.69 36.83 80.02
C PHE B 633 -26.18 35.42 79.78
N GLN B 634 -25.17 35.01 80.54
CA GLN B 634 -24.57 33.69 80.41
C GLN B 634 -25.30 32.72 81.32
N THR B 635 -26.15 31.87 80.73
CA THR B 635 -26.89 30.88 81.49
C THR B 635 -26.10 29.57 81.57
N ARG B 636 -26.60 28.65 82.39
CA ARG B 636 -26.04 27.31 82.44
C ARG B 636 -26.47 26.44 81.27
N ALA B 637 -27.45 26.88 80.48
CA ALA B 637 -27.90 26.17 79.30
C ALA B 637 -27.42 26.86 78.02
N GLY B 638 -26.29 27.55 78.09
CA GLY B 638 -25.73 28.21 76.93
C GLY B 638 -25.73 29.73 77.04
N CYS B 639 -25.77 30.41 75.90
CA CYS B 639 -25.80 31.86 75.85
C CYS B 639 -27.19 32.34 75.50
N LEU B 640 -27.71 33.30 76.27
CA LEU B 640 -29.01 33.90 76.04
C LEU B 640 -28.83 35.38 75.76
N ILE B 641 -29.39 35.86 74.66
CA ILE B 641 -29.27 37.24 74.25
C ILE B 641 -30.68 37.78 73.98
N GLY B 642 -30.86 39.08 74.25
CA GLY B 642 -32.15 39.73 74.07
C GLY B 642 -33.04 39.71 75.28
N ALA B 643 -32.67 39.00 76.34
CA ALA B 643 -33.45 38.91 77.57
C ALA B 643 -32.59 39.35 78.75
N GLU B 644 -33.13 40.25 79.57
CA GLU B 644 -32.40 40.77 80.72
C GLU B 644 -32.66 39.89 81.94
N HIS B 645 -31.58 39.44 82.58
CA HIS B 645 -31.70 38.61 83.76
C HIS B 645 -32.08 39.45 84.98
N VAL B 646 -33.00 38.92 85.78
CA VAL B 646 -33.45 39.58 87.00
C VAL B 646 -33.35 38.59 88.16
N ASN B 647 -32.97 39.10 89.34
CA ASN B 647 -32.68 38.22 90.46
C ASN B 647 -33.92 37.67 91.13
N ASN B 648 -35.05 38.38 91.06
CA ASN B 648 -36.27 37.87 91.68
C ASN B 648 -36.82 36.69 90.89
N SER B 649 -37.63 35.88 91.58
CA SER B 649 -38.10 34.62 91.04
C SER B 649 -39.63 34.61 90.98
N TYR B 650 -40.17 34.16 89.84
CA TYR B 650 -41.59 33.95 89.65
C TYR B 650 -41.80 32.56 89.07
N GLU B 651 -43.04 32.28 88.68
CA GLU B 651 -43.39 31.03 88.02
C GLU B 651 -43.35 31.24 86.51
N CYS B 652 -42.55 30.42 85.82
CA CYS B 652 -42.36 30.63 84.40
C CYS B 652 -43.45 29.91 83.60
N ASP B 653 -43.41 30.14 82.28
CA ASP B 653 -44.36 29.50 81.36
C ASP B 653 -43.64 28.89 80.16
N ILE B 654 -42.48 29.42 79.80
CA ILE B 654 -41.66 28.89 78.72
C ILE B 654 -40.41 28.27 79.34
N PRO B 655 -40.32 26.94 79.41
CA PRO B 655 -39.10 26.31 79.93
C PRO B 655 -37.92 26.52 79.00
N ILE B 656 -36.72 26.59 79.59
CA ILE B 656 -35.46 26.65 78.86
C ILE B 656 -34.54 25.51 79.25
N GLY B 657 -34.34 25.29 80.55
CA GLY B 657 -33.48 24.24 81.02
C GLY B 657 -32.40 24.75 81.95
N ALA B 658 -31.76 23.83 82.67
CA ALA B 658 -30.66 24.14 83.61
C ALA B 658 -31.08 25.14 84.68
N GLY B 659 -32.33 25.06 85.14
CA GLY B 659 -32.76 25.87 86.26
C GLY B 659 -33.09 27.32 85.96
N ILE B 660 -33.53 27.63 84.74
CA ILE B 660 -33.88 29.00 84.39
C ILE B 660 -34.91 28.96 83.26
N CYS B 661 -35.92 29.82 83.35
CA CYS B 661 -36.94 30.00 82.33
C CYS B 661 -36.82 31.39 81.70
N ALA B 662 -37.77 31.70 80.83
CA ALA B 662 -37.91 33.04 80.26
C ALA B 662 -39.39 33.39 80.21
N SER B 663 -39.69 34.67 80.39
CA SER B 663 -41.07 35.13 80.41
C SER B 663 -41.10 36.62 80.05
N TYR B 664 -42.30 37.09 79.73
CA TYR B 664 -42.54 38.48 79.38
C TYR B 664 -43.21 39.16 80.57
N GLN B 665 -42.51 40.12 81.18
CA GLN B 665 -42.99 40.78 82.38
C GLN B 665 -42.51 42.22 82.38
N THR B 666 -43.28 43.10 83.01
CA THR B 666 -42.96 44.52 83.07
C THR B 666 -41.66 44.79 83.82
N SER B 679 -41.17 50.04 79.49
CA SER B 679 -42.40 49.27 79.29
C SER B 679 -42.23 47.84 79.79
N GLN B 680 -42.62 46.87 78.97
CA GLN B 680 -42.53 45.46 79.30
C GLN B 680 -41.58 44.78 78.33
N SER B 681 -40.67 43.98 78.87
CA SER B 681 -39.67 43.30 78.05
C SER B 681 -39.48 41.87 78.57
N ILE B 682 -38.92 41.03 77.71
CA ILE B 682 -38.69 39.63 78.06
C ILE B 682 -37.55 39.54 79.07
N ILE B 683 -37.76 38.74 80.11
CA ILE B 683 -36.79 38.55 81.19
C ILE B 683 -36.58 37.06 81.42
N ALA B 684 -35.48 36.73 82.08
CA ALA B 684 -35.15 35.37 82.46
C ALA B 684 -34.88 35.31 83.95
N TYR B 685 -35.38 34.26 84.61
CA TYR B 685 -35.24 34.15 86.05
C TYR B 685 -35.34 32.69 86.46
N THR B 686 -34.84 32.41 87.67
CA THR B 686 -34.93 31.07 88.25
C THR B 686 -36.38 30.80 88.66
N MET B 687 -36.80 29.54 88.52
CA MET B 687 -38.17 29.16 88.83
C MET B 687 -38.44 29.30 90.33
N SER B 688 -39.68 29.65 90.65
CA SER B 688 -40.19 29.57 92.00
C SER B 688 -40.83 28.21 92.18
N LEU B 689 -40.24 27.38 93.04
CA LEU B 689 -40.78 26.04 93.30
C LEU B 689 -42.14 26.09 93.99
N GLY B 690 -42.49 27.22 94.60
CA GLY B 690 -43.84 27.39 95.11
C GLY B 690 -43.88 28.47 96.17
N ALA B 691 -45.07 28.58 96.77
CA ALA B 691 -45.28 29.54 97.85
C ALA B 691 -44.52 29.07 99.09
N GLU B 692 -43.51 29.85 99.49
CA GLU B 692 -42.67 29.50 100.63
C GLU B 692 -43.48 29.70 101.91
N ASN B 693 -44.10 28.64 102.38
CA ASN B 693 -44.93 28.68 103.57
C ASN B 693 -44.41 27.67 104.58
N SER B 694 -44.25 28.11 105.83
CA SER B 694 -43.81 27.26 106.92
C SER B 694 -45.02 26.82 107.74
N VAL B 695 -45.13 25.52 107.97
CA VAL B 695 -46.25 24.96 108.72
C VAL B 695 -45.83 24.82 110.18
N ALA B 696 -46.69 25.24 111.09
CA ALA B 696 -46.38 25.17 112.51
C ALA B 696 -46.55 23.74 113.01
N TYR B 697 -45.54 23.23 113.70
CA TYR B 697 -45.56 21.88 114.23
C TYR B 697 -45.33 21.89 115.74
N SER B 698 -46.19 21.17 116.45
CA SER B 698 -45.97 20.88 117.86
C SER B 698 -46.75 19.64 118.21
N ASN B 699 -46.50 19.13 119.42
CA ASN B 699 -47.07 17.87 119.87
C ASN B 699 -48.51 17.98 120.35
N ASN B 700 -49.12 19.18 120.30
CA ASN B 700 -50.54 19.30 120.59
C ASN B 700 -51.26 20.30 119.69
N SER B 701 -50.81 20.44 118.44
CA SER B 701 -51.40 21.39 117.50
C SER B 701 -52.05 20.64 116.35
N ILE B 702 -53.35 20.86 116.16
CA ILE B 702 -54.09 20.29 115.04
C ILE B 702 -54.84 21.38 114.31
N ALA B 703 -55.31 21.04 113.11
CA ALA B 703 -56.12 21.94 112.29
C ALA B 703 -57.26 21.13 111.69
N ILE B 704 -58.40 21.11 112.38
CA ILE B 704 -59.58 20.39 111.94
C ILE B 704 -60.43 21.36 111.11
N PRO B 705 -60.75 21.04 109.85
CA PRO B 705 -61.58 21.95 109.05
C PRO B 705 -63.01 22.03 109.57
N THR B 706 -63.61 23.20 109.36
CA THR B 706 -65.00 23.43 109.73
C THR B 706 -65.89 23.73 108.54
N ASN B 707 -65.34 23.84 107.34
CA ASN B 707 -66.10 24.12 106.13
C ASN B 707 -65.42 23.47 104.95
N PHE B 708 -66.14 23.38 103.84
CA PHE B 708 -65.63 22.71 102.65
C PHE B 708 -66.22 23.32 101.39
N THR B 709 -65.56 23.04 100.27
CA THR B 709 -66.01 23.46 98.94
C THR B 709 -65.97 22.24 98.02
N ILE B 710 -67.01 22.09 97.21
CA ILE B 710 -67.06 21.00 96.23
C ILE B 710 -66.40 21.47 94.95
N SER B 711 -65.33 20.78 94.54
CA SER B 711 -64.55 21.15 93.38
C SER B 711 -64.60 20.03 92.34
N VAL B 712 -64.49 20.42 91.07
CA VAL B 712 -64.50 19.50 89.95
C VAL B 712 -63.19 19.61 89.20
N THR B 713 -62.51 18.48 89.02
CA THR B 713 -61.24 18.42 88.31
C THR B 713 -61.45 17.75 86.96
N THR B 714 -60.89 18.36 85.91
CA THR B 714 -61.06 17.88 84.54
C THR B 714 -59.76 17.24 84.06
N GLU B 715 -59.87 16.02 83.53
CA GLU B 715 -58.73 15.29 82.98
C GLU B 715 -59.02 14.93 81.53
N ILE B 716 -58.02 15.09 80.68
CA ILE B 716 -58.13 14.81 79.25
C ILE B 716 -57.35 13.54 78.94
N LEU B 717 -57.98 12.62 78.21
CA LEU B 717 -57.27 11.39 77.87
C LEU B 717 -57.70 10.89 76.49
N PRO B 718 -56.76 10.69 75.57
CA PRO B 718 -57.11 10.08 74.28
C PRO B 718 -57.07 8.56 74.34
N VAL B 719 -58.05 7.93 73.70
CA VAL B 719 -58.14 6.48 73.69
C VAL B 719 -57.87 5.86 72.33
N SER B 720 -57.85 6.65 71.25
CA SER B 720 -57.62 6.15 69.90
C SER B 720 -57.33 7.34 69.00
N MET B 721 -57.15 7.05 67.72
CA MET B 721 -57.14 8.09 66.69
C MET B 721 -57.75 7.50 65.42
N THR B 722 -57.62 8.23 64.30
CA THR B 722 -58.08 7.74 63.01
C THR B 722 -57.32 6.49 62.60
N LYS B 723 -58.01 5.58 61.93
CA LYS B 723 -57.43 4.34 61.43
C LYS B 723 -57.19 4.47 59.94
N THR B 724 -55.94 4.28 59.51
CA THR B 724 -55.55 4.44 58.12
C THR B 724 -55.15 3.09 57.54
N SER B 725 -55.24 2.99 56.20
CA SER B 725 -54.86 1.78 55.48
C SER B 725 -53.83 2.14 54.42
N VAL B 726 -52.74 1.40 54.38
CA VAL B 726 -51.63 1.64 53.46
C VAL B 726 -51.33 0.35 52.72
N ASP B 727 -51.33 0.42 51.39
CA ASP B 727 -51.00 -0.70 50.53
C ASP B 727 -49.86 -0.32 49.59
N CYS B 728 -48.93 -1.25 49.39
CA CYS B 728 -47.75 -0.95 48.60
C CYS B 728 -48.07 -0.81 47.12
N THR B 729 -48.96 -1.68 46.60
CA THR B 729 -49.18 -1.76 45.15
C THR B 729 -49.72 -0.47 44.55
N MET B 730 -50.34 0.39 45.35
CA MET B 730 -50.77 1.70 44.88
C MET B 730 -49.87 2.83 45.33
N TYR B 731 -49.01 2.60 46.34
CA TYR B 731 -48.11 3.62 46.85
C TYR B 731 -46.72 3.54 46.21
N ILE B 732 -46.05 2.39 46.34
CA ILE B 732 -44.72 2.24 45.77
C ILE B 732 -44.76 2.12 44.25
N CYS B 733 -45.92 1.77 43.68
CA CYS B 733 -46.09 1.70 42.24
C CYS B 733 -47.21 2.63 41.80
N GLY B 734 -47.12 3.09 40.55
CA GLY B 734 -48.16 3.91 39.97
C GLY B 734 -49.07 3.12 39.05
N ASP B 735 -48.89 3.27 37.74
CA ASP B 735 -49.66 2.53 36.75
C ASP B 735 -48.73 1.74 35.83
N SER B 736 -47.58 1.33 36.35
CA SER B 736 -46.59 0.58 35.58
C SER B 736 -46.44 -0.82 36.16
N THR B 737 -46.43 -1.83 35.28
CA THR B 737 -46.30 -3.21 35.73
C THR B 737 -44.87 -3.58 36.09
N GLU B 738 -43.88 -2.81 35.64
CA GLU B 738 -42.49 -3.13 35.96
C GLU B 738 -42.20 -2.97 37.45
N CYS B 739 -42.89 -2.05 38.12
CA CYS B 739 -42.76 -1.93 39.57
C CYS B 739 -43.28 -3.17 40.27
N SER B 740 -44.39 -3.73 39.77
CA SER B 740 -44.95 -4.93 40.38
C SER B 740 -44.09 -6.15 40.11
N ASN B 741 -43.40 -6.20 38.96
CA ASN B 741 -42.49 -7.29 38.69
C ASN B 741 -41.27 -7.25 39.61
N LEU B 742 -40.95 -6.09 40.16
CA LEU B 742 -39.89 -5.98 41.15
C LEU B 742 -40.40 -6.09 42.58
N LEU B 743 -41.73 -6.17 42.78
CA LEU B 743 -42.27 -6.30 44.12
C LEU B 743 -42.25 -7.73 44.65
N LEU B 744 -42.04 -8.72 43.80
CA LEU B 744 -41.98 -10.10 44.30
C LEU B 744 -40.78 -10.36 45.18
N GLN B 745 -39.76 -9.49 45.13
CA GLN B 745 -38.65 -9.56 46.07
C GLN B 745 -38.91 -8.78 47.35
N TYR B 746 -39.85 -7.83 47.33
CA TYR B 746 -40.23 -7.08 48.52
C TYR B 746 -41.72 -7.20 48.84
N GLY B 747 -42.42 -8.17 48.24
CA GLY B 747 -43.80 -8.43 48.62
C GLY B 747 -43.95 -8.87 50.05
N SER B 748 -42.97 -9.64 50.56
CA SER B 748 -43.00 -10.04 51.97
C SER B 748 -42.92 -8.82 52.88
N PHE B 749 -42.06 -7.85 52.54
CA PHE B 749 -42.04 -6.60 53.29
C PHE B 749 -43.36 -5.86 53.16
N CYS B 750 -44.00 -5.95 51.99
CA CYS B 750 -45.35 -5.43 51.84
C CYS B 750 -46.35 -6.27 52.61
N THR B 751 -45.99 -7.53 52.91
CA THR B 751 -46.95 -8.46 53.50
C THR B 751 -47.01 -8.30 55.02
N GLN B 752 -45.86 -8.01 55.65
CA GLN B 752 -45.84 -7.86 57.10
C GLN B 752 -46.39 -6.50 57.54
N LEU B 753 -46.21 -5.46 56.71
CA LEU B 753 -46.75 -4.16 57.08
C LEU B 753 -48.28 -4.17 57.09
N ASN B 754 -48.88 -5.16 56.42
CA ASN B 754 -50.33 -5.25 56.40
C ASN B 754 -50.88 -5.67 57.75
N ARG B 755 -50.31 -6.72 58.37
CA ARG B 755 -50.74 -7.08 59.72
C ARG B 755 -50.35 -6.01 60.73
N ALA B 756 -49.19 -5.39 60.55
CA ALA B 756 -48.81 -4.28 61.42
C ALA B 756 -49.80 -3.14 61.31
N LEU B 757 -50.41 -2.98 60.14
CA LEU B 757 -51.51 -2.03 59.99
C LEU B 757 -52.85 -2.66 60.38
N THR B 758 -53.03 -3.95 60.09
CA THR B 758 -54.26 -4.62 60.53
C THR B 758 -54.30 -4.78 62.04
N GLY B 759 -53.14 -5.07 62.64
CA GLY B 759 -53.09 -5.25 64.09
C GLY B 759 -53.42 -3.98 64.85
N ILE B 760 -52.89 -2.84 64.39
CA ILE B 760 -53.24 -1.58 65.03
C ILE B 760 -54.69 -1.21 64.75
N ALA B 761 -55.19 -1.53 63.54
CA ALA B 761 -56.56 -1.19 63.20
C ALA B 761 -57.55 -1.96 64.04
N VAL B 762 -57.30 -3.25 64.27
CA VAL B 762 -58.19 -4.04 65.12
C VAL B 762 -57.96 -3.68 66.59
N GLU B 763 -56.78 -3.14 66.92
CA GLU B 763 -56.50 -2.76 68.29
C GLU B 763 -57.31 -1.52 68.70
N GLN B 764 -57.33 -0.50 67.84
CA GLN B 764 -58.09 0.72 68.14
C GLN B 764 -59.58 0.44 68.18
N ASP B 765 -60.04 -0.50 67.35
CA ASP B 765 -61.43 -0.96 67.44
C ASP B 765 -61.68 -1.64 68.79
N LYS B 766 -60.71 -2.42 69.26
CA LYS B 766 -60.86 -3.07 70.56
C LYS B 766 -60.67 -2.09 71.71
N ASN B 767 -59.93 -0.99 71.49
CA ASN B 767 -59.73 -0.01 72.55
C ASN B 767 -61.04 0.64 72.98
N THR B 768 -61.88 1.01 72.01
CA THR B 768 -63.16 1.62 72.33
C THR B 768 -64.09 0.65 73.05
N GLN B 769 -64.01 -0.64 72.72
CA GLN B 769 -64.81 -1.64 73.42
C GLN B 769 -64.37 -1.79 74.86
N GLU B 770 -63.07 -1.68 75.14
CA GLU B 770 -62.58 -1.84 76.51
C GLU B 770 -62.87 -0.63 77.39
N VAL B 771 -63.10 0.54 76.80
CA VAL B 771 -63.31 1.73 77.62
C VAL B 771 -64.80 2.06 77.74
N PHE B 772 -65.55 1.96 76.66
CA PHE B 772 -66.94 2.40 76.72
C PHE B 772 -67.94 1.28 76.95
N ALA B 773 -67.62 0.05 76.55
CA ALA B 773 -68.57 -1.06 76.64
C ALA B 773 -68.34 -1.89 77.92
N GLN B 774 -68.64 -1.26 79.06
CA GLN B 774 -68.55 -1.97 80.33
C GLN B 774 -69.87 -2.63 80.71
N VAL B 775 -70.97 -1.86 80.64
CA VAL B 775 -72.28 -2.40 80.98
C VAL B 775 -72.98 -2.80 79.69
N LYS B 776 -73.63 -3.96 79.75
CA LYS B 776 -74.38 -4.49 78.62
C LYS B 776 -75.81 -3.97 78.60
N GLN B 777 -76.27 -3.35 79.68
CA GLN B 777 -77.63 -2.85 79.80
C GLN B 777 -77.63 -1.33 79.63
N ILE B 778 -78.40 -0.85 78.65
CA ILE B 778 -78.52 0.58 78.41
C ILE B 778 -79.58 1.14 79.36
N TYR B 779 -79.22 2.16 80.13
CA TYR B 779 -80.08 2.72 81.16
C TYR B 779 -80.62 4.07 80.68
N LYS B 780 -81.95 4.20 80.67
CA LYS B 780 -82.58 5.45 80.27
C LYS B 780 -82.65 6.42 81.44
N THR B 781 -82.44 7.69 81.15
CA THR B 781 -82.54 8.71 82.19
C THR B 781 -83.98 8.86 82.65
N PRO B 782 -84.21 9.05 83.95
CA PRO B 782 -85.59 9.21 84.43
C PRO B 782 -86.19 10.52 83.97
N PRO B 783 -87.50 10.56 83.71
CA PRO B 783 -88.13 11.83 83.33
C PRO B 783 -88.15 12.85 84.45
N ILE B 784 -88.03 12.42 85.71
CA ILE B 784 -88.04 13.35 86.83
C ILE B 784 -86.62 13.90 87.01
N LYS B 785 -86.48 15.22 86.93
CA LYS B 785 -85.20 15.88 87.09
C LYS B 785 -85.00 16.43 88.50
N ASP B 786 -85.90 16.13 89.42
CA ASP B 786 -85.78 16.56 90.81
C ASP B 786 -84.97 15.53 91.57
N PHE B 787 -83.66 15.76 91.66
CA PHE B 787 -82.75 14.90 92.41
C PHE B 787 -82.42 15.49 93.78
N GLY B 788 -83.14 16.54 94.19
CA GLY B 788 -82.89 17.19 95.45
C GLY B 788 -82.15 18.51 95.36
N GLY B 789 -82.34 19.28 94.29
CA GLY B 789 -81.68 20.55 94.11
C GLY B 789 -80.43 20.50 93.25
N PHE B 790 -80.10 19.33 92.69
CA PHE B 790 -78.89 19.15 91.91
C PHE B 790 -79.21 19.21 90.43
N ASN B 791 -78.49 20.06 89.70
CA ASN B 791 -78.77 20.34 88.30
C ASN B 791 -77.95 19.41 87.43
N PHE B 792 -78.63 18.58 86.63
CA PHE B 792 -77.97 17.60 85.79
C PHE B 792 -78.17 17.84 84.29
N SER B 793 -78.75 18.99 83.92
CA SER B 793 -79.05 19.24 82.51
C SER B 793 -77.78 19.45 81.67
N GLN B 794 -76.66 19.81 82.29
CA GLN B 794 -75.43 20.04 81.54
C GLN B 794 -74.81 18.74 81.06
N ILE B 795 -74.81 17.71 81.89
CA ILE B 795 -74.18 16.45 81.52
C ILE B 795 -75.16 15.48 80.86
N LEU B 796 -76.44 15.56 81.20
CA LEU B 796 -77.42 14.69 80.56
C LEU B 796 -77.77 15.21 79.18
N PRO B 797 -78.11 14.31 78.25
CA PRO B 797 -78.52 14.76 76.91
C PRO B 797 -79.84 15.52 76.95
N ASP B 798 -80.00 16.45 76.01
CA ASP B 798 -81.19 17.25 75.91
C ASP B 798 -81.98 16.88 74.66
N PRO B 799 -83.32 16.82 74.73
CA PRO B 799 -84.12 16.48 73.56
C PRO B 799 -84.36 17.64 72.61
N SER B 800 -83.84 18.83 72.90
CA SER B 800 -84.07 19.97 72.02
C SER B 800 -83.29 19.84 70.72
N LYS B 801 -82.18 19.10 70.71
CA LYS B 801 -81.37 18.94 69.52
C LYS B 801 -81.50 17.53 68.96
N PRO B 802 -81.49 17.38 67.64
CA PRO B 802 -81.57 16.03 67.05
C PRO B 802 -80.37 15.16 67.36
N SER B 803 -79.22 15.74 67.65
CA SER B 803 -78.04 14.94 67.98
C SER B 803 -78.15 14.25 69.33
N LYS B 804 -79.03 14.75 70.22
CA LYS B 804 -79.23 14.21 71.56
C LYS B 804 -77.93 14.16 72.34
N ARG B 805 -77.13 15.22 72.23
CA ARG B 805 -75.79 15.26 72.79
C ARG B 805 -75.70 16.34 73.85
N SER B 806 -74.88 16.09 74.87
CA SER B 806 -74.77 17.01 75.99
C SER B 806 -74.14 18.33 75.56
N PRO B 807 -74.56 19.45 76.15
CA PRO B 807 -73.91 20.74 75.83
C PRO B 807 -72.43 20.76 76.16
N ILE B 808 -72.02 20.06 77.22
CA ILE B 808 -70.59 19.90 77.49
C ILE B 808 -69.93 19.10 76.37
N GLU B 809 -70.57 18.01 75.96
CA GLU B 809 -70.03 17.19 74.88
C GLU B 809 -70.03 17.94 73.55
N ASP B 810 -71.09 18.72 73.29
CA ASP B 810 -71.19 19.47 72.05
C ASP B 810 -70.11 20.53 71.94
N LEU B 811 -69.79 21.21 73.05
CA LEU B 811 -68.82 22.29 73.00
C LEU B 811 -67.40 21.73 72.79
N LEU B 812 -67.07 20.63 73.47
CA LEU B 812 -65.72 20.07 73.31
C LEU B 812 -65.56 19.40 71.95
N PHE B 813 -66.67 18.95 71.35
CA PHE B 813 -66.61 18.52 69.96
C PHE B 813 -66.26 19.67 69.03
N ASN B 814 -66.83 20.85 69.30
CA ASN B 814 -66.55 22.03 68.49
C ASN B 814 -65.16 22.60 68.77
N LYS B 815 -64.60 22.33 69.95
CA LYS B 815 -63.31 22.93 70.30
C LYS B 815 -62.16 22.29 69.55
N VAL B 816 -62.16 20.97 69.43
CA VAL B 816 -61.06 20.25 68.78
C VAL B 816 -61.42 19.99 67.32
N THR B 817 -60.48 20.29 66.43
CA THR B 817 -60.68 20.09 65.00
C THR B 817 -60.45 18.63 64.62
N ALA B 842 -59.56 14.34 54.21
CA ALA B 842 -59.54 14.27 52.76
C ALA B 842 -58.27 13.59 52.27
N GLN B 843 -58.25 12.26 52.32
CA GLN B 843 -57.10 11.46 51.91
C GLN B 843 -57.55 10.51 50.81
N LYS B 844 -57.50 10.99 49.56
CA LYS B 844 -57.79 10.17 48.38
C LYS B 844 -56.63 10.36 47.41
N PHE B 845 -55.55 9.61 47.63
CA PHE B 845 -54.31 9.75 46.89
C PHE B 845 -53.77 8.34 46.65
N ASN B 846 -52.50 8.24 46.29
CA ASN B 846 -51.87 6.96 45.98
C ASN B 846 -51.75 6.06 47.20
N GLY B 847 -52.66 5.11 47.33
CA GLY B 847 -52.54 4.04 48.30
C GLY B 847 -52.67 4.39 49.76
N LEU B 848 -53.60 5.28 50.12
CA LEU B 848 -53.98 5.49 51.51
C LEU B 848 -55.50 5.67 51.57
N THR B 849 -56.15 4.88 52.43
CA THR B 849 -57.57 4.98 52.67
C THR B 849 -57.82 5.03 54.18
N VAL B 850 -58.80 5.82 54.58
CA VAL B 850 -59.21 5.91 55.98
C VAL B 850 -60.38 4.96 56.20
N LEU B 851 -60.21 4.04 57.13
CA LEU B 851 -61.27 3.08 57.45
C LEU B 851 -62.16 3.64 58.56
N PRO B 852 -63.47 3.73 58.34
CA PRO B 852 -64.37 4.25 59.38
C PRO B 852 -64.37 3.33 60.58
N PRO B 853 -64.44 3.89 61.79
CA PRO B 853 -64.47 3.06 62.99
C PRO B 853 -65.80 2.32 63.13
N LEU B 854 -65.76 1.24 63.91
CA LEU B 854 -66.97 0.46 64.17
C LEU B 854 -67.99 1.28 64.95
N LEU B 855 -67.53 2.05 65.94
CA LEU B 855 -68.39 2.86 66.78
C LEU B 855 -68.12 4.34 66.48
N THR B 856 -69.12 5.02 65.93
CA THR B 856 -69.00 6.44 65.63
C THR B 856 -69.50 7.26 66.82
N ASP B 857 -69.72 8.56 66.60
CA ASP B 857 -70.00 9.48 67.70
C ASP B 857 -71.36 9.24 68.35
N GLU B 858 -72.34 8.72 67.60
CA GLU B 858 -73.69 8.59 68.13
C GLU B 858 -73.75 7.51 69.22
N MET B 859 -73.20 6.34 68.95
CA MET B 859 -73.30 5.24 69.89
C MET B 859 -72.39 5.41 71.11
N ILE B 860 -71.23 6.05 70.95
CA ILE B 860 -70.37 6.29 72.09
C ILE B 860 -70.97 7.34 73.01
N ALA B 861 -71.73 8.29 72.44
CA ALA B 861 -72.46 9.25 73.26
C ALA B 861 -73.63 8.57 73.96
N GLN B 862 -74.26 7.59 73.31
CA GLN B 862 -75.30 6.80 73.97
C GLN B 862 -74.72 5.96 75.08
N TYR B 863 -73.46 5.53 74.94
CA TYR B 863 -72.79 4.82 76.01
C TYR B 863 -72.61 5.71 77.24
N THR B 864 -72.11 6.94 77.02
CA THR B 864 -71.87 7.84 78.14
C THR B 864 -73.17 8.21 78.85
N SER B 865 -74.24 8.43 78.09
CA SER B 865 -75.54 8.72 78.69
C SER B 865 -76.04 7.55 79.52
N ALA B 866 -75.80 6.32 79.06
CA ALA B 866 -76.19 5.14 79.83
C ALA B 866 -75.40 5.03 81.12
N LEU B 867 -74.09 5.29 81.08
CA LEU B 867 -73.28 5.26 82.29
C LEU B 867 -73.64 6.41 83.23
N LEU B 868 -73.92 7.59 82.70
CA LEU B 868 -74.38 8.69 83.54
C LEU B 868 -75.73 8.40 84.17
N ALA B 869 -76.65 7.78 83.40
CA ALA B 869 -77.94 7.41 83.95
C ALA B 869 -77.80 6.36 85.04
N GLY B 870 -76.86 5.43 84.88
CA GLY B 870 -76.63 4.43 85.90
C GLY B 870 -76.07 5.01 87.19
N THR B 871 -75.11 5.92 87.08
CA THR B 871 -74.41 6.42 88.26
C THR B 871 -75.20 7.45 89.05
N ILE B 872 -76.30 7.96 88.51
CA ILE B 872 -77.15 8.89 89.26
C ILE B 872 -78.32 8.17 89.91
N THR B 873 -78.91 7.19 89.21
CA THR B 873 -80.09 6.51 89.73
C THR B 873 -79.76 5.28 90.59
N SER B 874 -78.56 4.73 90.45
CA SER B 874 -78.24 3.47 91.13
C SER B 874 -76.87 3.43 91.82
N GLY B 875 -76.02 4.44 91.66
CA GLY B 875 -74.83 4.53 92.47
C GLY B 875 -73.65 3.73 91.96
N TRP B 876 -73.45 2.55 92.54
CA TRP B 876 -72.41 1.62 92.09
C TRP B 876 -72.89 0.19 91.98
N THR B 877 -74.17 -0.08 92.28
CA THR B 877 -74.69 -1.44 92.20
C THR B 877 -74.75 -1.95 90.77
N PHE B 878 -74.92 -1.05 89.80
CA PHE B 878 -75.04 -1.45 88.40
C PHE B 878 -73.72 -1.98 87.84
N GLY B 879 -72.59 -1.41 88.29
CA GLY B 879 -71.28 -1.86 87.85
C GLY B 879 -70.77 -3.07 88.57
N ALA B 880 -71.52 -3.58 89.54
CA ALA B 880 -71.17 -4.81 90.26
C ALA B 880 -72.32 -5.81 90.23
N GLY B 881 -73.28 -5.63 89.32
CA GLY B 881 -74.43 -6.50 89.23
C GLY B 881 -75.66 -5.79 88.68
N PRO B 882 -76.83 -6.21 89.12
CA PRO B 882 -78.07 -5.55 88.67
C PRO B 882 -78.20 -4.15 89.27
N ALA B 883 -79.06 -3.35 88.64
CA ALA B 883 -79.30 -1.99 89.11
C ALA B 883 -80.18 -2.02 90.35
N LEU B 884 -79.76 -1.29 91.39
CA LEU B 884 -80.52 -1.15 92.62
C LEU B 884 -80.96 0.31 92.74
N GLN B 885 -82.25 0.52 92.97
CA GLN B 885 -82.78 1.88 92.99
C GLN B 885 -82.35 2.60 94.26
N ILE B 886 -81.70 3.74 94.09
CA ILE B 886 -81.28 4.58 95.22
C ILE B 886 -81.53 6.05 94.87
N PRO B 887 -82.12 6.83 95.76
CA PRO B 887 -82.19 8.28 95.54
C PRO B 887 -80.81 8.89 95.63
N PHE B 888 -80.66 10.04 94.98
CA PHE B 888 -79.34 10.68 94.88
C PHE B 888 -78.76 11.12 96.23
N PRO B 889 -79.51 11.77 97.16
CA PRO B 889 -78.86 12.19 98.41
C PRO B 889 -78.33 11.07 99.28
N MET B 890 -79.05 9.95 99.43
CA MET B 890 -78.49 8.84 100.18
C MET B 890 -77.30 8.20 99.48
N GLN B 891 -77.26 8.23 98.14
CA GLN B 891 -76.05 7.83 97.44
C GLN B 891 -74.89 8.73 97.84
N MET B 892 -75.15 10.02 98.09
CA MET B 892 -74.09 10.92 98.48
C MET B 892 -73.61 10.63 99.90
N ALA B 893 -74.56 10.34 100.80
CA ALA B 893 -74.23 10.05 102.19
C ALA B 893 -73.35 8.80 102.30
N TYR B 894 -73.52 7.86 101.38
CA TYR B 894 -72.66 6.69 101.38
C TYR B 894 -71.27 7.03 100.86
N ARG B 895 -71.18 8.00 99.94
CA ARG B 895 -69.88 8.44 99.45
C ARG B 895 -69.08 9.18 100.52
N PHE B 896 -69.73 10.05 101.31
CA PHE B 896 -69.01 10.65 102.43
C PHE B 896 -68.57 9.62 103.46
N ASN B 897 -69.36 8.56 103.64
CA ASN B 897 -68.93 7.49 104.54
C ASN B 897 -67.71 6.76 103.99
N GLY B 898 -67.62 6.63 102.66
CA GLY B 898 -66.45 6.02 102.07
C GLY B 898 -65.18 6.83 102.24
N ILE B 899 -65.28 8.15 102.20
CA ILE B 899 -64.13 9.03 102.36
C ILE B 899 -64.02 9.47 103.82
N GLY B 900 -64.76 8.79 104.69
CA GLY B 900 -64.58 8.95 106.12
C GLY B 900 -65.41 10.03 106.79
N VAL B 901 -66.38 10.61 106.10
CA VAL B 901 -67.20 11.66 106.68
C VAL B 901 -68.47 11.04 107.24
N THR B 902 -68.87 11.48 108.44
CA THR B 902 -70.18 11.13 108.95
C THR B 902 -71.27 11.75 108.06
N GLN B 903 -72.37 11.01 107.90
CA GLN B 903 -73.35 11.35 106.88
C GLN B 903 -74.36 12.39 107.31
N ASN B 904 -74.35 12.82 108.58
CA ASN B 904 -75.34 13.79 109.03
C ASN B 904 -75.01 15.22 108.63
N VAL B 905 -73.79 15.47 108.14
CA VAL B 905 -73.42 16.81 107.73
C VAL B 905 -73.99 17.18 106.36
N LEU B 906 -74.41 16.19 105.56
CA LEU B 906 -75.07 16.47 104.29
C LEU B 906 -76.48 17.03 104.50
N TYR B 907 -77.26 16.42 105.37
CA TYR B 907 -78.67 16.73 105.49
C TYR B 907 -78.93 18.02 106.24
N GLU B 908 -77.89 18.64 106.78
CA GLU B 908 -77.98 19.97 107.35
C GLU B 908 -77.64 21.08 106.37
N ASN B 909 -76.79 20.79 105.39
CA ASN B 909 -76.38 21.74 104.36
C ASN B 909 -76.49 21.13 102.97
N GLN B 910 -77.61 20.47 102.69
CA GLN B 910 -77.80 19.88 101.37
C GLN B 910 -77.96 20.96 100.30
N LYS B 911 -78.63 22.07 100.65
CA LYS B 911 -78.78 23.18 99.70
C LYS B 911 -77.44 23.82 99.38
N LEU B 912 -76.56 23.94 100.38
CA LEU B 912 -75.25 24.54 100.16
C LEU B 912 -74.39 23.68 99.23
N ILE B 913 -74.40 22.36 99.45
CA ILE B 913 -73.63 21.46 98.60
C ILE B 913 -74.21 21.42 97.19
N ALA B 914 -75.54 21.47 97.08
CA ALA B 914 -76.18 21.53 95.77
C ALA B 914 -75.80 22.80 95.03
N ASN B 915 -75.76 23.93 95.73
CA ASN B 915 -75.34 25.18 95.10
C ASN B 915 -73.86 25.15 94.74
N GLN B 916 -73.05 24.52 95.59
CA GLN B 916 -71.62 24.38 95.29
C GLN B 916 -71.39 23.50 94.07
N PHE B 917 -72.16 22.42 93.95
CA PHE B 917 -72.02 21.54 92.79
C PHE B 917 -72.46 22.25 91.51
N ASN B 918 -73.55 23.01 91.57
CA ASN B 918 -74.01 23.75 90.40
C ASN B 918 -73.02 24.85 90.03
N SER B 919 -72.44 25.53 91.02
CA SER B 919 -71.43 26.54 90.74
C SER B 919 -70.18 25.91 90.13
N ALA B 920 -69.78 24.73 90.62
CA ALA B 920 -68.62 24.03 90.06
C ALA B 920 -68.87 23.59 88.63
N ILE B 921 -70.08 23.11 88.33
CA ILE B 921 -70.43 22.72 86.97
C ILE B 921 -70.41 23.94 86.05
N GLY B 922 -70.96 25.06 86.52
CA GLY B 922 -70.89 26.29 85.74
C GLY B 922 -69.48 26.81 85.58
N LYS B 923 -68.65 26.64 86.63
CA LYS B 923 -67.27 27.12 86.56
C LYS B 923 -66.44 26.32 85.57
N ILE B 924 -66.58 24.98 85.58
CA ILE B 924 -65.82 24.18 84.63
C ILE B 924 -66.34 24.38 83.21
N GLN B 925 -67.64 24.64 83.05
CA GLN B 925 -68.20 24.90 81.73
C GLN B 925 -67.63 26.20 81.14
N ASP B 926 -67.48 27.23 81.98
CA ASP B 926 -66.89 28.48 81.51
C ASP B 926 -65.41 28.30 81.18
N SER B 927 -64.72 27.43 81.91
CA SER B 927 -63.31 27.19 81.65
C SER B 927 -63.10 26.45 80.33
N LEU B 928 -63.91 25.41 80.08
CA LEU B 928 -63.74 24.65 78.85
C LEU B 928 -64.29 25.40 77.63
N SER B 929 -65.13 26.40 77.86
CA SER B 929 -65.57 27.25 76.75
C SER B 929 -64.49 28.22 76.30
N SER B 930 -63.52 28.53 77.17
CA SER B 930 -62.44 29.44 76.83
C SER B 930 -61.32 28.70 76.10
N ALA B 934 -56.68 25.55 74.12
CA ALA B 934 -57.51 24.47 73.61
C ALA B 934 -57.03 23.11 74.12
N LEU B 935 -57.61 22.05 73.59
CA LEU B 935 -57.24 20.71 73.99
C LEU B 935 -55.88 20.34 73.39
N GLY B 936 -54.99 19.79 74.22
CA GLY B 936 -53.66 19.44 73.77
C GLY B 936 -53.48 17.96 73.50
N LYS B 937 -54.05 17.12 74.36
CA LYS B 937 -53.90 15.67 74.20
C LYS B 937 -54.69 15.16 73.01
N LEU B 938 -55.80 15.81 72.68
CA LEU B 938 -56.60 15.40 71.54
C LEU B 938 -56.16 16.04 70.23
N GLN B 939 -55.23 16.99 70.27
CA GLN B 939 -54.81 17.69 69.07
C GLN B 939 -53.49 17.16 68.50
N ASP B 940 -52.54 16.78 69.37
CA ASP B 940 -51.28 16.24 68.88
C ASP B 940 -51.45 14.89 68.22
N VAL B 941 -52.45 14.12 68.67
CA VAL B 941 -52.70 12.79 68.11
C VAL B 941 -53.23 12.87 66.69
N VAL B 942 -53.80 14.00 66.28
CA VAL B 942 -54.28 14.18 64.92
C VAL B 942 -53.26 14.94 64.07
N ASN B 943 -52.61 15.95 64.65
CA ASN B 943 -51.63 16.74 63.90
C ASN B 943 -50.41 15.90 63.50
N GLN B 944 -49.94 15.04 64.41
CA GLN B 944 -48.78 14.21 64.10
C GLN B 944 -49.11 13.19 63.02
N ASN B 945 -50.32 12.63 63.04
CA ASN B 945 -50.73 11.72 61.98
C ASN B 945 -50.89 12.45 60.65
N ALA B 946 -51.46 13.66 60.68
CA ALA B 946 -51.65 14.43 59.45
C ALA B 946 -50.32 14.81 58.82
N GLN B 947 -49.35 15.20 59.64
CA GLN B 947 -48.03 15.52 59.11
C GLN B 947 -47.27 14.26 58.70
N ALA B 948 -47.67 13.10 59.22
CA ALA B 948 -47.05 11.84 58.78
C ALA B 948 -47.53 11.47 57.38
N LEU B 949 -48.84 11.62 57.11
CA LEU B 949 -49.35 11.39 55.76
C LEU B 949 -48.84 12.45 54.79
N ASN B 950 -48.70 13.70 55.26
CA ASN B 950 -48.13 14.75 54.43
C ASN B 950 -46.68 14.44 54.07
N THR B 951 -45.90 13.93 55.04
CA THR B 951 -44.54 13.53 54.74
C THR B 951 -44.50 12.36 53.77
N LEU B 952 -45.39 11.38 53.95
CA LEU B 952 -45.43 10.22 53.07
C LEU B 952 -45.77 10.61 51.64
N VAL B 953 -46.65 11.60 51.48
CA VAL B 953 -46.95 12.13 50.14
C VAL B 953 -45.71 12.81 49.57
N LYS B 954 -44.99 13.56 50.40
CA LYS B 954 -43.80 14.29 49.93
C LYS B 954 -42.65 13.36 49.57
N GLN B 955 -42.68 12.10 50.00
CA GLN B 955 -41.60 11.18 49.69
C GLN B 955 -41.57 10.80 48.22
N LEU B 956 -42.71 10.80 47.53
CA LEU B 956 -42.77 10.48 46.12
C LEU B 956 -42.21 11.59 45.23
N SER B 957 -41.92 12.77 45.80
CA SER B 957 -41.36 13.88 45.05
C SER B 957 -39.84 13.91 45.05
N SER B 958 -39.19 12.93 45.67
CA SER B 958 -37.74 12.86 45.73
C SER B 958 -37.24 11.68 44.91
N ASN B 959 -36.12 11.89 44.22
CA ASN B 959 -35.57 10.87 43.34
C ASN B 959 -34.71 9.84 44.07
N PHE B 960 -34.36 10.09 45.34
CA PHE B 960 -33.50 9.22 46.14
C PHE B 960 -32.16 8.96 45.44
N GLY B 961 -31.59 10.01 44.85
CA GLY B 961 -30.33 9.89 44.14
C GLY B 961 -30.44 9.56 42.67
N ALA B 962 -31.64 9.33 42.15
CA ALA B 962 -31.83 9.04 40.74
C ALA B 962 -31.91 10.35 39.95
N ILE B 963 -32.31 10.25 38.68
CA ILE B 963 -32.36 11.42 37.81
C ILE B 963 -33.77 11.98 37.66
N SER B 964 -34.79 11.31 38.18
CA SER B 964 -36.16 11.81 38.12
C SER B 964 -36.94 11.26 39.29
N SER B 965 -38.03 11.96 39.62
CA SER B 965 -38.90 11.56 40.72
C SER B 965 -39.98 10.58 40.27
N VAL B 966 -40.69 10.91 39.20
CA VAL B 966 -41.74 10.04 38.67
C VAL B 966 -41.10 8.88 37.91
N LEU B 967 -41.60 7.67 38.15
CA LEU B 967 -41.05 6.48 37.50
C LEU B 967 -41.51 6.33 36.06
N ASN B 968 -42.53 7.07 35.64
CA ASN B 968 -43.00 6.97 34.26
C ASN B 968 -42.07 7.69 33.28
N ASP B 969 -41.33 8.70 33.75
CA ASP B 969 -40.49 9.48 32.85
C ASP B 969 -39.30 8.66 32.36
N ILE B 970 -38.62 7.96 33.27
CA ILE B 970 -37.44 7.18 32.88
C ILE B 970 -37.83 6.00 31.98
N LEU B 971 -39.02 5.44 32.20
CA LEU B 971 -39.47 4.32 31.37
C LEU B 971 -39.78 4.77 29.94
N SER B 972 -40.28 6.00 29.79
CA SER B 972 -40.68 6.52 28.49
C SER B 972 -39.60 7.34 27.80
N ARG B 973 -38.43 7.51 28.42
CA ARG B 973 -37.36 8.32 27.84
C ARG B 973 -36.07 7.55 27.60
N LEU B 974 -35.73 6.59 28.45
CA LEU B 974 -34.46 5.89 28.39
C LEU B 974 -34.66 4.45 27.90
N ASP B 975 -33.55 3.81 27.55
CA ASP B 975 -33.59 2.46 27.03
C ASP B 975 -33.98 1.47 28.13
N PRO B 976 -34.66 0.39 27.77
CA PRO B 976 -35.10 -0.61 28.77
C PRO B 976 -33.95 -1.23 29.56
N PRO B 977 -32.80 -1.61 28.95
CA PRO B 977 -31.74 -2.22 29.77
C PRO B 977 -31.16 -1.30 30.83
N GLU B 978 -31.11 0.01 30.57
CA GLU B 978 -30.62 0.95 31.57
C GLU B 978 -31.71 1.33 32.58
N ALA B 979 -32.97 1.06 32.27
CA ALA B 979 -34.08 1.54 33.09
C ALA B 979 -34.22 0.80 34.42
N GLU B 980 -33.70 -0.42 34.52
CA GLU B 980 -33.90 -1.19 35.75
C GLU B 980 -33.02 -0.71 36.90
N VAL B 981 -31.99 0.08 36.65
CA VAL B 981 -31.15 0.57 37.74
C VAL B 981 -31.68 1.86 38.37
N GLN B 982 -32.61 2.55 37.71
CA GLN B 982 -33.26 3.71 38.30
C GLN B 982 -34.58 3.36 38.94
N ILE B 983 -35.29 2.37 38.39
CA ILE B 983 -36.50 1.86 39.04
C ILE B 983 -36.15 1.20 40.38
N ASP B 984 -35.05 0.45 40.41
CA ASP B 984 -34.61 -0.19 41.64
C ASP B 984 -34.23 0.84 42.70
N ARG B 985 -33.60 1.95 42.27
CA ARG B 985 -33.28 3.02 43.21
C ARG B 985 -34.54 3.67 43.77
N LEU B 986 -35.55 3.86 42.92
CA LEU B 986 -36.81 4.43 43.38
C LEU B 986 -37.53 3.50 44.35
N ILE B 987 -37.52 2.19 44.08
CA ILE B 987 -38.20 1.24 44.94
C ILE B 987 -37.49 1.12 46.28
N THR B 988 -36.15 1.09 46.28
CA THR B 988 -35.40 0.99 47.52
C THR B 988 -35.60 2.23 48.39
N GLY B 989 -35.69 3.40 47.78
CA GLY B 989 -35.99 4.60 48.54
C GLY B 989 -37.38 4.61 49.13
N ARG B 990 -38.36 4.10 48.39
CA ARG B 990 -39.74 4.11 48.86
C ARG B 990 -39.98 3.04 49.91
N LEU B 991 -39.35 1.87 49.80
CA LEU B 991 -39.48 0.87 50.85
C LEU B 991 -38.76 1.32 52.12
N GLN B 992 -37.72 2.15 51.96
CA GLN B 992 -37.10 2.78 53.12
C GLN B 992 -38.07 3.77 53.77
N SER B 993 -38.88 4.45 52.96
CA SER B 993 -39.82 5.44 53.49
C SER B 993 -40.93 4.79 54.30
N LEU B 994 -41.55 3.74 53.77
CA LEU B 994 -42.73 3.14 54.40
C LEU B 994 -42.40 2.40 55.70
N GLN B 995 -41.16 1.98 55.90
CA GLN B 995 -40.82 1.24 57.10
C GLN B 995 -40.75 2.12 58.34
N THR B 996 -40.24 3.35 58.20
CA THR B 996 -40.21 4.28 59.33
C THR B 996 -41.62 4.67 59.75
N TYR B 997 -42.51 4.84 58.78
CA TYR B 997 -43.91 5.15 59.10
C TYR B 997 -44.58 4.01 59.85
N VAL B 998 -44.27 2.77 59.48
CA VAL B 998 -44.82 1.62 60.18
C VAL B 998 -44.33 1.57 61.62
N THR B 999 -43.03 1.81 61.83
CA THR B 999 -42.47 1.77 63.18
C THR B 999 -43.04 2.88 64.06
N GLN B 1000 -43.19 4.10 63.51
CA GLN B 1000 -43.72 5.18 64.32
C GLN B 1000 -45.23 5.03 64.55
N GLN B 1001 -45.94 4.39 63.62
CA GLN B 1001 -47.35 4.08 63.87
C GLN B 1001 -47.48 3.00 64.94
N LEU B 1002 -46.53 2.07 64.98
CA LEU B 1002 -46.60 0.98 65.96
C LEU B 1002 -46.33 1.48 67.37
N ILE B 1003 -45.38 2.41 67.54
CA ILE B 1003 -45.08 2.93 68.87
C ILE B 1003 -46.22 3.82 69.36
N ARG B 1004 -46.90 4.51 68.44
CA ARG B 1004 -48.07 5.28 68.82
C ARG B 1004 -49.19 4.38 69.30
N ALA B 1005 -49.32 3.19 68.71
CA ALA B 1005 -50.30 2.22 69.19
C ALA B 1005 -49.96 1.75 70.60
N ALA B 1006 -48.67 1.61 70.90
CA ALA B 1006 -48.25 1.19 72.24
C ALA B 1006 -48.58 2.25 73.30
N GLU B 1007 -48.34 3.52 72.97
CA GLU B 1007 -48.64 4.59 73.92
C GLU B 1007 -50.14 4.73 74.14
N ILE B 1008 -50.92 4.67 73.06
CA ILE B 1008 -52.36 4.86 73.17
C ILE B 1008 -53.02 3.67 73.84
N ARG B 1009 -52.52 2.45 73.60
CA ARG B 1009 -52.99 1.30 74.36
C ARG B 1009 -52.70 1.46 75.85
N ALA B 1010 -51.52 1.98 76.18
CA ALA B 1010 -51.20 2.25 77.58
C ALA B 1010 -52.14 3.30 78.16
N SER B 1011 -52.48 4.33 77.38
CA SER B 1011 -53.40 5.35 77.86
C SER B 1011 -54.84 4.83 77.92
N ALA B 1012 -55.23 4.03 76.93
CA ALA B 1012 -56.59 3.49 76.93
C ALA B 1012 -56.80 2.50 78.06
N ASN B 1013 -55.77 1.74 78.43
CA ASN B 1013 -55.84 0.90 79.62
C ASN B 1013 -55.96 1.73 80.87
N LEU B 1014 -55.31 2.90 80.90
CA LEU B 1014 -55.39 3.77 82.07
C LEU B 1014 -56.77 4.39 82.21
N ALA B 1015 -57.44 4.65 81.09
CA ALA B 1015 -58.82 5.13 81.15
C ALA B 1015 -59.77 4.07 81.66
N ALA B 1016 -59.60 2.82 81.21
CA ALA B 1016 -60.46 1.74 81.66
C ALA B 1016 -60.29 1.46 83.14
N THR B 1017 -59.05 1.56 83.64
CA THR B 1017 -58.82 1.35 85.07
C THR B 1017 -59.33 2.50 85.91
N LYS B 1018 -59.13 3.74 85.44
CA LYS B 1018 -59.63 4.91 86.16
C LYS B 1018 -61.14 4.89 86.26
N MET B 1019 -61.81 4.65 85.14
CA MET B 1019 -63.26 4.75 85.10
C MET B 1019 -63.91 3.57 85.83
N SER B 1020 -63.26 2.40 85.80
CA SER B 1020 -63.75 1.28 86.60
C SER B 1020 -63.60 1.56 88.09
N GLU B 1021 -62.69 2.45 88.46
CA GLU B 1021 -62.54 2.92 89.83
C GLU B 1021 -63.41 4.15 90.10
N CYS B 1022 -63.17 5.23 89.37
CA CYS B 1022 -63.75 6.51 89.71
C CYS B 1022 -65.22 6.63 89.31
N VAL B 1023 -65.60 6.05 88.18
CA VAL B 1023 -66.98 6.14 87.70
C VAL B 1023 -67.81 4.96 88.17
N LEU B 1024 -67.32 3.75 87.95
CA LEU B 1024 -68.05 2.52 88.29
C LEU B 1024 -67.89 2.16 89.77
N GLY B 1025 -68.13 3.12 90.65
CA GLY B 1025 -67.95 2.94 92.07
C GLY B 1025 -67.15 4.07 92.65
N GLN B 1026 -66.68 3.87 93.87
CA GLN B 1026 -65.87 4.85 94.60
C GLN B 1026 -64.48 4.28 94.81
N SER B 1027 -63.46 5.03 94.41
CA SER B 1027 -62.08 4.58 94.52
C SER B 1027 -61.45 5.14 95.79
N LYS B 1028 -60.86 4.24 96.58
CA LYS B 1028 -60.16 4.65 97.80
C LYS B 1028 -58.74 5.10 97.55
N ARG B 1029 -58.26 5.03 96.32
CA ARG B 1029 -56.90 5.44 96.00
C ARG B 1029 -56.81 6.96 96.02
N VAL B 1030 -55.94 7.48 96.88
CA VAL B 1030 -55.78 8.93 97.05
C VAL B 1030 -54.94 9.46 95.90
N ASP B 1031 -55.36 10.61 95.34
CA ASP B 1031 -54.72 11.27 94.21
C ASP B 1031 -54.68 10.33 93.00
N PHE B 1032 -55.85 9.81 92.67
CA PHE B 1032 -56.02 8.97 91.49
C PHE B 1032 -57.16 9.45 90.60
N CYS B 1033 -58.23 9.97 91.18
CA CYS B 1033 -59.34 10.57 90.44
C CYS B 1033 -59.34 12.09 90.59
N GLY B 1034 -58.16 12.68 90.64
CA GLY B 1034 -58.01 14.12 90.81
C GLY B 1034 -57.56 14.48 92.22
N LYS B 1035 -57.25 15.76 92.38
CA LYS B 1035 -56.77 16.26 93.66
C LYS B 1035 -57.91 16.36 94.66
N GLY B 1036 -57.69 15.83 95.85
CA GLY B 1036 -58.70 15.82 96.90
C GLY B 1036 -59.29 14.44 97.08
N TYR B 1037 -60.29 14.38 97.96
CA TYR B 1037 -60.99 13.12 98.22
C TYR B 1037 -62.04 12.91 97.14
N HIS B 1038 -61.81 11.90 96.30
CA HIS B 1038 -62.70 11.63 95.18
C HIS B 1038 -64.05 11.10 95.66
N LEU B 1039 -65.12 11.53 94.99
CA LEU B 1039 -66.45 10.99 95.24
C LEU B 1039 -67.00 10.25 94.03
N MET B 1040 -67.19 10.94 92.90
CA MET B 1040 -67.68 10.34 91.67
C MET B 1040 -66.82 10.85 90.52
N SER B 1041 -67.15 10.38 89.31
CA SER B 1041 -66.69 11.02 88.09
C SER B 1041 -67.77 10.85 87.03
N PHE B 1042 -67.93 11.88 86.20
CA PHE B 1042 -68.95 11.87 85.15
C PHE B 1042 -68.28 11.76 83.80
N PRO B 1043 -68.27 10.58 83.17
CA PRO B 1043 -67.61 10.45 81.87
C PRO B 1043 -68.43 11.10 80.77
N GLN B 1044 -67.73 11.71 79.81
CA GLN B 1044 -68.35 12.37 78.67
C GLN B 1044 -67.66 11.93 77.40
N SER B 1045 -68.43 11.87 76.31
CA SER B 1045 -67.87 11.46 75.02
C SER B 1045 -66.97 12.54 74.45
N ALA B 1046 -65.84 12.12 73.89
CA ALA B 1046 -64.84 13.01 73.31
C ALA B 1046 -64.36 12.42 72.00
N PRO B 1047 -63.91 13.26 71.06
CA PRO B 1047 -63.43 12.73 69.77
C PRO B 1047 -62.09 12.03 69.95
N HIS B 1048 -62.08 10.72 69.68
CA HIS B 1048 -60.89 9.88 69.80
C HIS B 1048 -60.30 9.95 71.21
N GLY B 1049 -61.18 9.96 72.21
CA GLY B 1049 -60.75 10.09 73.58
C GLY B 1049 -61.94 10.14 74.51
N VAL B 1050 -61.65 10.50 75.76
CA VAL B 1050 -62.68 10.60 76.80
C VAL B 1050 -62.24 11.63 77.83
N VAL B 1051 -63.21 12.35 78.38
CA VAL B 1051 -62.96 13.35 79.42
C VAL B 1051 -63.76 12.97 80.66
N PHE B 1052 -63.19 13.29 81.82
CA PHE B 1052 -63.74 12.85 83.11
C PHE B 1052 -64.09 14.07 83.94
N LEU B 1053 -65.32 14.09 84.46
CA LEU B 1053 -65.76 15.16 85.36
C LEU B 1053 -65.81 14.61 86.78
N HIS B 1054 -64.65 14.61 87.43
CA HIS B 1054 -64.55 14.12 88.80
C HIS B 1054 -65.21 15.09 89.78
N VAL B 1055 -65.70 14.55 90.89
CA VAL B 1055 -66.21 15.33 92.01
C VAL B 1055 -65.32 15.04 93.21
N THR B 1056 -64.73 16.09 93.77
CA THR B 1056 -63.73 15.94 94.82
C THR B 1056 -64.17 16.64 96.09
N TYR B 1057 -63.48 16.29 97.18
CA TYR B 1057 -63.70 16.86 98.51
C TYR B 1057 -62.40 17.55 98.90
N VAL B 1058 -62.44 18.88 99.01
CA VAL B 1058 -61.32 19.67 99.49
C VAL B 1058 -61.81 20.52 100.66
N PRO B 1059 -61.09 20.55 101.78
CA PRO B 1059 -61.45 21.48 102.86
C PRO B 1059 -61.14 22.92 102.47
N ALA B 1060 -61.89 23.85 103.07
CA ALA B 1060 -61.75 25.27 102.77
C ALA B 1060 -61.23 26.05 103.97
N GLN B 1061 -61.91 25.98 105.11
CA GLN B 1061 -61.56 26.74 106.30
C GLN B 1061 -61.26 25.78 107.44
N GLU B 1062 -60.16 26.04 108.14
CA GLU B 1062 -59.71 25.19 109.24
C GLU B 1062 -59.45 26.03 110.49
N LYS B 1063 -59.50 25.38 111.65
CA LYS B 1063 -59.28 26.04 112.92
C LYS B 1063 -58.29 25.24 113.76
N ASN B 1064 -57.49 25.96 114.54
CA ASN B 1064 -56.48 25.35 115.40
C ASN B 1064 -57.03 25.00 116.77
N PHE B 1065 -56.49 23.93 117.36
CA PHE B 1065 -57.02 23.38 118.61
C PHE B 1065 -55.90 22.70 119.37
N THR B 1066 -56.17 22.44 120.65
CA THR B 1066 -55.26 21.73 121.54
C THR B 1066 -55.73 20.28 121.66
N THR B 1067 -54.79 19.34 121.59
CA THR B 1067 -55.09 17.92 121.48
C THR B 1067 -54.47 17.12 122.61
N ALA B 1068 -55.22 16.16 123.12
CA ALA B 1068 -54.72 15.17 124.07
C ALA B 1068 -55.05 13.79 123.54
N PRO B 1069 -54.06 12.92 123.35
CA PRO B 1069 -54.36 11.57 122.86
C PRO B 1069 -55.05 10.68 123.90
N ALA B 1070 -55.11 11.10 125.16
CA ALA B 1070 -55.64 10.27 126.21
C ALA B 1070 -56.26 11.15 127.29
N ILE B 1071 -57.15 10.55 128.08
CA ILE B 1071 -57.80 11.21 129.21
C ILE B 1071 -57.94 10.20 130.34
N CYS B 1072 -57.47 10.58 131.53
CA CYS B 1072 -57.63 9.79 132.74
C CYS B 1072 -58.75 10.37 133.60
N HIS B 1073 -59.63 9.50 134.08
CA HIS B 1073 -60.75 9.92 134.92
C HIS B 1073 -60.59 9.46 136.36
N ASP B 1074 -60.47 8.15 136.59
CA ASP B 1074 -60.13 7.63 137.92
C ASP B 1074 -59.42 6.28 137.75
N GLY B 1075 -58.09 6.34 137.64
CA GLY B 1075 -57.31 5.14 137.46
C GLY B 1075 -57.53 4.42 136.15
N LYS B 1076 -58.20 5.06 135.19
CA LYS B 1076 -58.53 4.45 133.92
C LYS B 1076 -58.30 5.47 132.81
N ALA B 1077 -57.76 5.01 131.69
CA ALA B 1077 -57.47 5.86 130.54
C ALA B 1077 -58.61 5.75 129.54
N HIS B 1078 -59.23 6.88 129.22
CA HIS B 1078 -60.33 6.93 128.27
C HIS B 1078 -59.80 7.33 126.90
N PHE B 1079 -60.05 6.49 125.90
CA PHE B 1079 -59.54 6.67 124.55
C PHE B 1079 -60.70 6.87 123.58
N PRO B 1080 -60.57 7.80 122.63
CA PRO B 1080 -61.68 8.08 121.71
C PRO B 1080 -61.90 6.92 120.73
N ARG B 1081 -63.18 6.60 120.51
CA ARG B 1081 -63.52 5.50 119.62
C ARG B 1081 -63.43 5.92 118.15
N GLU B 1082 -64.22 6.91 117.75
CA GLU B 1082 -64.19 7.43 116.39
C GLU B 1082 -64.07 8.96 116.41
N GLY B 1083 -63.15 9.46 117.21
CA GLY B 1083 -62.95 10.89 117.29
C GLY B 1083 -61.56 11.22 117.82
N VAL B 1084 -61.36 12.51 118.09
CA VAL B 1084 -60.12 13.01 118.68
C VAL B 1084 -60.48 14.05 119.74
N PHE B 1085 -59.75 14.05 120.84
CA PHE B 1085 -60.01 14.98 121.93
C PHE B 1085 -59.53 16.37 121.54
N VAL B 1086 -60.44 17.34 121.56
CA VAL B 1086 -60.12 18.73 121.22
C VAL B 1086 -60.51 19.61 122.39
N SER B 1087 -59.81 20.74 122.52
CA SER B 1087 -60.04 21.68 123.61
C SER B 1087 -60.09 23.09 123.07
N ASN B 1088 -60.99 23.90 123.64
CA ASN B 1088 -61.10 25.31 123.29
C ASN B 1088 -60.55 26.23 124.37
N GLY B 1089 -59.95 25.68 125.42
CA GLY B 1089 -59.35 26.48 126.47
C GLY B 1089 -59.76 26.08 127.87
N THR B 1090 -61.05 25.75 128.06
CA THR B 1090 -61.54 25.33 129.36
C THR B 1090 -62.37 24.06 129.33
N HIS B 1091 -62.67 23.51 128.15
CA HIS B 1091 -63.51 22.32 128.04
C HIS B 1091 -62.94 21.41 126.97
N TRP B 1092 -63.40 20.16 126.98
CA TRP B 1092 -62.92 19.15 126.04
C TRP B 1092 -64.10 18.54 125.30
N PHE B 1093 -63.90 18.23 124.02
CA PHE B 1093 -64.95 17.70 123.17
C PHE B 1093 -64.38 16.56 122.35
N VAL B 1094 -65.22 15.96 121.51
CA VAL B 1094 -64.81 14.95 120.54
C VAL B 1094 -65.28 15.39 119.16
N THR B 1095 -64.44 15.21 118.16
CA THR B 1095 -64.70 15.76 116.84
C THR B 1095 -63.97 14.92 115.80
N GLN B 1096 -64.63 14.68 114.67
CA GLN B 1096 -63.99 13.97 113.57
C GLN B 1096 -62.91 14.84 112.93
N ARG B 1097 -62.05 14.20 112.14
CA ARG B 1097 -60.88 14.89 111.61
C ARG B 1097 -61.25 15.79 110.44
N ASN B 1098 -62.15 15.34 109.57
CA ASN B 1098 -62.44 15.99 108.30
C ASN B 1098 -63.60 17.00 108.36
N PHE B 1099 -64.25 17.15 109.51
CA PHE B 1099 -65.24 18.19 109.72
C PHE B 1099 -65.27 18.53 111.21
N TYR B 1100 -65.83 19.69 111.52
CA TYR B 1100 -65.88 20.15 112.90
C TYR B 1100 -67.30 19.98 113.44
N GLU B 1101 -67.43 19.21 114.51
CA GLU B 1101 -68.70 19.00 115.20
C GLU B 1101 -68.42 18.57 116.64
N PRO B 1102 -68.35 19.50 117.58
CA PRO B 1102 -68.04 19.13 118.96
C PRO B 1102 -69.20 18.39 119.63
N GLN B 1103 -68.85 17.60 120.64
CA GLN B 1103 -69.83 16.84 121.42
C GLN B 1103 -69.36 16.81 122.86
N ILE B 1104 -69.99 15.96 123.67
CA ILE B 1104 -69.70 15.83 125.08
C ILE B 1104 -69.08 14.46 125.31
N ILE B 1105 -67.93 14.42 125.98
CA ILE B 1105 -67.23 13.17 126.24
C ILE B 1105 -68.02 12.34 127.24
N THR B 1106 -68.27 11.08 126.89
CA THR B 1106 -69.03 10.15 127.73
C THR B 1106 -68.39 8.77 127.60
N THR B 1107 -69.08 7.76 128.12
CA THR B 1107 -68.61 6.38 127.99
C THR B 1107 -69.22 5.67 126.78
N ASP B 1108 -69.99 6.38 125.96
CA ASP B 1108 -70.51 5.82 124.73
C ASP B 1108 -69.65 6.15 123.51
N ASN B 1109 -68.81 7.18 123.59
CA ASN B 1109 -67.88 7.51 122.54
C ASN B 1109 -66.43 7.27 122.93
N THR B 1110 -66.18 6.72 124.12
CA THR B 1110 -64.83 6.42 124.59
C THR B 1110 -64.80 5.00 125.16
N PHE B 1111 -63.62 4.39 125.10
CA PHE B 1111 -63.40 3.06 125.65
C PHE B 1111 -62.18 3.09 126.58
N VAL B 1112 -62.23 2.30 127.64
CA VAL B 1112 -61.18 2.27 128.65
C VAL B 1112 -60.12 1.25 128.25
N SER B 1113 -58.87 1.56 128.56
CA SER B 1113 -57.75 0.65 128.27
C SER B 1113 -56.64 0.94 129.27
N GLY B 1114 -56.56 0.12 130.31
CA GLY B 1114 -55.46 0.21 131.26
C GLY B 1114 -55.51 1.44 132.14
N ASN B 1115 -54.37 1.70 132.80
CA ASN B 1115 -54.20 2.84 133.67
C ASN B 1115 -53.57 4.01 132.90
N CYS B 1116 -53.43 5.14 133.57
CA CYS B 1116 -52.89 6.35 132.96
C CYS B 1116 -51.47 6.67 133.46
N ASP B 1117 -50.72 5.65 133.85
CA ASP B 1117 -49.30 5.79 134.16
C ASP B 1117 -48.41 5.34 133.02
N VAL B 1118 -48.99 4.90 131.90
CA VAL B 1118 -48.22 4.44 130.76
C VAL B 1118 -48.25 5.44 129.59
N VAL B 1119 -49.33 6.21 129.44
CA VAL B 1119 -49.41 7.17 128.34
C VAL B 1119 -48.55 8.38 128.68
N ILE B 1120 -47.73 8.80 127.72
CA ILE B 1120 -46.80 9.91 127.95
C ILE B 1120 -47.56 11.22 128.12
N GLY B 1121 -48.51 11.49 127.22
CA GLY B 1121 -49.26 12.73 127.27
C GLY B 1121 -50.74 12.52 127.56
N ILE B 1122 -51.22 13.07 128.68
CA ILE B 1122 -52.60 12.87 129.11
C ILE B 1122 -53.07 14.10 129.89
N VAL B 1123 -54.36 14.38 129.77
CA VAL B 1123 -55.00 15.52 130.45
C VAL B 1123 -56.17 15.00 131.27
N ASN B 1124 -56.25 15.44 132.52
CA ASN B 1124 -57.34 15.02 133.40
C ASN B 1124 -58.67 15.58 132.93
N ASN B 1125 -59.71 14.75 133.03
CA ASN B 1125 -61.07 15.15 132.68
C ASN B 1125 -62.03 14.13 133.30
N THR B 1126 -63.32 14.40 133.17
CA THR B 1126 -64.36 13.48 133.60
C THR B 1126 -65.28 13.17 132.42
N VAL B 1127 -65.90 12.00 132.47
CA VAL B 1127 -66.78 11.55 131.41
C VAL B 1127 -68.22 11.58 131.91
N TYR B 1128 -69.14 11.75 130.98
CA TYR B 1128 -70.57 11.71 131.29
C TYR B 1128 -71.03 10.27 131.40
N ASP B 1129 -71.77 9.97 132.46
CA ASP B 1129 -72.31 8.63 132.70
C ASP B 1129 -73.84 8.75 132.73
N PRO B 1130 -74.50 8.56 131.59
CA PRO B 1130 -75.95 8.83 131.53
C PRO B 1130 -76.81 7.94 132.39
N LEU B 1131 -76.31 6.77 132.80
CA LEU B 1131 -77.18 5.77 133.42
C LEU B 1131 -77.62 6.17 134.82
N GLN B 1132 -76.78 6.88 135.56
CA GLN B 1132 -77.07 7.28 136.94
C GLN B 1132 -78.05 8.45 137.11
N PRO B 1133 -78.08 9.47 136.24
CA PRO B 1133 -79.16 10.47 136.36
C PRO B 1133 -80.56 9.89 136.32
N GLU B 1134 -80.81 8.88 135.50
CA GLU B 1134 -82.09 8.19 135.57
C GLU B 1134 -82.17 7.22 136.75
N LEU B 1135 -81.01 6.79 137.26
CA LEU B 1135 -81.00 5.89 138.41
C LEU B 1135 -81.44 6.61 139.67
N ASP B 1136 -81.02 7.86 139.84
CA ASP B 1136 -81.42 8.66 140.99
C ASP B 1136 -82.77 9.32 140.76
N GLN C 4 37.95 -13.22 55.05
CA GLN C 4 38.31 -14.63 55.05
C GLN C 4 37.76 -15.35 56.28
N CYS C 5 37.67 -16.68 56.21
CA CYS C 5 37.16 -17.48 57.31
C CYS C 5 37.90 -18.80 57.36
N VAL C 6 37.80 -19.47 58.51
CA VAL C 6 38.34 -20.80 58.71
C VAL C 6 37.20 -21.75 59.05
N ASN C 7 37.50 -23.05 59.02
CA ASN C 7 36.53 -24.09 59.32
C ASN C 7 36.81 -24.70 60.69
N LEU C 8 35.75 -25.06 61.39
CA LEU C 8 35.89 -25.69 62.69
C LEU C 8 36.08 -27.20 62.53
N THR C 9 36.40 -27.85 63.64
CA THR C 9 36.63 -29.29 63.68
C THR C 9 35.48 -29.97 64.41
N THR C 10 35.38 -31.29 64.21
CA THR C 10 34.33 -32.06 64.84
C THR C 10 34.64 -32.26 66.33
N ARG C 11 33.69 -31.91 67.18
CA ARG C 11 33.85 -32.03 68.62
C ARG C 11 32.51 -32.40 69.24
N THR C 12 32.54 -32.74 70.53
CA THR C 12 31.33 -33.12 71.23
C THR C 12 30.54 -31.88 71.65
N GLN C 13 29.24 -31.91 71.39
CA GLN C 13 28.33 -30.83 71.77
C GLN C 13 27.23 -31.39 72.68
N LEU C 14 26.29 -30.52 73.03
CA LEU C 14 25.11 -30.90 73.78
C LEU C 14 23.86 -30.55 72.97
N PRO C 15 22.80 -31.36 73.06
CA PRO C 15 21.58 -31.04 72.31
C PRO C 15 20.91 -29.80 72.88
N PRO C 16 20.21 -29.03 72.04
CA PRO C 16 19.51 -27.85 72.55
C PRO C 16 18.34 -28.23 73.44
N ALA C 17 18.05 -27.35 74.39
CA ALA C 17 16.97 -27.55 75.35
C ALA C 17 15.78 -26.65 75.02
N TYR C 18 14.67 -26.93 75.67
CA TYR C 18 13.43 -26.17 75.49
C TYR C 18 12.96 -25.67 76.84
N THR C 19 12.67 -24.37 76.92
CA THR C 19 12.17 -23.74 78.12
C THR C 19 10.83 -23.08 77.84
N ASN C 20 10.18 -22.62 78.90
CA ASN C 20 8.85 -22.01 78.80
C ASN C 20 8.94 -20.52 79.08
N SER C 21 8.34 -19.71 78.22
CA SER C 21 8.28 -18.29 78.41
C SER C 21 7.22 -17.93 79.45
N PHE C 22 7.41 -16.77 80.11
CA PHE C 22 6.50 -16.31 81.16
C PHE C 22 6.27 -14.81 80.95
N THR C 23 5.17 -14.49 80.25
CA THR C 23 4.74 -13.11 80.02
C THR C 23 5.85 -12.26 79.38
N ARG C 24 6.39 -12.76 78.27
CA ARG C 24 7.45 -12.08 77.55
C ARG C 24 7.04 -11.87 76.10
N GLY C 25 7.75 -10.97 75.42
CA GLY C 25 7.50 -10.70 74.03
C GLY C 25 6.37 -9.71 73.80
N VAL C 26 6.31 -8.68 74.63
CA VAL C 26 5.29 -7.64 74.54
C VAL C 26 5.98 -6.33 74.17
N TYR C 27 5.48 -5.67 73.13
CA TYR C 27 6.05 -4.42 72.66
C TYR C 27 4.91 -3.49 72.28
N TYR C 28 5.27 -2.23 72.00
CA TYR C 28 4.28 -1.25 71.56
C TYR C 28 3.98 -1.46 70.09
N PRO C 29 2.73 -1.75 69.71
CA PRO C 29 2.39 -1.97 68.30
C PRO C 29 2.11 -0.71 67.52
N ASP C 30 2.11 0.45 68.16
CA ASP C 30 1.79 1.71 67.48
C ASP C 30 2.57 2.83 68.15
N LYS C 31 2.77 3.91 67.40
CA LYS C 31 3.51 5.08 67.87
C LYS C 31 2.58 6.20 68.36
N VAL C 32 1.45 5.84 68.96
CA VAL C 32 0.51 6.80 69.49
C VAL C 32 0.46 6.66 71.01
N PHE C 33 -0.18 7.62 71.66
CA PHE C 33 -0.29 7.65 73.11
C PHE C 33 -1.71 7.29 73.52
N ARG C 34 -1.84 6.32 74.43
CA ARG C 34 -3.12 5.90 74.98
C ARG C 34 -3.03 5.92 76.49
N SER C 35 -4.02 6.55 77.13
CA SER C 35 -4.04 6.70 78.58
C SER C 35 -5.34 6.13 79.14
N SER C 36 -5.22 5.14 80.01
CA SER C 36 -6.36 4.50 80.69
C SER C 36 -7.39 3.96 79.70
N VAL C 37 -6.91 3.37 78.61
CA VAL C 37 -7.77 2.81 77.57
C VAL C 37 -7.35 1.36 77.34
N LEU C 38 -8.33 0.45 77.40
CA LEU C 38 -8.12 -0.96 77.10
C LEU C 38 -8.48 -1.17 75.62
N HIS C 39 -7.46 -1.19 74.77
CA HIS C 39 -7.65 -1.28 73.33
C HIS C 39 -6.89 -2.48 72.78
N SER C 40 -7.53 -3.21 71.86
CA SER C 40 -6.97 -4.42 71.29
C SER C 40 -6.37 -4.14 69.91
N THR C 41 -5.27 -4.85 69.62
CA THR C 41 -4.59 -4.73 68.35
C THR C 41 -4.41 -6.11 67.73
N GLN C 42 -4.39 -6.13 66.39
CA GLN C 42 -4.10 -7.34 65.62
C GLN C 42 -2.69 -7.17 65.05
N ASP C 43 -1.72 -7.84 65.66
CA ASP C 43 -0.33 -7.71 65.28
C ASP C 43 0.42 -8.93 65.78
N LEU C 44 1.67 -9.06 65.34
CA LEU C 44 2.50 -10.22 65.66
C LEU C 44 3.06 -10.06 67.07
N PHE C 45 2.65 -10.93 67.99
CA PHE C 45 3.15 -10.93 69.37
C PHE C 45 3.52 -12.34 69.80
N LEU C 46 4.43 -12.42 70.76
CA LEU C 46 4.85 -13.72 71.29
C LEU C 46 3.74 -14.32 72.15
N PRO C 47 3.36 -15.58 71.93
CA PRO C 47 2.32 -16.20 72.77
C PRO C 47 2.79 -16.39 74.20
N PHE C 48 1.84 -16.32 75.13
CA PHE C 48 2.13 -16.55 76.54
C PHE C 48 2.17 -18.04 76.84
N PHE C 49 3.14 -18.44 77.67
CA PHE C 49 3.35 -19.83 78.08
C PHE C 49 3.53 -20.75 76.87
N SER C 50 4.29 -20.27 75.88
CA SER C 50 4.57 -21.02 74.67
C SER C 50 5.97 -21.63 74.73
N ASN C 51 6.16 -22.68 73.94
CA ASN C 51 7.45 -23.36 73.88
C ASN C 51 8.44 -22.52 73.10
N VAL C 52 9.57 -22.20 73.72
CA VAL C 52 10.62 -21.39 73.11
C VAL C 52 11.94 -22.13 73.21
N THR C 53 12.75 -22.03 72.15
CA THR C 53 14.02 -22.76 72.11
C THR C 53 15.05 -22.11 73.04
N TRP C 54 16.04 -22.91 73.41
CA TRP C 54 17.13 -22.47 74.27
C TRP C 54 18.45 -22.95 73.68
N PHE C 55 19.39 -22.02 73.52
CA PHE C 55 20.73 -22.33 73.03
C PHE C 55 21.75 -21.95 74.09
N HIS C 56 22.65 -22.87 74.39
CA HIS C 56 23.67 -22.64 75.41
C HIS C 56 24.95 -22.10 74.78
N ALA C 57 25.70 -21.34 75.58
CA ALA C 57 26.96 -20.77 75.11
C ALA C 57 28.07 -20.84 76.15
N ILE C 58 27.89 -21.61 77.23
CA ILE C 58 28.92 -21.72 78.25
C ILE C 58 30.06 -22.60 77.76
N HIS C 59 31.22 -22.47 78.41
CA HIS C 59 32.39 -23.24 78.04
C HIS C 59 32.47 -24.57 78.81
N VAL C 60 32.43 -24.51 80.14
CA VAL C 60 32.50 -25.71 80.96
C VAL C 60 31.12 -26.14 81.42
N THR C 66 30.98 -30.09 77.54
CA THR C 66 31.74 -28.86 77.50
C THR C 66 31.96 -28.39 76.08
N LYS C 67 32.52 -27.18 75.94
CA LYS C 67 32.80 -26.55 74.64
C LYS C 67 31.53 -26.42 73.81
N ARG C 68 30.56 -25.67 74.37
CA ARG C 68 29.27 -25.46 73.72
C ARG C 68 29.39 -24.27 72.77
N PHE C 69 29.34 -24.55 71.46
CA PHE C 69 29.38 -23.50 70.44
C PHE C 69 28.50 -23.97 69.29
N ASP C 70 27.24 -23.54 69.31
CA ASP C 70 26.27 -23.87 68.27
C ASP C 70 25.86 -22.62 67.54
N ASN C 71 25.99 -22.64 66.22
CA ASN C 71 25.52 -21.56 65.35
C ASN C 71 24.69 -22.14 64.21
N PRO C 72 23.47 -22.59 64.50
CA PRO C 72 22.60 -23.08 63.42
C PRO C 72 21.80 -21.97 62.79
N VAL C 73 21.76 -21.91 61.46
CA VAL C 73 20.96 -20.89 60.79
C VAL C 73 19.49 -21.23 60.97
N LEU C 74 18.75 -20.31 61.56
CA LEU C 74 17.35 -20.58 61.87
C LEU C 74 16.45 -19.86 60.87
N PRO C 75 15.34 -20.48 60.47
CA PRO C 75 14.45 -19.85 59.49
C PRO C 75 13.78 -18.61 60.08
N PHE C 76 13.83 -17.52 59.33
CA PHE C 76 13.25 -16.25 59.74
C PHE C 76 11.78 -16.24 59.35
N ASN C 77 10.90 -16.47 60.32
CA ASN C 77 9.47 -16.42 60.10
C ASN C 77 8.99 -14.97 60.18
N ASP C 78 7.67 -14.78 60.24
CA ASP C 78 7.09 -13.44 60.36
C ASP C 78 7.35 -12.90 61.77
N GLY C 79 8.59 -12.46 61.99
CA GLY C 79 8.99 -11.93 63.26
C GLY C 79 9.72 -12.93 64.13
N VAL C 80 10.71 -12.47 64.91
CA VAL C 80 11.45 -13.31 65.84
C VAL C 80 11.54 -12.60 67.18
N TYR C 81 11.80 -13.39 68.22
CA TYR C 81 11.99 -12.88 69.57
C TYR C 81 13.33 -13.36 70.09
N PHE C 82 14.27 -12.42 70.26
CA PHE C 82 15.64 -12.75 70.67
C PHE C 82 15.88 -12.13 72.05
N ALA C 83 15.82 -12.96 73.08
CA ALA C 83 16.06 -12.55 74.45
C ALA C 83 17.35 -13.17 74.96
N SER C 84 18.14 -12.38 75.68
CA SER C 84 19.42 -12.85 76.21
C SER C 84 19.65 -12.24 77.58
N THR C 85 20.03 -13.09 78.54
CA THR C 85 20.42 -12.64 79.88
C THR C 85 21.92 -12.33 79.93
N GLU C 86 22.30 -11.36 79.10
CA GLU C 86 23.70 -11.05 78.88
C GLU C 86 24.35 -10.44 80.11
N LYS C 87 25.52 -10.95 80.48
CA LYS C 87 26.29 -10.48 81.62
C LYS C 87 27.62 -9.87 81.22
N SER C 88 28.48 -10.62 80.53
CA SER C 88 29.80 -10.17 80.17
C SER C 88 29.88 -9.73 78.70
N ASN C 89 28.72 -9.53 78.06
CA ASN C 89 28.61 -9.00 76.71
C ASN C 89 29.36 -9.87 75.69
N ILE C 90 28.88 -11.10 75.55
CA ILE C 90 29.52 -12.06 74.65
C ILE C 90 29.03 -11.90 73.22
N ILE C 91 27.71 -11.91 73.02
CA ILE C 91 27.15 -11.81 71.68
C ILE C 91 27.38 -10.41 71.12
N ARG C 92 27.72 -10.33 69.84
CA ARG C 92 28.09 -9.07 69.21
C ARG C 92 27.07 -8.57 68.19
N GLY C 93 26.75 -9.36 67.19
CA GLY C 93 25.92 -8.87 66.11
C GLY C 93 25.02 -9.93 65.54
N TRP C 94 24.24 -9.53 64.54
CA TRP C 94 23.27 -10.39 63.89
C TRP C 94 23.36 -10.21 62.38
N ILE C 95 23.08 -11.29 61.66
CA ILE C 95 23.15 -11.30 60.20
C ILE C 95 21.83 -11.84 59.64
N PHE C 96 21.22 -11.08 58.74
CA PHE C 96 19.99 -11.48 58.06
C PHE C 96 20.30 -11.73 56.59
N GLY C 97 19.63 -12.72 56.01
CA GLY C 97 19.82 -13.01 54.60
C GLY C 97 18.89 -14.13 54.16
N THR C 98 19.05 -14.50 52.88
CA THR C 98 18.24 -15.55 52.29
C THR C 98 19.08 -16.78 51.92
N THR C 99 20.14 -16.60 51.13
CA THR C 99 21.00 -17.71 50.74
C THR C 99 22.45 -17.52 51.15
N LEU C 100 22.88 -16.29 51.48
CA LEU C 100 24.21 -15.99 52.03
C LEU C 100 25.33 -16.44 51.07
N ASP C 101 25.17 -16.10 49.79
CA ASP C 101 26.21 -16.38 48.80
C ASP C 101 26.41 -15.21 47.85
N SER C 102 26.15 -13.99 48.33
CA SER C 102 26.35 -12.75 47.57
C SER C 102 25.52 -12.73 46.29
N LYS C 103 24.28 -13.22 46.36
CA LYS C 103 23.35 -13.12 45.25
C LYS C 103 22.11 -12.32 45.56
N THR C 104 21.79 -12.09 46.85
CA THR C 104 20.64 -11.30 47.26
C THR C 104 21.09 -10.31 48.33
N GLN C 105 20.26 -9.29 48.55
CA GLN C 105 20.58 -8.27 49.54
C GLN C 105 20.47 -8.87 50.94
N SER C 106 21.54 -8.73 51.72
CA SER C 106 21.62 -9.26 53.07
C SER C 106 21.90 -8.13 54.06
N LEU C 107 21.72 -8.44 55.33
CA LEU C 107 21.90 -7.46 56.40
C LEU C 107 23.11 -7.84 57.26
N LEU C 108 23.64 -6.83 57.95
CA LEU C 108 24.73 -7.03 58.91
C LEU C 108 24.54 -6.00 60.02
N ILE C 109 23.85 -6.42 61.08
CA ILE C 109 23.62 -5.59 62.26
C ILE C 109 24.64 -6.05 63.29
N VAL C 110 25.80 -5.40 63.30
CA VAL C 110 26.93 -5.81 64.11
C VAL C 110 27.33 -4.63 65.01
N ASN C 111 27.66 -4.94 66.26
CA ASN C 111 28.00 -3.94 67.26
C ASN C 111 29.43 -4.14 67.75
N ASN C 112 30.23 -3.09 67.71
CA ASN C 112 31.55 -3.08 68.31
C ASN C 112 31.55 -2.15 69.53
N ALA C 113 32.73 -1.99 70.13
CA ALA C 113 32.87 -1.24 71.37
C ALA C 113 32.87 0.27 71.17
N THR C 114 32.91 0.75 69.93
CA THR C 114 32.97 2.18 69.65
C THR C 114 31.67 2.73 69.06
N ASN C 115 31.20 2.14 67.94
CA ASN C 115 30.02 2.64 67.26
C ASN C 115 29.20 1.47 66.73
N VAL C 116 27.92 1.74 66.49
CA VAL C 116 27.00 0.74 65.96
C VAL C 116 26.83 1.01 64.47
N VAL C 117 27.17 0.02 63.65
CA VAL C 117 27.04 0.13 62.20
C VAL C 117 26.14 -1.00 61.70
N ILE C 118 25.20 -0.64 60.83
CA ILE C 118 24.30 -1.61 60.21
C ILE C 118 24.52 -1.50 58.70
N LYS C 119 25.27 -2.45 58.14
CA LYS C 119 25.62 -2.46 56.73
C LYS C 119 24.72 -3.47 56.03
N VAL C 120 23.64 -2.98 55.43
CA VAL C 120 22.72 -3.85 54.68
C VAL C 120 23.27 -3.91 53.26
N CYS C 121 24.23 -4.81 53.05
CA CYS C 121 24.85 -5.00 51.76
C CYS C 121 25.13 -6.48 51.56
N GLU C 122 25.59 -6.84 50.37
CA GLU C 122 25.80 -8.24 49.98
C GLU C 122 27.22 -8.64 50.35
N PHE C 123 27.36 -9.38 51.45
CA PHE C 123 28.65 -9.90 51.88
C PHE C 123 28.77 -11.38 51.53
N GLN C 124 30.01 -11.84 51.40
CA GLN C 124 30.30 -13.24 51.13
C GLN C 124 30.46 -13.94 52.47
N PHE C 125 29.35 -14.47 52.98
CA PHE C 125 29.35 -15.10 54.29
C PHE C 125 29.93 -16.50 54.22
N CYS C 126 30.70 -16.86 55.23
CA CYS C 126 31.33 -18.17 55.32
C CYS C 126 30.41 -19.14 56.06
N ASN C 127 30.94 -20.32 56.41
CA ASN C 127 30.13 -21.33 57.07
C ASN C 127 29.67 -20.89 58.45
N ASP C 128 30.56 -20.25 59.22
CA ASP C 128 30.23 -19.78 60.56
C ASP C 128 31.03 -18.52 60.87
N PRO C 129 30.46 -17.35 60.60
CA PRO C 129 31.11 -16.10 61.03
C PRO C 129 31.25 -16.06 62.54
N PHE C 130 32.35 -15.48 63.00
CA PHE C 130 32.62 -15.40 64.43
C PHE C 130 33.53 -14.21 64.69
N LEU C 131 33.62 -13.83 65.96
CA LEU C 131 34.46 -12.73 66.40
C LEU C 131 35.49 -13.25 67.39
N GLY C 132 36.74 -12.85 67.21
CA GLY C 132 37.85 -13.29 68.04
C GLY C 132 38.39 -12.17 68.89
N VAL C 133 38.67 -12.46 70.15
CA VAL C 133 39.25 -11.52 71.10
C VAL C 133 40.58 -12.08 71.58
N TYR C 134 41.63 -11.28 71.48
CA TYR C 134 42.98 -11.68 71.87
C TYR C 134 43.39 -10.95 73.14
N TYR C 135 43.97 -11.68 74.08
CA TYR C 135 44.46 -11.11 75.33
C TYR C 135 45.92 -10.74 75.19
N HIS C 136 46.22 -9.45 75.34
CA HIS C 136 47.59 -8.98 75.23
C HIS C 136 48.39 -9.36 76.47
N LYS C 137 49.69 -9.57 76.26
CA LYS C 137 50.59 -9.90 77.37
C LYS C 137 51.01 -8.63 78.13
N ASN C 138 51.40 -7.59 77.39
CA ASN C 138 51.84 -6.35 78.04
C ASN C 138 50.65 -5.55 78.57
N ASN C 139 49.52 -5.57 77.87
CA ASN C 139 48.34 -4.82 78.27
C ASN C 139 47.31 -5.78 78.87
N LYS C 140 46.84 -5.46 80.07
CA LYS C 140 45.86 -6.30 80.76
C LYS C 140 44.44 -5.89 80.37
N SER C 141 44.16 -6.02 79.08
CA SER C 141 42.84 -5.69 78.55
C SER C 141 42.55 -6.59 77.36
N TRP C 142 41.27 -6.76 77.08
CA TRP C 142 40.82 -7.62 75.97
C TRP C 142 40.47 -6.74 74.79
N MET C 143 40.94 -7.12 73.60
CA MET C 143 40.76 -6.32 72.40
C MET C 143 40.44 -7.25 71.23
N GLU C 144 39.59 -6.79 70.33
CA GLU C 144 39.09 -7.60 69.22
C GLU C 144 40.02 -7.50 68.02
N SER C 145 40.69 -8.59 67.69
CA SER C 145 41.65 -8.62 66.59
C SER C 145 41.20 -9.47 65.41
N GLU C 146 40.61 -10.63 65.66
CA GLU C 146 40.18 -11.54 64.60
C GLU C 146 38.82 -11.10 64.09
N PHE C 147 38.81 -10.31 63.02
CA PHE C 147 37.58 -9.82 62.40
C PHE C 147 37.31 -10.68 61.17
N ARG C 148 36.70 -11.85 61.40
CA ARG C 148 36.38 -12.80 60.35
C ARG C 148 34.87 -13.05 60.37
N VAL C 149 34.13 -12.18 59.68
CA VAL C 149 32.68 -12.34 59.57
C VAL C 149 32.22 -12.55 58.14
N TYR C 150 32.99 -12.14 57.13
CA TYR C 150 32.66 -12.37 55.74
C TYR C 150 33.95 -12.35 54.93
N SER C 151 33.81 -12.49 53.62
CA SER C 151 34.96 -12.50 52.71
C SER C 151 35.05 -11.26 51.84
N SER C 152 33.98 -10.92 51.12
CA SER C 152 34.01 -9.77 50.23
C SER C 152 32.61 -9.18 50.13
N ALA C 153 32.55 -7.87 49.85
CA ALA C 153 31.30 -7.16 49.67
C ALA C 153 31.27 -6.51 48.29
N ASN C 154 30.08 -6.47 47.70
CA ASN C 154 29.90 -5.91 46.37
C ASN C 154 28.49 -5.37 46.23
N ASN C 155 28.35 -4.31 45.43
CA ASN C 155 27.06 -3.66 45.14
C ASN C 155 26.37 -3.24 46.42
N CYS C 156 27.05 -2.40 47.20
CA CYS C 156 26.60 -2.09 48.54
C CYS C 156 25.38 -1.17 48.50
N THR C 157 24.62 -1.20 49.60
CA THR C 157 23.31 -0.59 49.72
C THR C 157 23.20 0.07 51.08
N PHE C 158 21.97 0.27 51.56
CA PHE C 158 21.62 0.93 52.82
C PHE C 158 22.62 0.64 53.93
N GLU C 159 23.12 1.71 54.55
CA GLU C 159 24.19 1.63 55.55
C GLU C 159 23.94 2.73 56.57
N TYR C 160 23.59 2.34 57.80
CA TYR C 160 23.22 3.28 58.85
C TYR C 160 24.17 3.12 60.03
N VAL C 161 24.57 4.27 60.60
CA VAL C 161 25.41 4.30 61.78
C VAL C 161 24.56 4.85 62.93
N SER C 162 24.39 4.04 63.96
CA SER C 162 23.55 4.39 65.10
C SER C 162 24.38 5.17 66.13
N GLN C 163 23.80 5.40 67.30
CA GLN C 163 24.51 6.10 68.36
C GLN C 163 25.62 5.21 68.93
N PRO C 164 26.72 5.82 69.39
CA PRO C 164 27.80 5.02 70.00
C PRO C 164 27.35 4.33 71.27
N PHE C 165 27.92 3.15 71.50
CA PHE C 165 27.62 2.34 72.68
C PHE C 165 28.91 1.78 73.23
N LEU C 166 29.10 1.90 74.54
CA LEU C 166 30.29 1.39 75.22
C LEU C 166 30.03 0.01 75.77
N MET C 167 31.07 -0.81 75.81
CA MET C 167 30.91 -2.23 76.04
C MET C 167 32.16 -2.76 76.74
N ASP C 168 32.01 -3.87 77.45
CA ASP C 168 33.09 -4.50 78.19
C ASP C 168 33.43 -5.83 77.52
N LEU C 169 34.71 -5.99 77.18
CA LEU C 169 35.17 -7.17 76.44
C LEU C 169 35.72 -8.27 77.35
N GLU C 170 35.65 -8.09 78.67
CA GLU C 170 36.13 -9.11 79.60
C GLU C 170 35.01 -10.10 79.89
N GLY C 171 35.31 -11.38 79.72
CA GLY C 171 34.35 -12.44 79.95
C GLY C 171 34.60 -13.14 81.28
N LYS C 172 33.51 -13.43 82.00
CA LYS C 172 33.58 -14.08 83.29
C LYS C 172 32.65 -15.28 83.31
N GLN C 173 32.74 -16.07 84.39
CA GLN C 173 31.92 -17.25 84.57
C GLN C 173 30.88 -17.07 85.68
N GLY C 174 30.65 -15.85 86.13
CA GLY C 174 29.72 -15.60 87.22
C GLY C 174 28.28 -15.53 86.77
N ASN C 175 27.41 -15.21 87.72
CA ASN C 175 25.98 -15.13 87.45
C ASN C 175 25.67 -13.87 86.63
N PHE C 176 24.56 -13.93 85.90
CA PHE C 176 24.17 -12.82 85.05
C PHE C 176 23.57 -11.68 85.87
N LYS C 177 23.73 -10.46 85.35
CA LYS C 177 23.23 -9.27 86.02
C LYS C 177 22.31 -8.41 85.16
N ASN C 178 22.23 -8.66 83.85
CA ASN C 178 21.36 -7.89 82.97
C ASN C 178 20.63 -8.83 82.02
N LEU C 179 19.49 -8.36 81.51
CA LEU C 179 18.69 -9.11 80.56
C LEU C 179 18.34 -8.21 79.39
N ARG C 180 18.61 -8.69 78.17
CA ARG C 180 18.34 -7.94 76.95
C ARG C 180 17.43 -8.75 76.04
N GLU C 181 16.36 -8.12 75.56
CA GLU C 181 15.40 -8.74 74.66
C GLU C 181 15.35 -7.96 73.36
N PHE C 182 15.25 -8.67 72.24
CA PHE C 182 15.18 -8.05 70.93
C PHE C 182 14.08 -8.70 70.11
N VAL C 183 13.34 -7.88 69.37
CA VAL C 183 12.28 -8.34 68.48
C VAL C 183 12.54 -7.76 67.10
N PHE C 184 12.68 -8.62 66.10
CA PHE C 184 12.91 -8.21 64.72
C PHE C 184 11.71 -8.62 63.87
N LYS C 185 11.13 -7.65 63.16
CA LYS C 185 9.96 -7.87 62.34
C LYS C 185 10.20 -7.32 60.94
N ASN C 186 9.45 -7.84 59.97
CA ASN C 186 9.54 -7.42 58.58
C ASN C 186 8.14 -7.39 57.98
N ILE C 187 7.59 -6.20 57.84
CA ILE C 187 6.30 -5.98 57.18
C ILE C 187 6.52 -5.01 56.03
N ASP C 188 5.91 -5.34 54.88
CA ASP C 188 6.00 -4.62 53.60
C ASP C 188 7.40 -4.10 53.28
N GLY C 189 8.43 -4.90 53.57
CA GLY C 189 9.80 -4.51 53.31
C GLY C 189 10.41 -3.60 54.36
N TYR C 190 9.71 -3.34 55.46
CA TYR C 190 10.14 -2.36 56.44
C TYR C 190 10.55 -3.07 57.72
N PHE C 191 11.79 -2.83 58.16
CA PHE C 191 12.36 -3.55 59.29
C PHE C 191 11.94 -2.92 60.61
N LYS C 192 11.68 -3.77 61.61
CA LYS C 192 11.30 -3.35 62.94
C LYS C 192 12.28 -3.92 63.95
N ILE C 193 12.69 -3.08 64.91
CA ILE C 193 13.51 -3.52 66.03
C ILE C 193 12.90 -2.98 67.31
N TYR C 194 12.63 -3.88 68.27
CA TYR C 194 12.16 -3.50 69.59
C TYR C 194 13.12 -4.07 70.63
N SER C 195 13.49 -3.24 71.61
CA SER C 195 14.41 -3.68 72.65
C SER C 195 14.22 -2.84 73.90
N LYS C 196 14.59 -3.42 75.04
CA LYS C 196 14.62 -2.72 76.31
C LYS C 196 15.55 -3.48 77.26
N HIS C 197 16.39 -2.75 77.99
CA HIS C 197 17.31 -3.34 78.94
C HIS C 197 16.65 -3.38 80.31
N THR C 198 16.59 -4.58 80.90
CA THR C 198 15.97 -4.78 82.21
C THR C 198 16.92 -5.57 83.08
N PRO C 199 17.44 -5.00 84.16
CA PRO C 199 18.34 -5.76 85.05
C PRO C 199 17.60 -6.88 85.77
N ILE C 200 18.33 -7.97 86.02
CA ILE C 200 17.80 -9.12 86.74
C ILE C 200 18.98 -9.89 87.32
N ASN C 201 18.71 -10.70 88.34
CA ASN C 201 19.73 -11.53 89.00
C ASN C 201 19.25 -12.97 88.95
N LEU C 202 19.53 -13.65 87.84
CA LEU C 202 19.00 -14.99 87.62
C LEU C 202 19.79 -15.65 86.50
N VAL C 203 19.74 -16.99 86.47
CA VAL C 203 20.47 -17.77 85.48
C VAL C 203 19.50 -18.25 84.40
N ARG C 204 18.53 -19.07 84.79
CA ARG C 204 17.51 -19.57 83.87
C ARG C 204 16.14 -19.40 84.48
N ASP C 205 15.10 -19.92 83.81
CA ASP C 205 13.71 -19.84 84.28
C ASP C 205 13.29 -18.38 84.47
N LEU C 206 13.19 -17.70 83.33
CA LEU C 206 12.99 -16.26 83.28
C LEU C 206 11.75 -15.85 84.07
N PRO C 207 11.78 -14.73 84.79
CA PRO C 207 10.70 -14.39 85.71
C PRO C 207 9.42 -14.00 84.98
N GLN C 208 8.34 -13.95 85.76
CA GLN C 208 7.01 -13.63 85.25
C GLN C 208 6.74 -12.13 85.19
N GLY C 209 7.76 -11.29 85.29
CA GLY C 209 7.55 -9.87 85.26
C GLY C 209 7.14 -9.36 83.89
N PHE C 210 6.57 -8.16 83.89
CA PHE C 210 6.07 -7.51 82.68
C PHE C 210 7.01 -6.37 82.29
N SER C 211 7.38 -6.33 81.02
CA SER C 211 8.26 -5.28 80.51
C SER C 211 7.99 -5.10 79.02
N ALA C 212 7.34 -4.00 78.67
CA ALA C 212 7.07 -3.71 77.27
C ALA C 212 8.36 -3.25 76.57
N LEU C 213 8.43 -3.51 75.27
CA LEU C 213 9.61 -3.21 74.48
C LEU C 213 9.36 -1.97 73.63
N GLU C 214 10.27 -0.99 73.73
CA GLU C 214 10.17 0.25 72.99
C GLU C 214 10.76 0.08 71.58
N PRO C 215 10.29 0.87 70.62
CA PRO C 215 10.85 0.80 69.26
C PRO C 215 12.28 1.34 69.23
N LEU C 216 12.89 1.18 68.05
CA LEU C 216 14.30 1.53 67.84
C LEU C 216 14.38 2.16 66.45
N VAL C 217 15.60 2.19 65.88
CA VAL C 217 15.88 2.96 64.67
C VAL C 217 14.95 2.57 63.51
N ASP C 218 14.64 1.28 63.38
CA ASP C 218 13.63 0.77 62.45
C ASP C 218 13.91 1.19 61.00
N LEU C 219 15.02 0.69 60.48
CA LEU C 219 15.49 1.11 59.16
C LEU C 219 14.61 0.54 58.06
N PRO C 220 14.15 1.37 57.11
CA PRO C 220 13.46 0.84 55.92
C PRO C 220 14.46 0.46 54.84
N ILE C 221 14.52 -0.84 54.53
CA ILE C 221 15.42 -1.33 53.48
C ILE C 221 14.62 -1.62 52.22
N GLY C 222 13.67 -2.55 52.32
CA GLY C 222 12.86 -2.94 51.18
C GLY C 222 13.12 -4.32 50.63
N ILE C 223 13.51 -5.28 51.47
CA ILE C 223 13.76 -6.66 51.05
C ILE C 223 13.01 -7.60 51.99
N ASN C 224 13.15 -8.89 51.74
CA ASN C 224 12.48 -9.93 52.52
C ASN C 224 13.50 -11.00 52.90
N ILE C 225 13.40 -11.46 54.16
CA ILE C 225 14.41 -12.31 54.77
C ILE C 225 13.80 -13.65 55.13
N THR C 226 14.59 -14.72 55.01
CA THR C 226 14.16 -16.05 55.39
C THR C 226 15.17 -16.84 56.22
N ARG C 227 16.42 -16.38 56.33
CA ARG C 227 17.44 -17.08 57.12
C ARG C 227 18.14 -16.08 58.02
N PHE C 228 18.74 -16.60 59.09
CA PHE C 228 19.29 -15.75 60.15
C PHE C 228 20.38 -16.50 60.90
N GLN C 229 21.41 -15.74 61.29
CA GLN C 229 22.53 -16.30 62.05
C GLN C 229 23.06 -15.24 63.01
N THR C 230 23.47 -15.69 64.19
CA THR C 230 24.00 -14.82 65.23
C THR C 230 25.52 -15.00 65.36
N LEU C 231 26.11 -14.25 66.29
CA LEU C 231 27.55 -14.26 66.52
C LEU C 231 27.87 -14.44 67.99
N LEU C 232 29.07 -14.96 68.25
CA LEU C 232 29.60 -15.09 69.60
C LEU C 232 31.07 -14.65 69.60
N ALA C 233 31.57 -14.31 70.78
CA ALA C 233 32.94 -13.85 70.96
C ALA C 233 33.69 -14.85 71.83
N LEU C 234 34.89 -15.23 71.39
CA LEU C 234 35.75 -16.14 72.13
C LEU C 234 37.05 -15.45 72.49
N HIS C 235 37.72 -15.99 73.51
CA HIS C 235 38.94 -15.40 74.04
C HIS C 235 40.14 -16.30 73.77
N ARG C 236 41.28 -15.67 73.50
CA ARG C 236 42.54 -16.37 73.25
C ARG C 236 43.57 -15.86 74.26
N SER C 237 43.60 -16.49 75.43
CA SER C 237 44.51 -16.08 76.49
C SER C 237 45.83 -16.86 76.38
N TYR C 238 46.67 -16.77 77.41
CA TYR C 238 47.94 -17.49 77.41
C TYR C 238 47.78 -18.98 77.68
N LEU C 239 46.64 -19.40 78.24
CA LEU C 239 46.43 -20.82 78.51
C LEU C 239 46.26 -21.60 77.21
N THR C 240 45.43 -21.09 76.30
CA THR C 240 45.24 -21.75 75.01
C THR C 240 46.46 -21.51 74.12
N PRO C 241 46.79 -22.46 73.24
CA PRO C 241 47.89 -22.24 72.30
C PRO C 241 47.66 -21.10 71.32
N GLY C 242 46.40 -20.70 71.09
CA GLY C 242 46.09 -19.60 70.21
C GLY C 242 45.60 -19.99 68.82
N ASP C 243 45.40 -21.28 68.56
CA ASP C 243 44.89 -21.74 67.28
C ASP C 243 43.41 -22.07 67.40
N SER C 244 42.64 -21.70 66.38
CA SER C 244 41.20 -21.93 66.37
C SER C 244 40.84 -23.30 65.81
N SER C 245 41.46 -24.34 66.37
CA SER C 245 41.18 -25.72 65.97
C SER C 245 40.55 -26.52 67.09
N SER C 246 41.19 -26.60 68.27
CA SER C 246 40.64 -27.35 69.38
C SER C 246 40.75 -26.65 70.73
N GLY C 247 41.56 -25.60 70.86
CA GLY C 247 41.71 -24.93 72.14
C GLY C 247 41.24 -23.49 72.13
N TRP C 248 40.14 -23.22 72.84
CA TRP C 248 39.59 -21.88 72.93
C TRP C 248 38.70 -21.79 74.15
N THR C 249 38.43 -20.55 74.57
CA THR C 249 37.48 -20.27 75.65
C THR C 249 36.56 -19.14 75.21
N ALA C 250 35.33 -19.18 75.72
CA ALA C 250 34.31 -18.21 75.34
C ALA C 250 33.55 -17.63 76.53
N GLY C 251 33.99 -17.91 77.75
CA GLY C 251 33.29 -17.39 78.92
C GLY C 251 31.96 -18.11 79.14
N ALA C 252 31.02 -17.38 79.74
CA ALA C 252 29.69 -17.90 80.03
C ALA C 252 28.64 -16.99 79.41
N ALA C 253 27.72 -17.58 78.67
CA ALA C 253 26.65 -16.82 78.02
C ALA C 253 25.47 -17.75 77.76
N ALA C 254 24.31 -17.13 77.51
CA ALA C 254 23.09 -17.88 77.22
C ALA C 254 22.13 -16.96 76.49
N TYR C 255 21.74 -17.34 75.28
CA TYR C 255 20.83 -16.55 74.46
C TYR C 255 19.64 -17.41 74.03
N TYR C 256 18.45 -16.81 74.04
CA TYR C 256 17.22 -17.49 73.68
C TYR C 256 16.70 -16.95 72.35
N VAL C 257 16.15 -17.83 71.53
CA VAL C 257 15.58 -17.47 70.24
C VAL C 257 14.14 -17.96 70.19
N GLY C 258 13.22 -17.07 69.81
CA GLY C 258 11.82 -17.41 69.70
C GLY C 258 11.23 -16.94 68.39
N TYR C 259 10.07 -17.51 68.08
CA TYR C 259 9.33 -17.18 66.86
C TYR C 259 8.03 -16.48 67.22
N LEU C 260 7.48 -15.76 66.24
CA LEU C 260 6.40 -14.81 66.47
C LEU C 260 5.17 -15.22 65.67
N GLN C 261 3.99 -15.12 66.30
CA GLN C 261 2.75 -15.62 65.73
C GLN C 261 1.63 -14.60 65.91
N PRO C 262 0.79 -14.41 64.89
CA PRO C 262 -0.28 -13.39 64.99
C PRO C 262 -1.46 -13.88 65.80
N ARG C 263 -1.82 -13.12 66.83
CA ARG C 263 -3.01 -13.38 67.63
C ARG C 263 -3.57 -12.03 68.11
N THR C 264 -4.81 -12.06 68.57
CA THR C 264 -5.47 -10.87 69.09
C THR C 264 -5.22 -10.75 70.59
N PHE C 265 -4.55 -9.67 70.98
CA PHE C 265 -4.24 -9.41 72.39
C PHE C 265 -4.95 -8.15 72.85
N LEU C 266 -5.30 -8.12 74.14
CA LEU C 266 -5.88 -6.95 74.78
C LEU C 266 -4.79 -6.24 75.58
N LEU C 267 -4.61 -4.95 75.31
CA LEU C 267 -3.55 -4.17 75.93
C LEU C 267 -4.11 -3.23 76.99
N LYS C 268 -3.44 -3.20 78.13
CA LYS C 268 -3.82 -2.33 79.24
C LYS C 268 -2.91 -1.10 79.27
N TYR C 269 -3.52 0.06 79.52
CA TYR C 269 -2.78 1.32 79.62
C TYR C 269 -3.13 2.02 80.91
N ASN C 270 -2.16 2.69 81.51
CA ASN C 270 -2.33 3.42 82.74
C ASN C 270 -2.46 4.91 82.44
N GLU C 271 -2.46 5.73 83.49
CA GLU C 271 -2.53 7.18 83.31
C GLU C 271 -1.25 7.75 82.72
N ASN C 272 -0.13 7.05 82.82
CA ASN C 272 1.14 7.52 82.26
C ASN C 272 1.39 7.01 80.85
N GLY C 273 0.58 6.09 80.34
CA GLY C 273 0.68 5.66 78.97
C GLY C 273 1.52 4.43 78.71
N THR C 274 1.97 3.73 79.74
CA THR C 274 2.77 2.53 79.58
C THR C 274 1.90 1.28 79.71
N ILE C 275 2.37 0.19 79.11
CA ILE C 275 1.64 -1.08 79.13
C ILE C 275 1.93 -1.80 80.43
N THR C 276 0.86 -2.23 81.11
CA THR C 276 0.97 -2.91 82.40
C THR C 276 0.67 -4.40 82.31
N ASP C 277 -0.42 -4.78 81.65
CA ASP C 277 -0.78 -6.18 81.51
C ASP C 277 -1.34 -6.43 80.12
N ALA C 278 -1.31 -7.70 79.71
CA ALA C 278 -1.84 -8.14 78.43
C ALA C 278 -2.68 -9.38 78.62
N VAL C 279 -3.84 -9.43 77.95
CA VAL C 279 -4.78 -10.54 78.05
C VAL C 279 -5.00 -11.12 76.66
N ASP C 280 -4.89 -12.43 76.54
CA ASP C 280 -5.14 -13.14 75.30
C ASP C 280 -6.64 -13.43 75.14
N CYS C 281 -7.01 -13.82 73.92
CA CYS C 281 -8.38 -14.24 73.62
C CYS C 281 -8.50 -15.69 73.16
N ALA C 282 -7.39 -16.35 72.84
CA ALA C 282 -7.42 -17.73 72.36
C ALA C 282 -6.55 -18.65 73.22
N LEU C 283 -6.31 -18.29 74.48
CA LEU C 283 -5.48 -19.07 75.38
C LEU C 283 -6.27 -19.75 76.48
N ASP C 284 -7.13 -18.99 77.16
CA ASP C 284 -7.88 -19.46 78.31
C ASP C 284 -9.34 -19.05 78.14
N PRO C 285 -10.29 -19.95 78.44
CA PRO C 285 -11.70 -19.51 78.51
C PRO C 285 -11.94 -18.39 79.50
N LEU C 286 -11.15 -18.31 80.57
CA LEU C 286 -11.20 -17.13 81.43
C LEU C 286 -10.66 -15.91 80.71
N SER C 287 -9.61 -16.08 79.92
CA SER C 287 -9.00 -14.93 79.23
C SER C 287 -9.89 -14.42 78.10
N GLU C 288 -10.58 -15.31 77.40
CA GLU C 288 -11.47 -14.87 76.33
C GLU C 288 -12.69 -14.14 76.90
N THR C 289 -13.11 -14.50 78.11
CA THR C 289 -14.19 -13.77 78.76
C THR C 289 -13.75 -12.37 79.14
N LYS C 290 -12.49 -12.23 79.57
CA LYS C 290 -11.97 -10.91 79.95
C LYS C 290 -11.86 -9.98 78.76
N CYS C 291 -11.40 -10.50 77.62
CA CYS C 291 -11.15 -9.63 76.47
C CYS C 291 -12.40 -9.36 75.63
N THR C 292 -13.42 -10.21 75.73
CA THR C 292 -14.68 -9.90 75.07
C THR C 292 -15.48 -8.84 75.82
N LEU C 293 -15.37 -8.80 77.14
CA LEU C 293 -16.04 -7.78 77.94
C LEU C 293 -15.27 -6.47 77.98
N LYS C 294 -14.05 -6.43 77.43
CA LYS C 294 -13.20 -5.24 77.38
C LYS C 294 -12.94 -4.69 78.79
N SER C 295 -12.72 -5.59 79.75
CA SER C 295 -12.45 -5.19 81.13
C SER C 295 -11.62 -6.26 81.80
N PHE C 296 -10.87 -5.86 82.83
CA PHE C 296 -10.04 -6.78 83.59
C PHE C 296 -10.78 -7.39 84.78
N THR C 297 -12.00 -6.94 85.07
CA THR C 297 -12.79 -7.46 86.18
C THR C 297 -14.04 -8.13 85.64
N VAL C 298 -14.26 -9.38 86.02
CA VAL C 298 -15.41 -10.15 85.59
C VAL C 298 -16.24 -10.50 86.82
N GLU C 299 -17.52 -10.17 86.78
CA GLU C 299 -18.42 -10.47 87.88
C GLU C 299 -19.11 -11.80 87.64
N LYS C 300 -20.00 -12.18 88.56
CA LYS C 300 -20.73 -13.44 88.45
C LYS C 300 -21.92 -13.28 87.52
N GLY C 301 -22.10 -14.27 86.65
CA GLY C 301 -23.20 -14.24 85.70
C GLY C 301 -22.90 -15.12 84.50
N ILE C 302 -23.71 -14.93 83.47
CA ILE C 302 -23.60 -15.69 82.22
C ILE C 302 -22.96 -14.80 81.16
N TYR C 303 -21.90 -15.31 80.53
CA TYR C 303 -21.20 -14.59 79.48
C TYR C 303 -21.01 -15.49 78.27
N GLN C 304 -21.25 -14.93 77.09
CA GLN C 304 -21.09 -15.65 75.82
C GLN C 304 -19.90 -15.06 75.08
N THR C 305 -18.97 -15.92 74.68
CA THR C 305 -17.72 -15.48 74.06
C THR C 305 -17.70 -15.75 72.56
N SER C 306 -17.91 -16.99 72.14
CA SER C 306 -17.82 -17.36 70.73
C SER C 306 -18.86 -18.43 70.44
N ASN C 307 -18.76 -19.04 69.26
CA ASN C 307 -19.70 -20.05 68.80
C ASN C 307 -18.97 -21.36 68.57
N PHE C 308 -19.72 -22.37 68.11
CA PHE C 308 -19.17 -23.68 67.80
C PHE C 308 -19.81 -24.21 66.53
N ARG C 309 -19.01 -24.85 65.69
CA ARG C 309 -19.49 -25.39 64.42
C ARG C 309 -18.64 -26.59 64.04
N VAL C 310 -19.29 -27.62 63.52
CA VAL C 310 -18.62 -28.84 63.09
C VAL C 310 -18.46 -28.81 61.58
N GLN C 311 -17.21 -28.89 61.11
CA GLN C 311 -16.93 -28.89 59.69
C GLN C 311 -17.18 -30.27 59.08
N PRO C 312 -17.53 -30.33 57.81
CA PRO C 312 -17.68 -31.64 57.15
C PRO C 312 -16.35 -32.37 57.07
N THR C 313 -16.43 -33.70 57.13
CA THR C 313 -15.25 -34.56 57.14
C THR C 313 -14.87 -35.07 55.76
N GLU C 314 -15.85 -35.40 54.93
CA GLU C 314 -15.57 -35.92 53.60
C GLU C 314 -16.75 -35.62 52.68
N SER C 315 -16.49 -35.71 51.38
CA SER C 315 -17.51 -35.49 50.36
C SER C 315 -17.75 -36.79 49.61
N ILE C 316 -19.02 -37.18 49.52
CA ILE C 316 -19.43 -38.40 48.83
C ILE C 316 -20.27 -38.02 47.62
N VAL C 317 -19.95 -38.62 46.47
CA VAL C 317 -20.69 -38.42 45.23
C VAL C 317 -21.24 -39.77 44.81
N ARG C 318 -22.57 -39.86 44.72
CA ARG C 318 -23.23 -41.13 44.42
C ARG C 318 -24.33 -40.86 43.41
N PHE C 319 -24.26 -41.56 42.28
CA PHE C 319 -25.09 -41.32 41.11
C PHE C 319 -25.75 -42.63 40.70
N PRO C 320 -26.85 -42.59 39.94
CA PRO C 320 -27.49 -43.83 39.50
C PRO C 320 -26.60 -44.66 38.60
N ASN C 321 -27.00 -45.93 38.41
CA ASN C 321 -26.18 -46.87 37.59
C ASN C 321 -26.31 -46.50 36.11
N ILE C 322 -25.73 -47.32 35.22
CA ILE C 322 -25.85 -47.07 33.76
C ILE C 322 -27.28 -47.40 33.34
N THR C 323 -28.23 -46.50 33.59
CA THR C 323 -29.66 -46.76 33.26
C THR C 323 -29.78 -47.00 31.75
N ASN C 324 -29.06 -46.20 30.94
CA ASN C 324 -29.16 -46.32 29.46
C ASN C 324 -27.77 -46.25 28.83
N LEU C 325 -27.25 -47.38 28.36
CA LEU C 325 -25.94 -47.37 27.64
C LEU C 325 -26.15 -46.60 26.33
N CYS C 326 -25.15 -45.85 25.88
CA CYS C 326 -25.35 -45.03 24.70
C CYS C 326 -25.29 -45.93 23.46
N PRO C 327 -26.00 -45.61 22.38
CA PRO C 327 -25.95 -46.49 21.20
C PRO C 327 -24.60 -46.44 20.48
N PHE C 328 -23.55 -46.86 21.19
CA PHE C 328 -22.21 -46.96 20.65
C PHE C 328 -21.95 -48.29 19.97
N GLY C 329 -22.83 -49.28 20.16
CA GLY C 329 -22.63 -50.60 19.60
C GLY C 329 -22.94 -50.66 18.11
N GLU C 330 -24.18 -50.32 17.74
CA GLU C 330 -24.58 -50.41 16.34
C GLU C 330 -23.95 -49.33 15.48
N VAL C 331 -23.49 -48.23 16.07
CA VAL C 331 -22.80 -47.21 15.29
C VAL C 331 -21.37 -47.66 14.95
N PHE C 332 -20.81 -48.59 15.72
CA PHE C 332 -19.52 -49.20 15.42
C PHE C 332 -19.64 -50.56 14.78
N ASN C 333 -20.63 -51.36 15.20
CA ASN C 333 -20.90 -52.66 14.59
C ASN C 333 -21.99 -52.54 13.55
N ALA C 334 -21.70 -51.77 12.49
CA ALA C 334 -22.65 -51.51 11.42
C ALA C 334 -22.27 -52.32 10.20
N THR C 335 -23.24 -53.06 9.65
CA THR C 335 -22.99 -53.85 8.45
C THR C 335 -22.80 -52.97 7.21
N ARG C 336 -23.46 -51.81 7.18
CA ARG C 336 -23.41 -50.92 6.04
C ARG C 336 -22.70 -49.62 6.45
N PHE C 337 -21.83 -49.14 5.56
CA PHE C 337 -21.16 -47.86 5.75
C PHE C 337 -21.33 -47.02 4.49
N ALA C 338 -21.62 -45.74 4.68
CA ALA C 338 -21.87 -44.84 3.56
C ALA C 338 -20.55 -44.32 2.97
N SER C 339 -20.67 -43.68 1.82
CA SER C 339 -19.52 -43.12 1.12
C SER C 339 -19.04 -41.86 1.81
N VAL C 340 -17.85 -41.39 1.39
CA VAL C 340 -17.26 -40.21 2.01
C VAL C 340 -18.02 -38.94 1.61
N TYR C 341 -18.57 -38.91 0.40
CA TYR C 341 -19.33 -37.75 -0.06
C TYR C 341 -20.76 -37.72 0.49
N ALA C 342 -21.20 -38.81 1.11
CA ALA C 342 -22.54 -38.91 1.71
C ALA C 342 -22.43 -39.51 3.11
N TRP C 343 -21.52 -38.96 3.92
CA TRP C 343 -21.26 -39.49 5.24
C TRP C 343 -22.47 -39.33 6.15
N ASN C 344 -22.72 -40.34 6.97
CA ASN C 344 -23.87 -40.33 7.87
C ASN C 344 -23.62 -39.36 9.03
N ARG C 345 -24.73 -38.87 9.60
CA ARG C 345 -24.70 -37.99 10.75
C ARG C 345 -25.67 -38.54 11.79
N LYS C 346 -25.14 -39.14 12.84
CA LYS C 346 -25.95 -39.74 13.90
C LYS C 346 -25.77 -38.94 15.18
N ARG C 347 -26.88 -38.56 15.79
CA ARG C 347 -26.88 -37.79 17.03
C ARG C 347 -27.13 -38.72 18.20
N ILE C 348 -26.27 -38.66 19.21
CA ILE C 348 -26.37 -39.47 20.41
C ILE C 348 -26.46 -38.53 21.61
N SER C 349 -27.53 -38.68 22.39
CA SER C 349 -27.76 -37.79 23.52
C SER C 349 -28.69 -38.49 24.51
N ASN C 350 -28.79 -37.90 25.71
CA ASN C 350 -29.65 -38.36 26.79
C ASN C 350 -29.34 -39.81 27.17
N CYS C 351 -28.05 -40.13 27.23
CA CYS C 351 -27.61 -41.45 27.66
C CYS C 351 -26.25 -41.32 28.32
N VAL C 352 -25.83 -42.39 28.98
CA VAL C 352 -24.60 -42.39 29.75
C VAL C 352 -23.43 -42.68 28.81
N ALA C 353 -22.47 -41.77 28.75
CA ALA C 353 -21.29 -41.97 27.92
C ALA C 353 -20.41 -43.07 28.52
N ASP C 354 -20.07 -44.05 27.70
CA ASP C 354 -19.26 -45.20 28.14
C ASP C 354 -18.15 -45.40 27.10
N TYR C 355 -17.01 -44.76 27.34
CA TYR C 355 -15.84 -44.91 26.49
C TYR C 355 -14.90 -46.01 26.98
N SER C 356 -15.31 -46.77 28.01
CA SER C 356 -14.44 -47.81 28.55
C SER C 356 -14.14 -48.88 27.52
N VAL C 357 -15.17 -49.35 26.80
CA VAL C 357 -14.96 -50.35 25.76
C VAL C 357 -14.21 -49.78 24.56
N LEU C 358 -14.17 -48.45 24.42
CA LEU C 358 -13.47 -47.85 23.28
C LEU C 358 -11.96 -47.95 23.44
N TYR C 359 -11.42 -47.69 24.63
CA TYR C 359 -9.98 -47.79 24.83
C TYR C 359 -9.54 -49.14 25.34
N ASN C 360 -10.46 -49.96 25.89
CA ASN C 360 -10.09 -51.32 26.28
C ASN C 360 -10.11 -52.28 25.09
N SER C 361 -10.46 -51.80 23.91
CA SER C 361 -10.25 -52.56 22.69
C SER C 361 -8.97 -52.13 22.01
N ALA C 362 -8.44 -52.99 21.15
CA ALA C 362 -7.21 -52.69 20.43
C ALA C 362 -7.31 -52.98 18.93
N SER C 363 -8.50 -53.29 18.42
CA SER C 363 -8.66 -53.53 17.00
C SER C 363 -8.52 -52.25 16.18
N PHE C 364 -8.73 -51.08 16.80
CA PHE C 364 -8.58 -49.82 16.10
C PHE C 364 -7.11 -49.48 15.89
N SER C 365 -6.86 -48.59 14.91
CA SER C 365 -5.51 -48.18 14.57
C SER C 365 -5.19 -46.74 14.97
N THR C 366 -6.19 -45.87 15.05
CA THR C 366 -5.97 -44.47 15.39
C THR C 366 -6.87 -44.09 16.56
N PHE C 367 -6.26 -43.55 17.61
CA PHE C 367 -7.00 -43.08 18.79
C PHE C 367 -6.48 -41.71 19.19
N LYS C 368 -6.37 -40.81 18.21
CA LYS C 368 -5.92 -39.46 18.46
C LYS C 368 -7.13 -38.56 18.75
N CYS C 369 -7.09 -37.90 19.90
CA CYS C 369 -8.18 -37.03 20.35
C CYS C 369 -7.69 -35.59 20.34
N TYR C 370 -8.17 -34.82 19.36
CA TYR C 370 -7.78 -33.42 19.25
C TYR C 370 -8.61 -32.56 20.21
N GLY C 371 -8.00 -31.48 20.69
CA GLY C 371 -8.69 -30.55 21.57
C GLY C 371 -8.76 -30.99 23.01
N VAL C 372 -9.37 -32.14 23.27
CA VAL C 372 -9.57 -32.63 24.63
C VAL C 372 -8.68 -33.86 24.84
N SER C 373 -8.22 -34.02 26.09
CA SER C 373 -7.38 -35.15 26.49
C SER C 373 -8.25 -36.36 26.81
N PRO C 374 -7.98 -37.53 26.21
CA PRO C 374 -8.85 -38.70 26.43
C PRO C 374 -8.69 -39.37 27.78
N THR C 375 -7.71 -38.96 28.60
CA THR C 375 -7.55 -39.62 29.90
C THR C 375 -8.67 -39.27 30.87
N LYS C 376 -9.33 -38.14 30.66
CA LYS C 376 -10.49 -37.73 31.45
C LYS C 376 -11.67 -37.59 30.50
N LEU C 377 -12.52 -38.61 30.46
CA LEU C 377 -13.67 -38.61 29.58
C LEU C 377 -14.94 -39.00 30.34
N ASN C 378 -14.77 -39.83 31.37
CA ASN C 378 -15.89 -40.19 32.22
C ASN C 378 -16.23 -39.10 33.23
N ASP C 379 -15.31 -38.19 33.50
CA ASP C 379 -15.53 -37.10 34.44
C ASP C 379 -15.98 -35.81 33.78
N LEU C 380 -16.18 -35.82 32.46
CA LEU C 380 -16.55 -34.63 31.71
C LEU C 380 -18.00 -34.71 31.25
N CYS C 381 -18.72 -33.61 31.43
CA CYS C 381 -20.12 -33.50 31.01
C CYS C 381 -20.21 -32.63 29.77
N PHE C 382 -20.95 -33.11 28.78
CA PHE C 382 -21.14 -32.39 27.52
C PHE C 382 -22.64 -32.27 27.25
N THR C 383 -22.98 -31.48 26.25
CA THR C 383 -24.38 -31.27 25.89
C THR C 383 -24.80 -32.12 24.69
N ASN C 384 -24.03 -32.09 23.62
CA ASN C 384 -24.35 -32.79 22.39
C ASN C 384 -23.19 -33.69 21.98
N VAL C 385 -23.51 -34.90 21.53
CA VAL C 385 -22.53 -35.84 21.02
C VAL C 385 -22.93 -36.25 19.61
N TYR C 386 -22.02 -36.11 18.66
CA TYR C 386 -22.26 -36.47 17.28
C TYR C 386 -21.22 -37.47 16.81
N ALA C 387 -21.64 -38.36 15.90
CA ALA C 387 -20.76 -39.42 15.41
C ALA C 387 -20.98 -39.59 13.92
N ASP C 388 -19.95 -39.32 13.13
CA ASP C 388 -19.98 -39.54 11.68
C ASP C 388 -19.34 -40.88 11.35
N SER C 389 -19.57 -41.34 10.12
CA SER C 389 -19.05 -42.63 9.69
C SER C 389 -18.82 -42.62 8.19
N PHE C 390 -17.60 -42.98 7.78
CA PHE C 390 -17.28 -43.14 6.37
C PHE C 390 -16.07 -44.05 6.25
N VAL C 391 -15.88 -44.60 5.06
CA VAL C 391 -14.80 -45.54 4.77
C VAL C 391 -13.81 -44.85 3.84
N ILE C 392 -12.53 -44.86 4.22
CA ILE C 392 -11.48 -44.21 3.44
C ILE C 392 -10.28 -45.16 3.37
N ARG C 393 -9.47 -45.00 2.33
CA ARG C 393 -8.27 -45.80 2.16
C ARG C 393 -7.25 -45.46 3.24
N GLY C 394 -6.36 -46.42 3.52
CA GLY C 394 -5.35 -46.25 4.54
C GLY C 394 -4.35 -45.14 4.28
N ASP C 395 -4.19 -44.74 3.02
CA ASP C 395 -3.33 -43.61 2.71
C ASP C 395 -3.96 -42.29 3.16
N GLU C 396 -5.25 -42.13 2.92
CA GLU C 396 -5.95 -40.88 3.25
C GLU C 396 -6.61 -40.95 4.63
N VAL C 397 -5.82 -41.28 5.65
CA VAL C 397 -6.28 -41.23 7.03
C VAL C 397 -5.72 -40.01 7.76
N ARG C 398 -4.49 -39.63 7.45
CA ARG C 398 -3.90 -38.43 8.03
C ARG C 398 -4.55 -37.15 7.51
N GLN C 399 -5.27 -37.24 6.39
CA GLN C 399 -5.98 -36.07 5.86
C GLN C 399 -7.24 -35.75 6.66
N ILE C 400 -7.70 -36.69 7.49
CA ILE C 400 -8.86 -36.43 8.35
C ILE C 400 -8.54 -35.37 9.39
N ALA C 401 -7.30 -35.35 9.88
CA ALA C 401 -6.90 -34.39 10.91
C ALA C 401 -6.99 -32.97 10.36
N PRO C 402 -7.43 -32.00 11.17
CA PRO C 402 -7.48 -30.61 10.70
C PRO C 402 -6.10 -30.05 10.43
N GLY C 403 -6.03 -29.14 9.46
CA GLY C 403 -4.78 -28.53 9.08
C GLY C 403 -4.21 -29.11 7.79
N GLN C 404 -4.33 -30.43 7.64
CA GLN C 404 -3.86 -31.08 6.43
C GLN C 404 -4.81 -30.81 5.26
N THR C 405 -4.27 -30.88 4.05
CA THR C 405 -5.03 -30.63 2.84
C THR C 405 -4.87 -31.81 1.89
N GLY C 406 -5.89 -32.01 1.05
CA GLY C 406 -5.87 -33.10 0.09
C GLY C 406 -7.19 -33.18 -0.63
N LYS C 407 -7.34 -34.27 -1.39
CA LYS C 407 -8.59 -34.48 -2.13
C LYS C 407 -9.75 -34.74 -1.17
N ILE C 408 -9.56 -35.64 -0.20
CA ILE C 408 -10.62 -35.92 0.76
C ILE C 408 -10.79 -34.76 1.73
N ALA C 409 -9.70 -34.13 2.15
CA ALA C 409 -9.75 -33.11 3.20
C ALA C 409 -10.42 -31.82 2.75
N ASP C 410 -10.48 -31.55 1.45
CA ASP C 410 -11.03 -30.30 0.95
C ASP C 410 -12.20 -30.45 -0.01
N TYR C 411 -12.45 -31.64 -0.56
CA TYR C 411 -13.54 -31.83 -1.51
C TYR C 411 -14.64 -32.75 -1.02
N ASN C 412 -14.38 -33.55 0.02
CA ASN C 412 -15.38 -34.48 0.53
C ASN C 412 -15.70 -34.28 2.00
N TYR C 413 -14.71 -34.01 2.84
CA TYR C 413 -14.94 -33.86 4.28
C TYR C 413 -13.87 -32.95 4.85
N LYS C 414 -14.29 -31.83 5.45
CA LYS C 414 -13.39 -30.87 6.05
C LYS C 414 -13.71 -30.71 7.52
N LEU C 415 -12.68 -30.69 8.37
CA LEU C 415 -12.85 -30.52 9.80
C LEU C 415 -12.39 -29.13 10.22
N PRO C 416 -13.05 -28.51 11.20
CA PRO C 416 -12.63 -27.19 11.67
C PRO C 416 -11.32 -27.24 12.43
N ASP C 417 -10.66 -26.08 12.48
CA ASP C 417 -9.35 -25.97 13.13
C ASP C 417 -9.46 -25.98 14.65
N ASP C 418 -10.66 -25.88 15.22
CA ASP C 418 -10.87 -25.91 16.66
C ASP C 418 -11.63 -27.17 17.08
N PHE C 419 -11.25 -28.31 16.48
CA PHE C 419 -11.93 -29.56 16.73
C PHE C 419 -11.55 -30.10 18.10
N THR C 420 -12.56 -30.38 18.93
CA THR C 420 -12.37 -30.87 20.30
C THR C 420 -12.95 -32.27 20.47
N GLY C 421 -12.79 -33.12 19.47
CA GLY C 421 -13.33 -34.48 19.54
C GLY C 421 -12.29 -35.56 19.36
N CYS C 422 -12.72 -36.74 18.91
CA CYS C 422 -11.84 -37.88 18.71
C CYS C 422 -12.13 -38.52 17.37
N VAL C 423 -11.12 -39.20 16.82
CA VAL C 423 -11.21 -39.90 15.55
C VAL C 423 -10.84 -41.36 15.79
N ILE C 424 -11.71 -42.27 15.34
CA ILE C 424 -11.52 -43.71 15.50
C ILE C 424 -11.39 -44.34 14.13
N ALA C 425 -10.32 -45.09 13.91
CA ALA C 425 -10.07 -45.74 12.64
C ALA C 425 -9.59 -47.17 12.86
N TRP C 426 -10.07 -48.09 12.02
CA TRP C 426 -9.64 -49.48 12.07
C TRP C 426 -9.67 -50.05 10.65
N ASN C 427 -9.11 -51.25 10.52
CA ASN C 427 -8.96 -51.91 9.23
C ASN C 427 -9.96 -53.06 9.12
N SER C 428 -10.66 -53.13 7.99
CA SER C 428 -11.60 -54.22 7.73
C SER C 428 -11.58 -54.47 6.23
N ASN C 429 -10.78 -55.44 5.79
CA ASN C 429 -10.62 -55.75 4.37
C ASN C 429 -11.51 -56.89 3.90
N ASN C 430 -11.65 -57.95 4.68
CA ASN C 430 -12.45 -59.09 4.27
C ASN C 430 -13.94 -58.76 4.26
N LEU C 431 -14.39 -57.95 5.22
CA LEU C 431 -15.81 -57.63 5.31
C LEU C 431 -16.23 -56.65 4.22
N ASP C 432 -15.41 -55.66 3.93
CA ASP C 432 -15.75 -54.60 2.99
C ASP C 432 -15.42 -54.95 1.54
N SER C 433 -14.76 -56.08 1.30
CA SER C 433 -14.40 -56.46 -0.06
C SER C 433 -14.45 -57.96 -0.21
N LYS C 434 -15.08 -58.43 -1.28
CA LYS C 434 -15.14 -59.85 -1.59
C LYS C 434 -13.95 -60.24 -2.45
N VAL C 435 -14.00 -61.44 -3.03
CA VAL C 435 -12.89 -61.92 -3.85
C VAL C 435 -12.78 -61.11 -5.15
N GLY C 436 -13.90 -60.55 -5.63
CA GLY C 436 -13.89 -59.77 -6.85
C GLY C 436 -13.69 -58.29 -6.68
N GLY C 437 -13.73 -57.78 -5.45
CA GLY C 437 -13.57 -56.38 -5.19
C GLY C 437 -14.89 -55.62 -5.13
N ASN C 438 -14.85 -54.47 -4.49
CA ASN C 438 -16.04 -53.66 -4.23
C ASN C 438 -16.03 -52.43 -5.12
N TYR C 439 -17.15 -52.17 -5.80
CA TYR C 439 -17.25 -51.06 -6.74
C TYR C 439 -18.48 -50.19 -6.51
N ASN C 440 -19.12 -50.27 -5.34
CA ASN C 440 -20.28 -49.45 -5.04
C ASN C 440 -19.93 -48.22 -4.22
N TYR C 441 -18.65 -47.87 -4.12
CA TYR C 441 -18.18 -46.76 -3.30
C TYR C 441 -17.83 -45.59 -4.20
N LEU C 442 -18.34 -44.42 -3.85
CA LEU C 442 -18.20 -43.23 -4.68
C LEU C 442 -17.49 -42.13 -3.90
N TYR C 443 -16.71 -41.32 -4.62
CA TYR C 443 -15.97 -40.23 -4.00
C TYR C 443 -15.75 -39.13 -5.03
N ARG C 444 -15.43 -37.93 -4.53
CA ARG C 444 -15.33 -36.73 -5.35
C ARG C 444 -13.88 -36.35 -5.58
N LEU C 445 -13.56 -35.97 -6.81
CA LEU C 445 -12.25 -35.42 -7.15
C LEU C 445 -12.28 -33.96 -7.58
N PHE C 446 -13.45 -33.38 -7.85
CA PHE C 446 -13.54 -32.00 -8.27
C PHE C 446 -14.62 -31.28 -7.48
N ARG C 447 -14.39 -29.99 -7.26
CA ARG C 447 -15.41 -29.09 -6.72
C ARG C 447 -15.17 -27.71 -7.32
N LYS C 448 -16.22 -26.88 -7.29
CA LYS C 448 -16.11 -25.53 -7.81
C LYS C 448 -15.13 -24.70 -6.97
N SER C 449 -15.16 -24.88 -5.65
CA SER C 449 -14.23 -24.23 -4.75
C SER C 449 -13.98 -25.16 -3.56
N ASN C 450 -13.38 -24.63 -2.50
CA ASN C 450 -13.15 -25.41 -1.31
C ASN C 450 -14.46 -25.61 -0.54
N LEU C 451 -14.46 -26.58 0.35
CA LEU C 451 -15.63 -26.93 1.15
C LEU C 451 -15.45 -26.46 2.58
N LYS C 452 -16.47 -25.80 3.12
CA LYS C 452 -16.44 -25.36 4.50
C LYS C 452 -16.52 -26.57 5.43
N PRO C 453 -16.01 -26.44 6.66
CA PRO C 453 -16.10 -27.56 7.60
C PRO C 453 -17.53 -27.91 7.95
N PHE C 454 -17.75 -29.21 8.18
CA PHE C 454 -19.07 -29.77 8.52
C PHE C 454 -20.11 -29.45 7.45
N GLU C 455 -19.70 -29.55 6.18
CA GLU C 455 -20.59 -29.34 5.05
C GLU C 455 -20.47 -30.52 4.10
N ARG C 456 -21.60 -31.08 3.69
CA ARG C 456 -21.65 -32.18 2.74
C ARG C 456 -22.46 -31.78 1.52
N ASP C 457 -22.12 -32.38 0.38
CA ASP C 457 -22.80 -32.10 -0.88
C ASP C 457 -23.29 -33.39 -1.49
N ILE C 458 -24.52 -33.37 -2.00
CA ILE C 458 -25.15 -34.56 -2.60
C ILE C 458 -25.28 -34.42 -4.11
N SER C 459 -25.18 -33.22 -4.65
CA SER C 459 -25.41 -33.00 -6.08
C SER C 459 -24.32 -33.66 -6.92
N THR C 460 -24.73 -34.22 -8.06
CA THR C 460 -23.84 -34.96 -8.94
C THR C 460 -23.80 -34.34 -10.34
N GLU C 461 -23.63 -33.03 -10.42
CA GLU C 461 -23.66 -32.34 -11.71
C GLU C 461 -22.37 -32.60 -12.49
N ILE C 462 -22.25 -31.93 -13.64
CA ILE C 462 -21.10 -32.09 -14.51
C ILE C 462 -20.03 -31.09 -14.10
N TYR C 463 -18.80 -31.58 -13.91
CA TYR C 463 -17.69 -30.73 -13.53
C TYR C 463 -17.33 -29.77 -14.67
N GLN C 464 -17.03 -28.53 -14.31
CA GLN C 464 -16.59 -27.52 -15.28
C GLN C 464 -15.19 -27.06 -14.91
N ALA C 465 -14.23 -27.35 -15.77
CA ALA C 465 -12.83 -27.01 -15.54
C ALA C 465 -12.35 -25.82 -16.36
N GLY C 466 -12.74 -25.73 -17.63
CA GLY C 466 -12.30 -24.67 -18.50
C GLY C 466 -13.31 -23.54 -18.58
N SER C 467 -13.18 -22.74 -19.65
CA SER C 467 -14.05 -21.60 -19.87
C SER C 467 -15.26 -21.94 -20.74
N THR C 468 -15.07 -22.73 -21.79
CA THR C 468 -16.17 -23.06 -22.69
C THR C 468 -17.07 -24.11 -22.05
N PRO C 469 -18.39 -23.92 -22.03
CA PRO C 469 -19.28 -24.97 -21.52
C PRO C 469 -19.39 -26.13 -22.49
N CYS C 470 -19.61 -27.32 -21.94
CA CYS C 470 -19.81 -28.51 -22.74
C CYS C 470 -21.28 -28.90 -22.86
N ASN C 471 -22.21 -27.99 -22.51
CA ASN C 471 -23.64 -28.15 -22.72
C ASN C 471 -24.21 -29.38 -21.99
N GLY C 472 -23.62 -29.72 -20.85
CA GLY C 472 -24.14 -30.79 -20.02
C GLY C 472 -24.07 -32.18 -20.63
N VAL C 473 -23.03 -32.46 -21.40
CA VAL C 473 -22.80 -33.79 -21.96
C VAL C 473 -21.33 -34.13 -21.76
N GLU C 474 -21.05 -35.43 -21.67
CA GLU C 474 -19.69 -35.90 -21.46
C GLU C 474 -18.81 -35.57 -22.66
N GLY C 475 -17.62 -35.06 -22.39
CA GLY C 475 -16.72 -34.68 -23.46
C GLY C 475 -15.39 -34.20 -22.92
N PHE C 476 -14.72 -33.36 -23.72
CA PHE C 476 -13.46 -32.78 -23.30
C PHE C 476 -13.69 -31.56 -22.43
N ASN C 477 -12.71 -31.27 -21.57
CA ASN C 477 -12.66 -30.13 -20.66
C ASN C 477 -13.78 -30.15 -19.63
N CYS C 478 -14.53 -31.25 -19.53
CA CYS C 478 -15.57 -31.41 -18.52
C CYS C 478 -15.77 -32.90 -18.31
N TYR C 479 -15.85 -33.32 -17.04
CA TYR C 479 -15.97 -34.73 -16.73
C TYR C 479 -16.92 -34.89 -15.54
N PHE C 480 -16.97 -36.10 -14.99
CA PHE C 480 -17.91 -36.41 -13.92
C PHE C 480 -17.16 -36.42 -12.59
N PRO C 481 -17.40 -35.44 -11.70
CA PRO C 481 -16.55 -35.29 -10.51
C PRO C 481 -16.63 -36.43 -9.53
N LEU C 482 -17.70 -37.24 -9.58
CA LEU C 482 -17.83 -38.41 -8.73
C LEU C 482 -17.23 -39.60 -9.45
N GLN C 483 -16.46 -40.42 -8.73
CA GLN C 483 -15.82 -41.57 -9.33
C GLN C 483 -16.02 -42.81 -8.45
N SER C 484 -16.18 -43.95 -9.12
CA SER C 484 -16.21 -45.22 -8.43
C SER C 484 -14.81 -45.62 -8.00
N TYR C 485 -14.73 -46.58 -7.09
CA TYR C 485 -13.46 -47.02 -6.53
C TYR C 485 -13.31 -48.53 -6.68
N GLY C 486 -12.06 -48.96 -6.85
CA GLY C 486 -11.75 -50.36 -7.04
C GLY C 486 -10.97 -50.93 -5.86
N PHE C 487 -11.48 -52.04 -5.33
CA PHE C 487 -10.83 -52.77 -4.24
C PHE C 487 -10.34 -54.11 -4.77
N GLN C 488 -9.26 -54.61 -4.18
CA GLN C 488 -8.78 -55.95 -4.46
C GLN C 488 -8.25 -56.59 -3.20
N PRO C 489 -8.41 -57.92 -3.05
CA PRO C 489 -8.05 -58.57 -1.79
C PRO C 489 -6.55 -58.70 -1.57
N THR C 490 -5.74 -58.69 -2.63
CA THR C 490 -4.31 -58.91 -2.52
C THR C 490 -3.51 -57.62 -2.75
N ASN C 491 -4.03 -56.50 -2.27
CA ASN C 491 -3.36 -55.21 -2.42
C ASN C 491 -2.37 -55.01 -1.27
N GLY C 492 -1.74 -53.84 -1.23
CA GLY C 492 -0.88 -53.49 -0.12
C GLY C 492 -1.67 -53.08 1.11
N VAL C 493 -0.94 -52.89 2.20
CA VAL C 493 -1.58 -52.48 3.45
C VAL C 493 -2.13 -51.07 3.34
N GLY C 494 -1.48 -50.22 2.55
CA GLY C 494 -1.94 -48.85 2.39
C GLY C 494 -3.15 -48.69 1.51
N TYR C 495 -3.48 -49.71 0.71
CA TYR C 495 -4.63 -49.66 -0.19
C TYR C 495 -5.85 -50.38 0.36
N GLN C 496 -5.76 -50.96 1.56
CA GLN C 496 -6.89 -51.69 2.12
C GLN C 496 -7.93 -50.72 2.66
N PRO C 497 -9.20 -51.13 2.68
CA PRO C 497 -10.25 -50.26 3.23
C PRO C 497 -10.09 -50.05 4.73
N TYR C 498 -10.36 -48.83 5.17
CA TYR C 498 -10.35 -48.48 6.58
C TYR C 498 -11.64 -47.75 6.93
N ARG C 499 -12.25 -48.14 8.05
CA ARG C 499 -13.47 -47.51 8.52
C ARG C 499 -13.12 -46.44 9.54
N VAL C 500 -13.58 -45.21 9.28
CA VAL C 500 -13.24 -44.06 10.12
C VAL C 500 -14.53 -43.51 10.71
N VAL C 501 -14.56 -43.40 12.04
CA VAL C 501 -15.68 -42.81 12.76
C VAL C 501 -15.16 -41.63 13.56
N VAL C 502 -15.76 -40.47 13.35
CA VAL C 502 -15.33 -39.22 13.99
C VAL C 502 -16.38 -38.80 15.00
N LEU C 503 -15.95 -38.56 16.23
CA LEU C 503 -16.83 -38.15 17.32
C LEU C 503 -16.63 -36.67 17.60
N SER C 504 -17.73 -35.93 17.67
CA SER C 504 -17.70 -34.49 17.91
C SER C 504 -18.46 -34.17 19.19
N PHE C 505 -17.86 -33.35 20.05
CA PHE C 505 -18.43 -32.98 21.34
C PHE C 505 -18.57 -31.46 21.40
N GLU C 506 -19.76 -30.99 21.75
CA GLU C 506 -20.06 -29.56 21.79
C GLU C 506 -20.78 -29.21 23.08
N LEU C 507 -20.65 -27.95 23.49
CA LEU C 507 -21.37 -27.39 24.63
C LEU C 507 -22.43 -26.42 24.12
N LEU C 508 -23.63 -26.49 24.71
CA LEU C 508 -24.71 -25.58 24.40
C LEU C 508 -25.32 -25.06 25.70
N HIS C 509 -26.26 -24.12 25.58
CA HIS C 509 -26.95 -23.59 26.74
C HIS C 509 -27.92 -24.58 27.36
N ALA C 510 -28.27 -25.65 26.66
CA ALA C 510 -29.13 -26.68 27.21
C ALA C 510 -28.39 -27.44 28.32
N PRO C 511 -29.12 -27.99 29.29
CA PRO C 511 -28.48 -28.79 30.33
C PRO C 511 -27.81 -30.03 29.75
N ALA C 512 -26.74 -30.46 30.41
CA ALA C 512 -25.96 -31.60 29.94
C ALA C 512 -26.77 -32.88 30.03
N THR C 513 -26.76 -33.66 28.95
CA THR C 513 -27.51 -34.90 28.87
C THR C 513 -26.65 -36.15 28.76
N VAL C 514 -25.38 -35.98 28.39
CA VAL C 514 -24.44 -37.13 28.26
C VAL C 514 -23.51 -37.13 29.47
N CYS C 515 -23.97 -36.59 30.60
CA CYS C 515 -23.15 -36.56 31.84
C CYS C 515 -22.82 -37.99 32.25
N GLY C 516 -21.62 -38.22 32.79
CA GLY C 516 -21.22 -39.56 33.26
C GLY C 516 -21.42 -39.71 34.75
N PRO C 517 -22.45 -40.44 35.22
CA PRO C 517 -22.66 -40.67 36.66
C PRO C 517 -21.35 -41.08 37.34
N LYS C 518 -20.93 -40.32 38.35
CA LYS C 518 -19.65 -40.62 39.06
C LYS C 518 -19.75 -42.01 39.71
N LYS C 519 -18.74 -42.85 39.52
CA LYS C 519 -18.72 -44.19 40.18
C LYS C 519 -19.24 -44.02 41.60
N SER C 520 -20.36 -44.66 41.94
CA SER C 520 -20.95 -44.45 43.25
C SER C 520 -19.92 -44.76 44.34
N THR C 521 -19.39 -43.71 44.96
CA THR C 521 -18.62 -43.89 46.18
C THR C 521 -19.55 -44.31 47.32
N ASN C 522 -19.03 -45.13 48.22
CA ASN C 522 -19.85 -45.66 49.30
C ASN C 522 -20.27 -44.56 50.26
N LEU C 523 -21.57 -44.43 50.47
CA LEU C 523 -22.08 -43.45 51.43
C LEU C 523 -21.83 -43.92 52.85
N VAL C 524 -21.49 -42.97 53.72
CA VAL C 524 -21.29 -43.23 55.14
C VAL C 524 -22.38 -42.50 55.92
N LYS C 525 -22.98 -43.19 56.87
CA LYS C 525 -24.12 -42.67 57.62
C LYS C 525 -23.69 -42.22 59.01
N ASN C 526 -24.59 -41.47 59.66
CA ASN C 526 -24.44 -40.99 61.03
C ASN C 526 -23.21 -40.08 61.20
N LYS C 527 -22.73 -39.47 60.12
CA LYS C 527 -21.60 -38.56 60.18
C LYS C 527 -21.87 -37.35 59.31
N CYS C 528 -21.28 -36.22 59.69
CA CYS C 528 -21.47 -34.95 58.99
C CYS C 528 -20.62 -34.97 57.71
N VAL C 529 -21.24 -35.30 56.59
CA VAL C 529 -20.55 -35.40 55.31
C VAL C 529 -21.31 -34.57 54.27
N ASN C 530 -20.66 -34.34 53.13
CA ASN C 530 -21.23 -33.58 52.04
C ASN C 530 -21.60 -34.52 50.90
N PHE C 531 -22.79 -34.30 50.33
CA PHE C 531 -23.30 -35.14 49.26
C PHE C 531 -23.82 -34.27 48.13
N ASN C 532 -23.75 -34.82 46.91
CA ASN C 532 -24.23 -34.15 45.70
C ASN C 532 -25.14 -35.14 44.97
N PHE C 533 -26.42 -35.16 45.34
CA PHE C 533 -27.39 -36.08 44.75
C PHE C 533 -28.15 -35.44 43.59
N ASN C 534 -27.40 -34.92 42.61
CA ASN C 534 -27.88 -34.45 41.32
C ASN C 534 -28.78 -33.22 41.39
N GLY C 535 -29.10 -32.73 42.59
CA GLY C 535 -29.95 -31.57 42.70
C GLY C 535 -29.56 -30.58 43.77
N LEU C 536 -28.57 -30.93 44.60
CA LEU C 536 -28.16 -30.06 45.70
C LEU C 536 -26.78 -30.49 46.17
N THR C 537 -26.11 -29.56 46.86
CA THR C 537 -24.82 -29.82 47.51
C THR C 537 -24.91 -29.36 48.97
N GLY C 538 -25.36 -30.26 49.83
CA GLY C 538 -25.57 -29.96 51.23
C GLY C 538 -24.72 -30.84 52.13
N THR C 539 -24.35 -30.28 53.28
CA THR C 539 -23.54 -30.98 54.27
C THR C 539 -24.44 -31.37 55.44
N GLY C 540 -24.50 -32.66 55.73
CA GLY C 540 -25.33 -33.14 56.83
C GLY C 540 -25.22 -34.64 56.96
N VAL C 541 -25.84 -35.15 58.02
CA VAL C 541 -25.84 -36.58 58.30
C VAL C 541 -26.93 -37.25 57.47
N LEU C 542 -26.87 -38.58 57.38
CA LEU C 542 -27.86 -39.36 56.63
C LEU C 542 -28.41 -40.45 57.56
N THR C 543 -29.55 -40.18 58.17
CA THR C 543 -30.18 -41.14 59.06
C THR C 543 -31.13 -42.05 58.29
N GLU C 544 -31.47 -43.18 58.91
CA GLU C 544 -32.39 -44.14 58.32
C GLU C 544 -33.82 -43.75 58.69
N SER C 545 -34.57 -43.26 57.70
CA SER C 545 -35.93 -42.83 57.93
C SER C 545 -36.89 -44.00 57.91
N ASN C 546 -38.07 -43.80 58.49
CA ASN C 546 -39.12 -44.80 58.55
C ASN C 546 -40.29 -44.48 57.62
N LYS C 547 -40.15 -43.47 56.76
CA LYS C 547 -41.22 -43.04 55.87
C LYS C 547 -40.89 -43.48 54.45
N LYS C 548 -41.87 -44.05 53.77
CA LYS C 548 -41.70 -44.56 52.41
C LYS C 548 -42.08 -43.48 51.40
N PHE C 549 -41.38 -43.49 50.27
CA PHE C 549 -41.59 -42.52 49.20
C PHE C 549 -42.26 -43.20 48.00
N LEU C 550 -43.14 -42.45 47.34
CA LEU C 550 -43.80 -42.94 46.14
C LEU C 550 -42.76 -43.16 45.03
N PRO C 551 -42.94 -44.19 44.18
CA PRO C 551 -41.93 -44.55 43.18
C PRO C 551 -41.89 -43.63 41.95
N PHE C 552 -42.05 -42.34 42.18
CA PHE C 552 -41.83 -41.36 41.12
C PHE C 552 -41.11 -40.11 41.60
N GLN C 553 -40.68 -40.05 42.87
CA GLN C 553 -40.09 -38.86 43.45
C GLN C 553 -38.63 -39.09 43.79
N GLN C 554 -37.88 -38.00 43.90
CA GLN C 554 -36.46 -38.03 44.23
C GLN C 554 -36.12 -37.28 45.50
N PHE C 555 -36.73 -36.12 45.73
CA PHE C 555 -36.41 -35.25 46.87
C PHE C 555 -37.58 -35.23 47.85
N GLY C 556 -37.38 -34.50 48.94
CA GLY C 556 -38.40 -34.32 49.96
C GLY C 556 -38.20 -33.05 50.76
N ARG C 557 -39.24 -32.24 50.88
CA ARG C 557 -39.16 -30.93 51.52
C ARG C 557 -40.12 -30.85 52.69
N ASP C 558 -40.11 -29.70 53.36
CA ASP C 558 -40.94 -29.49 54.54
C ASP C 558 -41.76 -28.21 54.45
N ILE C 559 -42.34 -27.78 55.56
CA ILE C 559 -43.09 -26.53 55.55
C ILE C 559 -42.17 -25.42 55.06
N ALA C 560 -40.87 -25.56 55.34
CA ALA C 560 -39.91 -24.56 54.89
C ALA C 560 -39.34 -24.94 53.54
N ASP C 561 -39.93 -25.94 52.90
CA ASP C 561 -39.46 -26.38 51.58
C ASP C 561 -37.98 -26.71 51.64
N THR C 562 -37.56 -27.41 52.71
CA THR C 562 -36.17 -27.75 52.87
C THR C 562 -35.94 -29.20 52.52
N THR C 563 -34.93 -29.47 51.69
CA THR C 563 -34.64 -30.84 51.27
C THR C 563 -34.12 -31.69 52.41
N ASP C 564 -34.92 -31.84 53.47
CA ASP C 564 -34.52 -32.70 54.57
C ASP C 564 -34.80 -34.18 54.30
N ALA C 565 -35.10 -34.54 53.06
CA ALA C 565 -35.35 -35.94 52.71
C ALA C 565 -34.89 -36.17 51.28
N VAL C 566 -34.09 -37.22 51.08
CA VAL C 566 -33.55 -37.56 49.77
C VAL C 566 -33.72 -39.06 49.56
N ARG C 567 -33.74 -39.47 48.29
CA ARG C 567 -33.87 -40.87 47.91
C ARG C 567 -32.57 -41.31 47.23
N ASP C 568 -32.04 -42.43 47.68
CA ASP C 568 -30.81 -42.96 47.09
C ASP C 568 -31.10 -43.52 45.70
N PRO C 569 -30.29 -43.20 44.69
CA PRO C 569 -30.58 -43.62 43.32
C PRO C 569 -30.12 -45.02 42.95
N GLN C 570 -29.67 -45.84 43.91
CA GLN C 570 -29.14 -47.17 43.60
C GLN C 570 -30.01 -48.29 44.16
N THR C 571 -30.21 -48.32 45.47
CA THR C 571 -30.88 -49.45 46.12
C THR C 571 -32.16 -49.03 46.85
N LEU C 572 -32.66 -47.83 46.59
CA LEU C 572 -33.96 -47.35 47.07
C LEU C 572 -34.04 -47.36 48.60
N GLU C 573 -33.22 -46.52 49.21
CA GLU C 573 -33.35 -46.22 50.63
C GLU C 573 -33.54 -44.73 50.82
N ILE C 574 -34.42 -44.36 51.75
CA ILE C 574 -34.76 -42.97 52.00
C ILE C 574 -33.92 -42.48 53.18
N LEU C 575 -33.13 -41.43 52.96
CA LEU C 575 -32.24 -40.88 53.96
C LEU C 575 -32.59 -39.43 54.24
N ASP C 576 -32.60 -39.07 55.53
CA ASP C 576 -32.92 -37.72 55.95
C ASP C 576 -31.67 -36.85 55.93
N ILE C 577 -31.89 -35.54 55.87
CA ILE C 577 -30.82 -34.54 55.92
C ILE C 577 -31.04 -33.67 57.14
N THR C 578 -30.02 -33.59 57.99
CA THR C 578 -30.06 -32.84 59.24
C THR C 578 -28.80 -31.98 59.35
N PRO C 579 -28.94 -30.73 59.77
CA PRO C 579 -27.74 -29.90 60.00
C PRO C 579 -26.83 -30.53 61.04
N CYS C 580 -25.52 -30.43 60.79
CA CYS C 580 -24.51 -31.16 61.55
C CYS C 580 -24.48 -30.76 63.03
N SER C 581 -24.06 -29.53 63.31
CA SER C 581 -23.94 -29.03 64.67
C SER C 581 -23.67 -27.54 64.62
N PHE C 582 -24.34 -26.79 65.50
CA PHE C 582 -24.07 -25.37 65.68
C PHE C 582 -24.53 -24.95 67.06
N GLY C 583 -24.00 -23.82 67.52
CA GLY C 583 -24.35 -23.33 68.85
C GLY C 583 -23.47 -22.18 69.26
N GLY C 584 -23.20 -22.11 70.56
CA GLY C 584 -22.35 -21.07 71.11
C GLY C 584 -21.69 -21.47 72.40
N VAL C 585 -20.50 -20.92 72.68
CA VAL C 585 -19.76 -21.24 73.88
C VAL C 585 -20.14 -20.24 74.97
N SER C 586 -20.71 -20.72 76.06
CA SER C 586 -21.11 -19.91 77.19
C SER C 586 -20.16 -20.15 78.35
N VAL C 587 -19.88 -19.09 79.12
CA VAL C 587 -18.92 -19.13 80.21
C VAL C 587 -19.65 -18.82 81.51
N ILE C 588 -19.48 -19.69 82.50
CA ILE C 588 -20.01 -19.47 83.84
C ILE C 588 -18.85 -18.97 84.70
N THR C 589 -19.03 -17.79 85.30
CA THR C 589 -17.99 -17.16 86.10
C THR C 589 -18.48 -17.01 87.53
N PRO C 590 -17.75 -17.54 88.53
CA PRO C 590 -18.16 -17.32 89.93
C PRO C 590 -18.06 -15.88 90.39
N GLY C 591 -17.30 -15.04 89.69
CA GLY C 591 -17.14 -13.65 90.04
C GLY C 591 -15.71 -13.31 90.44
N THR C 592 -15.44 -12.02 90.51
CA THR C 592 -14.12 -11.54 90.88
C THR C 592 -13.89 -11.71 92.38
N ASN C 593 -12.61 -11.88 92.75
CA ASN C 593 -12.15 -12.03 94.13
C ASN C 593 -12.74 -13.25 94.83
N THR C 594 -13.31 -14.18 94.07
CA THR C 594 -13.88 -15.40 94.64
C THR C 594 -13.23 -16.65 94.08
N SER C 595 -13.10 -16.76 92.76
CA SER C 595 -12.53 -17.95 92.13
C SER C 595 -11.81 -17.52 90.86
N ASN C 596 -11.23 -18.50 90.17
CA ASN C 596 -10.51 -18.25 88.93
C ASN C 596 -11.00 -19.16 87.82
N GLN C 597 -11.42 -20.38 88.18
CA GLN C 597 -11.87 -21.34 87.19
C GLN C 597 -13.25 -20.96 86.64
N VAL C 598 -13.52 -21.40 85.41
CA VAL C 598 -14.77 -21.13 84.73
C VAL C 598 -15.32 -22.43 84.16
N ALA C 599 -16.58 -22.39 83.74
CA ALA C 599 -17.27 -23.53 83.15
C ALA C 599 -17.70 -23.19 81.73
N VAL C 600 -17.75 -24.21 80.88
CA VAL C 600 -18.12 -24.08 79.48
C VAL C 600 -19.50 -24.72 79.28
N LEU C 601 -20.43 -23.96 78.71
CA LEU C 601 -21.79 -24.41 78.51
C LEU C 601 -22.19 -24.29 77.04
N TYR C 602 -22.88 -25.32 76.54
CA TYR C 602 -23.42 -25.31 75.19
C TYR C 602 -24.95 -25.27 75.27
N GLN C 603 -25.56 -24.63 74.27
CA GLN C 603 -27.01 -24.44 74.28
C GLN C 603 -27.75 -25.70 73.86
N ASP C 604 -27.47 -26.19 72.64
CA ASP C 604 -28.17 -27.34 72.11
C ASP C 604 -27.23 -28.38 71.52
N VAL C 605 -25.93 -28.28 71.82
CA VAL C 605 -24.96 -29.25 71.33
C VAL C 605 -24.95 -30.43 72.30
N ASN C 606 -25.23 -31.63 71.79
CA ASN C 606 -25.26 -32.83 72.60
C ASN C 606 -23.85 -33.42 72.73
N CYS C 607 -23.52 -33.87 73.94
CA CYS C 607 -22.22 -34.46 74.22
C CYS C 607 -22.06 -35.80 73.50
N ASN C 631 -17.23 -33.15 86.20
CA ASN C 631 -16.52 -32.88 84.95
C ASN C 631 -17.49 -32.49 83.84
N VAL C 632 -18.07 -33.50 83.20
CA VAL C 632 -19.03 -33.29 82.11
C VAL C 632 -20.39 -33.80 82.57
N PHE C 633 -21.38 -32.92 82.55
CA PHE C 633 -22.74 -33.27 82.95
C PHE C 633 -23.70 -32.88 81.83
N GLN C 634 -24.57 -33.81 81.46
CA GLN C 634 -25.54 -33.58 80.39
C GLN C 634 -26.79 -32.94 81.00
N THR C 635 -26.94 -31.63 80.79
CA THR C 635 -28.09 -30.90 81.29
C THR C 635 -29.24 -30.97 80.29
N ARG C 636 -30.43 -30.58 80.75
CA ARG C 636 -31.56 -30.45 79.84
C ARG C 636 -31.35 -29.31 78.85
N ALA C 637 -30.70 -28.23 79.30
CA ALA C 637 -30.45 -27.07 78.46
C ALA C 637 -29.10 -27.12 77.75
N GLY C 638 -28.59 -28.32 77.47
CA GLY C 638 -27.38 -28.48 76.69
C GLY C 638 -26.32 -29.24 77.46
N CYS C 639 -25.08 -29.06 77.03
CA CYS C 639 -23.92 -29.71 77.64
C CYS C 639 -23.16 -28.73 78.51
N LEU C 640 -22.83 -29.14 79.72
CA LEU C 640 -22.04 -28.35 80.65
C LEU C 640 -20.76 -29.09 80.98
N ILE C 641 -19.62 -28.40 80.85
CA ILE C 641 -18.30 -28.99 81.03
C ILE C 641 -17.56 -28.17 82.09
N GLY C 642 -17.03 -28.87 83.09
CA GLY C 642 -16.24 -28.25 84.14
C GLY C 642 -16.94 -28.11 85.47
N ALA C 643 -18.26 -28.34 85.53
CA ALA C 643 -19.02 -28.25 86.77
C ALA C 643 -19.60 -29.60 87.10
N GLU C 644 -19.42 -30.03 88.35
CA GLU C 644 -19.90 -31.33 88.80
C GLU C 644 -21.34 -31.23 89.29
N HIS C 645 -22.20 -32.10 88.77
CA HIS C 645 -23.61 -32.10 89.16
C HIS C 645 -23.76 -32.66 90.57
N VAL C 646 -24.57 -31.98 91.39
CA VAL C 646 -24.84 -32.40 92.76
C VAL C 646 -26.34 -32.62 92.89
N ASN C 647 -26.72 -33.78 93.42
CA ASN C 647 -28.13 -34.11 93.58
C ASN C 647 -28.83 -33.26 94.63
N ASN C 648 -28.08 -32.71 95.59
CA ASN C 648 -28.65 -31.80 96.57
C ASN C 648 -29.07 -30.49 95.92
N SER C 649 -30.15 -29.91 96.41
CA SER C 649 -30.76 -28.72 95.83
C SER C 649 -30.65 -27.56 96.81
N TYR C 650 -30.15 -26.42 96.33
CA TYR C 650 -30.05 -25.19 97.10
C TYR C 650 -30.55 -24.03 96.26
N GLU C 651 -30.33 -22.81 96.74
CA GLU C 651 -30.61 -21.62 95.96
C GLU C 651 -29.40 -21.25 95.10
N CYS C 652 -29.66 -20.68 93.94
CA CYS C 652 -28.62 -20.26 93.03
C CYS C 652 -28.61 -18.75 92.87
N ASP C 653 -27.54 -18.24 92.27
CA ASP C 653 -27.45 -16.84 91.87
C ASP C 653 -27.21 -16.65 90.39
N ILE C 654 -26.78 -17.68 89.68
CA ILE C 654 -26.45 -17.61 88.26
C ILE C 654 -27.38 -18.55 87.50
N PRO C 655 -28.41 -18.03 86.85
CA PRO C 655 -29.32 -18.90 86.08
C PRO C 655 -28.62 -19.57 84.91
N ILE C 656 -29.06 -20.80 84.61
CA ILE C 656 -28.60 -21.55 83.45
C ILE C 656 -29.75 -21.86 82.50
N GLY C 657 -30.81 -22.46 83.02
CA GLY C 657 -32.00 -22.78 82.22
C GLY C 657 -32.60 -24.12 82.61
N ALA C 658 -33.90 -24.26 82.36
CA ALA C 658 -34.65 -25.50 82.59
C ALA C 658 -34.57 -25.95 84.05
N GLY C 659 -34.67 -25.00 84.98
CA GLY C 659 -34.65 -25.33 86.38
C GLY C 659 -33.31 -25.72 86.95
N ILE C 660 -32.22 -25.36 86.26
CA ILE C 660 -30.87 -25.69 86.66
C ILE C 660 -30.06 -24.40 86.72
N CYS C 661 -29.19 -24.29 87.72
CA CYS C 661 -28.26 -23.17 87.84
C CYS C 661 -26.83 -23.69 87.97
N ALA C 662 -25.91 -22.76 88.21
CA ALA C 662 -24.54 -23.08 88.58
C ALA C 662 -24.12 -22.15 89.70
N SER C 663 -23.31 -22.66 90.63
CA SER C 663 -22.89 -21.88 91.78
C SER C 663 -21.56 -22.42 92.29
N TYR C 664 -20.88 -21.61 93.08
CA TYR C 664 -19.59 -21.96 93.67
C TYR C 664 -19.84 -22.36 95.12
N GLN C 665 -19.69 -23.65 95.40
CA GLN C 665 -19.96 -24.20 96.72
C GLN C 665 -18.93 -25.27 97.04
N THR C 666 -18.60 -25.40 98.32
CA THR C 666 -17.60 -26.36 98.78
C THR C 666 -17.99 -27.81 98.48
N SER C 679 -11.35 -28.86 98.25
CA SER C 679 -11.63 -27.45 98.50
C SER C 679 -13.03 -27.08 97.99
N GLN C 680 -13.13 -25.91 97.36
CA GLN C 680 -14.39 -25.40 96.83
C GLN C 680 -14.30 -25.35 95.32
N SER C 681 -15.34 -25.85 94.64
CA SER C 681 -15.39 -25.88 93.19
C SER C 681 -16.77 -25.39 92.72
N ILE C 682 -17.00 -25.49 91.42
CA ILE C 682 -18.25 -25.05 90.81
C ILE C 682 -19.16 -26.25 90.63
N ILE C 683 -20.43 -26.10 91.03
CA ILE C 683 -21.41 -27.19 90.99
C ILE C 683 -22.66 -26.70 90.29
N ALA C 684 -23.46 -27.67 89.83
CA ALA C 684 -24.75 -27.42 89.20
C ALA C 684 -25.81 -28.28 89.88
N TYR C 685 -26.99 -27.70 90.08
CA TYR C 685 -28.01 -28.37 90.87
C TYR C 685 -29.39 -27.83 90.52
N THR C 686 -30.42 -28.60 90.90
CA THR C 686 -31.81 -28.26 90.62
C THR C 686 -32.31 -27.25 91.66
N MET C 687 -33.27 -26.42 91.27
CA MET C 687 -33.69 -25.31 92.11
C MET C 687 -34.69 -25.72 93.19
N SER C 688 -34.36 -25.33 94.42
CA SER C 688 -35.31 -25.36 95.53
C SER C 688 -36.17 -24.11 95.45
N LEU C 689 -37.47 -24.30 95.27
CA LEU C 689 -38.39 -23.19 95.09
C LEU C 689 -38.63 -22.40 96.38
N GLY C 690 -38.15 -22.90 97.51
CA GLY C 690 -38.27 -22.19 98.76
C GLY C 690 -38.11 -23.15 99.92
N ALA C 691 -38.33 -22.63 101.12
CA ALA C 691 -38.27 -23.45 102.31
C ALA C 691 -39.49 -24.35 102.39
N GLU C 692 -39.26 -25.66 102.52
CA GLU C 692 -40.33 -26.64 102.54
C GLU C 692 -40.89 -26.73 103.96
N ASN C 693 -42.04 -26.11 104.18
CA ASN C 693 -42.68 -26.09 105.48
C ASN C 693 -44.16 -26.40 105.32
N SER C 694 -44.75 -26.97 106.37
CA SER C 694 -46.17 -27.30 106.40
C SER C 694 -46.84 -26.50 107.50
N VAL C 695 -47.95 -25.85 107.16
CA VAL C 695 -48.73 -25.07 108.11
C VAL C 695 -49.89 -25.92 108.61
N ALA C 696 -50.06 -25.95 109.92
CA ALA C 696 -51.13 -26.76 110.52
C ALA C 696 -52.48 -26.09 110.28
N TYR C 697 -53.44 -26.86 109.80
CA TYR C 697 -54.78 -26.36 109.51
C TYR C 697 -55.80 -27.15 110.31
N SER C 698 -56.76 -26.44 110.90
CA SER C 698 -57.85 -27.07 111.62
C SER C 698 -59.06 -26.16 111.55
N ASN C 699 -60.23 -26.74 111.79
CA ASN C 699 -61.48 -25.98 111.76
C ASN C 699 -61.73 -25.19 113.04
N ASN C 700 -60.91 -25.39 114.07
CA ASN C 700 -61.08 -24.66 115.33
C ASN C 700 -59.74 -24.22 115.91
N SER C 701 -58.77 -23.94 115.05
CA SER C 701 -57.45 -23.49 115.49
C SER C 701 -57.07 -22.21 114.74
N ILE C 702 -56.69 -21.19 115.49
CA ILE C 702 -56.35 -19.88 114.92
C ILE C 702 -54.98 -19.46 115.45
N ALA C 703 -54.27 -18.67 114.65
CA ALA C 703 -53.01 -18.07 115.05
C ALA C 703 -53.11 -16.57 114.86
N ILE C 704 -52.89 -15.82 115.93
CA ILE C 704 -52.90 -14.35 115.87
C ILE C 704 -51.59 -13.84 116.44
N PRO C 705 -51.04 -12.75 115.91
CA PRO C 705 -49.76 -12.25 116.42
C PRO C 705 -49.90 -11.53 117.75
N THR C 706 -48.80 -11.54 118.50
CA THR C 706 -48.71 -10.79 119.75
C THR C 706 -47.61 -9.75 119.74
N ASN C 707 -46.79 -9.70 118.69
CA ASN C 707 -45.71 -8.72 118.59
C ASN C 707 -45.52 -8.36 117.12
N PHE C 708 -44.90 -7.22 116.89
CA PHE C 708 -44.67 -6.72 115.54
C PHE C 708 -43.32 -6.02 115.46
N THR C 709 -42.76 -5.99 114.25
CA THR C 709 -41.50 -5.33 113.98
C THR C 709 -41.69 -4.35 112.83
N ILE C 710 -41.07 -3.18 112.96
CA ILE C 710 -41.13 -2.15 111.93
C ILE C 710 -40.00 -2.38 110.94
N SER C 711 -40.36 -2.63 109.68
CA SER C 711 -39.39 -2.92 108.63
C SER C 711 -39.50 -1.86 107.54
N VAL C 712 -38.36 -1.59 106.89
CA VAL C 712 -38.27 -0.60 105.82
C VAL C 712 -37.82 -1.32 104.55
N THR C 713 -38.61 -1.17 103.49
CA THR C 713 -38.31 -1.79 102.20
C THR C 713 -37.85 -0.74 101.21
N THR C 714 -36.84 -1.07 100.42
CA THR C 714 -36.24 -0.17 99.46
C THR C 714 -36.61 -0.59 98.04
N GLU C 715 -37.15 0.36 97.26
CA GLU C 715 -37.50 0.12 95.87
C GLU C 715 -36.84 1.19 95.01
N ILE C 716 -36.33 0.78 93.85
CA ILE C 716 -35.64 1.66 92.92
C ILE C 716 -36.50 1.80 91.67
N LEU C 717 -36.82 3.04 91.30
CA LEU C 717 -37.68 3.32 90.15
C LEU C 717 -37.10 4.49 89.36
N PRO C 718 -36.47 4.23 88.22
CA PRO C 718 -35.98 5.34 87.38
C PRO C 718 -37.14 6.11 86.77
N VAL C 719 -36.93 7.41 86.56
CA VAL C 719 -37.97 8.26 86.01
C VAL C 719 -37.50 8.93 84.72
N SER C 720 -36.19 9.12 84.58
CA SER C 720 -35.66 9.84 83.43
C SER C 720 -34.23 9.36 83.16
N MET C 721 -33.62 9.95 82.14
CA MET C 721 -32.32 9.56 81.62
C MET C 721 -31.74 10.76 80.86
N THR C 722 -30.50 10.63 80.37
CA THR C 722 -29.85 11.75 79.72
C THR C 722 -30.44 12.02 78.34
N LYS C 723 -30.72 13.29 78.08
CA LYS C 723 -31.40 13.70 76.86
C LYS C 723 -30.38 14.17 75.84
N THR C 724 -30.37 13.51 74.68
CA THR C 724 -29.39 13.79 73.62
C THR C 724 -30.09 14.27 72.36
N SER C 725 -29.45 15.21 71.66
CA SER C 725 -29.94 15.73 70.39
C SER C 725 -28.90 15.46 69.31
N VAL C 726 -29.30 14.72 68.27
CA VAL C 726 -28.42 14.32 67.19
C VAL C 726 -28.98 14.85 65.88
N ASP C 727 -28.21 15.72 65.22
CA ASP C 727 -28.60 16.25 63.92
C ASP C 727 -27.82 15.55 62.82
N CYS C 728 -28.42 15.50 61.63
CA CYS C 728 -27.76 14.83 60.51
C CYS C 728 -26.54 15.60 60.02
N THR C 729 -26.64 16.94 59.99
CA THR C 729 -25.68 17.78 59.26
C THR C 729 -24.25 17.59 59.74
N MET C 730 -24.06 17.38 61.04
CA MET C 730 -22.71 17.17 61.57
C MET C 730 -22.34 15.70 61.63
N TYR C 731 -23.32 14.80 61.72
CA TYR C 731 -23.01 13.37 61.81
C TYR C 731 -22.69 12.80 60.45
N ILE C 732 -23.64 12.86 59.50
CA ILE C 732 -23.42 12.25 58.20
C ILE C 732 -22.42 13.05 57.36
N CYS C 733 -22.36 14.37 57.56
CA CYS C 733 -21.49 15.23 56.78
C CYS C 733 -20.47 15.91 57.69
N GLY C 734 -19.28 16.15 57.15
CA GLY C 734 -18.25 16.85 57.88
C GLY C 734 -18.21 18.32 57.51
N ASP C 735 -17.24 18.68 56.67
CA ASP C 735 -17.10 20.05 56.17
C ASP C 735 -17.06 19.97 54.64
N SER C 736 -18.04 19.28 54.07
CA SER C 736 -18.14 19.09 52.63
C SER C 736 -19.52 19.47 52.12
N THR C 737 -19.55 20.30 51.07
CA THR C 737 -20.83 20.68 50.48
C THR C 737 -21.47 19.52 49.72
N GLU C 738 -20.65 18.66 49.11
CA GLU C 738 -21.16 17.56 48.30
C GLU C 738 -21.98 16.57 49.11
N CYS C 739 -21.62 16.37 50.39
CA CYS C 739 -22.43 15.53 51.26
C CYS C 739 -23.81 16.15 51.50
N SER C 740 -23.86 17.47 51.67
CA SER C 740 -25.14 18.13 51.89
C SER C 740 -25.96 18.22 50.61
N ASN C 741 -25.32 18.15 49.44
CA ASN C 741 -26.04 18.19 48.18
C ASN C 741 -26.87 16.93 47.94
N LEU C 742 -26.52 15.82 48.59
CA LEU C 742 -27.31 14.61 48.54
C LEU C 742 -28.23 14.46 49.75
N LEU C 743 -28.23 15.42 50.66
CA LEU C 743 -29.05 15.38 51.86
C LEU C 743 -30.46 15.92 51.63
N LEU C 744 -30.68 16.68 50.56
CA LEU C 744 -32.01 17.21 50.29
C LEU C 744 -33.01 16.12 49.91
N GLN C 745 -32.53 14.96 49.46
CA GLN C 745 -33.40 13.83 49.21
C GLN C 745 -33.68 13.01 50.46
N TYR C 746 -32.94 13.26 51.55
CA TYR C 746 -33.17 12.60 52.82
C TYR C 746 -33.36 13.57 53.97
N GLY C 747 -33.52 14.86 53.68
CA GLY C 747 -33.81 15.82 54.73
C GLY C 747 -35.18 15.63 55.35
N SER C 748 -36.10 15.05 54.59
CA SER C 748 -37.41 14.69 55.14
C SER C 748 -37.28 13.60 56.19
N PHE C 749 -36.42 12.61 55.95
CA PHE C 749 -36.13 11.60 56.97
C PHE C 749 -35.49 12.23 58.20
N CYS C 750 -34.57 13.17 57.99
CA CYS C 750 -33.93 13.85 59.12
C CYS C 750 -34.94 14.69 59.90
N THR C 751 -36.00 15.16 59.23
CA THR C 751 -37.06 15.86 59.94
C THR C 751 -37.81 14.92 60.89
N GLN C 752 -38.03 13.67 60.48
CA GLN C 752 -38.63 12.69 61.38
C GLN C 752 -37.72 12.41 62.57
N LEU C 753 -36.41 12.28 62.31
CA LEU C 753 -35.46 12.06 63.39
C LEU C 753 -35.39 13.26 64.32
N ASN C 754 -35.39 14.47 63.76
CA ASN C 754 -35.32 15.67 64.58
C ASN C 754 -36.59 15.86 65.40
N ARG C 755 -37.75 15.52 64.82
CA ARG C 755 -38.99 15.62 65.58
C ARG C 755 -39.10 14.53 66.63
N ALA C 756 -38.52 13.35 66.35
CA ALA C 756 -38.54 12.26 67.32
C ALA C 756 -37.67 12.59 68.53
N LEU C 757 -36.49 13.17 68.31
CA LEU C 757 -35.63 13.53 69.44
C LEU C 757 -36.20 14.70 70.21
N THR C 758 -36.88 15.63 69.51
CA THR C 758 -37.59 16.70 70.20
C THR C 758 -38.74 16.13 71.02
N GLY C 759 -39.41 15.11 70.49
CA GLY C 759 -40.50 14.49 71.22
C GLY C 759 -40.04 13.80 72.49
N ILE C 760 -38.94 13.05 72.41
CA ILE C 760 -38.46 12.34 73.60
C ILE C 760 -37.83 13.31 74.58
N ALA C 761 -37.24 14.42 74.10
CA ALA C 761 -36.64 15.39 75.00
C ALA C 761 -37.70 16.07 75.86
N VAL C 762 -38.78 16.55 75.24
CA VAL C 762 -39.85 17.18 75.99
C VAL C 762 -40.63 16.16 76.82
N GLU C 763 -40.59 14.88 76.41
CA GLU C 763 -41.18 13.83 77.22
C GLU C 763 -40.41 13.64 78.52
N GLN C 764 -39.08 13.80 78.48
CA GLN C 764 -38.25 13.65 79.66
C GLN C 764 -38.35 14.86 80.57
N ASP C 765 -38.46 16.05 80.00
CA ASP C 765 -38.70 17.25 80.81
C ASP C 765 -40.05 17.15 81.51
N LYS C 766 -41.05 16.59 80.83
CA LYS C 766 -42.37 16.45 81.44
C LYS C 766 -42.41 15.32 82.45
N ASN C 767 -41.59 14.28 82.28
CA ASN C 767 -41.65 13.11 83.16
C ASN C 767 -41.27 13.45 84.59
N THR C 768 -40.38 14.43 84.78
CA THR C 768 -40.02 14.85 86.13
C THR C 768 -41.15 15.62 86.80
N GLN C 769 -42.06 16.20 86.02
CA GLN C 769 -43.09 17.07 86.58
C GLN C 769 -44.19 16.28 87.31
N GLU C 770 -44.56 15.12 86.79
CA GLU C 770 -45.67 14.36 87.38
C GLU C 770 -45.22 13.40 88.47
N VAL C 771 -43.95 13.39 88.85
CA VAL C 771 -43.46 12.52 89.91
C VAL C 771 -43.00 13.31 91.12
N PHE C 772 -42.59 14.56 90.92
CA PHE C 772 -41.96 15.36 91.98
C PHE C 772 -42.76 16.61 92.32
N ALA C 773 -43.49 17.18 91.37
CA ALA C 773 -44.28 18.39 91.60
C ALA C 773 -45.75 18.08 91.86
N GLN C 774 -46.03 17.24 92.87
CA GLN C 774 -47.42 16.96 93.23
C GLN C 774 -48.07 18.13 93.94
N VAL C 775 -47.33 18.79 94.83
CA VAL C 775 -47.85 19.95 95.54
C VAL C 775 -46.91 21.12 95.40
N LYS C 776 -47.33 22.15 94.67
CA LYS C 776 -46.48 23.32 94.46
C LYS C 776 -46.09 23.91 95.80
N GLN C 777 -46.97 23.82 96.78
CA GLN C 777 -46.68 24.37 98.09
C GLN C 777 -45.36 23.84 98.61
N ILE C 778 -44.44 24.75 98.95
CA ILE C 778 -43.17 24.34 99.50
C ILE C 778 -43.25 24.40 101.00
N TYR C 779 -43.15 23.25 101.67
CA TYR C 779 -43.32 23.25 103.11
C TYR C 779 -41.95 23.19 103.78
N LYS C 780 -41.66 24.19 104.60
CA LYS C 780 -40.41 24.22 105.35
C LYS C 780 -40.49 23.31 106.56
N THR C 781 -39.38 22.61 106.84
CA THR C 781 -39.34 21.74 108.00
C THR C 781 -39.36 22.58 109.29
N PRO C 782 -40.05 22.13 110.33
CA PRO C 782 -40.06 22.88 111.58
C PRO C 782 -38.71 22.83 112.26
N PRO C 783 -38.32 23.89 112.96
CA PRO C 783 -37.05 23.86 113.70
C PRO C 783 -37.05 22.87 114.86
N ILE C 784 -38.22 22.48 115.37
CA ILE C 784 -38.31 21.53 116.46
C ILE C 784 -38.23 20.12 115.88
N LYS C 785 -37.26 19.33 116.36
CA LYS C 785 -37.06 17.97 115.89
C LYS C 785 -37.63 16.93 116.85
N ASP C 786 -38.44 17.36 117.82
CA ASP C 786 -39.05 16.45 118.79
C ASP C 786 -40.32 15.88 118.17
N PHE C 787 -40.19 14.72 117.53
CA PHE C 787 -41.32 14.04 116.88
C PHE C 787 -41.80 12.85 117.70
N GLY C 788 -41.78 12.97 119.02
CA GLY C 788 -42.20 11.87 119.87
C GLY C 788 -41.22 10.73 119.98
N GLY C 789 -39.94 10.99 119.73
CA GLY C 789 -38.91 9.97 119.77
C GLY C 789 -38.49 9.42 118.43
N PHE C 790 -38.99 9.98 117.33
CA PHE C 790 -38.64 9.51 116.00
C PHE C 790 -37.49 10.35 115.44
N ASN C 791 -36.42 9.69 115.03
CA ASN C 791 -35.22 10.35 114.56
C ASN C 791 -35.36 10.62 113.07
N PHE C 792 -35.42 11.90 112.69
CA PHE C 792 -35.60 12.31 111.30
C PHE C 792 -34.41 13.10 110.76
N SER C 793 -33.29 13.13 111.47
CA SER C 793 -32.13 13.88 111.00
C SER C 793 -31.48 13.27 109.77
N GLN C 794 -31.68 11.96 109.56
CA GLN C 794 -31.07 11.30 108.40
C GLN C 794 -31.78 11.68 107.11
N ILE C 795 -33.11 11.69 107.12
CA ILE C 795 -33.88 11.94 105.89
C ILE C 795 -33.92 13.43 105.58
N LEU C 796 -34.11 14.26 106.60
CA LEU C 796 -34.23 15.70 106.38
C LEU C 796 -32.87 16.29 106.03
N PRO C 797 -32.85 17.34 105.19
CA PRO C 797 -31.58 18.00 104.86
C PRO C 797 -30.93 18.62 106.09
N ASP C 798 -29.61 18.58 106.10
CA ASP C 798 -28.83 19.13 107.20
C ASP C 798 -28.18 20.45 106.80
N PRO C 799 -28.18 21.44 107.68
CA PRO C 799 -27.57 22.74 107.35
C PRO C 799 -26.06 22.78 107.50
N SER C 800 -25.43 21.67 107.87
CA SER C 800 -23.97 21.65 108.02
C SER C 800 -23.26 21.72 106.67
N LYS C 801 -23.87 21.16 105.62
CA LYS C 801 -23.28 21.14 104.30
C LYS C 801 -23.97 22.15 103.38
N PRO C 802 -23.21 22.74 102.45
CA PRO C 802 -23.84 23.66 101.48
C PRO C 802 -24.88 22.98 100.59
N SER C 803 -24.68 21.71 100.25
CA SER C 803 -25.66 20.98 99.46
C SER C 803 -26.90 20.69 100.29
N LYS C 804 -28.07 20.77 99.65
CA LYS C 804 -29.34 20.55 100.31
C LYS C 804 -29.78 19.09 100.29
N ARG C 805 -28.95 18.19 99.77
CA ARG C 805 -29.31 16.78 99.73
C ARG C 805 -29.18 16.15 101.11
N SER C 806 -29.95 15.09 101.34
CA SER C 806 -29.86 14.32 102.56
C SER C 806 -28.57 13.52 102.58
N PRO C 807 -28.08 13.12 103.77
CA PRO C 807 -26.93 12.22 103.82
C PRO C 807 -27.15 10.91 103.08
N ILE C 808 -28.37 10.37 103.11
CA ILE C 808 -28.69 9.24 102.24
C ILE C 808 -28.70 9.69 100.78
N GLU C 809 -29.29 10.85 100.50
CA GLU C 809 -29.32 11.38 99.15
C GLU C 809 -27.92 11.70 98.64
N ASP C 810 -27.05 12.19 99.52
CA ASP C 810 -25.64 12.37 99.16
C ASP C 810 -24.95 11.04 98.89
N LEU C 811 -25.27 10.02 99.69
CA LEU C 811 -24.59 8.74 99.56
C LEU C 811 -24.99 8.03 98.27
N LEU C 812 -26.28 8.03 97.94
CA LEU C 812 -26.72 7.39 96.70
C LEU C 812 -26.24 8.17 95.48
N PHE C 813 -26.10 9.49 95.60
CA PHE C 813 -25.51 10.29 94.54
C PHE C 813 -24.05 9.89 94.32
N ASN C 814 -23.31 9.66 95.41
CA ASN C 814 -21.93 9.21 95.29
C ASN C 814 -21.84 7.73 94.94
N LYS C 815 -22.90 6.96 95.19
CA LYS C 815 -22.85 5.53 94.90
C LYS C 815 -22.95 5.25 93.40
N VAL C 816 -23.80 6.00 92.70
CA VAL C 816 -24.01 5.81 91.27
C VAL C 816 -23.11 6.77 90.50
N THR C 817 -22.61 6.31 89.36
CA THR C 817 -21.73 7.11 88.52
C THR C 817 -22.53 7.84 87.45
N ALA C 842 -15.20 12.51 76.52
CA ALA C 842 -16.63 12.76 76.47
C ALA C 842 -17.25 12.15 75.22
N GLN C 843 -18.53 12.45 74.99
CA GLN C 843 -19.27 11.94 73.84
C GLN C 843 -19.94 13.07 73.07
N LYS C 844 -19.37 14.28 73.13
CA LYS C 844 -19.94 15.45 72.47
C LYS C 844 -19.10 15.96 71.32
N PHE C 845 -17.98 15.30 71.00
CA PHE C 845 -17.12 15.78 69.92
C PHE C 845 -17.69 15.45 68.53
N ASN C 846 -18.66 14.54 68.45
CA ASN C 846 -19.19 14.08 67.17
C ASN C 846 -20.58 14.70 66.96
N GLY C 847 -20.84 15.84 67.59
CA GLY C 847 -22.13 16.48 67.47
C GLY C 847 -23.23 15.85 68.29
N LEU C 848 -22.91 14.85 69.11
CA LEU C 848 -23.90 14.16 69.94
C LEU C 848 -24.10 14.91 71.26
N THR C 849 -24.56 16.15 71.13
CA THR C 849 -24.70 17.02 72.29
C THR C 849 -25.83 16.53 73.20
N VAL C 850 -25.59 16.65 74.49
CA VAL C 850 -26.60 16.30 75.49
C VAL C 850 -27.37 17.55 75.86
N LEU C 851 -28.65 17.37 76.17
CA LEU C 851 -29.50 18.47 76.60
C LEU C 851 -29.58 18.46 78.12
N PRO C 852 -29.14 19.51 78.80
CA PRO C 852 -29.23 19.54 80.25
C PRO C 852 -30.69 19.49 80.70
N PRO C 853 -30.97 18.83 81.82
CA PRO C 853 -32.36 18.67 82.25
C PRO C 853 -32.96 19.99 82.69
N LEU C 854 -34.29 20.08 82.57
CA LEU C 854 -35.00 21.26 83.03
C LEU C 854 -34.90 21.39 84.54
N LEU C 855 -34.89 20.27 85.26
CA LEU C 855 -34.87 20.24 86.72
C LEU C 855 -33.51 19.70 87.15
N THR C 856 -32.67 20.56 87.74
CA THR C 856 -31.37 20.12 88.20
C THR C 856 -31.44 19.64 89.65
N ASP C 857 -30.38 18.96 90.09
CA ASP C 857 -30.42 18.15 91.31
C ASP C 857 -30.78 18.95 92.56
N GLU C 858 -30.55 20.26 92.56
CA GLU C 858 -30.87 21.07 93.74
C GLU C 858 -32.38 21.17 93.95
N MET C 859 -33.14 21.41 92.89
CA MET C 859 -34.58 21.63 93.05
C MET C 859 -35.35 20.33 93.27
N ILE C 860 -34.89 19.19 92.73
CA ILE C 860 -35.49 17.91 93.13
C ILE C 860 -35.27 17.67 94.61
N ALA C 861 -34.05 17.94 95.11
CA ALA C 861 -33.80 17.81 96.55
C ALA C 861 -34.66 18.78 97.34
N GLN C 862 -34.92 19.97 96.80
CA GLN C 862 -35.85 20.89 97.44
C GLN C 862 -37.29 20.40 97.31
N TYR C 863 -37.63 19.77 96.18
CA TYR C 863 -38.96 19.19 96.04
C TYR C 863 -39.19 18.06 97.02
N THR C 864 -38.22 17.14 97.12
CA THR C 864 -38.38 15.99 98.02
C THR C 864 -38.46 16.43 99.47
N SER C 865 -37.63 17.40 99.87
CA SER C 865 -37.65 17.90 101.24
C SER C 865 -38.99 18.55 101.58
N ALA C 866 -39.61 19.20 100.59
CA ALA C 866 -40.94 19.78 100.80
C ALA C 866 -41.98 18.68 101.04
N LEU C 867 -41.91 17.60 100.26
CA LEU C 867 -42.81 16.47 100.47
C LEU C 867 -42.54 15.77 101.80
N LEU C 868 -41.26 15.67 102.18
CA LEU C 868 -40.91 15.09 103.47
C LEU C 868 -41.47 15.89 104.63
N ALA C 869 -41.39 17.23 104.55
CA ALA C 869 -41.95 18.06 105.60
C ALA C 869 -43.47 17.93 105.64
N GLY C 870 -44.11 17.73 104.49
CA GLY C 870 -45.55 17.56 104.48
C GLY C 870 -46.00 16.26 105.12
N THR C 871 -45.29 15.17 104.86
CA THR C 871 -45.71 13.86 105.35
C THR C 871 -45.44 13.65 106.84
N ILE C 872 -44.57 14.46 107.45
CA ILE C 872 -44.30 14.33 108.88
C ILE C 872 -45.03 15.37 109.72
N THR C 873 -45.52 16.45 109.12
CA THR C 873 -46.24 17.48 109.84
C THR C 873 -47.72 17.55 109.51
N SER C 874 -48.14 17.01 108.36
CA SER C 874 -49.53 17.12 107.94
C SER C 874 -50.15 15.82 107.41
N GLY C 875 -49.37 14.75 107.24
CA GLY C 875 -49.96 13.45 106.96
C GLY C 875 -50.41 13.25 105.52
N TRP C 876 -51.72 13.26 105.32
CA TRP C 876 -52.30 13.16 103.98
C TRP C 876 -53.23 14.33 103.64
N THR C 877 -53.38 15.29 104.55
CA THR C 877 -54.27 16.43 104.29
C THR C 877 -53.70 17.35 103.22
N PHE C 878 -52.36 17.46 103.14
CA PHE C 878 -51.75 18.38 102.20
C PHE C 878 -51.83 17.87 100.77
N GLY C 879 -51.82 16.55 100.58
CA GLY C 879 -51.95 15.97 99.25
C GLY C 879 -53.36 15.86 98.75
N ALA C 880 -54.34 16.26 99.55
CA ALA C 880 -55.74 16.27 99.16
C ALA C 880 -56.39 17.60 99.47
N GLY C 881 -55.59 18.67 99.55
CA GLY C 881 -56.09 19.98 99.86
C GLY C 881 -55.09 20.81 100.63
N PRO C 882 -55.59 21.78 101.40
CA PRO C 882 -54.69 22.59 102.23
C PRO C 882 -54.04 21.77 103.33
N ALA C 883 -52.84 22.19 103.71
CA ALA C 883 -52.09 21.47 104.73
C ALA C 883 -52.71 21.69 106.11
N LEU C 884 -53.04 20.60 106.79
CA LEU C 884 -53.59 20.64 108.13
C LEU C 884 -52.56 20.06 109.09
N GLN C 885 -52.23 20.84 110.13
CA GLN C 885 -51.20 20.43 111.07
C GLN C 885 -51.66 19.21 111.86
N ILE C 886 -50.84 18.17 111.88
CA ILE C 886 -51.06 17.03 112.77
C ILE C 886 -49.75 16.63 113.43
N PRO C 887 -49.75 16.34 114.73
CA PRO C 887 -48.54 15.80 115.36
C PRO C 887 -48.29 14.36 114.91
N PHE C 888 -47.03 13.94 115.03
CA PHE C 888 -46.63 12.61 114.57
C PHE C 888 -47.31 11.46 115.30
N PRO C 889 -47.41 11.42 116.65
CA PRO C 889 -47.94 10.20 117.30
C PRO C 889 -49.36 9.82 116.92
N MET C 890 -50.30 10.75 116.84
CA MET C 890 -51.65 10.37 116.45
C MET C 890 -51.78 10.20 114.94
N GLN C 891 -50.83 10.67 114.15
CA GLN C 891 -50.76 10.19 112.78
C GLN C 891 -50.46 8.70 112.73
N MET C 892 -49.62 8.22 113.66
CA MET C 892 -49.33 6.80 113.71
C MET C 892 -50.55 6.02 114.20
N ALA C 893 -51.31 6.60 115.12
CA ALA C 893 -52.52 5.96 115.62
C ALA C 893 -53.59 5.88 114.54
N TYR C 894 -53.71 6.92 113.71
CA TYR C 894 -54.66 6.90 112.61
C TYR C 894 -54.32 5.82 111.60
N ARG C 895 -53.03 5.67 111.29
CA ARG C 895 -52.61 4.65 110.33
C ARG C 895 -52.73 3.25 110.90
N PHE C 896 -52.49 3.07 112.20
CA PHE C 896 -52.69 1.77 112.83
C PHE C 896 -54.16 1.37 112.81
N ASN C 897 -55.05 2.33 112.99
CA ASN C 897 -56.48 2.06 112.85
C ASN C 897 -56.84 1.70 111.42
N GLY C 898 -56.14 2.27 110.44
CA GLY C 898 -56.38 1.91 109.05
C GLY C 898 -55.97 0.47 108.75
N ILE C 899 -54.87 0.01 109.35
CA ILE C 899 -54.44 -1.38 109.22
C ILE C 899 -55.38 -2.34 109.92
N GLY C 900 -56.10 -1.88 110.94
CA GLY C 900 -56.98 -2.73 111.71
C GLY C 900 -56.53 -3.01 113.13
N VAL C 901 -55.52 -2.30 113.62
CA VAL C 901 -55.02 -2.46 114.98
C VAL C 901 -55.49 -1.27 115.80
N THR C 902 -55.95 -1.55 117.02
CA THR C 902 -56.40 -0.49 117.92
C THR C 902 -55.24 0.44 118.27
N GLN C 903 -55.57 1.72 118.42
CA GLN C 903 -54.55 2.75 118.60
C GLN C 903 -53.98 2.76 120.02
N ASN C 904 -54.52 1.95 120.93
CA ASN C 904 -54.02 1.94 122.30
C ASN C 904 -52.67 1.26 122.44
N VAL C 905 -52.36 0.29 121.57
CA VAL C 905 -51.08 -0.42 121.65
C VAL C 905 -49.92 0.49 121.26
N LEU C 906 -50.17 1.56 120.50
CA LEU C 906 -49.11 2.48 120.15
C LEU C 906 -48.60 3.24 121.37
N TYR C 907 -49.49 3.83 122.15
CA TYR C 907 -49.08 4.62 123.30
C TYR C 907 -48.66 3.76 124.49
N GLU C 908 -48.98 2.48 124.48
CA GLU C 908 -48.53 1.58 125.54
C GLU C 908 -47.04 1.29 125.43
N ASN C 909 -46.51 1.21 124.20
CA ASN C 909 -45.11 0.93 123.95
C ASN C 909 -44.56 1.89 122.90
N GLN C 910 -44.80 3.19 123.11
CA GLN C 910 -44.35 4.19 122.15
C GLN C 910 -42.83 4.26 122.08
N LYS C 911 -42.15 4.07 123.22
CA LYS C 911 -40.69 4.08 123.23
C LYS C 911 -40.12 2.90 122.44
N LEU C 912 -40.78 1.74 122.52
CA LEU C 912 -40.31 0.57 121.79
C LEU C 912 -40.45 0.76 120.29
N ILE C 913 -41.58 1.33 119.85
CA ILE C 913 -41.79 1.55 118.42
C ILE C 913 -40.85 2.63 117.90
N ALA C 914 -40.64 3.68 118.69
CA ALA C 914 -39.71 4.73 118.30
C ALA C 914 -38.28 4.20 118.20
N ASN C 915 -37.88 3.34 119.13
CA ASN C 915 -36.55 2.73 119.07
C ASN C 915 -36.45 1.78 117.87
N GLN C 916 -37.53 1.06 117.57
CA GLN C 916 -37.53 0.19 116.41
C GLN C 916 -37.41 0.96 115.10
N PHE C 917 -38.08 2.11 115.02
CA PHE C 917 -37.98 2.94 113.83
C PHE C 917 -36.58 3.54 113.67
N ASN C 918 -35.99 4.00 114.78
CA ASN C 918 -34.65 4.56 114.72
C ASN C 918 -33.62 3.51 114.34
N SER C 919 -33.78 2.28 114.85
CA SER C 919 -32.91 1.18 114.44
C SER C 919 -33.12 0.82 112.97
N ALA C 920 -34.37 0.85 112.51
CA ALA C 920 -34.67 0.54 111.11
C ALA C 920 -34.06 1.57 110.18
N ILE C 921 -34.09 2.84 110.56
CA ILE C 921 -33.43 3.89 109.77
C ILE C 921 -31.93 3.67 109.77
N GLY C 922 -31.37 3.28 110.92
CA GLY C 922 -29.95 2.99 110.99
C GLY C 922 -29.56 1.76 110.18
N LYS C 923 -30.43 0.75 110.14
CA LYS C 923 -30.12 -0.46 109.38
C LYS C 923 -30.13 -0.20 107.88
N ILE C 924 -31.13 0.54 107.38
CA ILE C 924 -31.21 0.78 105.95
C ILE C 924 -30.11 1.74 105.50
N GLN C 925 -29.72 2.70 106.34
CA GLN C 925 -28.59 3.56 106.01
C GLN C 925 -27.29 2.78 105.94
N ASP C 926 -27.11 1.82 106.85
CA ASP C 926 -25.92 0.99 106.81
C ASP C 926 -25.96 0.01 105.64
N SER C 927 -27.15 -0.42 105.23
CA SER C 927 -27.26 -1.37 104.12
C SER C 927 -26.90 -0.73 102.80
N LEU C 928 -27.43 0.47 102.53
CA LEU C 928 -27.13 1.15 101.27
C LEU C 928 -25.77 1.81 101.27
N SER C 929 -25.14 1.95 102.44
CA SER C 929 -23.76 2.43 102.48
C SER C 929 -22.77 1.39 101.96
N SER C 930 -23.14 0.10 102.02
CA SER C 930 -22.30 -0.95 101.49
C SER C 930 -22.45 -1.06 99.98
N ALA C 934 -24.71 -2.59 94.52
CA ALA C 934 -25.16 -1.21 94.42
C ALA C 934 -26.62 -1.14 93.95
N LEU C 935 -26.87 -0.31 92.95
CA LEU C 935 -28.21 -0.13 92.39
C LEU C 935 -28.21 -0.55 90.94
N GLY C 936 -29.18 -1.37 90.55
CA GLY C 936 -29.24 -1.89 89.19
C GLY C 936 -30.23 -1.17 88.30
N LYS C 937 -31.34 -0.70 88.88
CA LYS C 937 -32.36 -0.04 88.07
C LYS C 937 -31.91 1.36 87.63
N LEU C 938 -31.00 1.98 88.37
CA LEU C 938 -30.46 3.26 87.95
C LEU C 938 -29.24 3.08 87.06
N GLN C 939 -28.49 2.00 87.25
CA GLN C 939 -27.25 1.81 86.50
C GLN C 939 -27.50 1.37 85.06
N ASP C 940 -28.54 0.56 84.83
CA ASP C 940 -28.76 0.02 83.50
C ASP C 940 -29.22 1.09 82.52
N VAL C 941 -30.03 2.04 82.98
CA VAL C 941 -30.52 3.10 82.11
C VAL C 941 -29.41 4.06 81.69
N VAL C 942 -28.32 4.13 82.44
CA VAL C 942 -27.18 4.95 82.06
C VAL C 942 -26.18 4.16 81.22
N ASN C 943 -25.94 2.89 81.58
CA ASN C 943 -24.98 2.07 80.86
C ASN C 943 -25.46 1.75 79.44
N GLN C 944 -26.74 1.45 79.27
CA GLN C 944 -27.29 1.18 77.94
C GLN C 944 -27.15 2.40 77.03
N ASN C 945 -27.37 3.59 77.58
CA ASN C 945 -27.27 4.82 76.80
C ASN C 945 -25.84 5.10 76.40
N ALA C 946 -24.89 4.93 77.32
CA ALA C 946 -23.49 5.15 77.00
C ALA C 946 -23.00 4.14 75.97
N GLN C 947 -23.44 2.88 76.09
CA GLN C 947 -23.05 1.85 75.14
C GLN C 947 -23.64 2.13 73.76
N ALA C 948 -24.91 2.55 73.71
CA ALA C 948 -25.53 2.88 72.43
C ALA C 948 -24.90 4.12 71.82
N LEU C 949 -24.56 5.11 72.65
CA LEU C 949 -23.92 6.31 72.14
C LEU C 949 -22.46 6.05 71.76
N ASN C 950 -21.83 5.08 72.45
CA ASN C 950 -20.49 4.65 72.03
C ASN C 950 -20.52 3.96 70.69
N THR C 951 -21.53 3.11 70.46
CA THR C 951 -21.66 2.42 69.19
C THR C 951 -21.99 3.39 68.07
N LEU C 952 -22.76 4.45 68.37
CA LEU C 952 -23.04 5.48 67.37
C LEU C 952 -21.76 6.20 66.96
N VAL C 953 -20.82 6.37 67.89
CA VAL C 953 -19.51 6.90 67.54
C VAL C 953 -18.77 5.93 66.64
N LYS C 954 -18.83 4.64 66.97
CA LYS C 954 -18.10 3.62 66.21
C LYS C 954 -18.67 3.39 64.82
N GLN C 955 -19.87 3.89 64.52
CA GLN C 955 -20.46 3.66 63.21
C GLN C 955 -19.73 4.41 62.12
N LEU C 956 -19.09 5.54 62.45
CA LEU C 956 -18.33 6.30 61.47
C LEU C 956 -16.98 5.68 61.15
N SER C 957 -16.56 4.67 61.90
CA SER C 957 -15.31 3.95 61.63
C SER C 957 -15.50 2.77 60.71
N SER C 958 -16.71 2.53 60.22
CA SER C 958 -17.00 1.42 59.32
C SER C 958 -17.08 1.92 57.89
N ASN C 959 -16.68 1.05 56.95
CA ASN C 959 -16.67 1.40 55.54
C ASN C 959 -18.05 1.41 54.92
N PHE C 960 -19.00 0.67 55.50
CA PHE C 960 -20.37 0.53 54.98
C PHE C 960 -20.38 0.03 53.54
N GLY C 961 -19.47 -0.89 53.22
CA GLY C 961 -19.37 -1.45 51.90
C GLY C 961 -18.53 -0.64 50.92
N ALA C 962 -17.99 0.51 51.34
CA ALA C 962 -17.17 1.33 50.48
C ALA C 962 -15.69 0.95 50.65
N ILE C 963 -14.80 1.75 50.08
CA ILE C 963 -13.36 1.49 50.17
C ILE C 963 -12.68 2.33 51.23
N SER C 964 -13.41 3.24 51.89
CA SER C 964 -12.86 4.05 52.96
C SER C 964 -13.99 4.48 53.87
N SER C 965 -13.61 4.90 55.08
CA SER C 965 -14.60 5.30 56.09
C SER C 965 -14.93 6.79 56.01
N VAL C 966 -13.92 7.65 56.10
CA VAL C 966 -14.14 9.09 56.09
C VAL C 966 -14.42 9.55 54.66
N LEU C 967 -15.40 10.45 54.51
CA LEU C 967 -15.78 10.93 53.19
C LEU C 967 -14.75 11.89 52.61
N ASN C 968 -13.97 12.54 53.47
CA ASN C 968 -12.99 13.52 52.99
C ASN C 968 -11.87 12.86 52.21
N ASP C 969 -11.45 11.66 52.63
CA ASP C 969 -10.41 10.94 51.91
C ASP C 969 -10.90 10.51 50.53
N ILE C 970 -12.18 10.11 50.44
CA ILE C 970 -12.76 9.74 49.15
C ILE C 970 -12.84 10.95 48.23
N LEU C 971 -13.21 12.10 48.78
CA LEU C 971 -13.28 13.33 47.98
C LEU C 971 -11.91 13.77 47.50
N SER C 972 -10.87 13.55 48.31
CA SER C 972 -9.52 13.99 47.94
C SER C 972 -8.94 13.15 46.82
N ARG C 973 -9.11 11.83 46.88
CA ARG C 973 -8.47 10.95 45.91
C ARG C 973 -9.30 10.74 44.65
N LEU C 974 -10.62 10.74 44.75
CA LEU C 974 -11.49 10.46 43.62
C LEU C 974 -12.35 11.67 43.29
N ASP C 975 -12.67 11.82 42.01
CA ASP C 975 -13.50 12.93 41.56
C ASP C 975 -14.95 12.73 42.01
N PRO C 976 -15.64 13.82 42.32
CA PRO C 976 -17.05 13.72 42.76
C PRO C 976 -17.98 13.06 41.74
N PRO C 977 -17.80 13.27 40.42
CA PRO C 977 -18.65 12.48 39.50
C PRO C 977 -18.49 10.98 39.60
N GLU C 978 -17.28 10.49 39.88
CA GLU C 978 -17.07 9.05 39.97
C GLU C 978 -17.36 8.52 41.38
N ALA C 979 -17.08 9.31 42.40
CA ALA C 979 -17.23 8.88 43.79
C ALA C 979 -18.64 9.09 44.33
N GLU C 980 -19.64 9.25 43.46
CA GLU C 980 -21.01 9.43 43.92
C GLU C 980 -21.58 8.14 44.51
N VAL C 981 -21.15 6.98 44.02
CA VAL C 981 -21.68 5.72 44.53
C VAL C 981 -21.17 5.45 45.94
N GLN C 982 -19.88 5.70 46.19
CA GLN C 982 -19.31 5.44 47.50
C GLN C 982 -19.92 6.34 48.57
N ILE C 983 -20.11 7.63 48.25
CA ILE C 983 -20.70 8.53 49.24
C ILE C 983 -22.18 8.23 49.43
N ASP C 984 -22.87 7.73 48.39
CA ASP C 984 -24.28 7.38 48.53
C ASP C 984 -24.46 6.16 49.41
N ARG C 985 -23.61 5.14 49.24
CA ARG C 985 -23.70 3.97 50.12
C ARG C 985 -23.22 4.29 51.53
N LEU C 986 -22.35 5.29 51.67
CA LEU C 986 -22.04 5.79 53.01
C LEU C 986 -23.22 6.54 53.59
N ILE C 987 -23.96 7.26 52.76
CA ILE C 987 -25.14 7.99 53.23
C ILE C 987 -26.23 7.02 53.68
N THR C 988 -26.53 6.02 52.85
CA THR C 988 -27.61 5.09 53.15
C THR C 988 -27.31 4.27 54.40
N GLY C 989 -26.03 3.94 54.62
CA GLY C 989 -25.65 3.25 55.85
C GLY C 989 -25.82 4.11 57.08
N ARG C 990 -25.56 5.42 56.95
CA ARG C 990 -25.60 6.29 58.12
C ARG C 990 -27.03 6.62 58.54
N LEU C 991 -27.95 6.77 57.57
CA LEU C 991 -29.36 6.88 57.94
C LEU C 991 -29.86 5.60 58.61
N GLN C 992 -29.43 4.44 58.11
CA GLN C 992 -29.87 3.18 58.70
C GLN C 992 -29.37 3.05 60.14
N SER C 993 -28.18 3.58 60.41
CA SER C 993 -27.71 3.65 61.79
C SER C 993 -28.55 4.60 62.63
N LEU C 994 -28.89 5.77 62.07
CA LEU C 994 -29.68 6.74 62.81
C LEU C 994 -31.09 6.25 63.07
N GLN C 995 -31.70 5.58 62.09
CA GLN C 995 -33.03 5.00 62.30
C GLN C 995 -32.99 3.91 63.35
N THR C 996 -31.93 3.10 63.36
CA THR C 996 -31.76 2.10 64.41
C THR C 996 -31.54 2.78 65.76
N TYR C 997 -30.83 3.91 65.76
CA TYR C 997 -30.56 4.62 67.01
C TYR C 997 -31.83 5.23 67.59
N VAL C 998 -32.66 5.84 66.74
CA VAL C 998 -33.85 6.52 67.26
C VAL C 998 -34.91 5.51 67.68
N THR C 999 -34.99 4.36 67.02
CA THR C 999 -36.02 3.37 67.36
C THR C 999 -35.78 2.79 68.75
N GLN C 1000 -34.53 2.43 69.07
CA GLN C 1000 -34.23 1.94 70.40
C GLN C 1000 -34.36 3.04 71.44
N GLN C 1001 -34.19 4.30 71.03
CA GLN C 1001 -34.47 5.42 71.92
C GLN C 1001 -35.97 5.56 72.17
N LEU C 1002 -36.78 5.37 71.12
CA LEU C 1002 -38.23 5.41 71.29
C LEU C 1002 -38.73 4.26 72.16
N ILE C 1003 -38.16 3.07 71.99
CA ILE C 1003 -38.50 1.94 72.86
C ILE C 1003 -38.06 2.22 74.28
N ARG C 1004 -36.86 2.79 74.45
CA ARG C 1004 -36.40 3.15 75.79
C ARG C 1004 -37.27 4.22 76.41
N ALA C 1005 -37.71 5.21 75.60
CA ALA C 1005 -38.59 6.25 76.12
C ALA C 1005 -39.94 5.66 76.53
N ALA C 1006 -40.39 4.60 75.86
CA ALA C 1006 -41.63 3.93 76.24
C ALA C 1006 -41.50 3.27 77.61
N GLU C 1007 -40.37 2.62 77.86
CA GLU C 1007 -40.16 1.98 79.16
C GLU C 1007 -39.94 3.01 80.26
N ILE C 1008 -39.27 4.12 79.92
CA ILE C 1008 -39.08 5.20 80.89
C ILE C 1008 -40.41 5.84 81.25
N ARG C 1009 -41.27 6.06 80.26
CA ARG C 1009 -42.60 6.61 80.53
C ARG C 1009 -43.45 5.65 81.37
N ALA C 1010 -43.34 4.36 81.10
CA ALA C 1010 -44.05 3.37 81.91
C ALA C 1010 -43.53 3.35 83.34
N SER C 1011 -42.21 3.45 83.51
CA SER C 1011 -41.63 3.51 84.85
C SER C 1011 -41.98 4.82 85.54
N ALA C 1012 -42.01 5.93 84.80
CA ALA C 1012 -42.38 7.21 85.38
C ALA C 1012 -43.85 7.22 85.81
N ASN C 1013 -44.73 6.60 85.00
CA ASN C 1013 -46.14 6.51 85.39
C ASN C 1013 -46.32 5.63 86.61
N LEU C 1014 -45.57 4.52 86.69
CA LEU C 1014 -45.63 3.67 87.88
C LEU C 1014 -45.10 4.39 89.10
N ALA C 1015 -44.01 5.16 88.93
CA ALA C 1015 -43.49 5.94 90.05
C ALA C 1015 -44.44 7.04 90.46
N ALA C 1016 -45.11 7.67 89.49
CA ALA C 1016 -46.09 8.71 89.79
C ALA C 1016 -47.28 8.16 90.57
N THR C 1017 -47.77 6.99 90.17
CA THR C 1017 -48.88 6.36 90.91
C THR C 1017 -48.44 5.93 92.30
N LYS C 1018 -47.22 5.42 92.42
CA LYS C 1018 -46.69 5.10 93.74
C LYS C 1018 -46.49 6.35 94.58
N MET C 1019 -46.06 7.45 93.94
CA MET C 1019 -45.92 8.72 94.65
C MET C 1019 -47.27 9.24 95.13
N SER C 1020 -48.31 9.07 94.32
CA SER C 1020 -49.63 9.60 94.66
C SER C 1020 -50.28 8.79 95.78
N GLU C 1021 -50.09 7.48 95.80
CA GLU C 1021 -50.79 6.61 96.73
C GLU C 1021 -49.93 6.27 97.96
N CYS C 1022 -48.73 5.74 97.75
CA CYS C 1022 -47.92 5.27 98.87
C CYS C 1022 -47.44 6.41 99.75
N VAL C 1023 -47.10 7.56 99.15
CA VAL C 1023 -46.51 8.66 99.89
C VAL C 1023 -47.59 9.65 100.33
N LEU C 1024 -48.41 10.10 99.37
CA LEU C 1024 -49.40 11.14 99.63
C LEU C 1024 -50.68 10.54 100.25
N GLY C 1025 -50.48 9.83 101.34
CA GLY C 1025 -51.55 9.15 102.03
C GLY C 1025 -51.19 7.69 102.26
N GLN C 1026 -52.19 6.92 102.67
CA GLN C 1026 -52.01 5.50 102.93
C GLN C 1026 -52.77 4.71 101.85
N SER C 1027 -52.05 3.83 101.17
CA SER C 1027 -52.63 3.03 100.10
C SER C 1027 -53.18 1.73 100.68
N LYS C 1028 -54.45 1.45 100.37
CA LYS C 1028 -55.08 0.21 100.82
C LYS C 1028 -54.66 -1.00 100.00
N ARG C 1029 -53.91 -0.79 98.92
CA ARG C 1029 -53.48 -1.88 98.06
C ARG C 1029 -52.40 -2.70 98.74
N VAL C 1030 -52.64 -4.00 98.92
CA VAL C 1030 -51.73 -4.86 99.66
C VAL C 1030 -50.64 -5.37 98.72
N ASP C 1031 -49.39 -5.33 99.19
CA ASP C 1031 -48.20 -5.67 98.41
C ASP C 1031 -48.12 -4.82 97.15
N PHE C 1032 -48.23 -3.50 97.36
CA PHE C 1032 -48.04 -2.53 96.28
C PHE C 1032 -47.01 -1.49 96.70
N CYS C 1033 -46.97 -1.20 98.01
CA CYS C 1033 -46.02 -0.26 98.58
C CYS C 1033 -45.00 -1.01 99.44
N GLY C 1034 -44.64 -2.22 99.03
CA GLY C 1034 -43.73 -3.06 99.77
C GLY C 1034 -44.44 -4.24 100.42
N LYS C 1035 -43.64 -5.20 100.86
CA LYS C 1035 -44.15 -6.41 101.49
C LYS C 1035 -44.64 -6.11 102.90
N GLY C 1036 -45.87 -6.53 103.20
CA GLY C 1036 -46.49 -6.28 104.48
C GLY C 1036 -47.53 -5.18 104.40
N TYR C 1037 -48.14 -4.90 105.55
CA TYR C 1037 -49.13 -3.84 105.64
C TYR C 1037 -48.44 -2.48 105.53
N HIS C 1038 -48.71 -1.77 104.44
CA HIS C 1038 -48.10 -0.48 104.23
C HIS C 1038 -48.65 0.56 105.20
N LEU C 1039 -47.75 1.37 105.76
CA LEU C 1039 -48.12 2.44 106.67
C LEU C 1039 -47.89 3.81 106.03
N MET C 1040 -46.67 4.07 105.57
CA MET C 1040 -46.33 5.31 104.88
C MET C 1040 -45.06 5.07 104.09
N SER C 1041 -44.74 6.01 103.21
CA SER C 1041 -43.55 5.90 102.36
C SER C 1041 -42.76 7.21 102.38
N PHE C 1042 -41.45 7.09 102.29
CA PHE C 1042 -40.53 8.22 102.38
C PHE C 1042 -39.74 8.32 101.08
N PRO C 1043 -40.15 9.15 100.12
CA PRO C 1043 -39.37 9.28 98.88
C PRO C 1043 -38.09 10.07 99.11
N GLN C 1044 -37.11 9.81 98.24
CA GLN C 1044 -35.86 10.54 98.28
C GLN C 1044 -35.39 10.84 96.86
N SER C 1045 -34.65 11.93 96.72
CA SER C 1045 -34.13 12.33 95.42
C SER C 1045 -33.05 11.37 94.96
N ALA C 1046 -33.04 11.06 93.66
CA ALA C 1046 -32.05 10.21 93.04
C ALA C 1046 -31.66 10.79 91.69
N PRO C 1047 -30.42 10.59 91.25
CA PRO C 1047 -30.02 11.05 89.92
C PRO C 1047 -30.70 10.23 88.84
N HIS C 1048 -31.52 10.89 88.03
CA HIS C 1048 -32.28 10.27 86.93
C HIS C 1048 -33.17 9.14 87.45
N GLY C 1049 -33.80 9.35 88.60
CA GLY C 1049 -34.66 8.34 89.18
C GLY C 1049 -35.23 8.80 90.49
N VAL C 1050 -35.99 7.90 91.12
CA VAL C 1050 -36.57 8.16 92.43
C VAL C 1050 -36.55 6.87 93.23
N VAL C 1051 -36.30 6.98 94.53
CA VAL C 1051 -36.35 5.86 95.45
C VAL C 1051 -37.41 6.14 96.50
N PHE C 1052 -37.95 5.07 97.08
CA PHE C 1052 -38.99 5.18 98.10
C PHE C 1052 -38.59 4.37 99.31
N LEU C 1053 -38.59 5.00 100.49
CA LEU C 1053 -38.32 4.32 101.75
C LEU C 1053 -39.66 3.98 102.39
N HIS C 1054 -40.28 2.92 101.90
CA HIS C 1054 -41.52 2.44 102.47
C HIS C 1054 -41.31 1.91 103.87
N VAL C 1055 -42.28 2.16 104.75
CA VAL C 1055 -42.28 1.61 106.10
C VAL C 1055 -43.53 0.75 106.23
N THR C 1056 -43.33 -0.53 106.52
CA THR C 1056 -44.40 -1.51 106.54
C THR C 1056 -44.67 -1.98 107.97
N TYR C 1057 -45.66 -2.86 108.10
CA TYR C 1057 -46.08 -3.41 109.39
C TYR C 1057 -46.16 -4.93 109.25
N VAL C 1058 -45.12 -5.61 109.71
CA VAL C 1058 -45.02 -7.06 109.62
C VAL C 1058 -45.00 -7.63 111.03
N PRO C 1059 -45.79 -8.66 111.33
CA PRO C 1059 -45.71 -9.29 112.65
C PRO C 1059 -44.48 -10.18 112.77
N ALA C 1060 -44.06 -10.40 114.02
CA ALA C 1060 -42.90 -11.21 114.32
C ALA C 1060 -43.23 -12.47 115.09
N GLN C 1061 -43.93 -12.35 116.23
CA GLN C 1061 -44.23 -13.47 117.10
C GLN C 1061 -45.70 -13.83 116.99
N GLU C 1062 -45.99 -15.12 116.85
CA GLU C 1062 -47.36 -15.62 116.75
C GLU C 1062 -47.56 -16.73 117.78
N LYS C 1063 -48.81 -16.94 118.15
CA LYS C 1063 -49.20 -17.94 119.13
C LYS C 1063 -50.24 -18.86 118.52
N ASN C 1064 -50.64 -19.88 119.29
CA ASN C 1064 -51.65 -20.83 118.88
C ASN C 1064 -52.87 -20.74 119.78
N PHE C 1065 -54.06 -20.79 119.18
CA PHE C 1065 -55.29 -20.55 119.92
C PHE C 1065 -56.43 -21.37 119.33
N THR C 1066 -57.42 -21.65 120.16
CA THR C 1066 -58.64 -22.33 119.74
C THR C 1066 -59.77 -21.31 119.64
N THR C 1067 -60.46 -21.29 118.50
CA THR C 1067 -61.47 -20.29 118.22
C THR C 1067 -62.81 -20.93 117.86
N ALA C 1068 -63.87 -20.14 118.01
CA ALA C 1068 -65.22 -20.52 117.63
C ALA C 1068 -65.90 -19.35 116.94
N PRO C 1069 -66.79 -19.61 115.98
CA PRO C 1069 -67.45 -18.50 115.26
C PRO C 1069 -68.58 -17.86 116.05
N ALA C 1070 -69.20 -18.61 116.96
CA ALA C 1070 -70.35 -18.09 117.71
C ALA C 1070 -70.39 -18.72 119.09
N ILE C 1071 -71.14 -18.08 119.98
CA ILE C 1071 -71.26 -18.50 121.38
C ILE C 1071 -72.73 -18.54 121.76
N CYS C 1072 -73.15 -19.65 122.38
CA CYS C 1072 -74.53 -19.84 122.81
C CYS C 1072 -74.63 -19.59 124.30
N HIS C 1073 -75.53 -18.70 124.71
CA HIS C 1073 -75.67 -18.34 126.11
C HIS C 1073 -77.02 -18.77 126.70
N ASP C 1074 -78.13 -18.28 126.15
CA ASP C 1074 -79.46 -18.52 126.70
C ASP C 1074 -80.44 -18.83 125.58
N GLY C 1075 -80.01 -19.69 124.65
CA GLY C 1075 -80.78 -19.89 123.44
C GLY C 1075 -80.60 -18.80 122.41
N LYS C 1076 -79.57 -17.98 122.56
CA LYS C 1076 -79.26 -16.90 121.63
C LYS C 1076 -77.84 -17.05 121.12
N ALA C 1077 -77.60 -16.56 119.93
CA ALA C 1077 -76.29 -16.64 119.28
C ALA C 1077 -75.61 -15.28 119.38
N HIS C 1078 -74.40 -15.26 119.95
CA HIS C 1078 -73.61 -14.05 120.09
C HIS C 1078 -72.43 -14.11 119.13
N PHE C 1079 -72.27 -13.06 118.33
CA PHE C 1079 -71.17 -12.97 117.38
C PHE C 1079 -70.31 -11.75 117.70
N PRO C 1080 -69.00 -11.82 117.47
CA PRO C 1080 -68.13 -10.69 117.80
C PRO C 1080 -68.34 -9.54 116.80
N ARG C 1081 -68.52 -8.33 117.34
CA ARG C 1081 -68.72 -7.18 116.48
C ARG C 1081 -67.44 -6.79 115.74
N GLU C 1082 -66.31 -6.74 116.44
CA GLU C 1082 -65.04 -6.39 115.83
C GLU C 1082 -63.93 -7.40 116.05
N GLY C 1083 -64.08 -8.34 116.98
CA GLY C 1083 -62.99 -9.23 117.32
C GLY C 1083 -63.22 -10.68 116.94
N VAL C 1084 -62.60 -11.59 117.69
CA VAL C 1084 -62.72 -13.02 117.45
C VAL C 1084 -62.71 -13.74 118.79
N PHE C 1085 -63.55 -14.76 118.91
CA PHE C 1085 -63.63 -15.55 120.14
C PHE C 1085 -62.39 -16.42 120.28
N VAL C 1086 -61.85 -16.50 121.50
CA VAL C 1086 -60.59 -17.18 121.76
C VAL C 1086 -60.58 -17.68 123.20
N SER C 1087 -60.06 -18.89 123.39
CA SER C 1087 -59.91 -19.49 124.71
C SER C 1087 -58.53 -20.10 124.85
N ASN C 1088 -57.90 -19.88 126.02
CA ASN C 1088 -56.59 -20.48 126.24
C ASN C 1088 -56.72 -21.93 126.72
N GLY C 1089 -57.25 -22.14 127.91
CA GLY C 1089 -57.63 -23.49 128.31
C GLY C 1089 -59.07 -23.69 128.73
N THR C 1090 -59.64 -22.71 129.45
CA THR C 1090 -61.02 -22.81 129.94
C THR C 1090 -61.83 -21.54 129.81
N HIS C 1091 -61.23 -20.36 129.62
CA HIS C 1091 -61.96 -19.10 129.59
C HIS C 1091 -61.92 -18.51 128.20
N TRP C 1092 -63.09 -18.06 127.71
CA TRP C 1092 -63.23 -17.52 126.37
C TRP C 1092 -63.16 -16.00 126.43
N PHE C 1093 -62.39 -15.41 125.51
CA PHE C 1093 -62.17 -13.97 125.47
C PHE C 1093 -62.41 -13.45 124.06
N VAL C 1094 -62.41 -12.12 123.94
CA VAL C 1094 -62.54 -11.43 122.66
C VAL C 1094 -61.30 -10.58 122.46
N THR C 1095 -60.56 -10.86 121.39
CA THR C 1095 -59.38 -10.09 121.01
C THR C 1095 -59.53 -9.60 119.57
N GLN C 1096 -58.82 -8.52 119.27
CA GLN C 1096 -58.77 -8.05 117.89
C GLN C 1096 -58.01 -9.03 117.01
N ARG C 1097 -58.23 -8.91 115.70
CA ARG C 1097 -57.72 -9.93 114.77
C ARG C 1097 -56.23 -9.79 114.52
N ASN C 1098 -55.68 -8.57 114.54
CA ASN C 1098 -54.29 -8.34 114.20
C ASN C 1098 -53.39 -8.19 115.42
N PHE C 1099 -53.92 -8.33 116.63
CA PHE C 1099 -53.10 -8.22 117.83
C PHE C 1099 -53.80 -8.97 118.96
N TYR C 1100 -53.02 -9.44 119.92
CA TYR C 1100 -53.55 -10.24 121.03
C TYR C 1100 -53.80 -9.34 122.23
N GLU C 1101 -55.05 -9.25 122.66
CA GLU C 1101 -55.44 -8.51 123.85
C GLU C 1101 -56.75 -9.09 124.40
N PRO C 1102 -56.67 -9.95 125.43
CA PRO C 1102 -57.89 -10.60 125.92
C PRO C 1102 -58.79 -9.63 126.66
N GLN C 1103 -60.10 -9.78 126.44
CA GLN C 1103 -61.12 -8.98 127.11
C GLN C 1103 -62.27 -9.88 127.53
N ILE C 1104 -62.99 -9.45 128.57
CA ILE C 1104 -64.11 -10.21 129.08
C ILE C 1104 -65.29 -10.09 128.14
N ILE C 1105 -65.93 -11.21 127.82
CA ILE C 1105 -67.05 -11.22 126.89
C ILE C 1105 -68.28 -10.64 127.58
N THR C 1106 -68.74 -9.50 127.08
CA THR C 1106 -69.93 -8.82 127.59
C THR C 1106 -70.98 -8.71 126.47
N THR C 1107 -72.04 -7.98 126.75
CA THR C 1107 -73.07 -7.70 125.76
C THR C 1107 -72.76 -6.47 124.91
N ASP C 1108 -71.66 -5.77 125.20
CA ASP C 1108 -71.29 -4.58 124.44
C ASP C 1108 -70.37 -4.88 123.26
N ASN C 1109 -69.58 -5.95 123.34
CA ASN C 1109 -68.70 -6.34 122.24
C ASN C 1109 -69.29 -7.44 121.38
N THR C 1110 -70.50 -7.91 121.69
CA THR C 1110 -71.18 -8.94 120.93
C THR C 1110 -72.60 -8.51 120.62
N PHE C 1111 -73.13 -8.99 119.51
CA PHE C 1111 -74.50 -8.71 119.09
C PHE C 1111 -75.28 -10.01 118.96
N VAL C 1112 -76.56 -9.95 119.32
CA VAL C 1112 -77.42 -11.13 119.33
C VAL C 1112 -78.17 -11.22 118.01
N SER C 1113 -78.12 -12.39 117.37
CA SER C 1113 -78.80 -12.59 116.10
C SER C 1113 -79.06 -14.09 115.92
N GLY C 1114 -80.33 -14.47 115.91
CA GLY C 1114 -80.72 -15.84 115.63
C GLY C 1114 -80.82 -16.69 116.87
N ASN C 1115 -80.81 -18.00 116.65
CA ASN C 1115 -80.94 -19.00 117.70
C ASN C 1115 -79.67 -19.84 117.77
N CYS C 1116 -79.72 -20.88 118.61
CA CYS C 1116 -78.54 -21.70 118.90
C CYS C 1116 -78.36 -22.85 117.92
N ASP C 1117 -79.41 -23.21 117.16
CA ASP C 1117 -79.34 -24.39 116.31
C ASP C 1117 -78.76 -24.10 114.93
N VAL C 1118 -78.86 -22.86 114.45
CA VAL C 1118 -78.43 -22.54 113.09
C VAL C 1118 -76.91 -22.62 112.95
N VAL C 1119 -76.18 -22.25 114.01
CA VAL C 1119 -74.72 -22.25 113.96
C VAL C 1119 -74.21 -23.66 114.23
N ILE C 1120 -73.29 -24.13 113.38
CA ILE C 1120 -72.76 -25.48 113.53
C ILE C 1120 -71.83 -25.56 114.73
N GLY C 1121 -70.73 -24.80 114.70
CA GLY C 1121 -69.75 -24.84 115.76
C GLY C 1121 -69.98 -23.80 116.85
N ILE C 1122 -71.03 -23.98 117.64
CA ILE C 1122 -71.37 -23.02 118.68
C ILE C 1122 -70.91 -23.57 120.03
N VAL C 1123 -70.56 -22.66 120.94
CA VAL C 1123 -69.92 -23.00 122.21
C VAL C 1123 -70.70 -22.34 123.34
N ASN C 1124 -71.00 -23.12 124.39
CA ASN C 1124 -71.71 -22.58 125.54
C ASN C 1124 -70.81 -21.68 126.38
N ASN C 1125 -71.34 -20.52 126.76
CA ASN C 1125 -70.66 -19.58 127.63
C ASN C 1125 -71.72 -18.62 128.18
N THR C 1126 -71.30 -17.77 129.12
CA THR C 1126 -72.17 -16.78 129.73
C THR C 1126 -71.64 -15.38 129.46
N VAL C 1127 -72.55 -14.45 129.16
CA VAL C 1127 -72.19 -13.06 128.93
C VAL C 1127 -72.21 -12.32 130.25
N TYR C 1128 -71.43 -11.23 130.32
CA TYR C 1128 -71.29 -10.50 131.58
C TYR C 1128 -72.54 -9.69 131.91
N ASP C 1129 -73.10 -9.00 130.90
CA ASP C 1129 -74.22 -8.08 131.03
C ASP C 1129 -73.88 -6.98 132.03
N PRO C 1130 -73.02 -6.03 131.65
CA PRO C 1130 -72.56 -5.02 132.63
C PRO C 1130 -73.65 -4.12 133.18
N LEU C 1131 -74.81 -4.05 132.52
CA LEU C 1131 -75.91 -3.23 133.03
C LEU C 1131 -76.47 -3.80 134.33
N GLN C 1132 -76.47 -5.13 134.45
CA GLN C 1132 -77.08 -5.78 135.62
C GLN C 1132 -76.43 -5.41 136.96
N PRO C 1133 -75.10 -5.42 137.13
CA PRO C 1133 -74.56 -4.98 138.43
C PRO C 1133 -74.71 -3.50 138.68
N GLU C 1134 -74.75 -2.67 137.63
CA GLU C 1134 -74.80 -1.23 137.83
C GLU C 1134 -76.17 -0.75 138.26
N LEU C 1135 -77.23 -1.40 137.76
CA LEU C 1135 -78.59 -0.98 138.09
C LEU C 1135 -78.96 -1.32 139.52
N ASP C 1136 -78.21 -2.21 140.18
CA ASP C 1136 -78.47 -2.55 141.57
C ASP C 1136 -78.10 -1.40 142.50
N GLU D 20 -65.03 1.43 7.08
CA GLU D 20 -65.90 1.08 5.97
C GLU D 20 -66.60 2.30 5.41
N VAL D 21 -66.31 2.63 4.16
CA VAL D 21 -66.88 3.79 3.48
C VAL D 21 -68.00 3.31 2.58
N GLN D 22 -69.19 3.90 2.73
CA GLN D 22 -70.40 3.43 2.08
C GLN D 22 -70.79 4.40 0.98
N LEU D 23 -71.10 3.89 -0.21
CA LEU D 23 -71.45 4.70 -1.37
C LEU D 23 -72.66 4.11 -2.07
N VAL D 24 -73.61 4.97 -2.45
CA VAL D 24 -74.71 4.60 -3.35
C VAL D 24 -74.76 5.62 -4.47
N GLU D 25 -75.03 5.14 -5.69
CA GLU D 25 -75.27 5.99 -6.84
C GLU D 25 -76.59 5.60 -7.48
N SER D 26 -77.48 6.57 -7.64
CA SER D 26 -78.77 6.31 -8.31
C SER D 26 -79.18 7.60 -9.03
N GLY D 27 -78.82 7.69 -10.31
CA GLY D 27 -79.19 8.83 -11.11
C GLY D 27 -79.57 8.47 -12.54
N GLY D 28 -79.42 7.20 -12.90
CA GLY D 28 -79.69 6.75 -14.25
C GLY D 28 -80.92 5.89 -14.38
N GLY D 29 -81.07 5.23 -15.53
CA GLY D 29 -82.20 4.36 -15.78
C GLY D 29 -83.15 4.81 -16.87
N LEU D 30 -82.84 5.88 -17.59
CA LEU D 30 -83.70 6.38 -18.65
C LEU D 30 -82.84 6.91 -19.79
N VAL D 31 -83.44 7.01 -20.96
CA VAL D 31 -82.75 7.42 -22.19
C VAL D 31 -83.33 8.75 -22.66
N GLN D 32 -82.45 9.64 -23.12
CA GLN D 32 -82.88 10.90 -23.71
C GLN D 32 -81.79 11.41 -24.66
N PRO D 33 -82.15 11.90 -25.85
CA PRO D 33 -81.16 12.53 -26.72
C PRO D 33 -81.00 14.01 -26.46
N GLY D 34 -79.81 14.43 -26.04
CA GLY D 34 -79.51 15.84 -25.87
C GLY D 34 -80.29 16.55 -24.80
N GLY D 35 -80.80 15.84 -23.81
CA GLY D 35 -81.59 16.41 -22.74
C GLY D 35 -80.78 16.78 -21.52
N SER D 36 -81.45 16.79 -20.37
CA SER D 36 -80.82 17.10 -19.10
C SER D 36 -81.01 15.92 -18.15
N LEU D 37 -79.95 15.57 -17.42
CA LEU D 37 -79.96 14.42 -16.53
C LEU D 37 -79.27 14.79 -15.22
N ARG D 38 -79.69 14.10 -14.15
CA ARG D 38 -79.18 14.33 -12.81
C ARG D 38 -78.73 13.00 -12.22
N LEU D 39 -77.47 12.94 -11.78
CA LEU D 39 -76.94 11.80 -11.05
C LEU D 39 -76.46 12.26 -9.68
N SER D 40 -76.69 11.42 -8.67
CA SER D 40 -76.35 11.74 -7.29
C SER D 40 -75.58 10.59 -6.67
N CYS D 41 -74.53 10.91 -5.91
CA CYS D 41 -73.78 9.95 -5.13
C CYS D 41 -73.85 10.37 -3.67
N ALA D 42 -74.26 9.45 -2.80
CA ALA D 42 -74.36 9.69 -1.37
C ALA D 42 -73.28 8.89 -0.66
N ALA D 43 -72.58 9.54 0.28
CA ALA D 43 -71.45 8.94 0.97
C ALA D 43 -71.65 9.04 2.48
N SER D 44 -71.07 8.09 3.20
CA SER D 44 -71.17 8.05 4.65
C SER D 44 -69.96 7.30 5.20
N GLY D 45 -69.73 7.49 6.50
CA GLY D 45 -68.65 6.81 7.19
C GLY D 45 -67.36 7.60 7.30
N PHE D 46 -67.34 8.85 6.87
CA PHE D 46 -66.14 9.68 6.93
C PHE D 46 -66.55 11.15 6.95
N THR D 47 -65.55 12.02 6.84
CA THR D 47 -65.78 13.46 6.83
C THR D 47 -65.74 13.96 5.39
N PHE D 48 -66.86 14.51 4.93
CA PHE D 48 -66.99 14.96 3.55
C PHE D 48 -66.31 16.29 3.28
N SER D 49 -65.97 17.04 4.34
CA SER D 49 -65.45 18.40 4.21
C SER D 49 -63.93 18.47 4.33
N SER D 50 -63.23 17.36 4.11
CA SER D 50 -61.78 17.36 4.26
C SER D 50 -61.02 16.66 3.14
N TYR D 51 -61.66 15.84 2.31
CA TYR D 51 -60.95 15.05 1.31
C TYR D 51 -61.46 15.37 -0.09
N TRP D 52 -60.63 15.06 -1.08
CA TRP D 52 -60.95 15.35 -2.47
C TRP D 52 -62.05 14.43 -2.99
N MET D 53 -62.78 14.95 -3.97
CA MET D 53 -63.86 14.22 -4.63
C MET D 53 -63.68 14.31 -6.14
N SER D 54 -64.18 13.30 -6.84
CA SER D 54 -64.03 13.24 -8.29
C SER D 54 -65.19 12.43 -8.86
N TRP D 55 -65.36 12.53 -10.18
CA TRP D 55 -66.34 11.75 -10.91
C TRP D 55 -65.65 11.08 -12.09
N VAL D 56 -65.94 9.81 -12.30
CA VAL D 56 -65.24 8.97 -13.27
C VAL D 56 -66.24 8.03 -13.93
N ARG D 57 -66.06 7.79 -15.23
CA ARG D 57 -66.94 6.93 -16.00
C ARG D 57 -66.12 5.96 -16.86
N GLN D 58 -66.76 4.87 -17.25
CA GLN D 58 -66.18 3.93 -18.20
C GLN D 58 -67.26 3.44 -19.16
N ALA D 59 -66.87 3.25 -20.42
CA ALA D 59 -67.79 2.72 -21.42
C ALA D 59 -67.92 1.21 -21.26
N PRO D 60 -69.08 0.64 -21.59
CA PRO D 60 -69.25 -0.82 -21.52
C PRO D 60 -68.37 -1.51 -22.57
N GLY D 61 -67.47 -2.36 -22.10
CA GLY D 61 -66.55 -3.07 -22.97
C GLY D 61 -65.29 -2.31 -23.32
N LYS D 62 -65.12 -1.09 -22.83
CA LYS D 62 -63.94 -0.28 -23.12
C LYS D 62 -63.19 0.00 -21.82
N GLY D 63 -62.13 0.81 -21.93
CA GLY D 63 -61.27 1.11 -20.81
C GLY D 63 -61.78 2.25 -19.94
N LEU D 64 -60.95 2.63 -18.98
CA LEU D 64 -61.27 3.69 -18.04
C LEU D 64 -60.88 5.05 -18.62
N GLU D 65 -61.64 6.07 -18.21
CA GLU D 65 -61.33 7.45 -18.58
C GLU D 65 -61.85 8.37 -17.47
N TRP D 66 -61.18 9.51 -17.33
CA TRP D 66 -61.48 10.47 -16.27
C TRP D 66 -62.47 11.51 -16.77
N VAL D 67 -63.37 11.93 -15.88
CA VAL D 67 -64.42 12.90 -16.22
C VAL D 67 -64.20 14.23 -15.49
N ALA D 68 -64.19 14.21 -14.16
CA ALA D 68 -64.19 15.46 -13.41
C ALA D 68 -63.57 15.25 -12.04
N ASN D 69 -63.26 16.38 -11.40
CA ASN D 69 -62.80 16.42 -10.01
C ASN D 69 -63.26 17.72 -9.38
N ILE D 70 -63.31 17.74 -8.06
CA ILE D 70 -63.78 18.92 -7.33
C ILE D 70 -63.06 18.97 -5.98
N LYS D 71 -62.75 20.19 -5.54
CA LYS D 71 -62.09 20.41 -4.26
C LYS D 71 -63.07 20.10 -3.12
N GLN D 72 -62.52 19.90 -1.92
CA GLN D 72 -63.34 19.49 -0.78
C GLN D 72 -64.34 20.55 -0.35
N ASP D 73 -64.13 21.81 -0.69
CA ASP D 73 -65.09 22.86 -0.41
C ASP D 73 -65.83 23.33 -1.66
N GLY D 74 -65.55 22.75 -2.82
CA GLY D 74 -66.23 23.13 -4.04
C GLY D 74 -65.73 24.40 -4.69
N SER D 75 -64.58 24.92 -4.25
CA SER D 75 -64.08 26.18 -4.81
C SER D 75 -63.53 25.97 -6.22
N GLU D 76 -62.81 24.88 -6.45
CA GLU D 76 -62.16 24.61 -7.73
C GLU D 76 -62.74 23.35 -8.35
N LYS D 77 -63.12 23.45 -9.62
CA LYS D 77 -63.62 22.32 -10.39
C LYS D 77 -62.96 22.30 -11.75
N TYR D 78 -62.73 21.10 -12.29
CA TYR D 78 -62.07 20.94 -13.57
C TYR D 78 -62.71 19.79 -14.34
N TYR D 79 -62.53 19.83 -15.66
CA TYR D 79 -63.11 18.86 -16.58
C TYR D 79 -62.10 18.51 -17.66
N VAL D 80 -62.45 17.50 -18.46
CA VAL D 80 -61.68 17.15 -19.64
C VAL D 80 -62.15 18.05 -20.78
N ASP D 81 -61.29 18.22 -21.79
CA ASP D 81 -61.59 19.13 -22.89
C ASP D 81 -62.73 18.63 -23.77
N SER D 82 -63.08 17.34 -23.70
CA SER D 82 -64.19 16.83 -24.48
C SER D 82 -65.54 17.33 -23.95
N VAL D 83 -65.65 17.54 -22.64
CA VAL D 83 -66.90 17.99 -22.03
C VAL D 83 -66.83 19.45 -21.60
N LYS D 84 -65.83 20.20 -22.07
CA LYS D 84 -65.69 21.60 -21.69
C LYS D 84 -66.81 22.43 -22.30
N GLY D 85 -67.23 23.46 -21.58
CA GLY D 85 -68.36 24.30 -21.96
C GLY D 85 -69.66 23.84 -21.34
N ARG D 86 -69.97 22.57 -21.46
CA ARG D 86 -71.12 21.98 -20.76
C ARG D 86 -70.64 21.44 -19.41
N PHE D 87 -71.50 20.66 -18.74
CA PHE D 87 -71.25 19.97 -17.48
C PHE D 87 -71.14 20.94 -16.30
N THR D 88 -71.59 20.51 -15.12
CA THR D 88 -71.43 21.28 -13.90
C THR D 88 -71.48 20.34 -12.71
N ILE D 89 -70.75 20.71 -11.66
CA ILE D 89 -70.65 19.90 -10.43
C ILE D 89 -70.74 20.84 -9.24
N SER D 90 -71.41 20.39 -8.18
CA SER D 90 -71.52 21.15 -6.96
C SER D 90 -71.63 20.19 -5.79
N ARG D 91 -71.36 20.70 -4.59
CA ARG D 91 -71.31 19.87 -3.40
C ARG D 91 -71.75 20.69 -2.20
N ASP D 92 -72.09 19.97 -1.12
CA ASP D 92 -72.37 20.58 0.16
C ASP D 92 -71.96 19.61 1.26
N ASN D 93 -71.70 20.16 2.45
CA ASN D 93 -71.24 19.39 3.59
C ASN D 93 -72.34 19.12 4.61
N ALA D 94 -73.53 19.69 4.43
CA ALA D 94 -74.59 19.54 5.41
C ALA D 94 -75.18 18.13 5.38
N LYS D 95 -75.46 17.61 4.19
CA LYS D 95 -76.11 16.32 4.04
C LYS D 95 -75.24 15.25 3.41
N ASN D 96 -73.96 15.57 3.13
CA ASN D 96 -72.95 14.60 2.67
C ASN D 96 -73.36 13.93 1.36
N SER D 97 -73.48 14.73 0.31
CA SER D 97 -73.83 14.22 -1.01
C SER D 97 -73.10 15.01 -2.08
N LEU D 98 -72.99 14.40 -3.25
CA LEU D 98 -72.36 15.02 -4.42
C LEU D 98 -73.41 15.22 -5.50
N TYR D 99 -73.37 16.38 -6.15
CA TYR D 99 -74.33 16.74 -7.20
C TYR D 99 -73.63 16.77 -8.55
N LEU D 100 -74.21 16.09 -9.53
CA LEU D 100 -73.72 16.11 -10.91
C LEU D 100 -74.90 16.39 -11.83
N GLN D 101 -74.77 17.43 -12.66
CA GLN D 101 -75.80 17.79 -13.61
C GLN D 101 -75.19 17.85 -15.01
N MET D 102 -75.91 17.28 -15.98
CA MET D 102 -75.45 17.22 -17.36
C MET D 102 -76.47 17.88 -18.28
N ASN D 103 -76.00 18.29 -19.45
CA ASN D 103 -76.84 18.91 -20.46
C ASN D 103 -76.20 18.69 -21.82
N SER D 104 -77.05 18.67 -22.86
CA SER D 104 -76.64 18.47 -24.26
C SER D 104 -75.88 17.15 -24.41
N LEU D 105 -76.58 16.05 -24.13
CA LEU D 105 -75.97 14.74 -24.19
C LEU D 105 -75.83 14.28 -25.64
N ARG D 106 -74.91 13.32 -25.84
CA ARG D 106 -74.66 12.72 -27.14
C ARG D 106 -74.73 11.21 -27.01
N ALA D 107 -74.55 10.52 -28.15
CA ALA D 107 -74.61 9.06 -28.15
C ALA D 107 -73.38 8.43 -27.52
N GLU D 108 -72.29 9.19 -27.37
CA GLU D 108 -71.08 8.65 -26.74
C GLU D 108 -71.24 8.48 -25.24
N ASP D 109 -72.19 9.18 -24.62
CA ASP D 109 -72.37 9.21 -23.17
C ASP D 109 -72.90 7.90 -22.58
N THR D 110 -73.05 6.81 -23.33
CA THR D 110 -73.46 5.53 -22.75
C THR D 110 -72.28 4.99 -21.93
N ALA D 111 -72.35 5.18 -20.61
CA ALA D 111 -71.26 4.78 -19.74
C ALA D 111 -71.81 4.56 -18.34
N VAL D 112 -71.00 3.91 -17.50
CA VAL D 112 -71.34 3.65 -16.10
C VAL D 112 -70.50 4.60 -15.26
N TYR D 113 -71.16 5.40 -14.43
CA TYR D 113 -70.53 6.49 -13.71
C TYR D 113 -70.28 6.12 -12.26
N TYR D 114 -69.05 6.32 -11.80
CA TYR D 114 -68.66 6.09 -10.43
C TYR D 114 -68.23 7.40 -9.78
N CYS D 115 -68.69 7.65 -8.55
CA CYS D 115 -68.24 8.80 -7.80
C CYS D 115 -66.92 8.45 -7.11
N ALA D 116 -65.87 9.21 -7.42
CA ALA D 116 -64.53 8.92 -6.93
C ALA D 116 -64.19 9.83 -5.76
N ARG D 117 -63.53 9.25 -4.76
CA ARG D 117 -63.16 9.95 -3.54
C ARG D 117 -61.64 9.97 -3.42
N GLY D 118 -61.07 11.15 -3.16
CA GLY D 118 -59.65 11.29 -3.01
C GLY D 118 -59.20 11.19 -1.56
N GLN D 119 -57.88 11.22 -1.38
CA GLN D 119 -57.27 11.15 -0.06
C GLN D 119 -56.55 12.44 0.29
N LEU D 120 -55.59 12.87 -0.53
CA LEU D 120 -54.83 14.09 -0.25
C LEU D 120 -54.85 15.02 -1.46
N GLY D 121 -54.87 14.47 -2.66
CA GLY D 121 -54.87 15.26 -3.87
C GLY D 121 -54.95 14.40 -5.11
N PRO D 122 -54.70 15.02 -6.27
CA PRO D 122 -54.73 14.26 -7.54
C PRO D 122 -53.51 13.39 -7.78
N TRP D 123 -52.55 13.36 -6.85
CA TRP D 123 -51.36 12.54 -7.03
C TRP D 123 -51.41 11.23 -6.25
N VAL D 124 -52.20 11.15 -5.19
CA VAL D 124 -52.30 9.92 -4.41
C VAL D 124 -52.94 8.81 -5.22
N GLY D 125 -54.03 9.12 -5.91
CA GLY D 125 -54.76 8.15 -6.70
C GLY D 125 -56.24 8.18 -6.39
N VAL D 126 -56.99 7.47 -7.23
CA VAL D 126 -58.44 7.39 -7.06
C VAL D 126 -58.76 6.57 -5.83
N ASP D 127 -58.40 5.28 -5.85
CA ASP D 127 -58.44 4.38 -4.71
C ASP D 127 -59.85 4.13 -4.15
N TYR D 128 -60.87 4.77 -4.73
CA TYR D 128 -62.24 4.70 -4.23
C TYR D 128 -63.17 4.62 -5.43
N TRP D 129 -63.85 3.49 -5.60
CA TRP D 129 -64.69 3.23 -6.75
C TRP D 129 -66.05 2.74 -6.28
N GLY D 130 -67.10 3.46 -6.64
CA GLY D 130 -68.45 3.03 -6.31
C GLY D 130 -68.93 1.93 -7.24
N GLN D 131 -70.08 1.34 -6.87
CA GLN D 131 -70.70 0.33 -7.72
C GLN D 131 -71.20 0.94 -9.02
N GLY D 132 -71.77 2.14 -8.96
CA GLY D 132 -72.18 2.87 -10.13
C GLY D 132 -73.59 2.55 -10.58
N THR D 133 -74.04 3.33 -11.56
CA THR D 133 -75.37 3.17 -12.14
C THR D 133 -75.24 3.10 -13.66
N LEU D 134 -75.90 2.11 -14.26
CA LEU D 134 -75.88 1.96 -15.70
C LEU D 134 -76.64 3.11 -16.35
N VAL D 135 -75.95 3.90 -17.17
CA VAL D 135 -76.53 5.05 -17.85
C VAL D 135 -76.37 4.82 -19.35
N THR D 136 -77.49 4.72 -20.05
CA THR D 136 -77.51 4.59 -21.51
C THR D 136 -78.43 5.66 -22.09
N VAL D 137 -78.14 6.05 -23.33
CA VAL D 137 -78.93 7.05 -24.03
C VAL D 137 -79.45 6.44 -25.33
N SER D 138 -80.57 6.99 -25.81
CA SER D 138 -81.17 6.53 -27.05
C SER D 138 -81.91 7.69 -27.70
N SER D 139 -82.17 7.56 -29.00
CA SER D 139 -82.84 8.60 -29.76
C SER D 139 -84.04 8.03 -30.51
N ALA D 140 -84.60 8.81 -31.42
CA ALA D 140 -85.61 8.38 -32.40
C ALA D 140 -86.92 7.90 -31.75
N SER D 141 -87.18 8.33 -30.52
CA SER D 141 -88.46 8.12 -29.80
C SER D 141 -88.74 6.62 -29.70
N THR D 142 -89.97 6.17 -29.98
CA THR D 142 -90.34 4.77 -29.80
C THR D 142 -91.51 4.45 -30.70
N LYS D 143 -91.75 3.16 -30.90
CA LYS D 143 -92.88 2.67 -31.68
C LYS D 143 -93.48 1.44 -31.01
N GLY D 144 -94.76 1.19 -31.32
CA GLY D 144 -95.48 0.09 -30.73
C GLY D 144 -94.94 -1.27 -31.15
N PRO D 145 -94.58 -2.10 -30.18
CA PRO D 145 -94.09 -3.44 -30.49
C PRO D 145 -95.19 -4.34 -31.03
N SER D 146 -94.78 -5.31 -31.84
CA SER D 146 -95.69 -6.31 -32.40
C SER D 146 -95.41 -7.65 -31.77
N VAL D 147 -96.46 -8.31 -31.27
CA VAL D 147 -96.35 -9.61 -30.62
C VAL D 147 -96.97 -10.67 -31.52
N PHE D 148 -96.31 -11.82 -31.62
CA PHE D 148 -96.77 -12.91 -32.47
C PHE D 148 -96.50 -14.23 -31.78
N PRO D 149 -97.42 -14.68 -30.92
CA PRO D 149 -97.25 -15.98 -30.27
C PRO D 149 -97.56 -17.14 -31.21
N LEU D 150 -96.57 -17.55 -31.99
CA LEU D 150 -96.76 -18.62 -32.96
C LEU D 150 -97.07 -19.94 -32.26
N ALA D 151 -98.03 -20.68 -32.81
CA ALA D 151 -98.47 -21.95 -32.24
C ALA D 151 -98.17 -23.08 -33.20
N PRO D 152 -97.08 -23.83 -33.00
CA PRO D 152 -96.78 -24.99 -33.86
C PRO D 152 -97.56 -26.24 -33.44
N SER D 153 -98.81 -26.32 -33.91
CA SER D 153 -99.68 -27.43 -33.56
C SER D 153 -99.15 -28.75 -34.12
N SER D 154 -98.64 -28.75 -35.34
CA SER D 154 -98.13 -29.95 -36.00
C SER D 154 -96.61 -29.85 -36.08
N LYS D 155 -95.92 -30.64 -35.26
CA LYS D 155 -94.47 -30.72 -35.31
C LYS D 155 -94.04 -32.05 -34.72
N SER D 156 -92.99 -32.64 -35.28
CA SER D 156 -92.48 -33.91 -34.82
C SER D 156 -91.57 -33.73 -33.61
N THR D 157 -91.09 -34.87 -33.08
CA THR D 157 -90.21 -34.89 -31.93
C THR D 157 -88.77 -34.79 -32.46
N SER D 158 -87.77 -34.92 -31.59
CA SER D 158 -86.34 -34.82 -31.92
C SER D 158 -86.02 -33.47 -32.56
N GLY D 159 -86.58 -32.40 -31.98
CA GLY D 159 -86.29 -31.05 -32.41
C GLY D 159 -85.88 -30.19 -31.24
N GLY D 160 -85.46 -28.96 -31.56
CA GLY D 160 -85.05 -28.03 -30.51
C GLY D 160 -86.20 -27.61 -29.62
N THR D 161 -87.35 -27.30 -30.22
CA THR D 161 -88.55 -26.92 -29.49
C THR D 161 -89.67 -27.88 -29.85
N ALA D 162 -90.28 -28.49 -28.84
CA ALA D 162 -91.37 -29.43 -29.07
C ALA D 162 -92.58 -28.75 -29.69
N ALA D 163 -93.24 -27.86 -28.95
CA ALA D 163 -94.35 -27.08 -29.50
C ALA D 163 -94.52 -25.82 -28.63
N LEU D 164 -93.97 -24.71 -29.11
CA LEU D 164 -94.12 -23.39 -28.48
C LEU D 164 -93.48 -22.37 -29.40
N GLY D 165 -93.97 -21.12 -29.31
CA GLY D 165 -93.39 -20.04 -30.07
C GLY D 165 -93.91 -18.67 -29.70
N CYS D 166 -92.99 -17.71 -29.57
CA CYS D 166 -93.36 -16.31 -29.37
C CYS D 166 -92.34 -15.44 -30.09
N LEU D 167 -92.82 -14.38 -30.75
CA LEU D 167 -91.96 -13.52 -31.55
C LEU D 167 -92.27 -12.07 -31.23
N VAL D 168 -91.21 -11.28 -31.05
CA VAL D 168 -91.32 -9.84 -30.81
C VAL D 168 -90.59 -9.12 -31.94
N LYS D 169 -91.31 -8.21 -32.61
CA LYS D 169 -90.76 -7.52 -33.76
C LYS D 169 -91.29 -6.10 -33.79
N ASP D 170 -90.55 -5.24 -34.48
CA ASP D 170 -90.90 -3.82 -34.69
C ASP D 170 -91.06 -3.09 -33.35
N TYR D 171 -90.00 -3.16 -32.55
CA TYR D 171 -89.95 -2.48 -31.26
C TYR D 171 -88.67 -1.67 -31.20
N PHE D 172 -88.71 -0.58 -30.44
CA PHE D 172 -87.57 0.33 -30.33
C PHE D 172 -87.76 1.24 -29.12
N PRO D 173 -86.75 1.38 -28.25
CA PRO D 173 -85.43 0.73 -28.27
C PRO D 173 -85.32 -0.43 -27.27
N GLU D 174 -84.10 -0.94 -27.10
CA GLU D 174 -83.84 -2.02 -26.16
C GLU D 174 -84.00 -1.51 -24.72
N PRO D 175 -84.33 -2.40 -23.76
CA PRO D 175 -84.64 -3.83 -23.89
C PRO D 175 -86.13 -4.15 -23.74
N VAL D 176 -86.47 -5.43 -23.80
CA VAL D 176 -87.85 -5.90 -23.61
C VAL D 176 -87.83 -7.04 -22.61
N THR D 177 -88.68 -6.95 -21.58
CA THR D 177 -88.84 -8.01 -20.60
C THR D 177 -89.87 -9.00 -21.11
N VAL D 178 -89.43 -10.23 -21.37
CA VAL D 178 -90.30 -11.29 -21.89
C VAL D 178 -90.57 -12.29 -20.77
N SER D 179 -91.84 -12.54 -20.50
CA SER D 179 -92.26 -13.46 -19.45
C SER D 179 -93.28 -14.43 -20.02
N TRP D 180 -93.35 -15.62 -19.41
CA TRP D 180 -94.28 -16.66 -19.83
C TRP D 180 -95.15 -17.07 -18.65
N ASN D 181 -96.47 -17.01 -18.87
CA ASN D 181 -97.47 -17.37 -17.86
C ASN D 181 -97.29 -16.59 -16.57
N SER D 182 -97.05 -15.28 -16.71
CA SER D 182 -96.86 -14.35 -15.58
C SER D 182 -95.72 -14.80 -14.68
N GLY D 183 -94.66 -15.34 -15.27
CA GLY D 183 -93.51 -15.77 -14.52
C GLY D 183 -93.69 -17.06 -13.74
N ALA D 184 -94.74 -17.82 -14.00
CA ALA D 184 -94.97 -19.06 -13.27
C ALA D 184 -93.91 -20.11 -13.61
N LEU D 185 -93.54 -20.21 -14.88
CA LEU D 185 -92.54 -21.16 -15.34
C LEU D 185 -91.26 -20.43 -15.74
N THR D 186 -90.13 -20.97 -15.34
CA THR D 186 -88.83 -20.40 -15.69
C THR D 186 -87.82 -21.44 -16.15
N SER D 187 -88.20 -22.71 -16.26
CA SER D 187 -87.28 -23.76 -16.67
C SER D 187 -87.41 -24.00 -18.17
N GLY D 188 -86.26 -24.05 -18.85
CA GLY D 188 -86.26 -24.27 -20.29
C GLY D 188 -86.51 -23.04 -21.12
N VAL D 189 -86.56 -21.86 -20.51
CA VAL D 189 -86.82 -20.62 -21.24
C VAL D 189 -85.52 -20.17 -21.90
N HIS D 190 -85.52 -20.08 -23.23
CA HIS D 190 -84.38 -19.61 -24.00
C HIS D 190 -84.82 -18.43 -24.84
N THR D 191 -84.17 -17.28 -24.65
CA THR D 191 -84.48 -16.06 -25.36
C THR D 191 -83.33 -15.71 -26.28
N PHE D 192 -83.60 -15.68 -27.58
CA PHE D 192 -82.57 -15.34 -28.55
C PHE D 192 -82.28 -13.84 -28.52
N PRO D 193 -81.03 -13.45 -28.77
CA PRO D 193 -80.70 -12.02 -28.79
C PRO D 193 -81.33 -11.31 -29.98
N ALA D 194 -81.47 -9.99 -29.83
CA ALA D 194 -82.07 -9.17 -30.86
C ALA D 194 -81.16 -9.10 -32.09
N VAL D 195 -81.79 -9.00 -33.26
CA VAL D 195 -81.08 -8.91 -34.53
C VAL D 195 -81.35 -7.55 -35.15
N LEU D 196 -80.34 -7.01 -35.83
CA LEU D 196 -80.45 -5.73 -36.51
C LEU D 196 -80.83 -5.96 -37.96
N GLN D 197 -81.94 -5.36 -38.38
CA GLN D 197 -82.46 -5.53 -39.72
C GLN D 197 -81.85 -4.47 -40.66
N SER D 198 -82.38 -4.39 -41.88
CA SER D 198 -81.86 -3.43 -42.84
C SER D 198 -82.24 -1.99 -42.50
N SER D 199 -83.28 -1.79 -41.69
CA SER D 199 -83.72 -0.46 -41.30
C SER D 199 -83.28 -0.10 -39.88
N GLY D 200 -82.35 -0.85 -39.30
CA GLY D 200 -81.93 -0.62 -37.94
C GLY D 200 -83.01 -0.92 -36.91
N LEU D 201 -83.75 -2.00 -37.10
CA LEU D 201 -84.85 -2.38 -36.22
C LEU D 201 -84.51 -3.69 -35.53
N TYR D 202 -84.90 -3.80 -34.26
CA TYR D 202 -84.60 -5.00 -33.48
C TYR D 202 -85.73 -6.01 -33.58
N SER D 203 -85.37 -7.28 -33.45
CA SER D 203 -86.33 -8.38 -33.45
C SER D 203 -85.71 -9.58 -32.75
N LEU D 204 -86.50 -10.26 -31.92
CA LEU D 204 -86.02 -11.41 -31.18
C LEU D 204 -87.18 -12.37 -30.93
N SER D 205 -86.84 -13.59 -30.55
CA SER D 205 -87.82 -14.61 -30.23
C SER D 205 -87.38 -15.36 -28.97
N SER D 206 -88.36 -15.92 -28.26
CA SER D 206 -88.11 -16.69 -27.06
C SER D 206 -88.85 -18.02 -27.16
N VAL D 207 -88.19 -19.11 -26.80
CA VAL D 207 -88.73 -20.45 -26.93
C VAL D 207 -88.58 -21.19 -25.60
N VAL D 208 -89.60 -21.99 -25.26
CA VAL D 208 -89.62 -22.81 -24.06
C VAL D 208 -90.00 -24.22 -24.46
N THR D 209 -89.28 -25.21 -23.93
CA THR D 209 -89.54 -26.61 -24.23
C THR D 209 -90.63 -27.13 -23.29
N VAL D 210 -91.80 -27.43 -23.84
CA VAL D 210 -92.93 -27.95 -23.09
C VAL D 210 -93.45 -29.21 -23.79
N PRO D 211 -94.05 -30.16 -23.07
CA PRO D 211 -94.58 -31.35 -23.73
C PRO D 211 -95.74 -31.03 -24.66
N SER D 212 -95.86 -31.83 -25.72
CA SER D 212 -96.90 -31.63 -26.71
C SER D 212 -98.27 -32.13 -26.24
N SER D 213 -98.32 -32.90 -25.15
CA SER D 213 -99.59 -33.37 -24.62
C SER D 213 -100.35 -32.29 -23.85
N SER D 214 -99.70 -31.16 -23.56
CA SER D 214 -100.32 -30.08 -22.80
C SER D 214 -100.70 -28.89 -23.68
N LEU D 215 -100.87 -29.11 -24.99
CA LEU D 215 -101.28 -28.03 -25.87
C LEU D 215 -102.69 -27.54 -25.55
N GLY D 216 -103.62 -28.46 -25.27
CA GLY D 216 -104.99 -28.08 -24.98
C GLY D 216 -105.34 -28.14 -23.51
N THR D 217 -104.53 -28.84 -22.71
CA THR D 217 -104.77 -28.98 -21.29
C THR D 217 -103.99 -27.97 -20.45
N GLN D 218 -103.15 -27.15 -21.08
CA GLN D 218 -102.38 -26.12 -20.37
C GLN D 218 -102.42 -24.84 -21.19
N THR D 219 -102.70 -23.72 -20.51
CA THR D 219 -102.81 -22.43 -21.18
C THR D 219 -101.47 -21.71 -21.09
N TYR D 220 -100.98 -21.24 -22.23
CA TYR D 220 -99.67 -20.60 -22.33
C TYR D 220 -99.86 -19.13 -22.67
N ILE D 221 -99.26 -18.25 -21.86
CA ILE D 221 -99.37 -16.81 -22.03
C ILE D 221 -97.98 -16.24 -22.23
N CYS D 222 -97.78 -15.55 -23.35
CA CYS D 222 -96.51 -14.88 -23.63
C CYS D 222 -96.66 -13.40 -23.30
N ASN D 223 -95.84 -12.91 -22.37
CA ASN D 223 -95.95 -11.56 -21.85
C ASN D 223 -94.82 -10.70 -22.41
N VAL D 224 -95.18 -9.55 -22.97
CA VAL D 224 -94.21 -8.61 -23.54
C VAL D 224 -94.39 -7.26 -22.87
N ASN D 225 -93.31 -6.72 -22.33
CA ASN D 225 -93.33 -5.42 -21.67
C ASN D 225 -92.22 -4.55 -22.27
N HIS D 226 -92.56 -3.30 -22.60
CA HIS D 226 -91.61 -2.34 -23.12
C HIS D 226 -91.67 -1.08 -22.26
N LYS D 227 -90.53 -0.66 -21.72
CA LYS D 227 -90.49 0.45 -20.79
C LYS D 227 -90.66 1.81 -21.47
N PRO D 228 -89.92 2.16 -22.54
CA PRO D 228 -90.16 3.47 -23.17
C PRO D 228 -91.52 3.58 -23.82
N SER D 229 -92.08 2.49 -24.33
CA SER D 229 -93.39 2.53 -24.98
C SER D 229 -94.54 2.33 -24.01
N ASN D 230 -94.24 1.99 -22.75
CA ASN D 230 -95.21 1.71 -21.67
C ASN D 230 -96.39 0.88 -22.15
N THR D 231 -96.07 -0.25 -22.78
CA THR D 231 -97.07 -1.19 -23.28
C THR D 231 -96.88 -2.55 -22.63
N LYS D 232 -97.97 -3.12 -22.12
CA LYS D 232 -98.00 -4.47 -21.58
C LYS D 232 -99.11 -5.23 -22.29
N VAL D 233 -98.74 -6.16 -23.16
CA VAL D 233 -99.68 -6.92 -23.97
C VAL D 233 -99.56 -8.39 -23.59
N ASP D 234 -100.68 -8.98 -23.18
CA ASP D 234 -100.75 -10.39 -22.83
C ASP D 234 -101.65 -11.09 -23.83
N LYS D 235 -101.13 -12.12 -24.49
CA LYS D 235 -101.83 -12.78 -25.58
C LYS D 235 -101.93 -14.27 -25.31
N LYS D 236 -103.10 -14.85 -25.61
CA LYS D 236 -103.30 -16.28 -25.49
C LYS D 236 -102.58 -17.02 -26.61
N VAL D 237 -102.25 -18.28 -26.35
CA VAL D 237 -101.65 -19.16 -27.34
C VAL D 237 -102.67 -20.24 -27.69
N GLU D 238 -103.12 -20.25 -28.95
CA GLU D 238 -104.12 -21.20 -29.42
C GLU D 238 -103.60 -21.94 -30.63
N PRO D 239 -103.57 -23.27 -30.63
CA PRO D 239 -103.09 -24.01 -31.79
C PRO D 239 -104.01 -23.83 -33.00
N LYS D 240 -103.41 -23.89 -34.18
CA LYS D 240 -104.16 -23.74 -35.42
C LYS D 240 -104.84 -25.05 -35.82
N ASN E 18 -51.15 16.51 -24.39
CA ASN E 18 -51.45 15.26 -25.05
C ASN E 18 -50.81 14.08 -24.32
N PHE E 19 -50.79 14.16 -22.99
CA PHE E 19 -50.22 13.10 -22.18
C PHE E 19 -51.06 11.84 -22.28
N MET E 20 -50.42 10.70 -22.54
CA MET E 20 -51.12 9.45 -22.77
C MET E 20 -50.18 8.33 -22.32
N LEU E 21 -50.76 7.24 -21.83
CA LEU E 21 -50.00 6.12 -21.30
C LEU E 21 -50.21 4.89 -22.18
N THR E 22 -49.11 4.25 -22.59
CA THR E 22 -49.15 3.14 -23.52
C THR E 22 -48.88 1.84 -22.77
N GLN E 23 -49.80 0.89 -22.90
CA GLN E 23 -49.69 -0.42 -22.26
C GLN E 23 -50.42 -1.44 -23.12
N PRO E 24 -50.07 -2.75 -23.00
CA PRO E 24 -50.74 -3.76 -23.82
C PRO E 24 -52.19 -4.00 -23.43
N HIS E 25 -52.83 -4.97 -24.09
CA HIS E 25 -54.22 -5.33 -23.79
C HIS E 25 -54.40 -6.77 -23.34
N SER E 26 -53.39 -7.64 -23.50
CA SER E 26 -53.50 -9.03 -23.09
C SER E 26 -52.09 -9.55 -22.81
N VAL E 27 -51.74 -9.67 -21.53
CA VAL E 27 -50.43 -10.13 -21.10
C VAL E 27 -50.65 -11.04 -19.89
N SER E 28 -49.55 -11.60 -19.36
CA SER E 28 -49.52 -12.44 -18.16
C SER E 28 -50.29 -13.74 -18.32
N GLU E 29 -50.41 -14.24 -19.56
CA GLU E 29 -51.12 -15.49 -19.83
C GLU E 29 -50.17 -16.65 -19.55
N SER E 30 -49.96 -16.91 -18.26
CA SER E 30 -49.02 -17.94 -17.83
C SER E 30 -49.45 -18.49 -16.47
N PRO E 31 -49.21 -19.77 -16.19
CA PRO E 31 -49.49 -20.29 -14.85
C PRO E 31 -48.29 -20.24 -13.90
N GLY E 32 -48.49 -19.65 -12.73
CA GLY E 32 -47.63 -19.83 -11.58
C GLY E 32 -46.16 -19.45 -11.65
N LYS E 33 -45.84 -18.28 -12.21
CA LYS E 33 -44.48 -17.75 -12.14
C LYS E 33 -44.54 -16.24 -12.33
N THR E 34 -43.41 -15.57 -12.10
CA THR E 34 -43.34 -14.12 -12.06
C THR E 34 -43.39 -13.57 -13.49
N VAL E 35 -44.30 -12.62 -13.72
CA VAL E 35 -44.40 -11.90 -14.99
C VAL E 35 -44.53 -10.41 -14.68
N THR E 36 -44.22 -9.60 -15.69
CA THR E 36 -44.25 -8.15 -15.54
C THR E 36 -45.12 -7.53 -16.64
N ILE E 37 -45.72 -6.39 -16.31
CA ILE E 37 -46.51 -5.59 -17.25
C ILE E 37 -45.92 -4.19 -17.30
N SER E 38 -45.79 -3.64 -18.49
CA SER E 38 -45.13 -2.36 -18.71
C SER E 38 -46.12 -1.32 -19.21
N CYS E 39 -46.19 -0.19 -18.52
CA CYS E 39 -46.93 0.98 -18.98
C CYS E 39 -45.97 2.15 -19.09
N THR E 40 -45.95 2.80 -20.25
CA THR E 40 -45.01 3.87 -20.52
C THR E 40 -45.74 5.12 -20.97
N GLY E 41 -45.13 6.27 -20.73
CA GLY E 41 -45.69 7.55 -21.10
C GLY E 41 -45.00 8.14 -22.32
N SER E 42 -45.67 9.10 -22.94
CA SER E 42 -45.15 9.68 -24.17
C SER E 42 -44.82 11.17 -24.06
N SER E 43 -45.79 11.99 -23.65
CA SER E 43 -45.62 13.44 -23.76
C SER E 43 -44.63 13.97 -22.73
N GLY E 44 -44.57 13.36 -21.55
CA GLY E 44 -43.68 13.82 -20.51
C GLY E 44 -43.14 12.65 -19.72
N SER E 45 -42.29 12.98 -18.75
CA SER E 45 -41.68 11.96 -17.90
C SER E 45 -42.68 11.53 -16.84
N ILE E 46 -42.97 10.22 -16.77
CA ILE E 46 -43.91 9.70 -15.79
C ILE E 46 -43.30 9.59 -14.40
N ALA E 47 -41.98 9.74 -14.28
CA ALA E 47 -41.33 9.71 -12.98
C ALA E 47 -41.44 11.04 -12.22
N SER E 48 -41.91 12.09 -12.88
CA SER E 48 -42.07 13.38 -12.19
C SER E 48 -43.22 13.33 -11.19
N ASN E 49 -44.34 12.71 -11.57
CA ASN E 49 -45.49 12.57 -10.71
C ASN E 49 -45.74 11.10 -10.38
N TYR E 50 -46.65 10.86 -9.45
CA TYR E 50 -46.98 9.51 -9.03
C TYR E 50 -47.87 8.84 -10.07
N VAL E 51 -47.61 7.56 -10.31
CA VAL E 51 -48.43 6.73 -11.20
C VAL E 51 -49.00 5.57 -10.38
N GLN E 52 -50.22 5.18 -10.69
CA GLN E 52 -50.95 4.17 -9.94
C GLN E 52 -51.50 3.11 -10.88
N TRP E 53 -51.69 1.90 -10.34
CA TRP E 53 -52.30 0.80 -11.06
C TRP E 53 -53.65 0.47 -10.42
N TYR E 54 -54.66 0.26 -11.25
CA TYR E 54 -56.01 -0.03 -10.78
C TYR E 54 -56.45 -1.40 -11.28
N GLN E 55 -57.02 -2.19 -10.38
CA GLN E 55 -57.51 -3.53 -10.68
C GLN E 55 -59.03 -3.54 -10.52
N GLN E 56 -59.75 -3.88 -11.59
CA GLN E 56 -61.20 -3.86 -11.57
C GLN E 56 -61.75 -5.26 -11.80
N ARG E 57 -62.79 -5.61 -11.05
CA ARG E 57 -63.50 -6.86 -11.30
C ARG E 57 -64.31 -6.72 -12.58
N PRO E 58 -64.31 -7.72 -13.46
CA PRO E 58 -65.13 -7.65 -14.67
C PRO E 58 -66.62 -7.74 -14.32
N GLY E 59 -67.35 -6.67 -14.60
CA GLY E 59 -68.76 -6.61 -14.27
C GLY E 59 -69.08 -6.20 -12.85
N SER E 60 -68.11 -5.68 -12.10
CA SER E 60 -68.33 -5.26 -10.72
C SER E 60 -67.55 -3.99 -10.47
N ALA E 61 -67.50 -3.57 -9.21
CA ALA E 61 -66.85 -2.31 -8.86
C ALA E 61 -65.33 -2.45 -8.95
N PRO E 62 -64.64 -1.42 -9.42
CA PRO E 62 -63.17 -1.46 -9.47
C PRO E 62 -62.54 -1.33 -8.09
N THR E 63 -61.27 -1.71 -8.02
CA THR E 63 -60.46 -1.58 -6.82
C THR E 63 -59.10 -1.02 -7.23
N THR E 64 -58.14 -1.06 -6.30
CA THR E 64 -56.82 -0.52 -6.54
C THR E 64 -55.77 -1.46 -5.94
N VAL E 65 -54.71 -1.73 -6.69
CA VAL E 65 -53.64 -2.60 -6.23
C VAL E 65 -52.39 -1.77 -5.91
N ILE E 66 -52.24 -0.63 -6.58
CA ILE E 66 -51.06 0.21 -6.45
C ILE E 66 -51.47 1.64 -6.15
N TYR E 67 -51.01 2.17 -5.01
CA TYR E 67 -50.99 3.60 -4.75
C TYR E 67 -49.63 3.96 -4.19
N GLU E 68 -49.25 5.24 -4.35
CA GLU E 68 -47.97 5.83 -3.96
C GLU E 68 -46.81 5.27 -4.79
N ASP E 69 -47.08 4.36 -5.74
CA ASP E 69 -46.16 3.72 -6.67
C ASP E 69 -45.21 2.74 -5.97
N ASN E 70 -45.28 2.61 -4.64
CA ASN E 70 -44.41 1.68 -3.92
C ASN E 70 -45.10 0.92 -2.79
N GLN E 71 -46.28 1.31 -2.34
CA GLN E 71 -46.91 0.73 -1.16
C GLN E 71 -48.22 0.03 -1.54
N ARG E 72 -48.91 -0.48 -0.52
CA ARG E 72 -50.04 -1.38 -0.70
C ARG E 72 -51.18 -1.02 0.23
N PRO E 73 -52.43 -1.23 -0.21
CA PRO E 73 -53.56 -1.10 0.70
C PRO E 73 -53.59 -2.23 1.72
N SER E 74 -54.27 -1.99 2.83
CA SER E 74 -54.41 -3.00 3.87
C SER E 74 -55.28 -4.15 3.37
N GLY E 75 -54.80 -5.37 3.55
CA GLY E 75 -55.49 -6.56 3.10
C GLY E 75 -55.07 -7.07 1.74
N VAL E 76 -54.39 -6.25 0.95
CA VAL E 76 -53.91 -6.69 -0.36
C VAL E 76 -52.68 -7.57 -0.18
N PRO E 77 -52.63 -8.76 -0.78
CA PRO E 77 -51.48 -9.64 -0.59
C PRO E 77 -50.20 -9.06 -1.18
N ASP E 78 -49.08 -9.50 -0.63
CA ASP E 78 -47.76 -9.02 -1.01
C ASP E 78 -47.20 -9.71 -2.26
N ARG E 79 -48.02 -10.52 -2.94
CA ARG E 79 -47.56 -11.20 -4.15
C ARG E 79 -47.22 -10.21 -5.25
N PHE E 80 -48.06 -9.20 -5.43
CA PHE E 80 -47.79 -8.16 -6.41
C PHE E 80 -46.57 -7.34 -5.99
N SER E 81 -45.85 -6.80 -6.97
CA SER E 81 -44.76 -5.89 -6.69
C SER E 81 -44.59 -4.95 -7.88
N GLY E 82 -44.01 -3.77 -7.60
CA GLY E 82 -43.86 -2.75 -8.62
C GLY E 82 -42.48 -2.14 -8.59
N SER E 83 -42.11 -1.54 -9.72
CA SER E 83 -40.81 -0.90 -9.86
C SER E 83 -40.91 0.19 -10.92
N ILE E 84 -39.94 1.12 -10.89
CA ILE E 84 -39.90 2.24 -11.80
C ILE E 84 -38.49 2.33 -12.39
N ASP E 85 -38.41 2.44 -13.71
CA ASP E 85 -37.16 2.72 -14.41
C ASP E 85 -37.27 4.04 -15.17
N SER E 86 -36.16 4.77 -15.24
CA SER E 86 -36.14 6.09 -15.87
C SER E 86 -35.50 6.09 -17.26
N SER E 87 -34.80 5.02 -17.62
CA SER E 87 -34.17 4.96 -18.93
C SER E 87 -35.22 4.81 -20.04
N SER E 88 -36.31 4.09 -19.75
CA SER E 88 -37.36 3.83 -20.73
C SER E 88 -38.58 4.73 -20.55
N ASN E 89 -38.67 5.44 -19.43
CA ASN E 89 -39.87 6.18 -19.04
C ASN E 89 -41.10 5.28 -19.02
N SER E 90 -40.96 4.16 -18.31
CA SER E 90 -42.01 3.14 -18.24
C SER E 90 -42.23 2.75 -16.78
N ALA E 91 -43.41 2.22 -16.52
CA ALA E 91 -43.79 1.71 -15.20
C ALA E 91 -43.96 0.21 -15.26
N SER E 92 -43.33 -0.51 -14.34
CA SER E 92 -43.35 -1.97 -14.31
C SER E 92 -44.08 -2.45 -13.08
N LEU E 93 -45.09 -3.29 -13.28
CA LEU E 93 -45.81 -3.98 -12.20
C LEU E 93 -45.60 -5.47 -12.37
N THR E 94 -45.13 -6.13 -11.30
CA THR E 94 -44.78 -7.54 -11.33
C THR E 94 -45.71 -8.32 -10.43
N ILE E 95 -46.13 -9.50 -10.89
CA ILE E 95 -47.03 -10.37 -10.15
C ILE E 95 -46.29 -11.68 -9.91
N SER E 96 -46.28 -12.15 -8.66
CA SER E 96 -45.51 -13.32 -8.29
C SER E 96 -46.34 -14.58 -8.14
N GLY E 97 -47.40 -14.53 -7.32
CA GLY E 97 -48.13 -15.76 -7.01
C GLY E 97 -48.92 -16.31 -8.18
N LEU E 98 -49.66 -15.44 -8.87
CA LEU E 98 -50.54 -15.82 -9.99
C LEU E 98 -51.52 -16.91 -9.56
N LYS E 99 -52.28 -16.62 -8.50
CA LYS E 99 -53.22 -17.59 -7.95
C LYS E 99 -54.52 -17.57 -8.76
N THR E 100 -55.56 -18.23 -8.25
CA THR E 100 -56.83 -18.32 -8.94
C THR E 100 -57.67 -17.06 -8.81
N GLU E 101 -57.23 -16.09 -8.01
CA GLU E 101 -57.97 -14.85 -7.79
C GLU E 101 -57.74 -13.82 -8.89
N ASP E 102 -56.71 -13.99 -9.72
CA ASP E 102 -56.32 -12.96 -10.68
C ASP E 102 -57.09 -13.16 -11.99
N GLU E 103 -58.25 -12.50 -12.07
CA GLU E 103 -59.01 -12.40 -13.32
C GLU E 103 -59.50 -10.95 -13.41
N ALA E 104 -58.70 -10.10 -14.04
CA ALA E 104 -59.00 -8.67 -14.08
C ALA E 104 -58.21 -8.02 -15.21
N ASP E 105 -58.56 -6.77 -15.49
CA ASP E 105 -57.84 -5.93 -16.44
C ASP E 105 -57.24 -4.74 -15.69
N TYR E 106 -56.03 -4.36 -16.07
CA TYR E 106 -55.24 -3.38 -15.34
C TYR E 106 -55.15 -2.07 -16.10
N TYR E 107 -55.01 -0.97 -15.35
CA TYR E 107 -54.88 0.37 -15.91
C TYR E 107 -53.75 1.09 -15.21
N CYS E 108 -53.15 2.06 -15.91
CA CYS E 108 -52.14 2.94 -15.33
C CYS E 108 -52.62 4.38 -15.48
N GLN E 109 -52.61 5.12 -14.36
CA GLN E 109 -53.16 6.47 -14.30
C GLN E 109 -52.10 7.43 -13.81
N SER E 110 -51.96 8.57 -14.49
CA SER E 110 -50.99 9.58 -14.15
C SER E 110 -51.68 10.94 -14.00
N TYR E 111 -50.87 11.99 -13.87
CA TYR E 111 -51.38 13.36 -13.67
C TYR E 111 -50.37 14.31 -14.28
N ASP E 112 -50.77 15.02 -15.33
CA ASP E 112 -49.87 15.97 -16.00
C ASP E 112 -50.03 17.39 -15.47
N SER E 113 -51.21 17.98 -15.64
CA SER E 113 -51.47 19.33 -15.12
C SER E 113 -52.98 19.50 -15.01
N SER E 114 -53.50 19.45 -13.78
CA SER E 114 -54.92 19.67 -13.46
C SER E 114 -55.85 18.70 -14.20
N ASN E 115 -55.32 17.60 -14.72
CA ASN E 115 -56.12 16.63 -15.46
C ASN E 115 -55.60 15.23 -15.16
N TRP E 116 -56.49 14.25 -15.31
CA TRP E 116 -56.16 12.84 -15.09
C TRP E 116 -56.24 12.09 -16.41
N VAL E 117 -55.28 11.19 -16.63
CA VAL E 117 -55.23 10.36 -17.82
C VAL E 117 -55.20 8.90 -17.38
N PHE E 118 -55.99 8.07 -18.05
CA PHE E 118 -56.12 6.66 -17.72
C PHE E 118 -55.60 5.80 -18.86
N GLY E 119 -55.10 4.61 -18.51
CA GLY E 119 -54.56 3.71 -19.49
C GLY E 119 -55.63 3.00 -20.31
N GLY E 120 -55.18 2.36 -21.39
CA GLY E 120 -56.11 1.67 -22.27
C GLY E 120 -56.76 0.46 -21.62
N GLY E 121 -55.99 -0.34 -20.89
CA GLY E 121 -56.51 -1.55 -20.28
C GLY E 121 -55.82 -2.80 -20.78
N THR E 122 -55.52 -3.73 -19.86
CA THR E 122 -54.80 -4.95 -20.20
C THR E 122 -55.54 -6.14 -19.59
N GLN E 123 -56.34 -6.82 -20.41
CA GLN E 123 -57.16 -7.93 -19.92
C GLN E 123 -56.30 -9.13 -19.56
N LEU E 124 -56.58 -9.71 -18.38
CA LEU E 124 -55.93 -10.93 -17.93
C LEU E 124 -57.02 -11.87 -17.41
N THR E 125 -57.30 -12.93 -18.16
CA THR E 125 -58.35 -13.87 -17.80
C THR E 125 -57.87 -15.30 -17.57
N VAL E 126 -57.09 -15.85 -18.49
CA VAL E 126 -56.61 -17.23 -18.39
C VAL E 126 -55.32 -17.19 -17.58
N LEU E 127 -55.37 -17.77 -16.38
CA LEU E 127 -54.23 -17.75 -15.47
C LEU E 127 -53.51 -19.10 -15.46
N GLY E 135 -65.93 -31.42 -23.79
CA GLY E 135 -65.46 -32.78 -23.95
C GLY E 135 -65.53 -33.29 -25.37
N GLN E 136 -66.56 -32.86 -26.10
CA GLN E 136 -66.73 -33.27 -27.49
C GLN E 136 -66.16 -32.22 -28.41
N PRO E 137 -65.14 -32.55 -29.22
CA PRO E 137 -64.60 -31.55 -30.16
C PRO E 137 -65.58 -31.14 -31.25
N LYS E 138 -66.59 -31.95 -31.54
CA LYS E 138 -67.59 -31.64 -32.56
C LYS E 138 -68.98 -31.77 -31.95
N ALA E 139 -69.81 -30.76 -32.17
CA ALA E 139 -71.18 -30.75 -31.66
C ALA E 139 -72.15 -30.64 -32.83
N ALA E 140 -73.18 -31.47 -32.82
CA ALA E 140 -74.17 -31.45 -33.90
C ALA E 140 -75.08 -30.24 -33.74
N PRO E 141 -75.21 -29.39 -34.77
CA PRO E 141 -76.05 -28.19 -34.64
C PRO E 141 -77.53 -28.54 -34.78
N SER E 142 -78.32 -28.13 -33.79
CA SER E 142 -79.76 -28.32 -33.83
C SER E 142 -80.39 -27.13 -34.54
N VAL E 143 -81.16 -27.40 -35.60
CA VAL E 143 -81.69 -26.37 -36.49
C VAL E 143 -83.20 -26.50 -36.54
N THR E 144 -83.90 -25.38 -36.34
CA THR E 144 -85.36 -25.36 -36.26
C THR E 144 -85.93 -24.28 -37.16
N LEU E 145 -87.05 -24.59 -37.81
CA LEU E 145 -87.76 -23.66 -38.68
C LEU E 145 -89.12 -23.31 -38.07
N PHE E 146 -89.52 -22.05 -38.21
CA PHE E 146 -90.83 -21.57 -37.78
C PHE E 146 -91.50 -20.84 -38.94
N PRO E 147 -92.27 -21.54 -39.76
CA PRO E 147 -92.98 -20.87 -40.85
C PRO E 147 -94.08 -19.98 -40.30
N PRO E 148 -94.47 -18.93 -41.04
CA PRO E 148 -95.56 -18.06 -40.56
C PRO E 148 -96.88 -18.80 -40.49
N SER E 149 -97.70 -18.42 -39.51
CA SER E 149 -99.03 -19.01 -39.34
C SER E 149 -100.07 -18.12 -40.02
N SER E 150 -101.34 -18.43 -39.80
CA SER E 150 -102.41 -17.61 -40.37
C SER E 150 -102.47 -16.24 -39.71
N GLU E 151 -102.05 -16.13 -38.46
CA GLU E 151 -102.06 -14.84 -37.76
C GLU E 151 -101.07 -13.87 -38.39
N GLU E 152 -99.90 -14.36 -38.82
CA GLU E 152 -98.90 -13.49 -39.42
C GLU E 152 -99.36 -12.98 -40.78
N LEU E 153 -99.95 -13.87 -41.61
CA LEU E 153 -100.25 -13.52 -42.99
C LEU E 153 -101.44 -12.58 -43.15
N GLN E 154 -102.35 -12.53 -42.17
CA GLN E 154 -103.51 -11.65 -42.29
C GLN E 154 -103.17 -10.18 -42.04
N ALA E 155 -101.98 -9.89 -41.52
CA ALA E 155 -101.56 -8.52 -41.26
C ALA E 155 -100.56 -8.04 -42.31
N ASN E 156 -100.60 -8.64 -43.50
CA ASN E 156 -99.68 -8.32 -44.60
C ASN E 156 -98.22 -8.43 -44.17
N LYS E 157 -97.89 -9.53 -43.50
CA LYS E 157 -96.54 -9.65 -42.95
C LYS E 157 -96.17 -11.13 -42.98
N ALA E 158 -94.89 -11.41 -43.19
CA ALA E 158 -94.41 -12.80 -43.21
C ALA E 158 -93.00 -12.84 -42.62
N THR E 159 -92.85 -13.48 -41.47
CA THR E 159 -91.57 -13.68 -40.81
C THR E 159 -91.15 -15.14 -40.88
N LEU E 160 -90.07 -15.42 -41.58
CA LEU E 160 -89.47 -16.75 -41.59
C LEU E 160 -88.14 -16.69 -40.85
N VAL E 161 -88.07 -17.37 -39.70
CA VAL E 161 -86.91 -17.30 -38.82
C VAL E 161 -86.16 -18.63 -38.90
N CYS E 162 -84.83 -18.55 -39.05
CA CYS E 162 -83.97 -19.71 -39.20
C CYS E 162 -83.05 -19.77 -37.99
N LEU E 163 -83.29 -20.72 -37.09
CA LEU E 163 -82.62 -20.79 -35.80
C LEU E 163 -81.59 -21.91 -35.80
N ILE E 164 -80.41 -21.63 -35.27
CA ILE E 164 -79.33 -22.60 -35.15
C ILE E 164 -78.73 -22.49 -33.76
N SER E 165 -78.32 -23.63 -33.20
CA SER E 165 -77.76 -23.66 -31.87
C SER E 165 -76.85 -24.87 -31.72
N ASP E 166 -76.02 -24.84 -30.68
CA ASP E 166 -75.11 -25.93 -30.31
C ASP E 166 -74.14 -26.26 -31.44
N PHE E 167 -73.30 -25.27 -31.77
CA PHE E 167 -72.25 -25.43 -32.77
C PHE E 167 -70.93 -24.94 -32.20
N TYR E 168 -69.84 -25.51 -32.71
CA TYR E 168 -68.50 -25.19 -32.23
C TYR E 168 -67.49 -25.40 -33.35
N PRO E 169 -66.70 -24.37 -33.72
CA PRO E 169 -66.75 -22.98 -33.25
C PRO E 169 -67.90 -22.19 -33.85
N GLY E 170 -68.16 -20.98 -33.35
CA GLY E 170 -69.23 -20.16 -33.88
C GLY E 170 -68.89 -19.44 -35.16
N ALA E 171 -68.58 -20.19 -36.21
CA ALA E 171 -68.25 -19.64 -37.53
C ALA E 171 -69.17 -20.34 -38.54
N VAL E 172 -70.36 -19.79 -38.73
CA VAL E 172 -71.37 -20.38 -39.60
C VAL E 172 -71.91 -19.32 -40.54
N THR E 173 -72.44 -19.77 -41.68
CA THR E 173 -73.08 -18.92 -42.66
C THR E 173 -74.48 -19.41 -42.92
N VAL E 174 -75.45 -18.50 -42.89
CA VAL E 174 -76.86 -18.83 -43.07
C VAL E 174 -77.32 -18.30 -44.43
N ALA E 175 -77.90 -19.18 -45.24
CA ALA E 175 -78.38 -18.83 -46.56
C ALA E 175 -79.78 -19.38 -46.76
N TRP E 176 -80.56 -18.70 -47.59
CA TRP E 176 -81.93 -19.07 -47.89
C TRP E 176 -82.04 -19.45 -49.36
N LYS E 177 -82.68 -20.57 -49.65
CA LYS E 177 -82.85 -21.08 -51.00
C LYS E 177 -84.33 -21.08 -51.37
N ALA E 178 -84.66 -20.43 -52.48
CA ALA E 178 -86.03 -20.42 -53.00
C ALA E 178 -86.20 -21.58 -53.98
N ASP E 179 -87.29 -21.53 -54.76
CA ASP E 179 -87.58 -22.62 -55.69
C ASP E 179 -86.53 -22.74 -56.77
N SER E 180 -86.08 -21.61 -57.34
CA SER E 180 -85.12 -21.66 -58.44
C SER E 180 -84.03 -20.59 -58.37
N SER E 181 -83.98 -19.77 -57.34
CA SER E 181 -82.97 -18.72 -57.27
C SER E 181 -82.73 -18.28 -55.83
N PRO E 182 -81.48 -18.22 -55.39
CA PRO E 182 -81.19 -17.75 -54.03
C PRO E 182 -81.52 -16.27 -53.87
N VAL E 183 -81.88 -15.89 -52.64
CA VAL E 183 -82.25 -14.52 -52.32
C VAL E 183 -81.06 -13.81 -51.72
N LYS E 184 -81.09 -12.48 -51.78
CA LYS E 184 -80.02 -11.66 -51.24
C LYS E 184 -80.58 -10.56 -50.34
N ALA E 185 -81.79 -10.10 -50.65
CA ALA E 185 -82.41 -8.99 -49.93
C ALA E 185 -83.46 -9.52 -48.97
N GLY E 186 -83.43 -8.98 -47.74
CA GLY E 186 -84.40 -9.34 -46.73
C GLY E 186 -83.92 -10.34 -45.69
N VAL E 187 -82.66 -10.74 -45.73
CA VAL E 187 -82.11 -11.72 -44.80
C VAL E 187 -81.14 -11.01 -43.87
N GLU E 188 -81.38 -11.17 -42.56
CA GLU E 188 -80.54 -10.58 -41.53
C GLU E 188 -80.11 -11.67 -40.55
N THR E 189 -78.84 -11.63 -40.15
CA THR E 189 -78.27 -12.63 -39.26
C THR E 189 -77.48 -11.93 -38.16
N THR E 190 -77.68 -12.39 -36.92
CA THR E 190 -77.00 -11.83 -35.76
C THR E 190 -75.79 -12.68 -35.38
N THR E 191 -74.91 -12.09 -34.58
CA THR E 191 -73.75 -12.80 -34.09
C THR E 191 -74.15 -13.88 -33.09
N PRO E 192 -73.43 -15.00 -33.05
CA PRO E 192 -73.72 -16.02 -32.04
C PRO E 192 -73.46 -15.52 -30.63
N SER E 193 -74.25 -16.05 -29.69
CA SER E 193 -74.19 -15.65 -28.30
C SER E 193 -73.84 -16.85 -27.42
N LYS E 194 -73.21 -16.56 -26.28
CA LYS E 194 -72.80 -17.60 -25.35
C LYS E 194 -73.96 -17.97 -24.45
N GLN E 195 -74.40 -19.23 -24.52
CA GLN E 195 -75.48 -19.74 -23.69
C GLN E 195 -74.91 -20.55 -22.55
N SER E 196 -75.81 -21.13 -21.74
CA SER E 196 -75.40 -21.98 -20.62
C SER E 196 -75.31 -23.45 -21.01
N ASN E 197 -74.56 -23.76 -22.06
CA ASN E 197 -74.35 -25.14 -22.48
C ASN E 197 -72.95 -25.34 -23.06
N ASN E 198 -72.03 -24.41 -22.84
CA ASN E 198 -70.70 -24.40 -23.43
C ASN E 198 -70.77 -24.47 -24.96
N LYS E 199 -71.76 -23.79 -25.53
CA LYS E 199 -71.97 -23.75 -26.97
C LYS E 199 -72.46 -22.35 -27.34
N TYR E 200 -72.82 -22.19 -28.62
CA TYR E 200 -73.29 -20.91 -29.12
C TYR E 200 -74.57 -21.10 -29.93
N ALA E 201 -75.38 -20.05 -29.98
CA ALA E 201 -76.65 -20.07 -30.70
C ALA E 201 -76.78 -18.79 -31.51
N ALA E 202 -77.33 -18.91 -32.72
CA ALA E 202 -77.53 -17.78 -33.61
C ALA E 202 -78.92 -17.87 -34.23
N SER E 203 -79.41 -16.72 -34.68
CA SER E 203 -80.73 -16.63 -35.29
C SER E 203 -80.66 -15.81 -36.57
N SER E 204 -81.51 -16.16 -37.53
CA SER E 204 -81.62 -15.44 -38.80
C SER E 204 -83.08 -15.13 -39.06
N TYR E 205 -83.35 -13.92 -39.55
CA TYR E 205 -84.70 -13.46 -39.82
C TYR E 205 -84.86 -13.12 -41.29
N LEU E 206 -86.00 -13.49 -41.86
CA LEU E 206 -86.32 -13.21 -43.26
C LEU E 206 -87.69 -12.55 -43.34
N SER E 207 -87.76 -11.43 -44.05
CA SER E 207 -89.01 -10.72 -44.31
C SER E 207 -89.47 -11.03 -45.73
N LEU E 208 -90.70 -11.50 -45.87
CA LEU E 208 -91.20 -11.99 -47.15
C LEU E 208 -92.63 -11.48 -47.35
N THR E 209 -93.16 -11.70 -48.55
CA THR E 209 -94.50 -11.32 -48.94
C THR E 209 -95.29 -12.57 -49.34
N PRO E 210 -96.61 -12.58 -49.11
CA PRO E 210 -97.38 -13.82 -49.35
C PRO E 210 -97.48 -14.24 -50.81
N GLU E 211 -97.27 -13.33 -51.77
CA GLU E 211 -97.49 -13.70 -53.16
C GLU E 211 -96.41 -14.66 -53.66
N GLN E 212 -95.17 -14.50 -53.20
CA GLN E 212 -94.12 -15.44 -53.58
C GLN E 212 -94.08 -16.67 -52.69
N TRP E 213 -94.78 -16.63 -51.54
CA TRP E 213 -94.85 -17.80 -50.67
C TRP E 213 -95.66 -18.92 -51.32
N LYS E 214 -96.76 -18.58 -51.98
CA LYS E 214 -97.62 -19.56 -52.62
C LYS E 214 -97.25 -19.79 -54.08
N SER E 215 -96.30 -19.04 -54.63
CA SER E 215 -95.88 -19.18 -56.02
C SER E 215 -94.59 -19.99 -56.16
N HIS E 216 -94.09 -20.57 -55.07
CA HIS E 216 -92.87 -21.36 -55.08
C HIS E 216 -93.21 -22.83 -54.90
N ARG E 217 -92.16 -23.65 -54.81
CA ARG E 217 -92.30 -25.09 -54.65
C ARG E 217 -91.88 -25.59 -53.27
N SER E 218 -90.66 -25.25 -52.84
CA SER E 218 -90.17 -25.68 -51.53
C SER E 218 -89.16 -24.66 -51.02
N TYR E 219 -89.19 -24.42 -49.72
CA TYR E 219 -88.32 -23.45 -49.08
C TYR E 219 -87.21 -24.16 -48.33
N SER E 220 -86.01 -23.60 -48.37
CA SER E 220 -84.86 -24.20 -47.72
C SER E 220 -83.99 -23.13 -47.08
N CYS E 221 -83.53 -23.42 -45.85
CA CYS E 221 -82.55 -22.60 -45.15
C CYS E 221 -81.37 -23.50 -44.80
N GLN E 222 -80.24 -23.25 -45.44
CA GLN E 222 -79.04 -24.08 -45.28
C GLN E 222 -77.97 -23.34 -44.49
N VAL E 223 -77.25 -24.10 -43.67
CA VAL E 223 -76.16 -23.56 -42.86
C VAL E 223 -74.91 -24.37 -43.12
N THR E 224 -73.76 -23.70 -43.08
CA THR E 224 -72.47 -24.32 -43.40
C THR E 224 -71.53 -24.18 -42.21
N HIS E 225 -70.86 -25.28 -41.88
CA HIS E 225 -69.87 -25.30 -40.81
C HIS E 225 -68.61 -25.96 -41.35
N GLU E 226 -67.66 -26.26 -40.45
CA GLU E 226 -66.40 -26.89 -40.86
C GLU E 226 -66.67 -28.32 -41.30
N GLY E 227 -66.65 -28.55 -42.61
CA GLY E 227 -66.90 -29.87 -43.16
C GLY E 227 -68.28 -30.41 -42.87
N SER E 228 -69.28 -29.55 -42.76
CA SER E 228 -70.63 -29.97 -42.46
C SER E 228 -71.62 -29.03 -43.14
N THR E 229 -72.73 -29.59 -43.61
CA THR E 229 -73.78 -28.80 -44.27
C THR E 229 -75.11 -29.48 -44.00
N VAL E 230 -75.98 -28.79 -43.27
CA VAL E 230 -77.30 -29.30 -42.91
C VAL E 230 -78.35 -28.50 -43.67
N GLU E 231 -79.20 -29.18 -44.42
CA GLU E 231 -80.24 -28.55 -45.22
C GLU E 231 -81.60 -29.11 -44.83
N LYS E 232 -82.60 -28.24 -44.79
CA LYS E 232 -83.97 -28.60 -44.47
C LYS E 232 -84.89 -28.17 -45.59
N THR E 233 -85.99 -28.91 -45.77
CA THR E 233 -86.96 -28.63 -46.82
C THR E 233 -88.36 -28.64 -46.23
N VAL E 234 -89.14 -27.61 -46.57
CA VAL E 234 -90.54 -27.51 -46.15
C VAL E 234 -91.38 -27.19 -47.38
N ALA E 235 -92.69 -27.36 -47.24
CA ALA E 235 -93.61 -27.12 -48.33
C ALA E 235 -94.70 -26.15 -47.88
N PRO E 236 -95.19 -25.31 -48.80
CA PRO E 236 -96.30 -24.41 -48.45
C PRO E 236 -97.59 -25.12 -48.11
N THR E 237 -97.76 -26.37 -48.53
CA THR E 237 -98.98 -27.11 -48.25
C THR E 237 -99.07 -27.44 -46.76
N GLU E 238 -100.16 -27.02 -46.13
CA GLU E 238 -100.34 -27.23 -44.70
C GLU E 238 -101.67 -27.93 -44.42
N GLU F 20 0.28 -44.68 45.74
CA GLU F 20 1.48 -45.49 45.57
C GLU F 20 1.15 -46.89 45.07
N VAL F 21 1.97 -47.39 44.15
CA VAL F 21 1.80 -48.71 43.56
C VAL F 21 3.12 -49.45 43.67
N GLN F 22 3.08 -50.66 44.23
CA GLN F 22 4.26 -51.48 44.42
C GLN F 22 4.22 -52.66 43.46
N LEU F 23 5.33 -52.87 42.74
CA LEU F 23 5.47 -53.99 41.81
C LEU F 23 6.68 -54.80 42.22
N VAL F 24 6.47 -56.10 42.45
CA VAL F 24 7.52 -57.01 42.89
C VAL F 24 7.67 -58.12 41.86
N GLU F 25 8.89 -58.32 41.38
CA GLU F 25 9.20 -59.35 40.40
C GLU F 25 10.28 -60.28 40.95
N SER F 26 10.00 -61.58 40.94
CA SER F 26 10.98 -62.58 41.32
C SER F 26 10.68 -63.85 40.52
N GLY F 27 11.35 -63.99 39.37
CA GLY F 27 11.15 -65.14 38.51
C GLY F 27 12.42 -65.68 37.91
N GLY F 28 13.54 -65.00 38.14
CA GLY F 28 14.80 -65.41 37.55
C GLY F 28 15.88 -65.69 38.58
N GLY F 29 17.10 -65.93 38.10
CA GLY F 29 18.23 -66.22 38.97
C GLY F 29 18.92 -67.53 38.65
N LEU F 30 18.58 -68.12 37.51
CA LEU F 30 19.16 -69.39 37.09
C LEU F 30 19.28 -69.39 35.57
N VAL F 31 20.14 -70.28 35.08
CA VAL F 31 20.41 -70.41 33.64
C VAL F 31 19.85 -71.75 33.18
N GLN F 32 19.39 -71.80 31.93
CA GLN F 32 18.91 -73.01 31.27
C GLN F 32 18.83 -72.81 29.76
N PRO F 33 19.45 -73.69 28.97
CA PRO F 33 19.31 -73.60 27.51
C PRO F 33 18.10 -74.35 26.97
N GLY F 34 17.16 -73.63 26.37
CA GLY F 34 16.06 -74.25 25.66
C GLY F 34 15.05 -74.96 26.54
N GLY F 35 14.97 -74.62 27.81
CA GLY F 35 14.00 -75.24 28.72
C GLY F 35 12.81 -74.35 28.98
N SER F 36 12.34 -74.35 30.23
CA SER F 36 11.17 -73.58 30.61
C SER F 36 11.48 -72.75 31.85
N LEU F 37 10.97 -71.53 31.89
CA LEU F 37 11.13 -70.64 33.03
C LEU F 37 9.84 -69.87 33.25
N ARG F 38 9.42 -69.76 34.51
CA ARG F 38 8.20 -69.07 34.89
C ARG F 38 8.55 -67.81 35.67
N LEU F 39 7.99 -66.68 35.25
CA LEU F 39 8.18 -65.40 35.91
C LEU F 39 6.85 -64.86 36.42
N SER F 40 6.86 -64.30 37.62
CA SER F 40 5.66 -63.78 38.26
C SER F 40 5.90 -62.37 38.74
N CYS F 41 4.92 -61.49 38.50
CA CYS F 41 4.96 -60.11 38.97
C CYS F 41 3.81 -59.89 39.93
N ALA F 42 4.11 -59.33 41.11
CA ALA F 42 3.12 -59.08 42.13
C ALA F 42 2.81 -57.58 42.18
N ALA F 43 1.51 -57.25 42.16
CA ALA F 43 1.06 -55.87 42.13
C ALA F 43 0.08 -55.62 43.26
N SER F 44 0.04 -54.37 43.73
CA SER F 44 -0.85 -53.99 44.81
C SER F 44 -1.12 -52.49 44.73
N GLY F 45 -2.14 -52.05 45.45
CA GLY F 45 -2.50 -50.65 45.53
C GLY F 45 -3.44 -50.16 44.46
N PHE F 46 -3.94 -51.04 43.59
CA PHE F 46 -4.85 -50.62 42.53
C PHE F 46 -5.71 -51.81 42.13
N THR F 47 -6.80 -51.51 41.41
CA THR F 47 -7.70 -52.54 40.92
C THR F 47 -7.07 -53.27 39.74
N PHE F 48 -7.03 -54.60 39.82
CA PHE F 48 -6.34 -55.41 38.82
C PHE F 48 -7.17 -55.66 37.57
N SER F 49 -8.49 -55.58 37.64
CA SER F 49 -9.36 -55.99 36.55
C SER F 49 -10.03 -54.80 35.86
N SER F 50 -9.31 -53.69 35.74
CA SER F 50 -9.86 -52.53 35.05
C SER F 50 -8.90 -51.85 34.07
N TYR F 51 -7.61 -52.11 34.14
CA TYR F 51 -6.61 -51.41 33.33
C TYR F 51 -5.83 -52.40 32.48
N TRP F 52 -4.85 -51.89 31.75
CA TRP F 52 -4.01 -52.68 30.86
C TRP F 52 -2.69 -53.00 31.55
N MET F 53 -2.15 -54.18 31.25
CA MET F 53 -0.79 -54.54 31.64
C MET F 53 -0.03 -55.08 30.44
N SER F 54 1.30 -55.02 30.54
CA SER F 54 2.19 -55.43 29.47
C SER F 54 3.45 -56.02 30.08
N TRP F 55 4.37 -56.45 29.23
CA TRP F 55 5.67 -56.94 29.68
C TRP F 55 6.74 -56.35 28.79
N VAL F 56 7.80 -55.84 29.41
CA VAL F 56 8.88 -55.14 28.70
C VAL F 56 10.22 -55.69 29.21
N ARG F 57 11.15 -55.90 28.28
CA ARG F 57 12.48 -56.39 28.60
C ARG F 57 13.52 -55.53 27.89
N GLN F 58 14.75 -55.56 28.42
CA GLN F 58 15.86 -54.85 27.81
C GLN F 58 17.14 -55.63 28.03
N ALA F 59 18.00 -55.61 27.00
CA ALA F 59 19.30 -56.23 27.12
C ALA F 59 20.24 -55.38 27.96
N PRO F 60 21.17 -56.00 28.68
CA PRO F 60 22.16 -55.22 29.45
C PRO F 60 23.09 -54.45 28.52
N GLY F 61 23.04 -53.12 28.63
CA GLY F 61 23.85 -52.27 27.78
C GLY F 61 23.21 -51.86 26.48
N LYS F 62 22.01 -52.35 26.18
CA LYS F 62 21.29 -52.02 24.96
C LYS F 62 20.01 -51.27 25.28
N GLY F 63 19.21 -51.00 24.24
CA GLY F 63 18.02 -50.21 24.38
C GLY F 63 16.81 -51.01 24.82
N LEU F 64 15.69 -50.30 24.96
CA LEU F 64 14.42 -50.91 25.35
C LEU F 64 13.74 -51.55 24.15
N GLU F 65 12.96 -52.59 24.43
CA GLU F 65 12.14 -53.24 23.41
C GLU F 65 10.90 -53.83 24.08
N TRP F 66 9.85 -54.00 23.28
CA TRP F 66 8.55 -54.46 23.76
C TRP F 66 8.44 -55.96 23.59
N VAL F 67 7.78 -56.62 24.54
CA VAL F 67 7.61 -58.07 24.54
C VAL F 67 6.15 -58.46 24.33
N ALA F 68 5.26 -58.04 25.23
CA ALA F 68 3.90 -58.53 25.23
C ALA F 68 2.96 -57.50 25.84
N ASN F 69 1.66 -57.78 25.73
CA ASN F 69 0.62 -57.01 26.38
C ASN F 69 -0.58 -57.93 26.61
N ILE F 70 -1.45 -57.53 27.53
CA ILE F 70 -2.60 -58.35 27.90
C ILE F 70 -3.76 -57.44 28.29
N LYS F 71 -4.97 -57.89 27.99
CA LYS F 71 -6.20 -57.15 28.27
C LYS F 71 -6.57 -57.35 29.74
N GLN F 72 -7.53 -56.54 30.22
CA GLN F 72 -7.91 -56.58 31.64
C GLN F 72 -8.63 -57.87 32.02
N ASP F 73 -9.06 -58.69 31.05
CA ASP F 73 -9.66 -59.98 31.34
C ASP F 73 -8.91 -61.14 30.72
N GLY F 74 -7.81 -60.89 30.01
CA GLY F 74 -7.04 -61.94 29.39
C GLY F 74 -7.60 -62.49 28.10
N SER F 75 -8.64 -61.85 27.55
CA SER F 75 -9.23 -62.33 26.31
C SER F 75 -8.28 -62.15 25.13
N GLU F 76 -7.58 -61.02 25.07
CA GLU F 76 -6.70 -60.69 23.95
C GLU F 76 -5.27 -60.57 24.45
N LYS F 77 -4.36 -61.30 23.81
CA LYS F 77 -2.93 -61.22 24.09
C LYS F 77 -2.17 -61.15 22.77
N TYR F 78 -1.06 -60.42 22.76
CA TYR F 78 -0.28 -60.21 21.55
C TYR F 78 1.20 -60.25 21.88
N TYR F 79 2.01 -60.53 20.87
CA TYR F 79 3.45 -60.70 21.00
C TYR F 79 4.15 -60.09 19.79
N VAL F 80 5.47 -60.00 19.88
CA VAL F 80 6.29 -59.58 18.76
C VAL F 80 6.57 -60.80 17.88
N ASP F 81 6.92 -60.55 16.62
CA ASP F 81 7.15 -61.62 15.67
C ASP F 81 8.37 -62.47 16.03
N SER F 82 9.30 -61.93 16.82
CA SER F 82 10.48 -62.69 17.20
C SER F 82 10.12 -63.84 18.14
N VAL F 83 9.14 -63.63 19.02
CA VAL F 83 8.74 -64.64 19.99
C VAL F 83 7.40 -65.29 19.62
N LYS F 84 6.95 -65.10 18.38
CA LYS F 84 5.69 -65.70 17.94
C LYS F 84 5.82 -67.21 17.85
N GLY F 85 4.74 -67.90 18.17
CA GLY F 85 4.73 -69.36 18.24
C GLY F 85 4.99 -69.88 19.64
N ARG F 86 6.06 -69.39 20.27
CA ARG F 86 6.33 -69.68 21.66
C ARG F 86 5.68 -68.59 22.53
N PHE F 87 6.01 -68.60 23.83
CA PHE F 87 5.58 -67.62 24.83
C PHE F 87 4.09 -67.73 25.16
N THR F 88 3.72 -67.50 26.42
CA THR F 88 2.33 -67.43 26.81
C THR F 88 2.21 -66.62 28.08
N ILE F 89 1.07 -65.95 28.25
CA ILE F 89 0.80 -65.09 29.40
C ILE F 89 -0.57 -65.42 29.96
N SER F 90 -0.67 -65.48 31.27
CA SER F 90 -1.94 -65.76 31.95
C SER F 90 -2.08 -64.83 33.14
N ARG F 91 -3.32 -64.65 33.58
CA ARG F 91 -3.63 -63.68 34.62
C ARG F 91 -4.79 -64.18 35.48
N ASP F 92 -4.93 -63.58 36.65
CA ASP F 92 -6.08 -63.79 37.51
C ASP F 92 -6.28 -62.58 38.41
N ASN F 93 -7.54 -62.17 38.56
CA ASN F 93 -7.87 -60.99 39.36
C ASN F 93 -8.15 -61.33 40.82
N ALA F 94 -8.15 -62.61 41.19
CA ALA F 94 -8.45 -62.98 42.56
C ALA F 94 -7.29 -62.65 43.50
N LYS F 95 -6.06 -62.96 43.08
CA LYS F 95 -4.88 -62.77 43.92
C LYS F 95 -3.96 -61.68 43.43
N ASN F 96 -4.32 -60.97 42.35
CA ASN F 96 -3.59 -59.79 41.85
C ASN F 96 -2.14 -60.13 41.51
N SER F 97 -1.98 -60.99 40.50
CA SER F 97 -0.66 -61.42 40.06
C SER F 97 -0.66 -61.65 38.56
N LEU F 98 0.53 -61.62 37.98
CA LEU F 98 0.74 -61.89 36.56
C LEU F 98 1.67 -63.09 36.41
N TYR F 99 1.41 -63.92 35.41
CA TYR F 99 2.23 -65.08 35.12
C TYR F 99 2.78 -64.99 33.70
N LEU F 100 4.06 -65.34 33.54
CA LEU F 100 4.73 -65.33 32.25
C LEU F 100 5.52 -66.62 32.10
N GLN F 101 5.25 -67.38 31.04
CA GLN F 101 5.92 -68.64 30.77
C GLN F 101 6.68 -68.55 29.45
N MET F 102 7.95 -68.95 29.49
CA MET F 102 8.80 -68.97 28.31
C MET F 102 9.33 -70.38 28.09
N ASN F 103 9.38 -70.80 26.82
CA ASN F 103 9.88 -72.11 26.46
C ASN F 103 10.78 -71.99 25.24
N SER F 104 11.74 -72.92 25.15
CA SER F 104 12.73 -72.97 24.07
C SER F 104 13.51 -71.66 23.97
N LEU F 105 14.18 -71.32 25.07
CA LEU F 105 14.93 -70.08 25.14
C LEU F 105 16.23 -70.18 24.36
N ARG F 106 16.74 -69.01 23.96
CA ARG F 106 17.98 -68.89 23.21
C ARG F 106 18.97 -68.03 23.98
N ALA F 107 20.14 -67.81 23.38
CA ALA F 107 21.16 -66.99 24.03
C ALA F 107 20.84 -65.50 23.98
N GLU F 108 19.91 -65.09 23.11
CA GLU F 108 19.53 -63.68 23.03
C GLU F 108 18.71 -63.24 24.24
N ASP F 109 18.04 -64.17 24.91
CA ASP F 109 17.10 -63.88 25.99
C ASP F 109 17.76 -63.36 27.28
N THR F 110 19.05 -63.06 27.34
CA THR F 110 19.63 -62.43 28.51
C THR F 110 19.12 -61.00 28.60
N ALA F 111 18.15 -60.76 29.48
CA ALA F 111 17.49 -59.47 29.56
C ALA F 111 16.91 -59.29 30.95
N VAL F 112 16.53 -58.05 31.25
CA VAL F 112 15.90 -57.69 32.52
C VAL F 112 14.44 -57.39 32.24
N TYR F 113 13.54 -58.12 32.89
CA TYR F 113 12.12 -58.08 32.57
C TYR F 113 11.37 -57.23 33.60
N TYR F 114 10.60 -56.27 33.10
CA TYR F 114 9.72 -55.45 33.93
C TYR F 114 8.27 -55.74 33.55
N CYS F 115 7.41 -55.91 34.54
CA CYS F 115 5.98 -56.07 34.29
C CYS F 115 5.37 -54.68 34.11
N ALA F 116 4.95 -54.37 32.88
CA ALA F 116 4.41 -53.06 32.56
C ALA F 116 2.92 -53.02 32.83
N ARG F 117 2.44 -51.86 33.26
CA ARG F 117 1.02 -51.63 33.53
C ARG F 117 0.57 -50.40 32.77
N GLY F 118 -0.57 -50.51 32.08
CA GLY F 118 -1.11 -49.41 31.31
C GLY F 118 -2.19 -48.65 32.07
N GLN F 119 -2.71 -47.62 31.41
CA GLN F 119 -3.74 -46.76 31.99
C GLN F 119 -5.06 -46.86 31.25
N LEU F 120 -5.08 -46.62 29.94
CA LEU F 120 -6.30 -46.69 29.16
C LEU F 120 -6.15 -47.64 27.99
N GLY F 121 -4.94 -47.72 27.43
CA GLY F 121 -4.69 -48.58 26.29
C GLY F 121 -3.25 -48.48 25.82
N PRO F 122 -2.98 -48.98 24.62
CA PRO F 122 -1.62 -48.94 24.07
C PRO F 122 -1.23 -47.60 23.45
N TRP F 123 -2.02 -46.55 23.64
CA TRP F 123 -1.72 -45.23 23.09
C TRP F 123 -1.26 -44.22 24.13
N VAL F 124 -1.80 -44.29 25.34
CA VAL F 124 -1.50 -43.27 26.36
C VAL F 124 -0.04 -43.36 26.80
N GLY F 125 0.44 -44.55 27.08
CA GLY F 125 1.82 -44.75 27.48
C GLY F 125 1.94 -45.89 28.46
N VAL F 126 3.18 -46.16 28.86
CA VAL F 126 3.47 -47.21 29.81
C VAL F 126 3.40 -46.67 31.23
N ASP F 127 4.31 -45.74 31.55
CA ASP F 127 4.33 -44.97 32.80
C ASP F 127 4.56 -45.81 34.06
N TYR F 128 4.71 -47.13 33.90
CA TYR F 128 4.91 -48.02 35.04
C TYR F 128 5.99 -49.03 34.72
N TRP F 129 6.96 -49.17 35.62
CA TRP F 129 8.06 -50.11 35.43
C TRP F 129 8.53 -50.58 36.81
N GLY F 130 8.50 -51.89 37.03
CA GLY F 130 9.04 -52.45 38.25
C GLY F 130 10.55 -52.48 38.24
N GLN F 131 11.11 -52.84 39.40
CA GLN F 131 12.57 -52.94 39.53
C GLN F 131 13.13 -54.07 38.67
N GLY F 132 12.34 -55.12 38.42
CA GLY F 132 12.74 -56.18 37.53
C GLY F 132 13.63 -57.22 38.20
N THR F 133 13.91 -58.28 37.43
CA THR F 133 14.76 -59.38 37.89
C THR F 133 15.79 -59.68 36.82
N LEU F 134 17.05 -59.82 37.24
CA LEU F 134 18.12 -60.16 36.31
C LEU F 134 17.96 -61.59 35.82
N VAL F 135 17.91 -61.76 34.50
CA VAL F 135 17.74 -63.06 33.87
C VAL F 135 18.86 -63.26 32.87
N THR F 136 19.66 -64.30 33.05
CA THR F 136 20.74 -64.66 32.14
C THR F 136 20.60 -66.13 31.76
N VAL F 137 21.07 -66.46 30.55
CA VAL F 137 20.97 -67.81 29.99
C VAL F 137 22.35 -68.22 29.50
N SER F 138 22.79 -69.42 29.89
CA SER F 138 24.03 -70.00 29.41
C SER F 138 23.76 -71.42 28.94
N SER F 139 24.44 -71.80 27.86
CA SER F 139 24.28 -73.13 27.29
C SER F 139 25.39 -74.07 27.79
N ALA F 140 25.21 -75.36 27.47
CA ALA F 140 26.18 -76.42 27.79
C ALA F 140 26.43 -76.53 29.29
N SER F 141 25.40 -76.18 30.08
CA SER F 141 25.40 -76.24 31.55
C SER F 141 26.60 -75.45 32.09
N THR F 142 27.40 -76.01 32.98
CA THR F 142 28.52 -75.30 33.59
C THR F 142 29.44 -76.32 34.26
N LYS F 143 30.61 -75.86 34.66
CA LYS F 143 31.52 -76.68 35.45
C LYS F 143 31.80 -76.01 36.80
N GLY F 144 32.52 -76.72 37.65
CA GLY F 144 32.78 -76.26 39.00
C GLY F 144 33.90 -75.24 39.10
N PRO F 145 33.65 -74.17 39.85
CA PRO F 145 34.70 -73.18 40.08
C PRO F 145 35.81 -73.73 40.98
N SER F 146 37.00 -73.15 40.83
CA SER F 146 38.18 -73.55 41.59
C SER F 146 38.62 -72.37 42.44
N VAL F 147 38.30 -72.42 43.74
CA VAL F 147 38.67 -71.35 44.66
C VAL F 147 40.06 -71.61 45.23
N PHE F 148 40.86 -70.54 45.32
CA PHE F 148 42.22 -70.62 45.83
C PHE F 148 42.46 -69.52 46.84
N PRO F 149 42.14 -69.77 48.12
CA PRO F 149 42.36 -68.75 49.16
C PRO F 149 43.83 -68.64 49.55
N LEU F 150 44.59 -67.84 48.81
CA LEU F 150 46.01 -67.67 49.10
C LEU F 150 46.23 -66.99 50.44
N ALA F 151 47.24 -67.45 51.17
CA ALA F 151 47.58 -66.90 52.49
C ALA F 151 48.99 -66.34 52.47
N PRO F 152 49.16 -65.01 52.36
CA PRO F 152 50.50 -64.40 52.41
C PRO F 152 50.99 -64.21 53.85
N SER F 153 51.57 -65.30 54.40
CA SER F 153 52.05 -65.28 55.77
C SER F 153 53.21 -64.29 55.94
N SER F 154 54.12 -64.25 54.97
CA SER F 154 55.29 -63.38 55.03
C SER F 154 55.12 -62.26 54.00
N LYS F 155 54.85 -61.05 54.48
CA LYS F 155 54.75 -59.89 53.61
C LYS F 155 55.01 -58.64 54.45
N SER F 156 55.70 -57.66 53.86
CA SER F 156 56.03 -56.43 54.55
C SER F 156 54.84 -55.46 54.52
N THR F 157 55.03 -54.33 55.20
CA THR F 157 54.00 -53.30 55.29
C THR F 157 54.18 -52.37 54.07
N SER F 158 53.43 -51.27 54.01
CA SER F 158 53.47 -50.30 52.90
C SER F 158 53.13 -50.98 51.57
N GLY F 159 52.10 -51.83 51.59
CA GLY F 159 51.61 -52.47 50.39
C GLY F 159 50.11 -52.30 50.26
N GLY F 160 49.60 -52.73 49.10
CA GLY F 160 48.17 -52.63 48.86
C GLY F 160 47.36 -53.52 49.79
N THR F 161 47.79 -54.77 49.97
CA THR F 161 47.13 -55.72 50.86
C THR F 161 48.14 -56.15 51.92
N ALA F 162 47.76 -56.00 53.19
CA ALA F 162 48.64 -56.39 54.29
C ALA F 162 48.88 -57.90 54.31
N ALA F 163 47.84 -58.68 54.59
CA ALA F 163 47.95 -60.15 54.51
C ALA F 163 46.53 -60.72 54.36
N LEU F 164 46.16 -61.04 53.11
CA LEU F 164 44.90 -61.70 52.78
C LEU F 164 44.93 -62.03 51.30
N GLY F 165 44.18 -63.07 50.92
CA GLY F 165 44.07 -63.44 49.53
C GLY F 165 43.00 -64.48 49.22
N CYS F 166 42.21 -64.22 48.17
CA CYS F 166 41.25 -65.20 47.67
C CYS F 166 41.19 -65.08 46.16
N LEU F 167 41.20 -66.22 45.47
CA LEU F 167 41.21 -66.26 44.02
C LEU F 167 40.12 -67.23 43.54
N VAL F 168 39.39 -66.82 42.51
CA VAL F 168 38.35 -67.64 41.89
C VAL F 168 38.72 -67.82 40.43
N LYS F 169 38.75 -69.07 39.98
CA LYS F 169 39.18 -69.39 38.63
C LYS F 169 38.34 -70.53 38.07
N ASP F 170 38.30 -70.61 36.74
CA ASP F 170 37.68 -71.71 35.99
C ASP F 170 36.18 -71.83 36.31
N TYR F 171 35.43 -70.78 35.94
CA TYR F 171 33.99 -70.77 36.15
C TYR F 171 33.30 -70.20 34.92
N PHE F 172 32.04 -70.65 34.70
CA PHE F 172 31.13 -70.10 33.70
C PHE F 172 29.69 -70.21 34.20
N PRO F 173 28.88 -69.17 34.01
CA PRO F 173 29.19 -67.81 33.56
C PRO F 173 29.16 -66.80 34.71
N GLU F 174 29.25 -65.52 34.38
CA GLU F 174 29.08 -64.47 35.37
C GLU F 174 27.64 -64.47 35.89
N PRO F 175 27.42 -64.05 37.15
CA PRO F 175 28.39 -63.58 38.14
C PRO F 175 28.70 -64.59 39.25
N VAL F 176 29.57 -64.22 40.18
CA VAL F 176 29.91 -65.04 41.34
C VAL F 176 29.70 -64.20 42.59
N THR F 177 28.94 -64.71 43.54
CA THR F 177 28.70 -64.04 44.81
C THR F 177 29.89 -64.35 45.73
N VAL F 178 30.70 -63.33 46.02
CA VAL F 178 31.89 -63.47 46.84
C VAL F 178 31.64 -62.81 48.18
N SER F 179 31.84 -63.56 49.26
CA SER F 179 31.65 -63.07 50.61
C SER F 179 32.82 -63.51 51.48
N TRP F 180 33.02 -62.81 52.59
CA TRP F 180 34.09 -63.10 53.53
C TRP F 180 33.52 -63.27 54.93
N ASN F 181 33.79 -64.44 55.53
CA ASN F 181 33.31 -64.78 56.87
C ASN F 181 31.79 -64.66 56.99
N SER F 182 31.09 -65.18 55.97
CA SER F 182 29.62 -65.17 55.90
C SER F 182 29.06 -63.75 55.99
N GLY F 183 29.77 -62.79 55.38
CA GLY F 183 29.31 -61.42 55.34
C GLY F 183 29.40 -60.68 56.66
N ALA F 184 30.20 -61.18 57.60
CA ALA F 184 30.33 -60.49 58.88
C ALA F 184 31.05 -59.15 58.73
N LEU F 185 32.08 -59.09 57.90
CA LEU F 185 32.83 -57.87 57.65
C LEU F 185 32.65 -57.44 56.21
N THR F 186 32.57 -56.12 55.99
CA THR F 186 32.40 -55.57 54.66
C THR F 186 33.26 -54.34 54.40
N SER F 187 34.11 -53.93 55.33
CA SER F 187 34.93 -52.74 55.17
C SER F 187 36.28 -53.12 54.58
N GLY F 188 36.70 -52.40 53.54
CA GLY F 188 37.96 -52.67 52.89
C GLY F 188 37.94 -53.79 51.87
N VAL F 189 36.76 -54.31 51.55
CA VAL F 189 36.65 -55.40 50.59
C VAL F 189 36.73 -54.83 49.18
N HIS F 190 37.73 -55.26 48.41
CA HIS F 190 37.91 -54.83 47.03
C HIS F 190 37.92 -56.08 46.15
N THR F 191 36.98 -56.13 45.20
CA THR F 191 36.84 -57.27 44.29
C THR F 191 37.23 -56.82 42.89
N PHE F 192 38.30 -57.41 42.36
CA PHE F 192 38.75 -57.06 41.03
C PHE F 192 37.82 -57.64 39.97
N PRO F 193 37.63 -56.95 38.84
CA PRO F 193 36.76 -57.47 37.79
C PRO F 193 37.36 -58.69 37.12
N ALA F 194 36.48 -59.48 36.51
CA ALA F 194 36.90 -60.70 35.84
C ALA F 194 37.71 -60.39 34.59
N VAL F 195 38.68 -61.26 34.30
CA VAL F 195 39.55 -61.13 33.15
C VAL F 195 39.26 -62.27 32.19
N LEU F 196 39.44 -61.99 30.89
CA LEU F 196 39.25 -63.00 29.85
C LEU F 196 40.61 -63.58 29.49
N GLN F 197 40.71 -64.91 29.47
CA GLN F 197 41.95 -65.58 29.15
C GLN F 197 41.95 -66.02 27.69
N SER F 198 42.96 -66.81 27.29
CA SER F 198 43.10 -67.22 25.90
C SER F 198 42.01 -68.18 25.47
N SER F 199 41.38 -68.89 26.40
CA SER F 199 40.27 -69.79 26.10
C SER F 199 38.92 -69.14 26.34
N GLY F 200 38.88 -67.82 26.46
CA GLY F 200 37.64 -67.12 26.82
C GLY F 200 37.18 -67.44 28.22
N LEU F 201 38.11 -67.56 29.17
CA LEU F 201 37.84 -68.03 30.52
C LEU F 201 37.90 -66.88 31.51
N TYR F 202 36.95 -66.87 32.44
CA TYR F 202 36.85 -65.81 33.44
C TYR F 202 37.65 -66.16 34.69
N SER F 203 38.23 -65.13 35.31
CA SER F 203 38.98 -65.29 36.54
C SER F 203 39.05 -63.93 37.25
N LEU F 204 38.89 -63.95 38.57
CA LEU F 204 38.92 -62.72 39.35
C LEU F 204 39.43 -63.03 40.75
N SER F 205 39.81 -61.97 41.47
CA SER F 205 40.28 -62.09 42.84
C SER F 205 39.68 -60.96 43.67
N SER F 206 39.57 -61.21 44.97
CA SER F 206 39.04 -60.24 45.93
C SER F 206 40.00 -60.11 47.09
N VAL F 207 40.31 -58.88 47.49
CA VAL F 207 41.28 -58.60 48.54
C VAL F 207 40.63 -57.73 49.61
N VAL F 208 41.00 -57.98 50.86
CA VAL F 208 40.53 -57.21 52.02
C VAL F 208 41.74 -56.83 52.86
N THR F 209 41.79 -55.57 53.30
CA THR F 209 42.89 -55.08 54.12
C THR F 209 42.59 -55.39 55.59
N VAL F 210 43.37 -56.29 56.17
CA VAL F 210 43.22 -56.68 57.58
C VAL F 210 44.58 -56.59 58.26
N PRO F 211 44.63 -56.33 59.56
CA PRO F 211 45.94 -56.29 60.25
C PRO F 211 46.63 -57.64 60.26
N SER F 212 47.96 -57.60 60.25
CA SER F 212 48.76 -58.82 60.24
C SER F 212 48.85 -59.48 61.60
N SER F 213 48.44 -58.79 62.67
CA SER F 213 48.47 -59.37 64.00
C SER F 213 47.32 -60.33 64.25
N SER F 214 46.32 -60.38 63.36
CA SER F 214 45.16 -61.24 63.51
C SER F 214 45.19 -62.44 62.58
N LEU F 215 46.38 -62.84 62.11
CA LEU F 215 46.48 -64.01 61.24
C LEU F 215 46.11 -65.29 61.97
N GLY F 216 46.54 -65.44 63.22
CA GLY F 216 46.26 -66.64 63.97
C GLY F 216 45.20 -66.48 65.03
N THR F 217 44.87 -65.24 65.38
CA THR F 217 43.88 -64.96 66.40
C THR F 217 42.48 -64.70 65.83
N GLN F 218 42.33 -64.70 64.51
CA GLN F 218 41.04 -64.43 63.89
C GLN F 218 40.87 -65.35 62.68
N THR F 219 39.69 -65.95 62.56
CA THR F 219 39.40 -66.88 61.47
C THR F 219 38.94 -66.13 60.23
N TYR F 220 39.45 -66.55 59.07
CA TYR F 220 39.12 -65.96 57.79
C TYR F 220 38.61 -67.05 56.86
N ILE F 221 37.36 -66.93 56.44
CA ILE F 221 36.74 -67.89 55.52
C ILE F 221 36.26 -67.13 54.29
N CYS F 222 36.70 -67.56 53.12
CA CYS F 222 36.31 -66.94 51.85
C CYS F 222 35.12 -67.70 51.28
N ASN F 223 34.00 -67.00 51.14
CA ASN F 223 32.75 -67.62 50.71
C ASN F 223 32.54 -67.35 49.23
N VAL F 224 32.41 -68.42 48.45
CA VAL F 224 32.21 -68.33 47.01
C VAL F 224 30.93 -69.08 46.67
N ASN F 225 29.98 -68.38 46.03
CA ASN F 225 28.72 -68.96 45.62
C ASN F 225 28.55 -68.76 44.13
N HIS F 226 28.16 -69.82 43.43
CA HIS F 226 27.90 -69.77 41.99
C HIS F 226 26.50 -70.32 41.75
N LYS F 227 25.60 -69.45 41.27
CA LYS F 227 24.20 -69.81 41.11
C LYS F 227 23.97 -70.75 39.92
N PRO F 228 24.60 -70.55 38.75
CA PRO F 228 24.46 -71.58 37.69
C PRO F 228 25.02 -72.93 38.09
N SER F 229 26.09 -72.98 38.87
CA SER F 229 26.71 -74.24 39.26
C SER F 229 26.11 -74.84 40.52
N ASN F 230 25.23 -74.10 41.21
CA ASN F 230 24.66 -74.43 42.52
C ASN F 230 25.70 -75.03 43.46
N THR F 231 26.86 -74.36 43.53
CA THR F 231 27.96 -74.77 44.39
C THR F 231 28.25 -73.66 45.38
N LYS F 232 28.36 -74.01 46.66
CA LYS F 232 28.73 -73.08 47.72
C LYS F 232 29.86 -73.71 48.52
N VAL F 233 31.07 -73.19 48.34
CA VAL F 233 32.27 -73.76 48.94
C VAL F 233 32.82 -72.76 49.95
N ASP F 234 33.00 -73.20 51.18
CA ASP F 234 33.58 -72.39 52.25
C ASP F 234 34.94 -72.96 52.61
N LYS F 235 35.98 -72.13 52.52
CA LYS F 235 37.35 -72.58 52.73
C LYS F 235 38.04 -71.73 53.78
N LYS F 236 38.77 -72.40 54.67
CA LYS F 236 39.55 -71.71 55.69
C LYS F 236 40.88 -71.24 55.11
N VAL F 237 41.31 -70.05 55.52
CA VAL F 237 42.59 -69.48 55.11
C VAL F 237 43.59 -69.78 56.20
N GLU F 238 44.56 -70.65 55.90
CA GLU F 238 45.59 -71.00 56.87
C GLU F 238 46.95 -70.54 56.38
N PRO F 239 47.74 -69.88 57.24
CA PRO F 239 49.07 -69.43 56.82
C PRO F 239 50.02 -70.61 56.58
N LYS F 240 50.96 -70.40 55.66
CA LYS F 240 51.95 -71.42 55.34
C LYS F 240 53.14 -71.34 56.28
N ASN G 18 6.59 -52.67 9.28
CA ASN G 18 7.97 -52.41 9.66
C ASN G 18 8.11 -50.99 10.20
N PHE G 19 7.35 -50.67 11.24
CA PHE G 19 7.45 -49.35 11.85
C PHE G 19 8.66 -49.28 12.78
N MET G 20 9.46 -48.22 12.63
CA MET G 20 10.59 -47.98 13.52
C MET G 20 10.68 -46.48 13.79
N LEU G 21 11.56 -46.13 14.74
CA LEU G 21 11.78 -44.74 15.13
C LEU G 21 13.27 -44.49 15.15
N THR G 22 13.69 -43.36 14.57
CA THR G 22 15.10 -43.01 14.45
C THR G 22 15.41 -41.82 15.35
N GLN G 23 16.42 -41.96 16.20
CA GLN G 23 16.87 -40.89 17.07
C GLN G 23 18.37 -41.05 17.31
N PRO G 24 19.09 -39.95 17.57
CA PRO G 24 20.54 -40.07 17.82
C PRO G 24 20.86 -40.76 19.14
N HIS G 25 22.15 -40.95 19.44
CA HIS G 25 22.56 -41.71 20.61
C HIS G 25 23.28 -40.90 21.67
N SER G 26 23.84 -39.73 21.34
CA SER G 26 24.54 -38.92 22.33
C SER G 26 24.42 -37.45 21.93
N VAL G 27 23.45 -36.76 22.53
CA VAL G 27 23.23 -35.34 22.31
C VAL G 27 23.08 -34.65 23.67
N SER G 28 22.76 -33.35 23.62
CA SER G 28 22.50 -32.51 24.79
C SER G 28 23.71 -32.38 25.72
N GLU G 29 24.92 -32.57 25.19
CA GLU G 29 26.15 -32.44 25.99
C GLU G 29 26.50 -30.96 26.08
N SER G 30 25.73 -30.25 26.91
CA SER G 30 25.87 -28.80 27.03
C SER G 30 25.49 -28.34 28.43
N PRO G 31 26.14 -27.31 28.96
CA PRO G 31 25.75 -26.78 30.27
C PRO G 31 24.69 -25.69 30.21
N GLY G 32 23.52 -25.95 30.81
CA GLY G 32 22.56 -24.92 31.17
C GLY G 32 21.97 -24.03 30.10
N LYS G 33 21.49 -24.60 29.00
CA LYS G 33 20.70 -23.85 28.04
C LYS G 33 19.70 -24.80 27.38
N THR G 34 18.91 -24.27 26.44
CA THR G 34 17.82 -25.02 25.82
C THR G 34 18.34 -25.78 24.61
N VAL G 35 18.18 -27.10 24.62
CA VAL G 35 18.55 -27.97 23.51
C VAL G 35 17.36 -28.84 23.16
N THR G 36 17.39 -29.41 21.95
CA THR G 36 16.29 -30.22 21.43
C THR G 36 16.79 -31.61 21.07
N ILE G 37 15.88 -32.58 21.15
CA ILE G 37 16.14 -33.96 20.76
C ILE G 37 15.07 -34.37 19.77
N SER G 38 15.48 -34.91 18.62
CA SER G 38 14.57 -35.20 17.53
C SER G 38 14.34 -36.71 17.42
N CYS G 39 13.07 -37.10 17.36
CA CYS G 39 12.66 -38.49 17.11
C CYS G 39 11.77 -38.51 15.88
N THR G 40 12.14 -39.32 14.89
CA THR G 40 11.40 -39.39 13.64
C THR G 40 11.19 -40.83 13.23
N GLY G 41 10.15 -41.07 12.42
CA GLY G 41 9.86 -42.37 11.88
C GLY G 41 9.87 -42.34 10.35
N SER G 42 9.84 -43.53 9.77
CA SER G 42 9.93 -43.65 8.32
C SER G 42 8.80 -44.45 7.69
N SER G 43 8.32 -45.50 8.36
CA SER G 43 7.29 -46.35 7.76
C SER G 43 5.94 -45.63 7.67
N GLY G 44 5.59 -44.87 8.70
CA GLY G 44 4.32 -44.17 8.72
C GLY G 44 4.45 -42.86 9.45
N SER G 45 3.34 -42.11 9.45
CA SER G 45 3.30 -40.81 10.12
C SER G 45 3.15 -41.01 11.62
N ILE G 46 4.06 -40.41 12.40
CA ILE G 46 4.02 -40.54 13.85
C ILE G 46 2.97 -39.64 14.48
N ALA G 47 2.39 -38.72 13.72
CA ALA G 47 1.36 -37.83 14.25
C ALA G 47 -0.02 -38.48 14.29
N SER G 48 -0.19 -39.66 13.68
CA SER G 48 -1.47 -40.33 13.71
C SER G 48 -1.80 -40.85 15.10
N ASN G 49 -0.81 -41.42 15.78
CA ASN G 49 -0.97 -41.97 17.12
C ASN G 49 -0.13 -41.17 18.11
N TYR G 50 -0.40 -41.39 19.39
CA TYR G 50 0.34 -40.70 20.45
C TYR G 50 1.76 -41.25 20.55
N VAL G 51 2.72 -40.36 20.79
CA VAL G 51 4.11 -40.71 21.00
C VAL G 51 4.56 -40.15 22.34
N GLN G 52 5.37 -40.93 23.06
CA GLN G 52 5.78 -40.59 24.41
C GLN G 52 7.30 -40.61 24.51
N TRP G 53 7.81 -39.99 25.58
CA TRP G 53 9.23 -39.96 25.88
C TRP G 53 9.46 -40.60 27.24
N TYR G 54 10.41 -41.54 27.30
CA TYR G 54 10.72 -42.28 28.50
C TYR G 54 12.19 -42.08 28.86
N GLN G 55 12.48 -42.10 30.16
CA GLN G 55 13.85 -42.00 30.66
C GLN G 55 14.12 -43.16 31.62
N GLN G 56 15.35 -43.64 31.63
CA GLN G 56 15.74 -44.71 32.55
C GLN G 56 17.00 -44.33 33.28
N ARG G 57 17.05 -44.63 34.57
CA ARG G 57 18.26 -44.51 35.34
C ARG G 57 19.08 -45.79 35.18
N PRO G 58 20.35 -45.70 34.78
CA PRO G 58 21.15 -46.92 34.61
C PRO G 58 21.40 -47.62 35.94
N GLY G 59 20.92 -48.85 36.05
CA GLY G 59 21.03 -49.61 37.27
C GLY G 59 19.79 -49.63 38.14
N SER G 60 18.70 -49.03 37.70
CA SER G 60 17.46 -49.01 38.47
C SER G 60 16.29 -48.85 37.50
N ALA G 61 15.10 -48.62 38.06
CA ALA G 61 13.88 -48.65 37.27
C ALA G 61 13.74 -47.36 36.44
N PRO G 62 13.12 -47.44 35.26
CA PRO G 62 12.87 -46.24 34.47
C PRO G 62 11.63 -45.49 34.94
N THR G 63 11.51 -44.25 34.46
CA THR G 63 10.34 -43.41 34.69
C THR G 63 9.90 -42.81 33.37
N THR G 64 8.91 -41.93 33.42
CA THR G 64 8.37 -41.28 32.23
C THR G 64 8.32 -39.77 32.45
N VAL G 65 8.81 -39.02 31.47
CA VAL G 65 8.78 -37.56 31.52
C VAL G 65 7.63 -36.99 30.70
N ILE G 66 7.28 -37.61 29.58
CA ILE G 66 6.25 -37.12 28.67
C ILE G 66 5.23 -38.21 28.43
N TYR G 67 3.96 -37.90 28.67
CA TYR G 67 2.87 -38.73 28.20
C TYR G 67 1.84 -37.84 27.50
N GLU G 68 1.05 -38.45 26.62
CA GLU G 68 0.00 -37.79 25.84
C GLU G 68 0.56 -36.71 24.93
N ASP G 69 1.89 -36.72 24.73
CA ASP G 69 2.62 -35.97 23.72
C ASP G 69 2.68 -34.48 24.08
N ASN G 70 1.96 -34.07 25.13
CA ASN G 70 1.99 -32.69 25.59
C ASN G 70 1.94 -32.52 27.11
N GLN G 71 1.86 -33.58 27.89
CA GLN G 71 1.61 -33.47 29.32
C GLN G 71 2.72 -34.13 30.12
N ARG G 72 2.73 -33.82 31.42
CA ARG G 72 3.78 -34.22 32.34
C ARG G 72 3.19 -34.91 33.56
N PRO G 73 3.92 -35.83 34.19
CA PRO G 73 3.45 -36.46 35.42
C PRO G 73 3.48 -35.48 36.59
N SER G 74 2.73 -35.82 37.63
CA SER G 74 2.74 -35.03 38.85
C SER G 74 4.08 -35.17 39.56
N GLY G 75 4.68 -34.04 39.92
CA GLY G 75 5.99 -34.01 40.53
C GLY G 75 7.14 -33.83 39.55
N VAL G 76 6.90 -34.01 38.27
CA VAL G 76 7.93 -33.79 37.25
C VAL G 76 8.05 -32.29 36.99
N PRO G 77 9.25 -31.73 37.03
CA PRO G 77 9.40 -30.28 36.84
C PRO G 77 8.99 -29.85 35.44
N ASP G 78 8.57 -28.58 35.33
CA ASP G 78 8.11 -27.99 34.09
C ASP G 78 9.25 -27.55 33.17
N ARG G 79 10.49 -27.88 33.49
CA ARG G 79 11.61 -27.52 32.64
C ARG G 79 11.53 -28.23 31.29
N PHE G 80 11.09 -29.48 31.29
CA PHE G 80 10.93 -30.23 30.05
C PHE G 80 9.79 -29.67 29.21
N SER G 81 9.99 -29.71 27.89
CA SER G 81 8.96 -29.26 26.95
C SER G 81 9.06 -30.08 25.68
N GLY G 82 7.91 -30.29 25.04
CA GLY G 82 7.86 -31.11 23.86
C GLY G 82 6.96 -30.50 22.80
N SER G 83 7.21 -30.90 21.56
CA SER G 83 6.45 -30.39 20.42
C SER G 83 6.48 -31.41 19.29
N ILE G 84 5.54 -31.26 18.36
CA ILE G 84 5.40 -32.13 17.20
C ILE G 84 5.37 -31.28 15.94
N ASP G 85 6.18 -31.65 14.96
CA ASP G 85 6.15 -31.06 13.63
C ASP G 85 5.73 -32.14 12.64
N SER G 86 4.85 -31.78 11.70
CA SER G 86 4.38 -32.70 10.69
C SER G 86 5.06 -32.51 9.33
N SER G 87 5.78 -31.42 9.14
CA SER G 87 6.48 -31.20 7.88
C SER G 87 7.62 -32.18 7.70
N SER G 88 8.44 -32.36 8.74
CA SER G 88 9.52 -33.34 8.73
C SER G 88 9.13 -34.65 9.38
N ASN G 89 7.91 -34.75 9.93
CA ASN G 89 7.40 -35.94 10.59
C ASN G 89 8.33 -36.39 11.72
N SER G 90 8.66 -35.45 12.60
CA SER G 90 9.57 -35.72 13.69
C SER G 90 8.98 -35.21 15.01
N ALA G 91 9.42 -35.84 16.10
CA ALA G 91 9.01 -35.47 17.45
C ALA G 91 10.16 -34.80 18.16
N SER G 92 9.90 -33.65 18.78
CA SER G 92 10.93 -32.85 19.41
C SER G 92 10.72 -32.83 20.91
N LEU G 93 11.77 -33.17 21.66
CA LEU G 93 11.79 -33.06 23.11
C LEU G 93 12.85 -32.04 23.50
N THR G 94 12.45 -31.02 24.25
CA THR G 94 13.32 -29.92 24.62
C THR G 94 13.45 -29.85 26.14
N ILE G 95 14.67 -29.63 26.62
CA ILE G 95 14.96 -29.50 28.04
C ILE G 95 15.51 -28.10 28.28
N SER G 96 14.96 -27.39 29.25
CA SER G 96 15.28 -25.99 29.49
C SER G 96 16.32 -25.79 30.59
N GLY G 97 16.07 -26.33 31.78
CA GLY G 97 16.94 -26.04 32.91
C GLY G 97 18.33 -26.63 32.76
N LEU G 98 18.42 -27.89 32.34
CA LEU G 98 19.67 -28.64 32.27
C LEU G 98 20.39 -28.62 33.62
N LYS G 99 19.69 -29.11 34.65
CA LYS G 99 20.18 -29.12 36.01
C LYS G 99 21.14 -30.29 36.26
N THR G 100 21.39 -30.60 37.52
CA THR G 100 22.31 -31.65 37.92
C THR G 100 21.65 -33.03 37.90
N GLU G 101 20.62 -33.18 37.05
CA GLU G 101 19.92 -34.44 36.86
C GLU G 101 20.89 -35.57 36.57
N ASP G 102 20.54 -36.77 37.05
CA ASP G 102 21.40 -37.93 36.91
C ASP G 102 21.54 -38.32 35.44
N GLU G 103 22.69 -38.93 35.12
CA GLU G 103 22.94 -39.39 33.76
C GLU G 103 21.94 -40.45 33.35
N ALA G 104 21.50 -40.40 32.09
CA ALA G 104 20.41 -41.25 31.64
C ALA G 104 20.41 -41.30 30.12
N ASP G 105 19.63 -42.24 29.59
CA ASP G 105 19.33 -42.31 28.17
C ASP G 105 17.83 -42.40 27.98
N TYR G 106 17.37 -41.94 26.81
CA TYR G 106 15.95 -41.73 26.56
C TYR G 106 15.52 -42.50 25.31
N TYR G 107 14.24 -42.88 25.30
CA TYR G 107 13.67 -43.68 24.22
C TYR G 107 12.43 -43.01 23.67
N CYS G 108 12.03 -43.47 22.48
CA CYS G 108 10.89 -42.93 21.76
C CYS G 108 9.96 -44.08 21.40
N GLN G 109 8.68 -43.95 21.79
CA GLN G 109 7.72 -45.05 21.67
C GLN G 109 6.51 -44.61 20.87
N SER G 110 6.04 -45.48 19.98
CA SER G 110 4.85 -45.22 19.18
C SER G 110 4.01 -46.51 19.15
N TYR G 111 2.97 -46.50 18.32
CA TYR G 111 2.05 -47.63 18.21
C TYR G 111 1.52 -47.66 16.78
N ASP G 112 1.85 -48.71 16.04
CA ASP G 112 1.39 -48.82 14.65
C ASP G 112 0.10 -49.62 14.53
N SER G 113 0.13 -50.91 14.89
CA SER G 113 -1.07 -51.74 14.85
C SER G 113 -0.84 -52.93 15.77
N SER G 114 -1.48 -52.93 16.94
CA SER G 114 -1.44 -54.01 17.92
C SER G 114 -0.03 -54.36 18.37
N ASN G 115 0.93 -53.46 18.17
CA ASN G 115 2.32 -53.71 18.55
C ASN G 115 2.95 -52.41 19.02
N TRP G 116 3.99 -52.54 19.83
CA TRP G 116 4.72 -51.40 20.37
C TRP G 116 6.14 -51.38 19.81
N VAL G 117 6.63 -50.19 19.49
CA VAL G 117 7.98 -49.99 18.97
C VAL G 117 8.71 -49.01 19.88
N PHE G 118 9.98 -49.29 20.15
CA PHE G 118 10.79 -48.47 21.04
C PHE G 118 12.00 -47.91 20.29
N GLY G 119 12.50 -46.78 20.77
CA GLY G 119 13.64 -46.14 20.15
C GLY G 119 14.96 -46.81 20.49
N GLY G 120 15.99 -46.42 19.73
CA GLY G 120 17.31 -46.99 19.94
C GLY G 120 17.94 -46.56 21.26
N GLY G 121 17.78 -45.30 21.63
CA GLY G 121 18.38 -44.78 22.84
C GLY G 121 19.27 -43.58 22.59
N THR G 122 19.29 -42.63 23.54
CA THR G 122 20.05 -41.39 23.40
C THR G 122 20.75 -41.10 24.73
N GLN G 123 22.02 -41.49 24.83
CA GLN G 123 22.78 -41.31 26.06
C GLN G 123 22.99 -39.82 26.36
N LEU G 124 22.93 -39.48 27.65
CA LEU G 124 23.20 -38.13 28.11
C LEU G 124 23.85 -38.24 29.48
N THR G 125 25.17 -38.03 29.53
CA THR G 125 25.93 -38.22 30.76
C THR G 125 26.56 -36.94 31.29
N VAL G 126 27.27 -36.19 30.46
CA VAL G 126 27.95 -34.97 30.88
C VAL G 126 26.97 -33.81 30.73
N LEU G 127 26.58 -33.21 31.85
CA LEU G 127 25.62 -32.10 31.84
C LEU G 127 26.35 -30.76 31.95
N GLY G 135 42.46 -33.76 42.84
CA GLY G 135 43.34 -32.70 43.27
C GLY G 135 44.79 -32.90 42.83
N GLN G 136 45.22 -34.15 42.82
CA GLN G 136 46.58 -34.49 42.42
C GLN G 136 46.61 -34.85 40.95
N PRO G 137 47.33 -34.11 40.10
CA PRO G 137 47.40 -34.49 38.68
C PRO G 137 48.14 -35.79 38.42
N LYS G 138 48.96 -36.26 39.35
CA LYS G 138 49.70 -37.50 39.21
C LYS G 138 49.51 -38.34 40.46
N ALA G 139 49.23 -39.62 40.28
CA ALA G 139 49.02 -40.56 41.38
C ALA G 139 50.01 -41.71 41.27
N ALA G 140 50.60 -42.08 42.41
CA ALA G 140 51.56 -43.18 42.43
C ALA G 140 50.82 -44.51 42.37
N PRO G 141 51.12 -45.37 41.40
CA PRO G 141 50.42 -46.66 41.30
C PRO G 141 50.92 -47.65 42.35
N SER G 142 50.00 -48.34 43.00
CA SER G 142 50.33 -49.36 43.98
C SER G 142 50.29 -50.72 43.30
N VAL G 143 51.40 -51.44 43.34
CA VAL G 143 51.56 -52.71 42.63
C VAL G 143 51.83 -53.81 43.66
N THR G 144 51.08 -54.90 43.55
CA THR G 144 51.17 -56.01 44.50
C THR G 144 51.26 -57.32 43.73
N LEU G 145 52.03 -58.26 44.28
CA LEU G 145 52.26 -59.57 43.68
C LEU G 145 51.81 -60.67 44.63
N PHE G 146 51.19 -61.71 44.06
CA PHE G 146 50.74 -62.88 44.82
C PHE G 146 51.37 -64.13 44.20
N PRO G 147 52.54 -64.55 44.70
CA PRO G 147 53.18 -65.76 44.18
C PRO G 147 52.40 -67.01 44.55
N PRO G 148 52.55 -68.09 43.78
CA PRO G 148 51.83 -69.32 44.12
C PRO G 148 52.28 -69.91 45.45
N SER G 149 51.34 -70.54 46.16
CA SER G 149 51.62 -71.18 47.43
C SER G 149 51.74 -72.69 47.22
N SER G 150 51.91 -73.41 48.34
CA SER G 150 52.00 -74.86 48.27
C SER G 150 50.67 -75.50 47.88
N GLU G 151 49.55 -74.83 48.19
CA GLU G 151 48.24 -75.35 47.81
C GLU G 151 48.05 -75.32 46.29
N GLU G 152 48.58 -74.29 45.63
CA GLU G 152 48.43 -74.17 44.18
C GLU G 152 49.27 -75.22 43.45
N LEU G 153 50.53 -75.38 43.86
CA LEU G 153 51.47 -76.18 43.07
C LEU G 153 51.19 -77.68 43.15
N GLN G 154 50.46 -78.14 44.16
CA GLN G 154 50.13 -79.56 44.22
C GLN G 154 48.98 -79.94 43.29
N ALA G 155 48.29 -78.96 42.70
CA ALA G 155 47.21 -79.21 41.76
C ALA G 155 47.65 -79.00 40.32
N ASN G 156 48.96 -78.93 40.07
CA ASN G 156 49.54 -78.71 38.74
C ASN G 156 49.01 -77.41 38.11
N LYS G 157 48.96 -76.36 38.91
CA LYS G 157 48.48 -75.06 38.44
C LYS G 157 49.13 -73.97 39.29
N ALA G 158 49.90 -73.10 38.64
CA ALA G 158 50.55 -71.98 39.31
C ALA G 158 50.03 -70.68 38.72
N THR G 159 49.55 -69.79 39.58
CA THR G 159 49.00 -68.51 39.16
C THR G 159 49.83 -67.37 39.74
N LEU G 160 50.10 -66.37 38.91
CA LEU G 160 50.83 -65.17 39.32
C LEU G 160 50.08 -63.97 38.81
N VAL G 161 49.48 -63.20 39.73
CA VAL G 161 48.64 -62.07 39.38
C VAL G 161 49.45 -60.79 39.59
N CYS G 162 49.34 -59.87 38.63
CA CYS G 162 50.09 -58.61 38.64
C CYS G 162 49.08 -57.48 38.79
N LEU G 163 48.79 -57.11 40.04
CA LEU G 163 47.73 -56.17 40.36
C LEU G 163 48.28 -54.75 40.39
N ILE G 164 47.55 -53.82 39.79
CA ILE G 164 47.90 -52.40 39.79
C ILE G 164 46.64 -51.59 40.10
N SER G 165 46.82 -50.48 40.81
CA SER G 165 45.70 -49.63 41.19
C SER G 165 46.20 -48.22 41.43
N ASP G 166 45.25 -47.28 41.45
CA ASP G 166 45.50 -45.86 41.74
C ASP G 166 46.48 -45.25 40.74
N PHE G 167 46.06 -45.25 39.47
CA PHE G 167 46.83 -44.63 38.40
C PHE G 167 45.92 -43.71 37.60
N TYR G 168 46.53 -42.68 37.00
CA TYR G 168 45.80 -41.68 36.24
C TYR G 168 46.69 -41.08 35.16
N PRO G 169 46.30 -41.14 33.88
CA PRO G 169 45.10 -41.79 33.32
C PRO G 169 45.23 -43.30 33.24
N GLY G 170 44.14 -44.01 32.94
CA GLY G 170 44.18 -45.45 32.84
C GLY G 170 44.71 -45.96 31.52
N ALA G 171 45.96 -45.62 31.21
CA ALA G 171 46.64 -46.06 29.98
C ALA G 171 47.96 -46.70 30.41
N VAL G 172 47.93 -48.00 30.70
CA VAL G 172 49.09 -48.71 31.21
C VAL G 172 49.28 -49.99 30.39
N THR G 173 50.52 -50.48 30.40
CA THR G 173 50.88 -51.73 29.73
C THR G 173 51.54 -52.65 30.74
N VAL G 174 51.11 -53.91 30.77
CA VAL G 174 51.61 -54.89 31.72
C VAL G 174 52.35 -55.98 30.96
N ALA G 175 53.59 -56.24 31.35
CA ALA G 175 54.40 -57.28 30.74
C ALA G 175 55.15 -58.04 31.83
N TRP G 176 55.53 -59.28 31.51
CA TRP G 176 56.23 -60.16 32.44
C TRP G 176 57.62 -60.44 31.91
N LYS G 177 58.62 -60.38 32.80
CA LYS G 177 60.02 -60.61 32.44
C LYS G 177 60.52 -61.86 33.16
N ALA G 178 61.07 -62.79 32.40
CA ALA G 178 61.67 -64.00 32.95
C ALA G 178 63.16 -63.75 33.20
N ASP G 179 63.91 -64.83 33.43
CA ASP G 179 65.34 -64.70 33.76
C ASP G 179 66.13 -64.12 32.59
N SER G 180 65.84 -64.56 31.36
CA SER G 180 66.62 -64.12 30.20
C SER G 180 65.78 -63.85 28.96
N SER G 181 64.46 -63.98 29.01
CA SER G 181 63.64 -63.77 27.82
C SER G 181 62.21 -63.40 28.19
N PRO G 182 61.67 -62.32 27.63
CA PRO G 182 60.27 -61.98 27.92
C PRO G 182 59.31 -63.00 27.34
N VAL G 183 58.16 -63.14 28.00
CA VAL G 183 57.15 -64.10 27.61
C VAL G 183 56.07 -63.39 26.81
N LYS G 184 55.35 -64.16 26.00
CA LYS G 184 54.25 -63.67 25.18
C LYS G 184 52.96 -64.45 25.37
N ALA G 185 53.05 -65.76 25.55
CA ALA G 185 51.88 -66.62 25.68
C ALA G 185 51.54 -66.84 27.15
N GLY G 186 50.26 -66.73 27.48
CA GLY G 186 49.79 -66.95 28.82
C GLY G 186 49.52 -65.70 29.64
N VAL G 187 49.62 -64.52 29.05
CA VAL G 187 49.42 -63.26 29.75
C VAL G 187 48.09 -62.67 29.30
N GLU G 188 47.20 -62.42 30.26
CA GLU G 188 45.89 -61.83 30.00
C GLU G 188 45.70 -60.63 30.90
N THR G 189 45.23 -59.52 30.32
CA THR G 189 45.05 -58.27 31.05
C THR G 189 43.66 -57.71 30.75
N THR G 190 42.98 -57.27 31.81
CA THR G 190 41.65 -56.69 31.69
C THR G 190 41.70 -55.17 31.66
N THR G 191 40.61 -54.57 31.22
CA THR G 191 40.50 -53.12 31.18
C THR G 191 40.40 -52.57 32.61
N PRO G 192 40.93 -51.37 32.84
CA PRO G 192 40.78 -50.74 34.16
C PRO G 192 39.33 -50.41 34.47
N SER G 193 39.00 -50.42 35.76
CA SER G 193 37.63 -50.21 36.22
C SER G 193 37.61 -49.04 37.20
N LYS G 194 36.43 -48.42 37.31
CA LYS G 194 36.23 -47.27 38.20
C LYS G 194 35.92 -47.77 39.60
N GLN G 195 36.82 -47.46 40.55
CA GLN G 195 36.62 -47.78 41.95
C GLN G 195 36.12 -46.53 42.68
N SER G 196 35.93 -46.66 43.99
CA SER G 196 35.49 -45.53 44.81
C SER G 196 36.66 -44.75 45.40
N ASN G 197 37.60 -44.31 44.55
CA ASN G 197 38.72 -43.51 45.00
C ASN G 197 39.13 -42.47 43.97
N ASN G 198 38.27 -42.20 42.98
CA ASN G 198 38.59 -41.32 41.85
C ASN G 198 39.85 -41.79 41.12
N LYS G 199 40.01 -43.11 41.02
CA LYS G 199 41.16 -43.72 40.36
C LYS G 199 40.70 -45.00 39.68
N TYR G 200 41.63 -45.65 38.98
CA TYR G 200 41.36 -46.87 38.24
C TYR G 200 42.25 -48.00 38.73
N ALA G 201 41.77 -49.23 38.59
CA ALA G 201 42.51 -50.42 38.99
C ALA G 201 42.42 -51.48 37.91
N ALA G 202 43.54 -52.17 37.67
CA ALA G 202 43.61 -53.20 36.65
C ALA G 202 44.33 -54.42 37.21
N SER G 203 44.07 -55.58 36.60
CA SER G 203 44.67 -56.83 37.01
C SER G 203 45.15 -57.60 35.79
N SER G 204 46.23 -58.36 35.97
CA SER G 204 46.77 -59.21 34.93
C SER G 204 47.03 -60.60 35.50
N TYR G 205 46.71 -61.63 34.73
CA TYR G 205 46.85 -63.01 35.15
C TYR G 205 47.86 -63.73 34.26
N LEU G 206 48.70 -64.55 34.87
CA LEU G 206 49.71 -65.33 34.15
C LEU G 206 49.64 -66.77 34.61
N SER G 207 49.64 -67.70 33.65
CA SER G 207 49.58 -69.13 33.93
C SER G 207 50.88 -69.77 33.47
N LEU G 208 51.61 -70.39 34.41
CA LEU G 208 52.86 -71.06 34.10
C LEU G 208 52.88 -72.48 34.65
N THR G 209 54.03 -73.12 34.60
CA THR G 209 54.20 -74.51 35.06
C THR G 209 55.30 -74.60 36.10
N PRO G 210 55.23 -75.56 37.02
CA PRO G 210 56.24 -75.63 38.10
C PRO G 210 57.65 -75.94 37.62
N GLU G 211 57.83 -76.56 36.44
CA GLU G 211 59.18 -76.94 36.02
C GLU G 211 60.00 -75.72 35.62
N GLN G 212 59.36 -74.70 35.05
CA GLN G 212 60.08 -73.47 34.74
C GLN G 212 60.13 -72.51 35.92
N TRP G 213 59.24 -72.67 36.90
CA TRP G 213 59.26 -71.80 38.07
C TRP G 213 60.54 -71.98 38.88
N LYS G 214 61.01 -73.22 39.00
CA LYS G 214 62.25 -73.50 39.71
C LYS G 214 63.48 -73.44 38.82
N SER G 215 63.31 -73.28 37.51
CA SER G 215 64.42 -73.23 36.57
C SER G 215 64.81 -71.81 36.20
N HIS G 216 64.15 -70.80 36.77
CA HIS G 216 64.46 -69.41 36.52
C HIS G 216 65.30 -68.85 37.65
N ARG G 217 65.59 -67.55 37.56
CA ARG G 217 66.39 -66.84 38.56
C ARG G 217 65.57 -65.84 39.36
N SER G 218 64.86 -64.93 38.68
CA SER G 218 64.08 -63.91 39.37
C SER G 218 62.95 -63.45 38.46
N TYR G 219 61.72 -63.64 38.91
CA TYR G 219 60.55 -63.22 38.14
C TYR G 219 60.33 -61.71 38.30
N SER G 220 59.79 -61.09 37.26
CA SER G 220 59.57 -59.66 37.27
C SER G 220 58.33 -59.32 36.44
N CYS G 221 57.48 -58.45 36.99
CA CYS G 221 56.34 -57.88 36.29
C CYS G 221 56.49 -56.36 36.32
N GLN G 222 56.60 -55.75 35.14
CA GLN G 222 56.81 -54.32 35.03
C GLN G 222 55.59 -53.66 34.38
N VAL G 223 55.27 -52.45 34.82
CA VAL G 223 54.17 -51.68 34.30
C VAL G 223 54.67 -50.31 33.86
N THR G 224 54.14 -49.80 32.75
CA THR G 224 54.59 -48.55 32.17
C THR G 224 53.43 -47.56 32.12
N HIS G 225 53.73 -46.32 32.51
CA HIS G 225 52.75 -45.23 32.51
C HIS G 225 53.39 -44.04 31.81
N GLU G 226 52.71 -42.89 31.87
CA GLU G 226 53.20 -41.67 31.24
C GLU G 226 54.40 -41.15 32.02
N GLY G 227 55.60 -41.43 31.51
CA GLY G 227 56.82 -41.01 32.17
C GLY G 227 57.06 -41.67 33.50
N SER G 228 56.68 -42.94 33.66
CA SER G 228 56.86 -43.66 34.91
C SER G 228 57.05 -45.13 34.60
N THR G 229 57.95 -45.77 35.35
CA THR G 229 58.21 -47.20 35.18
C THR G 229 58.53 -47.79 36.55
N VAL G 230 57.67 -48.70 37.01
CA VAL G 230 57.84 -49.36 38.30
C VAL G 230 58.07 -50.84 38.04
N GLU G 231 59.18 -51.36 38.58
CA GLU G 231 59.56 -52.75 38.39
C GLU G 231 59.73 -53.42 39.75
N LYS G 232 59.30 -54.68 39.85
CA LYS G 232 59.41 -55.46 41.06
C LYS G 232 60.14 -56.77 40.76
N THR G 233 60.87 -57.26 41.74
CA THR G 233 61.67 -58.48 41.59
C THR G 233 61.47 -59.36 42.81
N VAL G 234 61.24 -60.66 42.57
CA VAL G 234 61.11 -61.66 43.61
C VAL G 234 62.01 -62.84 43.28
N ALA G 235 62.11 -63.78 44.21
CA ALA G 235 62.93 -64.95 44.06
C ALA G 235 62.12 -66.20 44.36
N PRO G 236 62.43 -67.33 43.70
CA PRO G 236 61.72 -68.58 44.02
C PRO G 236 62.05 -69.14 45.39
N THR G 237 63.13 -68.68 46.03
CA THR G 237 63.49 -69.17 47.35
C THR G 237 62.50 -68.63 48.39
N GLU G 238 61.86 -69.53 49.11
CA GLU G 238 60.87 -69.15 50.11
C GLU G 238 61.23 -69.72 51.48
N GLU H 20 6.54 44.25 47.76
CA GLU H 20 7.17 45.49 47.33
C GLU H 20 8.59 45.57 47.89
N VAL H 21 9.56 45.80 47.01
CA VAL H 21 10.97 45.81 47.38
C VAL H 21 11.57 47.16 46.99
N GLN H 22 12.25 47.79 47.94
CA GLN H 22 12.89 49.09 47.74
C GLN H 22 14.41 48.90 47.60
N LEU H 23 14.98 49.50 46.57
CA LEU H 23 16.42 49.48 46.35
C LEU H 23 16.90 50.93 46.26
N VAL H 24 17.87 51.28 47.11
CA VAL H 24 18.41 52.64 47.19
C VAL H 24 19.90 52.59 46.90
N GLU H 25 20.34 53.38 45.92
CA GLU H 25 21.74 53.43 45.53
C GLU H 25 22.25 54.86 45.64
N SER H 26 23.34 55.04 46.39
CA SER H 26 24.00 56.35 46.48
C SER H 26 25.50 56.09 46.68
N GLY H 27 26.25 56.08 45.58
CA GLY H 27 27.68 55.85 45.65
C GLY H 27 28.49 56.72 44.72
N GLY H 28 27.82 57.50 43.89
CA GLY H 28 28.51 58.32 42.90
C GLY H 28 28.23 59.80 43.04
N GLY H 29 28.72 60.60 42.09
CA GLY H 29 28.52 62.03 42.11
C GLY H 29 29.81 62.82 42.08
N LEU H 30 30.91 62.16 41.72
CA LEU H 30 32.21 62.82 41.68
C LEU H 30 33.06 62.16 40.60
N VAL H 31 34.09 62.89 40.16
CA VAL H 31 34.98 62.45 39.09
C VAL H 31 36.37 62.24 39.68
N GLN H 32 37.00 61.12 39.31
CA GLN H 32 38.35 60.80 39.75
C GLN H 32 39.01 59.81 38.79
N PRO H 33 40.17 60.14 38.22
CA PRO H 33 40.85 59.21 37.33
C PRO H 33 41.80 58.27 38.05
N GLY H 34 41.55 56.96 37.94
CA GLY H 34 42.48 55.97 38.44
C GLY H 34 42.59 55.87 39.94
N GLY H 35 41.58 56.30 40.68
CA GLY H 35 41.57 56.24 42.13
C GLY H 35 40.69 55.12 42.65
N SER H 36 39.97 55.42 43.73
CA SER H 36 39.09 54.44 44.37
C SER H 36 37.71 55.07 44.57
N LEU H 37 36.69 54.20 44.59
CA LEU H 37 35.32 54.65 44.77
C LEU H 37 34.54 53.56 45.51
N ARG H 38 33.49 53.97 46.20
CA ARG H 38 32.67 53.07 47.02
C ARG H 38 31.21 53.30 46.67
N LEU H 39 30.57 52.31 46.05
CA LEU H 39 29.14 52.34 45.76
C LEU H 39 28.43 51.32 46.63
N SER H 40 27.32 51.73 47.23
CA SER H 40 26.54 50.87 48.12
C SER H 40 25.08 50.89 47.71
N CYS H 41 24.45 49.72 47.75
CA CYS H 41 23.03 49.57 47.46
C CYS H 41 22.31 49.11 48.72
N ALA H 42 21.24 49.81 49.09
CA ALA H 42 20.45 49.49 50.26
C ALA H 42 19.17 48.81 49.83
N ALA H 43 18.85 47.68 50.47
CA ALA H 43 17.70 46.87 50.10
C ALA H 43 16.87 46.57 51.33
N SER H 44 15.57 46.37 51.10
CA SER H 44 14.64 46.10 52.19
C SER H 44 13.43 45.34 51.64
N GLY H 45 12.66 44.77 52.56
CA GLY H 45 11.46 44.04 52.20
C GLY H 45 11.66 42.56 51.93
N PHE H 46 12.85 42.02 52.13
CA PHE H 46 13.12 40.61 51.87
C PHE H 46 14.31 40.17 52.70
N THR H 47 14.51 38.86 52.77
CA THR H 47 15.65 38.29 53.46
C THR H 47 16.89 38.38 52.58
N PHE H 48 17.97 38.96 53.12
CA PHE H 48 19.16 39.23 52.33
C PHE H 48 20.02 38.00 52.10
N SER H 49 19.86 36.95 52.89
CA SER H 49 20.76 35.79 52.88
C SER H 49 20.13 34.58 52.19
N SER H 50 19.20 34.81 51.25
CA SER H 50 18.59 33.69 50.53
C SER H 50 18.37 34.02 49.05
N TYR H 51 19.18 34.92 48.48
CA TYR H 51 18.97 35.36 47.11
C TYR H 51 20.32 35.60 46.43
N TRP H 52 20.28 35.61 45.09
CA TRP H 52 21.46 35.71 44.25
C TRP H 52 21.54 37.11 43.64
N MET H 53 22.19 38.02 44.34
CA MET H 53 22.31 39.38 43.82
C MET H 53 23.40 39.46 42.75
N SER H 54 23.42 40.59 42.04
CA SER H 54 24.38 40.84 40.98
C SER H 54 24.57 42.35 40.88
N TRP H 55 25.50 42.76 40.02
CA TRP H 55 25.71 44.17 39.73
C TRP H 55 25.77 44.37 38.22
N VAL H 56 25.09 45.40 37.74
CA VAL H 56 24.91 45.62 36.31
C VAL H 56 25.03 47.12 36.02
N ARG H 57 25.71 47.46 34.93
CA ARG H 57 25.91 48.84 34.52
C ARG H 57 25.57 49.00 33.04
N GLN H 58 25.30 50.24 32.65
CA GLN H 58 25.05 50.58 31.25
C GLN H 58 25.69 51.93 30.93
N ALA H 59 26.18 52.06 29.71
CA ALA H 59 26.70 53.35 29.29
C ALA H 59 25.55 54.27 28.88
N PRO H 60 25.70 55.59 29.06
CA PRO H 60 24.66 56.53 28.62
C PRO H 60 24.55 56.54 27.10
N GLY H 61 23.38 56.17 26.59
CA GLY H 61 23.16 56.10 25.17
C GLY H 61 23.52 54.78 24.51
N LYS H 62 24.03 53.82 25.27
CA LYS H 62 24.41 52.52 24.76
C LYS H 62 23.56 51.42 25.40
N GLY H 63 23.89 50.17 25.08
CA GLY H 63 23.12 49.04 25.54
C GLY H 63 23.53 48.56 26.92
N LEU H 64 22.91 47.45 27.32
CA LEU H 64 23.15 46.86 28.62
C LEU H 64 24.35 45.91 28.59
N GLU H 65 25.02 45.80 29.73
CA GLU H 65 26.12 44.86 29.89
C GLU H 65 26.21 44.44 31.34
N TRP H 66 26.73 43.23 31.56
CA TRP H 66 26.82 42.64 32.89
C TRP H 66 28.18 42.93 33.52
N VAL H 67 28.19 43.11 34.84
CA VAL H 67 29.39 43.45 35.59
C VAL H 67 29.79 42.31 36.54
N ALA H 68 28.92 41.96 37.48
CA ALA H 68 29.32 41.07 38.56
C ALA H 68 28.10 40.31 39.09
N ASN H 69 28.39 39.31 39.92
CA ASN H 69 27.39 38.57 40.67
C ASN H 69 28.04 38.03 41.95
N ILE H 70 27.20 37.71 42.93
CA ILE H 70 27.69 37.25 44.23
C ILE H 70 26.68 36.28 44.83
N LYS H 71 27.18 35.25 45.50
CA LYS H 71 26.34 34.22 46.10
C LYS H 71 25.67 34.76 47.36
N GLN H 72 24.65 34.03 47.84
CA GLN H 72 23.87 34.45 48.99
C GLN H 72 24.68 34.49 50.29
N ASP H 73 25.85 33.86 50.33
CA ASP H 73 26.74 33.95 51.49
C ASP H 73 28.08 34.59 51.16
N GLY H 74 28.30 35.00 49.91
CA GLY H 74 29.54 35.63 49.53
C GLY H 74 30.69 34.70 49.27
N SER H 75 30.45 33.39 49.22
CA SER H 75 31.54 32.44 48.99
C SER H 75 32.07 32.54 47.57
N GLU H 76 31.19 32.70 46.58
CA GLU H 76 31.58 32.72 45.18
C GLU H 76 31.24 34.08 44.57
N LYS H 77 32.23 34.67 43.91
CA LYS H 77 32.05 35.93 43.19
C LYS H 77 32.73 35.81 41.83
N TYR H 78 32.14 36.46 40.82
CA TYR H 78 32.65 36.38 39.46
C TYR H 78 32.54 37.74 38.79
N TYR H 79 33.38 37.94 37.77
CA TYR H 79 33.47 39.19 37.04
C TYR H 79 33.66 38.91 35.56
N VAL H 80 33.51 39.96 34.75
CA VAL H 80 33.81 39.88 33.33
C VAL H 80 35.31 40.02 33.14
N ASP H 81 35.80 39.56 31.99
CA ASP H 81 37.24 39.58 31.72
C ASP H 81 37.78 41.00 31.59
N SER H 82 36.92 41.97 31.24
CA SER H 82 37.37 43.34 31.10
C SER H 82 37.79 43.95 32.43
N VAL H 83 37.13 43.56 33.53
CA VAL H 83 37.42 44.08 34.85
C VAL H 83 38.15 43.05 35.72
N LYS H 84 38.60 41.96 35.11
CA LYS H 84 39.26 40.90 35.87
C LYS H 84 40.67 41.30 36.26
N GLY H 85 40.97 41.23 37.56
CA GLY H 85 42.29 41.58 38.03
C GLY H 85 42.24 42.37 39.32
N ARG H 86 41.31 43.30 39.41
CA ARG H 86 41.18 44.12 40.62
C ARG H 86 39.72 44.47 40.91
N PHE H 87 38.89 43.46 41.12
CA PHE H 87 37.49 43.71 41.44
C PHE H 87 36.95 42.75 42.49
N THR H 88 36.24 43.28 43.47
CA THR H 88 35.67 42.43 44.52
C THR H 88 34.41 43.04 45.09
N ILE H 89 33.51 42.20 45.60
CA ILE H 89 32.27 42.68 46.18
C ILE H 89 32.06 42.09 47.56
N SER H 90 31.82 42.93 48.55
CA SER H 90 31.60 42.46 49.92
C SER H 90 30.13 42.54 50.27
N ARG H 91 29.69 41.67 51.19
CA ARG H 91 28.29 41.70 51.61
C ARG H 91 28.19 41.44 53.11
N ASP H 92 27.02 41.75 53.65
CA ASP H 92 26.66 41.37 55.01
C ASP H 92 25.14 41.23 55.11
N ASN H 93 24.70 40.26 55.93
CA ASN H 93 23.28 39.99 56.08
C ASN H 93 22.68 40.59 57.34
N ALA H 94 23.52 41.13 58.25
CA ALA H 94 22.99 41.73 59.46
C ALA H 94 22.38 43.09 59.19
N LYS H 95 22.97 43.86 58.26
CA LYS H 95 22.52 45.21 57.98
C LYS H 95 21.75 45.32 56.67
N ASN H 96 21.76 44.27 55.84
CA ASN H 96 21.01 44.21 54.58
C ASN H 96 21.45 45.33 53.62
N SER H 97 22.71 45.26 53.21
CA SER H 97 23.28 46.21 52.26
C SER H 97 24.31 45.50 51.40
N LEU H 98 24.58 46.10 50.24
CA LEU H 98 25.56 45.58 49.29
C LEU H 98 26.73 46.55 49.18
N TYR H 99 27.93 46.01 49.03
CA TYR H 99 29.15 46.79 48.93
C TYR H 99 29.83 46.52 47.59
N LEU H 100 30.51 47.54 47.06
CA LEU H 100 31.21 47.44 45.79
C LEU H 100 32.40 48.37 45.82
N GLN H 101 33.58 47.85 45.50
CA GLN H 101 34.83 48.61 45.54
C GLN H 101 35.47 48.58 44.16
N MET H 102 35.95 49.75 43.72
CA MET H 102 36.62 49.90 42.43
C MET H 102 37.99 50.51 42.64
N ASN H 103 38.93 50.16 41.76
CA ASN H 103 40.26 50.74 41.77
C ASN H 103 40.81 50.78 40.35
N SER H 104 41.68 51.76 40.10
CA SER H 104 42.31 51.98 38.79
C SER H 104 41.26 52.15 37.69
N LEU H 105 40.46 53.20 37.83
CA LEU H 105 39.37 53.46 36.89
C LEU H 105 39.92 54.06 35.61
N ARG H 106 39.12 53.93 34.55
CA ARG H 106 39.45 54.46 33.22
C ARG H 106 38.32 55.37 32.75
N ALA H 107 38.48 55.90 31.53
CA ALA H 107 37.49 56.80 30.97
C ALA H 107 36.23 56.07 30.49
N GLU H 108 36.32 54.76 30.28
CA GLU H 108 35.17 53.99 29.82
C GLU H 108 34.13 53.81 30.92
N ASP H 109 34.54 53.94 32.19
CA ASP H 109 33.70 53.63 33.34
C ASP H 109 32.55 54.61 33.55
N THR H 110 32.33 55.56 32.66
CA THR H 110 31.18 56.46 32.76
C THR H 110 29.92 55.63 32.49
N ALA H 111 29.20 55.28 33.56
CA ALA H 111 28.08 54.36 33.44
C ALA H 111 27.13 54.58 34.61
N VAL H 112 25.93 54.04 34.48
CA VAL H 112 24.90 54.07 35.52
C VAL H 112 24.79 52.67 36.09
N TYR H 113 25.02 52.53 37.40
CA TYR H 113 25.13 51.23 38.05
C TYR H 113 23.86 50.90 38.79
N TYR H 114 23.31 49.71 38.52
CA TYR H 114 22.14 49.18 39.21
C TYR H 114 22.55 47.94 39.99
N CYS H 115 22.09 47.84 41.23
CA CYS H 115 22.30 46.64 42.03
C CYS H 115 21.24 45.61 41.62
N ALA H 116 21.68 44.54 40.97
CA ALA H 116 20.76 43.53 40.46
C ALA H 116 20.46 42.49 41.53
N ARG H 117 19.20 42.07 41.58
CA ARG H 117 18.73 41.09 42.54
C ARG H 117 18.15 39.90 41.79
N GLY H 118 18.48 38.68 42.25
CA GLY H 118 17.99 37.46 41.64
C GLY H 118 17.02 36.71 42.53
N GLN H 119 16.54 35.59 42.01
CA GLN H 119 15.54 34.77 42.68
C GLN H 119 16.06 33.38 42.99
N LEU H 120 16.57 32.65 41.99
CA LEU H 120 17.06 31.30 42.20
C LEU H 120 18.50 31.11 41.73
N GLY H 121 18.89 31.76 40.65
CA GLY H 121 20.23 31.63 40.11
C GLY H 121 20.44 32.48 38.88
N PRO H 122 21.52 32.20 38.14
CA PRO H 122 21.82 32.97 36.93
C PRO H 122 21.04 32.56 35.70
N TRP H 123 20.08 31.63 35.82
CA TRP H 123 19.30 31.18 34.67
C TRP H 123 17.91 31.78 34.61
N VAL H 124 17.27 32.03 35.75
CA VAL H 124 15.88 32.50 35.76
C VAL H 124 15.79 33.89 35.15
N GLY H 125 16.69 34.78 35.51
CA GLY H 125 16.71 36.13 34.98
C GLY H 125 16.97 37.14 36.07
N VAL H 126 17.26 38.37 35.66
CA VAL H 126 17.52 39.45 36.60
C VAL H 126 16.22 39.88 37.25
N ASP H 127 15.31 40.43 36.44
CA ASP H 127 13.95 40.83 36.80
C ASP H 127 13.90 41.94 37.86
N TYR H 128 15.05 42.45 38.30
CA TYR H 128 15.09 43.48 39.34
C TYR H 128 16.10 44.53 38.93
N TRP H 129 15.67 45.80 38.93
CA TRP H 129 16.49 46.90 38.43
C TRP H 129 16.24 48.13 39.30
N GLY H 130 17.27 48.57 40.01
CA GLY H 130 17.16 49.77 40.80
C GLY H 130 17.21 51.03 39.95
N GLN H 131 16.94 52.17 40.60
CA GLN H 131 16.99 53.44 39.89
C GLN H 131 18.41 53.84 39.54
N GLY H 132 19.39 53.41 40.35
CA GLY H 132 20.79 53.63 40.03
C GLY H 132 21.27 55.02 40.41
N THR H 133 22.57 55.21 40.20
CA THR H 133 23.24 56.48 40.49
C THR H 133 24.11 56.84 39.30
N LEU H 134 24.03 58.10 38.87
CA LEU H 134 24.85 58.58 37.77
C LEU H 134 26.31 58.65 38.19
N VAL H 135 27.17 57.94 37.46
CA VAL H 135 28.60 57.91 37.74
C VAL H 135 29.34 58.33 36.48
N THR H 136 30.10 59.42 36.58
CA THR H 136 30.93 59.90 35.47
C THR H 136 32.37 60.01 35.95
N VAL H 137 33.30 59.71 35.06
CA VAL H 137 34.72 59.78 35.37
C VAL H 137 35.43 60.64 34.34
N SER H 138 35.94 61.79 34.77
CA SER H 138 36.69 62.68 33.89
C SER H 138 38.16 62.67 34.28
N SER H 139 39.03 62.57 33.27
CA SER H 139 40.47 62.56 33.53
C SER H 139 40.93 63.90 34.12
N ALA H 140 40.48 65.00 33.54
CA ALA H 140 40.69 66.31 34.15
C ALA H 140 39.72 66.46 35.32
N SER H 141 40.25 66.87 36.48
CA SER H 141 39.42 66.95 37.68
C SER H 141 38.32 67.99 37.52
N THR H 142 38.70 69.26 37.41
CA THR H 142 37.74 70.36 37.26
C THR H 142 38.45 71.67 36.92
N LYS H 143 37.68 72.68 36.55
CA LYS H 143 38.17 74.04 36.43
C LYS H 143 37.11 74.99 36.97
N GLY H 144 37.55 76.17 37.40
CA GLY H 144 36.67 77.15 37.99
C GLY H 144 35.64 77.68 37.00
N PRO H 145 34.36 77.46 37.30
CA PRO H 145 33.31 77.98 36.41
C PRO H 145 33.22 79.48 36.46
N SER H 146 32.79 80.07 35.34
CA SER H 146 32.61 81.51 35.22
C SER H 146 31.12 81.83 35.15
N VAL H 147 30.68 82.77 35.99
CA VAL H 147 29.28 83.16 36.07
C VAL H 147 29.15 84.57 35.51
N PHE H 148 28.29 84.73 34.50
CA PHE H 148 28.08 86.01 33.82
C PHE H 148 26.59 86.32 33.79
N PRO H 149 26.05 86.90 34.88
CA PRO H 149 24.63 87.28 34.88
C PRO H 149 24.38 88.53 34.07
N LEU H 150 24.20 88.37 32.75
CA LEU H 150 23.96 89.50 31.87
C LEU H 150 22.66 90.21 32.22
N ALA H 151 22.71 91.54 32.20
CA ALA H 151 21.54 92.37 32.53
C ALA H 151 21.14 93.20 31.32
N PRO H 152 20.12 92.79 30.57
CA PRO H 152 19.63 93.59 29.44
C PRO H 152 18.68 94.70 29.87
N SER H 153 19.28 95.83 30.28
CA SER H 153 18.49 96.96 30.76
C SER H 153 17.63 97.56 29.65
N SER H 154 18.19 97.68 28.44
CA SER H 154 17.49 98.26 27.30
C SER H 154 17.15 97.15 26.31
N LYS H 155 15.87 96.81 26.22
CA LYS H 155 15.40 95.82 25.26
C LYS H 155 13.91 96.04 25.03
N SER H 156 13.48 95.92 23.77
CA SER H 156 12.09 96.10 23.42
C SER H 156 11.28 94.84 23.76
N THR H 157 9.97 94.95 23.59
CA THR H 157 9.06 93.85 23.87
C THR H 157 8.97 92.94 22.65
N SER H 158 8.00 92.01 22.67
CA SER H 158 7.77 91.03 21.59
C SER H 158 9.02 90.21 21.30
N GLY H 159 9.72 89.80 22.36
CA GLY H 159 10.90 88.97 22.23
C GLY H 159 10.79 87.73 23.09
N GLY H 160 11.78 86.84 22.92
CA GLY H 160 11.79 85.61 23.70
C GLY H 160 12.02 85.85 25.17
N THR H 161 12.98 86.72 25.51
CA THR H 161 13.27 87.10 26.90
C THR H 161 13.05 88.58 27.05
N ALA H 162 12.18 88.97 27.98
CA ALA H 162 11.89 90.38 28.22
C ALA H 162 13.13 91.12 28.73
N ALA H 163 13.58 90.79 29.94
CA ALA H 163 14.83 91.35 30.48
C ALA H 163 15.34 90.42 31.58
N LEU H 164 16.29 89.55 31.22
CA LEU H 164 16.97 88.66 32.15
C LEU H 164 18.09 87.95 31.40
N GLY H 165 19.13 87.56 32.12
CA GLY H 165 20.21 86.80 31.53
C GLY H 165 21.20 86.22 32.53
N CYS H 166 21.56 84.96 32.34
CA CYS H 166 22.61 84.31 33.13
C CYS H 166 23.38 83.37 32.21
N LEU H 167 24.70 83.40 32.32
CA LEU H 167 25.58 82.60 31.46
C LEU H 167 26.60 81.87 32.32
N VAL H 168 26.78 80.58 32.02
CA VAL H 168 27.78 79.75 32.69
C VAL H 168 28.76 79.26 31.62
N LYS H 169 30.04 79.52 31.83
CA LYS H 169 31.07 79.19 30.85
C LYS H 169 32.31 78.69 31.57
N ASP H 170 33.11 77.92 30.84
CA ASP H 170 34.41 77.41 31.29
C ASP H 170 34.27 76.57 32.56
N TYR H 171 33.50 75.49 32.43
CA TYR H 171 33.31 74.53 33.51
C TYR H 171 33.49 73.12 32.98
N PHE H 172 33.89 72.22 33.87
CA PHE H 172 34.10 70.82 33.51
C PHE H 172 34.12 69.98 34.78
N PRO H 173 33.41 68.84 34.81
CA PRO H 173 32.52 68.29 33.78
C PRO H 173 31.05 68.55 34.07
N GLU H 174 30.17 67.91 33.30
CA GLU H 174 28.74 68.00 33.53
C GLU H 174 28.37 67.26 34.82
N PRO H 175 27.27 67.67 35.49
CA PRO H 175 26.36 68.78 35.18
C PRO H 175 26.52 69.97 36.12
N VAL H 176 25.72 71.01 35.91
CA VAL H 176 25.68 72.19 36.76
C VAL H 176 24.24 72.45 37.17
N THR H 177 24.00 72.53 38.48
CA THR H 177 22.68 72.88 38.99
C THR H 177 22.51 74.39 38.97
N VAL H 178 21.53 74.87 38.22
CA VAL H 178 21.28 76.30 38.05
C VAL H 178 19.97 76.64 38.76
N SER H 179 20.02 77.64 39.63
CA SER H 179 18.85 78.08 40.38
C SER H 179 18.76 79.61 40.32
N TRP H 180 17.54 80.12 40.49
CA TRP H 180 17.28 81.55 40.46
C TRP H 180 16.60 81.96 41.75
N ASN H 181 17.20 82.95 42.44
CA ASN H 181 16.70 83.47 43.72
C ASN H 181 16.53 82.37 44.75
N SER H 182 17.52 81.47 44.82
CA SER H 182 17.54 80.33 45.75
C SER H 182 16.31 79.44 45.58
N GLY H 183 15.87 79.27 44.33
CA GLY H 183 14.74 78.41 44.05
C GLY H 183 13.39 79.00 44.37
N ALA H 184 13.30 80.31 44.62
CA ALA H 184 12.02 80.93 44.94
C ALA H 184 11.08 80.90 43.73
N LEU H 185 11.60 81.16 42.54
CA LEU H 185 10.80 81.16 41.32
C LEU H 185 11.17 79.97 40.45
N THR H 186 10.15 79.32 39.88
CA THR H 186 10.37 78.18 39.01
C THR H 186 9.51 78.22 37.75
N SER H 187 8.71 79.26 37.55
CA SER H 187 7.84 79.36 36.38
C SER H 187 8.53 80.18 35.30
N GLY H 188 8.54 79.67 34.07
CA GLY H 188 9.19 80.35 32.97
C GLY H 188 10.68 80.15 32.88
N VAL H 189 11.26 79.29 33.71
CA VAL H 189 12.70 79.05 33.68
C VAL H 189 13.02 78.10 32.53
N HIS H 190 13.85 78.58 31.60
CA HIS H 190 14.28 77.79 30.45
C HIS H 190 15.80 77.75 30.43
N THR H 191 16.36 76.56 30.48
CA THR H 191 17.81 76.37 30.51
C THR H 191 18.25 75.69 29.22
N PHE H 192 19.15 76.36 28.49
CA PHE H 192 19.64 75.81 27.24
C PHE H 192 20.66 74.70 27.51
N PRO H 193 20.71 73.69 26.65
CA PRO H 193 21.70 72.61 26.82
C PRO H 193 23.11 73.11 26.57
N ALA H 194 24.07 72.40 27.16
CA ALA H 194 25.48 72.75 27.02
C ALA H 194 25.96 72.51 25.60
N VAL H 195 26.89 73.35 25.17
CA VAL H 195 27.46 73.27 23.83
C VAL H 195 28.94 72.93 23.96
N LEU H 196 29.45 72.15 23.00
CA LEU H 196 30.85 71.76 22.96
C LEU H 196 31.60 72.74 22.05
N GLN H 197 32.61 73.39 22.62
CA GLN H 197 33.40 74.37 21.89
C GLN H 197 34.53 73.68 21.14
N SER H 198 35.45 74.47 20.58
CA SER H 198 36.56 73.91 19.83
C SER H 198 37.59 73.21 20.72
N SER H 199 37.61 73.54 22.02
CA SER H 199 38.52 72.93 22.97
C SER H 199 37.85 71.85 23.81
N GLY H 200 36.65 71.43 23.43
CA GLY H 200 35.91 70.46 24.23
C GLY H 200 35.46 71.00 25.57
N LEU H 201 34.97 72.23 25.61
CA LEU H 201 34.54 72.89 26.83
C LEU H 201 33.04 73.15 26.77
N TYR H 202 32.38 72.97 27.91
CA TYR H 202 30.93 73.11 27.99
C TYR H 202 30.55 74.55 28.32
N SER H 203 29.41 74.97 27.80
CA SER H 203 28.87 76.31 28.05
C SER H 203 27.37 76.29 27.81
N LEU H 204 26.61 76.94 28.70
CA LEU H 204 25.17 76.97 28.60
C LEU H 204 24.65 78.25 29.23
N SER H 205 23.38 78.56 28.94
CA SER H 205 22.71 79.73 29.50
C SER H 205 21.30 79.35 29.92
N SER H 206 20.76 80.10 30.87
CA SER H 206 19.41 79.90 31.37
C SER H 206 18.68 81.24 31.37
N VAL H 207 17.45 81.24 30.86
CA VAL H 207 16.67 82.47 30.71
C VAL H 207 15.31 82.29 31.39
N VAL H 208 14.82 83.36 32.02
CA VAL H 208 13.53 83.38 32.68
C VAL H 208 12.79 84.63 32.21
N THR H 209 11.51 84.47 31.88
CA THR H 209 10.68 85.59 31.42
C THR H 209 10.10 86.31 32.63
N VAL H 210 10.54 87.54 32.86
CA VAL H 210 10.05 88.36 33.97
C VAL H 210 9.64 89.72 33.42
N PRO H 211 8.68 90.42 34.05
CA PRO H 211 8.31 91.75 33.56
C PRO H 211 9.44 92.75 33.71
N SER H 212 9.46 93.72 32.78
CA SER H 212 10.50 94.73 32.77
C SER H 212 10.28 95.81 33.83
N SER H 213 9.09 95.87 34.44
CA SER H 213 8.83 96.86 35.47
C SER H 213 9.44 96.48 36.81
N SER H 214 9.94 95.24 36.96
CA SER H 214 10.52 94.78 38.21
C SER H 214 12.05 94.71 38.16
N LEU H 215 12.67 95.46 37.25
CA LEU H 215 14.13 95.46 37.18
C LEU H 215 14.76 96.07 38.43
N GLY H 216 14.18 97.17 38.93
CA GLY H 216 14.73 97.83 40.09
C GLY H 216 13.97 97.55 41.38
N THR H 217 12.74 97.06 41.26
CA THR H 217 11.91 96.77 42.42
C THR H 217 11.99 95.31 42.86
N GLN H 218 12.76 94.48 42.17
CA GLN H 218 12.91 93.07 42.52
C GLN H 218 14.36 92.66 42.31
N THR H 219 14.91 91.95 43.29
CA THR H 219 16.28 91.48 43.22
C THR H 219 16.32 90.14 42.49
N TYR H 220 17.31 89.98 41.62
CA TYR H 220 17.51 88.76 40.85
C TYR H 220 18.92 88.23 41.12
N ILE H 221 19.00 87.03 41.67
CA ILE H 221 20.27 86.38 41.98
C ILE H 221 20.32 85.04 41.26
N CYS H 222 21.35 84.84 40.46
CA CYS H 222 21.54 83.60 39.70
C CYS H 222 22.46 82.68 40.48
N ASN H 223 21.96 81.49 40.82
CA ASN H 223 22.67 80.55 41.66
C ASN H 223 23.25 79.43 40.81
N VAL H 224 24.55 79.20 40.95
CA VAL H 224 25.27 78.20 40.16
C VAL H 224 25.95 77.22 41.12
N ASN H 225 25.68 75.93 40.94
CA ASN H 225 26.26 74.88 41.76
C ASN H 225 27.02 73.91 40.86
N HIS H 226 28.27 73.62 41.24
CA HIS H 226 29.09 72.65 40.53
C HIS H 226 29.68 71.69 41.55
N LYS H 227 29.28 70.41 41.46
CA LYS H 227 29.64 69.43 42.48
C LYS H 227 31.10 68.99 42.41
N PRO H 228 31.68 68.67 41.24
CA PRO H 228 33.13 68.36 41.24
C PRO H 228 34.01 69.51 41.66
N SER H 229 33.61 70.75 41.35
CA SER H 229 34.40 71.92 41.74
C SER H 229 34.10 72.40 43.15
N ASN H 230 33.04 71.89 43.77
CA ASN H 230 32.52 72.32 45.08
C ASN H 230 32.54 73.85 45.23
N THR H 231 31.97 74.53 44.24
CA THR H 231 31.88 75.99 44.22
C THR H 231 30.43 76.41 44.22
N LYS H 232 30.09 77.37 45.10
CA LYS H 232 28.78 77.97 45.15
C LYS H 232 28.95 79.48 45.06
N VAL H 233 28.54 80.07 43.95
CA VAL H 233 28.68 81.50 43.69
C VAL H 233 27.29 82.09 43.50
N ASP H 234 26.97 83.10 44.29
CA ASP H 234 25.70 83.82 44.18
C ASP H 234 26.01 85.24 43.69
N LYS H 235 25.41 85.62 42.57
CA LYS H 235 25.68 86.91 41.96
C LYS H 235 24.37 87.65 41.71
N LYS H 236 24.29 88.88 42.20
CA LYS H 236 23.13 89.73 41.97
C LYS H 236 23.17 90.32 40.56
N VAL H 237 21.99 90.54 39.99
CA VAL H 237 21.85 91.14 38.66
C VAL H 237 21.59 92.62 38.84
N GLU H 238 22.46 93.46 38.26
CA GLU H 238 22.31 94.91 38.29
C GLU H 238 22.23 95.41 36.85
N PRO H 239 21.18 96.17 36.49
CA PRO H 239 21.12 96.73 35.14
C PRO H 239 22.22 97.75 34.90
N LYS H 240 22.66 97.82 33.65
CA LYS H 240 23.74 98.75 33.27
C LYS H 240 23.19 100.14 33.03
N ASN I 18 33.22 33.10 23.78
CA ASN I 18 32.85 34.29 23.04
C ASN I 18 31.36 34.29 22.71
N PHE I 19 30.54 33.96 23.70
CA PHE I 19 29.09 33.92 23.51
C PHE I 19 28.53 35.33 23.37
N MET I 20 27.70 35.52 22.35
CA MET I 20 27.09 36.82 22.10
C MET I 20 25.74 36.62 21.42
N LEU I 21 24.91 37.65 21.49
CA LEU I 21 23.55 37.61 20.96
C LEU I 21 23.37 38.72 19.94
N THR I 22 22.78 38.40 18.80
CA THR I 22 22.59 39.33 17.70
C THR I 22 21.11 39.65 17.54
N GLN I 23 20.78 40.94 17.54
CA GLN I 23 19.41 41.40 17.34
C GLN I 23 19.47 42.78 16.70
N PRO I 24 18.41 43.19 15.97
CA PRO I 24 18.43 44.52 15.34
C PRO I 24 18.32 45.67 16.34
N HIS I 25 18.28 46.90 15.85
CA HIS I 25 18.24 48.07 16.71
C HIS I 25 17.00 48.93 16.55
N SER I 26 16.19 48.70 15.52
CA SER I 26 14.96 49.47 15.31
C SER I 26 14.00 48.61 14.50
N VAL I 27 12.97 48.08 15.17
CA VAL I 27 11.99 47.20 14.54
C VAL I 27 10.61 47.58 15.11
N SER I 28 9.57 46.98 14.54
CA SER I 28 8.18 47.13 15.00
C SER I 28 7.68 48.56 14.87
N GLU I 29 8.15 49.27 13.84
CA GLU I 29 7.72 50.64 13.58
C GLU I 29 6.42 50.59 12.75
N SER I 30 5.35 50.19 13.42
CA SER I 30 4.05 49.99 12.78
C SER I 30 2.97 50.57 13.68
N PRO I 31 1.82 50.96 13.09
CA PRO I 31 0.71 51.46 13.93
C PRO I 31 0.17 50.41 14.88
N GLY I 32 -0.30 49.28 14.35
CA GLY I 32 -0.61 48.15 15.19
C GLY I 32 -0.97 46.87 14.47
N LYS I 33 -0.25 45.80 14.81
CA LYS I 33 -0.51 44.42 14.39
C LYS I 33 0.53 43.51 15.05
N THR I 34 0.38 42.20 14.90
CA THR I 34 1.32 41.27 15.50
C THR I 34 2.66 41.32 14.76
N VAL I 35 3.71 41.68 15.48
CA VAL I 35 5.06 41.80 14.92
C VAL I 35 6.05 41.13 15.89
N THR I 36 7.01 40.41 15.33
CA THR I 36 7.97 39.64 16.11
C THR I 36 9.36 40.26 16.01
N ILE I 37 10.15 40.07 17.06
CA ILE I 37 11.55 40.50 17.10
C ILE I 37 12.42 39.27 17.33
N SER I 38 13.53 39.18 16.61
CA SER I 38 14.38 38.00 16.61
C SER I 38 15.73 38.32 17.25
N CYS I 39 16.15 37.49 18.19
CA CYS I 39 17.48 37.53 18.77
C CYS I 39 18.11 36.16 18.65
N THR I 40 19.34 36.10 18.14
CA THR I 40 20.00 34.84 17.88
C THR I 40 21.45 34.90 18.33
N GLY I 41 22.03 33.71 18.58
CA GLY I 41 23.42 33.59 18.96
C GLY I 41 24.20 32.79 17.93
N SER I 42 25.51 32.82 18.09
CA SER I 42 26.39 32.16 17.13
C SER I 42 27.37 31.19 17.78
N SER I 43 27.87 31.51 18.98
CA SER I 43 28.89 30.67 19.61
C SER I 43 28.31 29.34 20.05
N GLY I 44 27.08 29.34 20.58
CA GLY I 44 26.46 28.12 21.06
C GLY I 44 24.95 28.19 20.90
N SER I 45 24.31 27.08 21.22
CA SER I 45 22.86 26.99 21.12
C SER I 45 22.20 27.71 22.28
N ILE I 46 21.30 28.65 21.97
CA ILE I 46 20.61 29.40 23.01
C ILE I 46 19.49 28.62 23.66
N ALA I 47 19.10 27.47 23.10
CA ALA I 47 18.05 26.65 23.68
C ALA I 47 18.53 25.77 24.83
N SER I 48 19.84 25.70 25.06
CA SER I 48 20.34 24.89 26.17
C SER I 48 20.01 25.52 27.51
N ASN I 49 20.15 26.84 27.62
CA ASN I 49 19.87 27.57 28.84
C ASN I 49 18.70 28.52 28.63
N TYR I 50 18.15 29.00 29.75
CA TYR I 50 17.04 29.94 29.69
C TYR I 50 17.49 31.30 29.18
N VAL I 51 16.67 31.91 28.33
CA VAL I 51 16.90 33.27 27.85
C VAL I 51 15.73 34.14 28.27
N GLN I 52 16.00 35.44 28.46
CA GLN I 52 15.02 36.38 28.96
C GLN I 52 15.04 37.64 28.13
N TRP I 53 13.91 38.35 28.14
CA TRP I 53 13.76 39.63 27.46
C TRP I 53 13.53 40.72 28.49
N TYR I 54 14.34 41.77 28.42
CA TYR I 54 14.27 42.89 29.35
C TYR I 54 13.86 44.16 28.62
N GLN I 55 12.93 44.90 29.20
CA GLN I 55 12.45 46.15 28.63
C GLN I 55 12.86 47.30 29.54
N GLN I 56 13.42 48.37 28.95
CA GLN I 56 13.85 49.53 29.69
C GLN I 56 13.20 50.79 29.13
N ARG I 57 12.60 51.58 30.01
CA ARG I 57 12.09 52.88 29.60
C ARG I 57 13.24 53.89 29.55
N PRO I 58 13.27 54.76 28.54
CA PRO I 58 14.37 55.73 28.45
C PRO I 58 14.29 56.78 29.56
N GLY I 59 15.40 56.92 30.28
CA GLY I 59 15.48 57.89 31.36
C GLY I 59 14.99 57.41 32.71
N SER I 60 14.74 56.11 32.86
CA SER I 60 14.25 55.57 34.14
C SER I 60 14.75 54.14 34.29
N ALA I 61 14.29 53.49 35.36
CA ALA I 61 14.77 52.16 35.68
C ALA I 61 14.21 51.12 34.70
N PRO I 62 15.00 50.11 34.37
CA PRO I 62 14.51 49.04 33.49
C PRO I 62 13.53 48.11 34.21
N THR I 63 12.81 47.33 33.40
CA THR I 63 11.91 46.30 33.90
C THR I 63 12.15 45.03 33.09
N THR I 64 11.25 44.06 33.22
CA THR I 64 11.36 42.80 32.48
C THR I 64 9.99 42.43 31.91
N VAL I 65 9.98 42.07 30.63
CA VAL I 65 8.75 41.67 29.95
C VAL I 65 8.58 40.15 29.93
N ILE I 66 9.68 39.41 29.76
CA ILE I 66 9.63 37.96 29.61
C ILE I 66 10.69 37.33 30.50
N TYR I 67 10.29 36.36 31.32
CA TYR I 67 11.22 35.53 32.07
C TYR I 67 10.82 34.08 31.88
N GLU I 68 11.79 33.19 32.05
CA GLU I 68 11.67 31.74 31.87
C GLU I 68 11.28 31.36 30.44
N ASP I 69 11.41 32.30 29.50
CA ASP I 69 11.35 32.05 28.06
C ASP I 69 9.93 31.72 27.59
N ASN I 70 8.99 31.58 28.53
CA ASN I 70 7.60 31.30 28.19
C ASN I 70 6.57 32.02 29.07
N GLN I 71 6.98 32.79 30.08
CA GLN I 71 6.07 33.36 31.04
C GLN I 71 6.28 34.88 31.16
N ARG I 72 5.34 35.53 31.84
CA ARG I 72 5.33 36.97 32.05
C ARG I 72 5.07 37.28 33.52
N PRO I 73 5.56 38.42 34.00
CA PRO I 73 5.37 38.78 35.42
C PRO I 73 3.92 39.14 35.73
N SER I 74 3.62 39.18 37.03
CA SER I 74 2.29 39.58 37.48
C SER I 74 2.08 41.07 37.22
N GLY I 75 0.92 41.38 36.64
CA GLY I 75 0.61 42.73 36.21
C GLY I 75 1.02 43.07 34.79
N VAL I 76 1.86 42.26 34.18
CA VAL I 76 2.26 42.46 32.78
C VAL I 76 1.12 41.96 31.88
N PRO I 77 0.66 42.76 30.91
CA PRO I 77 -0.45 42.32 30.06
C PRO I 77 -0.10 41.12 29.20
N ASP I 78 -1.13 40.37 28.83
CA ASP I 78 -0.97 39.14 28.04
C ASP I 78 -0.71 39.41 26.57
N ARG I 79 -0.57 40.68 26.17
CA ARG I 79 -0.28 40.99 24.77
C ARG I 79 1.08 40.46 24.35
N PHE I 80 2.07 40.53 25.24
CA PHE I 80 3.40 40.02 24.94
C PHE I 80 3.43 38.51 24.99
N SER I 81 4.22 37.90 24.10
CA SER I 81 4.41 36.46 24.10
C SER I 81 5.74 36.13 23.44
N GLY I 82 6.28 34.96 23.78
CA GLY I 82 7.56 34.54 23.27
C GLY I 82 7.53 33.12 22.75
N SER I 83 8.50 32.81 21.91
CA SER I 83 8.63 31.49 21.32
C SER I 83 10.10 31.21 21.03
N ILE I 84 10.43 29.94 20.87
CA ILE I 84 11.80 29.48 20.65
C ILE I 84 11.81 28.54 19.45
N ASP I 85 12.70 28.82 18.50
CA ASP I 85 12.94 27.94 17.36
C ASP I 85 14.37 27.43 17.43
N SER I 86 14.55 26.14 17.16
CA SER I 86 15.87 25.52 17.20
C SER I 86 16.47 25.31 15.82
N SER I 87 15.67 25.39 14.75
CA SER I 87 16.21 25.22 13.41
C SER I 87 17.13 26.38 13.03
N SER I 88 16.74 27.61 13.36
CA SER I 88 17.55 28.78 13.09
C SER I 88 18.29 29.28 14.33
N ASN I 89 18.06 28.66 15.48
CA ASN I 89 18.68 29.01 16.76
C ASN I 89 18.47 30.48 17.10
N SER I 90 17.19 30.88 17.13
CA SER I 90 16.81 32.25 17.41
C SER I 90 15.67 32.28 18.40
N ALA I 91 15.56 33.39 19.13
CA ALA I 91 14.50 33.63 20.10
C ALA I 91 13.56 34.70 19.56
N SER I 92 12.26 34.41 19.57
CA SER I 92 11.26 35.29 19.02
C SER I 92 10.35 35.82 20.14
N LEU I 93 10.22 37.14 20.21
CA LEU I 93 9.31 37.80 21.14
C LEU I 93 8.25 38.52 20.31
N THR I 94 6.98 38.25 20.61
CA THR I 94 5.86 38.76 19.83
C THR I 94 5.04 39.74 20.67
N ILE I 95 4.66 40.86 20.05
CA ILE I 95 3.82 41.87 20.68
C ILE I 95 2.54 41.98 19.85
N SER I 96 1.39 41.93 20.52
CA SER I 96 0.10 41.85 19.84
C SER I 96 -0.64 43.18 19.82
N GLY I 97 -0.88 43.78 20.98
CA GLY I 97 -1.73 44.96 21.04
C GLY I 97 -1.10 46.19 20.41
N LEU I 98 0.18 46.44 20.73
CA LEU I 98 0.91 47.65 20.31
C LEU I 98 0.15 48.91 20.70
N LYS I 99 -0.07 49.07 22.00
CA LYS I 99 -0.80 50.22 22.53
C LYS I 99 0.14 51.42 22.64
N THR I 100 -0.31 52.48 23.31
CA THR I 100 0.49 53.69 23.48
C THR I 100 1.50 53.58 24.61
N GLU I 101 1.53 52.46 25.33
CA GLU I 101 2.47 52.25 26.43
C GLU I 101 3.84 51.78 25.96
N ASP I 102 3.95 51.30 24.72
CA ASP I 102 5.19 50.67 24.25
C ASP I 102 6.13 51.73 23.68
N GLU I 103 6.96 52.30 24.55
CA GLU I 103 8.08 53.17 24.14
C GLU I 103 9.29 52.72 24.95
N ALA I 104 10.03 51.74 24.42
CA ALA I 104 11.13 51.14 25.15
C ALA I 104 12.05 50.43 24.17
N ASP I 105 13.25 50.10 24.64
CA ASP I 105 14.21 49.28 23.90
C ASP I 105 14.41 47.97 24.64
N TYR I 106 14.48 46.88 23.88
CA TYR I 106 14.49 45.53 24.44
C TYR I 106 15.86 44.89 24.31
N TYR I 107 16.16 43.98 25.23
CA TYR I 107 17.42 43.25 25.26
C TYR I 107 17.15 41.77 25.43
N CYS I 108 18.04 40.94 24.90
CA CYS I 108 18.00 39.49 25.09
C CYS I 108 19.25 39.06 25.85
N GLN I 109 19.06 38.31 26.93
CA GLN I 109 20.13 37.93 27.83
C GLN I 109 20.19 36.42 27.99
N SER I 110 21.41 35.87 27.98
CA SER I 110 21.60 34.43 28.14
C SER I 110 22.67 34.13 29.19
N TYR I 111 23.06 32.86 29.30
CA TYR I 111 24.04 32.42 30.28
C TYR I 111 24.83 31.27 29.68
N ASP I 112 26.13 31.48 29.45
CA ASP I 112 26.96 30.43 28.85
C ASP I 112 27.68 29.60 29.91
N SER I 113 28.55 30.21 30.69
CA SER I 113 29.26 29.51 31.77
C SER I 113 29.76 30.55 32.76
N SER I 114 29.10 30.64 33.92
CA SER I 114 29.46 31.53 35.03
C SER I 114 29.53 33.01 34.61
N ASN I 115 28.92 33.38 33.49
CA ASN I 115 28.95 34.74 33.00
C ASN I 115 27.61 35.07 32.34
N TRP I 116 27.30 36.36 32.27
CA TRP I 116 26.08 36.85 31.67
C TRP I 116 26.41 37.68 30.44
N VAL I 117 25.63 37.50 29.38
CA VAL I 117 25.79 38.23 28.13
C VAL I 117 24.49 38.94 27.81
N PHE I 118 24.58 40.19 27.39
CA PHE I 118 23.42 41.02 27.10
C PHE I 118 23.40 41.41 25.63
N GLY I 119 22.20 41.65 25.10
CA GLY I 119 22.04 42.04 23.72
C GLY I 119 22.38 43.50 23.47
N GLY I 120 22.48 43.84 22.18
CA GLY I 120 22.80 45.20 21.81
C GLY I 120 21.70 46.19 22.15
N GLY I 121 20.45 45.81 21.89
CA GLY I 121 19.34 46.70 22.13
C GLY I 121 18.57 47.06 20.87
N THR I 122 17.25 47.12 20.97
CA THR I 122 16.39 47.40 19.82
C THR I 122 15.41 48.51 20.19
N GLN I 123 15.70 49.73 19.74
CA GLN I 123 14.89 50.88 20.09
C GLN I 123 13.54 50.83 19.39
N LEU I 124 12.47 51.07 20.16
CA LEU I 124 11.11 51.11 19.63
C LEU I 124 10.44 52.36 20.21
N THR I 125 10.28 53.39 19.38
CA THR I 125 9.72 54.67 19.84
C THR I 125 8.44 55.05 19.11
N VAL I 126 8.43 55.02 17.78
CA VAL I 126 7.26 55.43 17.01
C VAL I 126 6.33 54.23 16.89
N LEU I 127 5.18 54.31 17.56
CA LEU I 127 4.21 53.21 17.57
C LEU I 127 3.02 53.53 16.68
N GLY I 135 -0.51 71.29 15.57
CA GLY I 135 -1.63 71.81 14.81
C GLY I 135 -1.19 72.70 13.66
N GLN I 136 -0.13 73.47 13.88
CA GLN I 136 0.39 74.37 12.86
C GLN I 136 1.54 73.71 12.13
N PRO I 137 1.42 73.46 10.82
CA PRO I 137 2.54 72.86 10.08
C PRO I 137 3.79 73.75 10.05
N LYS I 138 3.65 75.06 10.20
CA LYS I 138 4.78 75.98 10.19
C LYS I 138 4.78 76.78 11.47
N ALA I 139 5.93 76.84 12.14
CA ALA I 139 6.10 77.60 13.36
C ALA I 139 7.16 78.66 13.14
N ALA I 140 6.85 79.89 13.55
CA ALA I 140 7.78 81.00 13.36
C ALA I 140 8.93 80.91 14.35
N PRO I 141 10.19 80.85 13.91
CA PRO I 141 11.31 80.78 14.85
C PRO I 141 11.61 82.14 15.45
N SER I 142 11.81 82.18 16.76
CA SER I 142 12.15 83.41 17.47
C SER I 142 13.66 83.48 17.64
N VAL I 143 14.24 84.61 17.25
CA VAL I 143 15.69 84.82 17.28
C VAL I 143 16.02 85.86 18.34
N THR I 144 16.94 85.53 19.23
CA THR I 144 17.39 86.42 20.28
C THR I 144 18.90 86.54 20.23
N LEU I 145 19.40 87.76 20.28
CA LEU I 145 20.84 88.05 20.24
C LEU I 145 21.25 88.73 21.53
N PHE I 146 22.33 88.25 22.13
CA PHE I 146 22.83 88.78 23.40
C PHE I 146 24.22 89.38 23.23
N PRO I 147 24.33 90.70 23.10
CA PRO I 147 25.65 91.32 22.98
C PRO I 147 26.37 91.33 24.32
N PRO I 148 27.70 91.42 24.32
CA PRO I 148 28.44 91.48 25.58
C PRO I 148 28.17 92.77 26.33
N SER I 149 28.25 92.69 27.65
CA SER I 149 28.06 93.83 28.52
C SER I 149 29.41 94.38 29.00
N SER I 150 29.36 95.38 29.86
CA SER I 150 30.59 95.96 30.40
C SER I 150 31.30 95.00 31.34
N GLU I 151 30.55 94.11 32.01
CA GLU I 151 31.16 93.12 32.89
C GLU I 151 31.97 92.11 32.09
N GLU I 152 31.49 91.74 30.90
CA GLU I 152 32.22 90.77 30.09
C GLU I 152 33.51 91.34 29.53
N LEU I 153 33.45 92.55 28.96
CA LEU I 153 34.60 93.11 28.26
C LEU I 153 35.73 93.49 29.19
N GLN I 154 35.46 93.77 30.46
CA GLN I 154 36.53 94.06 31.40
C GLN I 154 37.30 92.83 31.84
N ALA I 155 36.80 91.63 31.51
CA ALA I 155 37.48 90.38 31.79
C ALA I 155 38.21 89.83 30.57
N ASN I 156 38.37 90.65 29.52
CA ASN I 156 39.06 90.28 28.28
C ASN I 156 38.41 89.06 27.63
N LYS I 157 37.08 89.03 27.61
CA LYS I 157 36.34 87.96 26.97
C LYS I 157 34.97 88.47 26.57
N ALA I 158 34.64 88.36 25.29
CA ALA I 158 33.35 88.78 24.75
C ALA I 158 32.61 87.58 24.22
N THR I 159 31.37 87.39 24.69
CA THR I 159 30.53 86.29 24.24
C THR I 159 29.31 86.86 23.53
N LEU I 160 28.97 86.26 22.38
CA LEU I 160 27.83 86.66 21.58
C LEU I 160 26.95 85.43 21.37
N VAL I 161 25.76 85.45 21.95
CA VAL I 161 24.88 84.28 21.97
C VAL I 161 23.70 84.56 21.05
N CYS I 162 23.47 83.66 20.09
CA CYS I 162 22.38 83.77 19.13
C CYS I 162 21.43 82.62 19.39
N LEU I 163 20.27 82.91 19.96
CA LEU I 163 19.32 81.91 20.43
C LEU I 163 18.15 81.80 19.48
N ILE I 164 17.81 80.57 19.11
CA ILE I 164 16.66 80.29 18.23
C ILE I 164 15.84 79.18 18.87
N SER I 165 14.51 79.30 18.76
CA SER I 165 13.59 78.32 19.33
C SER I 165 12.30 78.32 18.53
N ASP I 166 11.48 77.31 18.79
CA ASP I 166 10.14 77.14 18.18
C ASP I 166 10.25 77.06 16.65
N PHE I 167 10.94 76.03 16.19
CA PHE I 167 11.08 75.76 14.76
C PHE I 167 10.77 74.30 14.48
N TYR I 168 10.22 74.04 13.29
CA TYR I 168 9.81 72.71 12.90
C TYR I 168 9.93 72.54 11.39
N PRO I 169 10.70 71.56 10.90
CA PRO I 169 11.52 70.59 11.64
C PRO I 169 12.80 71.19 12.19
N GLY I 170 13.51 70.47 13.06
CA GLY I 170 14.74 70.97 13.65
C GLY I 170 15.95 70.81 12.76
N ALA I 171 15.92 71.40 11.57
CA ALA I 171 17.02 71.38 10.61
C ALA I 171 17.34 72.83 10.25
N VAL I 172 18.22 73.46 11.03
CA VAL I 172 18.56 74.86 10.86
C VAL I 172 20.07 75.01 10.78
N THR I 173 20.50 76.09 10.13
CA THR I 173 21.90 76.46 10.03
C THR I 173 22.08 77.87 10.57
N VAL I 174 23.07 78.04 11.45
CA VAL I 174 23.35 79.33 12.09
C VAL I 174 24.70 79.82 11.57
N ALA I 175 24.71 81.05 11.06
CA ALA I 175 25.91 81.67 10.54
C ALA I 175 26.02 83.10 11.06
N TRP I 176 27.25 83.60 11.12
CA TRP I 176 27.54 84.93 11.63
C TRP I 176 28.12 85.78 10.51
N LYS I 177 27.61 87.01 10.38
CA LYS I 177 28.06 87.94 9.36
C LYS I 177 28.71 89.15 10.02
N ALA I 178 29.94 89.44 9.62
CA ALA I 178 30.66 90.61 10.11
C ALA I 178 30.39 91.80 9.18
N ASP I 179 31.19 92.85 9.31
CA ASP I 179 30.98 94.06 8.51
C ASP I 179 31.19 93.80 7.02
N SER I 180 32.23 93.04 6.66
CA SER I 180 32.53 92.81 5.26
C SER I 180 32.97 91.39 4.93
N SER I 181 33.00 90.47 5.89
CA SER I 181 33.44 89.11 5.61
C SER I 181 32.89 88.13 6.63
N PRO I 182 32.25 87.05 6.19
CA PRO I 182 31.76 86.04 7.14
C PRO I 182 32.90 85.36 7.88
N VAL I 183 32.62 84.97 9.12
CA VAL I 183 33.60 84.31 9.97
C VAL I 183 33.46 82.80 9.82
N LYS I 184 34.53 82.09 10.17
CA LYS I 184 34.54 80.63 10.07
C LYS I 184 35.00 79.99 11.38
N ALA I 185 35.86 80.69 12.12
CA ALA I 185 36.45 80.16 13.34
C ALA I 185 35.86 80.87 14.55
N GLY I 186 35.58 80.10 15.60
CA GLY I 186 35.05 80.62 16.84
C GLY I 186 33.56 80.47 17.03
N VAL I 187 32.86 79.82 16.10
CA VAL I 187 31.41 79.65 16.17
C VAL I 187 31.11 78.19 16.46
N GLU I 188 30.33 77.96 17.53
CA GLU I 188 29.93 76.62 17.93
C GLU I 188 28.41 76.56 18.02
N THR I 189 27.83 75.47 17.52
CA THR I 189 26.39 75.27 17.49
C THR I 189 26.07 73.88 18.02
N THR I 190 25.09 73.80 18.90
CA THR I 190 24.65 72.53 19.49
C THR I 190 23.44 71.98 18.75
N THR I 191 23.18 70.70 18.97
CA THR I 191 22.01 70.07 18.38
C THR I 191 20.73 70.57 19.06
N PRO I 192 19.62 70.66 18.33
CA PRO I 192 18.37 71.10 18.96
C PRO I 192 17.88 70.08 19.99
N SER I 193 17.16 70.60 20.99
CA SER I 193 16.65 69.78 22.08
C SER I 193 15.13 69.93 22.18
N LYS I 194 14.51 68.95 22.81
CA LYS I 194 13.06 68.91 22.97
C LYS I 194 12.67 69.68 24.23
N GLN I 195 11.78 70.66 24.07
CA GLN I 195 11.23 71.43 25.18
C GLN I 195 9.78 71.03 25.40
N SER I 196 9.14 71.69 26.36
CA SER I 196 7.72 71.45 26.65
C SER I 196 6.80 72.36 25.85
N ASN I 197 7.00 72.42 24.53
CA ASN I 197 6.14 73.21 23.65
C ASN I 197 5.90 72.52 22.31
N ASN I 198 6.22 71.22 22.21
CA ASN I 198 6.16 70.46 20.96
C ASN I 198 7.00 71.12 19.86
N LYS I 199 8.15 71.68 20.25
CA LYS I 199 9.04 72.36 19.33
C LYS I 199 10.48 72.10 19.78
N TYR I 200 11.43 72.62 19.00
CA TYR I 200 12.85 72.45 19.25
C TYR I 200 13.51 73.80 19.49
N ALA I 201 14.59 73.79 20.26
CA ALA I 201 15.35 75.00 20.57
C ALA I 201 16.84 74.72 20.42
N ALA I 202 17.56 75.70 19.88
CA ALA I 202 19.00 75.58 19.64
C ALA I 202 19.70 76.85 20.10
N SER I 203 21.00 76.71 20.39
CA SER I 203 21.81 77.83 20.86
C SER I 203 23.12 77.87 20.08
N SER I 204 23.66 79.08 19.92
CA SER I 204 24.92 79.31 19.25
C SER I 204 25.78 80.24 20.09
N TYR I 205 27.07 79.92 20.16
CA TYR I 205 28.03 80.70 20.94
C TYR I 205 29.18 81.14 20.06
N LEU I 206 29.62 82.39 20.26
CA LEU I 206 30.73 82.96 19.51
C LEU I 206 31.72 83.60 20.47
N SER I 207 32.99 83.26 20.33
CA SER I 207 34.06 83.85 21.12
C SER I 207 34.74 84.93 20.29
N LEU I 208 34.82 86.15 20.84
CA LEU I 208 35.28 87.30 20.09
C LEU I 208 36.16 88.16 20.99
N THR I 209 37.04 88.94 20.34
CA THR I 209 37.94 89.87 20.99
C THR I 209 37.44 91.30 20.82
N PRO I 210 37.68 92.18 21.81
CA PRO I 210 37.08 93.53 21.76
C PRO I 210 37.62 94.43 20.66
N GLU I 211 38.79 94.14 20.09
CA GLU I 211 39.37 95.06 19.11
C GLU I 211 38.60 95.04 17.79
N GLN I 212 38.09 93.87 17.39
CA GLN I 212 37.28 93.80 16.19
C GLN I 212 35.81 94.13 16.46
N TRP I 213 35.40 94.16 17.73
CA TRP I 213 34.04 94.55 18.07
C TRP I 213 33.79 96.03 17.79
N LYS I 214 34.76 96.87 18.10
CA LYS I 214 34.65 98.31 17.88
C LYS I 214 35.18 98.75 16.52
N SER I 215 35.77 97.84 15.74
CA SER I 215 36.32 98.17 14.44
C SER I 215 35.40 97.78 13.29
N HIS I 216 34.17 97.34 13.60
CA HIS I 216 33.21 96.92 12.60
C HIS I 216 32.07 97.95 12.52
N ARG I 217 31.08 97.63 11.70
CA ARG I 217 29.93 98.51 11.48
C ARG I 217 28.64 97.97 12.10
N SER I 218 28.26 96.74 11.76
CA SER I 218 27.04 96.15 12.29
C SER I 218 27.18 94.64 12.30
N TYR I 219 26.69 94.01 13.36
CA TYR I 219 26.77 92.56 13.54
C TYR I 219 25.42 91.93 13.23
N SER I 220 25.45 90.83 12.48
CA SER I 220 24.23 90.17 12.03
C SER I 220 24.32 88.67 12.29
N CYS I 221 23.23 88.10 12.81
CA CYS I 221 23.08 86.65 12.96
C CYS I 221 21.92 86.21 12.10
N GLN I 222 22.16 85.26 11.20
CA GLN I 222 21.16 84.78 10.26
C GLN I 222 20.95 83.28 10.43
N VAL I 223 19.71 82.82 10.32
CA VAL I 223 19.42 81.41 10.44
C VAL I 223 18.50 80.98 9.30
N THR I 224 18.66 79.75 8.83
CA THR I 224 17.86 79.30 7.70
C THR I 224 16.81 78.27 8.08
N HIS I 225 15.56 78.50 7.66
CA HIS I 225 14.49 77.54 7.91
C HIS I 225 13.79 77.25 6.60
N GLU I 226 12.86 76.31 6.61
CA GLU I 226 12.17 75.94 5.38
C GLU I 226 11.76 77.20 4.64
N GLY I 227 12.25 77.38 3.42
CA GLY I 227 11.95 78.58 2.66
C GLY I 227 11.81 79.77 3.59
N SER I 228 12.78 79.94 4.48
CA SER I 228 12.70 81.01 5.47
C SER I 228 14.10 81.43 5.88
N THR I 229 14.29 82.73 6.06
CA THR I 229 15.58 83.27 6.48
C THR I 229 15.32 84.49 7.35
N VAL I 230 15.72 84.42 8.61
CA VAL I 230 15.55 85.50 9.58
C VAL I 230 16.92 85.99 10.00
N GLU I 231 17.15 87.30 9.86
CA GLU I 231 18.42 87.93 10.21
C GLU I 231 18.17 89.04 11.22
N LYS I 232 18.96 89.03 12.30
CA LYS I 232 18.87 90.06 13.33
C LYS I 232 20.16 90.87 13.33
N THR I 233 20.02 92.19 13.21
CA THR I 233 21.16 93.10 13.09
C THR I 233 21.26 93.95 14.35
N VAL I 234 22.48 94.07 14.88
CA VAL I 234 22.76 94.88 16.06
C VAL I 234 23.92 95.81 15.73
N ALA I 235 24.07 96.85 16.56
CA ALA I 235 25.10 97.85 16.38
C ALA I 235 25.93 97.98 17.63
N PRO I 236 27.23 98.27 17.50
CA PRO I 236 28.08 98.44 18.69
C PRO I 236 27.78 99.71 19.48
N THR I 237 27.03 100.66 18.92
CA THR I 237 26.71 101.88 19.63
C THR I 237 25.68 101.60 20.72
N GLU I 238 26.06 101.84 21.97
CA GLU I 238 25.18 101.58 23.10
C GLU I 238 24.94 102.86 23.91
N GLN J 4 70.01 -10.90 7.28
CA GLN J 4 70.69 -9.74 7.85
C GLN J 4 71.70 -9.15 6.86
N CYS J 5 72.07 -7.90 7.08
CA CYS J 5 73.01 -7.21 6.21
C CYS J 5 73.85 -6.25 7.03
N VAL J 6 74.97 -5.83 6.44
CA VAL J 6 75.86 -4.85 7.03
C VAL J 6 76.07 -3.72 6.02
N ASN J 7 76.47 -2.56 6.53
CA ASN J 7 76.69 -1.38 5.71
C ASN J 7 78.18 -1.25 5.36
N LEU J 8 78.44 -0.62 4.22
CA LEU J 8 79.81 -0.39 3.76
C LEU J 8 80.29 0.98 4.23
N THR J 9 81.59 1.21 4.03
CA THR J 9 82.23 2.46 4.41
C THR J 9 82.62 3.25 3.17
N THR J 10 82.72 4.57 3.35
CA THR J 10 83.07 5.45 2.24
C THR J 10 84.53 5.23 1.84
N ARG J 11 84.76 5.05 0.54
CA ARG J 11 86.09 4.81 0.00
C ARG J 11 86.19 5.48 -1.36
N THR J 12 87.38 5.39 -1.96
CA THR J 12 87.63 5.98 -3.28
C THR J 12 87.23 4.97 -4.35
N GLN J 13 86.29 5.36 -5.21
CA GLN J 13 85.80 4.52 -6.29
C GLN J 13 86.20 5.12 -7.63
N LEU J 14 85.75 4.48 -8.70
CA LEU J 14 86.00 4.95 -10.05
C LEU J 14 84.69 5.34 -10.72
N PRO J 15 84.65 6.48 -11.43
CA PRO J 15 83.43 6.87 -12.11
C PRO J 15 83.12 5.92 -13.26
N PRO J 16 81.85 5.70 -13.57
CA PRO J 16 81.51 4.82 -14.70
C PRO J 16 81.91 5.45 -16.02
N ALA J 17 82.32 4.58 -16.95
CA ALA J 17 82.72 4.97 -18.29
C ALA J 17 81.67 4.49 -19.29
N TYR J 18 81.80 4.96 -20.53
CA TYR J 18 80.84 4.66 -21.58
C TYR J 18 81.56 4.05 -22.76
N THR J 19 81.05 2.93 -23.26
CA THR J 19 81.63 2.23 -24.41
C THR J 19 80.59 2.10 -25.51
N ASN J 20 81.01 1.52 -26.63
CA ASN J 20 80.18 1.40 -27.83
C ASN J 20 79.93 -0.07 -28.14
N SER J 21 78.67 -0.41 -28.43
CA SER J 21 78.32 -1.76 -28.82
C SER J 21 78.61 -1.98 -30.30
N PHE J 22 78.83 -3.24 -30.65
CA PHE J 22 79.16 -3.63 -32.03
C PHE J 22 78.39 -4.90 -32.38
N THR J 23 77.21 -4.70 -32.98
CA THR J 23 76.32 -5.78 -33.43
C THR J 23 76.02 -6.77 -32.32
N ARG J 24 75.51 -6.23 -31.21
CA ARG J 24 75.17 -7.02 -30.04
C ARG J 24 73.73 -6.74 -29.62
N GLY J 25 73.11 -7.73 -28.99
CA GLY J 25 71.75 -7.59 -28.53
C GLY J 25 70.69 -8.10 -29.48
N VAL J 26 70.98 -9.15 -30.24
CA VAL J 26 70.03 -9.72 -31.20
C VAL J 26 69.62 -11.09 -30.69
N TYR J 27 68.31 -11.31 -30.60
CA TYR J 27 67.76 -12.57 -30.13
C TYR J 27 66.62 -12.99 -31.04
N TYR J 28 66.14 -14.22 -30.83
CA TYR J 28 65.00 -14.72 -31.60
C TYR J 28 63.73 -14.06 -31.10
N PRO J 29 62.98 -13.35 -31.97
CA PRO J 29 61.81 -12.61 -31.49
C PRO J 29 60.54 -13.43 -31.40
N ASP J 30 60.54 -14.69 -31.82
CA ASP J 30 59.33 -15.49 -31.87
C ASP J 30 59.70 -16.95 -31.62
N LYS J 31 58.75 -17.85 -31.88
CA LYS J 31 58.93 -19.27 -31.65
C LYS J 31 58.45 -20.09 -32.84
N VAL J 32 58.76 -19.66 -34.06
CA VAL J 32 58.47 -20.41 -35.28
C VAL J 32 59.77 -20.57 -36.05
N PHE J 33 59.71 -21.43 -37.08
CA PHE J 33 60.89 -21.77 -37.88
C PHE J 33 60.82 -21.06 -39.22
N ARG J 34 61.90 -20.37 -39.58
CA ARG J 34 62.02 -19.69 -40.87
C ARG J 34 63.32 -20.11 -41.54
N SER J 35 63.22 -20.56 -42.78
CA SER J 35 64.37 -21.01 -43.55
C SER J 35 64.47 -20.18 -44.83
N SER J 36 65.62 -19.53 -45.02
CA SER J 36 65.89 -18.69 -46.19
C SER J 36 64.82 -17.60 -46.37
N VAL J 37 64.44 -16.99 -45.26
CA VAL J 37 63.37 -15.99 -45.23
C VAL J 37 63.93 -14.70 -44.66
N LEU J 38 63.74 -13.59 -45.38
CA LEU J 38 64.13 -12.26 -44.92
C LEU J 38 62.89 -11.61 -44.35
N HIS J 39 62.69 -11.77 -43.05
CA HIS J 39 61.46 -11.37 -42.37
C HIS J 39 61.73 -10.16 -41.47
N SER J 40 60.80 -9.21 -41.50
CA SER J 40 60.85 -8.02 -40.66
C SER J 40 59.78 -8.13 -39.57
N THR J 41 60.17 -7.80 -38.33
CA THR J 41 59.25 -7.84 -37.20
C THR J 41 59.46 -6.62 -36.33
N GLN J 42 58.42 -6.26 -35.58
CA GLN J 42 58.46 -5.18 -34.61
C GLN J 42 58.68 -5.80 -33.23
N ASP J 43 59.88 -5.60 -32.67
CA ASP J 43 60.23 -6.18 -31.39
C ASP J 43 61.33 -5.33 -30.77
N LEU J 44 61.42 -5.38 -29.45
CA LEU J 44 62.41 -4.59 -28.73
C LEU J 44 63.78 -5.22 -28.88
N PHE J 45 64.72 -4.49 -29.48
CA PHE J 45 66.10 -4.94 -29.63
C PHE J 45 67.04 -3.85 -29.14
N LEU J 46 68.34 -4.15 -29.19
CA LEU J 46 69.38 -3.18 -28.89
C LEU J 46 69.91 -2.61 -30.19
N PRO J 47 69.85 -1.29 -30.39
CA PRO J 47 70.34 -0.71 -31.64
C PRO J 47 71.84 -0.91 -31.83
N PHE J 48 72.24 -1.04 -33.08
CA PHE J 48 73.66 -1.20 -33.40
C PHE J 48 74.38 0.13 -33.27
N PHE J 49 75.62 0.07 -32.76
CA PHE J 49 76.45 1.24 -32.50
C PHE J 49 75.74 2.23 -31.57
N SER J 50 75.01 1.68 -30.59
CA SER J 50 74.33 2.46 -29.58
C SER J 50 75.18 2.56 -28.32
N ASN J 51 74.85 3.54 -27.48
CA ASN J 51 75.79 3.98 -26.48
C ASN J 51 75.37 3.35 -25.15
N VAL J 52 76.23 2.49 -24.60
CA VAL J 52 75.84 1.53 -23.56
C VAL J 52 76.61 1.82 -22.28
N THR J 53 75.92 1.71 -21.15
CA THR J 53 76.52 1.94 -19.85
C THR J 53 77.50 0.81 -19.49
N TRP J 54 78.66 1.20 -18.97
CA TRP J 54 79.73 0.25 -18.64
C TRP J 54 80.11 0.42 -17.18
N PHE J 55 80.26 -0.70 -16.47
CA PHE J 55 80.68 -0.72 -15.07
C PHE J 55 81.93 -1.57 -14.91
N HIS J 56 82.67 -1.30 -13.84
CA HIS J 56 83.87 -2.03 -13.50
C HIS J 56 83.66 -2.84 -12.23
N ALA J 57 84.37 -3.97 -12.14
CA ALA J 57 84.31 -4.81 -10.95
C ALA J 57 85.69 -5.34 -10.54
N ILE J 58 86.76 -4.84 -11.13
CA ILE J 58 88.11 -5.31 -10.80
C ILE J 58 88.59 -4.63 -9.51
N HIS J 59 89.28 -5.40 -8.67
CA HIS J 59 89.78 -4.85 -7.41
C HIS J 59 90.94 -3.90 -7.64
N VAL J 60 92.01 -4.39 -8.27
CA VAL J 60 93.18 -3.57 -8.53
C VAL J 60 92.92 -2.63 -9.70
N THR J 66 91.78 1.91 -7.06
CA THR J 66 91.57 0.53 -6.64
C THR J 66 90.30 0.42 -5.80
N LYS J 67 89.96 -0.83 -5.44
CA LYS J 67 88.77 -1.16 -4.65
C LYS J 67 87.50 -0.62 -5.31
N ARG J 68 87.26 -1.10 -6.52
CA ARG J 68 86.10 -0.69 -7.30
C ARG J 68 84.93 -1.61 -7.02
N PHE J 69 83.86 -1.05 -6.46
CA PHE J 69 82.64 -1.82 -6.18
C PHE J 69 81.46 -0.86 -6.34
N ASP J 70 80.88 -0.84 -7.55
CA ASP J 70 79.80 0.07 -7.90
C ASP J 70 78.65 -0.76 -8.47
N ASN J 71 77.61 -0.97 -7.66
CA ASN J 71 76.40 -1.68 -8.08
C ASN J 71 75.19 -0.82 -7.73
N PRO J 72 74.92 0.22 -8.51
CA PRO J 72 73.76 1.07 -8.23
C PRO J 72 72.47 0.39 -8.65
N VAL J 73 71.36 0.87 -8.08
CA VAL J 73 70.05 0.33 -8.40
C VAL J 73 69.54 1.04 -9.65
N LEU J 74 69.88 0.49 -10.81
CA LEU J 74 69.53 1.13 -12.08
C LEU J 74 68.05 0.92 -12.38
N PRO J 75 67.41 1.92 -13.02
CA PRO J 75 66.01 1.75 -13.40
C PRO J 75 65.84 0.71 -14.50
N PHE J 76 64.71 0.00 -14.44
CA PHE J 76 64.38 -1.04 -15.40
C PHE J 76 63.42 -0.47 -16.43
N ASN J 77 63.91 -0.23 -17.65
CA ASN J 77 63.08 0.24 -18.74
C ASN J 77 62.47 -0.97 -19.46
N ASP J 78 61.87 -0.72 -20.62
CA ASP J 78 61.29 -1.81 -21.40
C ASP J 78 62.39 -2.65 -22.04
N GLY J 79 62.79 -3.73 -21.37
CA GLY J 79 63.85 -4.59 -21.87
C GLY J 79 65.23 -4.06 -21.55
N VAL J 80 66.10 -4.93 -21.02
CA VAL J 80 67.47 -4.57 -20.70
C VAL J 80 68.41 -5.57 -21.35
N TYR J 81 69.65 -5.12 -21.59
CA TYR J 81 70.69 -5.95 -22.17
C TYR J 81 71.82 -6.08 -21.14
N PHE J 82 72.16 -7.31 -20.78
CA PHE J 82 73.19 -7.59 -19.79
C PHE J 82 74.21 -8.53 -20.42
N ALA J 83 75.40 -8.01 -20.72
CA ALA J 83 76.49 -8.80 -21.27
C ALA J 83 77.65 -8.79 -20.30
N SER J 84 78.20 -9.98 -20.02
CA SER J 84 79.35 -10.13 -19.14
C SER J 84 80.40 -11.01 -19.79
N THR J 85 81.64 -10.52 -19.79
CA THR J 85 82.78 -11.30 -20.27
C THR J 85 83.45 -12.04 -19.11
N GLU J 86 82.62 -12.81 -18.39
CA GLU J 86 83.04 -13.47 -17.17
C GLU J 86 84.06 -14.57 -17.46
N LYS J 87 85.12 -14.61 -16.65
CA LYS J 87 86.17 -15.61 -16.77
C LYS J 87 86.29 -16.47 -15.53
N SER J 88 86.40 -15.85 -14.35
CA SER J 88 86.59 -16.56 -13.09
C SER J 88 85.27 -16.83 -12.37
N ASN J 89 84.14 -16.53 -13.01
CA ASN J 89 82.80 -16.75 -12.45
C ASN J 89 82.63 -15.97 -11.13
N ILE J 90 82.75 -14.65 -11.23
CA ILE J 90 82.55 -13.79 -10.08
C ILE J 90 81.10 -13.34 -9.96
N ILE J 91 80.39 -13.21 -11.08
CA ILE J 91 78.99 -12.80 -11.06
C ILE J 91 78.14 -13.90 -10.44
N ARG J 92 77.13 -13.50 -9.67
CA ARG J 92 76.25 -14.44 -8.99
C ARG J 92 74.85 -14.46 -9.56
N GLY J 93 74.18 -13.31 -9.62
CA GLY J 93 72.81 -13.29 -10.10
C GLY J 93 72.28 -11.87 -10.15
N TRP J 94 70.96 -11.77 -10.19
CA TRP J 94 70.28 -10.49 -10.30
C TRP J 94 69.07 -10.46 -9.38
N ILE J 95 68.60 -9.25 -9.08
CA ILE J 95 67.35 -9.03 -8.37
C ILE J 95 66.57 -7.95 -9.09
N PHE J 96 65.25 -7.99 -8.92
CA PHE J 96 64.36 -7.02 -9.54
C PHE J 96 63.33 -6.58 -8.50
N GLY J 97 62.61 -5.52 -8.83
CA GLY J 97 61.59 -5.01 -7.94
C GLY J 97 61.26 -3.57 -8.25
N THR J 98 60.41 -3.00 -7.40
CA THR J 98 59.96 -1.62 -7.54
C THR J 98 60.48 -0.73 -6.42
N THR J 99 60.21 -1.08 -5.17
CA THR J 99 60.65 -0.29 -4.02
C THR J 99 61.58 -1.03 -3.08
N LEU J 100 61.58 -2.37 -3.10
CA LEU J 100 62.48 -3.21 -2.29
C LEU J 100 62.34 -2.91 -0.80
N ASP J 101 61.09 -2.85 -0.33
CA ASP J 101 60.81 -2.60 1.08
C ASP J 101 59.72 -3.51 1.61
N SER J 102 59.63 -4.73 1.08
CA SER J 102 58.64 -5.73 1.47
C SER J 102 57.21 -5.21 1.29
N LYS J 103 56.99 -4.44 0.23
CA LYS J 103 55.67 -3.93 -0.12
C LYS J 103 55.14 -4.47 -1.43
N THR J 104 56.03 -4.77 -2.39
CA THR J 104 55.63 -5.34 -3.67
C THR J 104 56.46 -6.58 -3.95
N GLN J 105 55.99 -7.39 -4.89
CA GLN J 105 56.70 -8.59 -5.27
C GLN J 105 58.02 -8.24 -5.96
N SER J 106 59.06 -9.01 -5.65
CA SER J 106 60.40 -8.72 -6.12
C SER J 106 61.09 -10.03 -6.54
N LEU J 107 61.85 -9.96 -7.62
CA LEU J 107 62.50 -11.14 -8.16
C LEU J 107 63.83 -11.40 -7.46
N LEU J 108 64.20 -12.69 -7.40
CA LEU J 108 65.49 -13.10 -6.86
C LEU J 108 65.98 -14.29 -7.68
N ILE J 109 66.87 -14.02 -8.64
CA ILE J 109 67.51 -15.07 -9.43
C ILE J 109 68.98 -15.12 -9.01
N VAL J 110 69.40 -16.27 -8.50
CA VAL J 110 70.76 -16.48 -8.01
C VAL J 110 71.26 -17.80 -8.56
N ASN J 111 72.42 -17.78 -9.21
CA ASN J 111 73.06 -18.99 -9.72
C ASN J 111 74.02 -19.49 -8.65
N ASN J 112 73.49 -20.28 -7.72
CA ASN J 112 74.29 -20.80 -6.62
C ASN J 112 75.16 -21.96 -7.10
N ALA J 113 76.06 -22.40 -6.22
CA ALA J 113 77.01 -23.45 -6.57
C ALA J 113 76.35 -24.82 -6.73
N THR J 114 75.18 -25.02 -6.13
CA THR J 114 74.50 -26.31 -6.19
C THR J 114 73.35 -26.32 -7.19
N ASN J 115 72.49 -25.31 -7.17
CA ASN J 115 71.34 -25.27 -8.05
C ASN J 115 70.94 -23.83 -8.31
N VAL J 116 70.16 -23.64 -9.36
CA VAL J 116 69.64 -22.33 -9.74
C VAL J 116 68.14 -22.31 -9.45
N VAL J 117 67.71 -21.38 -8.60
CA VAL J 117 66.31 -21.24 -8.24
C VAL J 117 65.84 -19.84 -8.61
N ILE J 118 64.53 -19.71 -8.82
CA ILE J 118 63.91 -18.42 -9.12
C ILE J 118 62.75 -18.27 -8.14
N LYS J 119 62.92 -17.39 -7.15
CA LYS J 119 61.91 -17.13 -6.14
C LYS J 119 61.53 -15.66 -6.20
N VAL J 120 60.26 -15.38 -6.44
CA VAL J 120 59.76 -14.03 -6.61
C VAL J 120 58.82 -13.73 -5.45
N CYS J 121 59.30 -12.96 -4.48
CA CYS J 121 58.51 -12.69 -3.28
C CYS J 121 58.82 -11.27 -2.80
N GLU J 122 58.45 -10.98 -1.56
CA GLU J 122 58.58 -9.65 -0.95
C GLU J 122 59.79 -9.57 -0.03
N PHE J 123 60.91 -10.16 -0.45
CA PHE J 123 62.11 -10.23 0.38
C PHE J 123 62.59 -8.84 0.78
N GLN J 124 62.95 -8.69 2.06
CA GLN J 124 63.42 -7.42 2.59
C GLN J 124 64.88 -7.25 2.23
N PHE J 125 65.14 -6.44 1.21
CA PHE J 125 66.51 -6.22 0.74
C PHE J 125 67.17 -5.09 1.50
N CYS J 126 68.48 -5.23 1.72
CA CYS J 126 69.29 -4.19 2.30
C CYS J 126 69.82 -3.28 1.19
N ASN J 127 70.70 -2.34 1.56
CA ASN J 127 71.21 -1.39 0.57
C ASN J 127 72.23 -2.00 -0.39
N ASP J 128 72.83 -3.14 -0.04
CA ASP J 128 73.72 -3.81 -0.98
C ASP J 128 73.78 -5.31 -0.73
N PRO J 129 72.84 -6.08 -1.28
CA PRO J 129 72.94 -7.55 -1.20
C PRO J 129 74.20 -8.05 -1.89
N PHE J 130 74.83 -9.04 -1.27
CA PHE J 130 76.09 -9.59 -1.78
C PHE J 130 76.29 -10.98 -1.20
N LEU J 131 77.25 -11.70 -1.77
CA LEU J 131 77.61 -13.03 -1.32
C LEU J 131 79.09 -13.05 -0.93
N GLY J 132 79.38 -13.66 0.21
CA GLY J 132 80.73 -13.72 0.75
C GLY J 132 81.34 -15.09 0.54
N VAL J 133 82.57 -15.08 0.04
CA VAL J 133 83.33 -16.31 -0.24
C VAL J 133 84.55 -16.33 0.66
N TYR J 134 84.74 -17.44 1.36
CA TYR J 134 85.85 -17.60 2.30
C TYR J 134 86.82 -18.66 1.78
N TYR J 135 88.09 -18.50 2.13
CA TYR J 135 89.14 -19.46 1.80
C TYR J 135 89.51 -20.23 3.06
N HIS J 136 89.23 -21.53 3.06
CA HIS J 136 89.52 -22.36 4.22
C HIS J 136 91.03 -22.60 4.33
N LYS J 137 91.50 -22.70 5.57
CA LYS J 137 92.91 -22.98 5.81
C LYS J 137 93.24 -24.44 5.52
N ASN J 138 92.43 -25.36 6.02
CA ASN J 138 92.69 -26.78 5.82
C ASN J 138 92.31 -27.25 4.42
N ASN J 139 91.25 -26.70 3.85
CA ASN J 139 90.78 -27.09 2.53
C ASN J 139 91.16 -26.01 1.52
N LYS J 140 91.83 -26.41 0.44
CA LYS J 140 92.28 -25.48 -0.59
C LYS J 140 91.20 -25.30 -1.65
N SER J 141 90.05 -24.79 -1.21
CA SER J 141 88.93 -24.54 -2.09
C SER J 141 88.16 -23.33 -1.58
N TRP J 142 87.42 -22.69 -2.50
CA TRP J 142 86.63 -21.51 -2.18
C TRP J 142 85.18 -21.92 -1.97
N MET J 143 84.60 -21.47 -0.85
CA MET J 143 83.22 -21.78 -0.50
C MET J 143 82.49 -20.53 -0.08
N GLU J 144 81.19 -20.50 -0.34
CA GLU J 144 80.34 -19.36 -0.03
C GLU J 144 79.52 -19.66 1.23
N SER J 145 79.58 -18.76 2.20
CA SER J 145 78.86 -18.91 3.46
C SER J 145 77.97 -17.74 3.79
N GLU J 146 78.39 -16.51 3.49
CA GLU J 146 77.62 -15.32 3.82
C GLU J 146 76.50 -15.16 2.80
N PHE J 147 75.31 -15.65 3.16
CA PHE J 147 74.13 -15.54 2.31
C PHE J 147 73.28 -14.35 2.76
N ARG J 148 73.86 -13.16 2.57
CA ARG J 148 73.22 -11.91 2.98
C ARG J 148 72.62 -11.24 1.74
N VAL J 149 71.41 -11.67 1.39
CA VAL J 149 70.72 -11.10 0.25
C VAL J 149 69.34 -10.57 0.66
N TYR J 150 68.79 -11.09 1.75
CA TYR J 150 67.52 -10.59 2.26
C TYR J 150 67.40 -10.96 3.74
N SER J 151 66.30 -10.52 4.36
CA SER J 151 66.01 -10.84 5.75
C SER J 151 64.87 -11.86 5.87
N SER J 152 63.70 -11.53 5.32
CA SER J 152 62.54 -12.41 5.41
C SER J 152 61.51 -12.00 4.36
N ALA J 153 60.51 -12.85 4.19
CA ALA J 153 59.38 -12.58 3.30
C ALA J 153 58.10 -13.04 3.97
N ASN J 154 56.99 -12.39 3.60
CA ASN J 154 55.70 -12.69 4.21
C ASN J 154 54.90 -13.74 3.42
N ASN J 155 54.60 -13.44 2.16
CA ASN J 155 53.95 -14.42 1.29
C ASN J 155 54.29 -14.08 -0.16
N CYS J 156 54.07 -15.04 -1.03
CA CYS J 156 54.26 -14.83 -2.47
C CYS J 156 53.55 -15.94 -3.24
N THR J 157 53.70 -15.89 -4.56
CA THR J 157 52.94 -16.74 -5.48
C THR J 157 53.80 -17.72 -6.25
N PHE J 158 54.83 -17.23 -6.94
CA PHE J 158 55.53 -18.02 -7.95
C PHE J 158 56.91 -18.43 -7.45
N GLU J 159 57.31 -19.65 -7.82
CA GLU J 159 58.64 -20.16 -7.52
C GLU J 159 59.02 -21.18 -8.59
N TYR J 160 60.29 -21.20 -8.95
CA TYR J 160 60.78 -22.13 -9.97
C TYR J 160 62.23 -22.46 -9.68
N VAL J 161 62.62 -23.69 -10.04
CA VAL J 161 63.98 -24.17 -9.88
C VAL J 161 64.51 -24.57 -11.25
N SER J 162 65.66 -24.01 -11.63
CA SER J 162 66.26 -24.29 -12.92
C SER J 162 67.17 -25.50 -12.80
N GLN J 163 67.91 -25.80 -13.87
CA GLN J 163 68.85 -26.90 -13.87
C GLN J 163 70.07 -26.56 -13.01
N PRO J 164 70.69 -27.57 -12.39
CA PRO J 164 71.83 -27.33 -11.51
C PRO J 164 73.12 -27.02 -12.25
N PHE J 165 73.34 -25.75 -12.60
CA PHE J 165 74.56 -25.34 -13.27
C PHE J 165 75.76 -25.48 -12.34
N LEU J 166 76.81 -26.14 -12.83
CA LEU J 166 78.05 -26.28 -12.06
C LEU J 166 78.80 -24.96 -12.05
N MET J 167 79.21 -24.53 -10.86
CA MET J 167 79.79 -23.21 -10.67
C MET J 167 81.18 -23.32 -10.07
N ASP J 168 82.11 -22.53 -10.59
CA ASP J 168 83.46 -22.41 -10.04
C ASP J 168 83.53 -21.17 -9.16
N LEU J 169 84.06 -21.34 -7.95
CA LEU J 169 84.15 -20.27 -6.97
C LEU J 169 85.53 -19.63 -6.88
N GLU J 170 86.46 -20.02 -7.75
CA GLU J 170 87.82 -19.51 -7.69
C GLU J 170 87.97 -18.28 -8.58
N GLY J 171 88.52 -17.21 -8.01
CA GLY J 171 88.72 -15.96 -8.72
C GLY J 171 90.19 -15.73 -9.03
N LYS J 172 90.45 -15.20 -10.22
CA LYS J 172 91.81 -14.94 -10.69
C LYS J 172 91.88 -13.52 -11.24
N GLN J 173 93.08 -13.14 -11.72
CA GLN J 173 93.31 -11.83 -12.30
C GLN J 173 93.71 -11.92 -13.77
N GLY J 174 93.48 -13.07 -14.41
CA GLY J 174 93.89 -13.28 -15.77
C GLY J 174 92.92 -12.69 -16.78
N ASN J 175 93.25 -12.88 -18.06
CA ASN J 175 92.42 -12.38 -19.14
C ASN J 175 91.14 -13.20 -19.26
N PHE J 176 90.13 -12.59 -19.87
CA PHE J 176 88.83 -13.23 -20.03
C PHE J 176 88.86 -14.27 -21.13
N LYS J 177 88.08 -15.34 -20.93
CA LYS J 177 87.99 -16.42 -21.90
C LYS J 177 86.57 -16.77 -22.34
N ASN J 178 85.54 -16.26 -21.66
CA ASN J 178 84.16 -16.54 -22.03
C ASN J 178 83.36 -15.25 -21.98
N LEU J 179 82.30 -15.20 -22.78
CA LEU J 179 81.40 -14.06 -22.83
C LEU J 179 79.97 -14.55 -22.69
N ARG J 180 79.22 -13.93 -21.77
CA ARG J 180 77.84 -14.33 -21.50
C ARG J 180 76.94 -13.10 -21.64
N GLU J 181 75.82 -13.28 -22.34
CA GLU J 181 74.85 -12.21 -22.56
C GLU J 181 73.50 -12.64 -22.00
N PHE J 182 72.77 -11.66 -21.46
CA PHE J 182 71.44 -11.91 -20.90
C PHE J 182 70.51 -10.78 -21.30
N VAL J 183 69.27 -11.14 -21.65
CA VAL J 183 68.24 -10.18 -22.03
C VAL J 183 67.01 -10.46 -21.17
N PHE J 184 66.52 -9.43 -20.47
CA PHE J 184 65.35 -9.54 -19.63
C PHE J 184 64.26 -8.63 -20.19
N LYS J 185 63.07 -9.18 -20.38
CA LYS J 185 61.96 -8.47 -21.02
C LYS J 185 60.68 -8.77 -20.27
N ASN J 186 59.76 -7.79 -20.25
CA ASN J 186 58.49 -7.92 -19.55
C ASN J 186 57.39 -7.27 -20.38
N ILE J 187 56.63 -8.07 -21.11
CA ILE J 187 55.42 -7.64 -21.79
C ILE J 187 54.27 -8.52 -21.33
N ASP J 188 53.14 -7.89 -20.98
CA ASP J 188 51.92 -8.56 -20.51
C ASP J 188 52.24 -9.46 -19.31
N GLY J 189 53.13 -8.99 -18.44
CA GLY J 189 53.45 -9.74 -17.24
C GLY J 189 54.30 -10.97 -17.44
N TYR J 190 54.98 -11.11 -18.58
CA TYR J 190 55.75 -12.30 -18.90
C TYR J 190 57.23 -11.99 -18.79
N PHE J 191 57.96 -12.81 -18.04
CA PHE J 191 59.40 -12.69 -17.94
C PHE J 191 60.07 -13.56 -19.00
N LYS J 192 60.90 -12.94 -19.83
CA LYS J 192 61.59 -13.61 -20.92
C LYS J 192 63.10 -13.47 -20.70
N ILE J 193 63.81 -14.59 -20.76
CA ILE J 193 65.26 -14.63 -20.58
C ILE J 193 65.89 -15.23 -21.82
N TYR J 194 66.80 -14.48 -22.44
CA TYR J 194 67.54 -14.93 -23.61
C TYR J 194 69.02 -14.93 -23.26
N SER J 195 69.70 -16.06 -23.48
CA SER J 195 71.10 -16.16 -23.12
C SER J 195 71.80 -17.14 -24.06
N LYS J 196 73.10 -16.94 -24.21
CA LYS J 196 73.95 -17.81 -25.02
C LYS J 196 75.40 -17.62 -24.60
N HIS J 197 76.09 -18.73 -24.36
CA HIS J 197 77.49 -18.68 -23.96
C HIS J 197 78.37 -18.72 -25.21
N THR J 198 79.16 -17.66 -25.41
CA THR J 198 80.03 -17.54 -26.58
C THR J 198 81.46 -17.34 -26.13
N PRO J 199 82.34 -18.32 -26.31
CA PRO J 199 83.75 -18.13 -25.94
C PRO J 199 84.43 -17.11 -26.84
N ILE J 200 85.39 -16.39 -26.26
CA ILE J 200 86.15 -15.38 -26.97
C ILE J 200 87.45 -15.14 -26.22
N ASN J 201 88.45 -14.60 -26.91
CA ASN J 201 89.73 -14.25 -26.31
C ASN J 201 89.90 -12.74 -26.45
N LEU J 202 89.34 -12.00 -25.48
CA LEU J 202 89.41 -10.55 -25.49
C LEU J 202 89.11 -10.04 -24.09
N VAL J 203 89.58 -8.83 -23.81
CA VAL J 203 89.36 -8.19 -22.53
C VAL J 203 88.48 -6.95 -22.65
N ARG J 204 88.60 -6.21 -23.76
CA ARG J 204 87.89 -4.95 -23.93
C ARG J 204 87.57 -4.77 -25.40
N ASP J 205 86.60 -3.89 -25.67
CA ASP J 205 86.15 -3.55 -27.02
C ASP J 205 85.66 -4.79 -27.77
N LEU J 206 84.53 -5.32 -27.27
CA LEU J 206 83.83 -6.51 -27.74
C LEU J 206 83.78 -6.60 -29.26
N PRO J 207 84.01 -7.78 -29.84
CA PRO J 207 84.17 -7.88 -31.29
C PRO J 207 82.85 -7.66 -32.02
N GLN J 208 82.98 -7.46 -33.33
CA GLN J 208 81.85 -7.21 -34.22
C GLN J 208 81.15 -8.50 -34.68
N GLY J 209 81.40 -9.61 -34.01
CA GLY J 209 80.77 -10.87 -34.39
C GLY J 209 79.29 -10.88 -34.09
N PHE J 210 78.59 -11.80 -34.75
CA PHE J 210 77.15 -11.94 -34.63
C PHE J 210 76.82 -13.26 -33.95
N SER J 211 75.91 -13.21 -32.98
CA SER J 211 75.49 -14.42 -32.26
C SER J 211 74.08 -14.18 -31.73
N ALA J 212 73.10 -14.86 -32.34
CA ALA J 212 71.73 -14.74 -31.89
C ALA J 212 71.54 -15.43 -30.53
N LEU J 213 70.69 -14.85 -29.69
CA LEU J 213 70.44 -15.37 -28.36
C LEU J 213 69.17 -16.21 -28.37
N GLU J 214 69.31 -17.48 -28.01
CA GLU J 214 68.16 -18.38 -27.96
C GLU J 214 67.37 -18.17 -26.67
N PRO J 215 66.06 -18.39 -26.71
CA PRO J 215 65.27 -18.31 -25.48
C PRO J 215 65.66 -19.39 -24.48
N LEU J 216 65.57 -19.05 -23.21
CA LEU J 216 65.93 -19.96 -22.13
C LEU J 216 64.73 -20.42 -21.31
N VAL J 217 63.89 -19.48 -20.86
CA VAL J 217 62.75 -19.82 -20.01
C VAL J 217 61.71 -18.70 -20.14
N ASP J 218 60.46 -19.03 -19.88
CA ASP J 218 59.33 -18.12 -20.07
C ASP J 218 58.45 -18.09 -18.82
N LEU J 219 59.08 -17.83 -17.68
CA LEU J 219 58.40 -17.89 -16.38
C LEU J 219 57.30 -16.84 -16.28
N PRO J 220 56.06 -17.21 -15.97
CA PRO J 220 55.02 -16.20 -15.76
C PRO J 220 55.00 -15.68 -14.33
N ILE J 221 55.11 -14.35 -14.17
CA ILE J 221 55.10 -13.71 -12.87
C ILE J 221 53.99 -12.67 -12.76
N GLY J 222 53.88 -11.80 -13.76
CA GLY J 222 52.81 -10.81 -13.81
C GLY J 222 52.86 -9.71 -12.76
N ILE J 223 54.04 -9.15 -12.52
CA ILE J 223 54.17 -8.02 -11.59
C ILE J 223 54.86 -6.86 -12.31
N ASN J 224 55.08 -5.79 -11.55
CA ASN J 224 55.76 -4.60 -12.12
C ASN J 224 57.24 -4.63 -11.76
N ILE J 225 58.10 -4.31 -12.71
CA ILE J 225 59.54 -4.23 -12.50
C ILE J 225 60.01 -2.87 -13.00
N THR J 226 60.62 -2.08 -12.11
CA THR J 226 61.17 -0.79 -12.50
C THR J 226 62.58 -0.53 -11.95
N ARG J 227 63.11 -1.39 -11.08
CA ARG J 227 64.45 -1.23 -10.54
C ARG J 227 65.12 -2.59 -10.46
N PHE J 228 66.45 -2.60 -10.58
CA PHE J 228 67.20 -3.85 -10.47
C PHE J 228 68.59 -3.55 -9.92
N GLN J 229 69.21 -4.59 -9.36
CA GLN J 229 70.51 -4.48 -8.72
C GLN J 229 71.33 -5.71 -9.04
N THR J 230 72.65 -5.56 -9.03
CA THR J 230 73.58 -6.61 -9.41
C THR J 230 74.31 -7.15 -8.18
N LEU J 231 74.43 -8.48 -8.11
CA LEU J 231 75.07 -9.16 -6.99
C LEU J 231 76.50 -9.53 -7.37
N LEU J 232 77.45 -9.19 -6.50
CA LEU J 232 78.85 -9.50 -6.70
C LEU J 232 79.39 -10.25 -5.50
N ALA J 233 80.45 -11.03 -5.72
CA ALA J 233 81.06 -11.86 -4.71
C ALA J 233 82.50 -11.43 -4.47
N LEU J 234 82.88 -11.30 -3.20
CA LEU J 234 84.24 -10.94 -2.81
C LEU J 234 84.91 -12.13 -2.12
N HIS J 235 86.22 -11.99 -1.93
CA HIS J 235 87.03 -13.03 -1.32
C HIS J 235 87.68 -12.52 -0.04
N ARG J 236 87.84 -13.43 0.93
CA ARG J 236 88.47 -13.12 2.21
C ARG J 236 89.58 -14.15 2.45
N SER J 237 90.79 -13.82 1.99
CA SER J 237 91.94 -14.69 2.14
C SER J 237 92.66 -14.36 3.44
N TYR J 238 93.86 -14.93 3.62
CA TYR J 238 94.65 -14.67 4.82
C TYR J 238 95.31 -13.29 4.81
N LEU J 239 95.43 -12.67 3.63
CA LEU J 239 96.05 -11.35 3.56
C LEU J 239 95.15 -10.28 4.19
N THR J 240 93.86 -10.31 3.86
CA THR J 240 92.93 -9.36 4.46
C THR J 240 92.62 -9.76 5.90
N PRO J 241 92.35 -8.79 6.78
CA PRO J 241 91.96 -9.13 8.16
C PRO J 241 90.65 -9.88 8.25
N GLY J 242 89.79 -9.79 7.25
CA GLY J 242 88.52 -10.49 7.25
C GLY J 242 87.31 -9.65 7.60
N ASP J 243 87.49 -8.34 7.80
CA ASP J 243 86.39 -7.44 8.11
C ASP J 243 85.98 -6.66 6.87
N SER J 244 84.68 -6.55 6.66
CA SER J 244 84.14 -5.86 5.49
C SER J 244 83.99 -4.36 5.73
N SER J 245 85.07 -3.72 6.18
CA SER J 245 85.07 -2.28 6.41
C SER J 245 86.03 -1.55 5.47
N SER J 246 87.31 -1.94 5.45
CA SER J 246 88.28 -1.28 4.58
C SER J 246 89.21 -2.24 3.85
N GLY J 247 89.29 -3.51 4.24
CA GLY J 247 90.19 -4.44 3.58
C GLY J 247 89.49 -5.64 3.00
N TRP J 248 89.47 -5.75 1.67
CA TRP J 248 88.83 -6.85 0.99
C TRP J 248 89.40 -6.96 -0.42
N THR J 249 89.14 -8.09 -1.05
CA THR J 249 89.50 -8.31 -2.45
C THR J 249 88.33 -8.95 -3.18
N ALA J 250 88.28 -8.70 -4.49
CA ALA J 250 87.17 -9.21 -5.30
C ALA J 250 87.63 -9.82 -6.62
N GLY J 251 88.93 -10.02 -6.83
CA GLY J 251 89.40 -10.57 -8.08
C GLY J 251 89.26 -9.58 -9.23
N ALA J 252 89.09 -10.12 -10.43
CA ALA J 252 88.93 -9.33 -11.64
C ALA J 252 87.63 -9.73 -12.32
N ALA J 253 86.77 -8.75 -12.57
CA ALA J 253 85.49 -9.00 -13.21
C ALA J 253 85.00 -7.73 -13.89
N ALA J 254 84.07 -7.89 -14.82
CA ALA J 254 83.50 -6.77 -15.55
C ALA J 254 82.14 -7.19 -16.09
N TYR J 255 81.19 -6.25 -16.09
CA TYR J 255 79.86 -6.50 -16.62
C TYR J 255 79.34 -5.25 -17.32
N TYR J 256 78.47 -5.46 -18.31
CA TYR J 256 77.90 -4.39 -19.11
C TYR J 256 76.39 -4.42 -18.98
N VAL J 257 75.79 -3.23 -18.87
CA VAL J 257 74.35 -3.09 -18.72
C VAL J 257 73.84 -2.18 -19.83
N GLY J 258 72.85 -2.66 -20.58
CA GLY J 258 72.26 -1.89 -21.66
C GLY J 258 70.75 -1.85 -21.55
N TYR J 259 70.17 -0.90 -22.27
CA TYR J 259 68.73 -0.69 -22.28
C TYR J 259 68.18 -0.88 -23.69
N LEU J 260 67.05 -1.57 -23.79
CA LEU J 260 66.40 -1.85 -25.07
C LEU J 260 65.34 -0.82 -25.39
N GLN J 261 65.18 -0.54 -26.68
CA GLN J 261 64.16 0.35 -27.19
C GLN J 261 63.51 -0.31 -28.39
N PRO J 262 62.22 -0.03 -28.66
CA PRO J 262 61.55 -0.70 -29.77
C PRO J 262 62.06 -0.22 -31.12
N ARG J 263 62.47 -1.16 -31.96
CA ARG J 263 62.94 -0.88 -33.30
C ARG J 263 62.48 -1.99 -34.23
N THR J 264 62.33 -1.65 -35.51
CA THR J 264 61.98 -2.62 -36.53
C THR J 264 63.25 -3.20 -37.11
N PHE J 265 63.36 -4.53 -37.14
CA PHE J 265 64.55 -5.21 -37.61
C PHE J 265 64.21 -6.21 -38.69
N LEU J 266 65.01 -6.22 -39.76
CA LEU J 266 64.89 -7.17 -40.85
C LEU J 266 65.97 -8.24 -40.68
N LEU J 267 65.55 -9.49 -40.53
CA LEU J 267 66.43 -10.56 -40.07
C LEU J 267 66.71 -11.52 -41.24
N LYS J 268 67.93 -12.05 -41.26
CA LYS J 268 68.33 -13.03 -42.27
C LYS J 268 68.29 -14.43 -41.66
N TYR J 269 67.71 -15.38 -42.40
CA TYR J 269 67.66 -16.78 -41.98
C TYR J 269 68.34 -17.64 -43.04
N ASN J 270 69.03 -18.67 -42.59
CA ASN J 270 69.74 -19.58 -43.48
C ASN J 270 68.94 -20.88 -43.64
N GLU J 271 69.55 -21.87 -44.29
CA GLU J 271 68.91 -23.17 -44.44
C GLU J 271 68.78 -23.92 -43.13
N ASN J 272 69.59 -23.57 -42.13
CA ASN J 272 69.53 -24.19 -40.81
C ASN J 272 68.44 -23.58 -39.94
N GLY J 273 67.83 -22.48 -40.37
CA GLY J 273 66.91 -21.73 -39.54
C GLY J 273 67.60 -21.00 -38.39
N THR J 274 68.75 -20.40 -38.68
CA THR J 274 69.50 -19.63 -37.69
C THR J 274 69.76 -18.22 -38.22
N ILE J 275 69.81 -17.27 -37.30
CA ILE J 275 69.96 -15.86 -37.64
C ILE J 275 71.41 -15.57 -38.00
N THR J 276 71.62 -14.82 -39.08
CA THR J 276 72.95 -14.45 -39.55
C THR J 276 73.21 -12.95 -39.48
N ASP J 277 72.29 -12.13 -39.99
CA ASP J 277 72.49 -10.68 -40.07
C ASP J 277 71.17 -9.98 -39.82
N ALA J 278 71.26 -8.69 -39.49
CA ALA J 278 70.09 -7.89 -39.16
C ALA J 278 70.17 -6.53 -39.83
N VAL J 279 69.01 -5.99 -40.18
CA VAL J 279 68.87 -4.68 -40.81
C VAL J 279 67.90 -3.91 -39.92
N ASP J 280 67.69 -2.62 -40.17
CA ASP J 280 66.78 -1.79 -39.38
C ASP J 280 65.84 -1.05 -40.34
N CYS J 281 65.03 -0.16 -39.78
CA CYS J 281 64.33 0.86 -40.57
C CYS J 281 64.37 2.22 -39.89
N ALA J 282 65.22 2.40 -38.88
CA ALA J 282 65.45 3.71 -38.27
C ALA J 282 66.91 4.01 -38.01
N LEU J 283 67.81 3.01 -38.12
CA LEU J 283 69.23 3.26 -37.92
C LEU J 283 69.81 4.11 -39.04
N ASP J 284 69.37 3.87 -40.28
CA ASP J 284 69.95 4.55 -41.43
C ASP J 284 68.92 4.57 -42.55
N PRO J 285 68.94 5.58 -43.43
CA PRO J 285 68.07 5.54 -44.62
C PRO J 285 68.31 4.32 -45.51
N LEU J 286 69.56 3.83 -45.57
CA LEU J 286 69.83 2.60 -46.30
C LEU J 286 69.07 1.42 -45.69
N SER J 287 68.98 1.39 -44.36
CA SER J 287 68.23 0.33 -43.69
C SER J 287 66.74 0.42 -44.05
N GLU J 288 66.20 1.64 -44.11
CA GLU J 288 64.81 1.81 -44.51
C GLU J 288 64.56 1.31 -45.94
N THR J 289 65.51 1.57 -46.84
CA THR J 289 65.39 1.09 -48.21
C THR J 289 65.41 -0.44 -48.26
N LYS J 290 66.24 -1.06 -47.43
CA LYS J 290 66.35 -2.52 -47.43
C LYS J 290 65.08 -3.19 -46.92
N CYS J 291 64.52 -2.68 -45.81
CA CYS J 291 63.39 -3.35 -45.18
C CYS J 291 62.05 -3.06 -45.88
N THR J 292 61.92 -1.91 -46.53
CA THR J 292 60.70 -1.67 -47.31
C THR J 292 60.64 -2.53 -48.56
N LEU J 293 61.79 -2.85 -49.15
CA LEU J 293 61.85 -3.75 -50.30
C LEU J 293 61.79 -5.22 -49.92
N LYS J 294 61.84 -5.53 -48.62
CA LYS J 294 61.83 -6.90 -48.10
C LYS J 294 62.95 -7.75 -48.71
N SER J 295 64.14 -7.14 -48.84
CA SER J 295 65.29 -7.84 -49.38
C SER J 295 66.56 -7.25 -48.79
N PHE J 296 67.60 -8.07 -48.72
CA PHE J 296 68.90 -7.65 -48.23
C PHE J 296 69.76 -6.99 -49.30
N THR J 297 69.36 -7.07 -50.57
CA THR J 297 70.14 -6.54 -51.67
C THR J 297 69.36 -5.41 -52.35
N VAL J 298 70.00 -4.24 -52.45
CA VAL J 298 69.39 -3.07 -53.07
C VAL J 298 70.21 -2.69 -54.29
N GLU J 299 69.55 -2.60 -55.43
CA GLU J 299 70.20 -2.21 -56.68
C GLU J 299 70.15 -0.70 -56.86
N LYS J 300 70.64 -0.23 -58.00
CA LYS J 300 70.63 1.20 -58.31
C LYS J 300 69.29 1.60 -58.90
N GLY J 301 68.75 2.72 -58.43
CA GLY J 301 67.49 3.23 -58.93
C GLY J 301 66.84 4.13 -57.90
N ILE J 302 65.62 4.56 -58.23
CA ILE J 302 64.83 5.43 -57.37
C ILE J 302 63.95 4.59 -56.47
N TYR J 303 63.99 4.86 -55.17
CA TYR J 303 63.19 4.13 -54.20
C TYR J 303 62.49 5.13 -53.29
N GLN J 304 61.23 4.83 -52.96
CA GLN J 304 60.42 5.66 -52.07
C GLN J 304 60.16 4.88 -50.79
N THR J 305 60.55 5.47 -49.65
CA THR J 305 60.46 4.79 -48.36
C THR J 305 59.25 5.25 -47.55
N SER J 306 59.14 6.55 -47.28
CA SER J 306 58.08 7.08 -46.43
C SER J 306 57.73 8.48 -46.89
N ASN J 307 57.02 9.22 -46.04
CA ASN J 307 56.57 10.57 -46.34
C ASN J 307 57.07 11.55 -45.29
N PHE J 308 56.99 12.83 -45.63
CA PHE J 308 57.43 13.91 -44.75
C PHE J 308 56.34 14.98 -44.70
N ARG J 309 55.95 15.37 -43.49
CA ARG J 309 54.88 16.34 -43.30
C ARG J 309 55.23 17.27 -42.14
N VAL J 310 55.00 18.57 -42.33
CA VAL J 310 55.27 19.56 -41.30
C VAL J 310 54.05 19.71 -40.40
N GLN J 311 54.28 19.73 -39.07
CA GLN J 311 53.20 19.88 -38.10
C GLN J 311 53.03 21.34 -37.70
N PRO J 312 51.81 21.76 -37.37
CA PRO J 312 51.61 23.12 -36.88
C PRO J 312 52.22 23.32 -35.51
N THR J 313 52.65 24.55 -35.25
CA THR J 313 53.33 24.90 -33.99
C THR J 313 52.40 25.59 -33.00
N GLU J 314 51.80 26.72 -33.41
CA GLU J 314 50.94 27.50 -32.53
C GLU J 314 49.49 27.40 -32.99
N SER J 315 48.61 28.10 -32.26
CA SER J 315 47.19 28.14 -32.60
C SER J 315 46.69 29.54 -32.21
N ILE J 316 46.65 30.44 -33.19
CA ILE J 316 46.27 31.83 -32.97
C ILE J 316 44.76 31.97 -33.16
N VAL J 317 44.15 32.84 -32.36
CA VAL J 317 42.71 33.07 -32.38
C VAL J 317 42.48 34.57 -32.58
N ARG J 318 41.70 34.93 -33.60
CA ARG J 318 41.37 36.33 -33.89
C ARG J 318 39.87 36.42 -34.18
N PHE J 319 39.09 36.65 -33.13
CA PHE J 319 37.67 36.92 -33.27
C PHE J 319 37.46 38.34 -33.82
N PRO J 320 36.24 38.64 -34.34
CA PRO J 320 35.97 40.00 -34.84
C PRO J 320 36.12 41.10 -33.79
N ASN J 321 36.22 42.34 -34.26
CA ASN J 321 36.47 43.46 -33.36
C ASN J 321 35.33 43.82 -32.43
N ILE J 322 35.63 44.60 -31.40
CA ILE J 322 34.60 45.05 -30.48
C ILE J 322 33.90 46.22 -31.14
N THR J 323 33.05 45.95 -32.12
CA THR J 323 32.39 47.02 -32.85
C THR J 323 31.75 48.04 -31.92
N ASN J 324 31.15 47.56 -30.85
CA ASN J 324 30.49 48.46 -29.90
C ASN J 324 30.87 48.12 -28.47
N LEU J 325 30.40 48.93 -27.53
CA LEU J 325 30.67 48.65 -26.13
C LEU J 325 29.37 48.54 -25.36
N CYS J 326 28.25 48.85 -26.03
CA CYS J 326 26.93 48.77 -25.40
C CYS J 326 26.72 49.91 -24.40
N PRO J 327 25.46 50.32 -24.21
CA PRO J 327 25.19 51.45 -23.31
C PRO J 327 25.25 51.04 -21.84
N PHE J 328 26.42 51.16 -21.24
CA PHE J 328 26.56 50.82 -19.83
C PHE J 328 26.56 52.09 -19.00
N GLY J 329 27.39 53.06 -19.36
CA GLY J 329 27.36 54.33 -18.67
C GLY J 329 25.97 54.92 -18.58
N GLU J 330 25.18 54.77 -19.65
CA GLU J 330 23.84 55.35 -19.67
C GLU J 330 22.90 54.61 -18.72
N VAL J 331 23.11 53.32 -18.52
CA VAL J 331 22.17 52.50 -17.75
C VAL J 331 22.65 52.42 -16.30
N PHE J 332 23.83 52.98 -16.02
CA PHE J 332 24.34 52.96 -14.65
C PHE J 332 24.51 54.38 -14.11
N ASN J 333 25.02 55.30 -14.92
CA ASN J 333 25.18 56.69 -14.51
C ASN J 333 23.96 57.51 -14.93
N ALA J 334 22.81 57.14 -14.35
CA ALA J 334 21.54 57.79 -14.67
C ALA J 334 21.16 58.74 -13.53
N THR J 335 20.87 59.99 -13.89
CA THR J 335 20.51 60.98 -12.88
C THR J 335 19.17 60.66 -12.23
N ARG J 336 18.20 60.19 -13.02
CA ARG J 336 16.86 59.90 -12.53
C ARG J 336 16.59 58.40 -12.60
N PHE J 337 15.98 57.87 -11.55
CA PHE J 337 15.60 56.46 -11.47
C PHE J 337 14.11 56.36 -11.21
N ALA J 338 13.46 55.43 -11.88
CA ALA J 338 12.02 55.25 -11.75
C ALA J 338 11.68 54.47 -10.48
N SER J 339 10.38 54.43 -10.17
CA SER J 339 9.89 53.75 -9.00
C SER J 339 9.91 52.24 -9.19
N VAL J 340 9.70 51.51 -8.09
CA VAL J 340 9.73 50.05 -8.14
C VAL J 340 8.51 49.51 -8.89
N TYR J 341 7.36 50.14 -8.73
CA TYR J 341 6.15 49.70 -9.42
C TYR J 341 6.10 50.14 -10.88
N ALA J 342 7.01 51.02 -11.29
CA ALA J 342 7.12 51.48 -12.67
C ALA J 342 8.55 51.39 -13.15
N TRP J 343 9.16 50.22 -12.93
CA TRP J 343 10.56 50.02 -13.27
C TRP J 343 10.79 50.10 -14.78
N ASN J 344 11.90 50.72 -15.17
CA ASN J 344 12.21 50.90 -16.58
C ASN J 344 12.62 49.57 -17.21
N ARG J 345 12.41 49.48 -18.52
CA ARG J 345 12.81 48.31 -19.30
C ARG J 345 13.56 48.81 -20.53
N LYS J 346 14.86 48.53 -20.57
CA LYS J 346 15.72 48.95 -21.67
C LYS J 346 16.35 47.71 -22.28
N ARG J 347 16.24 47.60 -23.60
CA ARG J 347 16.82 46.50 -24.36
C ARG J 347 18.15 46.92 -24.98
N ILE J 348 19.18 46.10 -24.77
CA ILE J 348 20.51 46.35 -25.28
C ILE J 348 20.82 45.26 -26.29
N SER J 349 21.11 45.65 -27.53
CA SER J 349 21.29 44.68 -28.60
C SER J 349 22.16 45.28 -29.69
N ASN J 350 22.69 44.40 -30.54
CA ASN J 350 23.54 44.75 -31.68
C ASN J 350 24.74 45.59 -31.25
N CYS J 351 25.42 45.13 -30.21
CA CYS J 351 26.57 45.82 -29.66
C CYS J 351 27.47 44.79 -29.00
N VAL J 352 28.75 45.12 -28.90
CA VAL J 352 29.74 44.24 -28.30
C VAL J 352 29.80 44.53 -26.80
N ALA J 353 29.51 43.50 -26.00
CA ALA J 353 29.42 43.69 -24.56
C ALA J 353 30.80 43.95 -23.95
N ASP J 354 30.80 44.67 -22.83
CA ASP J 354 32.02 44.98 -22.08
C ASP J 354 31.67 44.91 -20.59
N TYR J 355 31.84 43.73 -20.01
CA TYR J 355 31.64 43.55 -18.57
C TYR J 355 32.91 43.78 -17.77
N SER J 356 34.01 44.17 -18.42
CA SER J 356 35.26 44.38 -17.70
C SER J 356 35.14 45.48 -16.67
N VAL J 357 34.63 46.65 -17.06
CA VAL J 357 34.41 47.74 -16.12
C VAL J 357 33.33 47.42 -15.10
N LEU J 358 32.48 46.44 -15.39
CA LEU J 358 31.42 46.06 -14.45
C LEU J 358 31.99 45.38 -13.21
N TYR J 359 32.94 44.46 -13.38
CA TYR J 359 33.55 43.79 -12.23
C TYR J 359 34.86 44.41 -11.78
N ASN J 360 35.46 45.29 -12.59
CA ASN J 360 36.66 46.00 -12.13
C ASN J 360 36.30 47.22 -11.28
N SER J 361 35.01 47.49 -11.08
CA SER J 361 34.60 48.46 -10.08
C SER J 361 34.22 47.75 -8.79
N ALA J 362 34.32 48.48 -7.69
CA ALA J 362 34.02 47.94 -6.37
C ALA J 362 33.00 48.78 -5.61
N SER J 363 32.41 49.79 -6.24
CA SER J 363 31.40 50.60 -5.57
C SER J 363 30.09 49.84 -5.36
N PHE J 364 29.85 48.78 -6.12
CA PHE J 364 28.65 48.00 -5.95
C PHE J 364 28.77 47.10 -4.72
N SER J 365 27.61 46.68 -4.21
CA SER J 365 27.54 45.83 -3.02
C SER J 365 27.14 44.40 -3.32
N THR J 366 26.44 44.15 -4.42
CA THR J 366 25.97 42.82 -4.77
C THR J 366 26.41 42.48 -6.19
N PHE J 367 27.08 41.34 -6.34
CA PHE J 367 27.53 40.84 -7.64
C PHE J 367 27.19 39.36 -7.77
N LYS J 368 25.96 39.01 -7.46
CA LYS J 368 25.49 37.64 -7.55
C LYS J 368 24.85 37.40 -8.91
N CYS J 369 25.36 36.39 -9.62
CA CYS J 369 24.88 36.06 -10.97
C CYS J 369 24.23 34.69 -10.93
N TYR J 370 22.90 34.66 -11.00
CA TYR J 370 22.15 33.42 -10.98
C TYR J 370 22.15 32.77 -12.36
N GLY J 371 22.06 31.44 -12.36
CA GLY J 371 21.99 30.70 -13.61
C GLY J 371 23.35 30.50 -14.27
N VAL J 372 23.99 31.60 -14.68
CA VAL J 372 25.26 31.55 -15.38
C VAL J 372 26.35 32.06 -14.44
N SER J 373 27.55 31.48 -14.59
CA SER J 373 28.71 31.87 -13.78
C SER J 373 29.35 33.12 -14.36
N PRO J 374 29.57 34.16 -13.55
CA PRO J 374 30.19 35.39 -14.08
C PRO J 374 31.66 35.25 -14.42
N THR J 375 32.32 34.17 -14.01
CA THR J 375 33.74 34.00 -14.31
C THR J 375 33.99 33.79 -15.80
N LYS J 376 32.98 33.33 -16.53
CA LYS J 376 33.03 33.25 -17.99
C LYS J 376 31.86 34.07 -18.56
N LEU J 377 32.15 35.31 -18.92
CA LEU J 377 31.20 36.19 -19.57
C LEU J 377 31.71 36.77 -20.87
N ASN J 378 33.03 36.84 -21.04
CA ASN J 378 33.60 37.35 -22.29
C ASN J 378 33.61 36.28 -23.38
N ASP J 379 33.43 35.01 -23.02
CA ASP J 379 33.40 33.91 -23.97
C ASP J 379 32.00 33.57 -24.47
N LEU J 380 30.97 34.22 -23.93
CA LEU J 380 29.59 33.85 -24.20
C LEU J 380 28.93 34.88 -25.09
N CYS J 381 28.31 34.40 -26.18
CA CYS J 381 27.55 35.24 -27.09
C CYS J 381 26.07 35.00 -26.87
N PHE J 382 25.34 36.07 -26.60
CA PHE J 382 23.90 36.00 -26.38
C PHE J 382 23.17 36.69 -27.51
N THR J 383 21.85 36.55 -27.51
CA THR J 383 21.01 37.19 -28.51
C THR J 383 20.51 38.55 -28.02
N ASN J 384 19.99 38.61 -26.80
CA ASN J 384 19.35 39.81 -26.28
C ASN J 384 19.89 40.13 -24.89
N VAL J 385 19.99 41.42 -24.59
CA VAL J 385 20.34 41.91 -23.26
C VAL J 385 19.24 42.84 -22.80
N TYR J 386 18.68 42.59 -21.63
CA TYR J 386 17.69 43.45 -21.01
C TYR J 386 18.21 43.92 -19.66
N ALA J 387 17.95 45.20 -19.36
CA ALA J 387 18.45 45.81 -18.13
C ALA J 387 17.34 46.64 -17.51
N ASP J 388 16.88 46.21 -16.34
CA ASP J 388 15.90 46.95 -15.56
C ASP J 388 16.63 47.83 -14.54
N SER J 389 15.90 48.80 -14.00
CA SER J 389 16.48 49.73 -13.04
C SER J 389 15.40 50.22 -12.08
N PHE J 390 15.63 50.02 -10.80
CA PHE J 390 14.73 50.53 -9.77
C PHE J 390 15.52 50.74 -8.49
N VAL J 391 14.98 51.59 -7.61
CA VAL J 391 15.57 51.91 -6.32
C VAL J 391 14.79 51.19 -5.25
N ILE J 392 15.49 50.51 -4.35
CA ILE J 392 14.86 49.80 -3.24
C ILE J 392 15.69 50.04 -1.98
N ARG J 393 15.02 49.99 -0.84
CA ARG J 393 15.69 50.19 0.44
C ARG J 393 16.61 49.02 0.75
N GLY J 394 17.60 49.27 1.61
CA GLY J 394 18.64 48.29 1.91
C GLY J 394 18.15 47.03 2.58
N ASP J 395 16.96 47.07 3.21
CA ASP J 395 16.41 45.86 3.80
C ASP J 395 15.87 44.91 2.73
N GLU J 396 15.19 45.44 1.73
CA GLU J 396 14.56 44.62 0.70
C GLU J 396 15.46 44.48 -0.54
N VAL J 397 16.66 43.96 -0.30
CA VAL J 397 17.59 43.64 -1.37
C VAL J 397 17.69 42.14 -1.61
N ARG J 398 17.63 41.35 -0.53
CA ARG J 398 17.62 39.89 -0.68
C ARG J 398 16.32 39.37 -1.27
N GLN J 399 15.25 40.18 -1.26
CA GLN J 399 13.98 39.78 -1.86
C GLN J 399 14.03 39.81 -3.38
N ILE J 400 15.03 40.46 -3.98
CA ILE J 400 15.17 40.48 -5.43
C ILE J 400 15.47 39.08 -5.97
N ALA J 401 16.23 38.29 -5.21
CA ALA J 401 16.59 36.95 -5.64
C ALA J 401 15.35 36.07 -5.78
N PRO J 402 15.29 35.22 -6.80
CA PRO J 402 14.13 34.32 -6.94
C PRO J 402 14.05 33.31 -5.80
N GLY J 403 12.83 32.93 -5.47
CA GLY J 403 12.59 31.99 -4.40
C GLY J 403 12.11 32.67 -3.13
N GLN J 404 12.69 33.83 -2.82
CA GLN J 404 12.27 34.58 -1.64
C GLN J 404 10.93 35.26 -1.89
N THR J 405 10.23 35.53 -0.80
CA THR J 405 8.91 36.17 -0.85
C THR J 405 8.90 37.40 0.05
N GLY J 406 8.05 38.35 -0.31
CA GLY J 406 7.94 39.58 0.47
C GLY J 406 6.99 40.55 -0.22
N LYS J 407 6.97 41.77 0.31
CA LYS J 407 6.13 42.82 -0.27
C LYS J 407 6.63 43.21 -1.66
N ILE J 408 7.92 43.45 -1.79
CA ILE J 408 8.48 43.80 -3.09
C ILE J 408 8.53 42.60 -4.02
N ALA J 409 8.84 41.42 -3.49
CA ALA J 409 9.08 40.24 -4.31
C ALA J 409 7.80 39.69 -4.95
N ASP J 410 6.62 40.02 -4.40
CA ASP J 410 5.38 39.45 -4.90
C ASP J 410 4.35 40.49 -5.35
N TYR J 411 4.51 41.76 -4.97
CA TYR J 411 3.54 42.78 -5.33
C TYR J 411 4.08 43.86 -6.25
N ASN J 412 5.40 43.98 -6.39
CA ASN J 412 6.00 45.01 -7.23
C ASN J 412 6.92 44.45 -8.31
N TYR J 413 7.72 43.45 -7.98
CA TYR J 413 8.67 42.88 -8.95
C TYR J 413 8.93 41.43 -8.58
N LYS J 414 8.64 40.53 -9.51
CA LYS J 414 8.84 39.10 -9.32
C LYS J 414 9.78 38.56 -10.38
N LEU J 415 10.74 37.74 -9.97
CA LEU J 415 11.68 37.13 -10.90
C LEU J 415 11.38 35.65 -11.08
N PRO J 416 11.58 35.10 -12.28
CA PRO J 416 11.31 33.68 -12.49
C PRO J 416 12.34 32.80 -11.80
N ASP J 417 11.95 31.55 -11.57
CA ASP J 417 12.80 30.59 -10.87
C ASP J 417 13.94 30.06 -11.73
N ASP J 418 13.92 30.34 -13.03
CA ASP J 418 14.98 29.92 -13.94
C ASP J 418 15.76 31.11 -14.48
N PHE J 419 16.06 32.06 -13.58
CA PHE J 419 16.74 33.28 -13.97
C PHE J 419 18.22 33.01 -14.24
N THR J 420 18.68 33.40 -15.42
CA THR J 420 20.06 33.18 -15.85
C THR J 420 20.79 34.50 -16.09
N GLY J 421 20.56 35.48 -15.22
CA GLY J 421 21.19 36.77 -15.37
C GLY J 421 21.98 37.21 -14.16
N CYS J 422 22.16 38.52 -14.00
CA CYS J 422 22.93 39.08 -12.90
C CYS J 422 22.17 40.24 -12.27
N VAL J 423 22.45 40.49 -11.00
CA VAL J 423 21.84 41.58 -10.24
C VAL J 423 22.95 42.46 -9.69
N ILE J 424 22.86 43.76 -9.97
CA ILE J 424 23.85 44.74 -9.53
C ILE J 424 23.18 45.73 -8.59
N ALA J 425 23.75 45.90 -7.40
CA ALA J 425 23.20 46.81 -6.40
C ALA J 425 24.32 47.64 -5.80
N TRP J 426 24.02 48.91 -5.52
CA TRP J 426 24.98 49.80 -4.88
C TRP J 426 24.22 50.84 -4.07
N ASN J 427 24.95 51.52 -3.19
CA ASN J 427 24.38 52.48 -2.25
C ASN J 427 24.64 53.91 -2.74
N SER J 428 23.58 54.73 -2.74
CA SER J 428 23.68 56.15 -3.10
C SER J 428 22.68 56.90 -2.22
N ASN J 429 23.16 57.45 -1.12
CA ASN J 429 22.33 58.14 -0.15
C ASN J 429 22.32 59.65 -0.32
N ASN J 430 23.48 60.25 -0.60
CA ASN J 430 23.54 61.70 -0.75
C ASN J 430 22.89 62.16 -2.05
N LEU J 431 23.02 61.38 -3.12
CA LEU J 431 22.45 61.77 -4.40
C LEU J 431 20.94 61.61 -4.42
N ASP J 432 20.42 60.54 -3.82
CA ASP J 432 19.01 60.22 -3.87
C ASP J 432 18.20 60.88 -2.75
N SER J 433 18.85 61.59 -1.83
CA SER J 433 18.13 62.21 -0.72
C SER J 433 18.83 63.50 -0.33
N LYS J 434 18.06 64.58 -0.18
CA LYS J 434 18.58 65.85 0.28
C LYS J 434 18.47 65.91 1.81
N VAL J 435 18.66 67.12 2.37
CA VAL J 435 18.58 67.28 3.82
C VAL J 435 17.15 67.11 4.32
N GLY J 436 16.16 67.46 3.49
CA GLY J 436 14.76 67.35 3.88
C GLY J 436 14.12 66.00 3.65
N GLY J 437 14.79 65.10 2.94
CA GLY J 437 14.23 63.80 2.65
C GLY J 437 13.51 63.77 1.31
N ASN J 438 13.35 62.55 0.79
CA ASN J 438 12.76 62.34 -0.53
C ASN J 438 11.38 61.69 -0.37
N TYR J 439 10.41 62.17 -1.15
CA TYR J 439 9.04 61.70 -1.03
C TYR J 439 8.35 61.50 -2.38
N ASN J 440 9.12 61.41 -3.47
CA ASN J 440 8.54 61.25 -4.81
C ASN J 440 8.57 59.81 -5.30
N TYR J 441 8.87 58.85 -4.43
CA TYR J 441 9.07 57.46 -4.80
C TYR J 441 7.94 56.62 -4.24
N LEU J 442 7.31 55.82 -5.09
CA LEU J 442 6.06 55.15 -4.77
C LEU J 442 6.23 53.64 -4.82
N TYR J 443 5.37 52.93 -4.09
CA TYR J 443 5.43 51.48 -3.99
C TYR J 443 4.06 50.94 -3.61
N ARG J 444 3.88 49.63 -3.80
CA ARG J 444 2.60 48.96 -3.57
C ARG J 444 2.72 47.99 -2.40
N LEU J 445 1.77 48.07 -1.46
CA LEU J 445 1.66 47.10 -0.37
C LEU J 445 0.52 46.11 -0.53
N PHE J 446 -0.47 46.39 -1.39
CA PHE J 446 -1.62 45.52 -1.54
C PHE J 446 -1.87 45.25 -3.02
N ARG J 447 -2.49 44.10 -3.28
CA ARG J 447 -2.85 43.68 -4.62
C ARG J 447 -3.96 42.65 -4.51
N LYS J 448 -4.66 42.43 -5.62
CA LYS J 448 -5.73 41.44 -5.65
C LYS J 448 -5.17 40.03 -5.45
N SER J 449 -4.05 39.72 -6.10
CA SER J 449 -3.41 38.42 -5.98
C SER J 449 -1.91 38.59 -6.19
N ASN J 450 -1.22 37.49 -6.39
CA ASN J 450 0.22 37.53 -6.65
C ASN J 450 0.48 38.02 -8.07
N LEU J 451 1.72 38.40 -8.32
CA LEU J 451 2.14 38.93 -9.61
C LEU J 451 3.03 37.92 -10.32
N LYS J 452 2.76 37.68 -11.60
CA LYS J 452 3.58 36.79 -12.40
C LYS J 452 4.95 37.43 -12.64
N PRO J 453 5.98 36.62 -12.88
CA PRO J 453 7.31 37.18 -13.16
C PRO J 453 7.33 38.01 -14.43
N PHE J 454 8.17 39.05 -14.41
CA PHE J 454 8.33 39.99 -15.53
C PHE J 454 7.02 40.66 -15.91
N GLU J 455 6.23 41.02 -14.90
CA GLU J 455 4.96 41.72 -15.10
C GLU J 455 4.92 42.96 -14.23
N ARG J 456 4.57 44.10 -14.83
CA ARG J 456 4.44 45.35 -14.11
C ARG J 456 3.03 45.89 -14.27
N ASP J 457 2.57 46.65 -13.28
CA ASP J 457 1.23 47.22 -13.26
C ASP J 457 1.31 48.72 -13.03
N ILE J 458 0.47 49.46 -13.74
CA ILE J 458 0.46 50.92 -13.66
C ILE J 458 -0.81 51.46 -13.00
N SER J 459 -1.85 50.64 -12.86
CA SER J 459 -3.12 51.12 -12.32
C SER J 459 -2.98 51.48 -10.85
N THR J 460 -3.65 52.57 -10.45
CA THR J 460 -3.61 53.04 -9.07
C THR J 460 -5.01 53.06 -8.47
N GLU J 461 -5.77 51.99 -8.68
CA GLU J 461 -7.13 51.90 -8.17
C GLU J 461 -7.13 51.69 -6.65
N ILE J 462 -8.32 51.55 -6.09
CA ILE J 462 -8.48 51.36 -4.65
C ILE J 462 -8.48 49.87 -4.36
N TYR J 463 -7.56 49.44 -3.49
CA TYR J 463 -7.45 48.04 -3.13
C TYR J 463 -8.63 47.63 -2.23
N GLN J 464 -9.21 46.48 -2.52
CA GLN J 464 -10.34 45.96 -1.75
C GLN J 464 -9.85 44.85 -0.83
N ALA J 465 -10.11 45.00 0.47
CA ALA J 465 -9.71 44.03 1.47
C ALA J 465 -10.88 43.26 2.06
N GLY J 466 -11.99 43.92 2.35
CA GLY J 466 -13.18 43.28 2.90
C GLY J 466 -14.15 42.84 1.82
N SER J 467 -15.34 42.48 2.27
CA SER J 467 -16.40 42.06 1.35
C SER J 467 -17.31 43.20 0.93
N THR J 468 -17.58 44.15 1.82
CA THR J 468 -18.44 45.27 1.49
C THR J 468 -17.66 46.30 0.69
N PRO J 469 -18.11 46.65 -0.52
CA PRO J 469 -17.42 47.70 -1.29
C PRO J 469 -17.56 49.07 -0.63
N CYS J 470 -16.55 49.90 -0.82
CA CYS J 470 -16.53 51.24 -0.26
C CYS J 470 -16.89 52.31 -1.29
N ASN J 471 -17.44 51.91 -2.44
CA ASN J 471 -17.98 52.81 -3.46
C ASN J 471 -16.92 53.77 -4.01
N GLY J 472 -15.66 53.31 -4.06
CA GLY J 472 -14.60 54.09 -4.68
C GLY J 472 -14.24 55.39 -3.98
N VAL J 473 -14.35 55.44 -2.65
CA VAL J 473 -13.90 56.59 -1.88
C VAL J 473 -13.08 56.08 -0.70
N GLU J 474 -12.28 56.98 -0.12
CA GLU J 474 -11.43 56.62 1.00
C GLU J 474 -12.27 56.34 2.24
N GLY J 475 -11.98 55.24 2.92
CA GLY J 475 -12.75 54.86 4.09
C GLY J 475 -12.17 53.65 4.76
N PHE J 476 -13.02 52.96 5.53
CA PHE J 476 -12.60 51.75 6.22
C PHE J 476 -12.68 50.54 5.30
N ASN J 477 -11.83 49.56 5.59
CA ASN J 477 -11.72 48.28 4.89
C ASN J 477 -11.30 48.43 3.42
N CYS J 478 -10.92 49.63 3.00
CA CYS J 478 -10.33 49.84 1.68
C CYS J 478 -9.41 51.05 1.77
N TYR J 479 -8.21 50.91 1.21
CA TYR J 479 -7.19 51.96 1.33
C TYR J 479 -6.53 52.14 -0.02
N PHE J 480 -5.52 53.01 -0.06
CA PHE J 480 -4.83 53.33 -1.31
C PHE J 480 -3.53 52.55 -1.36
N PRO J 481 -3.39 51.57 -2.27
CA PRO J 481 -2.23 50.67 -2.21
C PRO J 481 -0.90 51.33 -2.52
N LEU J 482 -0.89 52.52 -3.11
CA LEU J 482 0.36 53.19 -3.48
C LEU J 482 0.74 54.19 -2.39
N GLN J 483 1.89 53.97 -1.76
CA GLN J 483 2.38 54.83 -0.69
C GLN J 483 3.80 55.27 -1.01
N SER J 484 4.30 56.20 -0.20
CA SER J 484 5.62 56.80 -0.42
C SER J 484 6.62 56.32 0.63
N TYR J 485 7.90 56.51 0.31
CA TYR J 485 9.01 56.22 1.21
C TYR J 485 9.37 57.45 2.03
N GLY J 486 9.83 57.21 3.25
CA GLY J 486 10.42 58.25 4.07
C GLY J 486 11.92 58.02 4.20
N PHE J 487 12.68 58.98 3.67
CA PHE J 487 14.14 58.89 3.65
C PHE J 487 14.73 59.98 4.53
N GLN J 488 15.76 59.62 5.28
CA GLN J 488 16.47 60.55 6.15
C GLN J 488 17.96 60.51 5.85
N PRO J 489 18.66 61.63 6.03
CA PRO J 489 20.12 61.60 5.84
C PRO J 489 20.85 60.90 6.97
N THR J 490 20.26 60.83 8.16
CA THR J 490 20.90 60.24 9.33
C THR J 490 20.17 58.99 9.81
N ASN J 491 19.58 58.24 8.89
CA ASN J 491 18.87 57.01 9.25
C ASN J 491 19.85 55.85 9.33
N GLY J 492 19.34 54.63 9.45
CA GLY J 492 20.19 53.46 9.53
C GLY J 492 20.80 53.10 8.19
N VAL J 493 21.79 52.21 8.26
CA VAL J 493 22.46 51.74 7.04
C VAL J 493 21.50 50.92 6.19
N GLY J 494 20.62 50.15 6.82
CA GLY J 494 19.63 49.38 6.08
C GLY J 494 18.46 50.18 5.58
N TYR J 495 18.30 51.42 6.04
CA TYR J 495 17.23 52.29 5.58
C TYR J 495 17.68 53.31 4.55
N GLN J 496 18.95 53.30 4.17
CA GLN J 496 19.43 54.17 3.11
C GLN J 496 18.97 53.62 1.76
N PRO J 497 18.69 54.50 0.79
CA PRO J 497 18.27 54.03 -0.53
C PRO J 497 19.40 53.30 -1.26
N TYR J 498 19.02 52.27 -2.01
CA TYR J 498 19.94 51.49 -2.82
C TYR J 498 19.41 51.40 -4.24
N ARG J 499 20.30 51.51 -5.22
CA ARG J 499 19.93 51.40 -6.62
C ARG J 499 20.24 49.99 -7.11
N VAL J 500 19.23 49.31 -7.65
CA VAL J 500 19.35 47.92 -8.08
C VAL J 500 19.10 47.86 -9.58
N VAL J 501 20.06 47.31 -10.32
CA VAL J 501 19.94 47.11 -11.76
C VAL J 501 20.08 45.62 -12.03
N VAL J 502 19.10 45.06 -12.74
CA VAL J 502 19.02 43.62 -13.01
C VAL J 502 19.27 43.40 -14.49
N LEU J 503 20.22 42.52 -14.80
CA LEU J 503 20.57 42.19 -16.18
C LEU J 503 19.96 40.84 -16.53
N SER J 504 19.32 40.76 -17.70
CA SER J 504 18.67 39.54 -18.16
C SER J 504 19.23 39.17 -19.53
N PHE J 505 19.59 37.89 -19.68
CA PHE J 505 20.15 37.37 -20.92
C PHE J 505 19.26 36.25 -21.43
N GLU J 506 18.85 36.33 -22.69
CA GLU J 506 17.97 35.34 -23.30
C GLU J 506 18.54 34.89 -24.64
N LEU J 507 18.17 33.68 -25.04
CA LEU J 507 18.56 33.11 -26.31
C LEU J 507 17.31 32.83 -27.14
N LEU J 508 17.33 33.26 -28.40
CA LEU J 508 16.22 33.03 -29.33
C LEU J 508 16.77 32.44 -30.62
N HIS J 509 15.88 32.22 -31.58
CA HIS J 509 16.30 31.79 -32.91
C HIS J 509 17.00 32.90 -33.69
N ALA J 510 16.87 34.15 -33.26
CA ALA J 510 17.68 35.21 -33.83
C ALA J 510 19.15 35.02 -33.44
N PRO J 511 20.07 35.23 -34.38
CA PRO J 511 21.48 34.99 -34.08
C PRO J 511 22.03 35.97 -33.05
N ALA J 512 23.25 35.68 -32.60
CA ALA J 512 23.87 36.48 -31.55
C ALA J 512 24.24 37.86 -32.06
N THR J 513 23.68 38.89 -31.42
CA THR J 513 24.04 40.28 -31.70
C THR J 513 24.87 40.91 -30.60
N VAL J 514 24.90 40.31 -29.41
CA VAL J 514 25.70 40.78 -28.30
C VAL J 514 26.68 39.67 -27.91
N CYS J 515 27.95 40.03 -27.74
CA CYS J 515 28.99 39.10 -27.35
C CYS J 515 29.89 39.76 -26.32
N GLY J 516 30.33 38.98 -25.33
CA GLY J 516 31.30 39.45 -24.36
C GLY J 516 32.62 39.75 -25.03
N PRO J 517 33.51 40.48 -24.34
CA PRO J 517 34.77 40.93 -24.95
C PRO J 517 35.61 39.81 -25.55
N LYS J 518 35.71 39.81 -26.89
CA LYS J 518 36.36 38.73 -27.61
C LYS J 518 37.87 38.84 -27.46
N LYS J 519 38.51 37.74 -27.08
CA LYS J 519 39.96 37.71 -27.01
C LYS J 519 40.57 37.64 -28.40
N SER J 520 41.81 38.10 -28.51
CA SER J 520 42.49 38.11 -29.81
C SER J 520 44.00 37.99 -29.55
N THR J 521 44.55 36.82 -29.82
CA THR J 521 45.98 36.61 -29.68
C THR J 521 46.71 37.36 -30.80
N ASN J 522 48.02 37.54 -30.60
CA ASN J 522 48.84 38.26 -31.57
C ASN J 522 48.94 37.48 -32.87
N LEU J 523 48.93 38.22 -33.98
CA LEU J 523 48.97 37.62 -35.31
C LEU J 523 50.41 37.32 -35.70
N VAL J 524 50.69 36.06 -36.02
CA VAL J 524 51.99 35.63 -36.51
C VAL J 524 51.83 35.23 -37.97
N LYS J 525 52.77 35.67 -38.80
CA LYS J 525 52.70 35.46 -40.24
C LYS J 525 53.95 34.73 -40.72
N ASN J 526 53.84 34.18 -41.94
CA ASN J 526 54.92 33.44 -42.60
C ASN J 526 55.36 32.23 -41.80
N LYS J 527 54.45 31.64 -41.01
CA LYS J 527 54.74 30.47 -40.22
C LYS J 527 53.55 29.51 -40.29
N CYS J 528 53.85 28.22 -40.16
CA CYS J 528 52.82 27.17 -40.23
C CYS J 528 52.09 27.14 -38.90
N VAL J 529 51.02 27.93 -38.80
CA VAL J 529 50.24 28.05 -37.58
C VAL J 529 48.79 27.69 -37.89
N ASN J 530 48.00 27.55 -36.82
CA ASN J 530 46.58 27.20 -36.91
C ASN J 530 45.74 28.40 -36.50
N PHE J 531 44.68 28.65 -37.27
CA PHE J 531 43.77 29.77 -37.01
C PHE J 531 42.33 29.32 -37.16
N ASN J 532 41.43 30.01 -36.47
CA ASN J 532 39.99 29.81 -36.62
C ASN J 532 39.31 31.18 -36.70
N PHE J 533 39.05 31.62 -37.92
CA PHE J 533 38.42 32.92 -38.16
C PHE J 533 36.91 32.75 -38.38
N ASN J 534 36.26 32.16 -37.36
CA ASN J 534 34.82 32.05 -37.19
C ASN J 534 34.13 31.13 -38.20
N GLY J 535 34.84 30.59 -39.17
CA GLY J 535 34.18 29.74 -40.15
C GLY J 535 34.94 28.47 -40.54
N LEU J 536 36.18 28.34 -40.09
CA LEU J 536 37.00 27.18 -40.45
C LEU J 536 38.20 27.12 -39.52
N THR J 537 38.65 25.91 -39.24
CA THR J 537 39.87 25.68 -38.46
C THR J 537 40.97 25.29 -39.44
N GLY J 538 41.59 26.29 -40.03
CA GLY J 538 42.61 26.10 -41.05
C GLY J 538 44.01 26.23 -40.49
N THR J 539 44.90 25.38 -40.98
CA THR J 539 46.31 25.38 -40.59
C THR J 539 47.16 25.74 -41.80
N GLY J 540 47.99 26.77 -41.65
CA GLY J 540 48.85 27.17 -42.74
C GLY J 540 49.47 28.53 -42.47
N VAL J 541 50.22 29.00 -43.47
CA VAL J 541 50.88 30.30 -43.38
C VAL J 541 49.90 31.41 -43.75
N LEU J 542 50.25 32.64 -43.37
CA LEU J 542 49.43 33.82 -43.62
C LEU J 542 50.31 34.85 -44.30
N THR J 543 50.38 34.79 -45.63
CA THR J 543 51.19 35.72 -46.39
C THR J 543 50.42 37.01 -46.67
N GLU J 544 51.17 38.04 -47.07
CA GLU J 544 50.59 39.32 -47.42
C GLU J 544 50.23 39.34 -48.90
N SER J 545 48.95 39.53 -49.20
CA SER J 545 48.46 39.51 -50.58
C SER J 545 48.44 40.91 -51.16
N ASN J 546 48.22 40.97 -52.48
CA ASN J 546 48.16 42.23 -53.21
C ASN J 546 46.80 42.49 -53.83
N LYS J 547 45.79 41.69 -53.51
CA LYS J 547 44.46 41.82 -54.06
C LYS J 547 43.52 42.40 -53.01
N LYS J 548 42.78 43.43 -53.40
CA LYS J 548 41.85 44.11 -52.51
C LYS J 548 40.51 43.40 -52.49
N PHE J 549 39.92 43.34 -51.30
CA PHE J 549 38.59 42.77 -51.10
C PHE J 549 37.60 43.90 -50.90
N LEU J 550 36.41 43.74 -51.48
CA LEU J 550 35.36 44.73 -51.34
C LEU J 550 34.94 44.87 -49.88
N PRO J 551 34.52 46.09 -49.43
CA PRO J 551 34.31 46.35 -48.00
C PRO J 551 33.03 45.74 -47.42
N PHE J 552 32.74 44.50 -47.82
CA PHE J 552 31.73 43.70 -47.14
C PHE J 552 32.13 42.24 -47.02
N GLN J 553 33.33 41.85 -47.45
CA GLN J 553 33.68 40.45 -47.64
C GLN J 553 34.62 39.99 -46.53
N GLN J 554 34.33 38.80 -45.99
CA GLN J 554 35.14 38.20 -44.93
C GLN J 554 35.82 36.91 -45.35
N PHE J 555 35.26 36.18 -46.32
CA PHE J 555 35.82 34.93 -46.79
C PHE J 555 36.39 35.11 -48.19
N GLY J 556 36.86 34.00 -48.77
CA GLY J 556 37.40 34.01 -50.12
C GLY J 556 37.80 32.63 -50.59
N ARG J 557 37.47 32.30 -51.84
CA ARG J 557 37.74 30.99 -52.41
C ARG J 557 38.51 31.14 -53.72
N ASP J 558 38.80 30.01 -54.36
CA ASP J 558 39.59 30.00 -55.58
C ASP J 558 38.88 29.21 -56.68
N ILE J 559 39.61 28.91 -57.77
CA ILE J 559 39.05 28.13 -58.86
C ILE J 559 38.69 26.72 -58.38
N ALA J 560 39.56 26.12 -57.58
CA ALA J 560 39.36 24.76 -57.09
C ALA J 560 38.41 24.69 -55.89
N ASP J 561 37.73 25.80 -55.57
CA ASP J 561 36.72 25.86 -54.50
C ASP J 561 37.33 25.48 -53.14
N THR J 562 38.36 26.25 -52.75
CA THR J 562 39.03 26.06 -51.47
C THR J 562 39.22 27.42 -50.82
N THR J 563 38.92 27.50 -49.52
CA THR J 563 39.07 28.74 -48.76
C THR J 563 40.55 29.03 -48.57
N ASP J 564 41.09 29.97 -49.35
CA ASP J 564 42.51 30.29 -49.33
C ASP J 564 42.77 31.78 -49.16
N ALA J 565 41.75 32.56 -48.79
CA ALA J 565 41.91 34.00 -48.60
C ALA J 565 40.85 34.47 -47.62
N VAL J 566 41.28 34.93 -46.44
CA VAL J 566 40.38 35.34 -45.38
C VAL J 566 40.82 36.70 -44.86
N ARG J 567 39.85 37.59 -44.65
CA ARG J 567 40.13 38.93 -44.15
C ARG J 567 40.18 38.93 -42.62
N ASP J 568 41.26 39.48 -42.07
CA ASP J 568 41.33 39.68 -40.63
C ASP J 568 40.44 40.83 -40.23
N PRO J 569 39.58 40.64 -39.21
CA PRO J 569 38.63 41.72 -38.90
C PRO J 569 39.27 42.93 -38.23
N GLN J 570 40.03 42.70 -37.16
CA GLN J 570 40.60 43.82 -36.42
C GLN J 570 41.48 44.72 -37.27
N THR J 571 42.28 44.14 -38.16
CA THR J 571 43.20 44.94 -38.98
C THR J 571 42.72 45.09 -40.42
N LEU J 572 41.64 44.40 -40.77
CA LEU J 572 41.08 44.52 -42.13
C LEU J 572 42.13 44.34 -43.22
N GLU J 573 43.08 43.43 -43.02
CA GLU J 573 44.07 43.16 -44.04
C GLU J 573 43.73 41.85 -44.73
N ILE J 574 44.28 41.62 -45.91
CA ILE J 574 43.91 40.40 -46.64
C ILE J 574 45.08 39.44 -46.57
N LEU J 575 44.83 38.26 -46.01
CA LEU J 575 45.86 37.24 -45.79
C LEU J 575 45.47 35.96 -46.50
N ASP J 576 46.42 35.38 -47.22
CA ASP J 576 46.21 34.15 -47.97
C ASP J 576 46.47 32.94 -47.09
N ILE J 577 45.86 31.81 -47.48
CA ILE J 577 46.01 30.55 -46.77
C ILE J 577 46.70 29.56 -47.71
N THR J 578 47.83 29.00 -47.26
CA THR J 578 48.61 28.05 -48.03
C THR J 578 49.02 26.91 -47.11
N PRO J 579 48.90 25.66 -47.58
CA PRO J 579 49.43 24.54 -46.79
C PRO J 579 50.93 24.67 -46.58
N CYS J 580 51.37 24.25 -45.39
CA CYS J 580 52.75 24.45 -44.96
C CYS J 580 53.75 23.73 -45.87
N SER J 581 53.73 22.39 -45.84
CA SER J 581 54.59 21.55 -46.65
C SER J 581 54.17 20.11 -46.47
N PHE J 582 54.33 19.32 -47.53
CA PHE J 582 54.12 17.88 -47.47
C PHE J 582 54.90 17.22 -48.60
N GLY J 583 55.18 15.94 -48.44
CA GLY J 583 55.89 15.21 -49.47
C GLY J 583 56.41 13.89 -48.96
N GLY J 584 57.34 13.30 -49.73
CA GLY J 584 57.89 12.01 -49.40
C GLY J 584 59.41 12.05 -49.40
N VAL J 585 60.00 10.96 -48.90
CA VAL J 585 61.44 10.81 -48.78
C VAL J 585 61.90 9.81 -49.84
N SER J 586 62.45 10.34 -50.93
CA SER J 586 63.04 9.50 -51.97
C SER J 586 64.55 9.37 -51.73
N VAL J 587 65.09 8.23 -52.16
CA VAL J 587 66.51 7.94 -51.95
C VAL J 587 67.11 7.47 -53.27
N ILE J 588 68.40 7.78 -53.46
CA ILE J 588 69.18 7.28 -54.57
C ILE J 588 70.24 6.31 -54.04
N THR J 589 70.39 5.17 -54.70
CA THR J 589 71.33 4.15 -54.28
C THR J 589 72.35 3.89 -55.38
N PRO J 590 73.65 3.97 -55.08
CA PRO J 590 74.66 3.59 -56.09
C PRO J 590 74.55 2.15 -56.54
N GLY J 591 74.12 1.24 -55.66
CA GLY J 591 73.92 -0.15 -56.00
C GLY J 591 74.54 -1.06 -54.96
N THR J 592 74.57 -2.34 -55.28
CA THR J 592 75.13 -3.37 -54.41
C THR J 592 76.56 -3.68 -54.85
N ASN J 593 77.46 -3.85 -53.88
CA ASN J 593 78.89 -4.06 -54.08
C ASN J 593 79.54 -2.87 -54.78
N THR J 594 78.95 -1.69 -54.67
CA THR J 594 79.49 -0.46 -55.22
C THR J 594 79.73 0.61 -54.17
N SER J 595 78.78 0.80 -53.24
CA SER J 595 78.91 1.82 -52.21
C SER J 595 78.00 1.43 -51.04
N ASN J 596 77.95 2.31 -50.04
CA ASN J 596 77.10 2.11 -48.88
C ASN J 596 76.28 3.32 -48.47
N GLN J 597 76.60 4.51 -48.99
CA GLN J 597 75.91 5.73 -48.60
C GLN J 597 74.80 6.07 -49.59
N VAL J 598 73.74 6.71 -49.08
CA VAL J 598 72.60 7.12 -49.88
C VAL J 598 72.38 8.62 -49.67
N ALA J 599 71.44 9.17 -50.45
CA ALA J 599 71.08 10.58 -50.38
C ALA J 599 69.57 10.71 -50.29
N VAL J 600 69.11 11.74 -49.58
CA VAL J 600 67.70 11.98 -49.39
C VAL J 600 67.20 12.96 -50.45
N LEU J 601 66.14 12.59 -51.16
CA LEU J 601 65.59 13.37 -52.25
C LEU J 601 64.19 13.85 -51.89
N TYR J 602 63.92 15.13 -52.14
CA TYR J 602 62.59 15.71 -51.97
C TYR J 602 62.07 16.18 -53.32
N GLN J 603 60.82 15.81 -53.63
CA GLN J 603 60.26 16.11 -54.93
C GLN J 603 59.86 17.58 -55.07
N ASP J 604 59.25 18.16 -54.02
CA ASP J 604 58.79 19.53 -54.12
C ASP J 604 59.01 20.35 -52.85
N VAL J 605 59.64 19.78 -51.83
CA VAL J 605 59.91 20.52 -50.61
C VAL J 605 61.10 21.44 -50.85
N ASN J 606 60.92 22.72 -50.55
CA ASN J 606 61.97 23.71 -50.73
C ASN J 606 62.73 23.90 -49.42
N CYS J 607 64.06 23.91 -49.51
CA CYS J 607 64.91 24.11 -48.35
C CYS J 607 64.87 25.56 -47.87
N ASN J 631 77.00 18.99 -50.35
CA ASN J 631 76.14 18.76 -49.20
C ASN J 631 74.67 18.95 -49.57
N VAL J 632 74.24 20.21 -49.60
CA VAL J 632 72.86 20.57 -49.91
C VAL J 632 72.83 21.37 -51.21
N PHE J 633 72.04 20.90 -52.17
CA PHE J 633 71.91 21.56 -53.46
C PHE J 633 70.43 21.77 -53.76
N GLN J 634 70.09 22.99 -54.17
CA GLN J 634 68.70 23.33 -54.51
C GLN J 634 68.48 23.05 -55.99
N THR J 635 67.98 21.86 -56.28
CA THR J 635 67.70 21.46 -57.66
C THR J 635 66.31 21.95 -58.08
N ARG J 636 66.04 21.83 -59.38
CA ARG J 636 64.73 22.19 -59.90
C ARG J 636 63.66 21.19 -59.45
N ALA J 637 64.06 19.95 -59.19
CA ALA J 637 63.15 18.90 -58.75
C ALA J 637 63.04 18.81 -57.23
N GLY J 638 63.21 19.92 -56.51
CA GLY J 638 63.03 19.96 -55.08
C GLY J 638 64.36 20.22 -54.36
N CYS J 639 64.55 19.51 -53.25
CA CYS J 639 65.82 19.49 -52.53
C CYS J 639 66.44 18.10 -52.62
N LEU J 640 67.75 18.08 -52.86
CA LEU J 640 68.58 16.90 -52.70
C LEU J 640 69.67 17.22 -51.69
N ILE J 641 69.90 16.32 -50.74
CA ILE J 641 70.95 16.50 -49.74
C ILE J 641 71.85 15.27 -49.74
N GLY J 642 73.12 15.49 -49.42
CA GLY J 642 74.08 14.40 -49.33
C GLY J 642 74.87 14.13 -50.59
N ALA J 643 74.59 14.82 -51.69
CA ALA J 643 75.33 14.65 -52.94
C ALA J 643 75.79 16.01 -53.43
N GLU J 644 77.05 16.08 -53.87
CA GLU J 644 77.65 17.34 -54.28
C GLU J 644 77.34 17.63 -55.75
N HIS J 645 76.89 18.85 -56.02
CA HIS J 645 76.61 19.27 -57.39
C HIS J 645 77.90 19.66 -58.09
N VAL J 646 78.03 19.24 -59.35
CA VAL J 646 79.22 19.53 -60.16
C VAL J 646 78.77 20.12 -61.48
N ASN J 647 79.56 21.06 -62.01
CA ASN J 647 79.17 21.78 -63.21
C ASN J 647 79.36 20.95 -64.48
N ASN J 648 80.35 20.06 -64.50
CA ASN J 648 80.59 19.26 -65.70
C ASN J 648 79.48 18.24 -65.90
N SER J 649 79.31 17.81 -67.14
CA SER J 649 78.20 16.96 -67.54
C SER J 649 78.71 15.65 -68.14
N TYR J 650 78.16 14.54 -67.69
CA TYR J 650 78.43 13.21 -68.22
C TYR J 650 77.11 12.52 -68.56
N GLU J 651 77.21 11.29 -69.04
CA GLU J 651 76.02 10.48 -69.25
C GLU J 651 75.55 9.90 -67.93
N CYS J 652 74.25 10.04 -67.65
CA CYS J 652 73.71 9.61 -66.36
C CYS J 652 73.03 8.26 -66.50
N ASP J 653 72.85 7.59 -65.35
CA ASP J 653 72.20 6.30 -65.27
C ASP J 653 70.98 6.29 -64.36
N ILE J 654 71.04 7.06 -63.28
CA ILE J 654 69.88 7.15 -62.38
C ILE J 654 69.20 8.49 -62.60
N PRO J 655 68.09 8.49 -63.34
CA PRO J 655 67.38 9.74 -63.65
C PRO J 655 66.77 10.38 -62.42
N ILE J 656 67.02 11.66 -62.20
CA ILE J 656 66.42 12.35 -61.08
C ILE J 656 65.41 13.38 -61.59
N GLY J 657 65.24 13.43 -62.91
CA GLY J 657 64.28 14.35 -63.50
C GLY J 657 64.79 15.76 -63.60
N ALA J 658 63.94 16.67 -64.07
CA ALA J 658 64.32 18.07 -64.18
C ALA J 658 65.72 18.25 -64.74
N GLY J 659 66.02 17.62 -65.88
CA GLY J 659 67.31 17.81 -66.49
C GLY J 659 68.52 17.55 -65.62
N ILE J 660 68.36 16.84 -64.51
CA ILE J 660 69.46 16.52 -63.61
C ILE J 660 69.37 15.06 -63.20
N CYS J 661 70.48 14.34 -63.29
CA CYS J 661 70.60 12.96 -62.84
C CYS J 661 71.55 12.89 -61.64
N ALA J 662 71.85 11.66 -61.21
CA ALA J 662 72.83 11.41 -60.17
C ALA J 662 73.66 10.18 -60.54
N SER J 663 74.91 10.17 -60.08
CA SER J 663 75.82 9.07 -60.35
C SER J 663 76.90 9.03 -59.29
N TYR J 664 77.59 7.89 -59.21
CA TYR J 664 78.70 7.70 -58.28
C TYR J 664 80.00 7.88 -59.06
N GLN J 665 80.65 9.02 -58.87
CA GLN J 665 81.85 9.37 -59.62
C GLN J 665 82.88 9.96 -58.67
N THR J 666 84.15 9.71 -58.97
CA THR J 666 85.26 10.19 -58.14
C THR J 666 85.31 11.71 -58.05
N SER J 679 88.19 10.59 -52.04
CA SER J 679 87.81 9.33 -52.68
C SER J 679 86.70 9.55 -53.70
N GLN J 680 85.74 8.63 -53.72
CA GLN J 680 84.60 8.69 -54.62
C GLN J 680 83.32 8.88 -53.82
N SER J 681 82.47 9.79 -54.28
CA SER J 681 81.21 10.09 -53.61
C SER J 681 80.11 10.24 -54.66
N ILE J 682 78.87 10.34 -54.17
CA ILE J 682 77.72 10.51 -55.05
C ILE J 682 77.62 11.96 -55.47
N ILE J 683 77.42 12.19 -56.77
CA ILE J 683 77.35 13.53 -57.33
C ILE J 683 76.07 13.67 -58.14
N ALA J 684 75.66 14.92 -58.35
CA ALA J 684 74.49 15.25 -59.15
C ALA J 684 74.89 16.25 -60.23
N TYR J 685 74.39 16.04 -61.45
CA TYR J 685 74.80 16.87 -62.57
C TYR J 685 73.72 16.83 -63.64
N THR J 686 73.74 17.83 -64.52
CA THR J 686 72.93 17.81 -65.73
C THR J 686 73.47 16.74 -66.67
N MET J 687 72.57 15.92 -67.22
CA MET J 687 73.00 14.85 -68.10
C MET J 687 73.47 15.41 -69.44
N SER J 688 74.32 14.64 -70.11
CA SER J 688 74.76 14.93 -71.47
C SER J 688 73.90 14.15 -72.45
N LEU J 689 73.34 14.87 -73.44
CA LEU J 689 72.55 14.20 -74.46
C LEU J 689 73.41 13.48 -75.48
N GLY J 690 74.72 13.68 -75.46
CA GLY J 690 75.61 12.99 -76.36
C GLY J 690 76.90 13.76 -76.52
N ALA J 691 77.81 13.17 -77.30
CA ALA J 691 79.08 13.79 -77.59
C ALA J 691 78.89 14.91 -78.60
N GLU J 692 79.43 16.08 -78.30
CA GLU J 692 79.29 17.27 -79.15
C GLU J 692 80.19 17.11 -80.36
N ASN J 693 79.61 16.75 -81.50
CA ASN J 693 80.34 16.58 -82.74
C ASN J 693 79.64 17.35 -83.85
N SER J 694 80.40 18.14 -84.59
CA SER J 694 79.89 18.91 -85.71
C SER J 694 80.44 18.33 -87.00
N VAL J 695 79.56 17.94 -87.92
CA VAL J 695 79.96 17.36 -89.18
C VAL J 695 80.21 18.47 -90.20
N ALA J 696 81.19 18.25 -91.08
CA ALA J 696 81.53 19.22 -92.12
C ALA J 696 80.56 19.08 -93.28
N TYR J 697 79.99 20.21 -93.70
CA TYR J 697 79.04 20.24 -94.80
C TYR J 697 79.54 21.16 -95.90
N SER J 698 79.40 20.71 -97.14
CA SER J 698 79.76 21.50 -98.31
C SER J 698 78.89 21.06 -99.46
N ASN J 699 78.83 21.90 -100.50
CA ASN J 699 78.01 21.61 -101.67
C ASN J 699 78.69 20.68 -102.67
N ASN J 700 79.96 20.33 -102.47
CA ASN J 700 80.66 19.45 -103.40
C ASN J 700 81.54 18.44 -102.67
N SER J 701 81.14 18.00 -101.49
CA SER J 701 81.91 17.04 -100.70
C SER J 701 80.99 15.93 -100.22
N ILE J 702 81.36 14.68 -100.51
CA ILE J 702 80.63 13.51 -100.03
C ILE J 702 81.59 12.57 -99.34
N ALA J 703 81.02 11.68 -98.52
CA ALA J 703 81.77 10.65 -97.82
C ALA J 703 81.22 9.28 -98.21
N ILE J 704 82.10 8.40 -98.66
CA ILE J 704 81.74 7.06 -99.10
C ILE J 704 82.42 6.05 -98.19
N PRO J 705 81.70 5.12 -97.58
CA PRO J 705 82.35 4.06 -96.80
C PRO J 705 83.15 3.13 -97.71
N THR J 706 84.26 2.63 -97.17
CA THR J 706 85.09 1.66 -97.87
C THR J 706 85.17 0.32 -97.15
N ASN J 707 84.50 0.19 -96.00
CA ASN J 707 84.52 -1.05 -95.23
C ASN J 707 83.23 -1.12 -94.43
N PHE J 708 82.99 -2.29 -93.84
CA PHE J 708 81.78 -2.50 -93.06
C PHE J 708 82.04 -3.53 -91.98
N THR J 709 81.22 -3.48 -90.93
CA THR J 709 81.28 -4.44 -89.84
C THR J 709 79.92 -5.10 -89.67
N ILE J 710 79.93 -6.43 -89.56
CA ILE J 710 78.70 -7.20 -89.41
C ILE J 710 78.36 -7.23 -87.92
N SER J 711 77.44 -6.38 -87.51
CA SER J 711 77.03 -6.29 -86.12
C SER J 711 75.70 -7.01 -85.91
N VAL J 712 75.53 -7.54 -84.70
CA VAL J 712 74.32 -8.28 -84.32
C VAL J 712 73.66 -7.55 -83.16
N THR J 713 72.38 -7.22 -83.33
CA THR J 713 71.60 -6.54 -82.29
C THR J 713 70.50 -7.48 -81.81
N THR J 714 70.36 -7.57 -80.48
CA THR J 714 69.37 -8.44 -79.86
C THR J 714 68.30 -7.58 -79.19
N GLU J 715 67.04 -7.83 -79.55
CA GLU J 715 65.90 -7.13 -78.97
C GLU J 715 65.02 -8.13 -78.24
N ILE J 716 64.52 -7.74 -77.07
CA ILE J 716 63.75 -8.63 -76.21
C ILE J 716 62.29 -8.22 -76.26
N LEU J 717 61.43 -9.15 -76.65
CA LEU J 717 60.00 -8.88 -76.79
C LEU J 717 59.20 -9.98 -76.10
N PRO J 718 58.53 -9.68 -74.99
CA PRO J 718 57.70 -10.69 -74.33
C PRO J 718 56.46 -11.01 -75.16
N VAL J 719 55.97 -12.25 -75.01
CA VAL J 719 54.80 -12.69 -75.76
C VAL J 719 53.69 -13.25 -74.88
N SER J 720 53.97 -13.71 -73.66
CA SER J 720 52.93 -14.33 -72.85
C SER J 720 53.32 -14.25 -71.37
N MET J 721 52.38 -14.63 -70.52
CA MET J 721 52.56 -14.70 -69.08
C MET J 721 51.76 -15.89 -68.54
N THR J 722 51.95 -16.19 -67.27
CA THR J 722 51.37 -17.40 -66.68
C THR J 722 49.86 -17.28 -66.58
N LYS J 723 49.15 -18.28 -67.13
CA LYS J 723 47.70 -18.28 -67.15
C LYS J 723 47.17 -18.76 -65.80
N THR J 724 46.27 -17.99 -65.21
CA THR J 724 45.66 -18.33 -63.94
C THR J 724 44.14 -18.32 -64.08
N SER J 725 43.48 -19.08 -63.20
CA SER J 725 42.03 -19.12 -63.13
C SER J 725 41.62 -18.95 -61.68
N VAL J 726 40.70 -18.01 -61.43
CA VAL J 726 40.28 -17.65 -60.08
C VAL J 726 38.79 -17.87 -59.96
N ASP J 727 38.38 -18.61 -58.93
CA ASP J 727 36.99 -18.85 -58.64
C ASP J 727 36.62 -18.28 -57.27
N CYS J 728 35.37 -17.81 -57.15
CA CYS J 728 34.93 -17.24 -55.88
C CYS J 728 34.77 -18.31 -54.81
N THR J 729 34.21 -19.47 -55.18
CA THR J 729 33.79 -20.47 -54.19
C THR J 729 34.95 -21.00 -53.35
N MET J 730 36.19 -20.83 -53.81
CA MET J 730 37.36 -21.20 -53.03
C MET J 730 38.05 -19.99 -52.39
N TYR J 731 38.03 -18.83 -53.04
CA TYR J 731 38.76 -17.68 -52.52
C TYR J 731 37.98 -16.94 -51.45
N ILE J 732 36.83 -16.36 -51.80
CA ILE J 732 36.10 -15.54 -50.86
C ILE J 732 35.42 -16.39 -49.78
N CYS J 733 34.97 -17.60 -50.12
CA CYS J 733 34.37 -18.51 -49.18
C CYS J 733 35.34 -19.65 -48.87
N GLY J 734 35.24 -20.17 -47.66
CA GLY J 734 36.06 -21.30 -47.25
C GLY J 734 35.30 -22.61 -47.32
N ASP J 735 34.83 -23.08 -46.17
CA ASP J 735 34.03 -24.30 -46.07
C ASP J 735 32.73 -24.01 -45.34
N SER J 736 32.07 -22.93 -45.70
CA SER J 736 30.81 -22.51 -45.10
C SER J 736 29.75 -22.33 -46.18
N THR J 737 28.54 -22.83 -45.89
CA THR J 737 27.46 -22.72 -46.85
C THR J 737 26.87 -21.31 -46.88
N GLU J 738 26.82 -20.64 -45.73
CA GLU J 738 26.19 -19.31 -45.65
C GLU J 738 26.92 -18.28 -46.48
N CYS J 739 28.24 -18.45 -46.67
CA CYS J 739 28.98 -17.57 -47.57
C CYS J 739 28.50 -17.76 -49.01
N SER J 740 28.23 -19.01 -49.40
CA SER J 740 27.73 -19.27 -50.75
C SER J 740 26.28 -18.81 -50.91
N ASN J 741 25.49 -18.84 -49.83
CA ASN J 741 24.13 -18.32 -49.90
C ASN J 741 24.13 -16.82 -50.16
N LEU J 742 25.07 -16.10 -49.57
CA LEU J 742 25.16 -14.67 -49.81
C LEU J 742 25.79 -14.35 -51.17
N LEU J 743 26.57 -15.28 -51.72
CA LEU J 743 27.07 -15.10 -53.09
C LEU J 743 26.02 -15.38 -54.15
N LEU J 744 24.83 -15.85 -53.77
CA LEU J 744 23.75 -16.00 -54.73
C LEU J 744 23.32 -14.65 -55.32
N GLN J 745 23.57 -13.56 -54.60
CA GLN J 745 23.35 -12.22 -55.12
C GLN J 745 24.54 -11.65 -55.85
N TYR J 746 25.73 -12.29 -55.72
CA TYR J 746 26.93 -11.84 -56.40
C TYR J 746 27.47 -12.89 -57.37
N GLY J 747 26.68 -13.91 -57.70
CA GLY J 747 27.12 -14.90 -58.67
C GLY J 747 27.26 -14.34 -60.06
N SER J 748 26.50 -13.28 -60.37
CA SER J 748 26.63 -12.64 -61.68
C SER J 748 27.98 -11.96 -61.83
N PHE J 749 28.42 -11.25 -60.79
CA PHE J 749 29.78 -10.70 -60.77
C PHE J 749 30.82 -11.81 -60.81
N CYS J 750 30.58 -12.92 -60.12
CA CYS J 750 31.50 -14.05 -60.17
C CYS J 750 31.51 -14.66 -61.57
N THR J 751 30.38 -14.61 -62.27
CA THR J 751 30.36 -15.00 -63.68
C THR J 751 31.16 -14.01 -64.52
N GLN J 752 31.06 -12.71 -64.21
CA GLN J 752 31.74 -11.68 -65.00
C GLN J 752 33.25 -11.87 -64.96
N LEU J 753 33.80 -12.17 -63.80
CA LEU J 753 35.24 -12.37 -63.68
C LEU J 753 35.66 -13.71 -64.27
N ASN J 754 34.82 -14.74 -64.12
CA ASN J 754 35.17 -16.07 -64.63
C ASN J 754 35.31 -16.07 -66.14
N ARG J 755 34.41 -15.36 -66.84
CA ARG J 755 34.58 -15.15 -68.27
C ARG J 755 35.84 -14.38 -68.59
N ALA J 756 36.17 -13.39 -67.75
CA ALA J 756 37.38 -12.60 -67.97
C ALA J 756 38.63 -13.45 -67.81
N LEU J 757 38.64 -14.37 -66.84
CA LEU J 757 39.78 -15.26 -66.69
C LEU J 757 39.84 -16.31 -67.80
N THR J 758 38.68 -16.76 -68.30
CA THR J 758 38.71 -17.62 -69.47
C THR J 758 39.10 -16.83 -70.72
N GLY J 759 38.71 -15.56 -70.78
CA GLY J 759 39.13 -14.71 -71.88
C GLY J 759 40.62 -14.45 -71.89
N ILE J 760 41.19 -14.19 -70.71
CA ILE J 760 42.64 -13.95 -70.64
C ILE J 760 43.41 -15.25 -70.83
N ALA J 761 42.77 -16.39 -70.56
CA ALA J 761 43.45 -17.67 -70.77
C ALA J 761 43.43 -18.05 -72.25
N VAL J 762 42.30 -17.85 -72.93
CA VAL J 762 42.20 -18.26 -74.33
C VAL J 762 42.93 -17.28 -75.23
N GLU J 763 43.10 -16.03 -74.80
CA GLU J 763 43.84 -15.07 -75.61
C GLU J 763 45.34 -15.35 -75.52
N GLN J 764 45.82 -15.72 -74.34
CA GLN J 764 47.23 -16.05 -74.16
C GLN J 764 47.58 -17.44 -74.71
N ASP J 765 46.57 -18.29 -74.92
CA ASP J 765 46.79 -19.48 -75.74
C ASP J 765 46.92 -19.09 -77.21
N LYS J 766 46.22 -18.05 -77.63
CA LYS J 766 46.22 -17.66 -79.02
C LYS J 766 47.48 -16.91 -79.44
N ASN J 767 48.08 -16.12 -78.53
CA ASN J 767 49.15 -15.22 -78.94
C ASN J 767 50.41 -15.96 -79.40
N THR J 768 50.67 -17.13 -78.82
CA THR J 768 51.79 -17.96 -79.23
C THR J 768 51.61 -18.49 -80.65
N GLN J 769 50.38 -18.57 -81.14
CA GLN J 769 50.12 -19.14 -82.46
C GLN J 769 50.53 -18.20 -83.59
N GLU J 770 50.27 -16.89 -83.48
CA GLU J 770 50.63 -16.02 -84.60
C GLU J 770 52.10 -15.66 -84.63
N VAL J 771 52.86 -15.93 -83.57
CA VAL J 771 54.26 -15.54 -83.51
C VAL J 771 55.18 -16.71 -83.84
N PHE J 772 54.76 -17.94 -83.58
CA PHE J 772 55.61 -19.12 -83.80
C PHE J 772 55.04 -20.10 -84.81
N ALA J 773 53.72 -20.31 -84.81
CA ALA J 773 53.09 -21.23 -85.74
C ALA J 773 52.79 -20.51 -87.06
N GLN J 774 53.89 -20.12 -87.73
CA GLN J 774 53.82 -19.40 -88.99
C GLN J 774 54.06 -20.28 -90.20
N VAL J 775 54.75 -21.41 -90.04
CA VAL J 775 54.95 -22.39 -91.10
C VAL J 775 54.39 -23.72 -90.62
N LYS J 776 53.72 -24.43 -91.53
CA LYS J 776 53.12 -25.73 -91.22
C LYS J 776 53.97 -26.89 -91.71
N GLN J 777 55.24 -26.65 -92.03
CA GLN J 777 56.18 -27.69 -92.44
C GLN J 777 57.43 -27.58 -91.60
N ILE J 778 57.85 -28.71 -91.01
CA ILE J 778 59.02 -28.75 -90.14
C ILE J 778 60.20 -29.18 -91.00
N TYR J 779 61.08 -28.23 -91.30
CA TYR J 779 62.26 -28.49 -92.11
C TYR J 779 63.44 -28.91 -91.23
N LYS J 780 64.51 -29.37 -91.87
CA LYS J 780 65.68 -29.86 -91.16
C LYS J 780 66.95 -29.38 -91.86
N THR J 781 68.03 -29.33 -91.09
CA THR J 781 69.35 -28.97 -91.57
C THR J 781 70.02 -30.18 -92.23
N PRO J 782 70.87 -29.96 -93.23
CA PRO J 782 71.62 -31.08 -93.80
C PRO J 782 72.60 -31.65 -92.81
N PRO J 783 72.92 -32.95 -92.90
CA PRO J 783 73.87 -33.55 -91.96
C PRO J 783 75.27 -32.96 -92.02
N ILE J 784 75.72 -32.52 -93.19
CA ILE J 784 77.03 -31.92 -93.36
C ILE J 784 76.88 -30.41 -93.31
N LYS J 785 77.54 -29.78 -92.34
CA LYS J 785 77.41 -28.33 -92.11
C LYS J 785 78.52 -27.61 -92.88
N ASP J 786 78.29 -27.46 -94.19
CA ASP J 786 79.19 -26.73 -95.07
C ASP J 786 78.42 -25.53 -95.62
N PHE J 787 78.59 -24.37 -94.98
CA PHE J 787 77.89 -23.15 -95.35
C PHE J 787 78.82 -22.09 -95.91
N GLY J 788 80.03 -22.48 -96.33
CA GLY J 788 81.00 -21.55 -96.87
C GLY J 788 81.91 -20.90 -95.85
N GLY J 789 81.77 -21.25 -94.56
CA GLY J 789 82.59 -20.66 -93.53
C GLY J 789 81.79 -20.05 -92.41
N PHE J 790 80.47 -20.00 -92.58
CA PHE J 790 79.58 -19.43 -91.57
C PHE J 790 79.27 -20.48 -90.51
N ASN J 791 79.60 -20.17 -89.26
CA ASN J 791 79.42 -21.11 -88.16
C ASN J 791 77.98 -21.02 -87.65
N PHE J 792 77.29 -22.16 -87.64
CA PHE J 792 75.90 -22.23 -87.23
C PHE J 792 75.66 -23.09 -85.99
N SER J 793 76.71 -23.49 -85.28
CA SER J 793 76.53 -24.42 -84.17
C SER J 793 75.91 -23.77 -82.95
N GLN J 794 76.07 -22.46 -82.77
CA GLN J 794 75.52 -21.80 -81.60
C GLN J 794 74.01 -21.62 -81.68
N ILE J 795 73.46 -21.52 -82.89
CA ILE J 795 72.05 -21.28 -83.09
C ILE J 795 71.32 -22.59 -83.34
N LEU J 796 71.98 -23.53 -84.01
CA LEU J 796 71.36 -24.81 -84.29
C LEU J 796 71.26 -25.64 -83.01
N PRO J 797 70.20 -26.42 -82.85
CA PRO J 797 70.15 -27.37 -81.73
C PRO J 797 71.23 -28.43 -81.86
N ASP J 798 71.78 -28.83 -80.70
CA ASP J 798 72.83 -29.83 -80.66
C ASP J 798 72.28 -31.16 -80.19
N PRO J 799 72.55 -32.25 -80.92
CA PRO J 799 72.04 -33.56 -80.50
C PRO J 799 72.78 -34.18 -79.32
N SER J 800 73.83 -33.52 -78.82
CA SER J 800 74.55 -34.07 -77.67
C SER J 800 73.70 -34.08 -76.41
N LYS J 801 72.84 -33.07 -76.23
CA LYS J 801 71.96 -32.99 -75.08
C LYS J 801 70.56 -33.47 -75.42
N PRO J 802 69.85 -34.07 -74.46
CA PRO J 802 68.46 -34.49 -74.73
C PRO J 802 67.52 -33.34 -75.06
N SER J 803 67.77 -32.15 -74.52
CA SER J 803 66.91 -31.01 -74.81
C SER J 803 67.13 -30.51 -76.24
N LYS J 804 66.04 -30.08 -76.88
CA LYS J 804 66.10 -29.56 -78.24
C LYS J 804 66.45 -28.09 -78.30
N ARG J 805 66.62 -27.43 -77.16
CA ARG J 805 66.96 -26.01 -77.16
C ARG J 805 68.41 -25.80 -77.57
N SER J 806 68.66 -24.64 -78.17
CA SER J 806 70.00 -24.25 -78.55
C SER J 806 70.83 -23.97 -77.29
N PRO J 807 72.16 -24.09 -77.38
CA PRO J 807 73.01 -23.66 -76.24
C PRO J 807 72.79 -22.20 -75.87
N ILE J 808 72.50 -21.34 -76.85
CA ILE J 808 72.05 -19.99 -76.54
C ILE J 808 70.68 -20.03 -75.86
N GLU J 809 69.76 -20.85 -76.40
CA GLU J 809 68.42 -20.95 -75.83
C GLU J 809 68.44 -21.56 -74.43
N ASP J 810 69.30 -22.57 -74.22
CA ASP J 810 69.49 -23.11 -72.88
C ASP J 810 70.07 -22.06 -71.94
N LEU J 811 70.98 -21.22 -72.46
CA LEU J 811 71.50 -20.11 -71.66
C LEU J 811 70.40 -19.12 -71.32
N LEU J 812 69.51 -18.83 -72.29
CA LEU J 812 68.40 -17.93 -72.03
C LEU J 812 67.46 -18.51 -70.98
N PHE J 813 67.28 -19.83 -70.96
CA PHE J 813 66.46 -20.48 -69.94
C PHE J 813 67.09 -20.32 -68.56
N ASN J 814 68.41 -20.44 -68.47
CA ASN J 814 69.09 -20.42 -67.18
C ASN J 814 69.21 -19.01 -66.60
N LYS J 815 69.23 -17.98 -67.43
CA LYS J 815 69.35 -16.61 -66.91
C LYS J 815 68.08 -16.17 -66.20
N VAL J 816 66.93 -16.69 -66.62
CA VAL J 816 65.65 -16.26 -66.09
C VAL J 816 65.19 -17.25 -65.03
N THR J 817 64.51 -16.72 -64.00
CA THR J 817 63.94 -17.55 -62.96
C THR J 817 62.45 -17.79 -63.22
N ALA J 842 54.52 -22.18 -52.89
CA ALA J 842 53.83 -21.87 -54.14
C ALA J 842 52.66 -20.93 -53.90
N GLN J 843 51.88 -20.68 -54.95
CA GLN J 843 50.73 -19.77 -54.89
C GLN J 843 49.44 -20.47 -55.27
N LYS J 844 49.41 -21.80 -55.27
CA LYS J 844 48.23 -22.57 -55.66
C LYS J 844 47.49 -23.15 -54.47
N PHE J 845 47.85 -22.77 -53.24
CA PHE J 845 47.22 -23.32 -52.05
C PHE J 845 45.88 -22.67 -51.71
N ASN J 846 45.55 -21.53 -52.30
CA ASN J 846 44.33 -20.82 -51.98
C ASN J 846 43.40 -20.72 -53.20
N GLY J 847 43.39 -21.76 -54.03
CA GLY J 847 42.55 -21.77 -55.21
C GLY J 847 43.08 -20.96 -56.37
N LEU J 848 44.28 -20.39 -56.26
CA LEU J 848 44.87 -19.59 -57.34
C LEU J 848 45.71 -20.49 -58.26
N THR J 849 45.05 -21.50 -58.80
CA THR J 849 45.73 -22.48 -59.65
C THR J 849 46.15 -21.85 -60.98
N VAL J 850 47.21 -22.40 -61.55
CA VAL J 850 47.76 -21.91 -62.81
C VAL J 850 47.38 -22.87 -63.92
N LEU J 851 47.31 -22.36 -65.14
CA LEU J 851 46.97 -23.15 -66.32
C LEU J 851 48.21 -23.36 -67.17
N PRO J 852 48.61 -24.60 -67.44
CA PRO J 852 49.77 -24.83 -68.28
C PRO J 852 49.49 -24.38 -69.71
N PRO J 853 50.50 -23.89 -70.42
CA PRO J 853 50.29 -23.45 -71.80
C PRO J 853 50.06 -24.62 -72.74
N LEU J 854 49.43 -24.32 -73.88
CA LEU J 854 49.20 -25.34 -74.90
C LEU J 854 50.51 -25.86 -75.48
N LEU J 855 51.46 -24.96 -75.72
CA LEU J 855 52.76 -25.32 -76.30
C LEU J 855 53.82 -25.14 -75.22
N THR J 856 54.45 -26.24 -74.81
CA THR J 856 55.53 -26.16 -73.85
C THR J 856 56.83 -25.76 -74.55
N ASP J 857 57.91 -25.73 -73.77
CA ASP J 857 59.18 -25.21 -74.28
C ASP J 857 59.78 -26.13 -75.36
N GLU J 858 59.41 -27.41 -75.37
CA GLU J 858 59.98 -28.33 -76.34
C GLU J 858 59.47 -28.03 -77.74
N MET J 859 58.15 -27.87 -77.89
CA MET J 859 57.59 -27.55 -79.21
C MET J 859 57.93 -26.13 -79.66
N ILE J 860 58.03 -25.18 -78.73
CA ILE J 860 58.45 -23.83 -79.11
C ILE J 860 59.86 -23.85 -79.67
N ALA J 861 60.77 -24.58 -79.00
CA ALA J 861 62.12 -24.74 -79.51
C ALA J 861 62.13 -25.51 -80.82
N GLN J 862 61.20 -26.45 -80.98
CA GLN J 862 61.06 -27.15 -82.26
C GLN J 862 60.60 -26.21 -83.36
N TYR J 863 59.73 -25.25 -83.03
CA TYR J 863 59.31 -24.27 -84.04
C TYR J 863 60.46 -23.37 -84.45
N THR J 864 61.19 -22.80 -83.48
CA THR J 864 62.29 -21.90 -83.81
C THR J 864 63.37 -22.61 -84.60
N SER J 865 63.63 -23.89 -84.29
CA SER J 865 64.57 -24.67 -85.09
C SER J 865 64.07 -24.85 -86.52
N ALA J 866 62.75 -25.02 -86.70
CA ALA J 866 62.19 -25.17 -88.03
C ALA J 866 62.26 -23.86 -88.81
N LEU J 867 61.95 -22.73 -88.15
CA LEU J 867 62.02 -21.44 -88.82
C LEU J 867 63.45 -21.05 -89.18
N LEU J 868 64.42 -21.32 -88.30
CA LEU J 868 65.80 -20.98 -88.63
C LEU J 868 66.35 -21.87 -89.75
N ALA J 869 65.91 -23.13 -89.79
CA ALA J 869 66.32 -24.02 -90.87
C ALA J 869 65.78 -23.55 -92.21
N GLY J 870 64.56 -23.01 -92.22
CA GLY J 870 63.99 -22.50 -93.46
C GLY J 870 64.71 -21.26 -93.95
N THR J 871 65.15 -20.40 -93.03
CA THR J 871 65.80 -19.15 -93.45
C THR J 871 67.22 -19.40 -93.95
N ILE J 872 67.89 -20.45 -93.46
CA ILE J 872 69.26 -20.74 -93.89
C ILE J 872 69.32 -21.67 -95.09
N THR J 873 68.22 -22.34 -95.45
CA THR J 873 68.19 -23.22 -96.60
C THR J 873 67.29 -22.74 -97.72
N SER J 874 66.38 -21.79 -97.46
CA SER J 874 65.44 -21.31 -98.44
C SER J 874 65.24 -19.81 -98.46
N GLY J 875 65.74 -19.08 -97.47
CA GLY J 875 65.65 -17.63 -97.48
C GLY J 875 64.27 -17.10 -97.11
N TRP J 876 63.56 -16.56 -98.09
CA TRP J 876 62.23 -16.02 -97.88
C TRP J 876 61.16 -16.72 -98.71
N THR J 877 61.53 -17.68 -99.55
CA THR J 877 60.55 -18.36 -100.38
C THR J 877 59.68 -19.32 -99.57
N PHE J 878 60.20 -19.85 -98.47
CA PHE J 878 59.41 -20.75 -97.64
C PHE J 878 58.36 -19.99 -96.85
N GLY J 879 58.62 -18.74 -96.50
CA GLY J 879 57.66 -17.91 -95.81
C GLY J 879 56.66 -17.24 -96.71
N ALA J 880 56.78 -17.43 -98.03
CA ALA J 880 55.87 -16.86 -99.01
C ALA J 880 55.41 -17.92 -100.01
N GLY J 881 55.45 -19.18 -99.61
CA GLY J 881 55.05 -20.27 -100.47
C GLY J 881 55.82 -21.54 -100.19
N PRO J 882 55.93 -22.41 -101.19
CA PRO J 882 56.70 -23.64 -101.02
C PRO J 882 58.18 -23.35 -100.86
N ALA J 883 58.87 -24.25 -100.14
CA ALA J 883 60.26 -24.05 -99.79
C ALA J 883 61.17 -24.51 -100.93
N LEU J 884 61.96 -23.58 -101.47
CA LEU J 884 62.96 -23.89 -102.48
C LEU J 884 64.27 -24.21 -101.77
N GLN J 885 65.34 -24.44 -102.54
CA GLN J 885 66.67 -24.63 -101.98
C GLN J 885 67.62 -23.58 -102.57
N ILE J 886 68.37 -22.93 -101.69
CA ILE J 886 69.34 -21.91 -102.08
C ILE J 886 70.63 -22.07 -101.27
N PRO J 887 71.79 -21.94 -101.90
CA PRO J 887 73.04 -21.85 -101.12
C PRO J 887 73.10 -20.56 -100.32
N PHE J 888 73.78 -20.63 -99.17
CA PHE J 888 73.88 -19.46 -98.29
C PHE J 888 74.64 -18.28 -98.89
N PRO J 889 75.80 -18.43 -99.57
CA PRO J 889 76.50 -17.23 -100.05
C PRO J 889 75.74 -16.40 -101.06
N MET J 890 75.09 -17.00 -102.06
CA MET J 890 74.35 -16.18 -103.01
C MET J 890 73.00 -15.73 -102.45
N GLN J 891 72.53 -16.36 -101.37
CA GLN J 891 71.43 -15.78 -100.61
C GLN J 891 71.83 -14.43 -100.03
N MET J 892 73.07 -14.33 -99.53
CA MET J 892 73.54 -13.05 -99.03
C MET J 892 73.64 -12.04 -100.15
N ALA J 893 74.16 -12.46 -101.31
CA ALA J 893 74.29 -11.58 -102.46
C ALA J 893 72.94 -11.05 -102.92
N TYR J 894 71.88 -11.86 -102.75
CA TYR J 894 70.53 -11.35 -102.95
C TYR J 894 70.20 -10.27 -101.93
N ARG J 895 70.61 -10.46 -100.67
CA ARG J 895 70.28 -9.50 -99.62
C ARG J 895 71.16 -8.26 -99.66
N PHE J 896 72.42 -8.36 -100.11
CA PHE J 896 73.21 -7.16 -100.32
C PHE J 896 72.64 -6.31 -101.46
N ASN J 897 72.05 -6.95 -102.46
CA ASN J 897 71.46 -6.19 -103.57
C ASN J 897 70.18 -5.44 -103.18
N GLY J 898 69.67 -5.64 -101.97
CA GLY J 898 68.49 -4.92 -101.53
C GLY J 898 68.82 -3.68 -100.72
N ILE J 899 70.09 -3.48 -100.39
CA ILE J 899 70.52 -2.31 -99.63
C ILE J 899 71.40 -1.39 -100.48
N GLY J 900 71.37 -1.56 -101.80
CA GLY J 900 72.06 -0.66 -102.70
C GLY J 900 73.52 -0.98 -102.97
N VAL J 901 74.02 -2.12 -102.52
CA VAL J 901 75.39 -2.52 -102.80
C VAL J 901 75.37 -3.77 -103.68
N THR J 902 76.36 -3.86 -104.56
CA THR J 902 76.43 -4.92 -105.56
C THR J 902 76.89 -6.23 -104.92
N GLN J 903 77.02 -7.26 -105.75
CA GLN J 903 77.24 -8.63 -105.28
C GLN J 903 78.69 -9.09 -105.35
N ASN J 904 79.54 -8.44 -106.15
CA ASN J 904 80.92 -8.91 -106.26
C ASN J 904 81.72 -8.57 -105.00
N VAL J 905 81.27 -7.57 -104.23
CA VAL J 905 81.95 -7.19 -103.00
C VAL J 905 81.76 -8.21 -101.88
N LEU J 906 80.98 -9.26 -102.12
CA LEU J 906 80.89 -10.41 -101.23
C LEU J 906 81.78 -11.57 -101.68
N TYR J 907 81.76 -11.90 -102.96
CA TYR J 907 82.55 -13.00 -103.50
C TYR J 907 84.05 -12.74 -103.46
N GLU J 908 84.47 -11.49 -103.25
CA GLU J 908 85.89 -11.16 -103.19
C GLU J 908 86.46 -11.16 -101.78
N ASN J 909 85.62 -11.04 -100.76
CA ASN J 909 86.06 -11.14 -99.36
C ASN J 909 85.09 -11.97 -98.55
N GLN J 910 84.66 -13.10 -99.12
CA GLN J 910 83.72 -13.99 -98.42
C GLN J 910 84.33 -14.53 -97.13
N LYS J 911 85.65 -14.78 -97.13
CA LYS J 911 86.33 -15.23 -95.92
C LYS J 911 86.28 -14.16 -94.83
N LEU J 912 86.47 -12.90 -95.21
CA LEU J 912 86.47 -11.81 -94.22
C LEU J 912 85.10 -11.62 -93.60
N ILE J 913 84.04 -11.68 -94.42
CA ILE J 913 82.69 -11.48 -93.92
C ILE J 913 82.26 -12.66 -93.06
N ALA J 914 82.62 -13.88 -93.47
CA ALA J 914 82.32 -15.06 -92.67
C ALA J 914 83.04 -15.02 -91.33
N ASN J 915 84.31 -14.59 -91.32
CA ASN J 915 85.03 -14.44 -90.06
C ASN J 915 84.42 -13.35 -89.19
N GLN J 916 83.95 -12.26 -89.82
CA GLN J 916 83.27 -11.21 -89.06
C GLN J 916 81.96 -11.71 -88.46
N PHE J 917 81.21 -12.52 -89.22
CA PHE J 917 79.97 -13.10 -88.70
C PHE J 917 80.25 -14.07 -87.57
N ASN J 918 81.29 -14.89 -87.71
CA ASN J 918 81.65 -15.83 -86.65
C ASN J 918 82.15 -15.10 -85.40
N SER J 919 82.87 -14.00 -85.60
CA SER J 919 83.26 -13.17 -84.46
C SER J 919 82.06 -12.49 -83.82
N ALA J 920 81.09 -12.10 -84.64
CA ALA J 920 79.89 -11.44 -84.12
C ALA J 920 79.04 -12.39 -83.29
N ILE J 921 78.84 -13.62 -83.77
CA ILE J 921 78.03 -14.58 -83.02
C ILE J 921 78.77 -15.06 -81.77
N GLY J 922 80.11 -15.07 -81.82
CA GLY J 922 80.88 -15.38 -80.63
C GLY J 922 80.78 -14.29 -79.57
N LYS J 923 80.78 -13.03 -80.00
CA LYS J 923 80.73 -11.92 -79.06
C LYS J 923 79.36 -11.80 -78.40
N ILE J 924 78.29 -12.01 -79.16
CA ILE J 924 76.95 -11.89 -78.58
C ILE J 924 76.69 -13.04 -77.60
N GLN J 925 77.19 -14.24 -77.89
CA GLN J 925 77.00 -15.36 -76.97
C GLN J 925 77.76 -15.13 -75.67
N ASP J 926 78.94 -14.52 -75.75
CA ASP J 926 79.68 -14.16 -74.56
C ASP J 926 79.00 -13.02 -73.80
N SER J 927 78.35 -12.10 -74.53
CA SER J 927 77.67 -10.99 -73.87
C SER J 927 76.41 -11.45 -73.15
N LEU J 928 75.62 -12.31 -73.78
CA LEU J 928 74.45 -12.87 -73.11
C LEU J 928 74.83 -13.82 -71.97
N SER J 929 76.02 -14.42 -72.03
CA SER J 929 76.45 -15.30 -70.96
C SER J 929 76.73 -14.53 -69.68
N SER J 930 77.03 -13.24 -69.78
CA SER J 930 77.27 -12.42 -68.59
C SER J 930 75.95 -12.05 -67.92
N ALA J 934 70.75 -8.34 -66.95
CA ALA J 934 70.20 -9.58 -67.46
C ALA J 934 69.02 -9.33 -68.39
N LEU J 935 67.95 -10.09 -68.19
CA LEU J 935 66.75 -9.99 -69.02
C LEU J 935 65.66 -9.27 -68.21
N GLY J 936 65.29 -8.08 -68.65
CA GLY J 936 64.48 -7.21 -67.81
C GLY J 936 62.99 -7.42 -67.96
N LYS J 937 62.50 -7.55 -69.19
CA LYS J 937 61.05 -7.47 -69.45
C LYS J 937 60.31 -8.64 -68.84
N LEU J 938 60.75 -9.87 -69.11
CA LEU J 938 60.04 -11.04 -68.60
C LEU J 938 60.24 -11.22 -67.10
N GLN J 939 61.40 -10.80 -66.58
CA GLN J 939 61.59 -10.80 -65.14
C GLN J 939 60.69 -9.76 -64.47
N ASP J 940 60.39 -8.66 -65.17
CA ASP J 940 59.50 -7.66 -64.63
C ASP J 940 58.08 -8.19 -64.52
N VAL J 941 57.57 -8.82 -65.57
CA VAL J 941 56.19 -9.27 -65.58
C VAL J 941 55.99 -10.46 -64.63
N VAL J 942 56.99 -11.34 -64.53
CA VAL J 942 56.89 -12.49 -63.63
C VAL J 942 56.86 -12.04 -62.19
N ASN J 943 57.74 -11.10 -61.82
CA ASN J 943 57.70 -10.51 -60.48
C ASN J 943 56.39 -9.76 -60.26
N GLN J 944 55.90 -9.08 -61.30
CA GLN J 944 54.61 -8.40 -61.20
C GLN J 944 53.46 -9.40 -61.05
N ASN J 945 53.58 -10.56 -61.71
CA ASN J 945 52.60 -11.62 -61.52
C ASN J 945 52.63 -12.17 -60.09
N ALA J 946 53.84 -12.46 -59.59
CA ALA J 946 53.97 -13.08 -58.27
C ALA J 946 53.59 -12.12 -57.15
N GLN J 947 53.99 -10.86 -57.28
CA GLN J 947 53.63 -9.86 -56.28
C GLN J 947 52.12 -9.64 -56.25
N ALA J 948 51.48 -9.63 -57.42
CA ALA J 948 50.03 -9.46 -57.49
C ALA J 948 49.30 -10.66 -56.89
N LEU J 949 49.76 -11.89 -57.19
CA LEU J 949 49.19 -13.07 -56.55
C LEU J 949 49.39 -13.05 -55.05
N ASN J 950 50.58 -12.63 -54.60
CA ASN J 950 50.80 -12.47 -53.17
C ASN J 950 50.00 -11.32 -52.59
N THR J 951 49.61 -10.35 -53.42
CA THR J 951 48.80 -9.24 -52.93
C THR J 951 47.40 -9.71 -52.55
N LEU J 952 46.80 -10.61 -53.35
CA LEU J 952 45.52 -11.18 -52.97
C LEU J 952 45.62 -12.01 -51.70
N VAL J 953 46.72 -12.75 -51.56
CA VAL J 953 46.88 -13.67 -50.44
C VAL J 953 46.93 -12.90 -49.12
N LYS J 954 47.71 -11.82 -49.07
CA LYS J 954 47.73 -11.01 -47.86
C LYS J 954 46.48 -10.15 -47.74
N GLN J 955 45.78 -9.91 -48.85
CA GLN J 955 44.50 -9.22 -48.77
C GLN J 955 43.43 -10.12 -48.16
N LEU J 956 43.53 -11.44 -48.36
CA LEU J 956 42.63 -12.38 -47.72
C LEU J 956 42.79 -12.39 -46.20
N SER J 957 43.96 -11.96 -45.70
CA SER J 957 44.22 -11.87 -44.28
C SER J 957 43.86 -10.50 -43.69
N SER J 958 43.11 -9.69 -44.44
CA SER J 958 42.69 -8.37 -43.98
C SER J 958 41.28 -8.42 -43.43
N ASN J 959 40.97 -7.44 -42.58
CA ASN J 959 39.68 -7.38 -41.91
C ASN J 959 38.66 -6.51 -42.65
N PHE J 960 39.12 -5.54 -43.45
CA PHE J 960 38.26 -4.60 -44.18
C PHE J 960 37.32 -3.86 -43.23
N GLY J 961 37.86 -3.46 -42.08
CA GLY J 961 37.10 -2.74 -41.08
C GLY J 961 36.28 -3.59 -40.13
N ALA J 962 36.31 -4.92 -40.29
CA ALA J 962 35.58 -5.81 -39.41
C ALA J 962 36.43 -6.14 -38.19
N ILE J 963 35.94 -7.06 -37.34
CA ILE J 963 36.67 -7.44 -36.14
C ILE J 963 37.57 -8.64 -36.33
N SER J 964 37.45 -9.36 -37.45
CA SER J 964 38.32 -10.48 -37.75
C SER J 964 38.32 -10.70 -39.25
N SER J 965 39.35 -11.41 -39.73
CA SER J 965 39.54 -11.64 -41.16
C SER J 965 38.83 -12.92 -41.62
N VAL J 966 39.15 -14.04 -40.99
CA VAL J 966 38.55 -15.32 -41.39
C VAL J 966 37.09 -15.36 -40.96
N LEU J 967 36.23 -15.85 -41.84
CA LEU J 967 34.81 -15.92 -41.55
C LEU J 967 34.46 -17.08 -40.64
N ASN J 968 35.36 -18.05 -40.48
CA ASN J 968 35.10 -19.17 -39.59
C ASN J 968 35.09 -18.71 -38.13
N ASP J 969 35.99 -17.78 -37.77
CA ASP J 969 36.01 -17.25 -36.41
C ASP J 969 34.74 -16.47 -36.10
N ILE J 970 34.25 -15.69 -37.07
CA ILE J 970 33.01 -14.95 -36.87
C ILE J 970 31.82 -15.90 -36.74
N LEU J 971 31.81 -16.95 -37.55
CA LEU J 971 30.73 -17.93 -37.49
C LEU J 971 30.71 -18.67 -36.16
N SER J 972 31.90 -19.02 -35.65
CA SER J 972 31.98 -19.78 -34.40
C SER J 972 31.72 -18.92 -33.17
N ARG J 973 32.05 -17.62 -33.24
CA ARG J 973 31.92 -16.75 -32.07
C ARG J 973 30.61 -15.99 -32.04
N LEU J 974 29.99 -15.72 -33.20
CA LEU J 974 28.77 -14.94 -33.26
C LEU J 974 27.72 -15.71 -34.05
N ASP J 975 26.46 -15.48 -33.71
CA ASP J 975 25.36 -16.15 -34.40
C ASP J 975 25.18 -15.57 -35.80
N PRO J 976 24.79 -16.40 -36.76
CA PRO J 976 24.60 -15.93 -38.15
C PRO J 976 23.56 -14.83 -38.30
N PRO J 977 22.45 -14.82 -37.53
CA PRO J 977 21.55 -13.65 -37.63
C PRO J 977 22.20 -12.32 -37.24
N GLU J 978 23.10 -12.31 -36.27
CA GLU J 978 23.75 -11.08 -35.86
C GLU J 978 24.98 -10.76 -36.70
N ALA J 979 25.72 -11.79 -37.12
CA ALA J 979 26.96 -11.61 -37.85
C ALA J 979 26.75 -11.51 -39.36
N GLU J 980 25.52 -11.25 -39.80
CA GLU J 980 25.26 -11.13 -41.24
C GLU J 980 25.91 -9.88 -41.81
N VAL J 981 25.88 -8.77 -41.05
CA VAL J 981 26.51 -7.53 -41.53
C VAL J 981 28.02 -7.67 -41.55
N GLN J 982 28.60 -8.38 -40.58
CA GLN J 982 30.04 -8.60 -40.58
C GLN J 982 30.48 -9.46 -41.75
N ILE J 983 29.71 -10.49 -42.08
CA ILE J 983 30.04 -11.36 -43.21
C ILE J 983 29.87 -10.60 -44.52
N ASP J 984 28.81 -9.80 -44.64
CA ASP J 984 28.54 -9.07 -45.87
C ASP J 984 29.64 -8.05 -46.17
N ARG J 985 30.15 -7.37 -45.14
CA ARG J 985 31.27 -6.45 -45.35
C ARG J 985 32.54 -7.20 -45.72
N LEU J 986 32.73 -8.40 -45.16
CA LEU J 986 33.84 -9.25 -45.58
C LEU J 986 33.69 -9.66 -47.04
N ILE J 987 32.47 -10.00 -47.47
CA ILE J 987 32.21 -10.32 -48.87
C ILE J 987 32.48 -9.10 -49.75
N THR J 988 32.03 -7.93 -49.30
CA THR J 988 32.30 -6.70 -50.05
C THR J 988 33.79 -6.40 -50.12
N GLY J 989 34.54 -6.69 -49.05
CA GLY J 989 35.97 -6.46 -49.07
C GLY J 989 36.71 -7.39 -50.01
N ARG J 990 36.29 -8.65 -50.07
CA ARG J 990 36.96 -9.61 -50.94
C ARG J 990 36.56 -9.43 -52.40
N LEU J 991 35.33 -9.01 -52.69
CA LEU J 991 34.92 -8.88 -54.08
C LEU J 991 35.56 -7.68 -54.75
N GLN J 992 35.76 -6.59 -54.00
CA GLN J 992 36.47 -5.43 -54.55
C GLN J 992 37.92 -5.77 -54.81
N SER J 993 38.49 -6.69 -54.02
CA SER J 993 39.84 -7.17 -54.28
C SER J 993 39.89 -7.98 -55.57
N LEU J 994 38.84 -8.75 -55.85
CA LEU J 994 38.80 -9.51 -57.09
C LEU J 994 38.59 -8.60 -58.30
N GLN J 995 37.73 -7.59 -58.17
CA GLN J 995 37.49 -6.68 -59.29
C GLN J 995 38.71 -5.84 -59.60
N THR J 996 39.45 -5.41 -58.58
CA THR J 996 40.71 -4.72 -58.83
C THR J 996 41.74 -5.66 -59.42
N TYR J 997 41.70 -6.95 -59.04
CA TYR J 997 42.66 -7.90 -59.58
C TYR J 997 42.38 -8.25 -61.03
N VAL J 998 41.11 -8.43 -61.39
CA VAL J 998 40.79 -8.75 -62.78
C VAL J 998 41.02 -7.53 -63.66
N THR J 999 40.87 -6.33 -63.09
CA THR J 999 41.10 -5.10 -63.87
C THR J 999 42.56 -4.97 -64.28
N GLN J 1000 43.50 -5.22 -63.36
CA GLN J 1000 44.91 -5.10 -63.71
C GLN J 1000 45.35 -6.26 -64.59
N GLN J 1001 44.74 -7.44 -64.42
CA GLN J 1001 45.04 -8.57 -65.30
C GLN J 1001 44.63 -8.27 -66.74
N LEU J 1002 43.46 -7.65 -66.94
CA LEU J 1002 43.03 -7.27 -68.28
C LEU J 1002 43.92 -6.17 -68.85
N ILE J 1003 44.40 -5.24 -68.01
CA ILE J 1003 45.35 -4.23 -68.46
C ILE J 1003 46.66 -4.88 -68.87
N ARG J 1004 47.15 -5.83 -68.07
CA ARG J 1004 48.38 -6.54 -68.40
C ARG J 1004 48.19 -7.41 -69.64
N ALA J 1005 46.97 -7.95 -69.82
CA ALA J 1005 46.67 -8.70 -71.03
C ALA J 1005 46.72 -7.81 -72.27
N ALA J 1006 46.29 -6.56 -72.14
CA ALA J 1006 46.39 -5.62 -73.25
C ALA J 1006 47.84 -5.32 -73.59
N GLU J 1007 48.69 -5.16 -72.57
CA GLU J 1007 50.11 -4.92 -72.82
C GLU J 1007 50.78 -6.13 -73.45
N ILE J 1008 50.43 -7.34 -72.97
CA ILE J 1008 51.00 -8.56 -73.54
C ILE J 1008 50.55 -8.75 -74.98
N ARG J 1009 49.28 -8.46 -75.27
CA ARG J 1009 48.77 -8.59 -76.64
C ARG J 1009 49.46 -7.59 -77.57
N ALA J 1010 49.71 -6.36 -77.09
CA ALA J 1010 50.39 -5.37 -77.91
C ALA J 1010 51.82 -5.79 -78.22
N SER J 1011 52.52 -6.37 -77.23
CA SER J 1011 53.87 -6.85 -77.47
C SER J 1011 53.88 -8.10 -78.33
N ALA J 1012 52.87 -8.96 -78.17
CA ALA J 1012 52.77 -10.15 -79.02
C ALA J 1012 52.48 -9.78 -80.46
N ASN J 1013 51.62 -8.78 -80.68
CA ASN J 1013 51.34 -8.33 -82.04
C ASN J 1013 52.58 -7.66 -82.66
N LEU J 1014 53.32 -6.90 -81.86
CA LEU J 1014 54.57 -6.31 -82.34
C LEU J 1014 55.59 -7.39 -82.66
N ALA J 1015 55.66 -8.43 -81.83
CA ALA J 1015 56.56 -9.55 -82.11
C ALA J 1015 56.14 -10.30 -83.37
N ALA J 1016 54.83 -10.44 -83.58
CA ALA J 1016 54.33 -11.14 -84.77
C ALA J 1016 54.67 -10.39 -86.05
N THR J 1017 54.54 -9.05 -86.03
CA THR J 1017 54.89 -8.26 -87.20
C THR J 1017 56.38 -8.29 -87.48
N LYS J 1018 57.20 -8.23 -86.43
CA LYS J 1018 58.65 -8.35 -86.60
C LYS J 1018 59.02 -9.75 -87.08
N MET J 1019 58.32 -10.77 -86.58
CA MET J 1019 58.56 -12.14 -87.03
C MET J 1019 58.18 -12.30 -88.50
N SER J 1020 57.09 -11.64 -88.93
CA SER J 1020 56.64 -11.79 -90.31
C SER J 1020 57.56 -11.05 -91.28
N GLU J 1021 58.12 -9.92 -90.87
CA GLU J 1021 58.90 -9.07 -91.77
C GLU J 1021 60.40 -9.30 -91.65
N CYS J 1022 60.95 -9.16 -90.44
CA CYS J 1022 62.40 -9.20 -90.27
C CYS J 1022 62.96 -10.61 -90.46
N VAL J 1023 62.19 -11.63 -90.11
CA VAL J 1023 62.68 -13.01 -90.18
C VAL J 1023 62.29 -13.67 -91.50
N LEU J 1024 61.01 -13.59 -91.88
CA LEU J 1024 60.56 -14.25 -93.10
C LEU J 1024 60.86 -13.41 -94.33
N GLY J 1025 62.08 -12.92 -94.46
CA GLY J 1025 62.48 -12.08 -95.56
C GLY J 1025 63.22 -10.86 -95.08
N GLN J 1026 63.38 -9.89 -95.98
CA GLN J 1026 64.11 -8.66 -95.70
C GLN J 1026 63.12 -7.50 -95.67
N SER J 1027 63.14 -6.76 -94.57
CA SER J 1027 62.25 -5.62 -94.38
C SER J 1027 62.94 -4.34 -94.83
N LYS J 1028 62.27 -3.58 -95.68
CA LYS J 1028 62.83 -2.32 -96.18
C LYS J 1028 62.64 -1.17 -95.21
N ARG J 1029 61.90 -1.39 -94.11
CA ARG J 1029 61.71 -0.35 -93.11
C ARG J 1029 63.00 -0.16 -92.32
N VAL J 1030 63.65 0.98 -92.51
CA VAL J 1030 64.91 1.27 -91.83
C VAL J 1030 64.62 1.56 -90.36
N ASP J 1031 65.52 1.08 -89.49
CA ASP J 1031 65.41 1.18 -88.03
C ASP J 1031 64.09 0.56 -87.56
N PHE J 1032 63.87 -0.67 -88.01
CA PHE J 1032 62.75 -1.49 -87.54
C PHE J 1032 63.22 -2.87 -87.07
N CYS J 1033 64.25 -3.42 -87.70
CA CYS J 1033 64.84 -4.69 -87.29
C CYS J 1033 66.27 -4.48 -86.78
N GLY J 1034 66.48 -3.43 -86.01
CA GLY J 1034 67.78 -3.11 -85.47
C GLY J 1034 68.37 -1.85 -86.07
N LYS J 1035 69.46 -1.39 -85.46
CA LYS J 1035 70.14 -0.19 -85.90
C LYS J 1035 71.05 -0.53 -87.08
N GLY J 1036 70.75 0.05 -88.23
CA GLY J 1036 71.50 -0.19 -89.45
C GLY J 1036 70.66 -0.85 -90.52
N TYR J 1037 71.31 -1.15 -91.63
CA TYR J 1037 70.65 -1.82 -92.75
C TYR J 1037 70.42 -3.29 -92.38
N HIS J 1038 69.15 -3.66 -92.20
CA HIS J 1038 68.83 -5.02 -91.77
C HIS J 1038 69.07 -6.01 -92.90
N LEU J 1039 69.77 -7.10 -92.58
CA LEU J 1039 69.99 -8.19 -93.51
C LEU J 1039 69.17 -9.42 -93.16
N MET J 1040 69.29 -9.91 -91.93
CA MET J 1040 68.57 -11.10 -91.49
C MET J 1040 68.31 -11.00 -89.99
N SER J 1041 67.33 -11.78 -89.53
CA SER J 1041 67.00 -11.88 -88.12
C SER J 1041 66.75 -13.33 -87.76
N PHE J 1042 67.40 -13.79 -86.70
CA PHE J 1042 67.35 -15.19 -86.28
C PHE J 1042 66.58 -15.33 -84.98
N PRO J 1043 65.35 -15.82 -85.00
CA PRO J 1043 64.59 -15.99 -83.76
C PRO J 1043 65.09 -17.17 -82.93
N GLN J 1044 64.96 -17.03 -81.62
CA GLN J 1044 65.29 -18.09 -80.68
C GLN J 1044 64.20 -18.18 -79.62
N SER J 1045 64.05 -19.38 -79.06
CA SER J 1045 63.02 -19.60 -78.06
C SER J 1045 63.40 -18.93 -76.74
N ALA J 1046 62.41 -18.30 -76.10
CA ALA J 1046 62.55 -17.71 -74.79
C ALA J 1046 61.34 -18.08 -73.95
N PRO J 1047 61.52 -18.26 -72.64
CA PRO J 1047 60.37 -18.56 -71.77
C PRO J 1047 59.45 -17.36 -71.65
N HIS J 1048 58.19 -17.54 -72.07
CA HIS J 1048 57.17 -16.49 -72.04
C HIS J 1048 57.61 -15.24 -72.81
N GLY J 1049 58.28 -15.47 -73.94
CA GLY J 1049 58.79 -14.36 -74.72
C GLY J 1049 59.51 -14.86 -75.95
N VAL J 1050 60.10 -13.92 -76.68
CA VAL J 1050 60.85 -14.22 -77.90
C VAL J 1050 61.98 -13.21 -78.04
N VAL J 1051 63.11 -13.67 -78.58
CA VAL J 1051 64.25 -12.83 -78.86
C VAL J 1051 64.58 -12.95 -80.35
N PHE J 1052 65.07 -11.86 -80.93
CA PHE J 1052 65.44 -11.82 -82.34
C PHE J 1052 66.92 -11.48 -82.45
N LEU J 1053 67.66 -12.28 -83.22
CA LEU J 1053 69.08 -12.05 -83.44
C LEU J 1053 69.25 -11.37 -84.79
N HIS J 1054 69.03 -10.06 -84.80
CA HIS J 1054 69.11 -9.29 -86.03
C HIS J 1054 70.55 -9.19 -86.52
N VAL J 1055 70.72 -9.23 -87.83
CA VAL J 1055 72.02 -9.05 -88.47
C VAL J 1055 71.94 -7.75 -89.28
N THR J 1056 72.71 -6.75 -88.86
CA THR J 1056 72.66 -5.42 -89.46
C THR J 1056 73.93 -5.14 -90.26
N TYR J 1057 73.82 -4.18 -91.17
CA TYR J 1057 74.91 -3.74 -92.03
C TYR J 1057 75.22 -2.28 -91.71
N VAL J 1058 76.36 -2.05 -91.05
CA VAL J 1058 76.77 -0.72 -90.63
C VAL J 1058 78.15 -0.44 -91.19
N PRO J 1059 78.40 0.74 -91.76
CA PRO J 1059 79.76 1.07 -92.21
C PRO J 1059 80.69 1.33 -91.03
N ALA J 1060 81.99 1.19 -91.30
CA ALA J 1060 83.01 1.30 -90.26
C ALA J 1060 83.85 2.55 -90.41
N GLN J 1061 84.50 2.76 -91.54
CA GLN J 1061 85.25 3.99 -91.80
C GLN J 1061 84.89 4.53 -93.17
N GLU J 1062 85.01 5.84 -93.34
CA GLU J 1062 84.63 6.55 -94.55
C GLU J 1062 85.72 7.52 -94.95
N LYS J 1063 85.71 7.92 -96.23
CA LYS J 1063 86.68 8.85 -96.77
C LYS J 1063 85.96 9.97 -97.50
N ASN J 1064 86.47 11.19 -97.34
CA ASN J 1064 85.90 12.35 -98.00
C ASN J 1064 86.27 12.35 -99.49
N PHE J 1065 85.38 12.90 -100.31
CA PHE J 1065 85.60 12.95 -101.75
C PHE J 1065 84.93 14.19 -102.32
N THR J 1066 85.44 14.65 -103.46
CA THR J 1066 84.86 15.77 -104.18
C THR J 1066 83.94 15.24 -105.27
N THR J 1067 82.71 15.75 -105.30
CA THR J 1067 81.66 15.22 -106.16
C THR J 1067 81.26 16.23 -107.22
N ALA J 1068 80.47 15.75 -108.18
CA ALA J 1068 79.88 16.57 -109.22
C ALA J 1068 78.51 15.99 -109.57
N PRO J 1069 77.50 16.85 -109.77
CA PRO J 1069 76.18 16.31 -110.15
C PRO J 1069 76.14 15.75 -111.55
N ALA J 1070 76.87 16.35 -112.49
CA ALA J 1070 76.87 15.90 -113.87
C ALA J 1070 78.19 16.33 -114.52
N ILE J 1071 78.49 15.71 -115.66
CA ILE J 1071 79.70 15.98 -116.42
C ILE J 1071 79.31 16.19 -117.88
N CYS J 1072 79.82 17.27 -118.47
CA CYS J 1072 79.56 17.61 -119.87
C CYS J 1072 80.83 17.34 -120.68
N HIS J 1073 80.77 16.36 -121.58
CA HIS J 1073 81.92 16.06 -122.43
C HIS J 1073 81.99 16.98 -123.64
N ASP J 1074 81.01 16.87 -124.55
CA ASP J 1074 80.96 17.68 -125.78
C ASP J 1074 79.55 18.24 -125.90
N GLY J 1075 79.29 19.36 -125.21
CA GLY J 1075 78.00 20.02 -125.27
C GLY J 1075 76.83 19.18 -124.83
N LYS J 1076 77.07 18.11 -124.07
CA LYS J 1076 76.04 17.17 -123.67
C LYS J 1076 76.25 16.78 -122.21
N ALA J 1077 75.21 16.94 -121.40
CA ALA J 1077 75.30 16.65 -119.97
C ALA J 1077 75.13 15.15 -119.75
N HIS J 1078 76.12 14.53 -119.11
CA HIS J 1078 76.08 13.11 -118.78
C HIS J 1078 75.81 12.94 -117.29
N PHE J 1079 74.83 12.10 -116.96
CA PHE J 1079 74.45 11.84 -115.59
C PHE J 1079 74.77 10.39 -115.21
N PRO J 1080 75.14 10.12 -113.96
CA PRO J 1080 75.43 8.74 -113.56
C PRO J 1080 74.18 7.88 -113.56
N ARG J 1081 74.30 6.66 -114.09
CA ARG J 1081 73.16 5.77 -114.18
C ARG J 1081 72.79 5.17 -112.83
N GLU J 1082 73.79 4.77 -112.04
CA GLU J 1082 73.54 4.07 -110.79
C GLU J 1082 74.34 4.61 -109.61
N GLY J 1083 75.32 5.48 -109.85
CA GLY J 1083 76.17 5.93 -108.77
C GLY J 1083 76.35 7.43 -108.68
N VAL J 1084 77.55 7.86 -108.27
CA VAL J 1084 77.87 9.27 -108.08
C VAL J 1084 79.27 9.53 -108.61
N PHE J 1085 79.44 10.64 -109.31
CA PHE J 1085 80.76 11.04 -109.79
C PHE J 1085 81.61 11.53 -108.63
N VAL J 1086 82.82 11.00 -108.51
CA VAL J 1086 83.74 11.35 -107.42
C VAL J 1086 85.08 11.72 -108.02
N SER J 1087 85.83 12.55 -107.31
CA SER J 1087 87.14 13.01 -107.74
C SER J 1087 88.16 12.83 -106.64
N ASN J 1088 89.40 12.56 -107.04
CA ASN J 1088 90.53 12.45 -106.13
C ASN J 1088 91.61 13.47 -106.48
N GLY J 1089 91.17 14.68 -106.86
CA GLY J 1089 92.07 15.73 -107.23
C GLY J 1089 92.32 15.88 -108.72
N THR J 1090 92.91 14.84 -109.35
CA THR J 1090 93.30 14.92 -110.75
C THR J 1090 92.55 13.95 -111.65
N HIS J 1091 91.59 13.18 -111.12
CA HIS J 1091 90.86 12.22 -111.94
C HIS J 1091 89.43 12.13 -111.43
N TRP J 1092 88.54 11.70 -112.32
CA TRP J 1092 87.13 11.53 -112.02
C TRP J 1092 86.71 10.09 -112.30
N PHE J 1093 85.91 9.53 -111.40
CA PHE J 1093 85.43 8.16 -111.53
C PHE J 1093 83.98 8.09 -111.06
N VAL J 1094 83.44 6.87 -111.05
CA VAL J 1094 82.09 6.61 -110.57
C VAL J 1094 82.17 5.50 -109.53
N THR J 1095 81.31 5.60 -108.51
CA THR J 1095 81.33 4.69 -107.38
C THR J 1095 79.89 4.36 -106.99
N GLN J 1096 79.72 3.78 -105.80
CA GLN J 1096 78.42 3.51 -105.23
C GLN J 1096 78.23 4.31 -103.95
N ARG J 1097 76.99 4.37 -103.49
CA ARG J 1097 76.63 5.14 -102.30
C ARG J 1097 76.97 4.43 -100.99
N ASN J 1098 77.09 3.11 -100.99
CA ASN J 1098 77.34 2.37 -99.77
C ASN J 1098 78.68 1.65 -99.77
N PHE J 1099 79.42 1.69 -100.88
CA PHE J 1099 80.75 1.10 -100.93
C PHE J 1099 81.58 1.87 -101.95
N TYR J 1100 82.90 1.79 -101.79
CA TYR J 1100 83.83 2.51 -102.64
C TYR J 1100 84.45 1.55 -103.66
N GLU J 1101 84.27 1.85 -104.94
CA GLU J 1101 84.85 1.08 -106.03
C GLU J 1101 84.96 1.96 -107.26
N PRO J 1102 86.09 2.62 -107.48
CA PRO J 1102 86.19 3.53 -108.63
C PRO J 1102 86.23 2.79 -109.95
N GLN J 1103 85.51 3.33 -110.93
CA GLN J 1103 85.49 2.80 -112.29
C GLN J 1103 85.61 3.95 -113.27
N ILE J 1104 86.15 3.66 -114.45
CA ILE J 1104 86.33 4.68 -115.47
C ILE J 1104 84.98 5.10 -116.02
N ILE J 1105 84.91 6.32 -116.53
CA ILE J 1105 83.66 6.91 -117.02
C ILE J 1105 83.54 6.62 -118.51
N THR J 1106 82.55 5.81 -118.87
CA THR J 1106 82.27 5.44 -120.26
C THR J 1106 80.86 5.89 -120.62
N THR J 1107 80.40 5.47 -121.80
CA THR J 1107 79.04 5.73 -122.23
C THR J 1107 78.06 4.66 -121.76
N ASP J 1108 78.54 3.61 -121.08
CA ASP J 1108 77.68 2.54 -120.60
C ASP J 1108 77.14 2.80 -119.20
N ASN J 1109 77.90 3.50 -118.35
CA ASN J 1109 77.45 3.83 -117.01
C ASN J 1109 76.87 5.23 -116.91
N THR J 1110 76.76 5.96 -118.01
CA THR J 1110 76.22 7.31 -118.03
C THR J 1110 75.15 7.44 -119.11
N PHE J 1111 74.16 8.28 -118.85
CA PHE J 1111 73.13 8.61 -119.82
C PHE J 1111 73.09 10.12 -120.03
N VAL J 1112 72.74 10.52 -121.25
CA VAL J 1112 72.82 11.90 -121.68
C VAL J 1112 71.44 12.53 -121.71
N SER J 1113 71.32 13.73 -121.13
CA SER J 1113 70.06 14.47 -121.14
C SER J 1113 70.38 15.94 -120.97
N GLY J 1114 70.33 16.70 -122.05
CA GLY J 1114 70.48 18.14 -122.01
C GLY J 1114 71.72 18.61 -122.75
N ASN J 1115 72.01 19.91 -122.60
CA ASN J 1115 73.15 20.53 -123.26
C ASN J 1115 74.07 21.21 -122.26
N CYS J 1116 74.02 20.79 -120.99
CA CYS J 1116 74.88 21.27 -119.90
C CYS J 1116 74.94 22.80 -119.82
N ASP J 1117 73.78 23.44 -120.01
CA ASP J 1117 73.64 24.86 -119.79
C ASP J 1117 72.58 25.21 -118.75
N VAL J 1118 71.90 24.20 -118.20
CA VAL J 1118 70.88 24.41 -117.17
C VAL J 1118 71.24 23.76 -115.85
N VAL J 1119 72.37 23.05 -115.78
CA VAL J 1119 72.81 22.37 -114.57
C VAL J 1119 73.89 23.21 -113.90
N ILE J 1120 73.69 23.52 -112.62
CA ILE J 1120 74.64 24.33 -111.86
C ILE J 1120 75.68 23.41 -111.24
N GLY J 1121 76.95 23.62 -111.58
CA GLY J 1121 78.02 22.81 -111.04
C GLY J 1121 78.52 21.76 -112.03
N ILE J 1122 78.62 22.13 -113.30
CA ILE J 1122 79.08 21.20 -114.32
C ILE J 1122 80.60 21.12 -114.30
N VAL J 1123 81.13 19.95 -114.66
CA VAL J 1123 82.57 19.68 -114.64
C VAL J 1123 82.98 19.13 -115.99
N ASN J 1124 84.04 19.70 -116.56
CA ASN J 1124 84.55 19.25 -117.85
C ASN J 1124 85.35 17.97 -117.70
N ASN J 1125 85.05 16.99 -118.55
CA ASN J 1125 85.80 15.74 -118.63
C ASN J 1125 85.49 15.09 -119.98
N THR J 1126 85.95 13.85 -120.17
CA THR J 1126 85.74 13.13 -121.41
C THR J 1126 85.22 11.73 -121.12
N VAL J 1127 84.35 11.24 -122.01
CA VAL J 1127 83.83 9.88 -121.93
C VAL J 1127 84.77 8.95 -122.68
N TYR J 1128 84.62 7.64 -122.47
CA TYR J 1128 85.51 6.67 -123.08
C TYR J 1128 85.04 6.23 -124.46
N ASP J 1129 83.73 5.96 -124.62
CA ASP J 1129 83.11 5.51 -125.86
C ASP J 1129 83.79 4.22 -126.34
N PRO J 1130 83.51 3.09 -125.67
CA PRO J 1130 84.32 1.87 -125.89
C PRO J 1130 84.23 1.27 -127.29
N LEU J 1131 83.29 1.71 -128.12
CA LEU J 1131 83.14 1.11 -129.45
C LEU J 1131 84.33 1.47 -130.36
N GLN J 1132 84.86 2.69 -130.21
CA GLN J 1132 85.88 3.18 -131.14
C GLN J 1132 87.17 2.38 -131.17
N PRO J 1133 87.79 1.99 -130.03
CA PRO J 1133 89.08 1.26 -130.13
C PRO J 1133 89.02 -0.04 -130.93
N GLU J 1134 87.96 -0.82 -130.79
CA GLU J 1134 87.83 -2.04 -131.58
C GLU J 1134 87.42 -1.75 -133.02
N LEU J 1135 86.56 -0.76 -133.22
CA LEU J 1135 86.11 -0.43 -134.58
C LEU J 1135 87.22 0.22 -135.39
N ASP J 1136 87.96 1.13 -134.77
CA ASP J 1136 89.04 1.83 -135.46
C ASP J 1136 90.41 1.44 -134.91
N GLN K 4 -0.63 59.92 -35.54
CA GLN K 4 -2.00 59.95 -36.06
C GLN K 4 -2.01 60.00 -37.58
N CYS K 5 -3.14 59.61 -38.17
CA CYS K 5 -3.30 59.61 -39.61
C CYS K 5 -4.71 60.06 -39.97
N VAL K 6 -4.86 60.51 -41.21
CA VAL K 6 -6.16 60.91 -41.76
C VAL K 6 -6.43 60.10 -43.01
N ASN K 7 -7.71 60.03 -43.38
CA ASN K 7 -8.12 59.30 -44.57
C ASN K 7 -8.14 60.21 -45.78
N LEU K 8 -8.08 59.59 -46.96
CA LEU K 8 -8.11 60.31 -48.22
C LEU K 8 -9.53 60.30 -48.80
N THR K 9 -9.70 60.96 -49.93
CA THR K 9 -10.98 61.05 -50.61
C THR K 9 -10.91 60.34 -51.95
N THR K 10 -12.05 59.87 -52.42
CA THR K 10 -12.12 59.17 -53.70
C THR K 10 -11.90 60.14 -54.85
N ARG K 11 -11.04 59.75 -55.78
CA ARG K 11 -10.70 60.57 -56.94
C ARG K 11 -10.35 59.65 -58.10
N THR K 12 -10.15 60.26 -59.26
CA THR K 12 -9.84 59.50 -60.47
C THR K 12 -8.33 59.23 -60.52
N GLN K 13 -7.97 57.95 -60.61
CA GLN K 13 -6.58 57.53 -60.72
C GLN K 13 -6.32 56.96 -62.11
N LEU K 14 -5.11 56.43 -62.29
CA LEU K 14 -4.74 55.73 -63.51
C LEU K 14 -4.32 54.31 -63.18
N PRO K 15 -4.66 53.33 -64.01
CA PRO K 15 -4.27 51.95 -63.72
C PRO K 15 -2.78 51.76 -63.85
N PRO K 16 -2.19 50.83 -63.09
CA PRO K 16 -0.76 50.57 -63.23
C PRO K 16 -0.43 49.92 -64.56
N ALA K 17 0.79 50.16 -65.02
CA ALA K 17 1.29 49.61 -66.28
C ALA K 17 2.30 48.50 -66.00
N TYR K 18 2.60 47.74 -67.03
CA TYR K 18 3.55 46.63 -66.95
C TYR K 18 4.71 46.92 -67.88
N THR K 19 5.93 46.81 -67.35
CA THR K 19 7.15 47.17 -68.05
C THR K 19 8.10 45.98 -68.11
N ASN K 20 9.11 46.10 -68.98
CA ASN K 20 10.07 45.04 -69.21
C ASN K 20 11.45 45.48 -68.72
N SER K 21 12.12 44.60 -67.96
CA SER K 21 13.46 44.88 -67.47
C SER K 21 14.50 44.56 -68.53
N PHE K 22 15.66 45.20 -68.43
CA PHE K 22 16.75 45.02 -69.38
C PHE K 22 18.07 44.96 -68.59
N THR K 23 18.51 43.74 -68.29
CA THR K 23 19.76 43.44 -67.59
C THR K 23 19.85 44.20 -66.26
N ARG K 24 18.87 43.95 -65.41
CA ARG K 24 18.77 44.60 -64.10
C ARG K 24 18.54 43.55 -63.02
N GLY K 25 18.88 43.93 -61.79
CA GLY K 25 18.67 43.06 -60.65
C GLY K 25 19.80 42.10 -60.41
N VAL K 26 21.03 42.58 -60.55
CA VAL K 26 22.24 41.78 -60.33
C VAL K 26 23.01 42.40 -59.18
N TYR K 27 23.42 41.55 -58.22
CA TYR K 27 24.12 41.98 -57.03
C TYR K 27 25.19 40.95 -56.70
N TYR K 28 25.83 41.13 -55.55
CA TYR K 28 26.84 40.18 -55.09
C TYR K 28 26.17 39.08 -54.28
N PRO K 29 26.22 37.81 -54.74
CA PRO K 29 25.49 36.75 -54.04
C PRO K 29 26.18 36.23 -52.79
N ASP K 30 27.46 36.51 -52.59
CA ASP K 30 28.19 36.01 -51.44
C ASP K 30 29.16 37.08 -50.96
N LYS K 31 30.00 36.72 -50.00
CA LYS K 31 30.92 37.66 -49.36
C LYS K 31 32.36 37.23 -49.58
N VAL K 32 32.70 36.85 -50.81
CA VAL K 32 34.04 36.45 -51.17
C VAL K 32 34.51 37.28 -52.36
N PHE K 33 35.80 37.17 -52.67
CA PHE K 33 36.41 37.85 -53.80
C PHE K 33 36.80 36.81 -54.84
N ARG K 34 36.38 37.02 -56.08
CA ARG K 34 36.64 36.11 -57.18
C ARG K 34 37.16 36.91 -58.37
N SER K 35 38.35 36.57 -58.87
CA SER K 35 39.00 37.29 -59.94
C SER K 35 39.23 36.37 -61.13
N SER K 36 38.73 36.78 -62.30
CA SER K 36 38.94 36.08 -63.57
C SER K 36 38.45 34.64 -63.53
N VAL K 37 37.31 34.41 -62.86
CA VAL K 37 36.68 33.11 -62.81
C VAL K 37 35.23 33.23 -63.25
N LEU K 38 34.63 32.08 -63.57
CA LEU K 38 33.22 31.97 -63.93
C LEU K 38 32.57 31.05 -62.90
N HIS K 39 31.98 31.66 -61.87
CA HIS K 39 31.41 30.92 -60.75
C HIS K 39 29.89 30.96 -60.82
N SER K 40 29.25 29.81 -60.66
CA SER K 40 27.81 29.68 -60.68
C SER K 40 27.30 29.41 -59.27
N THR K 41 26.24 30.12 -58.88
CA THR K 41 25.65 29.97 -57.56
C THR K 41 24.13 29.90 -57.66
N GLN K 42 23.52 29.28 -56.66
CA GLN K 42 22.07 29.19 -56.57
C GLN K 42 21.60 30.24 -55.57
N ASP K 43 20.95 31.29 -56.06
CA ASP K 43 20.54 32.40 -55.22
C ASP K 43 19.40 33.12 -55.91
N LEU K 44 18.58 33.80 -55.09
CA LEU K 44 17.48 34.61 -55.61
C LEU K 44 18.01 35.74 -56.49
N PHE K 45 17.43 35.90 -57.67
CA PHE K 45 17.84 36.95 -58.60
C PHE K 45 16.63 37.41 -59.40
N LEU K 46 16.76 38.59 -60.01
CA LEU K 46 15.72 39.15 -60.86
C LEU K 46 15.83 38.57 -62.27
N PRO K 47 14.76 38.01 -62.82
CA PRO K 47 14.82 37.46 -64.18
C PRO K 47 15.06 38.54 -65.22
N PHE K 48 15.74 38.16 -66.30
CA PHE K 48 16.02 39.06 -67.41
C PHE K 48 14.91 38.94 -68.45
N PHE K 49 14.58 40.09 -69.08
CA PHE K 49 13.50 40.19 -70.06
C PHE K 49 12.18 39.68 -69.50
N SER K 50 11.90 40.05 -68.25
CA SER K 50 10.67 39.65 -67.57
C SER K 50 9.78 40.85 -67.34
N ASN K 51 8.47 40.61 -67.34
CA ASN K 51 7.50 41.68 -67.21
C ASN K 51 7.42 42.12 -65.75
N VAL K 52 7.72 43.40 -65.49
CA VAL K 52 7.78 43.94 -64.14
C VAL K 52 6.77 45.08 -64.02
N THR K 53 6.15 45.19 -62.85
CA THR K 53 5.11 46.18 -62.62
C THR K 53 5.70 47.59 -62.58
N TRP K 54 4.84 48.56 -62.88
CA TRP K 54 5.21 49.97 -62.90
C TRP K 54 4.18 50.77 -62.14
N PHE K 55 4.64 51.66 -61.25
CA PHE K 55 3.78 52.54 -60.49
C PHE K 55 4.20 53.99 -60.72
N HIS K 56 3.22 54.86 -60.89
CA HIS K 56 3.46 56.27 -61.17
C HIS K 56 3.33 57.10 -59.90
N ALA K 57 4.02 58.24 -59.88
CA ALA K 57 3.92 59.18 -58.77
C ALA K 57 3.85 60.62 -59.24
N ILE K 58 3.64 60.87 -60.54
CA ILE K 58 3.57 62.23 -61.04
C ILE K 58 2.21 62.85 -60.68
N HIS K 59 2.15 64.18 -60.73
CA HIS K 59 0.93 64.91 -60.41
C HIS K 59 0.08 65.16 -61.65
N VAL K 60 0.66 65.77 -62.68
CA VAL K 60 -0.06 66.06 -63.92
C VAL K 60 0.27 65.03 -64.98
N THR K 66 -4.75 62.83 -64.01
CA THR K 66 -3.94 63.58 -63.06
C THR K 66 -4.18 63.11 -61.64
N LYS K 67 -3.39 63.65 -60.71
CA LYS K 67 -3.46 63.32 -59.28
C LYS K 67 -3.28 61.83 -59.05
N ARG K 68 -2.12 61.32 -59.46
CA ARG K 68 -1.80 59.91 -59.33
C ARG K 68 -1.11 59.65 -58.00
N PHE K 69 -1.77 58.89 -57.12
CA PHE K 69 -1.21 58.55 -55.81
C PHE K 69 -1.73 57.17 -55.44
N ASP K 70 -0.93 56.15 -55.73
CA ASP K 70 -1.28 54.76 -55.42
C ASP K 70 -0.18 54.14 -54.59
N ASN K 71 -0.53 53.64 -53.41
CA ASN K 71 0.39 52.91 -52.54
C ASN K 71 -0.26 51.63 -52.06
N PRO K 72 -0.43 50.65 -52.94
CA PRO K 72 -1.01 49.37 -52.51
C PRO K 72 -0.03 48.57 -51.66
N VAL K 73 -0.58 47.70 -50.82
CA VAL K 73 0.24 46.88 -49.92
C VAL K 73 0.52 45.58 -50.67
N LEU K 74 1.62 45.58 -51.42
CA LEU K 74 1.99 44.41 -52.18
C LEU K 74 2.57 43.35 -51.26
N PRO K 75 2.35 42.06 -51.55
CA PRO K 75 2.95 41.01 -50.74
C PRO K 75 4.46 40.97 -50.89
N PHE K 76 5.14 40.52 -49.83
CA PHE K 76 6.59 40.40 -49.81
C PHE K 76 6.95 38.94 -50.04
N ASN K 77 7.42 38.63 -51.24
CA ASN K 77 7.83 37.27 -51.59
C ASN K 77 9.28 37.06 -51.16
N ASP K 78 9.89 35.96 -51.61
CA ASP K 78 11.28 35.66 -51.30
C ASP K 78 12.18 36.58 -52.13
N GLY K 79 12.37 37.78 -51.60
CA GLY K 79 13.19 38.78 -52.27
C GLY K 79 12.40 39.66 -53.21
N VAL K 80 12.56 40.97 -53.09
CA VAL K 80 11.90 41.94 -53.97
C VAL K 80 12.96 42.86 -54.56
N TYR K 81 12.61 43.44 -55.71
CA TYR K 81 13.49 44.36 -56.43
C TYR K 81 12.81 45.72 -56.49
N PHE K 82 13.49 46.75 -56.02
CA PHE K 82 12.95 48.11 -55.96
C PHE K 82 13.92 49.04 -56.68
N ALA K 83 13.55 49.44 -57.90
CA ALA K 83 14.33 50.38 -58.70
C ALA K 83 13.56 51.69 -58.83
N SER K 84 14.28 52.80 -58.77
CA SER K 84 13.66 54.12 -58.86
C SER K 84 14.61 55.07 -59.59
N THR K 85 14.08 55.75 -60.60
CA THR K 85 14.81 56.79 -61.32
C THR K 85 14.62 58.16 -60.65
N GLU K 86 14.98 58.21 -59.38
CA GLU K 86 14.71 59.36 -58.54
C GLU K 86 15.54 60.57 -58.97
N LYS K 87 14.88 61.73 -59.05
CA LYS K 87 15.52 62.97 -59.45
C LYS K 87 15.54 64.00 -58.34
N SER K 88 14.37 64.34 -57.77
CA SER K 88 14.25 65.38 -56.77
C SER K 88 14.03 64.81 -55.36
N ASN K 89 14.29 63.51 -55.18
CA ASN K 89 14.20 62.84 -53.88
C ASN K 89 12.79 62.94 -53.28
N ILE K 90 11.79 62.62 -54.10
CA ILE K 90 10.41 62.62 -53.63
C ILE K 90 10.18 61.48 -52.64
N ILE K 91 10.71 60.29 -52.96
CA ILE K 91 10.52 59.13 -52.11
C ILE K 91 11.34 59.30 -50.82
N ARG K 92 10.85 58.69 -49.74
CA ARG K 92 11.48 58.80 -48.43
C ARG K 92 11.99 57.47 -47.91
N GLY K 93 11.15 56.44 -47.88
CA GLY K 93 11.58 55.18 -47.33
C GLY K 93 10.56 54.09 -47.57
N TRP K 94 10.69 53.01 -46.79
CA TRP K 94 9.84 51.83 -46.91
C TRP K 94 9.37 51.39 -45.54
N ILE K 95 8.21 50.75 -45.51
CA ILE K 95 7.68 50.12 -44.30
C ILE K 95 7.35 48.67 -44.62
N PHE K 96 7.40 47.83 -43.59
CA PHE K 96 7.19 46.39 -43.74
C PHE K 96 6.26 45.91 -42.63
N GLY K 97 5.99 44.61 -42.64
CA GLY K 97 5.12 44.01 -41.66
C GLY K 97 4.31 42.89 -42.28
N THR K 98 3.42 42.32 -41.46
CA THR K 98 2.53 41.25 -41.91
C THR K 98 1.08 41.68 -41.90
N THR K 99 0.57 42.18 -40.76
CA THR K 99 -0.80 42.63 -40.65
C THR K 99 -0.95 44.10 -40.30
N LEU K 100 0.09 44.74 -39.78
CA LEU K 100 0.09 46.18 -39.46
C LEU K 100 -1.03 46.54 -38.49
N ASP K 101 -1.13 45.77 -37.41
CA ASP K 101 -2.15 46.00 -36.39
C ASP K 101 -1.56 45.91 -34.98
N SER K 102 -0.27 46.27 -34.85
CA SER K 102 0.47 46.23 -33.58
C SER K 102 0.45 44.82 -32.97
N LYS K 103 0.58 43.81 -33.83
CA LYS K 103 0.65 42.42 -33.38
C LYS K 103 1.97 41.74 -33.73
N THR K 104 2.75 42.30 -34.65
CA THR K 104 4.02 41.72 -35.07
C THR K 104 5.09 42.81 -35.06
N GLN K 105 6.29 42.43 -35.48
CA GLN K 105 7.40 43.38 -35.61
C GLN K 105 7.39 43.93 -37.02
N SER K 106 6.94 45.19 -37.17
CA SER K 106 6.82 45.84 -38.46
C SER K 106 8.04 46.73 -38.68
N LEU K 107 8.82 46.44 -39.73
CA LEU K 107 10.01 47.22 -40.02
C LEU K 107 9.64 48.57 -40.62
N LEU K 108 10.35 49.61 -40.21
CA LEU K 108 10.13 50.97 -40.68
C LEU K 108 11.50 51.58 -40.96
N ILE K 109 11.91 51.60 -42.22
CA ILE K 109 13.15 52.23 -42.63
C ILE K 109 12.81 53.54 -43.35
N VAL K 110 13.28 54.65 -42.80
CA VAL K 110 12.95 55.98 -43.30
C VAL K 110 14.22 56.81 -43.37
N ASN K 111 14.36 57.57 -44.44
CA ASN K 111 15.51 58.45 -44.64
C ASN K 111 15.03 59.88 -44.48
N ASN K 112 15.14 60.40 -43.25
CA ASN K 112 14.77 61.78 -43.01
C ASN K 112 15.88 62.72 -43.47
N ALA K 113 15.62 64.03 -43.37
CA ALA K 113 16.56 65.02 -43.90
C ALA K 113 17.86 65.10 -43.11
N THR K 114 17.87 64.60 -41.88
CA THR K 114 19.06 64.66 -41.03
C THR K 114 19.85 63.36 -41.01
N ASN K 115 19.18 62.24 -40.77
CA ASN K 115 19.87 60.96 -40.65
C ASN K 115 18.94 59.83 -41.05
N VAL K 116 19.55 58.69 -41.40
CA VAL K 116 18.80 57.47 -41.68
C VAL K 116 18.28 56.90 -40.37
N VAL K 117 16.99 56.61 -40.33
CA VAL K 117 16.36 56.06 -39.13
C VAL K 117 15.83 54.68 -39.49
N ILE K 118 16.36 53.66 -38.81
CA ILE K 118 15.94 52.27 -38.99
C ILE K 118 15.48 51.74 -37.64
N LYS K 119 14.22 51.33 -37.56
CA LYS K 119 13.70 50.74 -36.33
C LYS K 119 12.53 49.84 -36.69
N VAL K 120 12.55 48.61 -36.17
CA VAL K 120 11.43 47.70 -36.32
C VAL K 120 10.66 47.64 -35.02
N CYS K 121 9.35 47.90 -35.10
CA CYS K 121 8.52 47.94 -33.90
C CYS K 121 7.13 47.42 -34.25
N GLU K 122 6.17 47.69 -33.37
CA GLU K 122 4.79 47.29 -33.54
C GLU K 122 3.92 48.53 -33.71
N PHE K 123 4.36 49.44 -34.58
CA PHE K 123 3.66 50.70 -34.79
C PHE K 123 2.21 50.46 -35.20
N GLN K 124 1.30 51.29 -34.66
CA GLN K 124 -0.10 51.26 -35.06
C GLN K 124 -0.19 51.91 -36.44
N PHE K 125 0.09 51.10 -37.46
CA PHE K 125 0.13 51.60 -38.83
C PHE K 125 -1.26 51.95 -39.32
N CYS K 126 -1.38 53.11 -39.95
CA CYS K 126 -2.65 53.57 -40.50
C CYS K 126 -2.83 53.02 -41.90
N ASN K 127 -3.87 53.47 -42.60
CA ASN K 127 -4.17 52.94 -43.93
C ASN K 127 -3.12 53.37 -44.95
N ASP K 128 -2.77 54.65 -44.96
CA ASP K 128 -1.82 55.21 -45.93
C ASP K 128 -0.82 56.11 -45.21
N PRO K 129 0.24 55.54 -44.63
CA PRO K 129 1.32 56.38 -44.09
C PRO K 129 2.00 57.17 -45.20
N PHE K 130 2.37 58.40 -44.88
CA PHE K 130 2.96 59.30 -45.87
C PHE K 130 3.83 60.33 -45.14
N LEU K 131 4.49 61.18 -45.92
CA LEU K 131 5.29 62.28 -45.40
C LEU K 131 4.74 63.58 -45.94
N GLY K 132 4.65 64.59 -45.07
CA GLY K 132 4.12 65.90 -45.44
C GLY K 132 5.23 66.94 -45.48
N VAL K 133 5.31 67.66 -46.58
CA VAL K 133 6.29 68.72 -46.79
C VAL K 133 5.54 70.04 -46.94
N TYR K 134 5.92 71.03 -46.15
CA TYR K 134 5.26 72.33 -46.14
C TYR K 134 6.24 73.40 -46.63
N TYR K 135 5.70 74.36 -47.39
CA TYR K 135 6.49 75.47 -47.93
C TYR K 135 6.25 76.71 -47.07
N HIS K 136 7.32 77.20 -46.45
CA HIS K 136 7.21 78.40 -45.62
C HIS K 136 7.12 79.64 -46.49
N LYS K 137 6.44 80.66 -45.96
CA LYS K 137 6.30 81.94 -46.66
C LYS K 137 7.55 82.81 -46.50
N ASN K 138 8.05 82.95 -45.27
CA ASN K 138 9.22 83.79 -45.04
C ASN K 138 10.51 83.10 -45.48
N ASN K 139 10.57 81.78 -45.38
CA ASN K 139 11.76 81.02 -45.77
C ASN K 139 11.48 80.32 -47.10
N LYS K 140 12.39 80.51 -48.06
CA LYS K 140 12.25 79.92 -49.38
C LYS K 140 12.91 78.54 -49.43
N SER K 141 12.44 77.65 -48.56
CA SER K 141 12.94 76.30 -48.48
C SER K 141 11.79 75.36 -48.14
N TRP K 142 11.95 74.09 -48.55
CA TRP K 142 10.94 73.07 -48.29
C TRP K 142 11.33 72.27 -47.06
N MET K 143 10.41 72.14 -46.12
CA MET K 143 10.66 71.44 -44.87
C MET K 143 9.54 70.44 -44.61
N GLU K 144 9.90 69.34 -43.96
CA GLU K 144 8.97 68.27 -43.65
C GLU K 144 8.34 68.51 -42.27
N SER K 145 7.02 68.63 -42.23
CA SER K 145 6.30 68.91 -40.99
C SER K 145 5.35 67.80 -40.60
N GLU K 146 4.51 67.33 -41.52
CA GLU K 146 3.51 66.31 -41.21
C GLU K 146 4.18 64.94 -41.18
N PHE K 147 4.63 64.54 -39.99
CA PHE K 147 5.27 63.24 -39.79
C PHE K 147 4.19 62.23 -39.39
N ARG K 148 3.29 61.96 -40.33
CA ARG K 148 2.18 61.04 -40.12
C ARG K 148 2.54 59.69 -40.73
N VAL K 149 3.31 58.90 -39.98
CA VAL K 149 3.71 57.58 -40.42
C VAL K 149 3.12 56.47 -39.55
N TYR K 150 2.78 56.75 -38.29
CA TYR K 150 2.08 55.79 -37.45
C TYR K 150 1.35 56.55 -36.36
N SER K 151 0.56 55.81 -35.58
CA SER K 151 -0.20 56.39 -34.48
C SER K 151 0.61 56.38 -33.18
N SER K 152 1.06 55.20 -32.75
CA SER K 152 1.80 55.07 -31.50
C SER K 152 2.59 53.78 -31.54
N ALA K 153 3.42 53.57 -30.51
CA ALA K 153 4.20 52.36 -30.35
C ALA K 153 4.19 51.96 -28.88
N ASN K 154 4.43 50.68 -28.62
CA ASN K 154 4.47 50.20 -27.25
C ASN K 154 5.89 49.78 -26.90
N ASN K 155 6.36 48.68 -27.47
CA ASN K 155 7.72 48.23 -27.24
C ASN K 155 8.45 47.94 -28.54
N CYS K 156 9.78 48.00 -28.53
CA CYS K 156 10.55 47.78 -29.74
C CYS K 156 11.66 46.76 -29.52
N THR K 157 12.27 46.29 -30.60
CA THR K 157 13.32 45.28 -30.48
C THR K 157 14.64 45.72 -31.08
N PHE K 158 14.61 46.65 -32.03
CA PHE K 158 15.85 47.06 -32.70
C PHE K 158 15.82 48.48 -33.25
N GLU K 159 16.99 49.10 -33.39
CA GLU K 159 17.08 50.44 -33.95
C GLU K 159 18.46 50.64 -34.59
N TYR K 160 18.60 51.72 -35.36
CA TYR K 160 19.88 51.99 -36.01
C TYR K 160 19.85 53.39 -36.61
N VAL K 161 21.01 54.04 -36.63
CA VAL K 161 21.14 55.42 -37.06
C VAL K 161 22.12 55.55 -38.23
N SER K 162 23.29 54.93 -38.12
CA SER K 162 24.36 54.98 -39.13
C SER K 162 24.79 56.40 -39.44
N GLN K 163 25.45 56.58 -40.59
CA GLN K 163 25.93 57.90 -40.97
C GLN K 163 24.78 58.77 -41.48
N PRO K 164 24.89 60.09 -41.30
CA PRO K 164 23.84 60.99 -41.82
C PRO K 164 23.82 61.01 -43.33
N PHE K 165 22.62 61.22 -43.88
CA PHE K 165 22.41 61.33 -45.32
C PHE K 165 21.76 62.67 -45.62
N LEU K 166 22.34 63.41 -46.56
CA LEU K 166 21.85 64.72 -46.95
C LEU K 166 21.10 64.61 -48.27
N MET K 167 19.92 65.21 -48.34
CA MET K 167 19.07 65.10 -49.51
C MET K 167 18.33 66.41 -49.73
N ASP K 168 17.84 66.59 -50.96
CA ASP K 168 17.11 67.80 -51.35
C ASP K 168 15.61 67.54 -51.22
N LEU K 169 14.93 68.44 -50.53
CA LEU K 169 13.49 68.34 -50.33
C LEU K 169 12.68 69.12 -51.36
N GLU K 170 13.35 69.74 -52.34
CA GLU K 170 12.66 70.52 -53.36
C GLU K 170 12.28 69.61 -54.53
N GLY K 171 11.00 69.62 -54.89
CA GLY K 171 10.49 68.80 -55.97
C GLY K 171 10.26 69.63 -57.22
N LYS K 172 10.62 69.06 -58.38
CA LYS K 172 10.49 69.72 -59.66
C LYS K 172 9.73 68.80 -60.62
N GLN K 173 9.55 69.27 -61.85
CA GLN K 173 8.87 68.52 -62.90
C GLN K 173 9.78 68.19 -64.07
N GLY K 174 11.09 68.33 -63.91
CA GLY K 174 12.01 68.10 -65.00
C GLY K 174 12.36 66.63 -65.18
N ASN K 175 13.27 66.39 -66.13
CA ASN K 175 13.70 65.03 -66.42
C ASN K 175 14.59 64.49 -65.31
N PHE K 176 14.63 63.17 -65.20
CA PHE K 176 15.38 62.51 -64.14
C PHE K 176 16.88 62.52 -64.45
N LYS K 177 17.68 62.54 -63.38
CA LYS K 177 19.14 62.56 -63.52
C LYS K 177 19.85 61.45 -62.74
N ASN K 178 19.15 60.71 -61.87
CA ASN K 178 19.78 59.64 -61.11
C ASN K 178 18.85 58.43 -61.09
N LEU K 179 19.46 57.26 -60.89
CA LEU K 179 18.72 56.01 -60.80
C LEU K 179 19.19 55.25 -59.56
N ARG K 180 18.23 54.80 -58.75
CA ARG K 180 18.52 54.08 -57.51
C ARG K 180 17.81 52.73 -57.54
N GLU K 181 18.54 51.68 -57.21
CA GLU K 181 18.00 50.33 -57.15
C GLU K 181 18.21 49.76 -55.76
N PHE K 182 17.19 49.05 -55.25
CA PHE K 182 17.24 48.45 -53.92
C PHE K 182 16.76 47.01 -53.99
N VAL K 183 17.38 46.15 -53.17
CA VAL K 183 17.02 44.74 -53.08
C VAL K 183 16.80 44.41 -51.61
N PHE K 184 15.64 43.86 -51.28
CA PHE K 184 15.28 43.46 -49.93
C PHE K 184 15.11 41.95 -49.89
N LYS K 185 15.79 41.30 -48.95
CA LYS K 185 15.96 39.86 -48.95
C LYS K 185 15.82 39.31 -47.52
N ASN K 186 15.30 38.07 -47.42
CA ASN K 186 15.14 37.42 -46.12
C ASN K 186 15.38 35.92 -46.26
N ILE K 187 16.52 35.45 -45.77
CA ILE K 187 16.74 34.03 -45.49
C ILE K 187 17.17 33.90 -44.03
N ASP K 188 16.49 33.02 -43.28
CA ASP K 188 16.81 32.72 -41.88
C ASP K 188 16.72 33.97 -41.01
N GLY K 189 15.84 34.89 -41.38
CA GLY K 189 15.67 36.13 -40.66
C GLY K 189 16.68 37.21 -40.98
N TYR K 190 17.60 36.96 -41.91
CA TYR K 190 18.61 37.96 -42.28
C TYR K 190 17.99 38.97 -43.24
N PHE K 191 17.93 40.23 -42.81
CA PHE K 191 17.44 41.29 -43.68
C PHE K 191 18.62 41.90 -44.44
N LYS K 192 18.55 41.84 -45.77
CA LYS K 192 19.67 42.18 -46.64
C LYS K 192 19.33 43.38 -47.50
N ILE K 193 20.30 44.27 -47.69
CA ILE K 193 20.16 45.45 -48.53
C ILE K 193 21.25 45.41 -49.60
N TYR K 194 20.85 45.62 -50.85
CA TYR K 194 21.78 45.77 -51.97
C TYR K 194 21.38 47.02 -52.74
N SER K 195 22.27 48.01 -52.79
CA SER K 195 21.94 49.28 -53.41
C SER K 195 23.20 49.94 -53.94
N LYS K 196 23.05 50.63 -55.08
CA LYS K 196 24.15 51.39 -55.67
C LYS K 196 23.56 52.46 -56.57
N HIS K 197 23.92 53.72 -56.31
CA HIS K 197 23.43 54.83 -57.11
C HIS K 197 24.15 54.85 -58.46
N THR K 198 23.36 55.00 -59.53
CA THR K 198 23.91 55.02 -60.89
C THR K 198 23.29 56.20 -61.64
N PRO K 199 24.09 57.19 -62.05
CA PRO K 199 23.52 58.31 -62.82
C PRO K 199 23.06 57.87 -64.20
N ILE K 200 22.00 58.53 -64.67
CA ILE K 200 21.46 58.27 -66.00
C ILE K 200 20.67 59.50 -66.42
N ASN K 201 20.44 59.63 -67.73
CA ASN K 201 19.66 60.73 -68.29
C ASN K 201 18.56 60.11 -69.13
N LEU K 202 17.45 59.76 -68.49
CA LEU K 202 16.38 59.03 -69.15
C LEU K 202 15.12 59.10 -68.30
N VAL K 203 13.98 58.92 -68.95
CA VAL K 203 12.68 58.93 -68.29
C VAL K 203 12.09 57.53 -68.19
N ARG K 204 12.10 56.79 -69.28
CA ARG K 204 11.48 55.47 -69.35
C ARG K 204 12.30 54.64 -70.34
N ASP K 205 12.04 53.32 -70.34
CA ASP K 205 12.76 52.32 -71.14
C ASP K 205 14.24 52.29 -70.75
N LEU K 206 14.46 51.85 -69.49
CA LEU K 206 15.74 51.71 -68.80
C LEU K 206 16.82 51.11 -69.69
N PRO K 207 18.06 51.57 -69.58
CA PRO K 207 19.11 51.11 -70.49
C PRO K 207 19.49 49.66 -70.24
N GLN K 208 20.07 49.05 -71.28
CA GLN K 208 20.52 47.67 -71.24
C GLN K 208 21.90 47.51 -70.61
N GLY K 209 22.47 48.57 -70.06
CA GLY K 209 23.77 48.49 -69.45
C GLY K 209 23.77 47.66 -68.18
N PHE K 210 24.95 47.21 -67.79
CA PHE K 210 25.13 46.32 -66.64
C PHE K 210 25.70 47.10 -65.48
N SER K 211 25.12 46.91 -64.30
CA SER K 211 25.59 47.58 -63.08
C SER K 211 25.27 46.68 -61.90
N ALA K 212 26.30 46.08 -61.31
CA ALA K 212 26.11 45.23 -60.14
C ALA K 212 25.75 46.08 -58.92
N LEU K 213 25.02 45.48 -58.00
CA LEU K 213 24.55 46.16 -56.80
C LEU K 213 25.41 45.77 -55.61
N GLU K 214 26.23 46.70 -55.13
CA GLU K 214 27.01 46.44 -53.93
C GLU K 214 26.10 46.45 -52.70
N PRO K 215 26.33 45.55 -51.75
CA PRO K 215 25.45 45.47 -50.59
C PRO K 215 25.65 46.63 -49.63
N LEU K 216 24.72 46.71 -48.67
CA LEU K 216 24.71 47.78 -47.67
C LEU K 216 24.67 47.14 -46.28
N VAL K 217 24.36 47.95 -45.25
CA VAL K 217 24.40 47.47 -43.87
C VAL K 217 23.45 46.30 -43.67
N ASP K 218 23.93 45.29 -42.95
CA ASP K 218 23.18 44.06 -42.69
C ASP K 218 22.38 44.22 -41.39
N LEU K 219 21.15 43.70 -41.39
CA LEU K 219 20.27 43.79 -40.24
C LEU K 219 19.98 42.40 -39.69
N PRO K 220 20.59 41.99 -38.57
CA PRO K 220 20.25 40.70 -37.94
C PRO K 220 19.03 40.79 -37.02
N ILE K 221 17.85 40.75 -37.64
CA ILE K 221 16.60 40.95 -36.90
C ILE K 221 15.96 39.61 -36.56
N GLY K 222 15.60 38.84 -37.58
CA GLY K 222 14.99 37.54 -37.37
C GLY K 222 13.53 37.61 -37.00
N ILE K 223 12.70 38.18 -37.89
CA ILE K 223 11.27 38.38 -37.49
C ILE K 223 10.34 37.72 -38.50
N ASN K 224 9.09 38.19 -38.55
CA ASN K 224 8.07 37.61 -39.47
C ASN K 224 7.73 38.67 -40.52
N ILE K 225 7.66 38.29 -41.80
CA ILE K 225 7.44 39.33 -42.86
C ILE K 225 6.67 38.75 -44.05
N THR K 226 5.68 39.48 -44.58
CA THR K 226 4.94 39.07 -45.76
C THR K 226 4.37 40.22 -46.58
N ARG K 227 4.37 41.45 -46.08
CA ARG K 227 3.80 42.58 -46.80
C ARG K 227 4.70 43.80 -46.66
N PHE K 228 4.55 44.74 -47.57
CA PHE K 228 5.35 45.96 -47.54
C PHE K 228 4.61 47.08 -48.24
N GLN K 229 5.05 48.31 -47.99
CA GLN K 229 4.45 49.50 -48.58
C GLN K 229 5.50 50.61 -48.61
N THR K 230 5.40 51.48 -49.60
CA THR K 230 6.30 52.61 -49.75
C THR K 230 5.68 53.88 -49.19
N LEU K 231 6.52 54.90 -49.00
CA LEU K 231 6.11 56.19 -48.48
C LEU K 231 6.44 57.29 -49.49
N LEU K 232 5.50 58.22 -49.67
CA LEU K 232 5.65 59.32 -50.60
C LEU K 232 5.51 60.65 -49.87
N ALA K 233 6.05 61.69 -50.49
CA ALA K 233 6.04 63.04 -49.93
C ALA K 233 5.29 63.98 -50.88
N LEU K 234 4.43 64.81 -50.31
CA LEU K 234 3.67 65.80 -51.07
C LEU K 234 3.96 67.19 -50.53
N HIS K 235 3.78 68.19 -51.40
CA HIS K 235 4.09 69.57 -51.08
C HIS K 235 2.80 70.37 -50.85
N ARG K 236 2.89 71.36 -49.96
CA ARG K 236 1.77 72.25 -49.65
C ARG K 236 2.26 73.69 -49.85
N SER K 237 2.13 74.19 -51.07
CA SER K 237 2.55 75.54 -51.41
C SER K 237 1.39 76.51 -51.20
N TYR K 238 1.56 77.76 -51.65
CA TYR K 238 0.50 78.75 -51.53
C TYR K 238 -0.62 78.54 -52.53
N LEU K 239 -0.37 77.78 -53.60
CA LEU K 239 -1.44 77.48 -54.56
C LEU K 239 -2.50 76.58 -53.94
N THR K 240 -2.08 75.50 -53.29
CA THR K 240 -3.03 74.63 -52.63
C THR K 240 -3.56 75.29 -51.36
N PRO K 241 -4.83 75.07 -51.00
CA PRO K 241 -5.36 75.65 -49.76
C PRO K 241 -4.64 75.19 -48.50
N GLY K 242 -4.12 73.96 -48.49
CA GLY K 242 -3.42 73.43 -47.33
C GLY K 242 -4.10 72.26 -46.65
N ASP K 243 -5.23 71.79 -47.17
CA ASP K 243 -5.95 70.67 -46.61
C ASP K 243 -5.69 69.42 -47.45
N SER K 244 -5.51 68.29 -46.76
CA SER K 244 -5.22 67.02 -47.43
C SER K 244 -6.50 66.28 -47.81
N SER K 245 -7.40 66.97 -48.52
CA SER K 245 -8.64 66.37 -48.98
C SER K 245 -8.70 66.29 -50.50
N SER K 246 -8.55 67.41 -51.21
CA SER K 246 -8.59 67.40 -52.66
C SER K 246 -7.52 68.26 -53.32
N GLY K 247 -6.84 69.14 -52.61
CA GLY K 247 -5.83 69.99 -53.21
C GLY K 247 -4.43 69.76 -52.69
N TRP K 248 -3.57 69.19 -53.52
CA TRP K 248 -2.19 68.93 -53.13
C TRP K 248 -1.35 68.75 -54.39
N THR K 249 -0.03 68.82 -54.21
CA THR K 249 0.92 68.55 -55.27
C THR K 249 2.03 67.66 -54.73
N ALA K 250 2.60 66.84 -55.62
CA ALA K 250 3.62 65.87 -55.24
C ALA K 250 4.83 65.87 -56.16
N GLY K 251 4.91 66.81 -57.09
CA GLY K 251 6.04 66.84 -58.00
C GLY K 251 5.98 65.73 -59.03
N ALA K 252 7.16 65.33 -59.51
CA ALA K 252 7.28 64.27 -60.51
C ALA K 252 8.20 63.19 -59.98
N ALA K 253 7.71 61.95 -59.98
CA ALA K 253 8.49 60.82 -59.50
C ALA K 253 7.94 59.54 -60.14
N ALA K 254 8.75 58.48 -60.08
CA ALA K 254 8.37 57.19 -60.62
C ALA K 254 9.22 56.12 -59.95
N TYR K 255 8.58 55.09 -59.41
CA TYR K 255 9.26 54.01 -58.73
C TYR K 255 8.76 52.67 -59.28
N TYR K 256 9.68 51.70 -59.39
CA TYR K 256 9.38 50.38 -59.91
C TYR K 256 9.47 49.35 -58.79
N VAL K 257 8.55 48.39 -58.80
CA VAL K 257 8.51 47.32 -57.81
C VAL K 257 8.58 45.98 -58.54
N GLY K 258 9.52 45.13 -58.13
CA GLY K 258 9.69 43.83 -58.75
C GLY K 258 9.82 42.73 -57.72
N TYR K 259 9.73 41.49 -58.20
CA TYR K 259 9.83 40.30 -57.38
C TYR K 259 10.99 39.44 -57.86
N LEU K 260 11.55 38.66 -56.94
CA LEU K 260 12.66 37.77 -57.23
C LEU K 260 12.23 36.32 -57.18
N GLN K 261 12.74 35.52 -58.12
CA GLN K 261 12.54 34.07 -58.13
C GLN K 261 13.89 33.43 -58.41
N PRO K 262 14.16 32.25 -57.82
CA PRO K 262 15.51 31.69 -57.91
C PRO K 262 15.79 30.90 -59.17
N ARG K 263 16.91 31.18 -59.82
CA ARG K 263 17.46 30.37 -60.90
C ARG K 263 18.95 30.21 -60.68
N THR K 264 19.59 29.46 -61.58
CA THR K 264 21.04 29.27 -61.56
C THR K 264 21.67 30.24 -62.55
N PHE K 265 22.57 31.09 -62.06
CA PHE K 265 23.19 32.13 -62.87
C PHE K 265 24.69 31.90 -62.92
N LEU K 266 25.26 32.03 -64.12
CA LEU K 266 26.70 31.91 -64.34
C LEU K 266 27.28 33.31 -64.47
N LEU K 267 28.25 33.63 -63.61
CA LEU K 267 28.69 35.01 -63.42
C LEU K 267 30.04 35.22 -64.10
N LYS K 268 30.30 36.46 -64.52
CA LYS K 268 31.54 36.84 -65.19
C LYS K 268 32.31 37.79 -64.28
N TYR K 269 33.50 37.37 -63.83
CA TYR K 269 34.31 38.15 -62.92
C TYR K 269 35.53 38.69 -63.65
N ASN K 270 35.84 39.97 -63.42
CA ASN K 270 36.99 40.61 -64.02
C ASN K 270 38.20 40.49 -63.10
N GLU K 271 39.26 41.24 -63.39
CA GLU K 271 40.49 41.16 -62.59
C GLU K 271 40.31 41.73 -61.19
N ASN K 272 39.38 42.65 -61.01
CA ASN K 272 39.17 43.29 -59.71
C ASN K 272 37.90 42.83 -59.02
N GLY K 273 37.36 41.67 -59.42
CA GLY K 273 36.22 41.09 -58.75
C GLY K 273 34.91 41.85 -58.87
N THR K 274 34.58 42.33 -60.06
CA THR K 274 33.30 42.98 -60.32
C THR K 274 32.58 42.23 -61.43
N ILE K 275 31.28 42.01 -61.25
CA ILE K 275 30.50 41.25 -62.22
C ILE K 275 30.29 42.08 -63.47
N THR K 276 30.57 41.47 -64.63
CA THR K 276 30.32 42.07 -65.93
C THR K 276 29.10 41.48 -66.63
N ASP K 277 28.92 40.16 -66.58
CA ASP K 277 27.82 39.51 -67.25
C ASP K 277 27.18 38.48 -66.32
N ALA K 278 25.89 38.23 -66.54
CA ALA K 278 25.08 37.34 -65.72
C ALA K 278 24.20 36.44 -66.59
N VAL K 279 24.82 35.79 -67.58
CA VAL K 279 24.07 34.95 -68.52
C VAL K 279 23.43 33.79 -67.77
N ASP K 280 22.14 33.59 -68.01
CA ASP K 280 21.32 32.65 -67.25
C ASP K 280 21.54 31.21 -67.73
N CYS K 281 20.81 30.28 -67.12
CA CYS K 281 20.86 28.86 -67.48
C CYS K 281 19.51 28.34 -67.96
N ALA K 282 18.42 28.69 -67.28
CA ALA K 282 17.09 28.21 -67.63
C ALA K 282 16.30 29.21 -68.46
N LEU K 283 16.95 30.26 -68.96
CA LEU K 283 16.23 31.29 -69.72
C LEU K 283 15.76 30.75 -71.07
N ASP K 284 16.62 30.02 -71.77
CA ASP K 284 16.29 29.50 -73.09
C ASP K 284 17.22 28.33 -73.37
N PRO K 285 16.94 27.53 -74.43
CA PRO K 285 17.84 26.43 -74.80
C PRO K 285 19.30 26.83 -74.98
N LEU K 286 19.55 28.04 -75.50
CA LEU K 286 20.91 28.53 -75.60
C LEU K 286 21.54 28.71 -74.22
N SER K 287 20.76 29.19 -73.25
CA SER K 287 21.25 29.33 -71.89
C SER K 287 21.54 27.97 -71.26
N GLU K 288 20.72 26.97 -71.58
CA GLU K 288 20.96 25.61 -71.07
C GLU K 288 22.27 25.06 -71.63
N THR K 289 22.56 25.33 -72.90
CA THR K 289 23.83 24.90 -73.47
C THR K 289 25.00 25.62 -72.83
N LYS K 290 24.84 26.91 -72.52
CA LYS K 290 25.92 27.69 -71.94
C LYS K 290 26.23 27.27 -70.51
N CYS K 291 25.19 27.02 -69.71
CA CYS K 291 25.38 26.72 -68.29
C CYS K 291 25.84 25.29 -68.03
N THR K 292 25.49 24.33 -68.89
CA THR K 292 25.93 22.96 -68.68
C THR K 292 27.42 22.78 -68.97
N LEU K 293 27.96 23.55 -69.91
CA LEU K 293 29.38 23.49 -70.23
C LEU K 293 30.22 24.39 -69.34
N LYS K 294 29.58 25.19 -68.47
CA LYS K 294 30.26 26.11 -67.55
C LYS K 294 31.18 27.08 -68.29
N SER K 295 30.71 27.60 -69.42
CA SER K 295 31.50 28.52 -70.22
C SER K 295 30.58 29.49 -70.93
N PHE K 296 31.14 30.65 -71.29
CA PHE K 296 30.43 31.67 -72.05
C PHE K 296 30.50 31.42 -73.55
N THR K 297 31.50 30.68 -74.03
CA THR K 297 31.75 30.48 -75.45
C THR K 297 31.33 29.07 -75.83
N VAL K 298 30.44 28.96 -76.81
CA VAL K 298 29.93 27.68 -77.29
C VAL K 298 30.34 27.54 -78.75
N GLU K 299 31.04 26.45 -79.07
CA GLU K 299 31.48 26.19 -80.43
C GLU K 299 30.44 25.35 -81.15
N LYS K 300 30.79 24.84 -82.33
CA LYS K 300 29.88 24.03 -83.12
C LYS K 300 30.02 22.56 -82.74
N GLY K 301 28.89 21.91 -82.53
CA GLY K 301 28.89 20.50 -82.15
C GLY K 301 27.58 20.12 -81.50
N ILE K 302 27.55 18.87 -81.03
CA ILE K 302 26.39 18.32 -80.36
C ILE K 302 26.61 18.40 -78.85
N TYR K 303 25.65 19.00 -78.15
CA TYR K 303 25.73 19.18 -76.70
C TYR K 303 24.45 18.65 -76.07
N GLN K 304 24.59 17.85 -75.01
CA GLN K 304 23.46 17.30 -74.28
C GLN K 304 23.28 18.07 -72.99
N THR K 305 22.07 18.58 -72.75
CA THR K 305 21.78 19.40 -71.60
C THR K 305 20.96 18.67 -70.53
N SER K 306 19.83 18.09 -70.92
CA SER K 306 18.96 17.40 -69.96
C SER K 306 18.28 16.24 -70.67
N ASN K 307 17.26 15.68 -70.02
CA ASN K 307 16.52 14.54 -70.54
C ASN K 307 15.07 14.92 -70.79
N PHE K 308 14.35 14.03 -71.44
CA PHE K 308 12.93 14.22 -71.78
C PHE K 308 12.17 12.97 -71.34
N ARG K 309 11.45 13.09 -70.23
CA ARG K 309 10.68 11.97 -69.67
C ARG K 309 9.19 12.25 -69.87
N VAL K 310 8.50 11.30 -70.49
CA VAL K 310 7.06 11.41 -70.71
C VAL K 310 6.38 10.80 -69.49
N GLN K 311 5.96 11.65 -68.56
CA GLN K 311 5.29 11.18 -67.36
C GLN K 311 3.88 10.71 -67.71
N PRO K 312 3.42 9.62 -67.08
CA PRO K 312 2.03 9.18 -67.32
C PRO K 312 1.03 10.18 -66.78
N THR K 313 -0.10 10.28 -67.47
CA THR K 313 -1.15 11.22 -67.11
C THR K 313 -2.39 10.57 -66.52
N GLU K 314 -2.63 9.29 -66.80
CA GLU K 314 -3.78 8.57 -66.27
C GLU K 314 -3.32 7.32 -65.54
N SER K 315 -4.17 6.83 -64.64
CA SER K 315 -3.87 5.64 -63.87
C SER K 315 -5.17 4.89 -63.62
N ILE K 316 -5.31 3.72 -64.23
CA ILE K 316 -6.47 2.86 -64.05
C ILE K 316 -6.05 1.62 -63.30
N VAL K 317 -6.98 1.04 -62.55
CA VAL K 317 -6.73 -0.18 -61.81
C VAL K 317 -7.81 -1.21 -62.18
N ARG K 318 -7.40 -2.47 -62.28
CA ARG K 318 -8.33 -3.52 -62.67
C ARG K 318 -7.95 -4.84 -62.02
N PHE K 319 -8.97 -5.67 -61.82
CA PHE K 319 -8.89 -6.99 -61.22
C PHE K 319 -9.80 -7.89 -62.05
N PRO K 320 -9.86 -9.21 -61.79
CA PRO K 320 -10.84 -10.04 -62.52
C PRO K 320 -12.28 -9.65 -62.19
N ASN K 321 -13.21 -10.35 -62.83
CA ASN K 321 -14.62 -9.99 -62.76
C ASN K 321 -15.21 -10.47 -61.43
N ILE K 322 -16.54 -10.53 -61.37
CA ILE K 322 -17.28 -10.93 -60.16
C ILE K 322 -16.79 -12.28 -59.66
N THR K 323 -16.31 -12.32 -58.41
CA THR K 323 -15.72 -13.53 -57.85
C THR K 323 -16.56 -14.10 -56.72
N ASN K 324 -16.84 -13.32 -55.67
CA ASN K 324 -17.49 -13.86 -54.49
C ASN K 324 -18.08 -12.73 -53.67
N LEU K 325 -18.86 -13.11 -52.65
CA LEU K 325 -19.45 -12.16 -51.72
C LEU K 325 -19.53 -12.82 -50.35
N CYS K 326 -19.65 -11.98 -49.32
CA CYS K 326 -19.74 -12.48 -47.96
C CYS K 326 -21.10 -13.16 -47.73
N PRO K 327 -21.14 -14.18 -46.86
CA PRO K 327 -22.42 -14.86 -46.59
C PRO K 327 -23.35 -14.02 -45.73
N PHE K 328 -23.90 -12.96 -46.31
CA PHE K 328 -24.83 -12.09 -45.61
C PHE K 328 -26.28 -12.43 -45.88
N GLY K 329 -26.56 -13.35 -46.80
CA GLY K 329 -27.92 -13.67 -47.19
C GLY K 329 -28.63 -14.61 -46.24
N GLU K 330 -28.07 -15.79 -46.01
CA GLU K 330 -28.73 -16.78 -45.17
C GLU K 330 -28.72 -16.39 -43.69
N VAL K 331 -27.80 -15.53 -43.27
CA VAL K 331 -27.78 -15.08 -41.88
C VAL K 331 -28.92 -14.10 -41.63
N PHE K 332 -29.39 -13.41 -42.67
CA PHE K 332 -30.54 -12.53 -42.55
C PHE K 332 -31.83 -13.21 -42.96
N ASN K 333 -31.79 -14.02 -44.02
CA ASN K 333 -32.96 -14.77 -44.48
C ASN K 333 -32.92 -16.18 -43.90
N ALA K 334 -33.07 -16.24 -42.57
CA ALA K 334 -33.03 -17.50 -41.83
C ALA K 334 -34.44 -17.88 -41.42
N THR K 335 -34.83 -19.12 -41.73
CA THR K 335 -36.17 -19.60 -41.39
C THR K 335 -36.32 -19.77 -39.89
N ARG K 336 -35.30 -20.27 -39.21
CA ARG K 336 -35.34 -20.54 -37.79
C ARG K 336 -34.37 -19.63 -37.05
N PHE K 337 -34.82 -19.10 -35.92
CA PHE K 337 -34.02 -18.23 -35.07
C PHE K 337 -33.94 -18.83 -33.67
N ALA K 338 -32.74 -18.81 -33.09
CA ALA K 338 -32.54 -19.37 -31.77
C ALA K 338 -33.04 -18.41 -30.69
N SER K 339 -33.06 -18.91 -29.46
CA SER K 339 -33.56 -18.13 -28.33
C SER K 339 -32.51 -17.12 -27.86
N VAL K 340 -32.96 -16.18 -27.03
CA VAL K 340 -32.08 -15.12 -26.55
C VAL K 340 -31.03 -15.67 -25.59
N TYR K 341 -31.39 -16.65 -24.75
CA TYR K 341 -30.41 -17.25 -23.85
C TYR K 341 -29.46 -18.19 -24.56
N ALA K 342 -29.78 -18.60 -25.78
CA ALA K 342 -28.96 -19.51 -26.59
C ALA K 342 -28.72 -18.91 -27.96
N TRP K 343 -28.31 -17.65 -27.98
CA TRP K 343 -28.11 -16.92 -29.23
C TRP K 343 -27.00 -17.55 -30.07
N ASN K 344 -27.21 -17.59 -31.38
CA ASN K 344 -26.24 -18.15 -32.30
C ASN K 344 -25.02 -17.24 -32.41
N ARG K 345 -23.89 -17.85 -32.76
CA ARG K 345 -22.64 -17.14 -32.99
C ARG K 345 -22.09 -17.60 -34.33
N LYS K 346 -22.19 -16.76 -35.35
CA LYS K 346 -21.74 -17.07 -36.70
C LYS K 346 -20.55 -16.19 -37.04
N ARG K 347 -19.48 -16.81 -37.50
CA ARG K 347 -18.27 -16.10 -37.89
C ARG K 347 -18.22 -15.96 -39.40
N ILE K 348 -17.99 -14.74 -39.87
CA ILE K 348 -17.91 -14.44 -41.30
C ILE K 348 -16.52 -13.88 -41.56
N SER K 349 -15.78 -14.51 -42.47
CA SER K 349 -14.42 -14.11 -42.75
C SER K 349 -14.02 -14.58 -44.15
N ASN K 350 -12.87 -14.08 -44.60
CA ASN K 350 -12.28 -14.45 -45.90
C ASN K 350 -13.23 -14.17 -47.07
N CYS K 351 -13.83 -12.99 -47.05
CA CYS K 351 -14.76 -12.60 -48.12
C CYS K 351 -14.80 -11.08 -48.23
N VAL K 352 -15.24 -10.61 -49.39
CA VAL K 352 -15.39 -9.17 -49.62
C VAL K 352 -16.73 -8.72 -49.06
N ALA K 353 -16.70 -7.75 -48.15
CA ALA K 353 -17.90 -7.29 -47.49
C ALA K 353 -18.79 -6.50 -48.46
N ASP K 354 -20.10 -6.64 -48.27
CA ASP K 354 -21.09 -5.93 -49.09
C ASP K 354 -22.20 -5.44 -48.15
N TYR K 355 -22.05 -4.21 -47.66
CA TYR K 355 -23.07 -3.58 -46.84
C TYR K 355 -24.04 -2.72 -47.64
N SER K 356 -23.93 -2.73 -48.98
CA SER K 356 -24.79 -1.89 -49.80
C SER K 356 -26.25 -2.29 -49.66
N VAL K 357 -26.55 -3.58 -49.76
CA VAL K 357 -27.92 -4.05 -49.59
C VAL K 357 -28.41 -3.91 -48.15
N LEU K 358 -27.49 -3.73 -47.20
CA LEU K 358 -27.89 -3.60 -45.80
C LEU K 358 -28.56 -2.27 -45.53
N TYR K 359 -28.01 -1.16 -46.06
CA TYR K 359 -28.62 0.15 -45.86
C TYR K 359 -29.55 0.57 -46.99
N ASN K 360 -29.49 -0.10 -48.15
CA ASN K 360 -30.45 0.20 -49.21
C ASN K 360 -31.78 -0.50 -49.02
N SER K 361 -31.92 -1.28 -47.95
CA SER K 361 -33.22 -1.80 -47.56
C SER K 361 -33.85 -0.88 -46.50
N ALA K 362 -35.18 -0.94 -46.41
CA ALA K 362 -35.89 -0.11 -45.45
C ALA K 362 -36.94 -0.88 -44.66
N SER K 363 -37.00 -2.21 -44.80
CA SER K 363 -37.92 -3.01 -44.00
C SER K 363 -37.48 -3.09 -42.54
N PHE K 364 -36.24 -2.71 -42.24
CA PHE K 364 -35.73 -2.73 -40.88
C PHE K 364 -36.25 -1.54 -40.10
N SER K 365 -36.02 -1.57 -38.78
CA SER K 365 -36.47 -0.51 -37.89
C SER K 365 -35.36 0.22 -37.16
N THR K 366 -34.27 -0.47 -36.82
CA THR K 366 -33.16 0.14 -36.08
C THR K 366 -31.87 -0.10 -36.85
N PHE K 367 -31.15 0.97 -37.15
CA PHE K 367 -29.88 0.92 -37.86
C PHE K 367 -28.85 1.80 -37.17
N LYS K 368 -28.74 1.66 -35.85
CA LYS K 368 -27.77 2.43 -35.08
C LYS K 368 -26.45 1.67 -35.02
N CYS K 369 -25.35 2.37 -35.30
CA CYS K 369 -24.01 1.78 -35.31
C CYS K 369 -23.18 2.48 -34.24
N TYR K 370 -22.91 1.77 -33.14
CA TYR K 370 -22.12 2.31 -32.06
C TYR K 370 -20.63 2.18 -32.37
N GLY K 371 -19.86 3.14 -31.86
CA GLY K 371 -18.42 3.11 -32.03
C GLY K 371 -17.93 3.62 -33.37
N VAL K 372 -18.35 2.97 -34.45
CA VAL K 372 -17.90 3.33 -35.79
C VAL K 372 -19.08 3.97 -36.54
N SER K 373 -18.73 4.92 -37.42
CA SER K 373 -19.70 5.62 -38.25
C SER K 373 -20.06 4.78 -39.46
N PRO K 374 -21.35 4.53 -39.72
CA PRO K 374 -21.72 3.65 -40.85
C PRO K 374 -21.57 4.30 -42.22
N THR K 375 -21.27 5.60 -42.30
CA THR K 375 -21.15 6.24 -43.60
C THR K 375 -19.91 5.78 -44.34
N LYS K 376 -18.90 5.28 -43.63
CA LYS K 376 -17.69 4.71 -44.24
C LYS K 376 -17.56 3.27 -43.75
N LEU K 377 -17.96 2.34 -44.62
CA LEU K 377 -17.91 0.92 -44.28
C LEU K 377 -17.22 0.15 -45.39
N ASN K 378 -17.36 0.62 -46.62
CA ASN K 378 -16.74 -0.06 -47.76
C ASN K 378 -15.24 0.10 -47.70
N ASP K 379 -14.78 1.21 -47.13
CA ASP K 379 -13.36 1.46 -47.00
C ASP K 379 -12.83 0.82 -45.74
N LEU K 380 -13.71 0.21 -44.96
CA LEU K 380 -13.29 -0.39 -43.69
C LEU K 380 -12.90 -1.84 -43.83
N CYS K 381 -11.59 -2.10 -43.89
CA CYS K 381 -11.12 -3.48 -43.94
C CYS K 381 -11.34 -4.11 -42.57
N PHE K 382 -11.69 -5.39 -42.55
CA PHE K 382 -11.97 -6.05 -41.28
C PHE K 382 -11.24 -7.38 -41.13
N THR K 383 -10.66 -7.60 -39.95
CA THR K 383 -9.97 -8.86 -39.70
C THR K 383 -10.98 -9.93 -39.36
N ASN K 384 -11.83 -9.68 -38.38
CA ASN K 384 -12.84 -10.65 -37.99
C ASN K 384 -14.21 -9.98 -37.94
N VAL K 385 -15.21 -10.69 -38.46
CA VAL K 385 -16.60 -10.21 -38.46
C VAL K 385 -17.46 -11.28 -37.80
N TYR K 386 -18.25 -10.87 -36.81
CA TYR K 386 -19.13 -11.77 -36.09
C TYR K 386 -20.57 -11.27 -36.18
N ALA K 387 -21.52 -12.21 -36.14
CA ALA K 387 -22.93 -11.87 -36.26
C ALA K 387 -23.74 -12.79 -35.37
N ASP K 388 -24.43 -12.22 -34.39
CA ASP K 388 -25.33 -12.95 -33.50
C ASP K 388 -26.76 -12.82 -34.00
N SER K 389 -27.64 -13.67 -33.47
CA SER K 389 -29.03 -13.65 -33.90
C SER K 389 -29.93 -14.12 -32.77
N PHE K 390 -30.93 -13.30 -32.44
CA PHE K 390 -31.95 -13.68 -31.46
C PHE K 390 -33.18 -12.84 -31.72
N VAL K 391 -34.32 -13.32 -31.21
CA VAL K 391 -35.61 -12.66 -31.36
C VAL K 391 -36.03 -12.11 -30.02
N ILE K 392 -36.35 -10.82 -29.97
CA ILE K 392 -36.76 -10.17 -28.73
C ILE K 392 -38.02 -9.37 -28.99
N ARG K 393 -38.81 -9.18 -27.95
CA ARG K 393 -40.06 -8.43 -28.05
C ARG K 393 -39.75 -6.95 -28.29
N GLY K 394 -40.74 -6.24 -28.86
CA GLY K 394 -40.56 -4.86 -29.26
C GLY K 394 -40.27 -3.90 -28.13
N ASP K 395 -40.62 -4.26 -26.90
CA ASP K 395 -40.30 -3.41 -25.76
C ASP K 395 -38.81 -3.45 -25.42
N GLU K 396 -38.23 -4.64 -25.44
CA GLU K 396 -36.83 -4.82 -25.06
C GLU K 396 -35.90 -4.83 -26.27
N VAL K 397 -35.96 -3.73 -27.04
CA VAL K 397 -35.07 -3.53 -28.17
C VAL K 397 -33.98 -2.52 -27.84
N ARG K 398 -34.35 -1.44 -27.15
CA ARG K 398 -33.38 -0.45 -26.66
C ARG K 398 -32.39 -1.05 -25.65
N GLN K 399 -32.77 -2.13 -24.97
CA GLN K 399 -31.91 -2.74 -23.96
C GLN K 399 -30.70 -3.44 -24.57
N ILE K 400 -30.69 -3.67 -25.88
CA ILE K 400 -29.53 -4.24 -26.54
C ILE K 400 -28.35 -3.27 -26.50
N ALA K 401 -28.64 -1.97 -26.54
CA ALA K 401 -27.59 -0.96 -26.53
C ALA K 401 -26.82 -0.99 -25.21
N PRO K 402 -25.50 -0.83 -25.25
CA PRO K 402 -24.72 -0.83 -24.01
C PRO K 402 -25.05 0.35 -23.13
N GLY K 403 -24.92 0.14 -21.82
CA GLY K 403 -25.22 1.17 -20.84
C GLY K 403 -26.55 0.97 -20.17
N GLN K 404 -27.55 0.55 -20.94
CA GLN K 404 -28.87 0.30 -20.38
C GLN K 404 -28.88 -1.01 -19.59
N THR K 405 -29.82 -1.11 -18.66
CA THR K 405 -29.96 -2.27 -17.81
C THR K 405 -31.39 -2.80 -17.88
N GLY K 406 -31.54 -4.10 -17.64
CA GLY K 406 -32.85 -4.71 -17.68
C GLY K 406 -32.73 -6.21 -17.52
N LYS K 407 -33.85 -6.90 -17.74
CA LYS K 407 -33.86 -8.35 -17.65
C LYS K 407 -33.04 -8.97 -18.77
N ILE K 408 -33.28 -8.53 -20.01
CA ILE K 408 -32.52 -9.06 -21.15
C ILE K 408 -31.08 -8.56 -21.11
N ALA K 409 -30.87 -7.29 -20.73
CA ALA K 409 -29.55 -6.68 -20.83
C ALA K 409 -28.55 -7.24 -19.82
N ASP K 410 -29.01 -7.84 -18.72
CA ASP K 410 -28.11 -8.30 -17.68
C ASP K 410 -28.23 -9.80 -17.36
N TYR K 411 -29.30 -10.47 -17.79
CA TYR K 411 -29.47 -11.88 -17.48
C TYR K 411 -29.40 -12.79 -18.70
N ASN K 412 -29.53 -12.26 -19.91
CA ASN K 412 -29.51 -13.06 -21.12
C ASN K 412 -28.45 -12.65 -22.12
N TYR K 413 -28.24 -11.35 -22.31
CA TYR K 413 -27.28 -10.86 -23.29
C TYR K 413 -26.78 -9.49 -22.85
N LYS K 414 -25.47 -9.38 -22.66
CA LYS K 414 -24.83 -8.15 -22.24
C LYS K 414 -23.79 -7.73 -23.27
N LEU K 415 -23.78 -6.44 -23.62
CA LEU K 415 -22.81 -5.91 -24.56
C LEU K 415 -21.77 -5.06 -23.84
N PRO K 416 -20.51 -5.08 -24.29
CA PRO K 416 -19.49 -4.26 -23.64
C PRO K 416 -19.68 -2.78 -23.91
N ASP K 417 -19.11 -1.97 -23.02
CA ASP K 417 -19.24 -0.51 -23.12
C ASP K 417 -18.40 0.09 -24.23
N ASP K 418 -17.47 -0.67 -24.82
CA ASP K 418 -16.64 -0.21 -25.93
C ASP K 418 -17.03 -0.88 -27.24
N PHE K 419 -18.32 -1.07 -27.44
CA PHE K 419 -18.82 -1.76 -28.62
C PHE K 419 -18.65 -0.89 -29.87
N THR K 420 -18.00 -1.45 -30.89
CA THR K 420 -17.69 -0.73 -32.12
C THR K 420 -18.33 -1.41 -33.34
N GLY K 421 -19.52 -1.96 -33.15
CA GLY K 421 -20.21 -2.63 -34.23
C GLY K 421 -21.55 -2.00 -34.58
N CYS K 422 -22.45 -2.78 -35.17
CA CYS K 422 -23.76 -2.30 -35.57
C CYS K 422 -24.84 -3.26 -35.08
N VAL K 423 -26.02 -2.72 -34.82
CA VAL K 423 -27.18 -3.50 -34.40
C VAL K 423 -28.30 -3.24 -35.40
N ILE K 424 -28.82 -4.32 -35.99
CA ILE K 424 -29.90 -4.24 -36.97
C ILE K 424 -31.11 -5.01 -36.44
N ALA K 425 -32.29 -4.43 -36.59
CA ALA K 425 -33.51 -5.02 -36.07
C ALA K 425 -34.66 -4.78 -37.03
N TRP K 426 -35.60 -5.71 -37.06
CA TRP K 426 -36.78 -5.60 -37.92
C TRP K 426 -37.93 -6.39 -37.29
N ASN K 427 -39.13 -6.13 -37.80
CA ASN K 427 -40.35 -6.71 -37.27
C ASN K 427 -40.83 -7.83 -38.17
N SER K 428 -41.20 -8.96 -37.57
CA SER K 428 -41.75 -10.09 -38.32
C SER K 428 -42.74 -10.80 -37.39
N ASN K 429 -44.02 -10.49 -37.55
CA ASN K 429 -45.07 -11.04 -36.70
C ASN K 429 -45.79 -12.24 -37.31
N ASN K 430 -46.08 -12.19 -38.62
CA ASN K 430 -46.79 -13.29 -39.26
C ASN K 430 -45.90 -14.53 -39.39
N LEU K 431 -44.61 -14.33 -39.68
CA LEU K 431 -43.72 -15.47 -39.87
C LEU K 431 -43.38 -16.14 -38.53
N ASP K 432 -43.11 -15.35 -37.50
CA ASP K 432 -42.66 -15.89 -36.22
C ASP K 432 -43.80 -16.36 -35.32
N SER K 433 -45.06 -16.08 -35.69
CA SER K 433 -46.19 -16.48 -34.86
C SER K 433 -47.36 -16.84 -35.76
N LYS K 434 -47.97 -17.98 -35.49
CA LYS K 434 -49.16 -18.42 -36.21
C LYS K 434 -50.40 -17.85 -35.53
N VAL K 435 -51.59 -18.32 -35.95
CA VAL K 435 -52.83 -17.83 -35.36
C VAL K 435 -52.97 -18.28 -33.91
N GLY K 436 -52.43 -19.45 -33.56
CA GLY K 436 -52.52 -19.97 -32.21
C GLY K 436 -51.48 -19.47 -31.24
N GLY K 437 -50.50 -18.72 -31.71
CA GLY K 437 -49.45 -18.23 -30.83
C GLY K 437 -48.24 -19.15 -30.79
N ASN K 438 -47.09 -18.55 -30.51
CA ASN K 438 -45.83 -19.26 -30.50
C ASN K 438 -45.38 -19.47 -29.05
N TYR K 439 -45.09 -20.72 -28.69
CA TYR K 439 -44.77 -21.08 -27.31
C TYR K 439 -43.43 -21.81 -27.19
N ASN K 440 -42.63 -21.84 -28.24
CA ASN K 440 -41.37 -22.60 -28.22
C ASN K 440 -40.17 -21.72 -27.88
N TYR K 441 -40.40 -20.47 -27.49
CA TYR K 441 -39.34 -19.53 -27.16
C TYR K 441 -39.22 -19.42 -25.65
N LEU K 442 -37.98 -19.51 -25.15
CA LEU K 442 -37.70 -19.49 -23.72
C LEU K 442 -36.70 -18.37 -23.42
N TYR K 443 -36.75 -17.87 -22.19
CA TYR K 443 -35.81 -16.85 -21.76
C TYR K 443 -35.69 -16.88 -20.24
N ARG K 444 -34.59 -16.35 -19.74
CA ARG K 444 -34.22 -16.46 -18.33
C ARG K 444 -34.77 -15.28 -17.53
N LEU K 445 -35.19 -15.56 -16.30
CA LEU K 445 -35.71 -14.55 -15.39
C LEU K 445 -34.84 -14.32 -14.17
N PHE K 446 -34.12 -15.34 -13.70
CA PHE K 446 -33.34 -15.25 -12.48
C PHE K 446 -31.93 -15.76 -12.72
N ARG K 447 -30.98 -15.21 -11.97
CA ARG K 447 -29.59 -15.63 -12.06
C ARG K 447 -28.91 -15.37 -10.72
N LYS K 448 -27.78 -16.05 -10.51
CA LYS K 448 -27.02 -15.88 -9.29
C LYS K 448 -26.44 -14.46 -9.19
N SER K 449 -25.93 -13.94 -10.30
CA SER K 449 -25.36 -12.60 -10.34
C SER K 449 -25.52 -12.06 -11.75
N ASN K 450 -24.83 -10.95 -12.04
CA ASN K 450 -24.86 -10.36 -13.36
C ASN K 450 -24.02 -11.18 -14.33
N LEU K 451 -24.23 -10.93 -15.61
CA LEU K 451 -23.55 -11.66 -16.69
C LEU K 451 -22.52 -10.76 -17.35
N LYS K 452 -21.32 -11.29 -17.54
CA LYS K 452 -20.28 -10.57 -18.24
C LYS K 452 -20.64 -10.41 -19.72
N PRO K 453 -20.12 -9.38 -20.39
CA PRO K 453 -20.40 -9.21 -21.82
C PRO K 453 -19.86 -10.36 -22.65
N PHE K 454 -20.60 -10.67 -23.72
CA PHE K 454 -20.28 -11.77 -24.66
C PHE K 454 -20.16 -13.11 -23.93
N GLU K 455 -21.06 -13.35 -22.99
CA GLU K 455 -21.12 -14.61 -22.25
C GLU K 455 -22.54 -15.16 -22.32
N ARG K 456 -22.67 -16.43 -22.68
CA ARG K 456 -23.95 -17.11 -22.73
C ARG K 456 -23.95 -18.31 -21.80
N ASP K 457 -25.13 -18.68 -21.31
CA ASP K 457 -25.29 -19.78 -20.38
C ASP K 457 -26.36 -20.74 -20.90
N ILE K 458 -26.11 -22.03 -20.73
CA ILE K 458 -27.03 -23.07 -21.20
C ILE K 458 -27.66 -23.85 -20.06
N SER K 459 -27.15 -23.70 -18.83
CA SER K 459 -27.67 -24.46 -17.71
C SER K 459 -29.10 -24.06 -17.36
N THR K 460 -29.93 -25.05 -17.06
CA THR K 460 -31.33 -24.81 -16.72
C THR K 460 -31.63 -25.30 -15.31
N GLU K 461 -30.75 -24.97 -14.36
CA GLU K 461 -30.92 -25.41 -12.98
C GLU K 461 -32.02 -24.60 -12.31
N ILE K 462 -32.25 -24.89 -11.03
CA ILE K 462 -33.27 -24.22 -10.23
C ILE K 462 -32.62 -23.00 -9.57
N TYR K 463 -33.17 -21.81 -9.85
CA TYR K 463 -32.63 -20.59 -9.28
C TYR K 463 -32.97 -20.49 -7.80
N GLN K 464 -32.01 -20.04 -7.00
CA GLN K 464 -32.18 -19.92 -5.56
C GLN K 464 -32.36 -18.45 -5.19
N ALA K 465 -33.46 -18.13 -4.51
CA ALA K 465 -33.76 -16.79 -4.07
C ALA K 465 -33.60 -16.59 -2.56
N GLY K 466 -34.07 -17.54 -1.75
CA GLY K 466 -33.97 -17.45 -0.32
C GLY K 466 -32.71 -18.13 0.21
N SER K 467 -32.69 -18.30 1.54
CA SER K 467 -31.56 -18.94 2.20
C SER K 467 -31.76 -20.43 2.39
N THR K 468 -33.00 -20.87 2.63
CA THR K 468 -33.27 -22.28 2.84
C THR K 468 -33.31 -23.01 1.49
N PRO K 469 -32.51 -24.04 1.29
CA PRO K 469 -32.58 -24.79 0.03
C PRO K 469 -33.89 -25.56 -0.09
N CYS K 470 -34.34 -25.71 -1.33
CA CYS K 470 -35.57 -26.43 -1.63
C CYS K 470 -35.32 -27.85 -2.13
N ASN K 471 -34.08 -28.35 -1.98
CA ASN K 471 -33.71 -29.74 -2.27
C ASN K 471 -33.96 -30.11 -3.74
N GLY K 472 -33.83 -29.14 -4.63
CA GLY K 472 -33.91 -29.41 -6.06
C GLY K 472 -35.27 -29.86 -6.56
N VAL K 473 -36.36 -29.38 -5.96
CA VAL K 473 -37.71 -29.64 -6.44
C VAL K 473 -38.47 -28.33 -6.46
N GLU K 474 -39.56 -28.32 -7.23
CA GLU K 474 -40.38 -27.11 -7.36
C GLU K 474 -41.09 -26.82 -6.03
N GLY K 475 -41.06 -25.56 -5.62
CA GLY K 475 -41.68 -25.19 -4.37
C GLY K 475 -41.61 -23.70 -4.14
N PHE K 476 -41.64 -23.32 -2.86
CA PHE K 476 -41.58 -21.92 -2.48
C PHE K 476 -40.12 -21.48 -2.33
N ASN K 477 -39.89 -20.19 -2.59
CA ASN K 477 -38.60 -19.51 -2.51
C ASN K 477 -37.58 -20.04 -3.52
N CYS K 478 -38.01 -20.89 -4.46
CA CYS K 478 -37.17 -21.32 -5.56
C CYS K 478 -38.07 -21.67 -6.73
N TYR K 479 -37.72 -21.20 -7.93
CA TYR K 479 -38.57 -21.38 -9.10
C TYR K 479 -37.68 -21.74 -10.29
N PHE K 480 -38.29 -21.79 -11.47
CA PHE K 480 -37.58 -22.15 -12.69
C PHE K 480 -37.22 -20.87 -13.43
N PRO K 481 -35.95 -20.47 -13.48
CA PRO K 481 -35.61 -19.15 -14.04
C PRO K 481 -35.94 -19.00 -15.51
N LEU K 482 -35.88 -20.08 -16.28
CA LEU K 482 -36.28 -20.04 -17.69
C LEU K 482 -37.80 -19.91 -17.79
N GLN K 483 -38.26 -19.03 -18.67
CA GLN K 483 -39.69 -18.80 -18.80
C GLN K 483 -40.04 -18.67 -20.28
N SER K 484 -41.27 -19.01 -20.62
CA SER K 484 -41.72 -19.06 -22.00
C SER K 484 -42.54 -17.82 -22.36
N TYR K 485 -42.40 -17.39 -23.62
CA TYR K 485 -43.10 -16.23 -24.13
C TYR K 485 -44.49 -16.60 -24.63
N GLY K 486 -45.43 -15.67 -24.47
CA GLY K 486 -46.75 -15.78 -25.06
C GLY K 486 -46.91 -14.74 -26.16
N PHE K 487 -47.21 -15.20 -27.36
CA PHE K 487 -47.33 -14.35 -28.53
C PHE K 487 -48.75 -14.39 -29.06
N GLN K 488 -49.25 -13.23 -29.51
CA GLN K 488 -50.58 -13.10 -30.04
C GLN K 488 -50.54 -12.41 -31.38
N PRO K 489 -51.47 -12.74 -32.30
CA PRO K 489 -51.48 -12.07 -33.60
C PRO K 489 -52.09 -10.69 -33.56
N THR K 490 -53.04 -10.48 -32.64
CA THR K 490 -53.77 -9.23 -32.54
C THR K 490 -53.35 -8.42 -31.31
N ASN K 491 -52.08 -8.49 -30.94
CA ASN K 491 -51.57 -7.76 -29.78
C ASN K 491 -51.10 -6.37 -30.20
N GLY K 492 -50.42 -5.66 -29.30
CA GLY K 492 -49.92 -4.35 -29.60
C GLY K 492 -48.68 -4.37 -30.46
N VAL K 493 -48.28 -3.18 -30.91
CA VAL K 493 -47.08 -3.06 -31.75
C VAL K 493 -45.82 -3.37 -30.94
N GLY K 494 -45.80 -3.00 -29.66
CA GLY K 494 -44.64 -3.26 -28.83
C GLY K 494 -44.53 -4.69 -28.34
N TYR K 495 -45.56 -5.52 -28.55
CA TYR K 495 -45.54 -6.91 -28.13
C TYR K 495 -45.42 -7.89 -29.29
N GLN K 496 -45.29 -7.38 -30.51
CA GLN K 496 -44.99 -8.25 -31.64
C GLN K 496 -43.52 -8.66 -31.58
N PRO K 497 -43.19 -9.87 -32.04
CA PRO K 497 -41.78 -10.30 -32.02
C PRO K 497 -40.93 -9.49 -33.01
N TYR K 498 -39.70 -9.23 -32.60
CA TYR K 498 -38.73 -8.52 -33.42
C TYR K 498 -37.45 -9.34 -33.50
N ARG K 499 -36.87 -9.41 -34.70
CA ARG K 499 -35.63 -10.14 -34.91
C ARG K 499 -34.46 -9.16 -34.84
N VAL K 500 -33.48 -9.46 -33.98
CA VAL K 500 -32.36 -8.58 -33.72
C VAL K 500 -31.07 -9.32 -34.07
N VAL K 501 -30.25 -8.73 -34.93
CA VAL K 501 -28.94 -9.24 -35.30
C VAL K 501 -27.90 -8.21 -34.92
N VAL K 502 -26.88 -8.65 -34.19
CA VAL K 502 -25.81 -7.78 -33.71
C VAL K 502 -24.54 -8.13 -34.47
N LEU K 503 -23.93 -7.13 -35.11
CA LEU K 503 -22.70 -7.30 -35.87
C LEU K 503 -21.54 -6.73 -35.09
N SER K 504 -20.47 -7.51 -34.94
CA SER K 504 -19.30 -7.11 -34.18
C SER K 504 -18.08 -7.16 -35.07
N PHE K 505 -17.29 -6.09 -35.04
CA PHE K 505 -16.06 -5.97 -35.82
C PHE K 505 -14.87 -5.82 -34.89
N GLU K 506 -13.86 -6.66 -35.08
CA GLU K 506 -12.68 -6.65 -34.23
C GLU K 506 -11.42 -6.62 -35.10
N LEU K 507 -10.35 -6.08 -34.53
CA LEU K 507 -9.05 -6.00 -35.20
C LEU K 507 -8.05 -6.86 -34.45
N LEU K 508 -7.31 -7.69 -35.20
CA LEU K 508 -6.31 -8.58 -34.62
C LEU K 508 -5.00 -8.41 -35.38
N HIS K 509 -3.99 -9.17 -34.96
CA HIS K 509 -2.68 -9.14 -35.61
C HIS K 509 -2.66 -9.88 -36.94
N ALA K 510 -3.71 -10.66 -37.22
CA ALA K 510 -3.78 -11.38 -38.48
C ALA K 510 -4.26 -10.46 -39.61
N PRO K 511 -4.12 -10.92 -40.86
CA PRO K 511 -4.61 -10.12 -41.99
C PRO K 511 -6.11 -9.90 -41.91
N ALA K 512 -6.58 -8.74 -42.35
CA ALA K 512 -8.01 -8.44 -42.27
C ALA K 512 -8.78 -9.11 -43.40
N THR K 513 -8.92 -10.43 -43.33
CA THR K 513 -9.65 -11.17 -44.36
C THR K 513 -9.26 -10.69 -45.75
N VAL K 514 -10.25 -10.43 -46.58
CA VAL K 514 -9.96 -9.91 -47.92
C VAL K 514 -10.88 -8.75 -48.25
N CYS K 515 -10.31 -7.56 -48.39
CA CYS K 515 -11.10 -6.39 -48.75
C CYS K 515 -10.61 -5.84 -50.07
N GLY K 516 -10.02 -6.70 -50.89
CA GLY K 516 -9.50 -6.25 -52.18
C GLY K 516 -10.54 -5.51 -52.97
N PRO K 517 -10.17 -4.31 -53.46
CA PRO K 517 -11.12 -3.49 -54.23
C PRO K 517 -11.31 -4.05 -55.63
N LYS K 518 -12.53 -3.96 -56.16
CA LYS K 518 -12.78 -4.41 -57.52
C LYS K 518 -12.88 -3.22 -58.45
N LYS K 519 -12.26 -2.10 -58.05
CA LYS K 519 -12.25 -0.93 -58.91
C LYS K 519 -11.80 -1.36 -60.29
N SER K 520 -12.74 -1.42 -61.23
CA SER K 520 -12.40 -1.88 -62.58
C SER K 520 -12.12 -0.74 -63.56
N THR K 521 -12.78 0.40 -63.38
CA THR K 521 -12.54 1.57 -64.23
C THR K 521 -12.78 1.28 -65.71
N ASN K 522 -12.22 2.13 -66.58
CA ASN K 522 -12.39 2.01 -68.02
C ASN K 522 -11.12 1.47 -68.68
N LEU K 523 -11.28 0.99 -69.91
CA LEU K 523 -10.18 0.44 -70.69
C LEU K 523 -9.73 1.48 -71.71
N VAL K 524 -8.60 2.12 -71.44
CA VAL K 524 -7.99 3.08 -72.35
C VAL K 524 -6.78 2.43 -73.01
N LYS K 525 -6.66 2.60 -74.33
CA LYS K 525 -5.63 1.95 -75.10
C LYS K 525 -4.81 2.99 -75.87
N ASN K 526 -3.57 2.62 -76.18
CA ASN K 526 -2.61 3.45 -76.93
C ASN K 526 -2.31 4.77 -76.22
N LYS K 527 -2.40 4.79 -74.90
CA LYS K 527 -2.01 5.94 -74.10
C LYS K 527 -1.13 5.48 -72.95
N CYS K 528 -0.22 6.36 -72.53
CA CYS K 528 0.67 6.07 -71.41
C CYS K 528 -0.12 6.11 -70.10
N VAL K 529 -0.61 4.95 -69.66
CA VAL K 529 -1.49 4.87 -68.50
C VAL K 529 -0.97 3.79 -67.56
N ASN K 530 -1.01 4.08 -66.25
CA ASN K 530 -0.60 3.11 -65.25
C ASN K 530 -1.69 2.07 -65.02
N PHE K 531 -1.28 0.82 -64.83
CA PHE K 531 -2.22 -0.26 -64.57
C PHE K 531 -1.65 -1.17 -63.47
N ASN K 532 -2.55 -1.86 -62.78
CA ASN K 532 -2.21 -2.80 -61.72
C ASN K 532 -2.95 -4.11 -62.01
N PHE K 533 -2.35 -4.96 -62.84
CA PHE K 533 -2.98 -6.20 -63.28
C PHE K 533 -2.53 -7.37 -62.40
N ASN K 534 -2.82 -7.25 -61.11
CA ASN K 534 -2.79 -8.33 -60.12
C ASN K 534 -1.39 -8.83 -59.77
N GLY K 535 -0.36 -8.34 -60.45
CA GLY K 535 0.98 -8.79 -60.14
C GLY K 535 2.05 -7.71 -60.16
N LEU K 536 1.70 -6.50 -60.60
CA LEU K 536 2.65 -5.42 -60.71
C LEU K 536 1.89 -4.11 -60.92
N THR K 537 2.56 -3.00 -60.64
CA THR K 537 2.05 -1.66 -60.90
C THR K 537 2.95 -1.04 -61.97
N GLY K 538 2.57 -1.25 -63.23
CA GLY K 538 3.38 -0.79 -64.34
C GLY K 538 2.75 0.34 -65.14
N THR K 539 3.58 1.11 -65.83
CA THR K 539 3.13 2.24 -66.63
C THR K 539 3.50 1.99 -68.09
N GLY K 540 2.55 2.19 -68.99
CA GLY K 540 2.81 2.01 -70.39
C GLY K 540 1.52 1.94 -71.19
N VAL K 541 1.69 1.82 -72.50
CA VAL K 541 0.55 1.74 -73.41
C VAL K 541 0.01 0.32 -73.43
N LEU K 542 -1.21 0.18 -73.93
CA LEU K 542 -1.89 -1.12 -74.05
C LEU K 542 -2.32 -1.28 -75.50
N THR K 543 -1.43 -1.82 -76.32
CA THR K 543 -1.70 -2.03 -77.73
C THR K 543 -2.42 -3.34 -77.97
N GLU K 544 -2.98 -3.48 -79.17
CA GLU K 544 -3.66 -4.71 -79.56
C GLU K 544 -2.65 -5.71 -80.09
N SER K 545 -2.57 -6.88 -79.45
CA SER K 545 -1.60 -7.90 -79.82
C SER K 545 -2.19 -8.86 -80.85
N ASN K 546 -1.31 -9.60 -81.51
CA ASN K 546 -1.70 -10.60 -82.50
C ASN K 546 -1.37 -12.02 -82.05
N LYS K 547 -0.94 -12.21 -80.80
CA LYS K 547 -0.59 -13.52 -80.27
C LYS K 547 -1.57 -13.89 -79.17
N LYS K 548 -2.07 -15.11 -79.21
CA LYS K 548 -3.01 -15.62 -78.22
C LYS K 548 -2.29 -16.46 -77.17
N PHE K 549 -2.92 -16.57 -76.01
CA PHE K 549 -2.37 -17.31 -74.89
C PHE K 549 -3.16 -18.59 -74.66
N LEU K 550 -2.52 -19.55 -73.99
CA LEU K 550 -3.21 -20.75 -73.55
C LEU K 550 -4.21 -20.38 -72.46
N PRO K 551 -5.36 -21.10 -72.39
CA PRO K 551 -6.44 -20.72 -71.46
C PRO K 551 -6.20 -21.12 -70.00
N PHE K 552 -4.97 -20.94 -69.54
CA PHE K 552 -4.67 -21.10 -68.12
C PHE K 552 -3.69 -20.07 -67.57
N GLN K 553 -3.28 -19.08 -68.36
CA GLN K 553 -2.26 -18.12 -67.97
C GLN K 553 -2.83 -16.71 -67.91
N GLN K 554 -2.16 -15.85 -67.13
CA GLN K 554 -2.63 -14.49 -66.89
C GLN K 554 -1.60 -13.41 -67.20
N PHE K 555 -0.33 -13.76 -67.33
CA PHE K 555 0.75 -12.80 -67.54
C PHE K 555 1.41 -13.04 -68.88
N GLY K 556 2.57 -12.42 -69.08
CA GLY K 556 3.39 -12.68 -70.25
C GLY K 556 4.76 -12.02 -70.18
N ARG K 557 5.81 -12.77 -70.43
CA ARG K 557 7.19 -12.28 -70.35
C ARG K 557 7.87 -12.42 -71.70
N ASP K 558 9.11 -11.92 -71.78
CA ASP K 558 9.88 -11.94 -73.02
C ASP K 558 11.26 -12.53 -72.80
N ILE K 559 12.15 -12.39 -73.79
CA ILE K 559 13.50 -12.92 -73.69
C ILE K 559 14.26 -12.25 -72.56
N ALA K 560 14.10 -10.94 -72.41
CA ALA K 560 14.77 -10.17 -71.37
C ALA K 560 14.11 -10.34 -70.00
N ASP K 561 13.13 -11.24 -69.88
CA ASP K 561 12.42 -11.53 -68.63
C ASP K 561 11.76 -10.27 -68.06
N THR K 562 10.97 -9.62 -68.91
CA THR K 562 10.19 -8.44 -68.53
C THR K 562 8.73 -8.70 -68.89
N THR K 563 7.83 -8.39 -67.96
CA THR K 563 6.41 -8.61 -68.18
C THR K 563 5.91 -7.60 -69.20
N ASP K 564 5.80 -8.04 -70.47
CA ASP K 564 5.39 -7.17 -71.56
C ASP K 564 4.04 -7.58 -72.17
N ALA K 565 3.31 -8.49 -71.52
CA ALA K 565 2.02 -8.92 -72.03
C ALA K 565 1.17 -9.37 -70.85
N VAL K 566 -0.13 -9.05 -70.90
CA VAL K 566 -1.06 -9.42 -69.84
C VAL K 566 -2.44 -9.63 -70.46
N ARG K 567 -3.14 -10.66 -69.99
CA ARG K 567 -4.49 -10.96 -70.47
C ARG K 567 -5.51 -10.15 -69.68
N ASP K 568 -6.38 -9.44 -70.40
CA ASP K 568 -7.44 -8.68 -69.74
C ASP K 568 -8.51 -9.63 -69.22
N PRO K 569 -8.79 -9.67 -67.92
CA PRO K 569 -9.76 -10.63 -67.40
C PRO K 569 -11.21 -10.28 -67.72
N GLN K 570 -11.49 -9.07 -68.21
CA GLN K 570 -12.87 -8.68 -68.45
C GLN K 570 -13.46 -9.38 -69.67
N THR K 571 -12.71 -9.46 -70.77
CA THR K 571 -13.27 -10.01 -72.00
C THR K 571 -12.29 -10.93 -72.73
N LEU K 572 -11.26 -11.44 -72.05
CA LEU K 572 -10.26 -12.34 -72.62
C LEU K 572 -9.56 -11.68 -73.81
N GLU K 573 -8.84 -10.62 -73.49
CA GLU K 573 -8.11 -9.83 -74.46
C GLU K 573 -6.63 -9.77 -74.05
N ILE K 574 -5.75 -10.04 -75.00
CA ILE K 574 -4.31 -10.00 -74.77
C ILE K 574 -3.79 -8.63 -75.16
N LEU K 575 -3.22 -7.91 -74.19
CA LEU K 575 -2.72 -6.56 -74.39
C LEU K 575 -1.23 -6.53 -74.12
N ASP K 576 -0.47 -5.94 -75.05
CA ASP K 576 0.96 -5.81 -74.89
C ASP K 576 1.29 -4.67 -73.92
N ILE K 577 2.47 -4.76 -73.31
CA ILE K 577 2.98 -3.73 -72.41
C ILE K 577 4.27 -3.20 -73.02
N THR K 578 4.33 -1.89 -73.25
CA THR K 578 5.49 -1.23 -73.78
C THR K 578 5.88 -0.09 -72.84
N PRO K 579 7.17 0.05 -72.50
CA PRO K 579 7.59 1.16 -71.64
C PRO K 579 7.31 2.51 -72.29
N CYS K 580 6.99 3.49 -71.45
CA CYS K 580 6.61 4.81 -71.93
C CYS K 580 7.81 5.52 -72.53
N SER K 581 7.53 6.52 -73.36
CA SER K 581 8.57 7.19 -74.13
C SER K 581 9.54 7.94 -73.22
N PHE K 582 10.81 7.92 -73.58
CA PHE K 582 11.86 8.57 -72.82
C PHE K 582 13.03 8.89 -73.75
N GLY K 583 13.92 9.74 -73.26
CA GLY K 583 15.10 10.08 -74.03
C GLY K 583 15.80 11.29 -73.43
N GLY K 584 16.78 11.79 -74.18
CA GLY K 584 17.53 12.96 -73.77
C GLY K 584 17.66 13.97 -74.89
N VAL K 585 17.48 15.25 -74.58
CA VAL K 585 17.52 16.30 -75.59
C VAL K 585 18.97 16.59 -75.97
N SER K 586 19.14 17.09 -77.20
CA SER K 586 20.45 17.48 -77.71
C SER K 586 20.33 18.84 -78.38
N VAL K 587 21.41 19.60 -78.38
CA VAL K 587 21.44 20.95 -78.90
C VAL K 587 22.43 21.02 -80.05
N ILE K 588 21.98 21.56 -81.19
CA ILE K 588 22.84 21.81 -82.34
C ILE K 588 23.20 23.29 -82.32
N THR K 589 24.48 23.59 -82.17
CA THR K 589 24.95 24.96 -82.11
C THR K 589 25.75 25.31 -83.34
N PRO K 590 25.38 26.37 -84.08
CA PRO K 590 26.19 26.78 -85.23
C PRO K 590 27.60 27.21 -84.87
N GLY K 591 27.79 27.79 -83.70
CA GLY K 591 29.10 28.20 -83.24
C GLY K 591 29.08 29.61 -82.67
N THR K 592 30.23 30.00 -82.11
CA THR K 592 30.40 31.31 -81.52
C THR K 592 30.72 32.34 -82.60
N ASN K 593 30.08 33.51 -82.50
CA ASN K 593 30.23 34.62 -83.44
C ASN K 593 29.77 34.26 -84.85
N THR K 594 28.89 33.27 -84.97
CA THR K 594 28.29 32.90 -86.25
C THR K 594 26.77 33.03 -86.22
N SER K 595 26.12 32.55 -85.16
CA SER K 595 24.67 32.60 -85.05
C SER K 595 24.29 32.63 -83.58
N ASN K 596 22.98 32.65 -83.32
CA ASN K 596 22.47 32.65 -81.96
C ASN K 596 21.45 31.54 -81.75
N GLN K 597 20.65 31.26 -82.78
CA GLN K 597 19.61 30.25 -82.68
C GLN K 597 20.21 28.84 -82.65
N VAL K 598 19.49 27.92 -82.00
CA VAL K 598 19.92 26.54 -81.84
C VAL K 598 18.76 25.63 -82.21
N ALA K 599 19.06 24.33 -82.27
CA ALA K 599 18.08 23.29 -82.56
C ALA K 599 18.00 22.32 -81.39
N VAL K 600 16.85 21.64 -81.28
CA VAL K 600 16.62 20.64 -80.24
C VAL K 600 16.46 19.29 -80.91
N LEU K 601 17.24 18.31 -80.46
CA LEU K 601 17.28 16.98 -81.07
C LEU K 601 16.89 15.93 -80.04
N TYR K 602 16.10 14.95 -80.49
CA TYR K 602 15.72 13.81 -79.68
C TYR K 602 16.36 12.54 -80.24
N GLN K 603 16.75 11.63 -79.33
CA GLN K 603 17.52 10.46 -79.75
C GLN K 603 16.64 9.36 -80.33
N ASP K 604 15.51 9.04 -79.67
CA ASP K 604 14.63 8.01 -80.18
C ASP K 604 13.15 8.32 -79.96
N VAL K 605 12.82 9.55 -79.62
CA VAL K 605 11.43 9.95 -79.36
C VAL K 605 10.77 10.27 -80.70
N ASN K 606 9.67 9.59 -80.98
CA ASN K 606 8.93 9.80 -82.23
C ASN K 606 7.97 10.98 -82.08
N CYS K 607 7.91 11.82 -83.10
CA CYS K 607 7.03 12.98 -83.10
C CYS K 607 5.56 12.57 -83.22
N ASN K 631 10.94 23.38 -90.07
CA ASN K 631 10.44 23.43 -88.70
C ASN K 631 10.68 22.10 -87.99
N VAL K 632 9.82 21.12 -88.27
CA VAL K 632 9.89 19.80 -87.65
C VAL K 632 10.17 18.80 -88.76
N PHE K 633 11.26 18.04 -88.62
CA PHE K 633 11.63 17.01 -89.59
C PHE K 633 11.90 15.71 -88.85
N GLN K 634 11.32 14.62 -89.34
CA GLN K 634 11.48 13.31 -88.73
C GLN K 634 12.69 12.63 -89.35
N THR K 635 13.79 12.56 -88.60
CA THR K 635 15.00 11.91 -89.05
C THR K 635 15.01 10.45 -88.63
N ARG K 636 16.00 9.71 -89.13
CA ARG K 636 16.21 8.34 -88.70
C ARG K 636 16.91 8.24 -87.35
N ALA K 637 17.43 9.36 -86.83
CA ALA K 637 18.06 9.40 -85.52
C ALA K 637 17.17 10.08 -84.48
N GLY K 638 15.86 10.01 -84.66
CA GLY K 638 14.93 10.63 -83.73
C GLY K 638 14.16 11.79 -84.34
N CYS K 639 13.74 12.73 -83.50
CA CYS K 639 13.02 13.92 -83.94
C CYS K 639 13.94 15.13 -83.89
N LEU K 640 13.93 15.91 -84.97
CA LEU K 640 14.72 17.13 -85.07
C LEU K 640 13.77 18.29 -85.29
N ILE K 641 13.94 19.34 -84.48
CA ILE K 641 13.10 20.54 -84.57
C ILE K 641 14.01 21.77 -84.60
N GLY K 642 13.55 22.81 -85.27
CA GLY K 642 14.27 24.06 -85.37
C GLY K 642 15.13 24.24 -86.61
N ALA K 643 15.31 23.19 -87.41
CA ALA K 643 16.08 23.26 -88.63
C ALA K 643 15.26 22.67 -89.78
N GLU K 644 15.30 23.32 -90.94
CA GLU K 644 14.53 22.91 -92.10
C GLU K 644 15.34 21.96 -92.96
N HIS K 645 14.76 20.81 -93.26
CA HIS K 645 15.42 19.82 -94.12
C HIS K 645 15.41 20.30 -95.57
N VAL K 646 16.48 20.00 -96.29
CA VAL K 646 16.64 20.36 -97.69
C VAL K 646 17.17 19.16 -98.46
N ASN K 647 16.68 18.98 -99.69
CA ASN K 647 16.99 17.78 -100.45
C ASN K 647 18.40 17.78 -101.02
N ASN K 648 19.00 18.95 -101.27
CA ASN K 648 20.34 18.99 -101.80
C ASN K 648 21.36 18.57 -100.74
N SER K 649 22.53 18.14 -101.21
CA SER K 649 23.54 17.54 -100.34
C SER K 649 24.84 18.34 -100.43
N TYR K 650 25.41 18.64 -99.28
CA TYR K 650 26.72 19.27 -99.15
C TYR K 650 27.57 18.46 -98.17
N GLU K 651 28.77 18.96 -97.88
CA GLU K 651 29.64 18.36 -96.88
C GLU K 651 29.32 18.95 -95.51
N CYS K 652 28.98 18.11 -94.55
CA CYS K 652 28.56 18.59 -93.24
C CYS K 652 29.75 18.83 -92.33
N ASP K 653 29.49 19.55 -91.23
CA ASP K 653 30.50 19.82 -90.22
C ASP K 653 30.10 19.37 -88.82
N ILE K 654 28.82 19.20 -88.54
CA ILE K 654 28.33 18.75 -87.24
C ILE K 654 27.64 17.41 -87.42
N PRO K 655 28.32 16.30 -87.09
CA PRO K 655 27.68 14.98 -87.17
C PRO K 655 26.46 14.88 -86.28
N ILE K 656 25.44 14.15 -86.76
CA ILE K 656 24.25 13.84 -85.99
C ILE K 656 24.04 12.33 -85.89
N GLY K 657 24.11 11.63 -87.02
CA GLY K 657 23.92 10.19 -87.02
C GLY K 657 22.83 9.72 -87.96
N ALA K 658 22.85 8.44 -88.30
CA ALA K 658 21.86 7.80 -89.16
C ALA K 658 21.75 8.46 -90.53
N GLY K 659 22.87 8.91 -91.07
CA GLY K 659 22.90 9.42 -92.43
C GLY K 659 22.39 10.83 -92.63
N ILE K 660 22.55 11.72 -91.64
CA ILE K 660 22.15 13.11 -91.78
C ILE K 660 22.97 13.95 -90.80
N CYS K 661 23.40 15.12 -91.27
CA CYS K 661 24.08 16.12 -90.44
C CYS K 661 23.22 17.38 -90.31
N ALA K 662 23.78 18.40 -89.67
CA ALA K 662 23.18 19.72 -89.60
C ALA K 662 24.26 20.77 -89.83
N SER K 663 23.87 21.87 -90.45
CA SER K 663 24.82 22.94 -90.76
C SER K 663 24.05 24.25 -90.90
N TYR K 664 24.79 25.35 -90.86
CA TYR K 664 24.25 26.69 -91.01
C TYR K 664 24.58 27.19 -92.41
N GLN K 665 23.54 27.41 -93.23
CA GLN K 665 23.73 27.80 -94.62
C GLN K 665 22.56 28.67 -95.03
N THR K 666 22.82 29.57 -95.98
CA THR K 666 21.81 30.50 -96.48
C THR K 666 20.64 29.78 -97.14
N SER K 679 17.11 35.11 -94.73
CA SER K 679 18.53 35.20 -94.41
C SER K 679 19.17 33.82 -94.41
N GLN K 680 19.96 33.54 -93.36
CA GLN K 680 20.64 32.27 -93.20
C GLN K 680 20.10 31.56 -91.97
N SER K 681 19.77 30.28 -92.12
CA SER K 681 19.22 29.49 -91.03
C SER K 681 19.84 28.10 -91.04
N ILE K 682 19.75 27.43 -89.89
CA ILE K 682 20.29 26.08 -89.76
C ILE K 682 19.46 25.10 -90.60
N ILE K 683 20.14 24.20 -91.29
CA ILE K 683 19.50 23.21 -92.16
C ILE K 683 20.10 21.85 -91.88
N ALA K 684 19.38 20.81 -92.30
CA ALA K 684 19.81 19.43 -92.18
C ALA K 684 19.74 18.75 -93.54
N TYR K 685 20.77 17.97 -93.86
CA TYR K 685 20.84 17.33 -95.16
C TYR K 685 21.73 16.09 -95.09
N THR K 686 21.57 15.22 -96.07
CA THR K 686 22.44 14.06 -96.22
C THR K 686 23.82 14.51 -96.70
N MET K 687 24.86 13.85 -96.20
CA MET K 687 26.22 14.24 -96.52
C MET K 687 26.56 13.92 -97.97
N SER K 688 27.49 14.68 -98.52
CA SER K 688 28.10 14.38 -99.81
C SER K 688 29.34 13.54 -99.56
N LEU K 689 29.32 12.29 -100.04
CA LEU K 689 30.45 11.40 -99.85
C LEU K 689 31.69 11.86 -100.60
N GLY K 690 31.52 12.72 -101.60
CA GLY K 690 32.65 13.25 -102.33
C GLY K 690 32.20 13.88 -103.62
N ALA K 691 33.18 14.37 -104.37
CA ALA K 691 32.92 14.96 -105.68
C ALA K 691 32.61 13.84 -106.67
N GLU K 692 31.40 13.85 -107.20
CA GLU K 692 30.96 12.79 -108.12
C GLU K 692 31.59 13.03 -109.48
N ASN K 693 32.72 12.38 -109.73
CA ASN K 693 33.43 12.48 -111.00
C ASN K 693 33.76 11.07 -111.47
N SER K 694 33.57 10.82 -112.77
CA SER K 694 33.82 9.52 -113.36
C SER K 694 35.08 9.59 -114.23
N VAL K 695 35.99 8.66 -114.01
CA VAL K 695 37.22 8.57 -114.80
C VAL K 695 36.93 7.75 -116.05
N ALA K 696 37.51 8.17 -117.17
CA ALA K 696 37.30 7.50 -118.44
C ALA K 696 38.33 6.39 -118.60
N TYR K 697 37.86 5.15 -118.58
CA TYR K 697 38.73 3.97 -118.60
C TYR K 697 38.75 3.38 -120.00
N SER K 698 39.94 3.06 -120.48
CA SER K 698 40.12 2.44 -121.79
C SER K 698 41.33 1.53 -121.75
N ASN K 699 41.39 0.61 -122.71
CA ASN K 699 42.47 -0.36 -122.78
C ASN K 699 43.73 0.19 -123.45
N ASN K 700 43.65 1.36 -124.07
CA ASN K 700 44.81 1.97 -124.73
C ASN K 700 44.87 3.46 -124.42
N SER K 701 44.62 3.83 -123.17
CA SER K 701 44.67 5.23 -122.74
C SER K 701 45.27 5.30 -121.35
N ILE K 702 46.13 6.30 -121.12
CA ILE K 702 46.75 6.52 -119.83
C ILE K 702 46.69 8.01 -119.50
N ALA K 703 47.25 8.36 -118.34
CA ALA K 703 47.35 9.76 -117.91
C ALA K 703 48.68 9.92 -117.18
N ILE K 704 49.72 10.32 -117.92
CA ILE K 704 51.04 10.52 -117.34
C ILE K 704 51.20 11.98 -116.95
N PRO K 705 51.53 12.28 -115.70
CA PRO K 705 51.67 13.68 -115.28
C PRO K 705 52.89 14.34 -115.92
N THR K 706 52.80 15.66 -116.10
CA THR K 706 53.89 16.44 -116.65
C THR K 706 54.36 17.57 -115.74
N ASN K 707 53.65 17.84 -114.65
CA ASN K 707 54.07 18.88 -113.72
C ASN K 707 53.71 18.45 -112.29
N PHE K 708 54.37 19.06 -111.32
CA PHE K 708 54.29 18.62 -109.94
C PHE K 708 54.34 19.81 -109.00
N THR K 709 53.80 19.60 -107.79
CA THR K 709 53.84 20.57 -106.71
C THR K 709 54.28 19.87 -105.44
N ILE K 710 55.15 20.52 -104.69
CA ILE K 710 55.67 19.97 -103.44
C ILE K 710 54.75 20.43 -102.31
N SER K 711 54.14 19.46 -101.61
CA SER K 711 53.18 19.74 -100.56
C SER K 711 53.70 19.21 -99.22
N VAL K 712 53.32 19.89 -98.15
CA VAL K 712 53.72 19.54 -96.80
C VAL K 712 52.46 19.18 -96.01
N THR K 713 52.45 17.97 -95.45
CA THR K 713 51.33 17.49 -94.65
C THR K 713 51.72 17.49 -93.18
N THR K 714 50.87 18.08 -92.34
CA THR K 714 51.12 18.17 -90.91
C THR K 714 50.31 17.12 -90.17
N GLU K 715 51.00 16.30 -89.39
CA GLU K 715 50.37 15.26 -88.58
C GLU K 715 50.66 15.52 -87.11
N ILE K 716 49.66 15.26 -86.27
CA ILE K 716 49.71 15.57 -84.84
C ILE K 716 49.69 14.27 -84.07
N LEU K 717 50.68 14.08 -83.19
CA LEU K 717 50.80 12.86 -82.41
C LEU K 717 51.27 13.14 -80.99
N PRO K 718 50.42 12.95 -79.98
CA PRO K 718 50.88 13.11 -78.59
C PRO K 718 51.62 11.88 -78.09
N VAL K 719 52.60 12.11 -77.22
CA VAL K 719 53.42 11.04 -76.67
C VAL K 719 53.44 11.02 -75.15
N SER K 720 52.96 12.07 -74.48
CA SER K 720 53.00 12.10 -73.02
C SER K 720 52.00 13.14 -72.52
N MET K 721 51.84 13.18 -71.20
CA MET K 721 51.03 14.20 -70.54
C MET K 721 51.74 14.56 -69.22
N THR K 722 51.07 15.35 -68.39
CA THR K 722 51.59 15.64 -67.06
C THR K 722 51.55 14.38 -66.20
N LYS K 723 52.55 14.24 -65.34
CA LYS K 723 52.67 13.08 -64.45
C LYS K 723 52.25 13.49 -63.05
N THR K 724 51.29 12.77 -62.48
CA THR K 724 50.77 13.06 -61.16
C THR K 724 51.04 11.89 -60.22
N SER K 725 51.23 12.21 -58.95
CA SER K 725 51.42 11.23 -57.89
C SER K 725 50.32 11.41 -56.85
N VAL K 726 49.64 10.32 -56.52
CA VAL K 726 48.51 10.33 -55.60
C VAL K 726 48.85 9.45 -54.41
N ASP K 727 48.77 10.01 -53.21
CA ASP K 727 48.96 9.28 -51.98
C ASP K 727 47.70 9.40 -51.13
N CYS K 728 47.25 8.27 -50.58
CA CYS K 728 45.97 8.25 -49.88
C CYS K 728 46.07 8.92 -48.52
N THR K 729 47.20 8.78 -47.82
CA THR K 729 47.33 9.23 -46.44
C THR K 729 47.13 10.74 -46.30
N MET K 730 47.33 11.52 -47.37
CA MET K 730 46.99 12.92 -47.36
C MET K 730 45.64 13.22 -48.02
N TYR K 731 45.11 12.29 -48.82
CA TYR K 731 43.84 12.49 -49.51
C TYR K 731 42.68 11.90 -48.72
N ILE K 732 42.74 10.60 -48.43
CA ILE K 732 41.65 9.95 -47.71
C ILE K 732 41.59 10.38 -46.26
N CYS K 733 42.67 10.93 -45.72
CA CYS K 733 42.72 11.43 -44.35
C CYS K 733 43.13 12.90 -44.36
N GLY K 734 42.69 13.62 -43.33
CA GLY K 734 43.09 15.00 -43.15
C GLY K 734 44.22 15.12 -42.15
N ASP K 735 43.90 15.57 -40.93
CA ASP K 735 44.86 15.68 -39.84
C ASP K 735 44.44 14.85 -38.64
N SER K 736 43.68 13.79 -38.87
CA SER K 736 43.17 12.92 -37.81
C SER K 736 43.80 11.54 -37.90
N THR K 737 44.19 11.01 -36.75
CA THR K 737 44.82 9.69 -36.69
C THR K 737 43.80 8.55 -36.73
N GLU K 738 42.52 8.83 -36.52
CA GLU K 738 41.51 7.78 -36.60
C GLU K 738 41.35 7.27 -38.02
N CYS K 739 41.50 8.14 -39.01
CA CYS K 739 41.45 7.71 -40.41
C CYS K 739 42.62 6.78 -40.74
N SER K 740 43.81 7.09 -40.23
CA SER K 740 44.97 6.24 -40.47
C SER K 740 44.86 4.93 -39.71
N ASN K 741 44.18 4.93 -38.56
CA ASN K 741 43.95 3.69 -37.82
C ASN K 741 43.01 2.75 -38.56
N LEU K 742 42.21 3.28 -39.49
CA LEU K 742 41.36 2.46 -40.33
C LEU K 742 41.97 2.18 -41.70
N LEU K 743 43.15 2.73 -41.99
CA LEU K 743 43.81 2.49 -43.28
C LEU K 743 44.61 1.20 -43.31
N LEU K 744 44.85 0.56 -42.17
CA LEU K 744 45.58 -0.70 -42.17
C LEU K 744 44.79 -1.83 -42.81
N GLN K 745 43.47 -1.66 -43.00
CA GLN K 745 42.67 -2.61 -43.74
C GLN K 745 42.64 -2.32 -45.23
N TYR K 746 43.13 -1.15 -45.65
CA TYR K 746 43.16 -0.77 -47.05
C TYR K 746 44.51 -0.25 -47.50
N GLY K 747 45.57 -0.46 -46.71
CA GLY K 747 46.90 -0.06 -47.11
C GLY K 747 47.43 -0.83 -48.31
N SER K 748 47.02 -2.08 -48.47
CA SER K 748 47.37 -2.84 -49.67
C SER K 748 46.75 -2.23 -50.91
N PHE K 749 45.50 -1.76 -50.81
CA PHE K 749 44.89 -1.04 -51.92
C PHE K 749 45.62 0.28 -52.18
N CYS K 750 46.06 0.95 -51.12
CA CYS K 750 46.89 2.15 -51.28
C CYS K 750 48.22 1.80 -51.95
N THR K 751 48.78 0.64 -51.62
CA THR K 751 50.04 0.22 -52.23
C THR K 751 49.86 -0.09 -53.71
N GLN K 752 48.79 -0.81 -54.07
CA GLN K 752 48.59 -1.20 -55.46
C GLN K 752 48.31 0.00 -56.35
N LEU K 753 47.53 0.97 -55.86
CA LEU K 753 47.32 2.18 -56.65
C LEU K 753 48.61 2.99 -56.74
N ASN K 754 49.39 3.03 -55.65
CA ASN K 754 50.64 3.78 -55.67
C ASN K 754 51.62 3.20 -56.69
N ARG K 755 51.73 1.87 -56.73
CA ARG K 755 52.62 1.23 -57.71
C ARG K 755 52.11 1.47 -59.13
N ALA K 756 50.80 1.60 -59.30
CA ALA K 756 50.25 2.01 -60.60
C ALA K 756 50.59 3.47 -60.89
N LEU K 757 50.42 4.35 -59.91
CA LEU K 757 50.83 5.74 -60.08
C LEU K 757 52.35 5.87 -60.17
N THR K 758 53.09 5.07 -59.39
CA THR K 758 54.53 4.98 -59.61
C THR K 758 54.82 4.34 -60.97
N GLY K 759 53.95 3.44 -61.41
CA GLY K 759 54.12 2.84 -62.72
C GLY K 759 53.94 3.84 -63.84
N ILE K 760 52.79 4.53 -63.89
CA ILE K 760 52.46 5.35 -65.05
C ILE K 760 53.42 6.51 -65.20
N ALA K 761 54.15 6.84 -64.14
CA ALA K 761 55.21 7.83 -64.27
C ALA K 761 56.38 7.29 -65.07
N VAL K 762 56.66 5.98 -64.97
CA VAL K 762 57.95 5.52 -65.49
C VAL K 762 57.91 5.23 -66.99
N GLU K 763 56.77 4.78 -67.55
CA GLU K 763 56.74 4.67 -69.01
C GLU K 763 56.58 6.04 -69.65
N GLN K 764 55.84 6.95 -69.01
CA GLN K 764 55.74 8.32 -69.55
C GLN K 764 57.09 9.01 -69.51
N ASP K 765 57.91 8.70 -68.49
CA ASP K 765 59.32 9.07 -68.57
C ASP K 765 60.01 8.32 -69.71
N LYS K 766 59.65 7.05 -69.90
CA LYS K 766 60.32 6.22 -70.89
C LYS K 766 59.89 6.58 -72.31
N ASN K 767 58.63 6.96 -72.53
CA ASN K 767 58.16 7.27 -73.89
C ASN K 767 58.95 8.42 -74.51
N THR K 768 59.40 9.36 -73.70
CA THR K 768 60.23 10.44 -74.22
C THR K 768 61.56 9.91 -74.77
N GLN K 769 62.00 8.74 -74.28
CA GLN K 769 63.28 8.20 -74.72
C GLN K 769 63.17 7.51 -76.08
N GLU K 770 62.08 6.79 -76.35
CA GLU K 770 61.98 6.11 -77.64
C GLU K 770 61.68 7.07 -78.78
N VAL K 771 60.93 8.14 -78.53
CA VAL K 771 60.49 9.00 -79.63
C VAL K 771 61.52 10.07 -79.97
N PHE K 772 62.36 10.48 -79.02
CA PHE K 772 63.40 11.47 -79.26
C PHE K 772 64.81 10.94 -79.11
N ALA K 773 65.11 10.23 -78.03
CA ALA K 773 66.46 9.71 -77.81
C ALA K 773 66.68 8.48 -78.70
N GLN K 774 66.83 8.76 -80.00
CA GLN K 774 67.03 7.74 -81.02
C GLN K 774 68.47 7.68 -81.50
N VAL K 775 69.15 8.82 -81.62
CA VAL K 775 70.55 8.89 -81.97
C VAL K 775 71.31 9.48 -80.79
N LYS K 776 72.42 8.86 -80.41
CA LYS K 776 73.20 9.33 -79.27
C LYS K 776 74.00 10.59 -79.62
N GLN K 777 74.57 10.66 -80.82
CA GLN K 777 75.43 11.77 -81.19
C GLN K 777 74.59 12.99 -81.58
N ILE K 778 74.85 14.11 -80.92
CA ILE K 778 74.23 15.38 -81.31
C ILE K 778 75.00 15.95 -82.50
N TYR K 779 74.26 16.52 -83.45
CA TYR K 779 74.84 17.11 -84.65
C TYR K 779 74.55 18.60 -84.67
N LYS K 780 75.61 19.40 -84.81
CA LYS K 780 75.45 20.84 -84.88
C LYS K 780 75.12 21.27 -86.31
N THR K 781 74.24 22.25 -86.42
CA THR K 781 73.90 22.79 -87.73
C THR K 781 75.10 23.49 -88.36
N PRO K 782 75.32 23.35 -89.67
CA PRO K 782 76.45 24.02 -90.29
C PRO K 782 76.25 25.52 -90.33
N PRO K 783 77.33 26.30 -90.22
CA PRO K 783 77.18 27.76 -90.34
C PRO K 783 76.79 28.22 -91.73
N ILE K 784 77.01 27.40 -92.76
CA ILE K 784 76.64 27.75 -94.13
C ILE K 784 75.18 27.38 -94.33
N LYS K 785 74.36 28.37 -94.69
CA LYS K 785 72.94 28.18 -94.91
C LYS K 785 72.59 28.02 -96.38
N ASP K 786 73.59 27.89 -97.25
CA ASP K 786 73.37 27.73 -98.68
C ASP K 786 73.22 26.25 -98.99
N PHE K 787 71.96 25.80 -99.02
CA PHE K 787 71.63 24.40 -99.32
C PHE K 787 71.09 24.23 -100.73
N GLY K 788 71.55 25.06 -101.67
CA GLY K 788 71.04 25.03 -103.03
C GLY K 788 69.80 25.85 -103.27
N GLY K 789 69.51 26.83 -102.41
CA GLY K 789 68.33 27.65 -102.54
C GLY K 789 67.19 27.29 -101.63
N PHE K 790 67.37 26.32 -100.73
CA PHE K 790 66.31 25.88 -99.84
C PHE K 790 66.42 26.62 -98.51
N ASN K 791 65.31 27.22 -98.09
CA ASN K 791 65.27 28.05 -96.90
C ASN K 791 64.94 27.19 -95.68
N PHE K 792 65.87 27.15 -94.71
CA PHE K 792 65.72 26.31 -93.53
C PHE K 792 65.64 27.10 -92.23
N SER K 793 65.52 28.43 -92.30
CA SER K 793 65.51 29.24 -91.09
C SER K 793 64.25 29.05 -90.26
N GLN K 794 63.17 28.54 -90.85
CA GLN K 794 61.93 28.36 -90.11
C GLN K 794 62.00 27.15 -89.18
N ILE K 795 62.71 26.10 -89.58
CA ILE K 795 62.76 24.86 -88.81
C ILE K 795 64.01 24.83 -87.95
N LEU K 796 65.10 25.42 -88.44
CA LEU K 796 66.33 25.46 -87.67
C LEU K 796 66.21 26.47 -86.53
N PRO K 797 66.87 26.20 -85.39
CA PRO K 797 66.87 27.17 -84.31
C PRO K 797 67.61 28.44 -84.69
N ASP K 798 67.16 29.56 -84.11
CA ASP K 798 67.76 30.85 -84.40
C ASP K 798 68.50 31.39 -83.18
N PRO K 799 69.67 31.99 -83.38
CA PRO K 799 70.43 32.53 -82.24
C PRO K 799 69.95 33.88 -81.75
N SER K 800 68.92 34.46 -82.37
CA SER K 800 68.43 35.77 -81.94
C SER K 800 67.72 35.69 -80.60
N LYS K 801 67.15 34.53 -80.26
CA LYS K 801 66.42 34.37 -79.00
C LYS K 801 67.21 33.48 -78.04
N PRO K 802 67.17 33.79 -76.73
CA PRO K 802 67.88 32.94 -75.76
C PRO K 802 67.32 31.53 -75.65
N SER K 803 66.05 31.32 -75.98
CA SER K 803 65.47 29.99 -75.88
C SER K 803 66.00 29.02 -76.92
N LYS K 804 66.52 29.54 -78.04
CA LYS K 804 67.07 28.74 -79.14
C LYS K 804 66.05 27.74 -79.68
N ARG K 805 64.81 28.18 -79.77
CA ARG K 805 63.72 27.36 -80.30
C ARG K 805 63.30 27.88 -81.67
N SER K 806 62.86 26.95 -82.52
CA SER K 806 62.42 27.31 -83.86
C SER K 806 61.16 28.17 -83.79
N PRO K 807 61.00 29.10 -84.75
CA PRO K 807 59.76 29.90 -84.78
C PRO K 807 58.49 29.06 -84.91
N ILE K 808 58.57 27.93 -85.62
CA ILE K 808 57.45 27.00 -85.65
C ILE K 808 57.23 26.40 -84.26
N GLU K 809 58.31 26.00 -83.58
CA GLU K 809 58.17 25.43 -82.25
C GLU K 809 57.69 26.48 -81.24
N ASP K 810 58.15 27.72 -81.40
CA ASP K 810 57.65 28.80 -80.55
C ASP K 810 56.17 29.05 -80.79
N LEU K 811 55.74 28.99 -82.06
CA LEU K 811 54.34 29.20 -82.39
C LEU K 811 53.46 28.08 -81.81
N LEU K 812 53.92 26.84 -81.90
CA LEU K 812 53.17 25.71 -81.35
C LEU K 812 53.13 25.76 -79.83
N PHE K 813 54.21 26.21 -79.18
CA PHE K 813 54.21 26.34 -77.73
C PHE K 813 53.21 27.39 -77.28
N ASN K 814 53.10 28.50 -78.01
CA ASN K 814 52.16 29.55 -77.65
C ASN K 814 50.72 29.19 -78.00
N LYS K 815 50.50 28.31 -78.99
CA LYS K 815 49.15 27.99 -79.41
C LYS K 815 48.40 27.13 -78.39
N VAL K 816 49.07 26.12 -77.83
CA VAL K 816 48.43 25.22 -76.88
C VAL K 816 48.72 25.70 -75.47
N THR K 817 47.68 25.70 -74.63
CA THR K 817 47.82 26.13 -73.24
C THR K 817 48.33 24.98 -72.38
N ALA K 842 48.74 24.40 -61.10
CA ALA K 842 48.68 24.79 -59.69
C ALA K 842 47.94 23.74 -58.88
N GLN K 843 48.62 22.64 -58.56
CA GLN K 843 48.05 21.53 -57.80
C GLN K 843 48.83 21.39 -56.49
N LYS K 844 48.41 22.14 -55.47
CA LYS K 844 48.95 22.03 -54.11
C LYS K 844 47.75 21.81 -53.19
N PHE K 845 47.34 20.56 -53.07
CA PHE K 845 46.10 20.20 -52.39
C PHE K 845 46.35 18.95 -51.56
N ASN K 846 45.27 18.30 -51.13
CA ASN K 846 45.36 17.11 -50.28
C ASN K 846 45.89 15.92 -51.07
N GLY K 847 47.20 15.67 -50.98
CA GLY K 847 47.81 14.54 -51.65
C GLY K 847 47.81 14.61 -53.15
N LEU K 848 48.01 15.80 -53.73
CA LEU K 848 48.09 15.98 -55.16
C LEU K 848 49.40 16.70 -55.48
N THR K 849 50.35 15.97 -56.05
CA THR K 849 51.65 16.51 -56.42
C THR K 849 51.91 16.27 -57.90
N VAL K 850 52.43 17.28 -58.58
CA VAL K 850 52.88 17.15 -59.96
C VAL K 850 54.39 17.05 -59.93
N LEU K 851 54.90 15.90 -60.36
CA LEU K 851 56.34 15.66 -60.33
C LEU K 851 56.94 16.05 -61.67
N PRO K 852 58.04 16.81 -61.70
CA PRO K 852 58.55 17.31 -62.97
C PRO K 852 59.08 16.18 -63.82
N PRO K 853 58.96 16.28 -65.14
CA PRO K 853 59.44 15.21 -66.01
C PRO K 853 60.96 15.18 -66.07
N LEU K 854 61.49 14.03 -66.52
CA LEU K 854 62.93 13.88 -66.66
C LEU K 854 63.50 14.85 -67.69
N LEU K 855 62.81 15.04 -68.80
CA LEU K 855 63.28 15.89 -69.89
C LEU K 855 62.26 17.00 -70.13
N THR K 856 62.68 18.24 -69.91
CA THR K 856 61.80 19.39 -70.08
C THR K 856 61.92 19.91 -71.52
N ASP K 857 61.43 21.13 -71.75
CA ASP K 857 61.33 21.65 -73.12
C ASP K 857 62.69 21.92 -73.75
N GLU K 858 63.74 22.13 -72.94
CA GLU K 858 65.00 22.63 -73.48
C GLU K 858 65.71 21.56 -74.30
N MET K 859 65.99 20.40 -73.70
CA MET K 859 66.75 19.38 -74.42
C MET K 859 65.93 18.65 -75.47
N ILE K 860 64.61 18.53 -75.29
CA ILE K 860 63.81 17.89 -76.33
C ILE K 860 63.81 18.74 -77.60
N ALA K 861 63.87 20.07 -77.44
CA ALA K 861 64.09 20.93 -78.60
C ALA K 861 65.51 20.77 -79.13
N GLN K 862 66.47 20.53 -78.24
CA GLN K 862 67.85 20.27 -78.66
C GLN K 862 67.94 18.94 -79.41
N TYR K 863 67.15 17.94 -79.00
CA TYR K 863 67.12 16.68 -79.73
C TYR K 863 66.56 16.87 -81.14
N THR K 864 65.46 17.63 -81.27
CA THR K 864 64.86 17.86 -82.58
C THR K 864 65.81 18.62 -83.51
N SER K 865 66.60 19.55 -82.94
CA SER K 865 67.64 20.21 -83.73
C SER K 865 68.72 19.23 -84.15
N ALA K 866 69.04 18.27 -83.27
CA ALA K 866 70.07 17.27 -83.59
C ALA K 866 69.61 16.35 -84.71
N LEU K 867 68.35 15.89 -84.65
CA LEU K 867 67.81 15.08 -85.73
C LEU K 867 67.65 15.89 -87.01
N LEU K 868 67.24 17.16 -86.89
CA LEU K 868 67.09 18.01 -88.07
C LEU K 868 68.43 18.27 -88.74
N ALA K 869 69.47 18.53 -87.94
CA ALA K 869 70.79 18.77 -88.52
C ALA K 869 71.35 17.52 -89.17
N GLY K 870 71.00 16.34 -88.64
CA GLY K 870 71.44 15.11 -89.26
C GLY K 870 70.79 14.88 -90.62
N THR K 871 69.48 15.15 -90.73
CA THR K 871 68.76 14.83 -91.96
C THR K 871 69.17 15.74 -93.11
N ILE K 872 69.64 16.95 -92.80
CA ILE K 872 70.01 17.89 -93.85
C ILE K 872 71.48 17.77 -94.24
N THR K 873 72.33 17.28 -93.34
CA THR K 873 73.76 17.16 -93.61
C THR K 873 74.18 15.75 -93.99
N SER K 874 73.44 14.72 -93.57
CA SER K 874 73.83 13.35 -93.81
C SER K 874 72.71 12.41 -94.26
N GLY K 875 71.45 12.85 -94.22
CA GLY K 875 70.39 12.11 -94.90
C GLY K 875 69.80 10.95 -94.13
N TRP K 876 70.23 9.73 -94.46
CA TRP K 876 69.85 8.54 -93.70
C TRP K 876 71.05 7.74 -93.23
N THR K 877 72.27 8.19 -93.51
CA THR K 877 73.45 7.44 -93.10
C THR K 877 73.63 7.47 -91.58
N PHE K 878 73.21 8.55 -90.93
CA PHE K 878 73.44 8.72 -89.50
C PHE K 878 72.51 7.84 -88.67
N GLY K 879 71.31 7.57 -89.18
CA GLY K 879 70.37 6.68 -88.53
C GLY K 879 70.59 5.22 -88.79
N ALA K 880 71.58 4.88 -89.63
CA ALA K 880 71.98 3.50 -89.86
C ALA K 880 73.47 3.30 -89.63
N GLY K 881 74.11 4.25 -88.96
CA GLY K 881 75.54 4.18 -88.71
C GLY K 881 76.16 5.55 -88.55
N PRO K 882 77.45 5.66 -88.86
CA PRO K 882 78.12 6.96 -88.78
C PRO K 882 77.58 7.95 -89.81
N ALA K 883 77.64 9.23 -89.45
CA ALA K 883 77.15 10.27 -90.33
C ALA K 883 78.14 10.52 -91.48
N LEU K 884 77.62 10.52 -92.70
CA LEU K 884 78.42 10.75 -93.90
C LEU K 884 77.93 12.02 -94.57
N GLN K 885 78.86 12.91 -94.90
CA GLN K 885 78.49 14.20 -95.48
C GLN K 885 77.90 13.99 -96.88
N ILE K 886 76.75 14.63 -97.13
CA ILE K 886 76.13 14.67 -98.44
C ILE K 886 75.56 16.07 -98.66
N PRO K 887 75.81 16.70 -99.81
CA PRO K 887 75.15 17.96 -100.12
C PRO K 887 73.65 17.75 -100.35
N PHE K 888 72.89 18.81 -100.10
CA PHE K 888 71.43 18.74 -100.17
C PHE K 888 70.86 18.36 -101.53
N PRO K 889 71.30 18.91 -102.68
CA PRO K 889 70.57 18.63 -103.94
C PRO K 889 70.58 17.18 -104.36
N MET K 890 71.72 16.51 -104.32
CA MET K 890 71.73 15.09 -104.67
C MET K 890 71.06 14.20 -103.64
N GLN K 891 71.02 14.62 -102.36
CA GLN K 891 70.20 13.93 -101.39
C GLN K 891 68.74 13.89 -101.84
N MET K 892 68.27 14.99 -102.44
CA MET K 892 66.92 15.00 -103.00
C MET K 892 66.82 14.02 -104.15
N ALA K 893 67.85 13.96 -104.98
CA ALA K 893 67.85 13.07 -106.14
C ALA K 893 67.74 11.60 -105.74
N TYR K 894 68.44 11.18 -104.68
CA TYR K 894 68.29 9.78 -104.26
C TYR K 894 66.91 9.52 -103.69
N ARG K 895 66.25 10.55 -103.16
CA ARG K 895 64.87 10.39 -102.73
C ARG K 895 63.93 10.16 -103.91
N PHE K 896 64.09 10.94 -105.00
CA PHE K 896 63.25 10.72 -106.18
C PHE K 896 63.49 9.35 -106.79
N ASN K 897 64.72 8.84 -106.71
CA ASN K 897 64.99 7.47 -107.14
C ASN K 897 64.21 6.47 -106.29
N GLY K 898 64.15 6.71 -104.98
CA GLY K 898 63.28 5.92 -104.13
C GLY K 898 61.81 6.13 -104.44
N ILE K 899 61.44 7.36 -104.80
CA ILE K 899 60.07 7.66 -105.19
C ILE K 899 59.69 6.93 -106.48
N GLY K 900 60.63 6.78 -107.40
CA GLY K 900 60.34 6.27 -108.73
C GLY K 900 60.54 7.27 -109.84
N VAL K 901 61.14 8.41 -109.55
CA VAL K 901 61.37 9.47 -110.53
C VAL K 901 62.86 9.51 -110.83
N THR K 902 63.21 9.51 -112.11
CA THR K 902 64.60 9.65 -112.52
C THR K 902 65.15 11.01 -112.07
N GLN K 903 66.43 11.02 -111.71
CA GLN K 903 67.00 12.13 -110.96
C GLN K 903 67.39 13.33 -111.82
N ASN K 904 67.33 13.22 -113.15
CA ASN K 904 67.74 14.33 -114.00
C ASN K 904 66.71 15.46 -114.05
N VAL K 905 65.47 15.19 -113.64
CA VAL K 905 64.45 16.24 -113.68
C VAL K 905 64.61 17.25 -112.55
N LEU K 906 65.36 16.90 -111.50
CA LEU K 906 65.62 17.85 -110.41
C LEU K 906 66.59 18.92 -110.83
N TYR K 907 67.68 18.55 -111.52
CA TYR K 907 68.73 19.49 -111.86
C TYR K 907 68.36 20.40 -113.02
N GLU K 908 67.19 20.20 -113.63
CA GLU K 908 66.67 21.13 -114.63
C GLU K 908 65.72 22.15 -114.04
N ASN K 909 65.00 21.81 -112.98
CA ASN K 909 64.04 22.70 -112.32
C ASN K 909 64.28 22.73 -110.81
N GLN K 910 65.55 22.86 -110.41
CA GLN K 910 65.87 22.94 -108.98
C GLN K 910 65.34 24.23 -108.37
N LYS K 911 65.35 25.32 -109.13
CA LYS K 911 64.85 26.59 -108.61
C LYS K 911 63.34 26.56 -108.41
N LEU K 912 62.63 25.77 -109.22
CA LEU K 912 61.18 25.69 -109.06
C LEU K 912 60.80 24.85 -107.85
N ILE K 913 61.52 23.75 -107.62
CA ILE K 913 61.23 22.91 -106.46
C ILE K 913 61.62 23.61 -105.17
N ALA K 914 62.73 24.35 -105.18
CA ALA K 914 63.13 25.14 -104.02
C ALA K 914 62.11 26.23 -103.72
N ASN K 915 61.59 26.89 -104.76
CA ASN K 915 60.54 27.88 -104.55
C ASN K 915 59.24 27.23 -104.08
N GLN K 916 58.94 26.04 -104.60
CA GLN K 916 57.76 25.31 -104.15
C GLN K 916 57.89 24.88 -102.69
N PHE K 917 59.10 24.46 -102.28
CA PHE K 917 59.32 24.12 -100.89
C PHE K 917 59.24 25.35 -99.99
N ASN K 918 59.77 26.49 -100.45
CA ASN K 918 59.68 27.72 -99.68
C ASN K 918 58.24 28.22 -99.62
N SER K 919 57.48 28.04 -100.71
CA SER K 919 56.06 28.37 -100.67
C SER K 919 55.30 27.42 -99.75
N ALA K 920 55.71 26.16 -99.70
CA ALA K 920 55.04 25.18 -98.84
C ALA K 920 55.26 25.51 -97.36
N ILE K 921 56.50 25.83 -96.97
CA ILE K 921 56.78 26.12 -95.57
C ILE K 921 56.14 27.46 -95.17
N GLY K 922 55.98 28.38 -96.13
CA GLY K 922 55.25 29.60 -95.85
C GLY K 922 53.76 29.36 -95.67
N LYS K 923 53.17 28.50 -96.51
CA LYS K 923 51.74 28.25 -96.44
C LYS K 923 51.36 27.54 -95.15
N ILE K 924 52.17 26.57 -94.72
CA ILE K 924 51.92 25.86 -93.47
C ILE K 924 52.17 26.77 -92.27
N GLN K 925 53.11 27.70 -92.37
CA GLN K 925 53.34 28.62 -91.26
C GLN K 925 52.15 29.55 -91.08
N ASP K 926 51.49 29.92 -92.17
CA ASP K 926 50.27 30.72 -92.07
C ASP K 926 49.10 29.89 -91.54
N SER K 927 49.03 28.60 -91.90
CA SER K 927 47.90 27.77 -91.46
C SER K 927 47.99 27.43 -89.98
N LEU K 928 49.18 27.04 -89.51
CA LEU K 928 49.34 26.74 -88.09
C LEU K 928 49.28 27.99 -87.22
N SER K 929 49.61 29.16 -87.80
CA SER K 929 49.45 30.40 -87.04
C SER K 929 47.99 30.75 -86.82
N SER K 930 47.10 30.29 -87.69
CA SER K 930 45.67 30.56 -87.54
C SER K 930 45.04 29.64 -86.51
N ALA K 934 42.25 25.44 -83.12
CA ALA K 934 43.50 25.23 -82.40
C ALA K 934 43.89 23.75 -82.42
N LEU K 935 44.86 23.39 -81.58
CA LEU K 935 45.32 22.01 -81.51
C LEU K 935 44.32 21.17 -80.72
N GLY K 936 43.98 20.00 -81.27
CA GLY K 936 43.00 19.13 -80.65
C GLY K 936 43.61 17.99 -79.85
N LYS K 937 44.65 17.37 -80.40
CA LYS K 937 45.25 16.21 -79.74
C LYS K 937 46.10 16.60 -78.53
N LEU K 938 46.64 17.82 -78.50
CA LEU K 938 47.39 18.30 -77.35
C LEU K 938 46.53 18.90 -76.26
N GLN K 939 45.23 19.12 -76.52
CA GLN K 939 44.36 19.80 -75.58
C GLN K 939 43.50 18.86 -74.76
N ASP K 940 43.06 17.74 -75.34
CA ASP K 940 42.22 16.80 -74.60
C ASP K 940 43.01 16.07 -73.53
N VAL K 941 44.30 15.79 -73.79
CA VAL K 941 45.13 15.09 -72.80
C VAL K 941 45.39 15.95 -71.57
N VAL K 942 45.29 17.27 -71.69
CA VAL K 942 45.46 18.16 -70.54
C VAL K 942 44.12 18.50 -69.89
N ASN K 943 43.08 18.74 -70.70
CA ASN K 943 41.78 19.10 -70.16
C ASN K 943 41.15 17.95 -69.40
N GLN K 944 41.26 16.72 -69.92
CA GLN K 944 40.68 15.56 -69.25
C GLN K 944 41.41 15.27 -67.94
N ASN K 945 42.73 15.44 -67.91
CA ASN K 945 43.47 15.32 -66.66
C ASN K 945 43.11 16.45 -65.69
N ALA K 946 42.92 17.66 -66.21
CA ALA K 946 42.51 18.78 -65.36
C ALA K 946 41.12 18.55 -64.79
N GLN K 947 40.18 18.08 -65.61
CA GLN K 947 38.84 17.83 -65.10
C GLN K 947 38.79 16.60 -64.20
N ALA K 948 39.80 15.72 -64.30
CA ALA K 948 39.87 14.60 -63.39
C ALA K 948 40.33 15.04 -62.00
N LEU K 949 41.32 15.93 -61.94
CA LEU K 949 41.80 16.40 -60.64
C LEU K 949 40.79 17.35 -59.99
N ASN K 950 40.04 18.11 -60.80
CA ASN K 950 38.95 18.89 -60.24
C ASN K 950 37.87 18.00 -59.66
N THR K 951 37.56 16.90 -60.35
CA THR K 951 36.56 15.96 -59.84
C THR K 951 37.02 15.32 -58.55
N LEU K 952 38.30 14.93 -58.47
CA LEU K 952 38.84 14.32 -57.26
C LEU K 952 38.79 15.29 -56.08
N VAL K 953 38.96 16.59 -56.35
CA VAL K 953 38.82 17.60 -55.30
C VAL K 953 37.37 17.67 -54.83
N LYS K 954 36.42 17.67 -55.77
CA LYS K 954 35.01 17.79 -55.42
C LYS K 954 34.46 16.55 -54.72
N GLN K 955 35.18 15.42 -54.77
CA GLN K 955 34.72 14.22 -54.07
C GLN K 955 34.74 14.38 -52.56
N LEU K 956 35.65 15.20 -52.03
CA LEU K 956 35.73 15.43 -50.60
C LEU K 956 34.60 16.31 -50.08
N SER K 957 33.81 16.92 -50.97
CA SER K 957 32.72 17.80 -50.59
C SER K 957 31.39 17.07 -50.44
N SER K 958 31.35 15.77 -50.68
CA SER K 958 30.14 14.98 -50.56
C SER K 958 30.26 14.02 -49.39
N ASN K 959 29.14 13.81 -48.68
CA ASN K 959 29.14 12.94 -47.51
C ASN K 959 28.99 11.45 -47.86
N PHE K 960 28.61 11.12 -49.09
CA PHE K 960 28.35 9.75 -49.52
C PHE K 960 27.32 9.07 -48.63
N GLY K 961 26.27 9.81 -48.26
CA GLY K 961 25.23 9.29 -47.40
C GLY K 961 25.41 9.57 -45.92
N ALA K 962 26.45 10.30 -45.54
CA ALA K 962 26.70 10.61 -44.13
C ALA K 962 25.94 11.87 -43.75
N ILE K 963 26.21 12.39 -42.55
CA ILE K 963 25.58 13.62 -42.07
C ILE K 963 26.48 14.84 -42.25
N SER K 964 27.73 14.66 -42.65
CA SER K 964 28.63 15.78 -42.89
C SER K 964 29.70 15.35 -43.89
N SER K 965 30.31 16.34 -44.53
CA SER K 965 31.36 16.08 -45.51
C SER K 965 32.74 16.00 -44.87
N VAL K 966 33.08 16.96 -44.04
CA VAL K 966 34.38 16.98 -43.37
C VAL K 966 34.36 15.97 -42.23
N LEU K 967 35.45 15.21 -42.09
CA LEU K 967 35.54 14.20 -41.05
C LEU K 967 35.88 14.78 -39.68
N ASN K 968 36.32 16.04 -39.62
CA ASN K 968 36.63 16.65 -38.34
C ASN K 968 35.38 17.05 -37.57
N ASP K 969 34.28 17.35 -38.26
CA ASP K 969 33.07 17.80 -37.58
C ASP K 969 32.43 16.68 -36.77
N ILE K 970 32.33 15.49 -37.34
CA ILE K 970 31.69 14.37 -36.65
C ILE K 970 32.54 13.93 -35.46
N LEU K 971 33.86 14.01 -35.56
CA LEU K 971 34.73 13.62 -34.46
C LEU K 971 34.62 14.59 -33.29
N SER K 972 34.35 15.86 -33.57
CA SER K 972 34.29 16.89 -32.56
C SER K 972 32.88 17.21 -32.08
N ARG K 973 31.86 16.51 -32.59
CA ARG K 973 30.48 16.81 -32.23
C ARG K 973 29.71 15.62 -31.66
N LEU K 974 30.05 14.40 -32.06
CA LEU K 974 29.33 13.21 -31.61
C LEU K 974 30.23 12.32 -30.76
N ASP K 975 29.62 11.33 -30.13
CA ASP K 975 30.34 10.46 -29.22
C ASP K 975 31.27 9.51 -30.00
N PRO K 976 32.41 9.16 -29.41
CA PRO K 976 33.37 8.26 -30.09
C PRO K 976 32.79 6.89 -30.46
N PRO K 977 31.96 6.24 -29.63
CA PRO K 977 31.40 4.95 -30.09
C PRO K 977 30.51 5.06 -31.33
N GLU K 978 29.75 6.14 -31.46
CA GLU K 978 28.89 6.29 -32.63
C GLU K 978 29.66 6.80 -33.85
N ALA K 979 30.76 7.54 -33.63
CA ALA K 979 31.47 8.19 -34.72
C ALA K 979 32.19 7.23 -35.64
N GLU K 980 32.34 5.96 -35.27
CA GLU K 980 33.11 5.03 -36.08
C GLU K 980 32.32 4.49 -37.28
N VAL K 981 30.99 4.66 -37.31
CA VAL K 981 30.23 4.27 -38.49
C VAL K 981 30.12 5.41 -39.49
N GLN K 982 30.37 6.65 -39.07
CA GLN K 982 30.40 7.79 -39.98
C GLN K 982 31.75 7.94 -40.65
N ILE K 983 32.84 7.68 -39.91
CA ILE K 983 34.18 7.70 -40.49
C ILE K 983 34.34 6.57 -41.51
N ASP K 984 33.83 5.38 -41.18
CA ASP K 984 33.94 4.24 -42.09
C ASP K 984 33.19 4.49 -43.39
N ARG K 985 32.02 5.12 -43.32
CA ARG K 985 31.29 5.46 -44.53
C ARG K 985 32.04 6.50 -45.35
N LEU K 986 32.71 7.45 -44.67
CA LEU K 986 33.52 8.42 -45.39
C LEU K 986 34.72 7.77 -46.07
N ILE K 987 35.40 6.87 -45.37
CA ILE K 987 36.55 6.19 -45.96
C ILE K 987 36.10 5.27 -47.10
N THR K 988 35.00 4.54 -46.90
CA THR K 988 34.45 3.75 -48.00
C THR K 988 33.80 4.66 -49.04
N GLY K 989 33.51 5.90 -48.68
CA GLY K 989 33.07 6.87 -49.66
C GLY K 989 34.23 7.49 -50.45
N ARG K 990 35.41 7.54 -49.83
CA ARG K 990 36.56 8.13 -50.50
C ARG K 990 37.31 7.11 -51.37
N LEU K 991 37.27 5.84 -50.98
CA LEU K 991 38.19 4.87 -51.59
C LEU K 991 37.74 4.47 -52.99
N GLN K 992 36.43 4.35 -53.24
CA GLN K 992 36.00 3.93 -54.58
C GLN K 992 36.23 5.05 -55.58
N SER K 993 36.29 6.30 -55.10
CA SER K 993 36.68 7.41 -55.96
C SER K 993 38.12 7.27 -56.42
N LEU K 994 38.97 6.66 -55.59
CA LEU K 994 40.37 6.53 -55.93
C LEU K 994 40.62 5.49 -57.01
N GLN K 995 39.91 4.36 -56.98
CA GLN K 995 40.13 3.32 -57.99
C GLN K 995 39.64 3.76 -59.37
N THR K 996 38.49 4.44 -59.42
CA THR K 996 37.97 4.90 -60.71
C THR K 996 38.91 5.92 -61.36
N TYR K 997 39.52 6.78 -60.56
CA TYR K 997 40.56 7.66 -61.07
C TYR K 997 41.78 6.86 -61.51
N VAL K 998 42.09 5.78 -60.79
CA VAL K 998 43.22 4.94 -61.17
C VAL K 998 42.95 4.22 -62.48
N THR K 999 41.76 3.60 -62.62
CA THR K 999 41.46 2.82 -63.82
C THR K 999 41.42 3.70 -65.06
N GLN K 1000 40.90 4.92 -64.95
CA GLN K 1000 40.88 5.80 -66.11
C GLN K 1000 42.29 6.31 -66.43
N GLN K 1001 43.17 6.38 -65.44
CA GLN K 1001 44.55 6.79 -65.70
C GLN K 1001 45.32 5.71 -66.45
N LEU K 1002 45.14 4.44 -66.07
CA LEU K 1002 45.83 3.35 -66.74
C LEU K 1002 45.37 3.20 -68.19
N ILE K 1003 44.07 3.36 -68.46
CA ILE K 1003 43.59 3.21 -69.83
C ILE K 1003 44.06 4.37 -70.70
N ARG K 1004 44.26 5.55 -70.09
CA ARG K 1004 44.88 6.65 -70.83
C ARG K 1004 46.35 6.37 -71.09
N ALA K 1005 47.03 5.72 -70.15
CA ALA K 1005 48.43 5.37 -70.35
C ALA K 1005 48.60 4.37 -71.48
N ALA K 1006 47.69 3.40 -71.58
CA ALA K 1006 47.77 2.40 -72.64
C ALA K 1006 47.56 3.02 -74.02
N GLU K 1007 46.62 3.96 -74.11
CA GLU K 1007 46.39 4.65 -75.39
C GLU K 1007 47.60 5.47 -75.80
N ILE K 1008 48.20 6.18 -74.84
CA ILE K 1008 49.38 6.99 -75.14
C ILE K 1008 50.60 6.10 -75.38
N ARG K 1009 50.65 4.94 -74.72
CA ARG K 1009 51.69 3.95 -75.04
C ARG K 1009 51.60 3.51 -76.49
N ALA K 1010 50.38 3.27 -76.97
CA ALA K 1010 50.19 2.96 -78.38
C ALA K 1010 50.49 4.18 -79.26
N SER K 1011 50.11 5.37 -78.79
CA SER K 1011 50.35 6.59 -79.57
C SER K 1011 51.84 6.90 -79.64
N ALA K 1012 52.58 6.71 -78.54
CA ALA K 1012 54.02 6.94 -78.56
C ALA K 1012 54.73 5.89 -79.41
N ASN K 1013 54.25 4.65 -79.38
CA ASN K 1013 54.81 3.61 -80.23
C ASN K 1013 54.56 3.91 -81.70
N LEU K 1014 53.37 4.41 -82.03
CA LEU K 1014 53.09 4.80 -83.41
C LEU K 1014 53.95 5.99 -83.83
N ALA K 1015 54.14 6.95 -82.92
CA ALA K 1015 54.98 8.10 -83.22
C ALA K 1015 56.45 7.69 -83.38
N ALA K 1016 56.91 6.74 -82.56
CA ALA K 1016 58.29 6.28 -82.66
C ALA K 1016 58.54 5.53 -83.97
N THR K 1017 57.58 4.70 -84.39
CA THR K 1017 57.73 3.99 -85.66
C THR K 1017 57.70 4.95 -86.83
N LYS K 1018 56.84 5.97 -86.77
CA LYS K 1018 56.82 6.99 -87.82
C LYS K 1018 58.11 7.80 -87.81
N MET K 1019 58.68 8.03 -86.62
CA MET K 1019 59.95 8.75 -86.51
C MET K 1019 61.08 7.97 -87.17
N SER K 1020 61.12 6.66 -86.94
CA SER K 1020 62.22 5.84 -87.47
C SER K 1020 62.11 5.66 -88.97
N GLU K 1021 60.88 5.57 -89.50
CA GLU K 1021 60.71 5.30 -90.91
C GLU K 1021 60.73 6.58 -91.75
N CYS K 1022 59.85 7.53 -91.40
CA CYS K 1022 59.66 8.70 -92.26
C CYS K 1022 60.82 9.68 -92.17
N VAL K 1023 61.39 9.87 -90.98
CA VAL K 1023 62.45 10.84 -90.77
C VAL K 1023 63.82 10.22 -90.99
N LEU K 1024 64.06 9.06 -90.39
CA LEU K 1024 65.39 8.45 -90.39
C LEU K 1024 65.60 7.59 -91.63
N GLY K 1025 65.31 8.15 -92.80
CA GLY K 1025 65.36 7.42 -94.04
C GLY K 1025 64.14 7.73 -94.87
N GLN K 1026 63.95 6.95 -95.93
CA GLN K 1026 62.81 7.07 -96.82
C GLN K 1026 61.94 5.83 -96.68
N SER K 1027 60.66 6.03 -96.36
CA SER K 1027 59.74 4.93 -96.13
C SER K 1027 58.99 4.60 -97.42
N LYS K 1028 59.01 3.31 -97.80
CA LYS K 1028 58.31 2.85 -98.98
C LYS K 1028 56.84 2.55 -98.72
N ARG K 1029 56.38 2.68 -97.48
CA ARG K 1029 54.97 2.45 -97.16
C ARG K 1029 54.16 3.63 -97.68
N VAL K 1030 53.24 3.36 -98.60
CA VAL K 1030 52.45 4.40 -99.24
C VAL K 1030 51.35 4.88 -98.29
N ASP K 1031 51.13 6.20 -98.28
CA ASP K 1031 50.11 6.86 -97.44
C ASP K 1031 50.33 6.56 -95.96
N PHE K 1032 51.60 6.47 -95.55
CA PHE K 1032 51.96 6.26 -94.16
C PHE K 1032 52.58 7.48 -93.51
N CYS K 1033 53.32 8.27 -94.28
CA CYS K 1033 53.90 9.52 -93.81
C CYS K 1033 53.20 10.71 -94.46
N GLY K 1034 51.88 10.63 -94.57
CA GLY K 1034 51.08 11.68 -95.18
C GLY K 1034 50.59 11.28 -96.56
N LYS K 1035 49.59 12.03 -97.03
CA LYS K 1035 49.02 11.77 -98.35
C LYS K 1035 50.02 12.15 -99.44
N GLY K 1036 50.21 11.26 -100.40
CA GLY K 1036 51.15 11.47 -101.48
C GLY K 1036 52.38 10.59 -101.31
N TYR K 1037 53.35 10.83 -102.20
CA TYR K 1037 54.61 10.10 -102.19
C TYR K 1037 55.56 10.79 -101.22
N HIS K 1038 55.80 10.15 -100.07
CA HIS K 1038 56.59 10.75 -99.02
C HIS K 1038 58.08 10.79 -99.36
N LEU K 1039 58.72 11.90 -99.03
CA LEU K 1039 60.17 12.02 -99.18
C LEU K 1039 60.87 12.12 -97.83
N MET K 1040 60.55 13.13 -97.02
CA MET K 1040 61.20 13.34 -95.72
C MET K 1040 60.13 13.68 -94.70
N SER K 1041 60.59 13.89 -93.47
CA SER K 1041 59.78 14.52 -92.43
C SER K 1041 60.68 15.35 -91.54
N PHE K 1042 60.24 16.54 -91.19
CA PHE K 1042 61.01 17.42 -90.32
C PHE K 1042 60.41 17.43 -88.92
N PRO K 1043 61.05 16.80 -87.94
CA PRO K 1043 60.48 16.77 -86.59
C PRO K 1043 60.69 18.10 -85.87
N GLN K 1044 59.66 18.49 -85.11
CA GLN K 1044 59.71 19.70 -84.30
C GLN K 1044 59.20 19.37 -82.90
N SER K 1045 59.82 19.99 -81.90
CA SER K 1045 59.42 19.75 -80.52
C SER K 1045 58.07 20.40 -80.23
N ALA K 1046 57.21 19.65 -79.54
CA ALA K 1046 55.89 20.13 -79.16
C ALA K 1046 55.65 19.82 -77.69
N PRO K 1047 54.85 20.63 -76.99
CA PRO K 1047 54.56 20.35 -75.58
C PRO K 1047 53.68 19.13 -75.42
N HIS K 1048 54.24 18.09 -74.78
CA HIS K 1048 53.55 16.81 -74.53
C HIS K 1048 53.04 16.18 -75.84
N GLY K 1049 53.86 16.28 -76.88
CA GLY K 1049 53.50 15.72 -78.17
C GLY K 1049 54.64 15.91 -79.15
N VAL K 1050 54.47 15.32 -80.33
CA VAL K 1050 55.44 15.44 -81.40
C VAL K 1050 54.70 15.76 -82.70
N VAL K 1051 55.25 16.69 -83.47
CA VAL K 1051 54.67 17.09 -84.74
C VAL K 1051 55.65 16.74 -85.86
N PHE K 1052 55.09 16.32 -86.99
CA PHE K 1052 55.86 15.86 -88.14
C PHE K 1052 55.61 16.75 -89.33
N LEU K 1053 56.68 17.23 -89.96
CA LEU K 1053 56.55 18.11 -91.13
C LEU K 1053 57.00 17.32 -92.35
N HIS K 1054 56.07 16.55 -92.91
CA HIS K 1054 56.39 15.66 -94.02
C HIS K 1054 56.57 16.44 -95.31
N VAL K 1055 57.37 15.87 -96.22
CA VAL K 1055 57.52 16.39 -97.58
C VAL K 1055 56.97 15.34 -98.53
N THR K 1056 55.98 15.73 -99.34
CA THR K 1056 55.25 14.80 -100.18
C THR K 1056 55.40 15.17 -101.64
N TYR K 1057 55.06 14.21 -102.51
CA TYR K 1057 55.22 14.32 -103.96
C TYR K 1057 53.87 13.97 -104.59
N VAL K 1058 53.18 14.98 -105.11
CA VAL K 1058 51.82 14.83 -105.62
C VAL K 1058 51.78 15.38 -107.05
N PRO K 1059 51.13 14.69 -107.98
CA PRO K 1059 50.99 15.26 -109.33
C PRO K 1059 49.99 16.41 -109.37
N ALA K 1060 50.22 17.32 -110.30
CA ALA K 1060 49.36 18.50 -110.48
C ALA K 1060 48.68 18.51 -111.85
N GLN K 1061 49.45 18.39 -112.92
CA GLN K 1061 48.93 18.42 -114.28
C GLN K 1061 49.29 17.13 -115.00
N GLU K 1062 48.31 16.54 -115.68
CA GLU K 1062 48.48 15.27 -116.38
C GLU K 1062 47.95 15.39 -117.80
N LYS K 1063 48.43 14.52 -118.68
CA LYS K 1063 48.02 14.52 -120.08
C LYS K 1063 47.68 13.09 -120.51
N ASN K 1064 46.70 12.99 -121.40
CA ASN K 1064 46.25 11.70 -121.92
C ASN K 1064 47.03 11.28 -123.17
N PHE K 1065 47.18 9.96 -123.32
CA PHE K 1065 48.04 9.41 -124.36
C PHE K 1065 47.51 8.04 -124.76
N THR K 1066 48.01 7.54 -125.89
CA THR K 1066 47.68 6.21 -126.40
C THR K 1066 48.85 5.27 -126.12
N THR K 1067 48.54 4.07 -125.63
CA THR K 1067 49.54 3.15 -125.09
C THR K 1067 49.50 1.82 -125.83
N ALA K 1068 50.68 1.24 -126.04
CA ALA K 1068 50.82 -0.11 -126.57
C ALA K 1068 51.76 -0.88 -125.66
N PRO K 1069 51.35 -2.05 -125.15
CA PRO K 1069 52.23 -2.80 -124.23
C PRO K 1069 53.45 -3.41 -124.90
N ALA K 1070 53.45 -3.56 -126.22
CA ALA K 1070 54.56 -4.16 -126.93
C ALA K 1070 54.62 -3.60 -128.34
N ILE K 1071 55.76 -3.82 -129.00
CA ILE K 1071 55.98 -3.35 -130.37
C ILE K 1071 56.71 -4.44 -131.14
N CYS K 1072 56.18 -4.79 -132.32
CA CYS K 1072 56.82 -5.73 -133.23
C CYS K 1072 57.54 -4.96 -134.33
N HIS K 1073 58.79 -5.35 -134.59
CA HIS K 1073 59.60 -4.70 -135.62
C HIS K 1073 59.84 -5.61 -136.82
N ASP K 1074 60.45 -6.78 -136.60
CA ASP K 1074 60.56 -7.80 -137.66
C ASP K 1074 60.62 -9.18 -136.98
N GLY K 1075 59.44 -9.78 -136.80
CA GLY K 1075 59.37 -11.08 -136.15
C GLY K 1075 59.82 -11.10 -134.71
N LYS K 1076 59.95 -9.94 -134.08
CA LYS K 1076 60.44 -9.83 -132.71
C LYS K 1076 59.62 -8.79 -131.97
N ALA K 1077 59.29 -9.09 -130.72
CA ALA K 1077 58.49 -8.19 -129.89
C ALA K 1077 59.40 -7.41 -128.96
N HIS K 1078 59.28 -6.08 -129.00
CA HIS K 1078 60.09 -5.20 -128.18
C HIS K 1078 59.30 -4.73 -126.97
N PHE K 1079 59.84 -4.96 -125.77
CA PHE K 1079 59.21 -4.52 -124.54
C PHE K 1079 60.06 -3.44 -123.88
N PRO K 1080 59.44 -2.42 -123.30
CA PRO K 1080 60.22 -1.34 -122.67
C PRO K 1080 60.90 -1.82 -121.39
N ARG K 1081 62.18 -1.47 -121.25
CA ARG K 1081 62.94 -1.90 -120.09
C ARG K 1081 62.49 -1.19 -118.82
N GLU K 1082 62.34 0.13 -118.89
CA GLU K 1082 61.93 0.91 -117.72
C GLU K 1082 60.93 2.00 -118.07
N GLY K 1083 60.51 2.10 -119.33
CA GLY K 1083 59.55 3.11 -119.74
C GLY K 1083 58.23 2.53 -120.18
N VAL K 1084 57.41 3.33 -120.87
CA VAL K 1084 56.14 2.87 -121.41
C VAL K 1084 55.96 3.50 -122.79
N PHE K 1085 55.40 2.73 -123.72
CA PHE K 1085 55.22 3.20 -125.08
C PHE K 1085 54.03 4.16 -125.14
N VAL K 1086 54.31 5.41 -125.51
CA VAL K 1086 53.28 6.44 -125.62
C VAL K 1086 53.28 6.98 -127.03
N SER K 1087 52.11 7.45 -127.47
CA SER K 1087 51.93 7.98 -128.82
C SER K 1087 51.19 9.30 -128.77
N ASN K 1088 51.61 10.23 -129.63
CA ASN K 1088 50.93 11.52 -129.76
C ASN K 1088 50.07 11.60 -131.01
N GLY K 1089 50.02 10.55 -131.81
CA GLY K 1089 49.15 10.50 -132.98
C GLY K 1089 49.81 9.96 -134.22
N THR K 1090 51.10 10.27 -134.41
CA THR K 1090 51.85 9.77 -135.56
C THR K 1090 53.21 9.20 -135.20
N HIS K 1091 53.64 9.30 -133.94
CA HIS K 1091 54.95 8.82 -133.52
C HIS K 1091 54.83 8.16 -132.17
N TRP K 1092 55.86 7.38 -131.81
CA TRP K 1092 55.89 6.65 -130.56
C TRP K 1092 57.14 7.01 -129.78
N PHE K 1093 56.99 7.12 -128.46
CA PHE K 1093 58.09 7.50 -127.58
C PHE K 1093 58.11 6.57 -126.38
N VAL K 1094 59.03 6.82 -125.46
CA VAL K 1094 59.09 6.12 -124.18
C VAL K 1094 59.12 7.16 -123.08
N THR K 1095 58.34 6.92 -122.02
CA THR K 1095 58.25 7.84 -120.89
C THR K 1095 58.18 7.03 -119.60
N GLN K 1096 58.54 7.68 -118.50
CA GLN K 1096 58.34 7.10 -117.18
C GLN K 1096 56.92 7.39 -116.70
N ARG K 1097 56.55 6.75 -115.59
CA ARG K 1097 55.17 6.84 -115.13
C ARG K 1097 54.95 8.08 -114.28
N ASN K 1098 55.96 8.46 -113.50
CA ASN K 1098 55.84 9.59 -112.60
C ASN K 1098 56.45 10.87 -113.14
N PHE K 1099 56.67 10.96 -114.46
CA PHE K 1099 57.01 12.22 -115.13
C PHE K 1099 56.84 12.02 -116.63
N TYR K 1100 56.70 13.13 -117.35
CA TYR K 1100 56.60 13.09 -118.80
C TYR K 1100 57.91 13.61 -119.41
N GLU K 1101 58.61 12.72 -120.11
CA GLU K 1101 59.85 13.07 -120.81
C GLU K 1101 60.05 12.10 -121.97
N PRO K 1102 59.60 12.46 -123.17
CA PRO K 1102 59.70 11.53 -124.30
C PRO K 1102 61.13 11.36 -124.79
N GLN K 1103 61.38 10.19 -125.38
CA GLN K 1103 62.65 9.89 -126.04
C GLN K 1103 62.33 9.16 -127.34
N ILE K 1104 63.36 8.56 -127.95
CA ILE K 1104 63.23 7.81 -129.18
C ILE K 1104 63.40 6.33 -128.86
N ILE K 1105 62.57 5.49 -129.47
CA ILE K 1105 62.65 4.05 -129.26
C ILE K 1105 63.85 3.50 -130.02
N THR K 1106 64.68 2.74 -129.31
CA THR K 1106 65.90 2.18 -129.89
C THR K 1106 66.13 0.80 -129.29
N THR K 1107 67.31 0.24 -129.53
CA THR K 1107 67.68 -1.07 -129.02
C THR K 1107 68.32 -1.01 -127.64
N ASP K 1108 68.48 0.18 -127.06
CA ASP K 1108 69.08 0.32 -125.75
C ASP K 1108 68.06 0.50 -124.63
N ASN K 1109 66.85 0.95 -124.94
CA ASN K 1109 65.78 1.09 -123.96
C ASN K 1109 64.72 0.01 -124.09
N THR K 1110 64.89 -0.94 -125.01
CA THR K 1110 63.95 -2.03 -125.20
C THR K 1110 64.70 -3.35 -125.28
N PHE K 1111 64.01 -4.42 -124.90
CA PHE K 1111 64.56 -5.78 -124.97
C PHE K 1111 63.59 -6.67 -125.73
N VAL K 1112 64.14 -7.61 -126.48
CA VAL K 1112 63.35 -8.50 -127.32
C VAL K 1112 62.93 -9.73 -126.51
N SER K 1113 61.73 -10.23 -126.80
CA SER K 1113 61.22 -11.43 -126.12
C SER K 1113 60.19 -12.09 -127.04
N GLY K 1114 60.62 -13.14 -127.74
CA GLY K 1114 59.72 -13.93 -128.54
C GLY K 1114 59.22 -13.21 -129.78
N ASN K 1115 58.14 -13.77 -130.34
CA ASN K 1115 57.49 -13.23 -131.52
C ASN K 1115 56.31 -12.35 -131.11
N CYS K 1116 55.68 -11.73 -132.11
CA CYS K 1116 54.52 -10.88 -131.89
C CYS K 1116 53.22 -11.54 -132.30
N ASP K 1117 53.19 -12.88 -132.33
CA ASP K 1117 51.95 -13.62 -132.51
C ASP K 1117 51.32 -14.06 -131.21
N VAL K 1118 51.92 -13.70 -130.07
CA VAL K 1118 51.39 -14.08 -128.77
C VAL K 1118 50.85 -12.90 -127.99
N VAL K 1119 51.32 -11.67 -128.26
CA VAL K 1119 50.82 -10.50 -127.57
C VAL K 1119 49.48 -10.09 -128.17
N ILE K 1120 48.48 -9.88 -127.32
CA ILE K 1120 47.13 -9.57 -127.80
C ILE K 1120 47.09 -8.20 -128.45
N GLY K 1121 47.66 -7.19 -127.80
CA GLY K 1121 47.68 -5.85 -128.34
C GLY K 1121 49.07 -5.36 -128.66
N ILE K 1122 49.33 -5.05 -129.94
CA ILE K 1122 50.66 -4.66 -130.38
C ILE K 1122 50.52 -3.72 -131.57
N VAL K 1123 51.47 -2.78 -131.69
CA VAL K 1123 51.48 -1.77 -132.74
C VAL K 1123 52.82 -1.84 -133.46
N ASN K 1124 52.79 -1.82 -134.79
CA ASN K 1124 54.01 -1.89 -135.58
C ASN K 1124 54.81 -0.60 -135.44
N ASN K 1125 56.13 -0.75 -135.33
CA ASN K 1125 57.06 0.36 -135.27
C ASN K 1125 58.45 -0.18 -135.62
N THR K 1126 59.45 0.70 -135.61
CA THR K 1126 60.82 0.34 -135.89
C THR K 1126 61.74 0.90 -134.82
N VAL K 1127 62.90 0.27 -134.66
CA VAL K 1127 63.90 0.69 -133.69
C VAL K 1127 65.05 1.37 -134.42
N TYR K 1128 65.90 2.04 -133.66
CA TYR K 1128 66.96 2.86 -134.26
C TYR K 1128 68.19 2.02 -134.62
N ASP K 1129 68.64 1.17 -133.68
CA ASP K 1129 69.88 0.40 -133.79
C ASP K 1129 71.05 1.36 -134.02
N PRO K 1130 71.47 2.09 -132.98
CA PRO K 1130 72.36 3.25 -133.19
C PRO K 1130 73.73 2.90 -133.74
N LEU K 1131 74.18 1.65 -133.64
CA LEU K 1131 75.53 1.32 -134.09
C LEU K 1131 75.63 1.31 -135.61
N GLN K 1132 74.54 1.03 -136.31
CA GLN K 1132 74.57 0.92 -137.76
C GLN K 1132 74.99 2.20 -138.50
N PRO K 1133 74.53 3.41 -138.15
CA PRO K 1133 75.01 4.60 -138.89
C PRO K 1133 76.51 4.81 -138.86
N GLU K 1134 77.20 4.48 -137.76
CA GLU K 1134 78.65 4.63 -137.75
C GLU K 1134 79.34 3.54 -138.55
N LEU K 1135 78.66 2.41 -138.79
CA LEU K 1135 79.25 1.34 -139.57
C LEU K 1135 79.39 1.74 -141.04
N ASP K 1136 78.40 2.46 -141.57
CA ASP K 1136 78.45 2.94 -142.95
C ASP K 1136 79.25 4.24 -143.04
N GLN L 4 -18.69 -45.56 -39.49
CA GLN L 4 -18.27 -46.87 -38.99
C GLN L 4 -17.42 -47.60 -40.03
N CYS L 5 -16.67 -48.60 -39.57
CA CYS L 5 -15.80 -49.38 -40.45
C CYS L 5 -15.76 -50.82 -39.96
N VAL L 6 -15.32 -51.71 -40.85
CA VAL L 6 -15.10 -53.11 -40.54
C VAL L 6 -13.63 -53.43 -40.77
N ASN L 7 -13.23 -54.61 -40.30
CA ASN L 7 -11.85 -55.08 -40.43
C ASN L 7 -11.77 -56.18 -41.48
N LEU L 8 -10.66 -56.20 -42.21
CA LEU L 8 -10.44 -57.23 -43.22
C LEU L 8 -9.84 -58.48 -42.58
N THR L 9 -9.78 -59.55 -43.36
CA THR L 9 -9.22 -60.82 -42.93
C THR L 9 -7.88 -61.07 -43.60
N THR L 10 -7.13 -62.01 -43.04
CA THR L 10 -5.82 -62.35 -43.57
C THR L 10 -5.97 -63.17 -44.85
N ARG L 11 -5.33 -62.71 -45.92
CA ARG L 11 -5.39 -63.40 -47.21
C ARG L 11 -4.05 -63.26 -47.90
N THR L 12 -3.89 -63.99 -49.00
CA THR L 12 -2.64 -63.96 -49.75
C THR L 12 -2.60 -62.73 -50.65
N GLN L 13 -1.47 -62.03 -50.63
CA GLN L 13 -1.24 -60.85 -51.47
C GLN L 13 -0.01 -61.09 -52.33
N LEU L 14 0.36 -60.07 -53.09
CA LEU L 14 1.58 -60.05 -53.88
C LEU L 14 2.47 -58.89 -53.45
N PRO L 15 3.79 -59.06 -53.46
CA PRO L 15 4.67 -57.95 -53.07
C PRO L 15 4.62 -56.83 -54.08
N PRO L 16 4.82 -55.59 -53.65
CA PRO L 16 4.82 -54.47 -54.60
C PRO L 16 6.02 -54.52 -55.53
N ALA L 17 5.83 -54.00 -56.74
CA ALA L 17 6.86 -53.97 -57.76
C ALA L 17 7.42 -52.56 -57.91
N TYR L 18 8.53 -52.46 -58.63
CA TYR L 18 9.19 -51.20 -58.90
C TYR L 18 9.36 -51.03 -60.40
N THR L 19 8.93 -49.88 -60.92
CA THR L 19 9.05 -49.55 -62.33
C THR L 19 9.86 -48.27 -62.48
N ASN L 20 10.15 -47.92 -63.73
CA ASN L 20 10.98 -46.77 -64.05
C ASN L 20 10.15 -45.71 -64.76
N SER L 21 10.30 -44.47 -64.33
CA SER L 21 9.62 -43.35 -64.96
C SER L 21 10.36 -42.91 -66.22
N PHE L 22 9.61 -42.28 -67.13
CA PHE L 22 10.16 -41.84 -68.42
C PHE L 22 9.59 -40.46 -68.73
N THR L 23 10.35 -39.42 -68.37
CA THR L 23 10.01 -38.01 -68.62
C THR L 23 8.62 -37.66 -68.09
N ARG L 24 8.40 -37.96 -66.81
CA ARG L 24 7.13 -37.71 -66.15
C ARG L 24 7.36 -36.84 -64.91
N GLY L 25 6.28 -36.23 -64.43
CA GLY L 25 6.34 -35.41 -63.24
C GLY L 25 6.79 -34.00 -63.49
N VAL L 26 6.35 -33.42 -64.59
CA VAL L 26 6.70 -32.04 -64.97
C VAL L 26 5.43 -31.20 -64.90
N TYR L 27 5.50 -30.08 -64.18
CA TYR L 27 4.38 -29.18 -64.03
C TYR L 27 4.88 -27.75 -64.16
N TYR L 28 3.93 -26.81 -64.23
CA TYR L 28 4.29 -25.40 -64.29
C TYR L 28 4.64 -24.89 -62.91
N PRO L 29 5.86 -24.40 -62.68
CA PRO L 29 6.25 -23.96 -61.33
C PRO L 29 5.78 -22.56 -60.97
N ASP L 30 5.17 -21.84 -61.90
CA ASP L 30 4.73 -20.48 -61.64
C ASP L 30 3.56 -20.15 -62.55
N LYS L 31 2.84 -19.08 -62.18
CA LYS L 31 1.62 -18.68 -62.89
C LYS L 31 1.87 -17.56 -63.88
N VAL L 32 3.04 -17.56 -64.52
CA VAL L 32 3.38 -16.55 -65.52
C VAL L 32 3.53 -17.24 -66.88
N PHE L 33 3.63 -16.42 -67.92
CA PHE L 33 3.75 -16.89 -69.30
C PHE L 33 5.12 -16.55 -69.83
N ARG L 34 5.79 -17.54 -70.42
CA ARG L 34 7.10 -17.37 -71.04
C ARG L 34 7.04 -17.88 -72.46
N SER L 35 7.51 -17.08 -73.41
CA SER L 35 7.44 -17.42 -74.83
C SER L 35 8.84 -17.46 -75.40
N SER L 36 9.25 -18.63 -75.88
CA SER L 36 10.56 -18.85 -76.50
C SER L 36 11.70 -18.45 -75.57
N VAL L 37 11.56 -18.78 -74.29
CA VAL L 37 12.55 -18.46 -73.27
C VAL L 37 12.95 -19.73 -72.55
N LEU L 38 14.26 -19.98 -72.46
CA LEU L 38 14.80 -21.10 -71.71
C LEU L 38 15.20 -20.59 -70.33
N HIS L 39 14.32 -20.78 -69.35
CA HIS L 39 14.51 -20.25 -68.01
C HIS L 39 14.47 -21.40 -67.00
N SER L 40 15.38 -21.37 -66.03
CA SER L 40 15.53 -22.42 -65.05
C SER L 40 14.87 -22.02 -63.73
N THR L 41 14.29 -23.01 -63.05
CA THR L 41 13.63 -22.79 -61.77
C THR L 41 14.17 -23.76 -60.73
N GLN L 42 14.18 -23.32 -59.48
CA GLN L 42 14.53 -24.16 -58.34
C GLN L 42 13.23 -24.50 -57.62
N ASP L 43 12.75 -25.72 -57.82
CA ASP L 43 11.47 -26.15 -57.26
C ASP L 43 11.48 -27.68 -57.24
N LEU L 44 10.50 -28.25 -56.55
CA LEU L 44 10.37 -29.69 -56.39
C LEU L 44 9.85 -30.30 -57.68
N PHE L 45 10.68 -31.09 -58.38
CA PHE L 45 10.27 -31.78 -59.59
C PHE L 45 10.69 -33.24 -59.55
N LEU L 46 9.92 -34.08 -60.21
CA LEU L 46 10.19 -35.51 -60.21
C LEU L 46 11.43 -35.80 -61.05
N PRO L 47 12.40 -36.55 -60.51
CA PRO L 47 13.60 -36.88 -61.31
C PRO L 47 13.26 -37.79 -62.48
N PHE L 48 14.01 -37.62 -63.56
CA PHE L 48 13.85 -38.46 -64.74
C PHE L 48 14.62 -39.76 -64.57
N PHE L 49 14.04 -40.85 -65.06
CA PHE L 49 14.62 -42.19 -64.98
C PHE L 49 14.92 -42.59 -63.53
N SER L 50 14.03 -42.22 -62.63
CA SER L 50 14.17 -42.53 -61.21
C SER L 50 13.28 -43.71 -60.82
N ASN L 51 13.64 -44.36 -59.72
CA ASN L 51 12.89 -45.50 -59.24
C ASN L 51 11.59 -45.03 -58.59
N VAL L 52 10.46 -45.54 -59.08
CA VAL L 52 9.14 -45.17 -58.59
C VAL L 52 8.38 -46.45 -58.24
N THR L 53 7.63 -46.40 -57.14
CA THR L 53 6.91 -47.57 -56.65
C THR L 53 5.71 -47.88 -57.55
N TRP L 54 5.27 -49.13 -57.49
CA TRP L 54 4.12 -49.60 -58.26
C TRP L 54 3.22 -50.42 -57.34
N PHE L 55 1.94 -50.07 -57.30
CA PHE L 55 0.94 -50.79 -56.51
C PHE L 55 -0.12 -51.34 -57.45
N HIS L 56 -0.43 -52.62 -57.31
CA HIS L 56 -1.40 -53.28 -58.16
C HIS L 56 -2.79 -53.26 -57.51
N ALA L 57 -3.82 -53.28 -58.35
CA ALA L 57 -5.19 -53.27 -57.88
C ALA L 57 -6.09 -54.23 -58.64
N ILE L 58 -5.53 -55.13 -59.44
CA ILE L 58 -6.35 -56.07 -60.20
C ILE L 58 -6.89 -57.16 -59.27
N HIS L 59 -7.94 -57.85 -59.73
CA HIS L 59 -8.56 -58.91 -58.95
C HIS L 59 -7.94 -60.27 -59.26
N VAL L 60 -7.92 -60.66 -60.52
CA VAL L 60 -7.36 -61.95 -60.92
C VAL L 60 -5.96 -61.78 -61.45
N THR L 66 -3.83 -63.54 -56.64
CA THR L 66 -5.12 -62.91 -56.86
C THR L 66 -5.56 -62.12 -55.61
N LYS L 67 -6.66 -61.39 -55.75
CA LYS L 67 -7.24 -60.57 -54.68
C LYS L 67 -6.21 -59.55 -54.16
N ARG L 68 -5.77 -58.69 -55.06
CA ARG L 68 -4.78 -57.67 -54.74
C ARG L 68 -5.49 -56.43 -54.19
N PHE L 69 -5.29 -56.16 -52.90
CA PHE L 69 -5.88 -54.99 -52.25
C PHE L 69 -4.89 -54.53 -51.17
N ASP L 70 -4.05 -53.57 -51.55
CA ASP L 70 -3.05 -53.01 -50.65
C ASP L 70 -3.35 -51.54 -50.41
N ASN L 71 -3.48 -51.15 -49.15
CA ASN L 71 -3.66 -49.76 -48.76
C ASN L 71 -2.68 -49.41 -47.65
N PRO L 72 -1.39 -49.27 -47.98
CA PRO L 72 -0.41 -48.90 -46.95
C PRO L 72 -0.38 -47.40 -46.75
N VAL L 73 -0.28 -46.99 -45.48
CA VAL L 73 -0.16 -45.58 -45.15
C VAL L 73 1.29 -45.17 -45.42
N LEU L 74 1.47 -44.30 -46.41
CA LEU L 74 2.82 -43.95 -46.83
C LEU L 74 3.21 -42.59 -46.27
N PRO L 75 4.49 -42.40 -45.92
CA PRO L 75 4.92 -41.09 -45.45
C PRO L 75 4.81 -40.03 -46.54
N PHE L 76 4.38 -38.84 -46.15
CA PHE L 76 4.22 -37.72 -47.07
C PHE L 76 5.46 -36.84 -46.97
N ASN L 77 6.33 -36.94 -47.96
CA ASN L 77 7.53 -36.12 -48.03
C ASN L 77 7.17 -34.76 -48.60
N ASP L 78 8.18 -33.96 -48.97
CA ASP L 78 7.96 -32.65 -49.56
C ASP L 78 7.43 -32.85 -50.98
N GLY L 79 6.14 -33.16 -51.07
CA GLY L 79 5.50 -33.38 -52.35
C GLY L 79 5.44 -34.84 -52.77
N VAL L 80 4.39 -35.20 -53.51
CA VAL L 80 4.22 -36.55 -54.03
C VAL L 80 3.82 -36.48 -55.50
N TYR L 81 3.99 -37.60 -56.20
CA TYR L 81 3.57 -37.74 -57.60
C TYR L 81 2.68 -38.97 -57.70
N PHE L 82 1.40 -38.74 -58.00
CA PHE L 82 0.40 -39.81 -58.07
C PHE L 82 -0.11 -39.91 -59.50
N ALA L 83 0.36 -40.92 -60.23
CA ALA L 83 -0.05 -41.16 -61.60
C ALA L 83 -0.84 -42.46 -61.67
N SER L 84 -1.91 -42.46 -62.46
CA SER L 84 -2.76 -43.64 -62.60
C SER L 84 -3.26 -43.74 -64.03
N THR L 85 -3.16 -44.94 -64.60
CA THR L 85 -3.71 -45.23 -65.93
C THR L 85 -5.16 -45.73 -65.81
N GLU L 86 -5.99 -44.86 -65.23
CA GLU L 86 -7.35 -45.23 -64.88
C GLU L 86 -8.21 -45.47 -66.11
N LYS L 87 -8.98 -46.56 -66.08
CA LYS L 87 -9.88 -46.94 -67.16
C LYS L 87 -11.33 -46.94 -66.74
N SER L 88 -11.68 -47.66 -65.67
CA SER L 88 -13.06 -47.82 -65.23
C SER L 88 -13.39 -46.98 -64.01
N ASN L 89 -12.53 -46.02 -63.66
CA ASN L 89 -12.72 -45.10 -62.53
C ASN L 89 -12.89 -45.86 -61.21
N ILE L 90 -11.85 -46.57 -60.83
CA ILE L 90 -11.86 -47.36 -59.59
C ILE L 90 -11.50 -46.50 -58.39
N ILE L 91 -10.38 -45.78 -58.45
CA ILE L 91 -9.97 -44.94 -57.34
C ILE L 91 -10.88 -43.73 -57.25
N ARG L 92 -11.20 -43.32 -56.02
CA ARG L 92 -12.15 -42.24 -55.78
C ARG L 92 -11.49 -41.00 -55.19
N GLY L 93 -10.72 -41.14 -54.11
CA GLY L 93 -10.16 -39.99 -53.46
C GLY L 93 -8.96 -40.34 -52.61
N TRP L 94 -8.48 -39.34 -51.87
CA TRP L 94 -7.30 -39.46 -51.05
C TRP L 94 -7.55 -38.83 -49.68
N ILE L 95 -6.78 -39.28 -48.70
CA ILE L 95 -6.85 -38.75 -47.33
C ILE L 95 -5.45 -38.31 -46.92
N PHE L 96 -5.34 -37.10 -46.38
CA PHE L 96 -4.10 -36.58 -45.86
C PHE L 96 -4.23 -36.31 -44.37
N GLY L 97 -3.15 -36.55 -43.64
CA GLY L 97 -3.15 -36.34 -42.20
C GLY L 97 -1.80 -36.69 -41.60
N THR L 98 -1.75 -36.67 -40.27
CA THR L 98 -0.54 -36.97 -39.54
C THR L 98 -0.64 -38.29 -38.77
N THR L 99 -1.64 -38.42 -37.91
CA THR L 99 -1.84 -39.64 -37.12
C THR L 99 -3.19 -40.30 -37.34
N LEU L 100 -4.17 -39.59 -37.91
CA LEU L 100 -5.50 -40.13 -38.22
C LEU L 100 -6.20 -40.68 -36.98
N ASP L 101 -6.25 -39.87 -35.92
CA ASP L 101 -6.94 -40.25 -34.69
C ASP L 101 -7.73 -39.08 -34.12
N SER L 102 -8.14 -38.14 -34.98
CA SER L 102 -8.99 -37.00 -34.61
C SER L 102 -8.37 -36.13 -33.52
N LYS L 103 -7.07 -35.90 -33.62
CA LYS L 103 -6.38 -34.93 -32.76
C LYS L 103 -5.72 -33.80 -33.53
N THR L 104 -5.41 -34.02 -34.80
CA THR L 104 -4.82 -33.01 -35.66
C THR L 104 -5.70 -32.80 -36.88
N GLN L 105 -5.53 -31.65 -37.53
CA GLN L 105 -6.31 -31.33 -38.72
C GLN L 105 -5.90 -32.23 -39.88
N SER L 106 -6.89 -32.87 -40.49
CA SER L 106 -6.67 -33.82 -41.58
C SER L 106 -7.46 -33.40 -42.81
N LEU L 107 -7.10 -33.97 -43.95
CA LEU L 107 -7.71 -33.67 -45.22
C LEU L 107 -8.53 -34.85 -45.72
N LEU L 108 -9.53 -34.55 -46.55
CA LEU L 108 -10.34 -35.58 -47.21
C LEU L 108 -10.75 -35.02 -48.57
N ILE L 109 -9.97 -35.33 -49.59
CA ILE L 109 -10.29 -34.98 -50.97
C ILE L 109 -10.95 -36.20 -51.60
N VAL L 110 -12.28 -36.26 -51.47
CA VAL L 110 -13.07 -37.39 -51.93
C VAL L 110 -14.00 -36.91 -53.04
N ASN L 111 -14.12 -37.73 -54.09
CA ASN L 111 -14.88 -37.38 -55.28
C ASN L 111 -15.98 -38.42 -55.50
N ASN L 112 -17.23 -37.97 -55.55
CA ASN L 112 -18.35 -38.82 -55.92
C ASN L 112 -18.84 -38.44 -57.32
N ALA L 113 -19.84 -39.18 -57.80
CA ALA L 113 -20.31 -39.04 -59.17
C ALA L 113 -21.12 -37.77 -59.41
N THR L 114 -21.47 -37.03 -58.36
CA THR L 114 -22.25 -35.81 -58.50
C THR L 114 -21.41 -34.55 -58.38
N ASN L 115 -20.65 -34.40 -57.30
CA ASN L 115 -19.88 -33.19 -57.06
C ASN L 115 -18.58 -33.56 -56.35
N VAL L 116 -17.64 -32.61 -56.39
CA VAL L 116 -16.35 -32.76 -55.74
C VAL L 116 -16.39 -31.99 -54.42
N VAL L 117 -16.25 -32.72 -53.31
CA VAL L 117 -16.28 -32.13 -51.98
C VAL L 117 -14.93 -32.34 -51.32
N ILE L 118 -14.29 -31.25 -50.93
CA ILE L 118 -13.03 -31.29 -50.18
C ILE L 118 -13.35 -30.84 -48.76
N LYS L 119 -13.24 -31.75 -47.80
CA LYS L 119 -13.55 -31.48 -46.41
C LYS L 119 -12.26 -31.64 -45.61
N VAL L 120 -11.58 -30.53 -45.36
CA VAL L 120 -10.35 -30.54 -44.55
C VAL L 120 -10.79 -30.37 -43.10
N CYS L 121 -11.19 -31.48 -42.49
CA CYS L 121 -11.65 -31.50 -41.10
C CYS L 121 -11.13 -32.76 -40.43
N GLU L 122 -11.36 -32.85 -39.12
CA GLU L 122 -10.83 -33.94 -38.31
C GLU L 122 -11.84 -35.07 -38.30
N PHE L 123 -11.59 -36.12 -39.09
CA PHE L 123 -12.43 -37.30 -39.13
C PHE L 123 -11.78 -38.43 -38.32
N GLN L 124 -12.62 -39.35 -37.84
CA GLN L 124 -12.15 -40.52 -37.11
C GLN L 124 -11.91 -41.63 -38.13
N PHE L 125 -10.68 -41.67 -38.64
CA PHE L 125 -10.34 -42.63 -39.69
C PHE L 125 -10.12 -44.02 -39.10
N CYS L 126 -10.61 -45.03 -39.81
CA CYS L 126 -10.47 -46.42 -39.39
C CYS L 126 -9.18 -47.01 -39.97
N ASN L 127 -9.04 -48.34 -39.87
CA ASN L 127 -7.82 -49.00 -40.33
C ASN L 127 -7.67 -48.89 -41.84
N ASP L 128 -8.75 -49.06 -42.58
CA ASP L 128 -8.70 -49.00 -44.05
C ASP L 128 -10.03 -48.49 -44.58
N PRO L 129 -10.15 -47.18 -44.79
CA PRO L 129 -11.34 -46.64 -45.46
C PRO L 129 -11.46 -47.17 -46.88
N PHE L 130 -12.71 -47.37 -47.32
CA PHE L 130 -12.97 -47.90 -48.64
C PHE L 130 -14.36 -47.50 -49.08
N LEU L 131 -14.60 -47.62 -50.39
CA LEU L 131 -15.91 -47.34 -50.98
C LEU L 131 -16.54 -48.64 -51.45
N GLY L 132 -17.80 -48.85 -51.09
CA GLY L 132 -18.54 -50.04 -51.45
C GLY L 132 -19.55 -49.76 -52.53
N VAL L 133 -19.55 -50.61 -53.56
CA VAL L 133 -20.46 -50.51 -54.69
C VAL L 133 -21.32 -51.76 -54.73
N TYR L 134 -22.64 -51.57 -54.80
CA TYR L 134 -23.60 -52.67 -54.84
C TYR L 134 -24.27 -52.71 -56.21
N TYR L 135 -24.52 -53.92 -56.70
CA TYR L 135 -25.21 -54.11 -57.97
C TYR L 135 -26.67 -54.45 -57.71
N HIS L 136 -27.56 -53.58 -58.17
CA HIS L 136 -28.99 -53.81 -57.98
C HIS L 136 -29.48 -54.91 -58.91
N LYS L 137 -30.45 -55.69 -58.43
CA LYS L 137 -31.03 -56.75 -59.24
C LYS L 137 -32.02 -56.19 -60.27
N ASN L 138 -32.89 -55.28 -59.83
CA ASN L 138 -33.91 -54.73 -60.73
C ASN L 138 -33.32 -53.71 -61.69
N ASN L 139 -32.34 -52.91 -61.23
CA ASN L 139 -31.71 -51.89 -62.06
C ASN L 139 -30.34 -52.36 -62.51
N LYS L 140 -30.10 -52.32 -63.81
CA LYS L 140 -28.83 -52.75 -64.39
C LYS L 140 -27.82 -51.60 -64.38
N SER L 141 -27.53 -51.11 -63.19
CA SER L 141 -26.59 -50.02 -63.00
C SER L 141 -25.90 -50.18 -61.65
N TRP L 142 -24.70 -49.63 -61.56
CA TRP L 142 -23.91 -49.70 -60.33
C TRP L 142 -24.06 -48.40 -59.55
N MET L 143 -24.36 -48.50 -58.26
CA MET L 143 -24.45 -47.33 -57.39
C MET L 143 -23.68 -47.61 -56.12
N GLU L 144 -23.14 -46.55 -55.52
CA GLU L 144 -22.35 -46.65 -54.30
C GLU L 144 -23.27 -46.57 -53.09
N SER L 145 -23.22 -47.59 -52.23
CA SER L 145 -24.07 -47.65 -51.05
C SER L 145 -23.29 -47.70 -49.74
N GLU L 146 -22.20 -48.47 -49.69
CA GLU L 146 -21.41 -48.60 -48.47
C GLU L 146 -20.45 -47.42 -48.37
N PHE L 147 -20.88 -46.39 -47.64
CA PHE L 147 -20.06 -45.19 -47.44
C PHE L 147 -19.38 -45.31 -46.08
N ARG L 148 -18.27 -46.05 -46.07
CA ARG L 148 -17.50 -46.30 -44.85
C ARG L 148 -16.08 -45.77 -45.06
N VAL L 149 -15.89 -44.48 -44.80
CA VAL L 149 -14.57 -43.87 -44.88
C VAL L 149 -14.08 -43.32 -43.55
N TYR L 150 -14.96 -43.01 -42.62
CA TYR L 150 -14.56 -42.55 -41.29
C TYR L 150 -15.69 -42.88 -40.32
N SER L 151 -15.53 -42.47 -39.07
CA SER L 151 -16.51 -42.73 -38.02
C SER L 151 -17.23 -41.48 -37.56
N SER L 152 -16.49 -40.44 -37.16
CA SER L 152 -17.11 -39.21 -36.67
C SER L 152 -16.20 -38.03 -36.99
N ALA L 153 -16.83 -36.86 -37.13
CA ALA L 153 -16.12 -35.62 -37.39
C ALA L 153 -16.44 -34.61 -36.31
N ASN L 154 -15.44 -33.79 -35.96
CA ASN L 154 -15.59 -32.79 -34.92
C ASN L 154 -14.64 -31.63 -35.20
N ASN L 155 -15.09 -30.44 -34.79
CA ASN L 155 -14.31 -29.19 -34.94
C ASN L 155 -13.92 -28.96 -36.40
N CYS L 156 -14.93 -28.96 -37.27
CA CYS L 156 -14.69 -28.92 -38.71
C CYS L 156 -14.15 -27.57 -39.13
N THR L 157 -13.49 -27.55 -40.29
CA THR L 157 -12.70 -26.43 -40.75
C THR L 157 -12.96 -26.27 -42.25
N PHE L 158 -12.05 -25.60 -42.94
CA PHE L 158 -12.11 -25.25 -44.36
C PHE L 158 -12.69 -26.36 -45.22
N GLU L 159 -13.77 -26.05 -45.93
CA GLU L 159 -14.52 -27.01 -46.73
C GLU L 159 -14.86 -26.35 -48.05
N TYR L 160 -14.38 -26.93 -49.15
CA TYR L 160 -14.55 -26.37 -50.49
C TYR L 160 -15.22 -27.38 -51.40
N VAL L 161 -16.14 -26.89 -52.23
CA VAL L 161 -16.83 -27.70 -53.23
C VAL L 161 -16.37 -27.24 -54.60
N SER L 162 -15.79 -28.16 -55.37
CA SER L 162 -15.26 -27.84 -56.69
C SER L 162 -16.35 -28.02 -57.74
N GLN L 163 -15.96 -27.96 -59.01
CA GLN L 163 -16.93 -28.13 -60.10
C GLN L 163 -17.40 -29.58 -60.17
N PRO L 164 -18.66 -29.80 -60.60
CA PRO L 164 -19.16 -31.17 -60.71
C PRO L 164 -18.43 -31.97 -61.77
N PHE L 165 -18.29 -33.27 -61.53
CA PHE L 165 -17.63 -34.18 -62.44
C PHE L 165 -18.43 -35.47 -62.53
N LEU L 166 -18.61 -35.96 -63.75
CA LEU L 166 -19.35 -37.19 -64.00
C LEU L 166 -18.39 -38.36 -64.20
N MET L 167 -18.77 -39.52 -63.67
CA MET L 167 -17.94 -40.72 -63.79
C MET L 167 -18.80 -41.90 -64.21
N ASP L 168 -18.14 -42.94 -64.69
CA ASP L 168 -18.74 -44.23 -64.94
C ASP L 168 -18.25 -45.21 -63.88
N LEU L 169 -19.19 -45.78 -63.11
CA LEU L 169 -18.84 -46.64 -61.98
C LEU L 169 -18.74 -48.11 -62.36
N GLU L 170 -19.12 -48.47 -63.59
CA GLU L 170 -19.02 -49.86 -64.02
C GLU L 170 -17.56 -50.24 -64.21
N GLY L 171 -17.17 -51.38 -63.63
CA GLY L 171 -15.80 -51.86 -63.70
C GLY L 171 -15.65 -52.98 -64.71
N LYS L 172 -14.54 -52.95 -65.45
CA LYS L 172 -14.25 -53.94 -66.46
C LYS L 172 -12.82 -54.46 -66.27
N GLN L 173 -12.49 -55.50 -67.01
CA GLN L 173 -11.17 -56.12 -66.97
C GLN L 173 -10.36 -55.86 -68.24
N GLY L 174 -10.78 -54.92 -69.08
CA GLY L 174 -10.11 -54.65 -70.33
C GLY L 174 -8.90 -53.75 -70.17
N ASN L 175 -8.31 -53.42 -71.31
CA ASN L 175 -7.13 -52.55 -71.32
C ASN L 175 -7.51 -51.11 -71.00
N PHE L 176 -6.54 -50.37 -70.47
CA PHE L 176 -6.78 -48.99 -70.07
C PHE L 176 -6.84 -48.06 -71.28
N LYS L 177 -7.61 -46.98 -71.14
CA LYS L 177 -7.78 -46.01 -72.22
C LYS L 177 -7.44 -44.58 -71.83
N ASN L 178 -7.25 -44.29 -70.54
CA ASN L 178 -6.91 -42.94 -70.09
C ASN L 178 -5.82 -43.02 -69.05
N LEU L 179 -5.08 -41.91 -68.91
CA LEU L 179 -4.02 -41.80 -67.92
C LEU L 179 -4.19 -40.49 -67.15
N ARG L 180 -4.17 -40.59 -65.82
CA ARG L 180 -4.35 -39.43 -64.95
C ARG L 180 -3.15 -39.32 -64.01
N GLU L 181 -2.57 -38.14 -63.93
CA GLU L 181 -1.44 -37.86 -63.05
C GLU L 181 -1.80 -36.74 -62.08
N PHE L 182 -1.35 -36.88 -60.85
CA PHE L 182 -1.63 -35.90 -59.80
C PHE L 182 -0.35 -35.60 -59.03
N VAL L 183 -0.15 -34.32 -58.72
CA VAL L 183 0.99 -33.87 -57.92
C VAL L 183 0.45 -33.05 -56.76
N PHE L 184 0.76 -33.45 -55.54
CA PHE L 184 0.33 -32.75 -54.34
C PHE L 184 1.55 -32.19 -53.62
N LYS L 185 1.53 -30.88 -53.35
CA LYS L 185 2.65 -30.20 -52.71
C LYS L 185 2.14 -29.40 -51.52
N ASN L 186 3.06 -29.12 -50.60
CA ASN L 186 2.75 -28.35 -49.38
C ASN L 186 3.94 -27.44 -49.07
N ILE L 187 3.80 -26.17 -49.42
CA ILE L 187 4.80 -25.15 -49.10
C ILE L 187 4.12 -24.06 -48.28
N ASP L 188 4.79 -23.64 -47.20
CA ASP L 188 4.35 -22.64 -46.22
C ASP L 188 2.87 -22.74 -45.84
N GLY L 189 2.36 -23.97 -45.74
CA GLY L 189 0.97 -24.19 -45.40
C GLY L 189 0.00 -24.13 -46.58
N TYR L 190 0.50 -24.00 -47.80
CA TYR L 190 -0.36 -23.87 -48.98
C TYR L 190 -0.36 -25.20 -49.73
N PHE L 191 -1.55 -25.77 -49.91
CA PHE L 191 -1.71 -27.01 -50.65
C PHE L 191 -1.77 -26.73 -52.14
N LYS L 192 -1.03 -27.52 -52.92
CA LYS L 192 -0.96 -27.37 -54.36
C LYS L 192 -1.35 -28.67 -55.04
N ILE L 193 -2.15 -28.58 -56.09
CA ILE L 193 -2.57 -29.74 -56.87
C ILE L 193 -2.30 -29.45 -58.34
N TYR L 194 -1.63 -30.39 -59.02
CA TYR L 194 -1.36 -30.29 -60.44
C TYR L 194 -1.83 -31.58 -61.12
N SER L 195 -2.59 -31.43 -62.21
CA SER L 195 -3.13 -32.60 -62.90
C SER L 195 -3.40 -32.27 -64.35
N LYS L 196 -3.43 -33.32 -65.18
CA LYS L 196 -3.82 -33.22 -66.57
C LYS L 196 -4.23 -34.60 -67.06
N HIS L 197 -5.31 -34.67 -67.82
CA HIS L 197 -5.80 -35.92 -68.38
C HIS L 197 -5.19 -36.12 -69.77
N THR L 198 -4.53 -37.25 -69.97
CA THR L 198 -3.89 -37.57 -71.24
C THR L 198 -4.29 -38.98 -71.66
N PRO L 199 -5.02 -39.14 -72.76
CA PRO L 199 -5.38 -40.49 -73.20
C PRO L 199 -4.17 -41.28 -73.67
N ILE L 200 -4.24 -42.59 -73.45
CA ILE L 200 -3.19 -43.52 -73.86
C ILE L 200 -3.80 -44.90 -73.98
N ASN L 201 -3.14 -45.78 -74.73
CA ASN L 201 -3.59 -47.17 -74.92
C ASN L 201 -2.43 -48.07 -74.53
N LEU L 202 -2.34 -48.38 -73.24
CA LEU L 202 -1.19 -49.12 -72.72
C LEU L 202 -1.54 -49.65 -71.34
N VAL L 203 -0.82 -50.69 -70.92
CA VAL L 203 -1.05 -51.32 -69.62
C VAL L 203 0.01 -50.87 -68.63
N ARG L 204 1.28 -51.19 -68.91
CA ARG L 204 2.39 -50.78 -68.07
C ARG L 204 3.50 -50.19 -68.92
N ASP L 205 4.64 -49.88 -68.32
CA ASP L 205 5.80 -49.30 -69.01
C ASP L 205 5.41 -47.98 -69.70
N LEU L 206 5.13 -47.00 -68.85
CA LEU L 206 4.57 -45.73 -69.29
C LEU L 206 5.44 -45.07 -70.36
N PRO L 207 4.84 -44.44 -71.36
CA PRO L 207 5.61 -43.98 -72.52
C PRO L 207 6.50 -42.79 -72.18
N GLN L 208 7.40 -42.49 -73.12
CA GLN L 208 8.38 -41.43 -72.98
C GLN L 208 7.84 -40.07 -73.41
N GLY L 209 6.54 -39.94 -73.61
CA GLY L 209 5.97 -38.68 -74.04
C GLY L 209 6.03 -37.62 -72.95
N PHE L 210 5.93 -36.36 -73.38
CA PHE L 210 6.02 -35.22 -72.50
C PHE L 210 4.64 -34.57 -72.36
N SER L 211 4.23 -34.30 -71.12
CA SER L 211 2.95 -33.66 -70.84
C SER L 211 3.07 -32.88 -69.55
N ALA L 212 3.12 -31.56 -69.65
CA ALA L 212 3.19 -30.71 -68.48
C ALA L 212 1.86 -30.71 -67.74
N LEU L 213 1.92 -30.53 -66.42
CA LEU L 213 0.73 -30.56 -65.57
C LEU L 213 0.32 -29.14 -65.21
N GLU L 214 -0.94 -28.82 -65.47
CA GLU L 214 -1.48 -27.49 -65.19
C GLU L 214 -1.88 -27.37 -63.72
N PRO L 215 -1.88 -26.17 -63.18
CA PRO L 215 -2.35 -25.97 -61.79
C PRO L 215 -3.83 -26.22 -61.66
N LEU L 216 -4.28 -26.28 -60.41
CA LEU L 216 -5.67 -26.62 -60.09
C LEU L 216 -6.09 -25.70 -58.94
N VAL L 217 -7.16 -26.10 -58.23
CA VAL L 217 -7.84 -25.24 -57.26
C VAL L 217 -6.91 -24.71 -56.19
N ASP L 218 -5.98 -25.55 -55.69
CA ASP L 218 -4.89 -25.14 -54.79
C ASP L 218 -5.42 -24.48 -53.51
N LEU L 219 -6.10 -25.29 -52.70
CA LEU L 219 -6.71 -24.78 -51.46
C LEU L 219 -5.65 -24.31 -50.48
N PRO L 220 -5.80 -23.11 -49.90
CA PRO L 220 -4.96 -22.73 -48.75
C PRO L 220 -5.57 -23.20 -47.43
N ILE L 221 -4.85 -24.05 -46.69
CA ILE L 221 -5.32 -24.55 -45.39
C ILE L 221 -4.45 -24.02 -44.26
N GLY L 222 -3.15 -24.34 -44.27
CA GLY L 222 -2.24 -23.84 -43.27
C GLY L 222 -1.81 -24.85 -42.24
N ILE L 223 -1.62 -26.11 -42.66
CA ILE L 223 -1.16 -27.18 -41.79
C ILE L 223 -0.05 -27.95 -42.51
N ASN L 224 0.44 -28.99 -41.86
CA ASN L 224 1.48 -29.86 -42.38
C ASN L 224 0.99 -31.30 -42.43
N ILE L 225 1.46 -32.05 -43.43
CA ILE L 225 1.03 -33.43 -43.66
C ILE L 225 2.26 -34.32 -43.69
N THR L 226 2.17 -35.47 -43.02
CA THR L 226 3.24 -36.45 -43.01
C THR L 226 2.83 -37.86 -43.41
N ARG L 227 1.53 -38.13 -43.56
CA ARG L 227 1.04 -39.44 -43.97
C ARG L 227 -0.14 -39.27 -44.92
N PHE L 228 -0.38 -40.29 -45.74
CA PHE L 228 -1.53 -40.25 -46.65
C PHE L 228 -1.95 -41.68 -46.98
N GLN L 229 -3.17 -41.80 -47.52
CA GLN L 229 -3.74 -43.09 -47.90
C GLN L 229 -4.75 -42.86 -49.02
N THR L 230 -4.85 -43.84 -49.91
CA THR L 230 -5.74 -43.76 -51.06
C THR L 230 -6.98 -44.63 -50.83
N LEU L 231 -7.89 -44.61 -51.81
CA LEU L 231 -9.16 -45.34 -51.72
C LEU L 231 -9.39 -46.14 -52.99
N LEU L 232 -10.12 -47.25 -52.83
CA LEU L 232 -10.52 -48.09 -53.94
C LEU L 232 -11.98 -48.48 -53.76
N ALA L 233 -12.64 -48.79 -54.88
CA ALA L 233 -14.04 -49.17 -54.89
C ALA L 233 -14.17 -50.62 -55.34
N LEU L 234 -14.88 -51.42 -54.57
CA LEU L 234 -15.13 -52.81 -54.88
C LEU L 234 -16.60 -53.04 -55.18
N HIS L 235 -16.88 -54.04 -56.00
CA HIS L 235 -18.22 -54.35 -56.46
C HIS L 235 -18.77 -55.55 -55.71
N ARG L 236 -20.09 -55.53 -55.49
CA ARG L 236 -20.82 -56.61 -54.83
C ARG L 236 -21.95 -57.05 -55.75
N SER L 237 -21.65 -57.99 -56.65
CA SER L 237 -22.63 -58.47 -57.61
C SER L 237 -23.37 -59.69 -57.03
N TYR L 238 -24.13 -60.38 -57.88
CA TYR L 238 -24.86 -61.56 -57.44
C TYR L 238 -23.96 -62.78 -57.27
N LEU L 239 -22.76 -62.76 -57.86
CA LEU L 239 -21.85 -63.90 -57.72
C LEU L 239 -21.31 -64.00 -56.30
N THR L 240 -20.87 -62.87 -55.74
CA THR L 240 -20.39 -62.86 -54.37
C THR L 240 -21.56 -62.95 -53.40
N PRO L 241 -21.36 -63.57 -52.23
CA PRO L 241 -22.44 -63.60 -51.22
C PRO L 241 -22.82 -62.22 -50.68
N GLY L 242 -21.95 -61.22 -50.81
CA GLY L 242 -22.26 -59.88 -50.37
C GLY L 242 -21.65 -59.48 -49.04
N ASP L 243 -20.83 -60.32 -48.43
CA ASP L 243 -20.16 -59.99 -47.18
C ASP L 243 -18.72 -59.58 -47.45
N SER L 244 -18.26 -58.57 -46.72
CA SER L 244 -16.91 -58.05 -46.89
C SER L 244 -15.90 -58.79 -46.02
N SER L 245 -15.89 -60.12 -46.13
CA SER L 245 -14.95 -60.95 -45.38
C SER L 245 -13.98 -61.69 -46.30
N SER L 246 -14.49 -62.46 -47.27
CA SER L 246 -13.62 -63.19 -48.18
C SER L 246 -14.06 -63.14 -49.64
N GLY L 247 -15.28 -62.73 -49.95
CA GLY L 247 -15.75 -62.71 -51.32
C GLY L 247 -16.08 -61.32 -51.83
N TRP L 248 -15.27 -60.82 -52.75
CA TRP L 248 -15.49 -59.50 -53.34
C TRP L 248 -14.76 -59.42 -54.67
N THR L 249 -15.15 -58.44 -55.47
CA THR L 249 -14.48 -58.13 -56.72
C THR L 249 -14.27 -56.63 -56.82
N ALA L 250 -13.18 -56.24 -57.51
CA ALA L 250 -12.81 -54.84 -57.61
C ALA L 250 -12.44 -54.42 -59.02
N GLY L 251 -12.67 -55.28 -60.02
CA GLY L 251 -12.32 -54.93 -61.38
C GLY L 251 -10.81 -54.95 -61.60
N ALA L 252 -10.37 -54.12 -62.55
CA ALA L 252 -8.96 -53.99 -62.89
C ALA L 252 -8.54 -52.54 -62.76
N ALA L 253 -7.44 -52.30 -62.05
CA ALA L 253 -6.92 -50.96 -61.85
C ALA L 253 -5.44 -51.04 -61.52
N ALA L 254 -4.76 -49.90 -61.67
CA ALA L 254 -3.34 -49.80 -61.38
C ALA L 254 -2.99 -48.34 -61.14
N TYR L 255 -2.47 -48.04 -59.95
CA TYR L 255 -2.10 -46.69 -59.57
C TYR L 255 -0.64 -46.65 -59.12
N TYR L 256 0.06 -45.60 -59.50
CA TYR L 256 1.47 -45.42 -59.17
C TYR L 256 1.63 -44.31 -58.15
N VAL L 257 2.57 -44.48 -57.22
CA VAL L 257 2.85 -43.51 -56.18
C VAL L 257 4.34 -43.16 -56.25
N GLY L 258 4.65 -41.87 -56.28
CA GLY L 258 6.02 -41.42 -56.36
C GLY L 258 6.29 -40.29 -55.37
N TYR L 259 7.58 -40.12 -55.07
CA TYR L 259 8.05 -39.08 -54.17
C TYR L 259 8.82 -38.01 -54.94
N LEU L 260 8.92 -36.83 -54.33
CA LEU L 260 9.29 -35.62 -55.05
C LEU L 260 10.53 -35.00 -54.41
N GLN L 261 11.50 -34.60 -55.24
CA GLN L 261 12.83 -34.21 -54.78
C GLN L 261 13.26 -32.90 -55.44
N PRO L 262 13.89 -31.99 -54.69
CA PRO L 262 14.27 -30.69 -55.27
C PRO L 262 15.57 -30.76 -56.06
N ARG L 263 15.50 -30.34 -57.33
CA ARG L 263 16.67 -30.23 -58.19
C ARG L 263 16.46 -29.04 -59.13
N THR L 264 17.55 -28.61 -59.76
CA THR L 264 17.52 -27.51 -60.72
C THR L 264 17.24 -28.07 -62.11
N PHE L 265 16.10 -27.69 -62.68
CA PHE L 265 15.72 -28.11 -64.03
C PHE L 265 15.69 -26.91 -64.95
N LEU L 266 15.98 -27.14 -66.23
CA LEU L 266 15.83 -26.14 -67.28
C LEU L 266 14.55 -26.41 -68.05
N LEU L 267 13.73 -25.38 -68.22
CA LEU L 267 12.43 -25.50 -68.87
C LEU L 267 12.48 -24.86 -70.25
N LYS L 268 11.92 -25.54 -71.24
CA LYS L 268 11.82 -25.03 -72.60
C LYS L 268 10.41 -24.50 -72.86
N TYR L 269 10.33 -23.35 -73.52
CA TYR L 269 9.07 -22.72 -73.86
C TYR L 269 9.02 -22.43 -75.35
N ASN L 270 7.85 -22.58 -75.95
CA ASN L 270 7.64 -22.33 -77.36
C ASN L 270 6.98 -20.97 -77.55
N GLU L 271 6.57 -20.67 -78.79
CA GLU L 271 5.89 -19.42 -79.07
C GLU L 271 4.49 -19.38 -78.45
N ASN L 272 3.89 -20.54 -78.19
CA ASN L 272 2.58 -20.60 -77.54
C ASN L 272 2.66 -20.68 -76.03
N GLY L 273 3.86 -20.85 -75.47
CA GLY L 273 4.07 -20.79 -74.05
C GLY L 273 3.90 -22.08 -73.28
N THR L 274 3.79 -23.21 -73.96
CA THR L 274 3.70 -24.51 -73.28
C THR L 274 5.09 -25.12 -73.16
N ILE L 275 5.25 -25.98 -72.16
CA ILE L 275 6.52 -26.65 -71.92
C ILE L 275 6.64 -27.82 -72.88
N THR L 276 7.75 -27.86 -73.62
CA THR L 276 8.00 -28.90 -74.61
C THR L 276 9.03 -29.93 -74.13
N ASP L 277 10.16 -29.47 -73.59
CA ASP L 277 11.18 -30.35 -73.06
C ASP L 277 11.71 -29.77 -71.75
N ALA L 278 12.27 -30.65 -70.93
CA ALA L 278 12.85 -30.28 -69.64
C ALA L 278 14.24 -30.90 -69.55
N VAL L 279 15.28 -30.08 -69.67
CA VAL L 279 16.67 -30.55 -69.64
C VAL L 279 17.16 -30.38 -68.20
N ASP L 280 17.06 -31.45 -67.40
CA ASP L 280 17.63 -31.43 -66.06
C ASP L 280 19.14 -31.41 -66.15
N CYS L 281 19.77 -30.58 -65.31
CA CYS L 281 21.22 -30.48 -65.29
C CYS L 281 21.86 -31.75 -64.75
N ALA L 282 21.17 -32.47 -63.87
CA ALA L 282 21.72 -33.61 -63.17
C ALA L 282 21.44 -34.94 -63.86
N LEU L 283 21.00 -34.93 -65.13
CA LEU L 283 20.76 -36.18 -65.84
C LEU L 283 22.07 -36.90 -66.12
N ASP L 284 22.96 -36.27 -66.88
CA ASP L 284 24.23 -36.85 -67.28
C ASP L 284 25.17 -35.70 -67.67
N PRO L 285 26.49 -35.97 -67.81
CA PRO L 285 27.41 -34.91 -68.23
C PRO L 285 27.02 -34.16 -69.51
N LEU L 286 26.44 -34.86 -70.49
CA LEU L 286 26.08 -34.21 -71.74
C LEU L 286 24.97 -33.17 -71.55
N SER L 287 23.91 -33.53 -70.82
CA SER L 287 22.84 -32.56 -70.57
C SER L 287 23.30 -31.47 -69.61
N GLU L 288 24.29 -31.78 -68.76
CA GLU L 288 24.88 -30.76 -67.91
C GLU L 288 25.55 -29.67 -68.76
N THR L 289 26.26 -30.06 -69.81
CA THR L 289 26.85 -29.09 -70.72
C THR L 289 25.79 -28.29 -71.45
N LYS L 290 24.71 -28.95 -71.87
CA LYS L 290 23.65 -28.24 -72.59
C LYS L 290 22.95 -27.23 -71.69
N CYS L 291 22.79 -27.54 -70.41
CA CYS L 291 22.14 -26.60 -69.50
C CYS L 291 23.13 -25.57 -68.96
N THR L 292 24.43 -25.90 -68.93
CA THR L 292 25.43 -24.92 -68.53
C THR L 292 25.56 -23.81 -69.56
N LEU L 293 25.69 -24.18 -70.84
CA LEU L 293 25.74 -23.21 -71.92
C LEU L 293 24.36 -22.67 -72.29
N LYS L 294 23.29 -23.21 -71.71
CA LYS L 294 21.90 -22.81 -71.96
C LYS L 294 21.51 -23.00 -73.42
N SER L 295 22.20 -23.87 -74.15
CA SER L 295 21.96 -24.10 -75.57
C SER L 295 21.83 -25.59 -75.82
N PHE L 296 20.78 -25.98 -76.53
CA PHE L 296 20.61 -27.39 -76.89
C PHE L 296 21.66 -27.85 -77.89
N THR L 297 22.11 -26.96 -78.76
CA THR L 297 23.14 -27.28 -79.74
C THR L 297 24.51 -26.95 -79.15
N VAL L 298 25.38 -27.95 -79.07
CA VAL L 298 26.71 -27.81 -78.51
C VAL L 298 27.73 -28.05 -79.61
N GLU L 299 28.62 -27.09 -79.83
CA GLU L 299 29.63 -27.20 -80.87
C GLU L 299 30.93 -27.74 -80.27
N LYS L 300 31.98 -27.79 -81.09
CA LYS L 300 33.19 -28.51 -80.73
C LYS L 300 34.18 -27.60 -80.00
N GLY L 301 34.55 -28.00 -78.79
CA GLY L 301 35.49 -27.24 -78.00
C GLY L 301 35.47 -27.66 -76.53
N ILE L 302 36.04 -26.80 -75.70
CA ILE L 302 36.22 -27.06 -74.27
C ILE L 302 35.16 -26.30 -73.49
N TYR L 303 34.48 -27.00 -72.57
CA TYR L 303 33.43 -26.40 -71.76
C TYR L 303 33.65 -26.78 -70.30
N GLN L 304 33.51 -25.81 -69.41
CA GLN L 304 33.60 -26.03 -67.97
C GLN L 304 32.20 -25.92 -67.37
N THR L 305 31.81 -26.94 -66.61
CA THR L 305 30.45 -27.04 -66.09
C THR L 305 30.38 -26.82 -64.59
N SER L 306 31.13 -27.59 -63.80
CA SER L 306 31.06 -27.51 -62.35
C SER L 306 32.47 -27.68 -61.79
N ASN L 307 32.56 -27.84 -60.48
CA ASN L 307 33.82 -27.98 -59.77
C ASN L 307 33.83 -29.31 -59.02
N PHE L 308 34.99 -29.62 -58.43
CA PHE L 308 35.17 -30.85 -57.66
C PHE L 308 35.88 -30.53 -56.36
N ARG L 309 35.46 -31.17 -55.28
CA ARG L 309 36.04 -30.95 -53.97
C ARG L 309 35.90 -32.22 -53.14
N VAL L 310 36.94 -32.54 -52.39
CA VAL L 310 36.96 -33.71 -51.53
C VAL L 310 36.67 -33.27 -50.10
N GLN L 311 35.62 -33.83 -49.52
CA GLN L 311 35.22 -33.51 -48.15
C GLN L 311 36.09 -34.28 -47.15
N PRO L 312 36.30 -33.72 -45.96
CA PRO L 312 37.04 -34.47 -44.94
C PRO L 312 36.28 -35.71 -44.48
N THR L 313 37.04 -36.74 -44.13
CA THR L 313 36.48 -38.03 -43.75
C THR L 313 36.29 -38.18 -42.24
N GLU L 314 37.23 -37.67 -41.44
CA GLU L 314 37.13 -37.80 -39.99
C GLU L 314 37.91 -36.66 -39.34
N SER L 315 37.63 -36.44 -38.06
CA SER L 315 38.29 -35.42 -37.26
C SER L 315 39.09 -36.09 -36.16
N ILE L 316 40.35 -35.71 -36.03
CA ILE L 316 41.26 -36.27 -35.03
C ILE L 316 41.65 -35.18 -34.05
N VAL L 317 41.63 -35.53 -32.77
CA VAL L 317 42.01 -34.61 -31.69
C VAL L 317 43.27 -35.14 -31.04
N ARG L 318 44.34 -34.34 -31.07
CA ARG L 318 45.62 -34.74 -30.52
C ARG L 318 46.20 -33.62 -29.67
N PHE L 319 46.38 -33.89 -28.38
CA PHE L 319 46.87 -32.94 -27.40
C PHE L 319 48.01 -33.60 -26.65
N PRO L 320 48.90 -32.81 -26.02
CA PRO L 320 50.00 -33.41 -25.24
C PRO L 320 49.49 -34.20 -24.04
N ASN L 321 50.41 -34.95 -23.44
CA ASN L 321 50.06 -35.96 -22.46
C ASN L 321 49.73 -35.35 -21.10
N ILE L 322 49.49 -36.20 -20.11
CA ILE L 322 49.32 -35.67 -18.76
C ILE L 322 50.75 -35.48 -18.33
N THR L 323 51.36 -34.36 -18.69
CA THR L 323 52.78 -34.15 -18.42
C THR L 323 53.20 -34.54 -17.00
N ASN L 324 52.49 -34.06 -16.00
CA ASN L 324 52.93 -34.33 -14.63
C ASN L 324 51.87 -34.04 -13.58
N LEU L 325 51.52 -35.04 -12.78
CA LEU L 325 50.51 -34.86 -11.74
C LEU L 325 50.82 -33.63 -10.90
N CYS L 326 49.81 -32.79 -10.67
CA CYS L 326 50.01 -31.61 -9.84
C CYS L 326 50.24 -32.05 -8.40
N PRO L 327 50.98 -31.25 -7.63
CA PRO L 327 51.30 -31.66 -6.26
C PRO L 327 50.05 -32.00 -5.48
N PHE L 328 49.93 -33.25 -5.03
CA PHE L 328 48.75 -33.66 -4.27
C PHE L 328 49.13 -34.41 -3.00
N GLY L 329 50.17 -35.23 -3.06
CA GLY L 329 50.60 -35.97 -1.88
C GLY L 329 51.07 -35.05 -0.79
N GLU L 330 51.91 -34.08 -1.14
CA GLU L 330 52.42 -33.14 -0.16
C GLU L 330 51.30 -32.36 0.51
N VAL L 331 50.11 -32.41 -0.07
CA VAL L 331 48.99 -31.64 0.48
C VAL L 331 47.92 -32.57 1.05
N PHE L 332 47.88 -33.83 0.60
CA PHE L 332 46.99 -34.84 1.15
C PHE L 332 47.69 -35.74 2.15
N ASN L 333 48.95 -36.09 1.90
CA ASN L 333 49.75 -36.89 2.82
C ASN L 333 50.61 -35.99 3.71
N ALA L 334 49.93 -35.18 4.51
CA ALA L 334 50.59 -34.21 5.39
C ALA L 334 50.52 -34.71 6.82
N THR L 335 51.68 -34.70 7.49
CA THR L 335 51.74 -35.16 8.88
C THR L 335 51.02 -34.19 9.82
N ARG L 336 51.14 -32.89 9.58
CA ARG L 336 50.57 -31.88 10.44
C ARG L 336 49.48 -31.11 9.71
N PHE L 337 48.34 -30.94 10.36
CA PHE L 337 47.21 -30.18 9.84
C PHE L 337 46.90 -29.02 10.78
N ALA L 338 46.65 -27.85 10.20
CA ALA L 338 46.39 -26.66 11.00
C ALA L 338 44.96 -26.64 11.50
N SER L 339 44.67 -25.67 12.38
CA SER L 339 43.36 -25.53 12.98
C SER L 339 42.38 -24.88 12.00
N VAL L 340 41.09 -24.92 12.36
CA VAL L 340 40.05 -24.37 11.51
C VAL L 340 40.12 -22.84 11.50
N TYR L 341 40.51 -22.24 12.61
CA TYR L 341 40.64 -20.79 12.67
C TYR L 341 41.93 -20.28 12.03
N ALA L 342 42.86 -21.17 11.71
CA ALA L 342 44.13 -20.84 11.07
C ALA L 342 44.40 -21.79 9.91
N TRP L 343 43.39 -21.99 9.05
CA TRP L 343 43.49 -22.94 7.96
C TRP L 343 44.56 -22.52 6.96
N ASN L 344 45.30 -23.50 6.45
CA ASN L 344 46.36 -23.23 5.49
C ASN L 344 45.79 -22.86 4.13
N ARG L 345 46.58 -22.10 3.37
CA ARG L 345 46.23 -21.70 2.01
C ARG L 345 47.42 -22.02 1.10
N LYS L 346 47.28 -23.06 0.30
CA LYS L 346 48.34 -23.49 -0.60
C LYS L 346 47.88 -23.27 -2.04
N ARG L 347 48.72 -22.58 -2.82
CA ARG L 347 48.44 -22.32 -4.22
C ARG L 347 49.16 -23.34 -5.08
N ILE L 348 48.42 -23.98 -5.99
CA ILE L 348 48.96 -24.98 -6.89
C ILE L 348 48.73 -24.48 -8.32
N SER L 349 49.82 -24.33 -9.08
CA SER L 349 49.74 -23.82 -10.44
C SER L 349 50.98 -24.25 -11.20
N ASN L 350 50.95 -24.00 -12.51
CA ASN L 350 52.05 -24.31 -13.43
C ASN L 350 52.42 -25.79 -13.39
N CYS L 351 51.40 -26.65 -13.31
CA CYS L 351 51.58 -28.09 -13.34
C CYS L 351 50.40 -28.71 -14.08
N VAL L 352 50.48 -30.01 -14.32
CA VAL L 352 49.42 -30.72 -15.02
C VAL L 352 48.55 -31.42 -13.98
N ALA L 353 47.25 -31.14 -14.01
CA ALA L 353 46.34 -31.68 -13.03
C ALA L 353 46.15 -33.17 -13.21
N ASP L 354 46.15 -33.91 -12.10
CA ASP L 354 45.95 -35.36 -12.09
C ASP L 354 44.95 -35.69 -10.98
N TYR L 355 43.67 -35.73 -11.34
CA TYR L 355 42.62 -36.12 -10.42
C TYR L 355 42.31 -37.60 -10.48
N SER L 356 43.07 -38.38 -11.26
CA SER L 356 42.78 -39.80 -11.41
C SER L 356 42.93 -40.55 -10.09
N VAL L 357 43.99 -40.26 -9.33
CA VAL L 357 44.18 -40.90 -8.03
C VAL L 357 43.16 -40.41 -7.01
N LEU L 358 42.52 -39.27 -7.25
CA LEU L 358 41.55 -38.73 -6.29
C LEU L 358 40.27 -39.55 -6.29
N TYR L 359 39.76 -39.92 -7.45
CA TYR L 359 38.53 -40.71 -7.49
C TYR L 359 38.78 -42.21 -7.57
N ASN L 360 39.99 -42.65 -7.94
CA ASN L 360 40.30 -44.07 -7.90
C ASN L 360 40.69 -44.54 -6.50
N SER L 361 40.71 -43.63 -5.53
CA SER L 361 40.79 -44.02 -4.13
C SER L 361 39.41 -44.04 -3.51
N ALA L 362 39.28 -44.75 -2.39
CA ALA L 362 38.00 -44.85 -1.70
C ALA L 362 38.13 -44.61 -0.19
N SER L 363 39.29 -44.18 0.29
CA SER L 363 39.44 -43.90 1.72
C SER L 363 38.69 -42.64 2.14
N PHE L 364 38.37 -41.75 1.20
CA PHE L 364 37.63 -40.55 1.52
C PHE L 364 36.16 -40.86 1.74
N SER L 365 35.47 -39.95 2.43
CA SER L 365 34.06 -40.11 2.74
C SER L 365 33.15 -39.17 1.98
N THR L 366 33.65 -38.00 1.57
CA THR L 366 32.84 -37.01 0.86
C THR L 366 33.54 -36.63 -0.44
N PHE L 367 32.83 -36.75 -1.55
CA PHE L 367 33.35 -36.37 -2.86
C PHE L 367 32.28 -35.55 -3.59
N LYS L 368 31.72 -34.57 -2.91
CA LYS L 368 30.71 -33.69 -3.50
C LYS L 368 31.40 -32.48 -4.13
N CYS L 369 31.15 -32.26 -5.42
CA CYS L 369 31.75 -31.17 -6.17
C CYS L 369 30.66 -30.17 -6.55
N TYR L 370 30.66 -29.03 -5.87
CA TYR L 370 29.68 -27.99 -6.14
C TYR L 370 30.10 -27.17 -7.36
N GLY L 371 29.09 -26.67 -8.08
CA GLY L 371 29.33 -25.83 -9.24
C GLY L 371 29.69 -26.60 -10.50
N VAL L 372 30.78 -27.35 -10.46
CA VAL L 372 31.27 -28.08 -11.62
C VAL L 372 31.07 -29.57 -11.40
N SER L 373 30.81 -30.28 -12.52
CA SER L 373 30.61 -31.73 -12.51
C SER L 373 31.94 -32.45 -12.53
N PRO L 374 32.19 -33.38 -11.61
CA PRO L 374 33.50 -34.05 -11.53
C PRO L 374 33.73 -35.11 -12.61
N THR L 375 32.73 -35.42 -13.44
CA THR L 375 32.95 -36.41 -14.48
C THR L 375 33.86 -35.90 -15.59
N LYS L 376 33.96 -34.58 -15.74
CA LYS L 376 34.87 -33.96 -16.70
C LYS L 376 35.78 -33.02 -15.92
N LEU L 377 37.00 -33.49 -15.63
CA LEU L 377 37.95 -32.70 -14.87
C LEU L 377 39.30 -32.68 -15.59
N ASN L 378 39.62 -33.76 -16.29
CA ASN L 378 40.83 -33.79 -17.10
C ASN L 378 40.67 -33.00 -18.40
N ASP L 379 39.44 -32.74 -18.82
CA ASP L 379 39.16 -32.03 -20.07
C ASP L 379 38.99 -30.53 -19.88
N LEU L 380 39.09 -30.04 -18.65
CA LEU L 380 38.86 -28.64 -18.34
C LEU L 380 40.15 -27.95 -17.96
N CYS L 381 40.33 -26.74 -18.46
CA CYS L 381 41.52 -25.93 -18.17
C CYS L 381 41.11 -24.75 -17.30
N PHE L 382 41.85 -24.55 -16.21
CA PHE L 382 41.61 -23.47 -15.27
C PHE L 382 42.88 -22.62 -15.14
N THR L 383 42.73 -21.45 -14.54
CA THR L 383 43.87 -20.54 -14.35
C THR L 383 44.55 -20.74 -13.00
N ASN L 384 43.78 -20.76 -11.92
CA ASN L 384 44.32 -20.85 -10.57
C ASN L 384 43.66 -22.00 -9.83
N VAL L 385 44.46 -22.76 -9.08
CA VAL L 385 43.98 -23.85 -8.26
C VAL L 385 44.45 -23.62 -6.82
N TYR L 386 43.51 -23.62 -5.88
CA TYR L 386 43.80 -23.42 -4.48
C TYR L 386 43.31 -24.61 -3.67
N ALA L 387 44.02 -24.90 -2.58
CA ALA L 387 43.69 -26.05 -1.74
C ALA L 387 43.87 -25.66 -0.29
N ASP L 388 42.78 -25.68 0.46
CA ASP L 388 42.79 -25.43 1.90
C ASP L 388 42.81 -26.75 2.65
N SER L 389 43.21 -26.68 3.92
CA SER L 389 43.31 -27.89 4.74
C SER L 389 43.01 -27.56 6.19
N PHE L 390 42.05 -28.27 6.77
CA PHE L 390 41.73 -28.15 8.18
C PHE L 390 41.08 -29.45 8.65
N VAL L 391 41.11 -29.67 9.96
CA VAL L 391 40.54 -30.86 10.58
C VAL L 391 39.28 -30.43 11.34
N ILE L 392 38.17 -31.10 11.08
CA ILE L 392 36.91 -30.81 11.73
C ILE L 392 36.29 -32.11 12.22
N ARG L 393 35.49 -32.02 13.27
CA ARG L 393 34.83 -33.19 13.83
C ARG L 393 33.76 -33.70 12.86
N GLY L 394 33.41 -34.98 13.01
CA GLY L 394 32.50 -35.64 12.10
C GLY L 394 31.10 -35.07 12.09
N ASP L 395 30.69 -34.37 13.14
CA ASP L 395 29.38 -33.74 13.14
C ASP L 395 29.33 -32.52 12.24
N GLU L 396 30.38 -31.69 12.28
CA GLU L 396 30.40 -30.44 11.53
C GLU L 396 31.12 -30.62 10.19
N VAL L 397 30.61 -31.55 9.39
CA VAL L 397 31.10 -31.76 8.03
C VAL L 397 30.11 -31.22 7.00
N ARG L 398 28.81 -31.34 7.26
CA ARG L 398 27.80 -30.79 6.36
C ARG L 398 27.77 -29.26 6.42
N GLN L 399 28.34 -28.65 7.46
CA GLN L 399 28.41 -27.20 7.55
C GLN L 399 29.43 -26.60 6.60
N ILE L 400 30.32 -27.41 6.03
CA ILE L 400 31.29 -26.91 5.06
C ILE L 400 30.60 -26.45 3.78
N ALA L 401 29.51 -27.13 3.40
CA ALA L 401 28.80 -26.79 2.18
C ALA L 401 28.18 -25.39 2.29
N PRO L 402 28.19 -24.62 1.21
CA PRO L 402 27.58 -23.28 1.26
C PRO L 402 26.07 -23.35 1.45
N GLY L 403 25.54 -22.34 2.12
CA GLY L 403 24.12 -22.28 2.41
C GLY L 403 23.80 -22.65 3.84
N GLN L 404 24.49 -23.66 4.36
CA GLN L 404 24.29 -24.08 5.74
C GLN L 404 24.93 -23.09 6.70
N THR L 405 24.41 -23.04 7.92
CA THR L 405 24.90 -22.14 8.95
C THR L 405 25.23 -22.93 10.21
N GLY L 406 26.16 -22.39 10.99
CA GLY L 406 26.58 -23.04 12.21
C GLY L 406 27.75 -22.30 12.83
N LYS L 407 28.33 -22.92 13.86
CA LYS L 407 29.48 -22.33 14.52
C LYS L 407 30.69 -22.29 13.60
N ILE L 408 31.00 -23.43 12.96
CA ILE L 408 32.13 -23.47 12.03
C ILE L 408 31.82 -22.69 10.76
N ALA L 409 30.58 -22.78 10.26
CA ALA L 409 30.24 -22.20 8.97
C ALA L 409 30.22 -20.68 8.98
N ASP L 410 30.07 -20.04 10.13
CA ASP L 410 29.95 -18.58 10.19
C ASP L 410 30.99 -17.91 11.06
N TYR L 411 31.71 -18.63 11.93
CA TYR L 411 32.70 -18.02 12.80
C TYR L 411 34.13 -18.44 12.51
N ASN L 412 34.33 -19.53 11.77
CA ASN L 412 35.67 -20.03 11.48
C ASN L 412 35.97 -20.13 9.98
N TYR L 413 35.02 -20.59 9.18
CA TYR L 413 35.25 -20.79 7.75
C TYR L 413 33.92 -20.66 7.03
N LYS L 414 33.84 -19.71 6.10
CA LYS L 414 32.63 -19.47 5.33
C LYS L 414 32.95 -19.61 3.85
N LEU L 415 32.07 -20.31 3.11
CA LEU L 415 32.24 -20.51 1.68
C LEU L 415 31.23 -19.66 0.90
N PRO L 416 31.60 -19.13 -0.25
CA PRO L 416 30.66 -18.34 -1.04
C PRO L 416 29.56 -19.20 -1.65
N ASP L 417 28.45 -18.55 -1.97
CA ASP L 417 27.28 -19.24 -2.54
C ASP L 417 27.49 -19.64 -3.99
N ASP L 418 28.53 -19.17 -4.64
CA ASP L 418 28.84 -19.50 -6.03
C ASP L 418 30.11 -20.35 -6.12
N PHE L 419 30.25 -21.30 -5.21
CA PHE L 419 31.45 -22.12 -5.14
C PHE L 419 31.45 -23.16 -6.27
N THR L 420 32.53 -23.18 -7.05
CA THR L 420 32.67 -24.06 -8.20
C THR L 420 33.84 -25.02 -8.02
N GLY L 421 34.01 -25.54 -6.80
CA GLY L 421 35.10 -26.44 -6.53
C GLY L 421 34.67 -27.79 -5.96
N CYS L 422 35.55 -28.45 -5.23
CA CYS L 422 35.28 -29.75 -4.65
C CYS L 422 35.74 -29.78 -3.20
N VAL L 423 35.10 -30.65 -2.41
CA VAL L 423 35.43 -30.84 -1.01
C VAL L 423 35.78 -32.30 -0.78
N ILE L 424 36.93 -32.55 -0.16
CA ILE L 424 37.42 -33.90 0.12
C ILE L 424 37.50 -34.08 1.62
N ALA L 425 36.88 -35.15 2.12
CA ALA L 425 36.86 -35.43 3.55
C ALA L 425 37.11 -36.92 3.78
N TRP L 426 37.90 -37.22 4.81
CA TRP L 426 38.15 -38.60 5.20
C TRP L 426 38.34 -38.66 6.72
N ASN L 427 38.39 -39.88 7.24
CA ASN L 427 38.47 -40.12 8.67
C ASN L 427 39.87 -40.61 9.03
N SER L 428 40.45 -40.02 10.08
CA SER L 428 41.76 -40.44 10.58
C SER L 428 41.76 -40.21 12.09
N ASN L 429 41.47 -41.28 12.84
CA ASN L 429 41.37 -41.20 14.30
C ASN L 429 42.64 -41.62 15.01
N ASN L 430 43.30 -42.69 14.55
CA ASN L 430 44.51 -43.16 15.21
C ASN L 430 45.69 -42.20 15.00
N LEU L 431 45.79 -41.61 13.81
CA LEU L 431 46.91 -40.72 13.52
C LEU L 431 46.74 -39.37 14.23
N ASP L 432 45.53 -38.82 14.24
CA ASP L 432 45.30 -37.50 14.78
C ASP L 432 45.07 -37.49 16.29
N SER L 433 44.94 -38.65 16.92
CA SER L 433 44.70 -38.72 18.35
C SER L 433 45.40 -39.95 18.93
N LYS L 434 46.14 -39.74 20.01
CA LYS L 434 46.81 -40.83 20.71
C LYS L 434 45.86 -41.42 21.76
N VAL L 435 46.40 -42.26 22.64
CA VAL L 435 45.58 -42.88 23.67
C VAL L 435 45.10 -41.84 24.69
N GLY L 436 45.93 -40.84 25.00
CA GLY L 436 45.56 -39.84 25.98
C GLY L 436 44.69 -38.70 25.46
N GLY L 437 44.47 -38.63 24.15
CA GLY L 437 43.67 -37.56 23.60
C GLY L 437 44.51 -36.38 23.13
N ASN L 438 43.95 -35.65 22.17
CA ASN L 438 44.66 -34.53 21.54
C ASN L 438 44.03 -33.22 22.01
N TYR L 439 44.87 -32.30 22.48
CA TYR L 439 44.41 -31.03 23.05
C TYR L 439 45.10 -29.81 22.45
N ASN L 440 45.81 -29.97 21.34
CA ASN L 440 46.55 -28.86 20.74
C ASN L 440 45.77 -28.18 19.61
N TYR L 441 44.46 -28.36 19.57
CA TYR L 441 43.64 -27.85 18.48
C TYR L 441 42.74 -26.74 19.04
N LEU L 442 42.62 -25.66 18.28
CA LEU L 442 41.88 -24.49 18.75
C LEU L 442 40.79 -24.14 17.75
N TYR L 443 39.71 -23.54 18.26
CA TYR L 443 38.56 -23.19 17.43
C TYR L 443 37.89 -21.96 18.01
N ARG L 444 37.07 -21.30 17.19
CA ARG L 444 36.36 -20.09 17.57
C ARG L 444 34.87 -20.39 17.78
N LEU L 445 34.32 -19.89 18.89
CA LEU L 445 32.91 -20.04 19.21
C LEU L 445 32.15 -18.72 19.30
N PHE L 446 32.84 -17.60 19.43
CA PHE L 446 32.21 -16.29 19.53
C PHE L 446 32.89 -15.32 18.57
N ARG L 447 32.13 -14.32 18.12
CA ARG L 447 32.66 -13.30 17.23
C ARG L 447 31.80 -12.05 17.34
N LYS L 448 32.37 -10.92 16.92
CA LYS L 448 31.62 -9.67 16.92
C LYS L 448 30.47 -9.71 15.92
N SER L 449 30.69 -10.29 14.75
CA SER L 449 29.65 -10.41 13.73
C SER L 449 29.97 -11.64 12.87
N ASN L 450 29.27 -11.76 11.75
CA ASN L 450 29.51 -12.87 10.84
C ASN L 450 30.81 -12.64 10.06
N LEU L 451 31.30 -13.72 9.44
CA LEU L 451 32.55 -13.70 8.70
C LEU L 451 32.27 -13.79 7.21
N LYS L 452 32.91 -12.93 6.44
CA LYS L 452 32.79 -12.97 4.99
C LYS L 452 33.45 -14.23 4.44
N PRO L 453 33.02 -14.71 3.27
CA PRO L 453 33.65 -15.90 2.68
C PRO L 453 35.12 -15.66 2.34
N PHE L 454 35.91 -16.72 2.47
CA PHE L 454 37.35 -16.71 2.21
C PHE L 454 38.07 -15.67 3.06
N GLU L 455 37.68 -15.57 4.33
CA GLU L 455 38.30 -14.66 5.28
C GLU L 455 38.67 -15.43 6.55
N ARG L 456 39.89 -15.28 7.00
CA ARG L 456 40.38 -15.91 8.22
C ARG L 456 40.84 -14.84 9.21
N ASP L 457 40.76 -15.17 10.49
CA ASP L 457 41.14 -14.25 11.56
C ASP L 457 42.14 -14.91 12.49
N ILE L 458 43.16 -14.16 12.89
CA ILE L 458 44.21 -14.68 13.75
C ILE L 458 44.14 -14.12 15.17
N SER L 459 43.58 -12.92 15.34
CA SER L 459 43.56 -12.25 16.64
C SER L 459 42.79 -13.06 17.68
N THR L 460 43.37 -13.17 18.87
CA THR L 460 42.83 -14.00 19.96
C THR L 460 42.67 -13.11 21.20
N GLU L 461 41.51 -12.47 21.32
CA GLU L 461 41.18 -11.66 22.48
C GLU L 461 39.80 -12.07 22.98
N ILE L 462 39.51 -11.74 24.23
CA ILE L 462 38.27 -12.16 24.88
C ILE L 462 37.10 -11.51 24.16
N TYR L 463 36.14 -12.32 23.70
CA TYR L 463 35.02 -11.81 22.89
C TYR L 463 33.96 -11.24 23.82
N GLN L 464 33.72 -9.93 23.73
CA GLN L 464 32.77 -9.28 24.61
C GLN L 464 31.35 -9.49 24.10
N ALA L 465 30.46 -9.91 25.02
CA ALA L 465 29.08 -10.21 24.66
C ALA L 465 28.08 -9.40 25.50
N GLY L 466 28.38 -9.22 26.78
CA GLY L 466 27.44 -8.55 27.67
C GLY L 466 28.05 -7.40 28.45
N SER L 467 28.94 -6.64 27.80
CA SER L 467 29.61 -5.47 28.38
C SER L 467 30.46 -5.85 29.58
N THR L 468 30.84 -4.84 30.39
CA THR L 468 31.72 -4.99 31.55
C THR L 468 33.01 -5.69 31.13
N PRO L 469 33.93 -4.98 30.46
CA PRO L 469 35.15 -5.62 29.95
C PRO L 469 35.95 -6.31 31.05
N CYS L 470 36.47 -7.49 30.73
CA CYS L 470 36.99 -8.41 31.73
C CYS L 470 38.50 -8.27 31.91
N ASN L 471 39.04 -7.07 31.62
CA ASN L 471 40.48 -6.75 31.47
C ASN L 471 41.29 -7.90 30.86
N GLY L 472 40.75 -8.51 29.81
CA GLY L 472 41.49 -9.45 28.99
C GLY L 472 41.67 -10.84 29.57
N VAL L 473 40.75 -11.24 30.46
CA VAL L 473 40.78 -12.59 30.99
C VAL L 473 39.37 -13.13 30.81
N GLU L 474 39.14 -14.40 31.13
CA GLU L 474 37.79 -14.94 31.05
C GLU L 474 36.87 -14.16 31.97
N GLY L 475 35.67 -13.84 31.50
CA GLY L 475 34.76 -13.05 32.31
C GLY L 475 33.33 -13.56 32.36
N PHE L 476 32.55 -13.03 33.28
CA PHE L 476 31.15 -13.45 33.42
C PHE L 476 30.30 -13.06 32.21
N ASN L 477 30.60 -11.92 31.61
CA ASN L 477 29.85 -11.47 30.44
C ASN L 477 30.64 -11.73 29.18
N CYS L 478 31.87 -11.21 29.14
CA CYS L 478 32.70 -11.38 27.98
C CYS L 478 33.34 -12.76 28.05
N TYR L 479 33.52 -13.41 26.91
CA TYR L 479 34.05 -14.78 26.96
C TYR L 479 35.07 -15.01 25.84
N PHE L 480 36.14 -15.74 26.17
CA PHE L 480 37.16 -16.04 25.16
C PHE L 480 36.62 -17.02 24.12
N PRO L 481 36.72 -16.64 22.84
CA PRO L 481 36.19 -17.49 21.76
C PRO L 481 37.07 -18.66 21.41
N LEU L 482 38.34 -18.65 21.81
CA LEU L 482 39.29 -19.68 21.42
C LEU L 482 39.36 -20.75 22.51
N GLN L 483 38.77 -21.91 22.23
CA GLN L 483 38.80 -23.05 23.14
C GLN L 483 39.39 -24.25 22.41
N SER L 484 39.51 -25.36 23.14
CA SER L 484 40.12 -26.57 22.61
C SER L 484 39.08 -27.68 22.45
N TYR L 485 39.41 -28.64 21.59
CA TYR L 485 38.63 -29.87 21.44
C TYR L 485 39.11 -30.92 22.44
N GLY L 486 38.20 -31.82 22.79
CA GLY L 486 38.53 -33.03 23.52
C GLY L 486 38.29 -34.24 22.64
N PHE L 487 39.34 -35.02 22.43
CA PHE L 487 39.30 -36.19 21.56
C PHE L 487 39.56 -37.44 22.38
N GLN L 488 38.85 -38.51 22.05
CA GLN L 488 38.98 -39.78 22.74
C GLN L 488 39.17 -40.90 21.72
N PRO L 489 39.92 -41.95 22.08
CA PRO L 489 40.05 -43.08 21.15
C PRO L 489 38.79 -43.94 21.06
N THR L 490 37.95 -43.94 22.10
CA THR L 490 36.76 -44.77 22.16
C THR L 490 35.48 -43.94 22.16
N ASN L 491 35.49 -42.79 21.48
CA ASN L 491 34.32 -41.93 21.41
C ASN L 491 33.41 -42.39 20.28
N GLY L 492 32.40 -41.59 19.95
CA GLY L 492 31.48 -41.94 18.90
C GLY L 492 32.09 -41.77 17.52
N VAL L 493 31.39 -42.32 16.52
CA VAL L 493 31.84 -42.20 15.14
C VAL L 493 31.77 -40.75 14.66
N GLY L 494 30.75 -40.01 15.12
CA GLY L 494 30.64 -38.62 14.75
C GLY L 494 31.54 -37.68 15.53
N TYR L 495 32.20 -38.18 16.58
CA TYR L 495 33.12 -37.38 17.37
C TYR L 495 34.58 -37.67 17.05
N GLN L 496 34.85 -38.57 16.11
CA GLN L 496 36.21 -38.80 15.67
C GLN L 496 36.66 -37.64 14.76
N PRO L 497 37.94 -37.29 14.80
CA PRO L 497 38.43 -36.22 13.92
C PRO L 497 38.39 -36.62 12.45
N TYR L 498 38.07 -35.64 11.61
CA TYR L 498 38.02 -35.81 10.16
C TYR L 498 38.86 -34.74 9.50
N ARG L 499 39.64 -35.14 8.49
CA ARG L 499 40.46 -34.20 7.73
C ARG L 499 39.71 -33.76 6.48
N VAL L 500 39.55 -32.45 6.33
CA VAL L 500 38.77 -31.87 5.24
C VAL L 500 39.70 -30.99 4.41
N VAL L 501 39.77 -31.26 3.10
CA VAL L 501 40.55 -30.47 2.16
C VAL L 501 39.58 -29.94 1.10
N VAL L 502 39.58 -28.63 0.91
CA VAL L 502 38.67 -27.94 -0.01
C VAL L 502 39.48 -27.41 -1.18
N LEU L 503 39.08 -27.76 -2.39
CA LEU L 503 39.75 -27.33 -3.62
C LEU L 503 38.91 -26.25 -4.29
N SER L 504 39.56 -25.14 -4.67
CA SER L 504 38.91 -24.02 -5.32
C SER L 504 39.52 -23.80 -6.69
N PHE L 505 38.65 -23.61 -7.69
CA PHE L 505 39.06 -23.41 -9.08
C PHE L 505 38.50 -22.09 -9.57
N GLU L 506 39.38 -21.26 -10.14
CA GLU L 506 39.00 -19.93 -10.61
C GLU L 506 39.57 -19.67 -12.00
N LEU L 507 38.92 -18.77 -12.73
CA LEU L 507 39.39 -18.31 -14.03
C LEU L 507 39.86 -16.86 -13.91
N LEU L 508 40.99 -16.56 -14.53
CA LEU L 508 41.52 -15.20 -14.59
C LEU L 508 41.89 -14.88 -16.03
N HIS L 509 42.32 -13.65 -16.28
CA HIS L 509 42.75 -13.24 -17.60
C HIS L 509 44.09 -13.85 -17.99
N ALA L 510 44.85 -14.40 -17.04
CA ALA L 510 46.06 -15.12 -17.37
C ALA L 510 45.70 -16.44 -18.06
N PRO L 511 46.55 -16.92 -18.96
CA PRO L 511 46.27 -18.21 -19.62
C PRO L 511 46.30 -19.37 -18.63
N ALA L 512 45.60 -20.44 -19.02
CA ALA L 512 45.47 -21.60 -18.15
C ALA L 512 46.82 -22.28 -17.95
N THR L 513 47.19 -22.49 -16.69
CA THR L 513 48.44 -23.16 -16.35
C THR L 513 48.28 -24.57 -15.80
N VAL L 514 47.05 -24.99 -15.48
CA VAL L 514 46.80 -26.33 -14.98
C VAL L 514 46.16 -27.22 -16.04
N CYS L 515 46.39 -26.93 -17.32
CA CYS L 515 45.85 -27.74 -18.40
C CYS L 515 46.42 -29.16 -18.35
N GLY L 516 45.54 -30.13 -18.54
CA GLY L 516 45.92 -31.50 -18.75
C GLY L 516 46.87 -31.71 -19.93
N PRO L 517 46.43 -31.37 -21.15
CA PRO L 517 45.10 -30.87 -21.55
C PRO L 517 44.08 -31.94 -21.97
N LYS L 518 44.48 -33.03 -22.64
CA LYS L 518 43.52 -33.94 -23.24
C LYS L 518 44.26 -35.24 -23.60
N LYS L 519 43.48 -36.28 -23.86
CA LYS L 519 44.00 -37.58 -24.30
C LYS L 519 44.38 -37.53 -25.78
N SER L 520 44.66 -38.68 -26.38
CA SER L 520 45.20 -38.70 -27.74
C SER L 520 44.44 -39.73 -28.57
N THR L 521 43.69 -39.25 -29.56
CA THR L 521 43.17 -40.14 -30.59
C THR L 521 44.26 -40.42 -31.61
N ASN L 522 44.23 -41.61 -32.20
CA ASN L 522 45.28 -42.02 -33.12
C ASN L 522 45.15 -41.25 -34.43
N LEU L 523 46.21 -40.50 -34.77
CA LEU L 523 46.23 -39.77 -36.03
C LEU L 523 46.43 -40.72 -37.20
N VAL L 524 45.76 -40.41 -38.31
CA VAL L 524 45.90 -41.18 -39.55
C VAL L 524 46.52 -40.27 -40.60
N LYS L 525 47.47 -40.82 -41.36
CA LYS L 525 48.23 -40.06 -42.34
C LYS L 525 47.77 -40.38 -43.75
N ASN L 526 48.22 -39.54 -44.69
CA ASN L 526 47.97 -39.68 -46.13
C ASN L 526 46.48 -39.65 -46.47
N LYS L 527 45.65 -39.06 -45.62
CA LYS L 527 44.22 -38.94 -45.87
C LYS L 527 43.74 -37.56 -45.46
N CYS L 528 42.69 -37.09 -46.13
CA CYS L 528 42.14 -35.75 -45.88
C CYS L 528 41.31 -35.79 -44.60
N VAL L 529 41.92 -35.35 -43.50
CA VAL L 529 41.27 -35.35 -42.19
C VAL L 529 41.38 -33.96 -41.58
N ASN L 530 40.63 -33.76 -40.50
CA ASN L 530 40.60 -32.50 -39.77
C ASN L 530 41.31 -32.67 -38.43
N PHE L 531 42.15 -31.69 -38.09
CA PHE L 531 42.93 -31.73 -36.86
C PHE L 531 42.83 -30.40 -36.13
N ASN L 532 42.97 -30.47 -34.81
CA ASN L 532 42.98 -29.29 -33.94
C ASN L 532 44.18 -29.29 -32.99
N PHE L 533 45.31 -28.84 -33.51
CA PHE L 533 46.58 -28.89 -32.78
C PHE L 533 46.79 -27.62 -31.95
N ASN L 534 45.77 -27.31 -31.14
CA ASN L 534 45.80 -26.30 -30.08
C ASN L 534 45.89 -24.87 -30.60
N GLY L 535 46.02 -24.68 -31.91
CA GLY L 535 46.11 -23.33 -32.45
C GLY L 535 45.36 -23.10 -33.74
N LEU L 536 44.80 -24.16 -34.32
CA LEU L 536 44.12 -24.05 -35.60
C LEU L 536 43.18 -25.23 -35.77
N THR L 537 42.24 -25.09 -36.71
CA THR L 537 41.34 -26.16 -37.11
C THR L 537 41.36 -26.23 -38.63
N GLY L 538 42.31 -26.99 -39.17
CA GLY L 538 42.48 -27.11 -40.62
C GLY L 538 42.27 -28.53 -41.08
N THR L 539 41.74 -28.66 -42.29
CA THR L 539 41.48 -29.95 -42.92
C THR L 539 42.54 -30.19 -43.99
N GLY L 540 43.29 -31.28 -43.85
CA GLY L 540 44.32 -31.61 -44.82
C GLY L 540 45.00 -32.90 -44.45
N VAL L 541 45.88 -33.34 -45.35
CA VAL L 541 46.65 -34.56 -45.15
C VAL L 541 47.85 -34.27 -44.26
N LEU L 542 48.48 -35.31 -43.74
CA LEU L 542 49.66 -35.19 -42.87
C LEU L 542 50.76 -36.08 -43.44
N THR L 543 51.64 -35.48 -44.23
CA THR L 543 52.76 -36.20 -44.82
C THR L 543 53.97 -36.18 -43.90
N GLU L 544 54.90 -37.10 -44.14
CA GLU L 544 56.12 -37.21 -43.34
C GLU L 544 57.17 -36.28 -43.96
N SER L 545 57.47 -35.19 -43.26
CA SER L 545 58.43 -34.22 -43.77
C SER L 545 59.85 -34.65 -43.44
N ASN L 546 60.81 -34.08 -44.18
CA ASN L 546 62.22 -34.36 -43.99
C ASN L 546 62.96 -33.20 -43.34
N LYS L 547 62.25 -32.19 -42.84
CA LYS L 547 62.85 -31.02 -42.23
C LYS L 547 62.65 -31.07 -40.72
N LYS L 548 63.72 -30.78 -39.98
CA LYS L 548 63.71 -30.83 -38.53
C LYS L 548 63.39 -29.44 -37.96
N PHE L 549 62.68 -29.44 -36.83
CA PHE L 549 62.28 -28.23 -36.14
C PHE L 549 63.10 -28.06 -34.87
N LEU L 550 63.45 -26.80 -34.58
CA LEU L 550 64.15 -26.49 -33.34
C LEU L 550 63.28 -26.82 -32.14
N PRO L 551 63.87 -27.30 -31.03
CA PRO L 551 63.10 -27.79 -29.88
C PRO L 551 62.48 -26.70 -29.01
N PHE L 552 61.99 -25.65 -29.64
CA PHE L 552 61.18 -24.66 -28.95
C PHE L 552 60.01 -24.15 -29.79
N GLN L 553 59.75 -24.74 -30.95
CA GLN L 553 58.73 -24.28 -31.88
C GLN L 553 57.60 -25.30 -31.98
N GLN L 554 56.42 -24.80 -32.32
CA GLN L 554 55.22 -25.63 -32.44
C GLN L 554 54.64 -25.65 -33.83
N PHE L 555 54.56 -24.51 -34.51
CA PHE L 555 53.94 -24.40 -35.82
C PHE L 555 54.99 -24.12 -36.89
N GLY L 556 54.53 -24.07 -38.14
CA GLY L 556 55.39 -23.77 -39.27
C GLY L 556 54.63 -23.07 -40.38
N ARG L 557 55.17 -21.98 -40.88
CA ARG L 557 54.49 -21.13 -41.85
C ARG L 557 55.37 -20.95 -43.08
N ASP L 558 54.80 -20.29 -44.09
CA ASP L 558 55.50 -20.07 -45.36
C ASP L 558 55.52 -18.59 -45.72
N ILE L 559 55.90 -18.28 -46.97
CA ILE L 559 55.93 -16.90 -47.42
C ILE L 559 54.51 -16.32 -47.45
N ALA L 560 53.54 -17.12 -47.87
CA ALA L 560 52.15 -16.67 -48.02
C ALA L 560 51.36 -16.67 -46.72
N ASP L 561 52.04 -16.77 -45.57
CA ASP L 561 51.42 -16.75 -44.24
C ASP L 561 50.37 -17.83 -44.09
N THR L 562 50.72 -19.04 -44.55
CA THR L 562 49.84 -20.21 -44.44
C THR L 562 50.54 -21.27 -43.60
N THR L 563 49.83 -21.75 -42.59
CA THR L 563 50.37 -22.77 -41.69
C THR L 563 50.36 -24.12 -42.40
N ASP L 564 51.53 -24.53 -42.92
CA ASP L 564 51.65 -25.78 -43.65
C ASP L 564 52.59 -26.76 -42.97
N ALA L 565 52.99 -26.50 -41.73
CA ALA L 565 53.87 -27.39 -40.98
C ALA L 565 53.49 -27.36 -39.52
N VAL L 566 53.35 -28.55 -38.91
CA VAL L 566 52.97 -28.67 -37.51
C VAL L 566 53.78 -29.80 -36.89
N ARG L 567 53.92 -29.75 -35.57
CA ARG L 567 54.65 -30.75 -34.80
C ARG L 567 53.67 -31.48 -33.88
N ASP L 568 53.71 -32.81 -33.93
CA ASP L 568 52.86 -33.62 -33.05
C ASP L 568 53.34 -33.50 -31.61
N PRO L 569 52.44 -33.30 -30.65
CA PRO L 569 52.87 -33.02 -29.28
C PRO L 569 53.17 -34.27 -28.45
N GLN L 570 53.32 -35.42 -29.08
CA GLN L 570 53.56 -36.67 -28.34
C GLN L 570 54.96 -37.22 -28.55
N THR L 571 55.36 -37.49 -29.79
CA THR L 571 56.64 -38.15 -30.06
C THR L 571 57.53 -37.34 -31.00
N LEU L 572 57.18 -36.07 -31.23
CA LEU L 572 57.99 -35.12 -31.99
C LEU L 572 58.24 -35.63 -33.41
N GLU L 573 57.16 -35.68 -34.18
CA GLU L 573 57.23 -35.88 -35.62
C GLU L 573 56.66 -34.65 -36.31
N ILE L 574 57.34 -34.18 -37.35
CA ILE L 574 56.94 -32.99 -38.07
C ILE L 574 56.09 -33.40 -39.26
N LEU L 575 54.84 -32.95 -39.29
CA LEU L 575 53.88 -33.32 -40.32
C LEU L 575 53.48 -32.09 -41.11
N ASP L 576 53.49 -32.20 -42.43
CA ASP L 576 53.10 -31.10 -43.31
C ASP L 576 51.59 -31.01 -43.41
N ILE L 577 51.11 -29.84 -43.79
CA ILE L 577 49.69 -29.58 -44.01
C ILE L 577 49.51 -29.18 -45.46
N THR L 578 48.66 -29.92 -46.18
CA THR L 578 48.43 -29.72 -47.60
C THR L 578 46.93 -29.74 -47.86
N PRO L 579 46.43 -28.82 -48.69
CA PRO L 579 45.00 -28.86 -49.07
C PRO L 579 44.64 -30.18 -49.74
N CYS L 580 43.46 -30.68 -49.42
CA CYS L 580 43.05 -32.04 -49.80
C CYS L 580 42.96 -32.22 -51.31
N SER L 581 42.00 -31.55 -51.93
CA SER L 581 41.76 -31.65 -53.37
C SER L 581 40.75 -30.60 -53.79
N PHE L 582 41.01 -29.93 -54.91
CA PHE L 582 40.05 -29.02 -55.50
C PHE L 582 40.34 -28.93 -57.00
N GLY L 583 39.32 -28.51 -57.75
CA GLY L 583 39.47 -28.41 -59.19
C GLY L 583 38.16 -28.10 -59.86
N GLY L 584 38.00 -28.64 -61.07
CA GLY L 584 36.80 -28.41 -61.85
C GLY L 584 36.59 -29.51 -62.86
N VAL L 585 35.35 -29.67 -63.29
CA VAL L 585 34.99 -30.67 -64.29
C VAL L 585 34.94 -30.01 -65.65
N SER L 586 35.86 -30.40 -66.54
CA SER L 586 35.90 -29.89 -67.90
C SER L 586 35.44 -30.99 -68.85
N VAL L 587 34.73 -30.59 -69.90
CA VAL L 587 34.08 -31.52 -70.82
C VAL L 587 34.60 -31.29 -72.23
N ILE L 588 34.99 -32.37 -72.90
CA ILE L 588 35.39 -32.34 -74.30
C ILE L 588 34.20 -32.79 -75.13
N THR L 589 33.77 -31.95 -76.07
CA THR L 589 32.60 -32.23 -76.88
C THR L 589 33.02 -32.34 -78.35
N PRO L 590 32.73 -33.45 -79.03
CA PRO L 590 33.08 -33.56 -80.45
C PRO L 590 32.24 -32.67 -81.36
N GLY L 591 31.16 -32.08 -80.86
CA GLY L 591 30.34 -31.19 -81.63
C GLY L 591 29.00 -31.81 -82.01
N THR L 592 28.11 -30.95 -82.49
CA THR L 592 26.78 -31.39 -82.89
C THR L 592 26.84 -32.14 -84.22
N ASN L 593 25.88 -33.05 -84.40
CA ASN L 593 25.71 -33.85 -85.61
C ASN L 593 26.92 -34.74 -85.91
N THR L 594 27.82 -34.92 -84.96
CA THR L 594 28.98 -35.78 -85.13
C THR L 594 29.03 -36.92 -84.13
N SER L 595 28.84 -36.63 -82.84
CA SER L 595 28.91 -37.65 -81.80
C SER L 595 27.95 -37.28 -80.68
N ASN L 596 27.88 -38.14 -79.67
CA ASN L 596 27.03 -37.90 -78.51
C ASN L 596 27.83 -38.02 -77.21
N GLN L 597 28.84 -38.88 -77.21
CA GLN L 597 29.62 -39.11 -76.00
C GLN L 597 30.55 -37.94 -75.73
N VAL L 598 30.90 -37.78 -74.45
CA VAL L 598 31.76 -36.69 -73.99
C VAL L 598 32.83 -37.27 -73.07
N ALA L 599 33.83 -36.44 -72.78
CA ALA L 599 34.93 -36.79 -71.89
C ALA L 599 34.97 -35.85 -70.70
N VAL L 600 35.57 -36.31 -69.61
CA VAL L 600 35.67 -35.55 -68.37
C VAL L 600 37.13 -35.22 -68.10
N LEU L 601 37.42 -33.95 -67.82
CA LEU L 601 38.77 -33.48 -67.63
C LEU L 601 38.89 -32.74 -66.30
N TYR L 602 39.99 -32.98 -65.60
CA TYR L 602 40.34 -32.27 -64.37
C TYR L 602 41.66 -31.53 -64.58
N GLN L 603 41.76 -30.31 -64.04
CA GLN L 603 42.91 -29.47 -64.33
C GLN L 603 44.15 -29.92 -63.55
N ASP L 604 44.00 -30.14 -62.24
CA ASP L 604 45.14 -30.51 -61.40
C ASP L 604 44.84 -31.66 -60.45
N VAL L 605 43.67 -32.27 -60.56
CA VAL L 605 43.33 -33.43 -59.73
C VAL L 605 44.03 -34.65 -60.30
N ASN L 606 44.77 -35.37 -59.46
CA ASN L 606 45.48 -36.57 -59.87
C ASN L 606 44.52 -37.75 -59.88
N CYS L 607 44.70 -38.64 -60.86
CA CYS L 607 43.82 -39.80 -61.03
C CYS L 607 43.86 -40.72 -59.81
N ASN L 631 40.14 -45.34 -71.75
CA ASN L 631 39.28 -45.11 -70.60
C ASN L 631 39.81 -43.95 -69.75
N VAL L 632 40.77 -44.24 -68.89
CA VAL L 632 41.38 -43.26 -68.01
C VAL L 632 42.84 -43.12 -68.40
N PHE L 633 43.25 -41.88 -68.73
CA PHE L 633 44.62 -41.59 -69.12
C PHE L 633 45.14 -40.43 -68.28
N GLN L 634 46.33 -40.60 -67.72
CA GLN L 634 46.96 -39.58 -66.90
C GLN L 634 47.70 -38.61 -67.82
N THR L 635 47.14 -37.42 -68.01
CA THR L 635 47.77 -36.39 -68.82
C THR L 635 48.71 -35.54 -67.96
N ARG L 636 49.56 -34.78 -68.65
CA ARG L 636 50.40 -33.81 -67.96
C ARG L 636 49.54 -32.66 -67.42
N ALA L 637 48.47 -32.32 -68.13
CA ALA L 637 47.58 -31.24 -67.75
C ALA L 637 46.42 -31.70 -66.88
N GLY L 638 46.55 -32.84 -66.20
CA GLY L 638 45.55 -33.29 -65.26
C GLY L 638 45.14 -34.72 -65.52
N CYS L 639 43.95 -35.08 -65.03
CA CYS L 639 43.42 -36.42 -65.15
C CYS L 639 42.27 -36.41 -66.14
N LEU L 640 42.36 -37.26 -67.17
CA LEU L 640 41.37 -37.33 -68.23
C LEU L 640 40.66 -38.68 -68.19
N ILE L 641 39.33 -38.64 -68.28
CA ILE L 641 38.49 -39.83 -68.21
C ILE L 641 37.55 -39.82 -69.41
N GLY L 642 37.50 -40.92 -70.15
CA GLY L 642 36.58 -41.09 -71.26
C GLY L 642 37.23 -41.20 -72.62
N ALA L 643 38.51 -40.87 -72.75
CA ALA L 643 39.21 -40.96 -74.02
C ALA L 643 40.44 -41.84 -73.87
N GLU L 644 40.66 -42.71 -74.86
CA GLU L 644 41.79 -43.62 -74.86
C GLU L 644 42.99 -42.99 -75.56
N HIS L 645 44.12 -42.92 -74.86
CA HIS L 645 45.31 -42.31 -75.42
C HIS L 645 45.90 -43.18 -76.52
N VAL L 646 46.35 -42.53 -77.60
CA VAL L 646 46.95 -43.20 -78.75
C VAL L 646 48.33 -42.58 -78.99
N ASN L 647 49.34 -43.44 -79.16
CA ASN L 647 50.71 -42.97 -79.37
C ASN L 647 50.88 -42.22 -80.68
N ASN L 648 50.04 -42.49 -81.67
CA ASN L 648 50.15 -41.80 -82.96
C ASN L 648 49.75 -40.34 -82.81
N SER L 649 50.39 -39.49 -83.62
CA SER L 649 50.22 -38.04 -83.54
C SER L 649 49.69 -37.52 -84.86
N TYR L 650 48.63 -36.69 -84.78
CA TYR L 650 48.03 -36.03 -85.93
C TYR L 650 47.81 -34.56 -85.60
N GLU L 651 47.11 -33.86 -86.50
CA GLU L 651 46.70 -32.49 -86.23
C GLU L 651 45.47 -32.49 -85.33
N CYS L 652 45.41 -31.51 -84.43
CA CYS L 652 44.31 -31.40 -83.49
C CYS L 652 43.49 -30.15 -83.74
N ASP L 653 42.29 -30.13 -83.16
CA ASP L 653 41.42 -28.96 -83.24
C ASP L 653 40.77 -28.58 -81.91
N ILE L 654 40.81 -29.43 -80.89
CA ILE L 654 40.37 -29.09 -79.54
C ILE L 654 41.62 -28.98 -78.67
N PRO L 655 41.98 -27.78 -78.22
CA PRO L 655 43.09 -27.66 -77.27
C PRO L 655 42.75 -28.28 -75.93
N ILE L 656 43.75 -28.89 -75.29
CA ILE L 656 43.58 -29.48 -73.97
C ILE L 656 44.54 -28.82 -73.01
N GLY L 657 45.83 -28.85 -73.34
CA GLY L 657 46.86 -28.20 -72.56
C GLY L 657 48.07 -29.07 -72.32
N ALA L 658 49.23 -28.41 -72.14
CA ALA L 658 50.49 -29.06 -71.78
C ALA L 658 50.91 -30.13 -72.81
N GLY L 659 50.72 -29.81 -74.08
CA GLY L 659 51.21 -30.68 -75.14
C GLY L 659 50.27 -31.79 -75.57
N ILE L 660 48.98 -31.69 -75.28
CA ILE L 660 48.00 -32.71 -75.65
C ILE L 660 46.77 -32.01 -76.23
N CYS L 661 46.18 -32.61 -77.27
CA CYS L 661 44.84 -32.29 -77.74
C CYS L 661 43.96 -33.53 -77.69
N ALA L 662 42.68 -33.33 -78.02
CA ALA L 662 41.70 -34.41 -78.11
C ALA L 662 40.87 -34.23 -79.38
N SER L 663 40.46 -35.34 -79.97
CA SER L 663 39.71 -35.30 -81.21
C SER L 663 38.92 -36.58 -81.39
N TYR L 664 38.03 -36.58 -82.38
CA TYR L 664 37.16 -37.71 -82.70
C TYR L 664 37.55 -38.28 -84.06
N GLN L 665 37.95 -39.55 -84.09
CA GLN L 665 38.15 -40.25 -85.35
C GLN L 665 37.85 -41.72 -85.13
N THR L 666 37.93 -42.51 -86.20
CA THR L 666 37.84 -43.96 -86.10
C THR L 666 38.97 -44.53 -85.26
N SER L 679 34.06 -48.87 -83.88
CA SER L 679 33.59 -47.69 -84.60
C SER L 679 34.54 -46.52 -84.39
N GLN L 680 33.98 -45.34 -84.16
CA GLN L 680 34.75 -44.12 -83.96
C GLN L 680 34.53 -43.62 -82.53
N SER L 681 35.64 -43.28 -81.86
CA SER L 681 35.58 -42.80 -80.48
C SER L 681 36.48 -41.58 -80.34
N ILE L 682 36.59 -41.08 -79.12
CA ILE L 682 37.40 -39.90 -78.81
C ILE L 682 38.72 -40.35 -78.22
N ILE L 683 39.82 -39.71 -78.62
CA ILE L 683 41.14 -40.02 -78.09
C ILE L 683 41.81 -38.72 -77.65
N ALA L 684 42.99 -38.87 -77.04
CA ALA L 684 43.88 -37.77 -76.73
C ALA L 684 45.26 -38.07 -77.27
N TYR L 685 45.92 -37.06 -77.85
CA TYR L 685 47.20 -37.28 -78.49
C TYR L 685 48.02 -36.00 -78.51
N THR L 686 49.33 -36.17 -78.66
CA THR L 686 50.24 -35.05 -78.85
C THR L 686 50.12 -34.51 -80.27
N MET L 687 50.26 -33.19 -80.42
CA MET L 687 50.05 -32.56 -81.72
C MET L 687 51.17 -32.95 -82.68
N SER L 688 50.83 -32.92 -83.96
CA SER L 688 51.84 -32.89 -85.01
C SER L 688 52.08 -31.43 -85.37
N LEU L 689 53.33 -30.98 -85.20
CA LEU L 689 53.66 -29.57 -85.44
C LEU L 689 53.61 -29.22 -86.92
N GLY L 690 53.50 -30.19 -87.80
CA GLY L 690 53.41 -29.95 -89.22
C GLY L 690 53.92 -31.15 -89.98
N ALA L 691 54.00 -30.99 -91.30
CA ALA L 691 54.54 -32.05 -92.14
C ALA L 691 56.05 -32.15 -91.94
N GLU L 692 56.53 -33.36 -91.66
CA GLU L 692 57.95 -33.59 -91.41
C GLU L 692 58.62 -33.85 -92.76
N ASN L 693 59.33 -32.84 -93.27
CA ASN L 693 60.00 -32.94 -94.56
C ASN L 693 61.40 -32.38 -94.44
N SER L 694 62.30 -32.88 -95.29
CA SER L 694 63.69 -32.44 -95.32
C SER L 694 63.99 -31.86 -96.70
N VAL L 695 64.51 -30.64 -96.71
CA VAL L 695 64.91 -29.97 -97.94
C VAL L 695 66.38 -30.25 -98.20
N ALA L 696 66.72 -30.48 -99.47
CA ALA L 696 68.09 -30.79 -99.85
C ALA L 696 68.87 -29.49 -100.04
N TYR L 697 70.00 -29.38 -99.34
CA TYR L 697 70.83 -28.18 -99.38
C TYR L 697 72.19 -28.53 -99.97
N SER L 698 72.67 -27.68 -100.86
CA SER L 698 73.99 -27.84 -101.45
C SER L 698 74.55 -26.48 -101.82
N ASN L 699 75.87 -26.41 -101.95
CA ASN L 699 76.54 -25.16 -102.30
C ASN L 699 76.47 -24.85 -103.79
N ASN L 700 75.98 -25.77 -104.61
CA ASN L 700 75.86 -25.53 -106.05
C ASN L 700 74.54 -26.06 -106.60
N SER L 701 73.48 -26.04 -105.79
CA SER L 701 72.17 -26.52 -106.22
C SER L 701 71.12 -25.49 -105.80
N ILE L 702 70.23 -25.15 -106.75
CA ILE L 702 69.16 -24.20 -106.50
C ILE L 702 67.84 -24.80 -106.98
N ALA L 703 66.75 -24.19 -106.54
CA ALA L 703 65.42 -24.49 -107.03
C ALA L 703 64.74 -23.16 -107.39
N ILE L 704 64.37 -23.00 -108.65
CA ILE L 704 63.62 -21.82 -109.08
C ILE L 704 62.31 -22.28 -109.69
N PRO L 705 61.21 -21.59 -109.43
CA PRO L 705 59.90 -22.05 -109.92
C PRO L 705 59.72 -21.77 -111.40
N THR L 706 58.87 -22.58 -112.03
CA THR L 706 58.51 -22.38 -113.42
C THR L 706 57.02 -22.20 -113.65
N ASN L 707 56.18 -22.40 -112.63
CA ASN L 707 54.75 -22.18 -112.79
C ASN L 707 54.16 -21.62 -111.51
N PHE L 708 53.14 -20.78 -111.67
CA PHE L 708 52.56 -19.94 -110.64
C PHE L 708 51.04 -20.08 -110.62
N THR L 709 50.46 -19.85 -109.45
CA THR L 709 49.02 -19.85 -109.24
C THR L 709 48.64 -18.59 -108.48
N ILE L 710 47.51 -17.98 -108.86
CA ILE L 710 47.00 -16.79 -108.19
C ILE L 710 46.04 -17.24 -107.10
N SER L 711 46.33 -16.84 -105.86
CA SER L 711 45.55 -17.23 -104.70
C SER L 711 44.94 -16.01 -104.03
N VAL L 712 43.79 -16.20 -103.40
CA VAL L 712 43.09 -15.15 -102.68
C VAL L 712 43.03 -15.53 -101.21
N THR L 713 43.54 -14.65 -100.35
CA THR L 713 43.55 -14.87 -98.91
C THR L 713 42.54 -13.95 -98.24
N THR L 714 41.89 -14.45 -97.20
CA THR L 714 40.82 -13.72 -96.53
C THR L 714 41.24 -13.37 -95.12
N GLU L 715 41.12 -12.09 -94.76
CA GLU L 715 41.39 -11.61 -93.41
C GLU L 715 40.16 -10.88 -92.89
N ILE L 716 39.82 -11.16 -91.63
CA ILE L 716 38.59 -10.67 -91.01
C ILE L 716 38.98 -9.68 -89.93
N LEU L 717 38.74 -8.40 -90.19
CA LEU L 717 39.15 -7.32 -89.28
C LEU L 717 37.94 -6.47 -88.88
N PRO L 718 37.49 -6.54 -87.64
CA PRO L 718 36.42 -5.63 -87.19
C PRO L 718 36.94 -4.21 -87.03
N VAL L 719 36.03 -3.25 -87.16
CA VAL L 719 36.43 -1.83 -87.06
C VAL L 719 35.60 -1.11 -86.00
N SER L 720 34.39 -1.62 -85.73
CA SER L 720 33.48 -0.91 -84.83
C SER L 720 32.51 -1.90 -84.21
N MET L 721 31.64 -1.37 -83.35
CA MET L 721 30.65 -2.13 -82.59
C MET L 721 29.50 -1.19 -82.23
N THR L 722 28.45 -1.77 -81.64
CA THR L 722 27.23 -1.02 -81.38
C THR L 722 27.40 -0.05 -80.23
N LYS L 723 27.04 1.21 -80.47
CA LYS L 723 27.22 2.28 -79.48
C LYS L 723 26.00 2.34 -78.57
N THR L 724 26.23 2.23 -77.27
CA THR L 724 25.17 2.28 -76.27
C THR L 724 25.42 3.43 -75.30
N SER L 725 24.34 4.04 -74.83
CA SER L 725 24.39 5.11 -73.84
C SER L 725 23.61 4.67 -72.60
N VAL L 726 24.24 4.79 -71.43
CA VAL L 726 23.67 4.36 -70.16
C VAL L 726 23.69 5.54 -69.20
N ASP L 727 22.55 5.80 -68.55
CA ASP L 727 22.46 6.85 -67.54
C ASP L 727 21.99 6.26 -66.21
N CYS L 728 22.35 6.95 -65.13
CA CYS L 728 21.99 6.47 -63.80
C CYS L 728 20.51 6.66 -63.49
N THR L 729 19.88 7.67 -64.09
CA THR L 729 18.54 8.08 -63.67
C THR L 729 17.50 7.01 -63.95
N MET L 730 17.61 6.33 -65.10
CA MET L 730 16.63 5.31 -65.43
C MET L 730 17.11 3.90 -65.08
N TYR L 731 18.42 3.65 -65.10
CA TYR L 731 18.92 2.33 -64.74
C TYR L 731 18.85 2.11 -63.24
N ILE L 732 19.51 2.96 -62.46
CA ILE L 732 19.52 2.79 -61.01
C ILE L 732 18.16 3.11 -60.41
N CYS L 733 17.57 4.23 -60.81
CA CYS L 733 16.30 4.69 -60.26
C CYS L 733 15.16 4.41 -61.22
N GLY L 734 13.97 4.28 -60.66
CA GLY L 734 12.78 4.07 -61.47
C GLY L 734 11.95 5.33 -61.63
N ASP L 735 10.87 5.43 -60.86
CA ASP L 735 10.01 6.61 -60.87
C ASP L 735 9.85 7.18 -59.46
N SER L 736 10.88 7.03 -58.63
CA SER L 736 10.83 7.46 -57.24
C SER L 736 11.80 8.62 -57.04
N THR L 737 11.33 9.66 -56.34
CA THR L 737 12.18 10.80 -56.04
C THR L 737 13.25 10.45 -55.01
N GLU L 738 12.94 9.54 -54.08
CA GLU L 738 13.86 9.21 -53.00
C GLU L 738 15.14 8.57 -53.52
N CYS L 739 15.06 7.84 -54.63
CA CYS L 739 16.28 7.30 -55.24
C CYS L 739 17.16 8.41 -55.78
N SER L 740 16.56 9.44 -56.38
CA SER L 740 17.32 10.56 -56.90
C SER L 740 17.85 11.47 -55.79
N ASN L 741 17.20 11.47 -54.62
CA ASN L 741 17.67 12.28 -53.50
C ASN L 741 19.00 11.78 -52.95
N LEU L 742 19.33 10.50 -53.14
CA LEU L 742 20.63 9.97 -52.77
C LEU L 742 21.60 9.94 -53.95
N LEU L 743 21.17 10.39 -55.13
CA LEU L 743 22.00 10.38 -56.32
C LEU L 743 22.89 11.61 -56.43
N LEU L 744 22.60 12.68 -55.68
CA LEU L 744 23.44 13.87 -55.73
C LEU L 744 24.82 13.63 -55.12
N GLN L 745 24.97 12.60 -54.28
CA GLN L 745 26.28 12.22 -53.77
C GLN L 745 27.02 11.28 -54.71
N TYR L 746 26.34 10.75 -55.73
CA TYR L 746 26.97 9.90 -56.73
C TYR L 746 26.77 10.44 -58.14
N GLY L 747 26.24 11.65 -58.28
CA GLY L 747 26.09 12.24 -59.60
C GLY L 747 27.42 12.57 -60.26
N SER L 748 28.46 12.77 -59.45
CA SER L 748 29.80 12.96 -60.00
C SER L 748 30.28 11.71 -60.71
N PHE L 749 30.13 10.54 -60.06
CA PHE L 749 30.46 9.28 -60.73
C PHE L 749 29.57 9.04 -61.95
N CYS L 750 28.31 9.47 -61.87
CA CYS L 750 27.41 9.35 -63.02
C CYS L 750 27.84 10.28 -64.15
N THR L 751 28.57 11.35 -63.82
CA THR L 751 29.11 12.22 -64.84
C THR L 751 30.37 11.61 -65.47
N GLN L 752 31.16 10.87 -64.70
CA GLN L 752 32.34 10.21 -65.24
C GLN L 752 31.95 9.13 -66.25
N LEU L 753 30.90 8.36 -65.94
CA LEU L 753 30.45 7.35 -66.89
C LEU L 753 29.86 8.02 -68.13
N ASN L 754 29.11 9.11 -67.95
CA ASN L 754 28.46 9.76 -69.07
C ASN L 754 29.49 10.34 -70.03
N ARG L 755 30.56 10.95 -69.49
CA ARG L 755 31.65 11.39 -70.35
C ARG L 755 32.37 10.20 -70.97
N ALA L 756 32.42 9.07 -70.26
CA ALA L 756 33.04 7.86 -70.82
C ALA L 756 32.16 7.22 -71.88
N LEU L 757 30.85 7.13 -71.64
CA LEU L 757 29.94 6.60 -72.64
C LEU L 757 29.80 7.55 -73.82
N THR L 758 29.77 8.86 -73.56
CA THR L 758 29.89 9.82 -74.67
C THR L 758 31.30 9.76 -75.26
N GLY L 759 32.28 9.38 -74.43
CA GLY L 759 33.63 9.23 -74.94
C GLY L 759 33.75 8.08 -75.91
N ILE L 760 33.33 6.88 -75.51
CA ILE L 760 33.48 5.71 -76.39
C ILE L 760 32.58 5.84 -77.63
N ALA L 761 31.56 6.69 -77.55
CA ALA L 761 30.69 6.90 -78.70
C ALA L 761 31.40 7.68 -79.80
N VAL L 762 32.39 8.51 -79.45
CA VAL L 762 32.88 9.46 -80.43
C VAL L 762 34.01 8.88 -81.28
N GLU L 763 34.89 8.02 -80.73
CA GLU L 763 35.89 7.45 -81.63
C GLU L 763 35.30 6.35 -82.49
N GLN L 764 34.24 5.68 -82.03
CA GLN L 764 33.59 4.67 -82.84
C GLN L 764 32.88 5.30 -84.03
N ASP L 765 32.30 6.48 -83.86
CA ASP L 765 31.90 7.28 -85.01
C ASP L 765 33.11 7.71 -85.82
N LYS L 766 34.22 8.00 -85.14
CA LYS L 766 35.44 8.41 -85.82
C LYS L 766 36.16 7.25 -86.48
N ASN L 767 36.08 6.04 -85.90
CA ASN L 767 36.89 4.91 -86.37
C ASN L 767 36.57 4.52 -87.80
N THR L 768 35.34 4.76 -88.24
CA THR L 768 34.98 4.53 -89.63
C THR L 768 35.65 5.52 -90.57
N GLN L 769 35.99 6.72 -90.07
CA GLN L 769 36.47 7.78 -90.94
C GLN L 769 37.88 7.52 -91.46
N GLU L 770 38.81 7.10 -90.61
CA GLU L 770 40.17 6.86 -91.11
C GLU L 770 40.30 5.55 -91.87
N VAL L 771 39.26 4.72 -91.89
CA VAL L 771 39.29 3.45 -92.60
C VAL L 771 38.65 3.57 -93.98
N PHE L 772 37.37 3.94 -94.03
CA PHE L 772 36.64 3.92 -95.29
C PHE L 772 36.73 5.24 -96.05
N ALA L 773 36.88 6.36 -95.35
CA ALA L 773 37.00 7.67 -95.99
C ALA L 773 38.47 8.05 -96.24
N GLN L 774 39.21 7.17 -96.90
CA GLN L 774 40.59 7.49 -97.25
C GLN L 774 40.66 8.52 -98.37
N VAL L 775 39.69 8.53 -99.28
CA VAL L 775 39.66 9.46 -100.39
C VAL L 775 38.42 10.33 -100.27
N LYS L 776 38.54 11.57 -100.74
CA LYS L 776 37.47 12.56 -100.67
C LYS L 776 36.69 12.63 -102.00
N GLN L 777 37.00 11.72 -102.92
CA GLN L 777 36.35 11.70 -104.23
C GLN L 777 35.76 10.32 -104.47
N ILE L 778 34.51 10.29 -104.92
CA ILE L 778 33.83 9.02 -105.21
C ILE L 778 34.04 8.66 -106.67
N TYR L 779 34.63 7.49 -106.92
CA TYR L 779 34.96 7.03 -108.26
C TYR L 779 33.82 6.16 -108.79
N LYS L 780 33.17 6.62 -109.86
CA LYS L 780 32.14 5.84 -110.53
C LYS L 780 32.81 4.81 -111.43
N THR L 781 32.27 3.60 -111.42
CA THR L 781 32.81 2.54 -112.27
C THR L 781 32.52 2.83 -113.74
N PRO L 782 33.44 2.50 -114.64
CA PRO L 782 33.16 2.67 -116.06
C PRO L 782 32.10 1.69 -116.53
N PRO L 783 31.27 2.07 -117.50
CA PRO L 783 30.27 1.12 -118.03
C PRO L 783 30.89 -0.05 -118.79
N ILE L 784 32.12 0.08 -119.27
CA ILE L 784 32.77 -0.99 -119.99
C ILE L 784 33.37 -1.97 -118.99
N LYS L 785 32.96 -3.24 -119.09
CA LYS L 785 33.44 -4.29 -118.20
C LYS L 785 34.57 -5.10 -118.81
N ASP L 786 35.09 -4.69 -119.97
CA ASP L 786 36.18 -5.39 -120.63
C ASP L 786 37.49 -4.88 -120.05
N PHE L 787 38.00 -5.60 -119.05
CA PHE L 787 39.27 -5.27 -118.40
C PHE L 787 40.40 -6.15 -118.93
N GLY L 788 40.16 -6.85 -120.04
CA GLY L 788 41.14 -7.78 -120.56
C GLY L 788 40.98 -9.21 -120.11
N GLY L 789 39.75 -9.68 -119.91
CA GLY L 789 39.49 -11.05 -119.55
C GLY L 789 39.31 -11.31 -118.06
N PHE L 790 39.32 -10.28 -117.23
CA PHE L 790 39.19 -10.45 -115.78
C PHE L 790 37.78 -10.09 -115.34
N ASN L 791 37.16 -11.00 -114.60
CA ASN L 791 35.75 -10.89 -114.23
C ASN L 791 35.63 -10.15 -112.89
N PHE L 792 35.05 -8.94 -112.93
CA PHE L 792 34.89 -8.11 -111.75
C PHE L 792 33.44 -7.99 -111.29
N SER L 793 32.52 -8.78 -111.86
CA SER L 793 31.11 -8.61 -111.56
C SER L 793 30.75 -9.05 -110.15
N GLN L 794 31.54 -9.92 -109.53
CA GLN L 794 31.22 -10.40 -108.19
C GLN L 794 31.50 -9.36 -107.12
N ILE L 795 32.53 -8.54 -107.32
CA ILE L 795 32.85 -7.50 -106.34
C ILE L 795 32.19 -6.17 -106.68
N LEU L 796 32.01 -5.86 -107.97
CA LEU L 796 31.42 -4.60 -108.36
C LEU L 796 29.91 -4.65 -108.15
N PRO L 797 29.33 -3.57 -107.61
CA PRO L 797 27.89 -3.58 -107.29
C PRO L 797 27.03 -3.75 -108.54
N ASP L 798 25.96 -4.54 -108.39
CA ASP L 798 25.11 -4.84 -109.52
C ASP L 798 23.86 -3.98 -109.50
N PRO L 799 23.43 -3.46 -110.67
CA PRO L 799 22.23 -2.62 -110.71
C PRO L 799 20.93 -3.41 -110.74
N SER L 800 20.98 -4.73 -110.69
CA SER L 800 19.76 -5.53 -110.71
C SER L 800 18.98 -5.40 -109.42
N LYS L 801 19.68 -5.18 -108.29
CA LYS L 801 19.04 -5.07 -106.99
C LYS L 801 19.05 -3.62 -106.50
N PRO L 802 18.04 -3.21 -105.73
CA PRO L 802 18.04 -1.86 -105.19
C PRO L 802 19.20 -1.58 -104.23
N SER L 803 19.66 -2.57 -103.49
CA SER L 803 20.80 -2.38 -102.60
C SER L 803 22.08 -2.21 -103.41
N LYS L 804 22.94 -1.30 -102.96
CA LYS L 804 24.18 -1.00 -103.64
C LYS L 804 25.34 -1.88 -103.20
N ARG L 805 25.09 -2.82 -102.28
CA ARG L 805 26.13 -3.74 -101.84
C ARG L 805 26.37 -4.82 -102.90
N SER L 806 27.57 -5.39 -102.87
CA SER L 806 27.98 -6.43 -103.81
C SER L 806 27.26 -7.75 -103.51
N PRO L 807 27.20 -8.65 -104.49
CA PRO L 807 26.74 -10.02 -104.18
C PRO L 807 27.58 -10.73 -103.13
N ILE L 808 28.89 -10.47 -103.10
CA ILE L 808 29.70 -10.94 -101.97
C ILE L 808 29.31 -10.19 -100.70
N GLU L 809 29.06 -8.88 -100.83
CA GLU L 809 28.60 -8.08 -99.70
C GLU L 809 27.17 -8.43 -99.32
N ASP L 810 26.40 -8.95 -100.29
CA ASP L 810 25.06 -9.48 -99.99
C ASP L 810 25.14 -10.64 -99.01
N LEU L 811 26.06 -11.57 -99.25
CA LEU L 811 26.03 -12.85 -98.54
C LEU L 811 26.65 -12.72 -97.15
N LEU L 812 27.70 -11.90 -97.02
CA LEU L 812 28.36 -11.77 -95.72
C LEU L 812 27.49 -10.99 -94.74
N PHE L 813 26.65 -10.07 -95.23
CA PHE L 813 25.66 -9.44 -94.36
C PHE L 813 24.65 -10.47 -93.87
N ASN L 814 24.20 -11.35 -94.76
CA ASN L 814 23.25 -12.39 -94.39
C ASN L 814 23.90 -13.50 -93.58
N LYS L 815 25.23 -13.65 -93.68
CA LYS L 815 25.91 -14.69 -92.91
C LYS L 815 26.01 -14.31 -91.44
N VAL L 816 26.29 -13.04 -91.15
CA VAL L 816 26.43 -12.57 -89.77
C VAL L 816 25.08 -12.07 -89.29
N THR L 817 24.81 -12.29 -88.00
CA THR L 817 23.55 -11.84 -87.41
C THR L 817 23.75 -10.51 -86.69
N ALA L 842 13.98 -7.05 -77.32
CA ALA L 842 15.08 -6.10 -77.49
C ALA L 842 15.81 -5.86 -76.17
N GLN L 843 16.73 -4.89 -76.18
CA GLN L 843 17.51 -4.54 -75.00
C GLN L 843 17.43 -3.05 -74.69
N LYS L 844 16.33 -2.40 -75.07
CA LYS L 844 16.17 -0.96 -74.88
C LYS L 844 15.08 -0.62 -73.88
N PHE L 845 14.43 -1.62 -73.26
CA PHE L 845 13.33 -1.33 -72.34
C PHE L 845 13.83 -0.80 -71.00
N ASN L 846 15.07 -1.07 -70.62
CA ASN L 846 15.62 -0.67 -69.33
C ASN L 846 16.52 0.56 -69.44
N GLY L 847 16.24 1.45 -70.40
CA GLY L 847 17.07 2.62 -70.58
C GLY L 847 18.40 2.36 -71.25
N LEU L 848 18.61 1.15 -71.78
CA LEU L 848 19.88 0.79 -72.41
C LEU L 848 19.83 1.07 -73.91
N THR L 849 19.59 2.34 -74.23
CA THR L 849 19.39 2.75 -75.61
C THR L 849 20.68 2.65 -76.40
N VAL L 850 20.55 2.26 -77.67
CA VAL L 850 21.67 2.15 -78.59
C VAL L 850 21.72 3.40 -79.45
N LEU L 851 22.92 3.76 -79.89
CA LEU L 851 23.12 4.90 -80.77
C LEU L 851 23.26 4.43 -82.20
N PRO L 852 22.48 4.98 -83.13
CA PRO L 852 22.66 4.62 -84.54
C PRO L 852 24.02 5.07 -85.03
N PRO L 853 24.65 4.29 -85.91
CA PRO L 853 25.98 4.66 -86.40
C PRO L 853 25.94 5.91 -87.28
N LEU L 854 27.06 6.63 -87.29
CA LEU L 854 27.18 7.80 -88.16
C LEU L 854 27.12 7.41 -89.62
N LEU L 855 27.75 6.29 -89.98
CA LEU L 855 27.77 5.80 -91.35
C LEU L 855 26.91 4.55 -91.43
N THR L 856 25.80 4.63 -92.17
CA THR L 856 24.96 3.46 -92.37
C THR L 856 25.57 2.56 -93.44
N ASP L 857 24.92 1.41 -93.66
CA ASP L 857 25.47 0.42 -94.57
C ASP L 857 25.41 0.85 -96.04
N GLU L 858 24.59 1.85 -96.38
CA GLU L 858 24.54 2.30 -97.77
C GLU L 858 25.80 3.06 -98.16
N MET L 859 26.24 4.00 -97.30
CA MET L 859 27.39 4.83 -97.66
C MET L 859 28.72 4.10 -97.55
N ILE L 860 28.88 3.18 -96.59
CA ILE L 860 30.12 2.43 -96.49
C ILE L 860 30.25 1.45 -97.65
N ALA L 861 29.11 0.97 -98.16
CA ALA L 861 29.14 0.19 -99.39
C ALA L 861 29.51 1.07 -100.59
N GLN L 862 29.04 2.32 -100.59
CA GLN L 862 29.46 3.28 -101.61
C GLN L 862 30.93 3.63 -101.46
N TYR L 863 31.44 3.64 -100.23
CA TYR L 863 32.86 3.86 -100.01
C TYR L 863 33.70 2.75 -100.61
N THR L 864 33.33 1.49 -100.35
CA THR L 864 34.10 0.37 -100.87
C THR L 864 34.03 0.28 -102.39
N SER L 865 32.88 0.62 -102.98
CA SER L 865 32.76 0.64 -104.43
C SER L 865 33.64 1.71 -105.04
N ALA L 866 33.72 2.88 -104.40
CA ALA L 866 34.57 3.96 -104.91
C ALA L 866 36.04 3.60 -104.82
N LEU L 867 36.47 3.02 -103.69
CA LEU L 867 37.85 2.58 -103.58
C LEU L 867 38.15 1.39 -104.51
N LEU L 868 37.16 0.52 -104.73
CA LEU L 868 37.33 -0.56 -105.69
C LEU L 868 37.51 -0.01 -107.10
N ALA L 869 36.71 0.99 -107.47
CA ALA L 869 36.81 1.59 -108.80
C ALA L 869 38.14 2.30 -108.98
N GLY L 870 38.63 2.95 -107.93
CA GLY L 870 39.91 3.63 -108.02
C GLY L 870 41.08 2.66 -108.18
N THR L 871 40.99 1.50 -107.52
CA THR L 871 42.08 0.52 -107.59
C THR L 871 42.10 -0.21 -108.92
N ILE L 872 40.95 -0.36 -109.60
CA ILE L 872 40.91 -1.08 -110.87
C ILE L 872 41.05 -0.16 -112.07
N THR L 873 40.86 1.15 -111.91
CA THR L 873 40.99 2.09 -113.01
C THR L 873 42.23 2.98 -112.89
N SER L 874 42.78 3.15 -111.70
CA SER L 874 43.93 4.04 -111.51
C SER L 874 45.08 3.42 -110.72
N GLY L 875 44.88 2.29 -110.05
CA GLY L 875 45.96 1.63 -109.34
C GLY L 875 46.31 2.29 -108.02
N TRP L 876 47.47 2.94 -107.97
CA TRP L 876 47.90 3.65 -106.77
C TRP L 876 48.04 5.15 -106.97
N THR L 877 47.75 5.66 -108.17
CA THR L 877 47.85 7.10 -108.42
C THR L 877 46.78 7.87 -107.67
N PHE L 878 45.57 7.31 -107.56
CA PHE L 878 44.49 7.99 -106.87
C PHE L 878 44.69 8.03 -105.36
N GLY L 879 45.46 7.10 -104.81
CA GLY L 879 45.75 7.14 -103.39
C GLY L 879 46.83 8.13 -102.98
N ALA L 880 47.62 8.60 -103.94
CA ALA L 880 48.70 9.54 -103.64
C ALA L 880 48.55 10.82 -104.44
N GLY L 881 47.32 11.20 -104.78
CA GLY L 881 47.06 12.40 -105.54
C GLY L 881 45.87 12.26 -106.47
N PRO L 882 45.84 13.08 -107.52
CA PRO L 882 44.76 12.97 -108.51
C PRO L 882 44.83 11.65 -109.26
N ALA L 883 43.66 11.19 -109.70
CA ALA L 883 43.56 9.89 -110.35
C ALA L 883 44.18 9.94 -111.74
N LEU L 884 45.00 8.93 -112.05
CA LEU L 884 45.57 8.74 -113.37
C LEU L 884 45.09 7.40 -113.89
N GLN L 885 44.30 7.42 -114.95
CA GLN L 885 43.71 6.19 -115.47
C GLN L 885 44.77 5.30 -116.09
N ILE L 886 44.72 4.01 -115.75
CA ILE L 886 45.67 3.01 -116.25
C ILE L 886 44.89 1.77 -116.66
N PRO L 887 45.16 1.20 -117.84
CA PRO L 887 44.54 -0.08 -118.19
C PRO L 887 45.01 -1.19 -117.27
N PHE L 888 44.12 -2.15 -117.03
CA PHE L 888 44.39 -3.21 -116.06
C PHE L 888 45.58 -4.11 -116.40
N PRO L 889 45.80 -4.58 -117.65
CA PRO L 889 46.94 -5.48 -117.88
C PRO L 889 48.31 -4.88 -117.56
N MET L 890 48.60 -3.66 -118.03
CA MET L 890 49.89 -3.05 -117.71
C MET L 890 49.98 -2.61 -116.25
N GLN L 891 48.83 -2.45 -115.57
CA GLN L 891 48.90 -2.32 -114.12
C GLN L 891 49.41 -3.60 -113.48
N MET L 892 49.02 -4.75 -114.04
CA MET L 892 49.51 -6.02 -113.54
C MET L 892 50.98 -6.22 -113.86
N ALA L 893 51.43 -5.67 -114.99
CA ALA L 893 52.84 -5.75 -115.37
C ALA L 893 53.71 -4.91 -114.45
N TYR L 894 53.19 -3.76 -114.00
CA TYR L 894 53.94 -2.93 -113.05
C TYR L 894 54.17 -3.67 -111.74
N ARG L 895 53.13 -4.34 -111.23
CA ARG L 895 53.27 -5.05 -109.96
C ARG L 895 54.12 -6.30 -110.09
N PHE L 896 54.10 -6.95 -111.25
CA PHE L 896 55.01 -8.08 -111.44
C PHE L 896 56.46 -7.61 -111.56
N ASN L 897 56.68 -6.43 -112.15
CA ASN L 897 58.01 -5.84 -112.08
C ASN L 897 58.35 -5.44 -110.64
N GLY L 898 57.34 -5.08 -109.86
CA GLY L 898 57.57 -4.75 -108.46
C GLY L 898 58.00 -5.95 -107.64
N ILE L 899 57.44 -7.13 -107.94
CA ILE L 899 57.78 -8.35 -107.20
C ILE L 899 58.96 -9.11 -107.81
N GLY L 900 59.63 -8.55 -108.80
CA GLY L 900 60.84 -9.13 -109.34
C GLY L 900 60.70 -9.99 -110.58
N VAL L 901 59.56 -9.92 -111.27
CA VAL L 901 59.31 -10.76 -112.44
C VAL L 901 59.18 -9.86 -113.67
N THR L 902 59.76 -10.31 -114.78
CA THR L 902 59.69 -9.57 -116.03
C THR L 902 58.25 -9.49 -116.53
N GLN L 903 57.93 -8.38 -117.21
CA GLN L 903 56.55 -8.12 -117.62
C GLN L 903 56.14 -8.92 -118.86
N ASN L 904 57.08 -9.54 -119.56
CA ASN L 904 56.72 -10.25 -120.78
C ASN L 904 55.97 -11.54 -120.50
N VAL L 905 56.19 -12.15 -119.33
CA VAL L 905 55.48 -13.40 -119.01
C VAL L 905 54.02 -13.13 -118.69
N LEU L 906 53.64 -11.87 -118.45
CA LEU L 906 52.22 -11.52 -118.43
C LEU L 906 51.56 -11.74 -119.77
N TYR L 907 52.05 -11.06 -120.80
CA TYR L 907 51.43 -11.03 -122.12
C TYR L 907 51.60 -12.33 -122.88
N GLU L 908 52.48 -13.22 -122.42
CA GLU L 908 52.63 -14.52 -123.05
C GLU L 908 51.49 -15.47 -122.67
N ASN L 909 50.96 -15.37 -121.46
CA ASN L 909 49.89 -16.22 -120.97
C ASN L 909 48.81 -15.39 -120.29
N GLN L 910 48.36 -14.32 -120.97
CA GLN L 910 47.33 -13.45 -120.40
C GLN L 910 46.00 -14.17 -120.26
N LYS L 911 45.73 -15.14 -121.14
CA LYS L 911 44.49 -15.90 -121.02
C LYS L 911 44.52 -16.85 -119.83
N LEU L 912 45.71 -17.39 -119.52
CA LEU L 912 45.81 -18.34 -118.41
C LEU L 912 45.63 -17.66 -117.07
N ILE L 913 46.21 -16.46 -116.90
CA ILE L 913 46.10 -15.76 -115.63
C ILE L 913 44.69 -15.25 -115.40
N ALA L 914 44.00 -14.84 -116.48
CA ALA L 914 42.63 -14.36 -116.34
C ALA L 914 41.70 -15.49 -115.93
N ASN L 915 41.91 -16.69 -116.51
CA ASN L 915 41.12 -17.85 -116.10
C ASN L 915 41.45 -18.25 -114.67
N GLN L 916 42.71 -18.13 -114.28
CA GLN L 916 43.10 -18.40 -112.90
C GLN L 916 42.48 -17.39 -111.93
N PHE L 917 42.46 -16.11 -112.32
CA PHE L 917 41.85 -15.09 -111.47
C PHE L 917 40.34 -15.29 -111.36
N ASN L 918 39.68 -15.61 -112.48
CA ASN L 918 38.25 -15.84 -112.45
C ASN L 918 37.90 -17.09 -111.64
N SER L 919 38.72 -18.14 -111.76
CA SER L 919 38.50 -19.34 -110.95
C SER L 919 38.73 -19.05 -109.47
N ALA L 920 39.73 -18.21 -109.16
CA ALA L 920 39.98 -17.84 -107.78
C ALA L 920 38.82 -17.02 -107.21
N ILE L 921 38.26 -16.13 -108.02
CA ILE L 921 37.10 -15.34 -107.59
C ILE L 921 35.89 -16.26 -107.36
N GLY L 922 35.70 -17.22 -108.26
CA GLY L 922 34.64 -18.21 -108.06
C GLY L 922 34.89 -19.09 -106.86
N LYS L 923 36.16 -19.42 -106.59
CA LYS L 923 36.48 -20.28 -105.44
C LYS L 923 36.25 -19.56 -104.12
N ILE L 924 36.65 -18.29 -104.03
CA ILE L 924 36.49 -17.57 -102.77
C ILE L 924 35.02 -17.27 -102.51
N GLN L 925 34.25 -17.02 -103.57
CA GLN L 925 32.81 -16.79 -103.41
C GLN L 925 32.11 -18.07 -102.95
N ASP L 926 32.54 -19.23 -103.48
CA ASP L 926 31.95 -20.49 -103.05
C ASP L 926 32.35 -20.84 -101.62
N SER L 927 33.58 -20.52 -101.22
CA SER L 927 34.03 -20.81 -99.86
C SER L 927 33.27 -19.97 -98.84
N LEU L 928 33.04 -18.68 -99.13
CA LEU L 928 32.29 -17.84 -98.21
C LEU L 928 30.81 -18.18 -98.22
N SER L 929 30.31 -18.78 -99.30
CA SER L 929 28.92 -19.18 -99.35
C SER L 929 28.64 -20.32 -98.37
N SER L 930 29.65 -21.12 -98.04
CA SER L 930 29.48 -22.23 -97.11
C SER L 930 29.48 -21.71 -95.68
N ALA L 934 31.67 -20.28 -90.08
CA ALA L 934 31.29 -18.99 -90.65
C ALA L 934 32.40 -17.97 -90.45
N LEU L 935 32.08 -16.89 -89.73
CA LEU L 935 33.01 -15.81 -89.47
C LEU L 935 33.13 -15.57 -87.97
N GLY L 936 34.36 -15.37 -87.50
CA GLY L 936 34.62 -15.30 -86.08
C GLY L 936 34.93 -13.93 -85.51
N LYS L 937 35.71 -13.12 -86.23
CA LYS L 937 36.17 -11.86 -85.68
C LYS L 937 35.06 -10.80 -85.63
N LEU L 938 34.05 -10.93 -86.49
CA LEU L 938 32.88 -10.06 -86.40
C LEU L 938 31.73 -10.68 -85.61
N GLN L 939 31.88 -11.92 -85.13
CA GLN L 939 30.83 -12.52 -84.30
C GLN L 939 31.08 -12.36 -82.82
N ASP L 940 32.33 -12.43 -82.37
CA ASP L 940 32.62 -12.21 -80.95
C ASP L 940 32.40 -10.76 -80.54
N VAL L 941 32.65 -9.82 -81.46
CA VAL L 941 32.45 -8.41 -81.15
C VAL L 941 30.99 -8.07 -80.94
N VAL L 942 30.07 -8.86 -81.46
CA VAL L 942 28.64 -8.68 -81.26
C VAL L 942 28.11 -9.55 -80.12
N ASN L 943 28.59 -10.80 -80.04
CA ASN L 943 28.14 -11.71 -78.99
C ASN L 943 28.57 -11.23 -77.61
N GLN L 944 29.78 -10.70 -77.49
CA GLN L 944 30.25 -10.21 -76.20
C GLN L 944 29.43 -9.01 -75.73
N ASN L 945 29.01 -8.14 -76.66
CA ASN L 945 28.22 -6.98 -76.29
C ASN L 945 26.82 -7.37 -75.81
N ALA L 946 26.15 -8.28 -76.54
CA ALA L 946 24.77 -8.63 -76.22
C ALA L 946 24.68 -9.36 -74.89
N GLN L 947 25.61 -10.29 -74.63
CA GLN L 947 25.58 -11.07 -73.41
C GLN L 947 26.02 -10.24 -72.20
N ALA L 948 26.96 -9.30 -72.41
CA ALA L 948 27.30 -8.35 -71.36
C ALA L 948 26.14 -7.40 -71.09
N LEU L 949 25.44 -6.97 -72.15
CA LEU L 949 24.26 -6.14 -71.97
C LEU L 949 23.12 -6.97 -71.38
N ASN L 950 23.10 -8.28 -71.66
CA ASN L 950 22.15 -9.16 -71.01
C ASN L 950 22.43 -9.26 -69.51
N THR L 951 23.71 -9.34 -69.13
CA THR L 951 24.05 -9.41 -67.71
C THR L 951 23.72 -8.11 -67.01
N LEU L 952 23.90 -6.98 -67.69
CA LEU L 952 23.53 -5.69 -67.09
C LEU L 952 22.03 -5.62 -66.82
N VAL L 953 21.22 -6.25 -67.68
CA VAL L 953 19.80 -6.39 -67.42
C VAL L 953 19.55 -7.25 -66.19
N LYS L 954 20.31 -8.35 -66.08
CA LYS L 954 20.12 -9.28 -64.96
C LYS L 954 20.60 -8.71 -63.63
N GLN L 955 21.33 -7.59 -63.64
CA GLN L 955 21.76 -7.00 -62.37
C GLN L 955 20.61 -6.41 -61.58
N LEU L 956 19.54 -5.98 -62.25
CA LEU L 956 18.38 -5.42 -61.57
C LEU L 956 17.54 -6.48 -60.88
N SER L 957 17.79 -7.76 -61.16
CA SER L 957 17.07 -8.86 -60.52
C SER L 957 17.77 -9.39 -59.28
N SER L 958 18.88 -8.79 -58.89
CA SER L 958 19.64 -9.22 -57.72
C SER L 958 19.32 -8.34 -56.52
N ASN L 959 19.33 -8.95 -55.34
CA ASN L 959 19.00 -8.23 -54.11
C ASN L 959 20.13 -7.33 -53.65
N PHE L 960 21.37 -7.61 -54.03
CA PHE L 960 22.56 -6.84 -53.63
C PHE L 960 22.69 -6.77 -52.12
N GLY L 961 22.37 -7.88 -51.45
CA GLY L 961 22.45 -7.94 -50.00
C GLY L 961 21.24 -7.43 -49.26
N ALA L 962 20.23 -6.92 -49.96
CA ALA L 962 19.02 -6.42 -49.33
C ALA L 962 17.99 -7.54 -49.25
N ILE L 963 16.75 -7.19 -48.86
CA ILE L 963 15.69 -8.17 -48.73
C ILE L 963 14.75 -8.19 -49.94
N SER L 964 14.98 -7.30 -50.92
CA SER L 964 14.19 -7.29 -52.13
C SER L 964 15.01 -6.67 -53.25
N SER L 965 14.61 -6.94 -54.49
CA SER L 965 15.33 -6.44 -55.66
C SER L 965 14.82 -5.08 -56.10
N VAL L 966 13.52 -4.95 -56.34
CA VAL L 966 12.94 -3.69 -56.80
C VAL L 966 12.83 -2.72 -55.63
N LEU L 967 13.13 -1.45 -55.89
CA LEU L 967 13.08 -0.44 -54.83
C LEU L 967 11.65 -0.05 -54.49
N ASN L 968 10.72 -0.23 -55.42
CA ASN L 968 9.33 0.19 -55.20
C ASN L 968 8.65 -0.65 -54.13
N ASP L 969 8.97 -1.95 -54.06
CA ASP L 969 8.38 -2.80 -53.04
C ASP L 969 8.85 -2.39 -51.65
N ILE L 970 10.14 -2.07 -51.51
CA ILE L 970 10.68 -1.64 -50.22
C ILE L 970 10.10 -0.29 -49.82
N LEU L 971 9.95 0.62 -50.80
CA LEU L 971 9.35 1.93 -50.52
C LEU L 971 7.90 1.79 -50.07
N SER L 972 7.15 0.89 -50.70
CA SER L 972 5.74 0.73 -50.35
C SER L 972 5.55 -0.03 -49.05
N ARG L 973 6.47 -0.95 -48.71
CA ARG L 973 6.31 -1.77 -47.52
C ARG L 973 7.00 -1.18 -46.29
N LEU L 974 8.07 -0.41 -46.47
CA LEU L 974 8.83 0.14 -45.36
C LEU L 974 8.94 1.66 -45.51
N ASP L 975 9.02 2.34 -44.38
CA ASP L 975 9.10 3.80 -44.39
C ASP L 975 10.48 4.24 -44.87
N PRO L 976 10.54 5.35 -45.59
CA PRO L 976 11.83 5.85 -46.11
C PRO L 976 12.87 6.16 -45.03
N PRO L 977 12.50 6.66 -43.84
CA PRO L 977 13.53 6.78 -42.79
C PRO L 977 14.18 5.47 -42.37
N GLU L 978 13.44 4.37 -42.37
CA GLU L 978 14.01 3.08 -41.98
C GLU L 978 14.65 2.37 -43.16
N ALA L 979 14.10 2.53 -44.36
CA ALA L 979 14.56 1.82 -45.54
C ALA L 979 15.71 2.52 -46.25
N GLU L 980 16.42 3.42 -45.56
CA GLU L 980 17.53 4.12 -46.20
C GLU L 980 18.73 3.21 -46.40
N VAL L 981 18.92 2.22 -45.52
CA VAL L 981 20.07 1.32 -45.64
C VAL L 981 19.91 0.42 -46.86
N GLN L 982 18.71 -0.13 -47.07
CA GLN L 982 18.49 -1.05 -48.19
C GLN L 982 18.63 -0.33 -49.53
N ILE L 983 18.09 0.88 -49.64
CA ILE L 983 18.21 1.61 -50.91
C ILE L 983 19.65 2.10 -51.11
N ASP L 984 20.38 2.38 -50.03
CA ASP L 984 21.77 2.78 -50.17
C ASP L 984 22.64 1.62 -50.66
N ARG L 985 22.42 0.43 -50.11
CA ARG L 985 23.19 -0.73 -50.55
C ARG L 985 22.78 -1.16 -51.96
N LEU L 986 21.56 -0.81 -52.39
CA LEU L 986 21.18 -1.00 -53.78
C LEU L 986 21.91 -0.02 -54.68
N ILE L 987 22.05 1.24 -54.24
CA ILE L 987 22.76 2.23 -55.05
C ILE L 987 24.23 1.89 -55.14
N THR L 988 24.83 1.47 -54.04
CA THR L 988 26.23 1.06 -54.08
C THR L 988 26.43 -0.17 -54.95
N GLY L 989 25.54 -1.17 -54.82
CA GLY L 989 25.67 -2.36 -55.64
C GLY L 989 25.45 -2.08 -57.12
N ARG L 990 24.56 -1.14 -57.44
CA ARG L 990 24.36 -0.77 -58.83
C ARG L 990 25.52 0.04 -59.39
N LEU L 991 26.19 0.78 -58.50
CA LEU L 991 27.33 1.60 -58.90
C LEU L 991 28.46 0.68 -59.37
N GLN L 992 28.79 -0.31 -58.56
CA GLN L 992 29.83 -1.26 -58.92
C GLN L 992 29.51 -1.97 -60.22
N SER L 993 28.23 -2.25 -60.46
CA SER L 993 27.84 -2.97 -61.67
C SER L 993 28.13 -2.14 -62.91
N LEU L 994 27.85 -0.84 -62.86
CA LEU L 994 28.15 0.02 -64.00
C LEU L 994 29.64 0.28 -64.14
N GLN L 995 30.36 0.42 -63.02
CA GLN L 995 31.80 0.67 -63.09
C GLN L 995 32.53 -0.54 -63.66
N THR L 996 32.10 -1.74 -63.30
CA THR L 996 32.61 -2.94 -63.98
C THR L 996 32.16 -2.97 -65.43
N TYR L 997 30.95 -2.47 -65.71
CA TYR L 997 30.45 -2.43 -67.07
C TYR L 997 31.18 -1.38 -67.91
N VAL L 998 31.40 -0.20 -67.34
CA VAL L 998 32.08 0.87 -68.07
C VAL L 998 33.51 0.49 -68.40
N THR L 999 34.23 -0.09 -67.43
CA THR L 999 35.60 -0.53 -67.68
C THR L 999 35.66 -1.67 -68.69
N GLN L 1000 34.59 -2.46 -68.77
CA GLN L 1000 34.56 -3.57 -69.72
C GLN L 1000 34.46 -3.07 -71.15
N GLN L 1001 33.70 -1.99 -71.38
CA GLN L 1001 33.66 -1.40 -72.72
C GLN L 1001 34.91 -0.58 -73.01
N LEU L 1002 35.54 -0.02 -71.98
CA LEU L 1002 36.74 0.79 -72.20
C LEU L 1002 37.89 -0.05 -72.72
N ILE L 1003 38.07 -1.26 -72.16
CA ILE L 1003 39.05 -2.18 -72.73
C ILE L 1003 38.55 -2.74 -74.06
N ARG L 1004 37.23 -2.83 -74.22
CA ARG L 1004 36.67 -3.23 -75.51
C ARG L 1004 36.87 -2.15 -76.56
N ALA L 1005 36.72 -0.88 -76.16
CA ALA L 1005 36.96 0.22 -77.09
C ALA L 1005 38.45 0.34 -77.42
N ALA L 1006 39.31 -0.04 -76.48
CA ALA L 1006 40.75 0.01 -76.72
C ALA L 1006 41.18 -0.99 -77.77
N GLU L 1007 40.65 -2.22 -77.71
CA GLU L 1007 41.03 -3.24 -78.68
C GLU L 1007 40.37 -2.99 -80.02
N ILE L 1008 39.18 -2.38 -80.02
CA ILE L 1008 38.57 -1.95 -81.27
C ILE L 1008 39.39 -0.85 -81.93
N ARG L 1009 39.89 0.10 -81.13
CA ARG L 1009 40.76 1.16 -81.66
C ARG L 1009 42.05 0.58 -82.23
N ALA L 1010 42.64 -0.40 -81.54
CA ALA L 1010 43.83 -1.07 -82.07
C ALA L 1010 43.51 -1.84 -83.34
N SER L 1011 42.35 -2.52 -83.37
CA SER L 1011 41.95 -3.24 -84.57
C SER L 1011 41.64 -2.29 -85.72
N ALA L 1012 41.00 -1.15 -85.41
CA ALA L 1012 40.71 -0.16 -86.45
C ALA L 1012 42.00 0.48 -86.98
N ASN L 1013 42.97 0.72 -86.09
CA ASN L 1013 44.25 1.26 -86.53
C ASN L 1013 44.99 0.27 -87.42
N LEU L 1014 44.95 -1.02 -87.08
CA LEU L 1014 45.57 -2.03 -87.92
C LEU L 1014 44.87 -2.11 -89.28
N ALA L 1015 43.55 -2.02 -89.29
CA ALA L 1015 42.81 -1.97 -90.55
C ALA L 1015 43.13 -0.71 -91.34
N ALA L 1016 43.27 0.43 -90.64
CA ALA L 1016 43.56 1.69 -91.32
C ALA L 1016 44.93 1.67 -91.97
N THR L 1017 45.92 1.04 -91.32
CA THR L 1017 47.19 0.82 -91.98
C THR L 1017 47.05 -0.19 -93.12
N LYS L 1018 46.19 -1.19 -92.94
CA LYS L 1018 45.94 -2.15 -94.01
C LYS L 1018 45.10 -1.53 -95.12
N MET L 1019 44.34 -0.48 -94.81
CA MET L 1019 43.84 0.39 -95.88
C MET L 1019 44.99 1.01 -96.65
N SER L 1020 45.98 1.51 -95.93
CA SER L 1020 46.98 2.40 -96.51
C SER L 1020 47.93 1.69 -97.46
N GLU L 1021 48.33 0.47 -97.13
CA GLU L 1021 49.47 -0.18 -97.79
C GLU L 1021 49.02 -1.26 -98.76
N CYS L 1022 48.19 -2.20 -98.29
CA CYS L 1022 47.79 -3.32 -99.13
C CYS L 1022 46.82 -2.89 -100.23
N VAL L 1023 45.91 -1.97 -99.92
CA VAL L 1023 44.88 -1.57 -100.88
C VAL L 1023 45.29 -0.33 -101.67
N LEU L 1024 45.67 0.73 -100.98
CA LEU L 1024 46.00 2.00 -101.62
C LEU L 1024 47.43 2.00 -102.16
N GLY L 1025 47.80 0.98 -102.93
CA GLY L 1025 49.13 0.79 -103.45
C GLY L 1025 49.59 -0.63 -103.23
N GLN L 1026 50.89 -0.85 -103.43
CA GLN L 1026 51.51 -2.15 -103.23
C GLN L 1026 52.46 -2.07 -102.05
N SER L 1027 52.28 -2.97 -101.09
CA SER L 1027 53.09 -3.00 -99.87
C SER L 1027 54.22 -4.02 -100.04
N LYS L 1028 55.44 -3.58 -99.74
CA LYS L 1028 56.61 -4.44 -99.82
C LYS L 1028 56.88 -5.21 -98.53
N ARG L 1029 56.07 -5.01 -97.50
CA ARG L 1029 56.21 -5.77 -96.27
C ARG L 1029 55.76 -7.21 -96.51
N VAL L 1030 56.69 -8.15 -96.41
CA VAL L 1030 56.42 -9.55 -96.69
C VAL L 1030 55.57 -10.14 -95.55
N ASP L 1031 54.57 -10.94 -95.92
CA ASP L 1031 53.65 -11.59 -94.99
C ASP L 1031 52.96 -10.55 -94.09
N PHE L 1032 52.41 -9.53 -94.74
CA PHE L 1032 51.62 -8.52 -94.04
C PHE L 1032 50.24 -8.40 -94.68
N CYS L 1033 50.19 -8.58 -96.00
CA CYS L 1033 48.95 -8.50 -96.75
C CYS L 1033 48.57 -9.88 -97.30
N GLY L 1034 48.80 -10.92 -96.50
CA GLY L 1034 48.53 -12.29 -96.90
C GLY L 1034 49.80 -13.07 -97.16
N LYS L 1035 49.65 -14.39 -97.19
CA LYS L 1035 50.77 -15.28 -97.42
C LYS L 1035 51.18 -15.25 -98.89
N GLY L 1036 52.47 -15.03 -99.14
CA GLY L 1036 52.98 -14.92 -100.49
C GLY L 1036 53.29 -13.49 -100.87
N TYR L 1037 53.74 -13.32 -102.11
CA TYR L 1037 54.03 -11.99 -102.63
C TYR L 1037 52.73 -11.24 -102.90
N HIS L 1038 52.51 -10.17 -102.16
CA HIS L 1038 51.25 -9.43 -102.26
C HIS L 1038 51.18 -8.65 -103.57
N LEU L 1039 50.03 -8.70 -104.22
CA LEU L 1039 49.79 -7.96 -105.46
C LEU L 1039 48.72 -6.89 -105.28
N MET L 1040 47.51 -7.29 -104.91
CA MET L 1040 46.41 -6.35 -104.68
C MET L 1040 45.74 -6.70 -103.37
N SER L 1041 44.79 -5.87 -102.97
CA SER L 1041 43.85 -6.21 -101.93
C SER L 1041 42.52 -5.56 -102.27
N PHE L 1042 41.46 -6.35 -102.23
CA PHE L 1042 40.13 -5.89 -102.64
C PHE L 1042 39.25 -5.70 -101.43
N PRO L 1043 38.95 -4.47 -101.04
CA PRO L 1043 38.14 -4.25 -99.83
C PRO L 1043 36.66 -4.38 -100.11
N GLN L 1044 35.94 -4.87 -99.10
CA GLN L 1044 34.49 -5.00 -99.17
C GLN L 1044 33.88 -4.52 -97.86
N SER L 1045 32.67 -3.98 -97.95
CA SER L 1045 31.96 -3.54 -96.77
C SER L 1045 31.47 -4.72 -95.95
N ALA L 1046 31.56 -4.59 -94.64
CA ALA L 1046 31.09 -5.61 -93.70
C ALA L 1046 30.36 -4.92 -92.57
N PRO L 1047 29.38 -5.60 -91.96
CA PRO L 1047 28.66 -5.01 -90.81
C PRO L 1047 29.60 -4.87 -89.61
N HIS L 1048 29.85 -3.62 -89.22
CA HIS L 1048 30.71 -3.27 -88.08
C HIS L 1048 32.14 -3.79 -88.27
N GLY L 1049 32.58 -3.88 -89.52
CA GLY L 1049 33.88 -4.45 -89.80
C GLY L 1049 34.24 -4.28 -91.26
N VAL L 1050 35.36 -4.90 -91.63
CA VAL L 1050 35.88 -4.85 -92.99
C VAL L 1050 36.56 -6.19 -93.30
N VAL L 1051 36.45 -6.63 -94.54
CA VAL L 1051 37.04 -7.88 -95.00
C VAL L 1051 37.93 -7.60 -96.21
N PHE L 1052 38.96 -8.43 -96.39
CA PHE L 1052 40.00 -8.21 -97.38
C PHE L 1052 40.04 -9.37 -98.36
N LEU L 1053 39.99 -9.05 -99.66
CA LEU L 1053 40.25 -10.04 -100.70
C LEU L 1053 41.61 -9.73 -101.32
N HIS L 1054 42.66 -10.21 -100.64
CA HIS L 1054 44.01 -10.03 -101.13
C HIS L 1054 44.26 -10.88 -102.37
N VAL L 1055 45.15 -10.41 -103.22
CA VAL L 1055 45.64 -11.17 -104.36
C VAL L 1055 47.13 -11.43 -104.14
N THR L 1056 47.51 -12.69 -104.02
CA THR L 1056 48.87 -13.09 -103.71
C THR L 1056 49.49 -13.80 -104.90
N TYR L 1057 50.76 -14.19 -104.76
CA TYR L 1057 51.56 -14.63 -105.90
C TYR L 1057 52.43 -15.77 -105.39
N VAL L 1058 51.92 -16.99 -105.45
CA VAL L 1058 52.55 -18.14 -104.80
C VAL L 1058 52.98 -19.13 -105.88
N PRO L 1059 54.19 -19.67 -105.82
CA PRO L 1059 54.62 -20.65 -106.83
C PRO L 1059 54.01 -22.01 -106.59
N ALA L 1060 53.91 -22.79 -107.67
CA ALA L 1060 53.34 -24.12 -107.64
C ALA L 1060 54.34 -25.19 -108.04
N GLN L 1061 55.00 -25.04 -109.18
CA GLN L 1061 55.92 -26.03 -109.71
C GLN L 1061 57.35 -25.50 -109.64
N GLU L 1062 58.27 -26.33 -109.15
CA GLU L 1062 59.67 -25.98 -109.04
C GLU L 1062 60.52 -27.08 -109.66
N LYS L 1063 61.75 -26.72 -110.02
CA LYS L 1063 62.69 -27.64 -110.65
C LYS L 1063 64.00 -27.64 -109.87
N ASN L 1064 64.97 -28.42 -110.34
CA ASN L 1064 66.30 -28.50 -109.76
C ASN L 1064 67.33 -28.01 -110.76
N PHE L 1065 68.32 -27.27 -110.27
CA PHE L 1065 69.31 -26.67 -111.16
C PHE L 1065 70.66 -26.58 -110.44
N THR L 1066 71.73 -26.61 -111.24
CA THR L 1066 73.08 -26.43 -110.74
C THR L 1066 73.53 -25.00 -111.04
N THR L 1067 74.01 -24.31 -110.01
CA THR L 1067 74.30 -22.89 -110.08
C THR L 1067 75.80 -22.63 -110.01
N ALA L 1068 76.17 -21.40 -110.32
CA ALA L 1068 77.53 -20.90 -110.21
C ALA L 1068 77.47 -19.40 -109.94
N PRO L 1069 78.18 -18.92 -108.91
CA PRO L 1069 78.14 -17.47 -108.62
C PRO L 1069 78.89 -16.62 -109.61
N ALA L 1070 79.88 -17.15 -110.32
CA ALA L 1070 80.64 -16.37 -111.28
C ALA L 1070 81.14 -17.28 -112.38
N ILE L 1071 81.50 -16.66 -113.51
CA ILE L 1071 81.99 -17.38 -114.69
C ILE L 1071 83.31 -16.76 -115.14
N CYS L 1072 84.30 -17.63 -115.39
CA CYS L 1072 85.62 -17.23 -115.86
C CYS L 1072 85.70 -17.46 -117.36
N HIS L 1073 86.03 -16.42 -118.12
CA HIS L 1073 86.09 -16.53 -119.58
C HIS L 1073 87.50 -16.36 -120.13
N ASP L 1074 88.15 -15.23 -119.87
CA ASP L 1074 89.46 -14.93 -120.44
C ASP L 1074 90.35 -14.30 -119.37
N GLY L 1075 90.33 -14.89 -118.17
CA GLY L 1075 90.98 -14.27 -117.04
C GLY L 1075 90.17 -13.17 -116.40
N LYS L 1076 88.87 -13.10 -116.71
CA LYS L 1076 87.97 -12.09 -116.16
C LYS L 1076 86.79 -12.79 -115.51
N ALA L 1077 86.21 -12.12 -114.50
CA ALA L 1077 85.08 -12.66 -113.76
C ALA L 1077 83.81 -11.96 -114.24
N HIS L 1078 82.82 -12.75 -114.65
CA HIS L 1078 81.53 -12.25 -115.10
C HIS L 1078 80.46 -12.59 -114.07
N PHE L 1079 79.69 -11.58 -113.65
CA PHE L 1079 78.63 -11.77 -112.68
C PHE L 1079 77.30 -11.36 -113.30
N PRO L 1080 76.20 -12.03 -112.92
CA PRO L 1080 74.90 -11.70 -113.51
C PRO L 1080 74.40 -10.36 -112.98
N ARG L 1081 73.92 -9.51 -113.90
CA ARG L 1081 73.42 -8.20 -113.51
C ARG L 1081 72.09 -8.32 -112.77
N GLU L 1082 71.18 -9.16 -113.28
CA GLU L 1082 69.85 -9.29 -112.70
C GLU L 1082 69.39 -10.74 -112.61
N GLY L 1083 70.20 -11.70 -113.04
CA GLY L 1083 69.80 -13.09 -113.11
C GLY L 1083 70.70 -13.97 -112.26
N VAL L 1084 70.74 -15.24 -112.65
CA VAL L 1084 71.54 -16.24 -111.95
C VAL L 1084 71.99 -17.28 -112.97
N PHE L 1085 73.22 -17.79 -112.79
CA PHE L 1085 73.78 -18.76 -113.72
C PHE L 1085 73.23 -20.15 -113.41
N VAL L 1086 72.67 -20.80 -114.42
CA VAL L 1086 72.14 -22.16 -114.29
C VAL L 1086 72.59 -22.99 -115.49
N SER L 1087 72.76 -24.29 -115.27
CA SER L 1087 73.12 -25.23 -116.31
C SER L 1087 72.28 -26.49 -116.17
N ASN L 1088 71.74 -26.98 -117.29
CA ASN L 1088 70.93 -28.20 -117.22
C ASN L 1088 71.82 -29.45 -117.22
N GLY L 1089 72.50 -29.71 -118.34
CA GLY L 1089 73.54 -30.72 -118.33
C GLY L 1089 74.91 -30.26 -118.79
N THR L 1090 74.94 -29.40 -119.83
CA THR L 1090 76.21 -28.92 -120.39
C THR L 1090 76.23 -27.44 -120.72
N HIS L 1091 75.09 -26.76 -120.83
CA HIS L 1091 75.05 -25.38 -121.28
C HIS L 1091 74.58 -24.47 -120.16
N TRP L 1092 75.26 -23.33 -120.02
CA TRP L 1092 75.01 -22.39 -118.94
C TRP L 1092 74.21 -21.21 -119.47
N PHE L 1093 73.17 -20.84 -118.74
CA PHE L 1093 72.24 -19.79 -119.15
C PHE L 1093 72.04 -18.80 -118.01
N VAL L 1094 71.37 -17.69 -118.33
CA VAL L 1094 71.00 -16.66 -117.37
C VAL L 1094 69.49 -16.57 -117.33
N THR L 1095 68.91 -16.86 -116.17
CA THR L 1095 67.47 -16.75 -115.96
C THR L 1095 67.22 -15.82 -114.78
N GLN L 1096 66.03 -15.21 -114.78
CA GLN L 1096 65.64 -14.38 -113.64
C GLN L 1096 65.44 -15.27 -112.41
N ARG L 1097 65.49 -14.63 -111.24
CA ARG L 1097 65.50 -15.39 -110.00
C ARG L 1097 64.12 -15.95 -109.65
N ASN L 1098 63.05 -15.27 -110.05
CA ASN L 1098 61.70 -15.67 -109.66
C ASN L 1098 61.01 -16.46 -110.76
N PHE L 1099 61.62 -16.62 -111.93
CA PHE L 1099 60.96 -17.37 -112.99
C PHE L 1099 62.03 -18.00 -113.89
N TYR L 1100 61.67 -19.12 -114.52
CA TYR L 1100 62.62 -19.84 -115.36
C TYR L 1100 62.47 -19.40 -116.81
N GLU L 1101 63.53 -18.82 -117.36
CA GLU L 1101 63.59 -18.42 -118.77
C GLU L 1101 65.04 -18.40 -119.21
N PRO L 1102 65.52 -19.45 -119.87
CA PRO L 1102 66.94 -19.51 -120.25
C PRO L 1102 67.28 -18.51 -121.35
N GLN L 1103 68.44 -17.88 -121.21
CA GLN L 1103 68.94 -16.94 -122.19
C GLN L 1103 70.43 -17.19 -122.41
N ILE L 1104 70.91 -16.81 -123.59
CA ILE L 1104 72.31 -17.01 -123.93
C ILE L 1104 73.17 -16.00 -123.19
N ILE L 1105 74.25 -16.46 -122.59
CA ILE L 1105 75.13 -15.59 -121.81
C ILE L 1105 75.95 -14.72 -122.77
N THR L 1106 75.76 -13.41 -122.67
CA THR L 1106 76.46 -12.43 -123.49
C THR L 1106 77.19 -11.44 -122.56
N THR L 1107 77.72 -10.38 -123.16
CA THR L 1107 78.34 -9.30 -122.41
C THR L 1107 77.34 -8.23 -121.97
N ASP L 1108 76.10 -8.31 -122.44
CA ASP L 1108 75.07 -7.34 -122.08
C ASP L 1108 74.34 -7.67 -120.79
N ASN L 1109 74.24 -8.94 -120.43
CA ASN L 1109 73.60 -9.35 -119.19
C ASN L 1109 74.59 -9.65 -118.07
N THR L 1110 75.89 -9.50 -118.33
CA THR L 1110 76.93 -9.72 -117.33
C THR L 1110 77.89 -8.54 -117.32
N PHE L 1111 78.48 -8.29 -116.16
CA PHE L 1111 79.45 -7.22 -115.99
C PHE L 1111 80.78 -7.79 -115.51
N VAL L 1112 81.88 -7.23 -116.00
CA VAL L 1112 83.22 -7.73 -115.71
C VAL L 1112 83.77 -6.98 -114.51
N SER L 1113 84.29 -7.73 -113.54
CA SER L 1113 84.85 -7.13 -112.32
C SER L 1113 85.81 -8.14 -111.70
N GLY L 1114 87.08 -7.77 -111.65
CA GLY L 1114 88.09 -8.57 -110.98
C GLY L 1114 88.75 -9.59 -111.89
N ASN L 1115 89.38 -10.57 -111.25
CA ASN L 1115 90.11 -11.63 -111.94
C ASN L 1115 89.47 -12.97 -111.61
N CYS L 1116 90.13 -14.04 -112.07
CA CYS L 1116 89.59 -15.40 -111.97
C CYS L 1116 89.93 -16.09 -110.66
N ASP L 1117 90.98 -15.64 -109.97
CA ASP L 1117 91.44 -16.34 -108.77
C ASP L 1117 90.65 -15.95 -107.52
N VAL L 1118 90.06 -14.76 -107.51
CA VAL L 1118 89.46 -14.24 -106.27
C VAL L 1118 88.14 -14.97 -105.97
N VAL L 1119 87.49 -15.52 -106.98
CA VAL L 1119 86.22 -16.21 -106.79
C VAL L 1119 86.49 -17.69 -106.55
N ILE L 1120 85.86 -18.25 -105.50
CA ILE L 1120 86.09 -19.65 -105.14
C ILE L 1120 85.43 -20.57 -106.16
N GLY L 1121 84.12 -20.50 -106.28
CA GLY L 1121 83.38 -21.38 -107.17
C GLY L 1121 83.15 -20.81 -108.56
N ILE L 1122 84.23 -20.61 -109.31
CA ILE L 1122 84.14 -20.02 -110.64
C ILE L 1122 84.14 -21.14 -111.69
N VAL L 1123 83.51 -20.87 -112.82
CA VAL L 1123 83.25 -21.89 -113.84
C VAL L 1123 83.68 -21.34 -115.20
N ASN L 1124 84.43 -22.15 -115.96
CA ASN L 1124 84.86 -21.75 -117.29
C ASN L 1124 83.68 -21.78 -118.28
N ASN L 1125 83.59 -20.72 -119.09
CA ASN L 1125 82.59 -20.62 -120.16
C ASN L 1125 83.04 -19.49 -121.08
N THR L 1126 82.33 -19.33 -122.19
CA THR L 1126 82.63 -18.29 -123.18
C THR L 1126 81.42 -17.37 -123.33
N VAL L 1127 81.69 -16.06 -123.41
CA VAL L 1127 80.64 -15.07 -123.62
C VAL L 1127 80.41 -14.90 -125.10
N TYR L 1128 79.19 -14.46 -125.46
CA TYR L 1128 78.82 -14.37 -126.87
C TYR L 1128 79.47 -13.18 -127.56
N ASP L 1129 79.52 -12.03 -126.88
CA ASP L 1129 80.00 -10.76 -127.42
C ASP L 1129 79.20 -10.40 -128.67
N PRO L 1130 77.94 -9.97 -128.53
CA PRO L 1130 77.09 -9.73 -129.71
C PRO L 1130 77.58 -8.62 -130.62
N LEU L 1131 78.49 -7.76 -130.14
CA LEU L 1131 79.00 -6.69 -130.99
C LEU L 1131 79.98 -7.21 -132.03
N GLN L 1132 80.57 -8.39 -131.79
CA GLN L 1132 81.53 -8.96 -132.75
C GLN L 1132 80.90 -9.33 -134.09
N PRO L 1133 79.78 -10.06 -134.17
CA PRO L 1133 79.23 -10.36 -135.50
C PRO L 1133 78.64 -9.14 -136.20
N GLU L 1134 78.23 -8.12 -135.44
CA GLU L 1134 77.60 -6.96 -136.04
C GLU L 1134 78.63 -6.08 -136.77
N LEU L 1135 79.85 -5.99 -136.22
CA LEU L 1135 80.85 -5.14 -136.85
C LEU L 1135 81.39 -5.73 -138.15
N ASP L 1136 81.24 -7.03 -138.36
CA ASP L 1136 81.66 -7.66 -139.60
C ASP L 1136 80.83 -7.17 -140.78
N GLU M 20 51.13 28.55 -15.13
CA GLU M 20 51.93 28.50 -13.91
C GLU M 20 52.47 29.89 -13.57
N VAL M 21 52.11 30.38 -12.40
CA VAL M 21 52.42 31.75 -11.98
C VAL M 21 53.43 31.70 -10.83
N GLN M 22 54.52 32.44 -10.96
CA GLN M 22 55.54 32.53 -9.94
C GLN M 22 55.32 33.77 -9.09
N LEU M 23 55.34 33.60 -7.77
CA LEU M 23 55.26 34.69 -6.82
C LEU M 23 56.44 34.60 -5.86
N VAL M 24 57.20 35.69 -5.76
CA VAL M 24 58.38 35.76 -4.92
C VAL M 24 58.23 36.96 -3.98
N GLU M 25 58.37 36.71 -2.67
CA GLU M 25 58.27 37.75 -1.66
C GLU M 25 59.54 37.77 -0.82
N SER M 26 60.14 38.95 -0.71
CA SER M 26 61.31 39.15 0.16
C SER M 26 61.26 40.59 0.66
N GLY M 27 60.67 40.78 1.85
CA GLY M 27 60.56 42.11 2.41
C GLY M 27 60.81 42.19 3.91
N GLY M 28 61.03 41.03 4.54
CA GLY M 28 61.22 41.00 5.97
C GLY M 28 62.54 40.39 6.40
N GLY M 29 62.67 40.08 7.69
CA GLY M 29 63.88 39.49 8.21
C GLY M 29 64.57 40.32 9.27
N LEU M 30 63.92 41.41 9.70
CA LEU M 30 64.48 42.29 10.71
C LEU M 30 63.37 42.79 11.62
N VAL M 31 63.77 43.24 12.80
CA VAL M 31 62.84 43.69 13.84
C VAL M 31 63.05 45.18 14.07
N GLN M 32 61.96 45.92 14.27
CA GLN M 32 62.02 47.32 14.63
C GLN M 32 60.72 47.73 15.33
N PRO M 33 60.80 48.50 16.42
CA PRO M 33 59.58 49.03 17.03
C PRO M 33 59.16 50.37 16.46
N GLY M 34 57.98 50.41 15.83
CA GLY M 34 57.42 51.65 15.33
C GLY M 34 58.23 52.33 14.25
N GLY M 35 58.93 51.57 13.42
CA GLY M 35 59.75 52.11 12.35
C GLY M 35 59.03 52.13 11.01
N SER M 36 59.81 51.94 9.96
CA SER M 36 59.29 51.87 8.59
C SER M 36 59.85 50.62 7.92
N LEU M 37 58.98 49.87 7.25
CA LEU M 37 59.37 48.63 6.60
C LEU M 37 58.81 48.60 5.18
N ARG M 38 59.58 47.97 4.29
CA ARG M 38 59.22 47.86 2.88
C ARG M 38 59.13 46.38 2.51
N LEU M 39 58.02 45.99 1.91
CA LEU M 39 57.80 44.61 1.46
C LEU M 39 57.49 44.61 -0.03
N SER M 40 58.08 43.65 -0.75
CA SER M 40 57.94 43.56 -2.19
C SER M 40 57.53 42.15 -2.60
N CYS M 41 56.59 42.07 -3.53
CA CYS M 41 56.18 40.81 -4.12
C CYS M 41 56.41 40.87 -5.63
N ALA M 42 57.12 39.87 -6.16
CA ALA M 42 57.44 39.80 -7.58
C ALA M 42 56.58 38.74 -8.23
N ALA M 43 55.94 39.09 -9.35
CA ALA M 43 55.02 38.21 -10.04
C ALA M 43 55.41 38.09 -11.51
N SER M 44 55.13 36.93 -12.08
CA SER M 44 55.46 36.66 -13.48
C SER M 44 54.52 35.59 -14.01
N GLY M 45 54.48 35.48 -15.34
CA GLY M 45 53.67 34.48 -15.99
C GLY M 45 52.28 34.91 -16.40
N PHE M 46 51.93 36.18 -16.23
CA PHE M 46 50.61 36.66 -16.58
C PHE M 46 50.69 38.15 -16.90
N THR M 47 49.53 38.77 -17.09
CA THR M 47 49.43 40.20 -17.37
C THR M 47 49.09 40.93 -16.06
N PHE M 48 50.00 41.80 -15.62
CA PHE M 48 49.84 42.49 -14.35
C PHE M 48 48.85 43.66 -14.44
N SER M 49 48.53 44.10 -15.65
CA SER M 49 47.75 45.33 -15.86
C SER M 49 46.27 45.05 -16.13
N SER M 50 45.79 43.85 -15.77
CA SER M 50 44.39 43.51 -16.06
C SER M 50 43.66 42.79 -14.92
N TYR M 51 44.33 42.33 -13.87
CA TYR M 51 43.68 41.56 -12.82
C TYR M 51 43.89 42.23 -11.46
N TRP M 52 42.98 41.92 -10.54
CA TRP M 52 42.99 42.52 -9.21
C TRP M 52 44.15 41.98 -8.38
N MET M 53 44.71 42.85 -7.56
CA MET M 53 45.77 42.50 -6.61
C MET M 53 45.29 42.80 -5.20
N SER M 54 45.90 42.11 -4.23
CA SER M 54 45.56 42.31 -2.82
C SER M 54 46.76 41.93 -1.97
N TRP M 55 46.70 42.30 -0.70
CA TRP M 55 47.71 41.92 0.28
C TRP M 55 47.01 41.35 1.51
N VAL M 56 47.54 40.25 2.02
CA VAL M 56 46.89 39.47 3.08
C VAL M 56 47.97 38.92 4.02
N ARG M 57 47.65 38.88 5.31
CA ARG M 57 48.57 38.41 6.33
C ARG M 57 47.86 37.46 7.29
N GLN M 58 48.64 36.65 7.99
CA GLN M 58 48.12 35.81 9.06
C GLN M 58 49.15 35.72 10.19
N ALA M 59 48.65 35.69 11.41
CA ALA M 59 49.49 35.56 12.59
C ALA M 59 49.95 34.11 12.75
N PRO M 60 51.16 33.90 13.31
CA PRO M 60 51.62 32.53 13.56
C PRO M 60 50.77 31.86 14.64
N GLY M 61 50.14 30.75 14.26
CA GLY M 61 49.27 30.01 15.17
C GLY M 61 47.84 30.50 15.23
N LYS M 62 47.50 31.55 14.49
CA LYS M 62 46.15 32.10 14.46
C LYS M 62 45.55 31.96 13.07
N GLY M 63 44.34 32.50 12.91
CA GLY M 63 43.60 32.38 11.66
C GLY M 63 43.99 33.44 10.64
N LEU M 64 43.26 33.40 9.52
CA LEU M 64 43.48 34.33 8.42
C LEU M 64 42.75 35.64 8.65
N GLU M 65 43.32 36.72 8.13
CA GLU M 65 42.67 38.03 8.17
C GLU M 65 43.13 38.83 6.96
N TRP M 66 42.27 39.75 6.51
CA TRP M 66 42.52 40.54 5.32
C TRP M 66 43.19 41.85 5.69
N VAL M 67 44.10 42.31 4.83
CA VAL M 67 44.86 43.53 5.04
C VAL M 67 44.48 44.63 4.05
N ALA M 68 44.66 44.37 2.75
CA ALA M 68 44.51 45.43 1.77
C ALA M 68 44.16 44.84 0.41
N ASN M 69 43.71 45.72 -0.48
CA ASN M 69 43.48 45.39 -1.88
C ASN M 69 43.73 46.63 -2.72
N ILE M 70 43.98 46.41 -4.01
CA ILE M 70 44.28 47.51 -4.93
C ILE M 70 43.77 47.14 -6.32
N LYS M 71 43.28 48.16 -7.04
CA LYS M 71 42.79 47.98 -8.39
C LYS M 71 43.96 47.72 -9.34
N GLN M 72 43.64 47.17 -10.53
CA GLN M 72 44.67 46.76 -11.47
C GLN M 72 45.49 47.93 -12.00
N ASP M 73 44.97 49.16 -11.96
CA ASP M 73 45.73 50.33 -12.36
C ASP M 73 46.16 51.18 -11.17
N GLY M 74 45.85 50.77 -9.94
CA GLY M 74 46.23 51.51 -8.76
C GLY M 74 45.39 52.72 -8.44
N SER M 75 44.24 52.88 -9.11
CA SER M 75 43.40 54.06 -8.87
C SER M 75 42.71 53.99 -7.51
N GLU M 76 42.22 52.82 -7.13
CA GLU M 76 41.45 52.64 -5.90
C GLU M 76 42.19 51.69 -4.97
N LYS M 77 42.35 52.09 -3.71
CA LYS M 77 42.97 51.26 -2.69
C LYS M 77 42.13 51.35 -1.42
N TYR M 78 42.08 50.26 -0.66
CA TYR M 78 41.29 50.18 0.55
C TYR M 78 42.03 49.39 1.61
N TYR M 79 41.64 49.61 2.86
CA TYR M 79 42.29 49.00 4.02
C TYR M 79 41.25 48.65 5.07
N VAL M 80 41.68 47.82 6.03
CA VAL M 80 40.89 47.52 7.21
C VAL M 80 41.03 48.69 8.17
N ASP M 81 40.02 48.89 9.03
CA ASP M 81 40.01 50.03 9.93
C ASP M 81 41.12 49.98 10.97
N SER M 82 41.71 48.80 11.22
CA SER M 82 42.80 48.72 12.19
C SER M 82 44.04 49.47 11.70
N VAL M 83 44.33 49.39 10.40
CA VAL M 83 45.51 50.05 9.83
C VAL M 83 45.13 51.33 9.08
N LYS M 84 43.93 51.85 9.29
CA LYS M 84 43.52 53.07 8.63
C LYS M 84 44.32 54.27 9.14
N GLY M 85 44.60 55.20 8.25
CA GLY M 85 45.46 56.33 8.56
C GLY M 85 46.91 56.10 8.19
N ARG M 86 47.47 54.98 8.63
CA ARG M 86 48.80 54.55 8.22
C ARG M 86 48.69 53.67 6.98
N PHE M 87 49.81 53.05 6.59
CA PHE M 87 49.94 52.11 5.48
C PHE M 87 49.75 52.77 4.11
N THR M 88 50.43 52.25 3.09
CA THR M 88 50.25 52.73 1.73
C THR M 88 50.67 51.63 0.77
N ILE M 89 50.03 51.61 -0.39
CA ILE M 89 50.27 50.60 -1.43
C ILE M 89 50.36 51.30 -2.77
N SER M 90 51.26 50.83 -3.62
CA SER M 90 51.41 51.38 -4.96
C SER M 90 51.87 50.26 -5.90
N ARG M 91 51.68 50.49 -7.20
CA ARG M 91 51.96 49.47 -8.19
C ARG M 91 52.40 50.13 -9.49
N ASP M 92 53.05 49.34 -10.34
CA ASP M 92 53.38 49.75 -11.70
C ASP M 92 53.33 48.53 -12.61
N ASN M 93 53.11 48.78 -13.88
CA ASN M 93 52.98 47.72 -14.88
C ASN M 93 54.23 47.53 -15.72
N ALA M 94 55.24 48.40 -15.57
CA ALA M 94 56.43 48.30 -16.39
C ALA M 94 57.31 47.11 -15.99
N LYS M 95 57.50 46.92 -14.69
CA LYS M 95 58.40 45.88 -14.18
C LYS M 95 57.68 44.77 -13.44
N ASN M 96 56.34 44.81 -13.38
CA ASN M 96 55.51 43.72 -12.85
C ASN M 96 55.84 43.40 -11.39
N SER M 97 55.63 44.39 -10.53
CA SER M 97 55.90 44.23 -9.10
C SER M 97 54.87 45.00 -8.30
N LEU M 98 54.72 44.59 -7.03
CA LEU M 98 53.82 45.24 -6.09
C LEU M 98 54.64 45.89 -4.98
N TYR M 99 54.25 47.10 -4.59
CA TYR M 99 54.95 47.86 -3.57
C TYR M 99 54.07 48.01 -2.34
N LEU M 100 54.59 47.62 -1.18
CA LEU M 100 53.91 47.78 0.09
C LEU M 100 54.85 48.50 1.06
N GLN M 101 54.40 49.62 1.61
CA GLN M 101 55.16 50.38 2.58
C GLN M 101 54.34 50.54 3.86
N MET M 102 55.00 50.35 5.00
CA MET M 102 54.34 50.38 6.30
C MET M 102 55.10 51.32 7.24
N ASN M 103 54.36 51.89 8.19
CA ASN M 103 54.96 52.80 9.17
C ASN M 103 54.17 52.71 10.46
N SER M 104 54.82 53.14 11.55
CA SER M 104 54.25 53.16 12.90
C SER M 104 53.79 51.77 13.32
N LEU M 105 54.74 50.85 13.39
CA LEU M 105 54.44 49.46 13.70
C LEU M 105 54.15 49.27 15.19
N ARG M 106 53.49 48.17 15.49
CA ARG M 106 53.17 47.77 16.86
C ARG M 106 53.58 46.31 17.07
N ALA M 107 53.36 45.82 18.28
CA ALA M 107 53.71 44.44 18.60
C ALA M 107 52.76 43.44 17.97
N GLU M 108 51.58 43.88 17.53
CA GLU M 108 50.62 42.98 16.90
C GLU M 108 51.06 42.57 15.49
N ASP M 109 51.95 43.34 14.86
CA ASP M 109 52.35 43.14 13.47
C ASP M 109 53.21 41.89 13.25
N THR M 110 53.42 41.01 14.22
CA THR M 110 54.16 39.76 13.98
C THR M 110 53.29 38.84 13.14
N ALA M 111 53.53 38.82 11.83
CA ALA M 111 52.72 38.02 10.92
C ALA M 111 53.53 37.76 9.65
N VAL M 112 53.08 36.76 8.90
CA VAL M 112 53.65 36.42 7.60
C VAL M 112 52.72 36.96 6.53
N TYR M 113 53.29 37.62 5.53
CA TYR M 113 52.52 38.37 4.54
C TYR M 113 52.56 37.67 3.18
N TYR M 114 51.39 37.45 2.60
CA TYR M 114 51.25 36.89 1.26
C TYR M 114 50.65 37.95 0.34
N CYS M 115 51.22 38.07 -0.87
CA CYS M 115 50.65 38.95 -1.87
C CYS M 115 49.53 38.21 -2.61
N ALA M 116 48.31 38.75 -2.55
CA ALA M 116 47.14 38.10 -3.10
C ALA M 116 46.82 38.65 -4.48
N ARG M 117 46.36 37.79 -5.37
CA ARG M 117 46.04 38.12 -6.74
C ARG M 117 44.61 37.70 -7.04
N GLY M 118 43.83 38.62 -7.61
CA GLY M 118 42.43 38.36 -7.90
C GLY M 118 42.19 37.97 -9.35
N GLN M 119 40.93 37.63 -9.64
CA GLN M 119 40.52 37.20 -10.97
C GLN M 119 39.56 38.17 -11.64
N LEU M 120 38.45 38.50 -11.00
CA LEU M 120 37.50 39.45 -11.59
C LEU M 120 37.19 40.59 -10.63
N GLY M 121 37.25 40.32 -9.33
CA GLY M 121 36.95 41.31 -8.33
C GLY M 121 37.01 40.74 -6.92
N PRO M 122 36.46 41.48 -5.96
CA PRO M 122 36.45 41.00 -4.57
C PRO M 122 35.42 39.92 -4.29
N TRP M 123 34.66 39.48 -5.29
CA TRP M 123 33.65 38.45 -5.09
C TRP M 123 34.09 37.07 -5.55
N VAL M 124 35.01 36.99 -6.51
CA VAL M 124 35.46 35.70 -7.02
C VAL M 124 36.21 34.93 -5.93
N GLY M 125 37.11 35.61 -5.23
CA GLY M 125 37.90 34.99 -4.18
C GLY M 125 39.38 35.31 -4.35
N VAL M 126 40.13 34.96 -3.30
CA VAL M 126 41.57 35.20 -3.30
C VAL M 126 42.23 34.24 -4.29
N ASP M 127 42.16 32.94 -4.01
CA ASP M 127 42.57 31.86 -4.91
C ASP M 127 44.06 31.88 -5.27
N TYR M 128 44.82 32.85 -4.76
CA TYR M 128 46.23 33.01 -5.09
C TYR M 128 46.97 33.40 -3.82
N TRP M 129 47.85 32.51 -3.34
CA TRP M 129 48.56 32.70 -2.08
C TRP M 129 50.04 32.45 -2.31
N GLY M 130 50.86 33.44 -1.99
CA GLY M 130 52.30 33.27 -2.07
C GLY M 130 52.85 32.49 -0.90
N GLN M 131 54.13 32.11 -1.02
CA GLN M 131 54.82 31.43 0.07
C GLN M 131 54.98 32.36 1.27
N GLY M 132 55.31 33.62 1.03
CA GLY M 132 55.37 34.63 2.06
C GLY M 132 56.75 34.76 2.68
N THR M 133 56.89 35.80 3.49
CA THR M 133 58.12 36.11 4.20
C THR M 133 57.81 36.30 5.67
N LEU M 134 58.56 35.63 6.54
CA LEU M 134 58.34 35.75 7.97
C LEU M 134 58.75 37.13 8.47
N VAL M 135 57.80 37.86 9.05
CA VAL M 135 58.04 39.21 9.56
C VAL M 135 57.67 39.21 11.04
N THR M 136 58.67 39.50 11.88
CA THR M 136 58.48 39.63 13.32
C THR M 136 59.04 40.97 13.78
N VAL M 137 58.51 41.47 14.90
CA VAL M 137 58.97 42.73 15.46
C VAL M 137 59.32 42.51 16.93
N SER M 138 60.35 43.25 17.37
CA SER M 138 60.79 43.23 18.76
C SER M 138 61.61 44.48 19.06
N SER M 139 61.45 45.03 20.27
CA SER M 139 62.17 46.25 20.62
C SER M 139 63.67 46.02 20.68
N ALA M 140 64.10 44.87 21.22
CA ALA M 140 65.52 44.55 21.34
C ALA M 140 65.97 43.92 20.02
N SER M 141 66.79 44.67 19.28
CA SER M 141 67.33 44.16 18.01
C SER M 141 68.28 42.99 18.27
N THR M 142 69.24 43.18 19.16
CA THR M 142 70.20 42.13 19.51
C THR M 142 70.84 42.46 20.84
N LYS M 143 71.51 41.45 21.42
CA LYS M 143 72.26 41.64 22.65
C LYS M 143 73.38 40.61 22.69
N GLY M 144 74.39 40.89 23.51
CA GLY M 144 75.56 40.04 23.62
C GLY M 144 75.30 38.79 24.44
N PRO M 145 75.55 37.64 23.83
CA PRO M 145 75.35 36.37 24.55
C PRO M 145 76.46 36.07 25.53
N SER M 146 76.17 35.18 26.47
CA SER M 146 77.13 34.72 27.47
C SER M 146 77.36 33.22 27.27
N VAL M 147 78.63 32.82 27.30
CA VAL M 147 79.02 31.43 27.07
C VAL M 147 79.60 30.88 28.36
N PHE M 148 79.06 29.76 28.83
CA PHE M 148 79.51 29.10 30.06
C PHE M 148 79.77 27.64 29.78
N PRO M 149 80.97 27.29 29.30
CA PRO M 149 81.31 25.89 29.07
C PRO M 149 81.64 25.16 30.37
N LEU M 150 80.60 24.66 31.04
CA LEU M 150 80.78 23.97 32.31
C LEU M 150 81.59 22.69 32.13
N ALA M 151 82.50 22.43 33.07
CA ALA M 151 83.35 21.25 33.02
C ALA M 151 83.09 20.37 34.24
N PRO M 152 82.30 19.29 34.10
CA PRO M 152 82.08 18.36 35.22
C PRO M 152 83.22 17.36 35.38
N SER M 153 84.27 17.79 36.07
CA SER M 153 85.44 16.95 36.27
C SER M 153 85.12 15.72 37.12
N SER M 154 84.31 15.90 38.16
CA SER M 154 83.95 14.82 39.08
C SER M 154 82.48 14.46 38.85
N LYS M 155 82.24 13.31 38.26
CA LYS M 155 80.88 12.80 38.07
C LYS M 155 80.94 11.30 37.91
N SER M 156 79.96 10.59 38.47
CA SER M 156 79.90 9.15 38.36
C SER M 156 79.29 8.74 37.01
N THR M 157 79.31 7.43 36.76
CA THR M 157 78.77 6.88 35.53
C THR M 157 77.27 6.65 35.68
N SER M 158 76.68 5.94 34.71
CA SER M 158 75.25 5.62 34.68
C SER M 158 74.39 6.89 34.72
N GLY M 159 74.83 7.92 33.99
CA GLY M 159 74.10 9.16 33.90
C GLY M 159 73.83 9.53 32.44
N GLY M 160 73.06 10.61 32.27
CA GLY M 160 72.75 11.07 30.93
C GLY M 160 73.96 11.59 30.19
N THR M 161 74.78 12.40 30.86
CA THR M 161 76.00 12.94 30.30
C THR M 161 77.18 12.51 31.16
N ALA M 162 78.17 11.87 30.54
CA ALA M 162 79.35 11.41 31.28
C ALA M 162 80.15 12.57 31.84
N ALA M 163 80.75 13.39 30.97
CA ALA M 163 81.46 14.59 31.41
C ALA M 163 81.55 15.56 30.23
N LEU M 164 80.65 16.53 30.18
CA LEU M 164 80.66 17.61 29.19
C LEU M 164 79.57 18.61 29.57
N GLY M 165 79.80 19.87 29.19
CA GLY M 165 78.80 20.90 29.42
C GLY M 165 79.07 22.21 28.71
N CYS M 166 78.04 22.77 28.09
CA CYS M 166 78.10 24.11 27.50
C CYS M 166 76.75 24.78 27.71
N LEU M 167 76.77 26.05 28.09
CA LEU M 167 75.56 26.79 28.41
C LEU M 167 75.60 28.14 27.71
N VAL M 168 74.48 28.52 27.09
CA VAL M 168 74.32 29.82 26.43
C VAL M 168 73.18 30.55 27.13
N LYS M 169 73.47 31.74 27.63
CA LYS M 169 72.49 32.52 28.39
C LYS M 169 72.55 33.98 27.97
N ASP M 170 71.43 34.67 28.17
CA ASP M 170 71.31 36.11 27.95
C ASP M 170 71.61 36.48 26.49
N TYR M 171 70.78 35.95 25.58
CA TYR M 171 70.89 36.24 24.17
C TYR M 171 69.51 36.53 23.59
N PHE M 172 69.49 37.31 22.52
CA PHE M 172 68.26 37.71 21.84
C PHE M 172 68.63 38.24 20.46
N PRO M 173 67.95 37.79 19.39
CA PRO M 173 66.88 36.79 19.34
C PRO M 173 67.34 35.43 18.83
N GLU M 174 66.38 34.53 18.62
CA GLU M 174 66.66 33.22 18.07
C GLU M 174 67.04 33.33 16.59
N PRO M 175 67.77 32.35 16.04
CA PRO M 175 68.43 31.21 16.72
C PRO M 175 69.90 31.47 17.03
N VAL M 176 70.60 30.46 17.56
CA VAL M 176 72.04 30.52 17.77
C VAL M 176 72.65 29.24 17.19
N THR M 177 73.68 29.40 16.37
CA THR M 177 74.39 28.25 15.81
C THR M 177 75.38 27.73 16.84
N VAL M 178 75.16 26.52 17.32
CA VAL M 178 75.99 25.90 18.34
C VAL M 178 76.77 24.76 17.70
N SER M 179 78.09 24.79 17.86
CA SER M 179 78.98 23.78 17.29
C SER M 179 79.99 23.35 18.34
N TRP M 180 80.53 22.15 18.17
CA TRP M 180 81.53 21.58 19.06
C TRP M 180 82.75 21.17 18.26
N ASN M 181 83.93 21.64 18.69
CA ASN M 181 85.21 21.37 18.04
C ASN M 181 85.20 21.74 16.56
N SER M 182 84.59 22.90 16.26
CA SER M 182 84.47 23.42 14.90
C SER M 182 83.78 22.43 13.97
N GLY M 183 82.78 21.72 14.49
CA GLY M 183 82.03 20.77 13.71
C GLY M 183 82.72 19.46 13.43
N ALA M 184 83.81 19.15 14.15
CA ALA M 184 84.53 17.91 13.91
C ALA M 184 83.69 16.70 14.33
N LEU M 185 83.02 16.78 15.48
CA LEU M 185 82.19 15.70 15.98
C LEU M 185 80.72 16.09 15.90
N THR M 186 79.88 15.13 15.51
CA THR M 186 78.45 15.36 15.42
C THR M 186 77.62 14.22 16.00
N SER M 187 78.24 13.20 16.58
CA SER M 187 77.52 12.07 17.13
C SER M 187 77.30 12.27 18.63
N GLY M 188 76.06 12.06 19.07
CA GLY M 188 75.72 12.23 20.46
C GLY M 188 75.44 13.65 20.89
N VAL M 189 75.39 14.59 19.96
CA VAL M 189 75.14 16.00 20.28
C VAL M 189 73.65 16.18 20.50
N HIS M 190 73.28 16.62 21.70
CA HIS M 190 71.89 16.91 22.04
C HIS M 190 71.80 18.35 22.51
N THR M 191 70.97 19.14 21.84
CA THR M 191 70.79 20.55 22.15
C THR M 191 69.37 20.76 22.68
N PHE M 192 69.27 21.20 23.93
CA PHE M 192 67.98 21.45 24.53
C PHE M 192 67.35 22.73 23.94
N PRO M 193 66.03 22.77 23.82
CA PRO M 193 65.37 23.98 23.31
C PRO M 193 65.48 25.13 24.29
N ALA M 194 65.35 26.34 23.74
CA ALA M 194 65.45 27.55 24.55
C ALA M 194 64.28 27.67 25.50
N VAL M 195 64.55 28.23 26.68
CA VAL M 195 63.54 28.44 27.71
C VAL M 195 63.31 29.93 27.87
N LEU M 196 62.08 30.30 28.23
CA LEU M 196 61.73 31.68 28.49
C LEU M 196 61.82 31.96 29.98
N GLN M 197 62.48 33.05 30.34
CA GLN M 197 62.67 33.41 31.73
C GLN M 197 61.61 34.42 32.14
N SER M 198 61.75 34.98 33.35
CA SER M 198 60.78 35.95 33.85
C SER M 198 60.87 37.29 33.12
N SER M 199 62.00 37.59 32.50
CA SER M 199 62.19 38.83 31.76
C SER M 199 62.07 38.64 30.25
N GLY M 200 61.53 37.51 29.81
CA GLY M 200 61.45 37.22 28.38
C GLY M 200 62.80 37.03 27.72
N LEU M 201 63.70 36.31 28.38
CA LEU M 201 65.06 36.11 27.89
C LEU M 201 65.27 34.63 27.59
N TYR M 202 66.00 34.35 26.51
CA TYR M 202 66.21 32.99 26.04
C TYR M 202 67.46 32.39 26.68
N SER M 203 67.44 31.08 26.87
CA SER M 203 68.56 30.35 27.43
C SER M 203 68.44 28.89 27.07
N LEU M 204 69.56 28.26 26.68
CA LEU M 204 69.57 26.86 26.31
C LEU M 204 70.93 26.27 26.61
N SER M 205 70.99 24.93 26.60
CA SER M 205 72.24 24.22 26.82
C SER M 205 72.33 23.06 25.84
N SER M 206 73.56 22.65 25.54
CA SER M 206 73.83 21.53 24.64
C SER M 206 74.82 20.58 25.31
N VAL M 207 74.55 19.29 25.20
CA VAL M 207 75.35 18.25 25.85
C VAL M 207 75.74 17.19 24.83
N VAL M 208 76.96 16.66 24.97
CA VAL M 208 77.48 15.60 24.12
C VAL M 208 78.06 14.52 25.02
N THR M 209 77.75 13.25 24.71
CA THR M 209 78.22 12.12 25.48
C THR M 209 79.62 11.73 24.99
N VAL M 210 80.61 11.93 25.85
CA VAL M 210 82.01 11.61 25.51
C VAL M 210 82.60 10.80 26.66
N PRO M 211 83.59 9.93 26.41
CA PRO M 211 84.21 9.18 27.50
C PRO M 211 84.96 10.08 28.47
N SER M 212 84.99 9.65 29.73
CA SER M 212 85.66 10.42 30.78
C SER M 212 87.18 10.26 30.76
N SER M 213 87.70 9.29 30.00
CA SER M 213 89.14 9.11 29.91
C SER M 213 89.80 10.12 28.97
N SER M 214 89.02 10.88 28.22
CA SER M 214 89.55 11.86 27.27
C SER M 214 89.41 13.30 27.77
N LEU M 215 89.26 13.49 29.07
CA LEU M 215 89.14 14.84 29.62
C LEU M 215 90.43 15.64 29.43
N GLY M 216 91.58 15.01 29.66
CA GLY M 216 92.85 15.71 29.55
C GLY M 216 93.62 15.39 28.28
N THR M 217 93.23 14.31 27.59
CA THR M 217 93.92 13.89 26.38
C THR M 217 93.24 14.37 25.10
N GLN M 218 92.14 15.13 25.22
CA GLN M 218 91.43 15.63 24.05
C GLN M 218 90.91 17.03 24.35
N THR M 219 91.05 17.93 23.38
CA THR M 219 90.65 19.32 23.54
C THR M 219 89.18 19.48 23.17
N TYR M 220 88.39 20.01 24.11
CA TYR M 220 86.97 20.30 23.89
C TYR M 220 86.79 21.81 23.85
N ILE M 221 86.27 22.31 22.73
CA ILE M 221 86.01 23.73 22.55
C ILE M 221 84.56 23.89 22.07
N CYS M 222 83.83 24.81 22.69
CA CYS M 222 82.42 25.02 22.41
C CYS M 222 82.26 26.27 21.56
N ASN M 223 81.68 26.11 20.37
CA ASN M 223 81.55 27.19 19.40
C ASN M 223 80.14 27.76 19.46
N VAL M 224 80.04 29.06 19.74
CA VAL M 224 78.76 29.76 19.82
C VAL M 224 78.81 30.92 18.83
N ASN M 225 77.85 30.96 17.91
CA ASN M 225 77.77 32.01 16.90
C ASN M 225 76.37 32.60 16.90
N HIS M 226 76.27 33.92 16.96
CA HIS M 226 75.00 34.64 16.93
C HIS M 226 75.02 35.60 15.76
N LYS M 227 74.04 35.47 14.87
CA LYS M 227 74.03 36.24 13.63
C LYS M 227 73.57 37.70 13.82
N PRO M 228 72.47 37.99 14.54
CA PRO M 228 72.16 39.42 14.78
C PRO M 228 73.21 40.15 15.58
N SER M 229 73.89 39.47 16.52
CA SER M 229 74.92 40.11 17.33
C SER M 229 76.30 40.08 16.68
N ASN M 230 76.44 39.37 15.56
CA ASN M 230 77.71 39.14 14.84
C ASN M 230 78.87 38.85 15.79
N THR M 231 78.64 37.93 16.72
CA THR M 231 79.64 37.50 17.69
C THR M 231 79.92 36.02 17.50
N LYS M 232 81.21 35.67 17.44
CA LYS M 232 81.65 34.28 17.38
C LYS M 232 82.71 34.08 18.47
N VAL M 233 82.34 33.38 19.53
CA VAL M 233 83.20 33.17 20.69
C VAL M 233 83.51 31.69 20.79
N ASP M 234 84.80 31.37 20.83
CA ASP M 234 85.28 29.99 20.97
C ASP M 234 85.97 29.87 22.32
N LYS M 235 85.50 28.93 23.15
CA LYS M 235 85.99 28.78 24.50
C LYS M 235 86.37 27.34 24.77
N LYS M 236 87.61 27.13 25.21
CA LYS M 236 88.09 25.80 25.55
C LYS M 236 87.53 25.36 26.90
N VAL M 237 87.30 24.05 27.04
CA VAL M 237 86.80 23.47 28.27
C VAL M 237 87.99 22.94 29.08
N GLU M 238 88.13 23.43 30.31
CA GLU M 238 89.18 22.98 31.22
C GLU M 238 88.53 22.41 32.48
N PRO M 239 88.84 21.17 32.86
CA PRO M 239 88.29 20.62 34.10
C PRO M 239 88.78 21.38 35.33
N LYS M 240 87.93 21.43 36.34
CA LYS M 240 88.27 22.12 37.59
C LYS M 240 89.11 21.24 38.50
N ASN N 18 30.03 45.39 11.00
CA ASN N 18 30.62 44.36 11.84
C ASN N 18 30.35 42.96 11.31
N PHE N 19 30.48 42.81 9.98
CA PHE N 19 30.25 41.52 9.35
C PHE N 19 31.34 40.53 9.76
N MET N 20 30.91 39.35 10.22
CA MET N 20 31.85 38.32 10.64
C MET N 20 31.22 36.96 10.40
N LEU N 21 32.06 35.95 10.21
CA LEU N 21 31.63 34.60 9.90
C LEU N 21 31.98 33.67 11.05
N THR N 22 31.00 32.90 11.51
CA THR N 22 31.16 32.01 12.65
C THR N 22 31.24 30.57 12.17
N GLN N 23 32.32 29.89 12.54
CA GLN N 23 32.53 28.49 12.21
C GLN N 23 33.29 27.83 13.35
N PRO N 24 33.14 26.50 13.53
CA PRO N 24 33.87 25.83 14.61
C PRO N 24 35.37 25.74 14.35
N HIS N 25 36.10 25.11 15.28
CA HIS N 25 37.55 25.01 15.18
C HIS N 25 38.06 23.58 15.05
N SER N 26 37.29 22.58 15.46
CA SER N 26 37.72 21.18 15.37
C SER N 26 36.51 20.32 15.09
N VAL N 27 36.39 19.84 13.85
CA VAL N 27 35.27 18.99 13.45
C VAL N 27 35.85 18.01 12.42
N SER N 28 35.02 17.10 11.90
CA SER N 28 35.37 16.12 10.87
C SER N 28 36.43 15.12 11.32
N GLU N 29 36.52 14.89 12.64
CA GLU N 29 37.47 13.92 13.19
C GLU N 29 36.86 12.52 13.05
N SER N 30 36.81 12.04 11.81
CA SER N 30 36.12 10.79 11.50
C SER N 30 36.82 10.09 10.33
N PRO N 31 36.93 8.77 10.35
CA PRO N 31 37.53 8.06 9.22
C PRO N 31 36.53 7.64 8.14
N GLY N 32 36.77 8.08 6.91
CA GLY N 32 36.13 7.52 5.73
C GLY N 32 34.63 7.57 5.58
N LYS N 33 34.02 8.72 5.84
CA LYS N 33 32.61 8.91 5.54
C LYS N 33 32.36 10.40 5.31
N THR N 34 31.09 10.75 5.05
CA THR N 34 30.70 12.10 4.67
C THR N 34 30.40 12.92 5.91
N VAL N 35 31.05 14.08 6.02
CA VAL N 35 30.86 15.00 7.14
C VAL N 35 30.82 16.42 6.59
N THR N 36 29.93 17.24 7.14
CA THR N 36 29.74 18.61 6.68
C THR N 36 30.29 19.61 7.69
N ILE N 37 30.70 20.77 7.19
CA ILE N 37 31.22 21.86 7.99
C ILE N 37 30.39 23.10 7.71
N SER N 38 29.89 23.74 8.77
CA SER N 38 28.97 24.86 8.65
C SER N 38 29.66 26.16 9.05
N CYS N 39 29.55 27.18 8.18
CA CYS N 39 30.01 28.53 8.47
C CYS N 39 28.83 29.48 8.27
N THR N 40 28.59 30.33 9.26
CA THR N 40 27.42 31.21 9.25
C THR N 40 27.83 32.62 9.64
N GLY N 41 27.01 33.59 9.22
CA GLY N 41 27.21 34.98 9.54
C GLY N 41 26.09 35.51 10.42
N SER N 42 26.29 36.72 10.93
CA SER N 42 25.32 37.33 11.84
C SER N 42 24.85 38.70 11.41
N SER N 43 25.74 39.53 10.85
CA SER N 43 25.37 40.91 10.54
C SER N 43 24.43 40.98 9.32
N GLY N 44 24.67 40.13 8.31
CA GLY N 44 23.87 40.16 7.12
C GLY N 44 23.77 38.78 6.50
N SER N 45 23.01 38.70 5.42
CA SER N 45 22.80 37.44 4.72
C SER N 45 24.02 37.12 3.86
N ILE N 46 24.59 35.93 4.05
CA ILE N 46 25.76 35.51 3.28
C ILE N 46 25.41 35.06 1.87
N ALA N 47 24.13 34.89 1.57
CA ALA N 47 23.70 34.47 0.24
C ALA N 47 23.65 35.62 -0.76
N SER N 48 23.79 36.87 -0.30
CA SER N 48 23.78 38.01 -1.21
C SER N 48 25.04 38.04 -2.07
N ASN N 49 26.20 37.75 -1.47
CA ASN N 49 27.47 37.75 -2.17
C ASN N 49 28.06 36.35 -2.16
N TYR N 50 29.13 36.17 -2.93
CA TYR N 50 29.80 34.88 -3.03
C TYR N 50 30.64 34.62 -1.79
N VAL N 51 30.64 33.37 -1.34
CA VAL N 51 31.42 32.93 -0.18
C VAL N 51 32.32 31.79 -0.62
N GLN N 52 33.61 31.91 -0.31
CA GLN N 52 34.62 30.95 -0.75
C GLN N 52 35.24 30.23 0.43
N TRP N 53 35.71 29.01 0.17
CA TRP N 53 36.38 28.19 1.18
C TRP N 53 37.85 28.05 0.82
N TYR N 54 38.73 28.28 1.80
CA TYR N 54 40.16 28.22 1.62
C TYR N 54 40.76 27.19 2.57
N GLN N 55 41.72 26.41 2.08
CA GLN N 55 42.48 25.47 2.91
C GLN N 55 43.94 25.88 2.83
N GLN N 56 44.67 25.68 3.92
CA GLN N 56 46.10 25.99 3.93
C GLN N 56 46.88 24.79 4.44
N ARG N 57 48.01 24.52 3.81
CA ARG N 57 48.94 23.52 4.33
C ARG N 57 49.55 24.06 5.62
N PRO N 58 49.58 23.28 6.70
CA PRO N 58 50.16 23.78 7.95
C PRO N 58 51.67 23.97 7.81
N GLY N 59 52.09 25.23 7.87
CA GLY N 59 53.48 25.57 7.67
C GLY N 59 53.90 25.79 6.24
N SER N 60 52.95 25.94 5.32
CA SER N 60 53.26 26.17 3.90
C SER N 60 52.24 27.14 3.34
N ALA N 61 52.27 27.31 2.01
CA ALA N 61 51.42 28.30 1.36
C ALA N 61 49.97 27.83 1.30
N PRO N 62 49.00 28.72 1.48
CA PRO N 62 47.59 28.35 1.38
C PRO N 62 47.16 28.11 -0.06
N THR N 63 46.03 27.41 -0.21
CA THR N 63 45.40 27.15 -1.50
C THR N 63 43.89 27.37 -1.35
N THR N 64 43.12 26.90 -2.33
CA THR N 64 41.67 27.06 -2.33
C THR N 64 41.02 25.78 -2.84
N VAL N 65 39.96 25.32 -2.15
CA VAL N 65 39.24 24.13 -2.59
C VAL N 65 37.93 24.53 -3.27
N ILE N 66 37.35 25.65 -2.84
CA ILE N 66 36.03 26.05 -3.29
C ILE N 66 36.07 27.52 -3.67
N TYR N 67 35.71 27.82 -4.91
CA TYR N 67 35.44 29.17 -5.37
C TYR N 67 34.11 29.16 -6.12
N GLU N 68 33.52 30.34 -6.27
CA GLU N 68 32.22 30.59 -6.89
C GLU N 68 31.08 29.98 -6.09
N ASP N 69 31.37 29.34 -4.96
CA ASP N 69 30.43 28.71 -4.01
C ASP N 69 29.77 27.46 -4.60
N ASN N 70 30.06 27.11 -5.86
CA ASN N 70 29.52 25.89 -6.46
C ASN N 70 30.52 25.11 -7.29
N GLN N 71 31.67 25.67 -7.64
CA GLN N 71 32.65 25.02 -8.50
C GLN N 71 33.95 24.78 -7.73
N ARG N 72 34.93 24.24 -8.43
CA ARG N 72 36.20 23.81 -7.86
C ARG N 72 37.32 24.08 -8.85
N PRO N 73 38.54 24.31 -8.36
CA PRO N 73 39.67 24.54 -9.28
C PRO N 73 40.06 23.27 -10.03
N SER N 74 40.77 23.47 -11.12
CA SER N 74 41.24 22.35 -11.93
C SER N 74 42.28 21.54 -11.17
N GLY N 75 42.13 20.21 -11.21
CA GLY N 75 42.99 19.31 -10.47
C GLY N 75 42.52 18.99 -9.07
N VAL N 76 41.52 19.71 -8.57
CA VAL N 76 40.98 19.43 -7.23
C VAL N 76 40.02 18.24 -7.34
N PRO N 77 40.14 17.24 -6.48
CA PRO N 77 39.29 16.04 -6.59
C PRO N 77 37.82 16.34 -6.36
N ASP N 78 36.98 15.45 -6.90
CA ASP N 78 35.52 15.59 -6.86
C ASP N 78 34.94 15.37 -5.47
N ARG N 79 35.75 14.91 -4.51
CA ARG N 79 35.25 14.55 -3.19
C ARG N 79 34.66 15.76 -2.46
N PHE N 80 35.24 16.94 -2.67
CA PHE N 80 34.76 18.15 -2.02
C PHE N 80 33.56 18.73 -2.75
N SER N 81 32.60 19.23 -1.98
CA SER N 81 31.40 19.85 -2.53
C SER N 81 30.85 20.85 -1.52
N GLY N 82 30.01 21.75 -2.00
CA GLY N 82 29.44 22.78 -1.16
C GLY N 82 27.95 22.98 -1.43
N SER N 83 27.28 23.59 -0.46
CA SER N 83 25.86 23.86 -0.56
C SER N 83 25.52 25.08 0.30
N ILE N 84 24.37 25.68 0.01
CA ILE N 84 23.92 26.89 0.69
C ILE N 84 22.51 26.66 1.23
N ASP N 85 22.32 26.94 2.52
CA ASP N 85 21.02 26.89 3.17
C ASP N 85 20.65 28.31 3.56
N SER N 86 19.72 28.92 2.82
CA SER N 86 19.32 30.29 3.10
C SER N 86 18.43 30.42 4.33
N SER N 87 17.80 29.32 4.77
CA SER N 87 16.94 29.38 5.94
C SER N 87 17.76 29.56 7.21
N SER N 88 18.83 28.79 7.35
CA SER N 88 19.69 28.87 8.54
C SER N 88 20.80 29.90 8.40
N ASN N 89 20.92 30.54 7.23
CA ASN N 89 21.95 31.55 6.95
C ASN N 89 23.35 30.99 7.20
N SER N 90 23.60 29.78 6.69
CA SER N 90 24.87 29.11 6.89
C SER N 90 25.34 28.50 5.58
N ALA N 91 26.65 28.35 5.45
CA ALA N 91 27.28 27.75 4.29
C ALA N 91 27.86 26.40 4.68
N SER N 92 27.55 25.37 3.90
CA SER N 92 27.95 24.00 4.20
C SER N 92 29.02 23.53 3.21
N LEU N 93 30.11 23.01 3.74
CA LEU N 93 31.17 22.40 2.95
C LEU N 93 31.24 20.92 3.27
N THR N 94 31.15 20.08 2.25
CA THR N 94 31.09 18.64 2.41
C THR N 94 32.28 17.98 1.73
N ILE N 95 32.94 17.07 2.44
CA ILE N 95 34.02 16.25 1.90
C ILE N 95 33.57 14.79 2.02
N SER N 96 33.78 14.03 0.96
CA SER N 96 33.26 12.67 0.87
C SER N 96 34.30 11.60 1.17
N GLY N 97 35.41 11.59 0.43
CA GLY N 97 36.37 10.50 0.56
C GLY N 97 37.07 10.48 1.90
N LEU N 98 37.53 11.65 2.36
CA LEU N 98 38.33 11.80 3.58
C LEU N 98 39.56 10.90 3.55
N LYS N 99 40.39 11.10 2.53
CA LYS N 99 41.57 10.29 2.31
C LYS N 99 42.72 10.77 3.21
N THR N 100 43.93 10.26 2.95
CA THR N 100 45.10 10.58 3.75
C THR N 100 45.59 12.01 3.52
N GLU N 101 45.18 12.65 2.42
CA GLU N 101 45.69 13.97 2.05
C GLU N 101 44.85 15.11 2.63
N ASP N 102 44.20 14.89 3.77
CA ASP N 102 43.36 15.90 4.40
C ASP N 102 43.92 16.19 5.80
N GLU N 103 44.90 17.10 5.87
CA GLU N 103 45.41 17.63 7.14
C GLU N 103 45.55 19.13 6.96
N ALA N 104 44.47 19.87 7.24
CA ALA N 104 44.46 21.31 7.00
C ALA N 104 43.38 21.94 7.87
N ASP N 105 43.45 23.27 7.95
CA ASP N 105 42.43 24.08 8.60
C ASP N 105 41.75 24.96 7.55
N TYR N 106 40.42 25.04 7.62
CA TYR N 106 39.61 25.66 6.59
C TYR N 106 39.08 27.01 7.06
N TYR N 107 38.82 27.89 6.10
CA TYR N 107 38.31 29.23 6.36
C TYR N 107 37.16 29.53 5.40
N CYS N 108 36.25 30.39 5.84
CA CYS N 108 35.17 30.90 5.02
C CYS N 108 35.29 32.41 4.91
N GLN N 109 35.27 32.93 3.68
CA GLN N 109 35.52 34.34 3.40
C GLN N 109 34.34 34.94 2.64
N SER N 110 33.96 36.16 3.03
CA SER N 110 32.87 36.86 2.40
C SER N 110 33.24 38.29 2.03
N TYR N 111 32.27 39.07 1.57
CA TYR N 111 32.51 40.45 1.15
C TYR N 111 31.25 41.25 1.44
N ASP N 112 31.34 42.22 2.36
CA ASP N 112 30.17 43.03 2.71
C ASP N 112 30.11 44.33 1.92
N SER N 113 31.11 45.20 2.09
CA SER N 113 31.16 46.45 1.33
C SER N 113 32.61 46.95 1.34
N SER N 114 33.29 46.80 0.20
CA SER N 114 34.67 47.28 0.00
C SER N 114 35.66 46.70 1.00
N ASN N 115 35.31 45.61 1.69
CA ASN N 115 36.17 45.00 2.69
C ASN N 115 36.00 43.49 2.64
N TRP N 116 37.04 42.79 3.08
CA TRP N 116 37.05 41.34 3.12
C TRP N 116 37.08 40.86 4.57
N VAL N 117 36.32 39.82 4.87
CA VAL N 117 36.25 39.22 6.20
C VAL N 117 36.59 37.74 6.08
N PHE N 118 37.40 37.25 7.01
CA PHE N 118 37.85 35.86 7.00
C PHE N 118 37.34 35.13 8.24
N GLY N 119 37.22 33.81 8.12
CA GLY N 119 36.75 33.00 9.22
C GLY N 119 37.82 32.75 10.27
N GLY N 120 37.38 32.23 11.41
CA GLY N 120 38.31 31.94 12.50
C GLY N 120 39.27 30.81 12.19
N GLY N 121 38.78 29.75 11.56
CA GLY N 121 39.61 28.60 11.26
C GLY N 121 39.08 27.31 11.88
N THR N 122 39.14 26.21 11.13
CA THR N 122 38.61 24.92 11.57
C THR N 122 39.68 23.86 11.36
N GLN N 123 40.45 23.57 12.40
CA GLN N 123 41.57 22.64 12.29
C GLN N 123 41.07 21.21 12.10
N LEU N 124 41.66 20.51 11.14
CA LEU N 124 41.35 19.09 10.89
C LEU N 124 42.67 18.37 10.67
N THR N 125 43.07 17.56 11.65
CA THR N 125 44.35 16.86 11.62
C THR N 125 44.22 15.34 11.63
N VAL N 126 43.46 14.78 12.56
CA VAL N 126 43.33 13.33 12.69
C VAL N 126 42.19 12.88 11.77
N LEU N 127 42.53 12.11 10.75
CA LEU N 127 41.57 11.66 9.76
C LEU N 127 41.20 10.19 9.95
N GLY N 135 57.38 0.50 22.33
CA GLY N 135 57.24 -0.86 22.81
C GLY N 135 56.96 -0.93 24.30
N GLN N 136 57.62 -0.07 25.07
CA GLN N 136 57.43 -0.05 26.51
C GLN N 136 56.52 1.11 26.89
N PRO N 137 55.35 0.85 27.47
CA PRO N 137 54.49 1.96 27.94
C PRO N 137 55.11 2.76 29.07
N LYS N 138 56.06 2.19 29.81
CA LYS N 138 56.76 2.88 30.89
C LYS N 138 58.22 3.09 30.49
N ALA N 139 58.67 4.34 30.56
CA ALA N 139 60.05 4.69 30.25
C ALA N 139 60.67 5.37 31.46
N ALA N 140 61.86 4.93 31.85
CA ALA N 140 62.54 5.50 33.01
C ALA N 140 63.10 6.87 32.67
N PRO N 141 62.74 7.92 33.41
CA PRO N 141 63.26 9.26 33.11
C PRO N 141 64.68 9.43 33.64
N SER N 142 65.59 9.85 32.75
CA SER N 142 66.96 10.13 33.12
C SER N 142 67.09 11.59 33.53
N VAL N 143 67.59 11.83 34.74
CA VAL N 143 67.60 13.17 35.34
C VAL N 143 69.04 13.53 35.68
N THR N 144 69.46 14.72 35.30
CA THR N 144 70.84 15.16 35.46
C THR N 144 70.89 16.56 36.07
N LEU N 145 71.86 16.77 36.96
CA LEU N 145 72.07 18.06 37.62
C LEU N 145 73.42 18.63 37.22
N PHE N 146 73.46 19.95 37.00
CA PHE N 146 74.67 20.68 36.67
C PHE N 146 74.82 21.86 37.63
N PRO N 147 75.49 21.67 38.76
CA PRO N 147 75.72 22.81 39.66
C PRO N 147 76.70 23.80 39.05
N PRO N 148 76.62 25.08 39.41
CA PRO N 148 77.54 26.07 38.86
C PRO N 148 78.97 25.84 39.35
N SER N 149 79.92 26.18 38.49
CA SER N 149 81.34 26.02 38.78
C SER N 149 81.90 27.35 39.29
N SER N 150 83.23 27.40 39.43
CA SER N 150 83.87 28.63 39.89
C SER N 150 83.80 29.73 38.83
N GLU N 151 83.70 29.37 37.56
CA GLU N 151 83.57 30.37 36.50
C GLU N 151 82.23 31.10 36.59
N GLU N 152 81.17 30.38 36.95
CA GLU N 152 79.85 31.01 37.05
C GLU N 152 79.78 31.98 38.22
N LEU N 153 80.27 31.56 39.39
CA LEU N 153 80.11 32.36 40.60
C LEU N 153 81.03 33.58 40.64
N GLN N 154 82.12 33.58 39.88
CA GLN N 154 83.03 34.72 39.86
C GLN N 154 82.50 35.88 39.03
N ALA N 155 81.42 35.67 38.26
CA ALA N 155 80.80 36.73 37.49
C ALA N 155 79.47 37.19 38.08
N ASN N 156 79.28 36.94 39.38
CA ASN N 156 78.04 37.28 40.10
C ASN N 156 76.83 36.63 39.44
N LYS N 157 76.98 35.35 39.07
CA LYS N 157 75.90 34.56 38.50
C LYS N 157 75.89 33.18 39.14
N ALA N 158 74.70 32.57 39.14
CA ALA N 158 74.54 31.20 39.64
C ALA N 158 73.36 30.59 38.90
N THR N 159 73.65 29.80 37.87
CA THR N 159 72.63 29.18 37.03
C THR N 159 72.60 27.69 37.34
N LEU N 160 71.49 27.21 37.90
CA LEU N 160 71.29 25.81 38.20
C LEU N 160 70.23 25.26 37.26
N VAL N 161 70.59 24.22 36.50
CA VAL N 161 69.70 23.64 35.49
C VAL N 161 69.30 22.24 35.94
N CYS N 162 68.02 21.92 35.75
CA CYS N 162 67.45 20.63 36.14
C CYS N 162 66.93 19.96 34.86
N LEU N 163 67.70 19.01 34.34
CA LEU N 163 67.45 18.41 33.04
C LEU N 163 66.78 17.06 33.20
N ILE N 164 65.79 16.79 32.34
CA ILE N 164 65.01 15.56 32.37
C ILE N 164 64.75 15.11 30.93
N SER N 165 64.74 13.80 30.73
CA SER N 165 64.53 13.25 29.39
C SER N 165 63.98 11.83 29.49
N ASP N 166 63.46 11.34 28.37
CA ASP N 166 62.95 9.97 28.22
C ASP N 166 61.81 9.68 29.20
N PHE N 167 60.72 10.44 29.02
CA PHE N 167 59.51 10.25 29.81
C PHE N 167 58.31 10.17 28.87
N TYR N 168 57.31 9.41 29.29
CA TYR N 168 56.12 9.17 28.47
C TYR N 168 54.92 8.88 29.37
N PRO N 169 53.83 9.65 29.26
CA PRO N 169 53.62 10.84 28.42
C PRO N 169 54.39 12.06 28.90
N GLY N 170 54.54 13.07 28.05
CA GLY N 170 55.37 14.23 28.36
C GLY N 170 54.69 15.31 29.17
N ALA N 171 54.37 15.01 30.43
CA ALA N 171 53.82 15.99 31.37
C ALA N 171 54.41 15.71 32.74
N VAL N 172 55.33 16.57 33.16
CA VAL N 172 55.98 16.47 34.46
C VAL N 172 55.95 17.84 35.13
N THR N 173 56.06 17.83 36.45
CA THR N 173 56.14 19.06 37.24
C THR N 173 57.51 19.13 37.89
N VAL N 174 58.24 20.20 37.61
CA VAL N 174 59.60 20.39 38.11
C VAL N 174 59.56 21.37 39.27
N ALA N 175 60.03 20.92 40.44
CA ALA N 175 60.05 21.75 41.64
C ALA N 175 61.44 21.71 42.25
N TRP N 176 61.79 22.82 42.92
CA TRP N 176 63.08 22.95 43.58
C TRP N 176 62.88 23.04 45.08
N LYS N 177 63.64 22.25 45.83
CA LYS N 177 63.54 22.20 47.28
C LYS N 177 64.83 22.73 47.90
N ALA N 178 64.69 23.73 48.77
CA ALA N 178 65.82 24.28 49.49
C ALA N 178 66.00 23.54 50.82
N ASP N 179 66.79 24.10 51.71
CA ASP N 179 67.08 23.45 52.99
C ASP N 179 65.82 23.30 53.85
N SER N 180 64.99 24.34 53.92
CA SER N 180 63.82 24.29 54.77
C SER N 180 62.57 24.92 54.18
N SER N 181 62.61 25.40 52.94
CA SER N 181 61.44 26.04 52.35
C SER N 181 61.50 25.99 50.83
N PRO N 182 60.44 25.52 50.16
CA PRO N 182 60.44 25.51 48.69
C PRO N 182 60.43 26.92 48.12
N VAL N 183 61.05 27.06 46.95
CA VAL N 183 61.14 28.34 46.27
C VAL N 183 59.98 28.49 45.29
N LYS N 184 59.67 29.73 44.93
CA LYS N 184 58.58 30.02 44.01
C LYS N 184 59.04 30.93 42.88
N ALA N 185 60.02 31.80 43.16
CA ALA N 185 60.49 32.78 42.21
C ALA N 185 61.87 32.41 41.70
N GLY N 186 62.08 32.56 40.40
CA GLY N 186 63.35 32.28 39.77
C GLY N 186 63.45 30.95 39.06
N VAL N 187 62.35 30.20 38.96
CA VAL N 187 62.34 28.88 38.32
C VAL N 187 61.53 28.99 37.04
N GLU N 188 62.14 28.60 35.92
CA GLU N 188 61.47 28.62 34.62
C GLU N 188 61.60 27.25 33.97
N THR N 189 60.51 26.79 33.37
CA THR N 189 60.45 25.46 32.77
C THR N 189 59.86 25.57 31.36
N THR N 190 60.48 24.89 30.41
CA THR N 190 60.03 24.88 29.02
C THR N 190 59.20 23.63 28.73
N THR N 191 58.45 23.70 27.64
CA THR N 191 57.63 22.58 27.22
C THR N 191 58.53 21.45 26.68
N PRO N 192 58.13 20.19 26.88
CA PRO N 192 58.91 19.08 26.33
C PRO N 192 58.92 19.07 24.81
N SER N 193 60.02 18.57 24.25
CA SER N 193 60.22 18.52 22.82
C SER N 193 60.48 17.09 22.37
N LYS N 194 60.11 16.80 21.13
CA LYS N 194 60.29 15.47 20.57
C LYS N 194 61.72 15.31 20.07
N GLN N 195 62.41 14.30 20.60
CA GLN N 195 63.77 13.98 20.19
C GLN N 195 63.75 12.77 19.25
N SER N 196 64.93 12.30 18.86
CA SER N 196 65.05 11.11 18.02
C SER N 196 65.17 9.83 18.85
N ASN N 197 64.23 9.62 19.78
CA ASN N 197 64.22 8.41 20.58
C ASN N 197 62.79 7.97 20.92
N ASN N 198 61.79 8.53 20.22
CA ASN N 198 60.37 8.31 20.51
C ASN N 198 60.04 8.67 21.96
N LYS N 199 60.68 9.72 22.48
CA LYS N 199 60.48 10.18 23.84
C LYS N 199 60.55 11.71 23.84
N TYR N 200 60.36 12.30 25.02
CA TYR N 200 60.35 13.75 25.19
C TYR N 200 61.41 14.15 26.21
N ALA N 201 61.92 15.38 26.05
CA ALA N 201 62.93 15.92 26.94
C ALA N 201 62.57 17.36 27.32
N ALA N 202 62.83 17.72 28.57
CA ALA N 202 62.51 19.04 29.08
C ALA N 202 63.68 19.55 29.91
N SER N 203 63.73 20.87 30.09
CA SER N 203 64.76 21.51 30.88
C SER N 203 64.15 22.58 31.77
N SER N 204 64.77 22.78 32.93
CA SER N 204 64.35 23.80 33.88
C SER N 204 65.56 24.60 34.34
N TYR N 205 65.43 25.92 34.36
CA TYR N 205 66.51 26.83 34.72
C TYR N 205 66.18 27.55 36.01
N LEU N 206 67.19 27.73 36.86
CA LEU N 206 67.05 28.43 38.13
C LEU N 206 68.15 29.48 38.25
N SER N 207 67.76 30.71 38.57
CA SER N 207 68.69 31.80 38.80
C SER N 207 68.79 32.05 40.31
N LEU N 208 70.02 32.06 40.82
CA LEU N 208 70.25 32.09 42.26
C LEU N 208 71.41 33.04 42.54
N THR N 209 71.65 33.30 43.83
CA THR N 209 72.72 34.15 44.33
C THR N 209 73.63 33.35 45.25
N PRO N 210 74.94 33.66 45.28
CA PRO N 210 75.88 32.83 46.04
C PRO N 210 75.69 32.85 47.55
N GLU N 211 75.03 33.87 48.11
CA GLU N 211 74.93 33.96 49.57
C GLU N 211 74.02 32.88 50.14
N GLN N 212 72.94 32.54 49.43
CA GLN N 212 72.08 31.46 49.88
C GLN N 212 72.57 30.09 49.44
N TRP N 213 73.53 30.04 48.52
CA TRP N 213 74.10 28.75 48.10
C TRP N 213 74.95 28.15 49.22
N LYS N 214 75.72 28.97 49.92
CA LYS N 214 76.56 28.50 51.01
C LYS N 214 75.88 28.54 52.37
N SER N 215 74.67 29.11 52.44
CA SER N 215 73.94 29.21 53.71
C SER N 215 72.88 28.12 53.86
N HIS N 216 72.85 27.15 52.95
CA HIS N 216 71.89 26.06 52.99
C HIS N 216 72.59 24.75 53.37
N ARG N 217 71.82 23.67 53.35
CA ARG N 217 72.33 22.34 53.71
C ARG N 217 72.44 21.42 52.51
N SER N 218 71.37 21.25 51.75
CA SER N 218 71.37 20.36 50.60
C SER N 218 70.35 20.87 49.58
N TYR N 219 70.72 20.80 48.31
CA TYR N 219 69.87 21.25 47.21
C TYR N 219 69.25 20.05 46.51
N SER N 220 67.97 20.20 46.14
CA SER N 220 67.22 19.10 45.55
C SER N 220 66.25 19.63 44.50
N CYS N 221 66.12 18.86 43.41
CA CYS N 221 65.16 19.14 42.35
C CYS N 221 64.29 17.91 42.15
N GLN N 222 62.98 18.08 42.30
CA GLN N 222 62.04 16.99 42.19
C GLN N 222 61.27 17.05 40.87
N VAL N 223 60.92 15.87 40.36
CA VAL N 223 60.05 15.74 39.19
C VAL N 223 58.99 14.70 39.50
N THR N 224 57.77 14.97 39.06
CA THR N 224 56.62 14.11 39.33
C THR N 224 56.02 13.64 38.01
N HIS N 225 55.66 12.36 37.95
CA HIS N 225 55.09 11.76 36.75
C HIS N 225 53.93 10.87 37.17
N GLU N 226 53.49 10.00 36.26
CA GLU N 226 52.36 9.12 36.53
C GLU N 226 52.75 8.03 37.51
N GLY N 227 52.46 8.26 38.79
CA GLY N 227 52.82 7.30 39.83
C GLY N 227 54.32 7.12 40.01
N SER N 228 55.10 8.18 39.82
CA SER N 228 56.54 8.11 39.95
C SER N 228 57.07 9.45 40.47
N THR N 229 58.09 9.38 41.32
CA THR N 229 58.71 10.59 41.86
C THR N 229 60.19 10.29 42.09
N VAL N 230 61.05 11.00 41.36
CA VAL N 230 62.49 10.83 41.44
C VAL N 230 63.09 12.07 42.09
N GLU N 231 63.85 11.87 43.15
CA GLU N 231 64.46 12.96 43.91
C GLU N 231 65.97 12.76 43.96
N LYS N 232 66.71 13.87 43.80
CA LYS N 232 68.16 13.87 43.86
C LYS N 232 68.61 14.85 44.92
N THR N 233 69.75 14.56 45.56
CA THR N 233 70.30 15.40 46.61
C THR N 233 71.78 15.65 46.33
N VAL N 234 72.19 16.91 46.48
CA VAL N 234 73.59 17.31 46.33
C VAL N 234 73.95 18.20 47.52
N ALA N 235 75.25 18.40 47.70
CA ALA N 235 75.77 19.20 48.80
C ALA N 235 76.67 20.30 48.25
N PRO N 236 76.69 21.47 48.92
CA PRO N 236 77.60 22.53 48.48
C PRO N 236 79.07 22.21 48.67
N THR N 237 79.41 21.21 49.49
CA THR N 237 80.80 20.84 49.69
C THR N 237 81.36 20.17 48.44
N GLU N 238 82.41 20.76 47.89
CA GLU N 238 83.02 20.24 46.66
C GLU N 238 84.50 19.92 46.89
N GLU O 20 29.98 -48.60 -27.05
CA GLU O 20 29.07 -49.71 -26.86
C GLU O 20 29.83 -50.83 -26.16
N VAL O 21 29.19 -51.47 -25.18
CA VAL O 21 29.86 -52.42 -24.29
C VAL O 21 29.05 -53.71 -24.23
N GLN O 22 29.72 -54.83 -24.43
CA GLN O 22 29.16 -56.15 -24.16
C GLN O 22 29.51 -56.59 -22.73
N LEU O 23 28.51 -57.14 -22.04
CA LEU O 23 28.70 -57.79 -20.75
C LEU O 23 28.03 -59.16 -20.81
N VAL O 24 28.84 -60.22 -20.67
CA VAL O 24 28.36 -61.59 -20.78
C VAL O 24 28.66 -62.31 -19.46
N GLU O 25 27.64 -62.92 -18.87
CA GLU O 25 27.78 -63.64 -17.61
C GLU O 25 27.27 -65.07 -17.79
N SER O 26 28.10 -66.04 -17.43
CA SER O 26 27.69 -67.45 -17.43
C SER O 26 28.48 -68.15 -16.32
N GLY O 27 27.87 -68.24 -15.15
CA GLY O 27 28.52 -68.86 -14.01
C GLY O 27 27.61 -69.73 -13.17
N GLY O 28 26.33 -69.75 -13.50
CA GLY O 28 25.36 -70.51 -12.71
C GLY O 28 24.58 -71.53 -13.51
N GLY O 29 23.60 -72.16 -12.88
CA GLY O 29 22.78 -73.15 -13.56
C GLY O 29 22.71 -74.48 -12.84
N LEU O 30 23.17 -74.52 -11.59
CA LEU O 30 23.16 -75.74 -10.80
C LEU O 30 22.89 -75.39 -9.34
N VAL O 31 22.43 -76.39 -8.60
CA VAL O 31 22.07 -76.24 -7.19
C VAL O 31 23.07 -77.01 -6.34
N GLN O 32 23.51 -76.41 -5.24
CA GLN O 32 24.43 -77.03 -4.30
C GLN O 32 24.41 -76.32 -2.95
N PRO O 33 24.24 -77.07 -1.85
CA PRO O 33 24.29 -76.44 -0.52
C PRO O 33 25.69 -76.42 0.08
N GLY O 34 26.17 -75.23 0.43
CA GLY O 34 27.39 -75.10 1.21
C GLY O 34 28.67 -75.51 0.52
N GLY O 35 28.70 -75.50 -0.81
CA GLY O 35 29.89 -75.86 -1.56
C GLY O 35 30.59 -74.66 -2.14
N SER O 36 31.09 -74.81 -3.37
CA SER O 36 31.83 -73.75 -4.05
C SER O 36 31.30 -73.59 -5.47
N LEU O 37 31.31 -72.35 -5.96
CA LEU O 37 30.88 -72.04 -7.31
C LEU O 37 31.71 -70.88 -7.84
N ARG O 38 32.02 -70.92 -9.14
CA ARG O 38 32.79 -69.87 -9.80
C ARG O 38 31.92 -69.17 -10.83
N LEU O 39 31.88 -67.84 -10.76
CA LEU O 39 31.15 -67.01 -11.70
C LEU O 39 32.11 -66.12 -12.45
N SER O 40 31.90 -65.98 -13.76
CA SER O 40 32.78 -65.20 -14.62
C SER O 40 31.95 -64.24 -15.46
N CYS O 41 32.38 -62.99 -15.51
CA CYS O 41 31.76 -61.97 -16.34
C CYS O 41 32.73 -61.55 -17.45
N ALA O 42 32.27 -61.63 -18.69
CA ALA O 42 33.08 -61.27 -19.84
C ALA O 42 32.70 -59.88 -20.32
N ALA O 43 33.71 -59.03 -20.54
CA ALA O 43 33.49 -57.64 -20.91
C ALA O 43 34.36 -57.29 -22.11
N SER O 44 33.86 -56.35 -22.92
CA SER O 44 34.57 -55.92 -24.12
C SER O 44 34.11 -54.52 -24.48
N GLY O 45 34.88 -53.87 -25.35
CA GLY O 45 34.55 -52.54 -25.84
C GLY O 45 35.12 -51.39 -25.03
N PHE O 46 35.97 -51.67 -24.05
CA PHE O 46 36.55 -50.61 -23.23
C PHE O 46 37.87 -51.10 -22.63
N THR O 47 38.63 -50.15 -22.08
CA THR O 47 39.87 -50.48 -21.39
C THR O 47 39.56 -51.00 -19.99
N PHE O 48 40.06 -52.20 -19.68
CA PHE O 48 39.71 -52.89 -18.44
C PHE O 48 40.42 -52.34 -17.21
N SER O 49 41.55 -51.63 -17.38
CA SER O 49 42.41 -51.28 -16.26
C SER O 49 42.44 -49.78 -16.01
N SER O 50 41.30 -49.10 -16.17
CA SER O 50 41.26 -47.67 -15.86
C SER O 50 40.03 -47.26 -15.07
N TYR O 51 39.02 -48.11 -14.93
CA TYR O 51 37.77 -47.75 -14.30
C TYR O 51 37.48 -48.70 -13.13
N TRP O 52 36.33 -48.49 -12.50
CA TRP O 52 35.89 -49.31 -11.37
C TRP O 52 34.90 -50.37 -11.85
N MET O 53 34.93 -51.53 -11.19
CA MET O 53 33.90 -52.54 -11.37
C MET O 53 33.38 -53.01 -10.01
N SER O 54 32.19 -53.58 -10.02
CA SER O 54 31.52 -54.02 -8.82
C SER O 54 30.69 -55.26 -9.16
N TRP O 55 30.00 -55.79 -8.14
CA TRP O 55 29.10 -56.92 -8.33
C TRP O 55 27.82 -56.64 -7.56
N VAL O 56 26.68 -56.87 -8.22
CA VAL O 56 25.37 -56.56 -7.66
C VAL O 56 24.46 -57.77 -7.88
N ARG O 57 23.64 -58.08 -6.87
CA ARG O 57 22.70 -59.19 -6.94
C ARG O 57 21.34 -58.74 -6.43
N GLN O 58 20.30 -59.46 -6.83
CA GLN O 58 18.95 -59.23 -6.34
C GLN O 58 18.21 -60.54 -6.25
N ALA O 59 17.37 -60.65 -5.22
CA ALA O 59 16.52 -61.82 -5.07
C ALA O 59 15.34 -61.75 -6.04
N PRO O 60 14.85 -62.89 -6.51
CA PRO O 60 13.67 -62.89 -7.40
C PRO O 60 12.44 -62.40 -6.65
N GLY O 61 11.86 -61.30 -7.14
CA GLY O 61 10.69 -60.71 -6.51
C GLY O 61 10.99 -59.76 -5.38
N LYS O 62 12.26 -59.53 -5.06
CA LYS O 62 12.65 -58.63 -3.98
C LYS O 62 13.48 -57.48 -4.54
N GLY O 63 14.03 -56.67 -3.64
CA GLY O 63 14.72 -55.46 -4.02
C GLY O 63 16.18 -55.68 -4.39
N LEU O 64 16.83 -54.56 -4.73
CA LEU O 64 18.25 -54.56 -5.07
C LEU O 64 19.11 -54.46 -3.82
N GLU O 65 20.30 -55.05 -3.90
CA GLU O 65 21.29 -54.94 -2.83
C GLU O 65 22.68 -55.05 -3.43
N TRP O 66 23.66 -54.49 -2.71
CA TRP O 66 25.03 -54.44 -3.16
C TRP O 66 25.83 -55.60 -2.57
N VAL O 67 26.77 -56.14 -3.35
CA VAL O 67 27.57 -57.29 -2.95
C VAL O 67 29.03 -56.91 -2.76
N ALA O 68 29.69 -56.41 -3.80
CA ALA O 68 31.13 -56.20 -3.76
C ALA O 68 31.53 -55.09 -4.71
N ASN O 69 32.80 -54.69 -4.61
CA ASN O 69 33.41 -53.76 -5.53
C ASN O 69 34.91 -54.05 -5.58
N ILE O 70 35.56 -53.58 -6.65
CA ILE O 70 36.98 -53.87 -6.85
C ILE O 70 37.62 -52.69 -7.58
N LYS O 71 38.89 -52.43 -7.26
CA LYS O 71 39.65 -51.34 -7.83
C LYS O 71 40.18 -51.74 -9.21
N GLN O 72 40.70 -50.77 -9.97
CA GLN O 72 41.16 -51.05 -11.33
C GLN O 72 42.40 -51.93 -11.38
N ASP O 73 43.08 -52.15 -10.26
CA ASP O 73 44.21 -53.05 -10.21
C ASP O 73 44.03 -54.19 -9.21
N GLY O 74 42.89 -54.26 -8.53
CA GLY O 74 42.64 -55.32 -7.57
C GLY O 74 43.31 -55.15 -6.22
N SER O 75 43.90 -53.98 -5.96
CA SER O 75 44.56 -53.76 -4.68
C SER O 75 43.56 -53.70 -3.53
N GLU O 76 42.42 -53.05 -3.76
CA GLU O 76 41.42 -52.85 -2.72
C GLU O 76 40.12 -53.54 -3.12
N LYS O 77 39.59 -54.38 -2.23
CA LYS O 77 38.31 -55.02 -2.41
C LYS O 77 37.52 -54.94 -1.11
N TYR O 78 36.19 -54.80 -1.24
CA TYR O 78 35.33 -54.63 -0.08
C TYR O 78 34.04 -55.43 -0.27
N TYR O 79 33.40 -55.73 0.84
CA TYR O 79 32.20 -56.57 0.86
C TYR O 79 31.21 -56.04 1.89
N VAL O 80 29.97 -56.51 1.78
CA VAL O 80 28.96 -56.25 2.79
C VAL O 80 29.21 -57.18 3.98
N ASP O 81 28.81 -56.74 5.17
CA ASP O 81 29.09 -57.49 6.39
C ASP O 81 28.37 -58.83 6.44
N SER O 82 27.34 -59.03 5.61
CA SER O 82 26.65 -60.31 5.58
C SER O 82 27.55 -61.41 5.02
N VAL O 83 28.36 -61.09 4.01
CA VAL O 83 29.24 -62.07 3.38
C VAL O 83 30.69 -61.89 3.82
N LYS O 84 30.93 -61.15 4.90
CA LYS O 84 32.29 -60.95 5.40
C LYS O 84 32.87 -62.26 5.93
N GLY O 85 34.15 -62.43 5.73
CA GLY O 85 34.83 -63.69 6.06
C GLY O 85 34.92 -64.64 4.89
N ARG O 86 33.78 -64.89 4.23
CA ARG O 86 33.75 -65.66 3.01
C ARG O 86 33.86 -64.71 1.81
N PHE O 87 33.68 -65.26 0.60
CA PHE O 87 33.70 -64.56 -0.69
C PHE O 87 35.09 -64.05 -1.06
N THR O 88 35.41 -64.07 -2.35
CA THR O 88 36.65 -63.48 -2.84
C THR O 88 36.46 -63.09 -4.31
N ILE O 89 37.19 -62.06 -4.73
CA ILE O 89 37.10 -61.54 -6.09
C ILE O 89 38.51 -61.37 -6.63
N SER O 90 38.70 -61.74 -7.89
CA SER O 90 39.99 -61.60 -8.56
C SER O 90 39.76 -61.05 -9.96
N ARG O 91 40.82 -60.45 -10.52
CA ARG O 91 40.71 -59.77 -11.80
C ARG O 91 42.02 -59.90 -12.56
N ASP O 92 41.95 -59.65 -13.87
CA ASP O 92 43.11 -59.64 -14.73
C ASP O 92 42.81 -58.80 -15.97
N ASN O 93 43.78 -57.97 -16.35
CA ASN O 93 43.62 -57.04 -17.46
C ASN O 93 44.10 -57.61 -18.79
N ALA O 94 44.76 -58.77 -18.79
CA ALA O 94 45.25 -59.34 -20.03
C ALA O 94 44.12 -59.92 -20.87
N LYS O 95 43.21 -60.65 -20.25
CA LYS O 95 42.11 -61.31 -20.96
C LYS O 95 40.76 -60.63 -20.75
N ASN O 96 40.71 -59.55 -19.98
CA ASN O 96 39.51 -58.71 -19.81
C ASN O 96 38.33 -59.53 -19.27
N SER O 97 38.50 -60.05 -18.05
CA SER O 97 37.49 -60.87 -17.43
C SER O 97 37.47 -60.63 -15.93
N LEU O 98 36.33 -60.94 -15.31
CA LEU O 98 36.15 -60.86 -13.87
C LEU O 98 35.86 -62.25 -13.32
N TYR O 99 36.45 -62.56 -12.17
CA TYR O 99 36.23 -63.84 -11.49
C TYR O 99 35.62 -63.61 -10.12
N LEU O 100 34.59 -64.39 -9.79
CA LEU O 100 33.91 -64.29 -8.51
C LEU O 100 33.78 -65.69 -7.92
N GLN O 101 34.29 -65.86 -6.70
CA GLN O 101 34.23 -67.14 -5.99
C GLN O 101 33.54 -66.93 -4.66
N MET O 102 32.60 -67.81 -4.34
CA MET O 102 31.93 -67.82 -3.05
C MET O 102 31.84 -69.24 -2.51
N ASN O 103 31.87 -69.37 -1.20
CA ASN O 103 31.90 -70.66 -0.55
C ASN O 103 30.99 -70.64 0.68
N SER O 104 30.58 -71.85 1.09
CA SER O 104 29.66 -72.06 2.21
C SER O 104 28.36 -71.30 2.02
N LEU O 105 27.64 -71.68 0.96
CA LEU O 105 26.42 -70.98 0.58
C LEU O 105 25.28 -71.32 1.52
N ARG O 106 24.25 -70.48 1.49
CA ARG O 106 23.06 -70.62 2.31
C ARG O 106 21.85 -70.43 1.41
N ALA O 107 20.66 -70.75 1.93
CA ALA O 107 19.43 -70.74 1.13
C ALA O 107 19.04 -69.36 0.62
N GLU O 108 19.54 -68.28 1.24
CA GLU O 108 19.20 -66.94 0.80
C GLU O 108 19.87 -66.59 -0.54
N ASP O 109 20.96 -67.29 -0.89
CA ASP O 109 21.77 -67.00 -2.07
C ASP O 109 21.07 -67.26 -3.40
N THR O 110 19.78 -67.61 -3.44
CA THR O 110 19.04 -67.71 -4.70
C THR O 110 18.85 -66.30 -5.25
N ALA O 111 19.69 -65.91 -6.20
CA ALA O 111 19.68 -64.56 -6.72
C ALA O 111 20.29 -64.55 -8.11
N VAL O 112 20.03 -63.48 -8.84
CA VAL O 112 20.63 -63.24 -10.15
C VAL O 112 21.70 -62.17 -10.00
N TYR O 113 22.87 -62.43 -10.58
CA TYR O 113 24.06 -61.62 -10.36
C TYR O 113 24.42 -60.85 -11.62
N TYR O 114 24.61 -59.54 -11.48
CA TYR O 114 25.12 -58.69 -12.56
C TYR O 114 26.50 -58.16 -12.19
N CYS O 115 27.42 -58.21 -13.15
CA CYS O 115 28.74 -57.63 -12.95
C CYS O 115 28.65 -56.13 -13.22
N ALA O 116 28.81 -55.33 -12.17
CA ALA O 116 28.67 -53.88 -12.26
C ALA O 116 29.98 -53.24 -12.68
N ARG O 117 29.88 -52.13 -13.40
CA ARG O 117 31.02 -51.40 -13.91
C ARG O 117 30.88 -49.92 -13.59
N GLY O 118 31.91 -49.33 -13.00
CA GLY O 118 31.90 -47.93 -12.64
C GLY O 118 32.63 -47.06 -13.66
N GLN O 119 32.58 -45.76 -13.38
CA GLN O 119 33.20 -44.76 -14.26
C GLN O 119 34.33 -44.00 -13.57
N LEU O 120 34.08 -43.44 -12.40
CA LEU O 120 35.10 -42.71 -11.66
C LEU O 120 35.29 -43.22 -10.25
N GLY O 121 34.23 -43.69 -9.61
CA GLY O 121 34.30 -44.19 -8.25
C GLY O 121 32.96 -44.64 -7.73
N PRO O 122 32.85 -44.84 -6.42
CA PRO O 122 31.58 -45.26 -5.82
C PRO O 122 30.59 -44.13 -5.58
N TRP O 123 30.80 -42.95 -6.16
CA TRP O 123 29.92 -41.81 -5.98
C TRP O 123 29.13 -41.45 -7.24
N VAL O 124 29.72 -41.63 -8.42
CA VAL O 124 29.07 -41.19 -9.65
C VAL O 124 27.84 -42.05 -9.96
N GLY O 125 27.97 -43.36 -9.84
CA GLY O 125 26.85 -44.26 -10.08
C GLY O 125 27.32 -45.54 -10.73
N VAL O 126 26.38 -46.47 -10.86
CA VAL O 126 26.67 -47.77 -11.46
C VAL O 126 26.54 -47.68 -12.98
N ASP O 127 25.32 -47.38 -13.45
CA ASP O 127 25.00 -47.12 -14.85
C ASP O 127 25.23 -48.31 -15.78
N TYR O 128 25.70 -49.43 -15.25
CA TYR O 128 26.02 -50.60 -16.07
C TYR O 128 25.52 -51.87 -15.38
N TRP O 129 24.76 -52.67 -16.12
CA TRP O 129 24.20 -53.91 -15.58
C TRP O 129 24.08 -54.91 -16.72
N GLY O 130 24.72 -56.06 -16.57
CA GLY O 130 24.59 -57.12 -17.55
C GLY O 130 23.25 -57.84 -17.44
N GLN O 131 23.02 -58.74 -18.40
CA GLN O 131 21.79 -59.52 -18.38
C GLN O 131 21.75 -60.49 -17.21
N GLY O 132 22.91 -60.94 -16.74
CA GLY O 132 22.99 -61.76 -15.55
C GLY O 132 22.72 -63.23 -15.82
N THR O 133 22.94 -64.04 -14.79
CA THR O 133 22.70 -65.47 -14.83
C THR O 133 21.88 -65.87 -13.63
N LEU O 134 20.82 -66.64 -13.85
CA LEU O 134 19.97 -67.10 -12.75
C LEU O 134 20.71 -68.14 -11.92
N VAL O 135 20.86 -67.87 -10.63
CA VAL O 135 21.54 -68.77 -9.70
C VAL O 135 20.58 -69.12 -8.59
N THR O 136 20.27 -70.40 -8.45
CA THR O 136 19.42 -70.91 -7.39
C THR O 136 20.14 -72.03 -6.65
N VAL O 137 19.86 -72.15 -5.36
CA VAL O 137 20.42 -73.23 -4.54
C VAL O 137 19.26 -74.04 -3.96
N SER O 138 19.52 -75.34 -3.79
CA SER O 138 18.49 -76.24 -3.27
C SER O 138 19.20 -77.48 -2.72
N SER O 139 19.08 -77.69 -1.41
CA SER O 139 19.67 -78.88 -0.81
C SER O 139 18.91 -80.14 -1.23
N ALA O 140 17.61 -80.00 -1.50
CA ALA O 140 16.82 -81.14 -1.94
C ALA O 140 17.26 -81.59 -3.33
N SER O 141 17.43 -82.89 -3.49
CA SER O 141 17.91 -83.45 -4.75
C SER O 141 16.78 -83.54 -5.76
N THR O 142 17.17 -83.73 -7.03
CA THR O 142 16.20 -83.90 -8.10
C THR O 142 15.59 -85.29 -8.06
N LYS O 143 14.45 -85.44 -8.73
CA LYS O 143 13.75 -86.71 -8.79
C LYS O 143 12.88 -86.75 -10.03
N GLY O 144 12.72 -87.95 -10.58
CA GLY O 144 12.04 -88.14 -11.84
C GLY O 144 10.54 -87.89 -11.77
N PRO O 145 9.97 -87.41 -12.88
CA PRO O 145 8.53 -87.11 -12.90
C PRO O 145 7.68 -88.33 -13.20
N SER O 146 6.77 -88.67 -12.28
CA SER O 146 5.84 -89.77 -12.49
C SER O 146 4.79 -89.38 -13.53
N VAL O 147 4.88 -89.97 -14.73
CA VAL O 147 4.00 -89.60 -15.81
C VAL O 147 2.77 -90.50 -15.83
N PHE O 148 1.60 -89.89 -16.06
CA PHE O 148 0.34 -90.62 -16.10
C PHE O 148 -0.47 -90.19 -17.31
N PRO O 149 -0.24 -90.84 -18.46
CA PRO O 149 -1.00 -90.49 -19.68
C PRO O 149 -2.43 -91.02 -19.64
N LEU O 150 -3.34 -90.27 -19.03
CA LEU O 150 -4.73 -90.70 -18.92
C LEU O 150 -5.40 -90.77 -20.28
N ALA O 151 -6.19 -91.82 -20.48
CA ALA O 151 -6.90 -92.03 -21.75
C ALA O 151 -8.40 -92.00 -21.51
N PRO O 152 -9.08 -90.89 -21.82
CA PRO O 152 -10.55 -90.82 -21.70
C PRO O 152 -11.26 -91.45 -22.89
N SER O 153 -11.40 -92.77 -22.83
CA SER O 153 -12.03 -93.51 -23.93
C SER O 153 -13.50 -93.15 -24.08
N SER O 154 -14.21 -92.97 -22.96
CA SER O 154 -15.64 -92.64 -22.97
C SER O 154 -15.80 -91.21 -22.48
N LYS O 155 -16.14 -90.31 -23.41
CA LYS O 155 -16.41 -88.92 -23.07
C LYS O 155 -17.29 -88.32 -24.16
N SER O 156 -18.25 -87.49 -23.76
CA SER O 156 -19.14 -86.84 -24.70
C SER O 156 -18.45 -85.63 -25.34
N THR O 157 -19.13 -85.04 -26.32
CA THR O 157 -18.62 -83.87 -27.02
C THR O 157 -18.97 -82.60 -26.23
N SER O 158 -18.77 -81.44 -26.87
CA SER O 158 -19.04 -80.12 -26.29
C SER O 158 -18.28 -79.91 -24.98
N GLY O 159 -17.02 -80.38 -24.96
CA GLY O 159 -16.17 -80.21 -23.80
C GLY O 159 -14.87 -79.53 -24.17
N GLY O 160 -14.08 -79.22 -23.15
CA GLY O 160 -12.78 -78.59 -23.38
C GLY O 160 -11.80 -79.50 -24.11
N THR O 161 -11.73 -80.76 -23.69
CA THR O 161 -10.86 -81.75 -24.31
C THR O 161 -11.72 -82.90 -24.80
N ALA O 162 -11.63 -83.21 -26.10
CA ALA O 162 -12.41 -84.29 -26.68
C ALA O 162 -12.01 -85.64 -26.10
N ALA O 163 -10.78 -86.09 -26.38
CA ALA O 163 -10.27 -87.32 -25.77
C ALA O 163 -8.74 -87.28 -25.83
N LEU O 164 -8.11 -86.89 -24.73
CA LEU O 164 -6.65 -86.89 -24.57
C LEU O 164 -6.32 -86.52 -23.14
N GLY O 165 -5.18 -87.02 -22.66
CA GLY O 165 -4.70 -86.68 -21.34
C GLY O 165 -3.29 -87.15 -21.04
N CYS O 166 -2.46 -86.28 -20.47
CA CYS O 166 -1.14 -86.67 -19.99
C CYS O 166 -0.83 -85.85 -18.75
N LEU O 167 -0.44 -86.51 -17.68
CA LEU O 167 -0.29 -85.87 -16.37
C LEU O 167 1.13 -86.07 -15.87
N VAL O 168 1.71 -85.02 -15.31
CA VAL O 168 3.06 -85.05 -14.74
C VAL O 168 2.96 -84.70 -13.27
N LYS O 169 3.43 -85.60 -12.42
CA LYS O 169 3.34 -85.42 -10.97
C LYS O 169 4.64 -85.88 -10.32
N ASP O 170 4.89 -85.33 -9.13
CA ASP O 170 6.03 -85.71 -8.27
C ASP O 170 7.37 -85.51 -8.99
N TYR O 171 7.67 -84.24 -9.28
CA TYR O 171 8.94 -83.86 -9.87
C TYR O 171 9.50 -82.63 -9.16
N PHE O 172 10.83 -82.49 -9.23
CA PHE O 172 11.52 -81.36 -8.63
C PHE O 172 12.91 -81.25 -9.24
N PRO O 173 13.34 -80.05 -9.67
CA PRO O 173 12.62 -78.78 -9.70
C PRO O 173 12.12 -78.41 -11.09
N GLU O 174 11.61 -77.19 -11.25
CA GLU O 174 11.19 -76.70 -12.55
C GLU O 174 12.40 -76.52 -13.47
N PRO O 175 12.22 -76.61 -14.79
CA PRO O 175 11.01 -76.94 -15.55
C PRO O 175 11.00 -78.35 -16.13
N VAL O 176 9.93 -78.70 -16.84
CA VAL O 176 9.80 -79.98 -17.53
C VAL O 176 9.48 -79.72 -19.00
N THR O 177 10.27 -80.34 -19.89
CA THR O 177 10.02 -80.24 -21.32
C THR O 177 8.97 -81.28 -21.70
N VAL O 178 7.78 -80.82 -22.08
CA VAL O 178 6.65 -81.68 -22.40
C VAL O 178 6.43 -81.63 -23.91
N SER O 179 6.42 -82.80 -24.55
CA SER O 179 6.22 -82.91 -25.98
C SER O 179 5.23 -84.03 -26.28
N TRP O 180 4.57 -83.93 -27.43
CA TRP O 180 3.59 -84.91 -27.87
C TRP O 180 3.97 -85.44 -29.24
N ASN O 181 4.07 -86.77 -29.36
CA ASN O 181 4.44 -87.46 -30.59
C ASN O 181 5.79 -86.96 -31.13
N SER O 182 6.74 -86.75 -30.21
CA SER O 182 8.09 -86.27 -30.52
C SER O 182 8.05 -84.94 -31.27
N GLY O 183 7.12 -84.07 -30.87
CA GLY O 183 7.00 -82.76 -31.48
C GLY O 183 6.41 -82.73 -32.87
N ALA O 184 5.76 -83.81 -33.31
CA ALA O 184 5.16 -83.83 -34.63
C ALA O 184 4.00 -82.86 -34.73
N LEU O 185 3.15 -82.80 -33.71
CA LEU O 185 2.00 -81.90 -33.69
C LEU O 185 2.19 -80.85 -32.61
N THR O 186 1.74 -79.63 -32.91
CA THR O 186 1.90 -78.52 -31.97
C THR O 186 0.60 -77.71 -31.86
N SER O 187 -0.34 -77.88 -32.78
CA SER O 187 -1.58 -77.13 -32.78
C SER O 187 -2.53 -77.70 -31.71
N GLY O 188 -3.10 -76.80 -30.91
CA GLY O 188 -4.05 -77.20 -29.89
C GLY O 188 -3.45 -77.69 -28.60
N VAL O 189 -2.14 -77.59 -28.43
CA VAL O 189 -1.48 -78.04 -27.20
C VAL O 189 -1.61 -76.96 -26.15
N HIS O 190 -2.23 -77.30 -25.01
CA HIS O 190 -2.38 -76.39 -23.89
C HIS O 190 -1.76 -77.05 -22.66
N THR O 191 -0.77 -76.39 -22.07
CA THR O 191 -0.06 -76.90 -20.90
C THR O 191 -0.41 -76.05 -19.69
N PHE O 192 -1.06 -76.65 -18.70
CA PHE O 192 -1.43 -75.92 -17.50
C PHE O 192 -0.20 -75.66 -16.62
N PRO O 193 -0.17 -74.53 -15.92
CA PRO O 193 0.97 -74.24 -15.05
C PRO O 193 1.02 -75.17 -13.84
N ALA O 194 2.22 -75.29 -13.28
CA ALA O 194 2.44 -76.16 -12.14
C ALA O 194 1.74 -75.63 -10.90
N VAL O 195 1.28 -76.55 -10.06
CA VAL O 195 0.58 -76.22 -8.82
C VAL O 195 1.45 -76.66 -7.64
N LEU O 196 1.35 -75.92 -6.54
CA LEU O 196 2.06 -76.24 -5.30
C LEU O 196 1.14 -77.04 -4.39
N GLN O 197 1.62 -78.17 -3.91
CA GLN O 197 0.83 -79.04 -3.05
C GLN O 197 1.13 -78.73 -1.58
N SER O 198 0.60 -79.55 -0.67
CA SER O 198 0.82 -79.34 0.76
C SER O 198 2.25 -79.59 1.17
N SER O 199 3.00 -80.39 0.42
CA SER O 199 4.40 -80.67 0.69
C SER O 199 5.35 -79.81 -0.12
N GLY O 200 4.84 -78.75 -0.75
CA GLY O 200 5.66 -77.93 -1.62
C GLY O 200 6.12 -78.65 -2.88
N LEU O 201 5.23 -79.41 -3.51
CA LEU O 201 5.57 -80.24 -4.65
C LEU O 201 4.86 -79.73 -5.89
N TYR O 202 5.50 -79.90 -7.04
CA TYR O 202 4.99 -79.40 -8.32
C TYR O 202 4.23 -80.48 -9.06
N SER O 203 3.18 -80.06 -9.78
CA SER O 203 2.38 -80.96 -10.57
C SER O 203 1.64 -80.16 -11.65
N LEU O 204 1.62 -80.68 -12.87
CA LEU O 204 0.96 -80.00 -13.98
C LEU O 204 0.44 -81.03 -14.96
N SER O 205 -0.44 -80.58 -15.85
CA SER O 205 -0.99 -81.42 -16.90
C SER O 205 -1.03 -80.66 -18.21
N SER O 206 -0.99 -81.39 -19.31
CA SER O 206 -1.06 -80.82 -20.65
C SER O 206 -2.14 -81.53 -21.45
N VAL O 207 -2.95 -80.76 -22.17
CA VAL O 207 -4.08 -81.30 -22.93
C VAL O 207 -4.00 -80.82 -24.36
N VAL O 208 -4.42 -81.68 -25.28
CA VAL O 208 -4.44 -81.39 -26.72
C VAL O 208 -5.80 -81.82 -27.25
N THR O 209 -6.41 -80.97 -28.07
CA THR O 209 -7.71 -81.27 -28.67
C THR O 209 -7.51 -82.07 -29.96
N VAL O 210 -7.91 -83.34 -29.93
CA VAL O 210 -7.81 -84.22 -31.09
C VAL O 210 -9.16 -84.87 -31.33
N PRO O 211 -9.50 -85.25 -32.57
CA PRO O 211 -10.78 -85.91 -32.82
C PRO O 211 -10.85 -87.28 -32.16
N SER O 212 -12.08 -87.65 -31.77
CA SER O 212 -12.30 -88.93 -31.10
C SER O 212 -12.30 -90.11 -32.06
N SER O 213 -12.36 -89.86 -33.37
CA SER O 213 -12.33 -90.94 -34.35
C SER O 213 -10.93 -91.50 -34.58
N SER O 214 -9.90 -90.85 -34.05
CA SER O 214 -8.52 -91.27 -34.23
C SER O 214 -7.93 -91.91 -32.98
N LEU O 215 -8.78 -92.40 -32.07
CA LEU O 215 -8.29 -93.04 -30.85
C LEU O 215 -7.53 -94.33 -31.16
N GLY O 216 -8.05 -95.13 -32.10
CA GLY O 216 -7.42 -96.38 -32.44
C GLY O 216 -6.62 -96.35 -33.73
N THR O 217 -6.86 -95.34 -34.56
CA THR O 217 -6.18 -95.22 -35.84
C THR O 217 -4.98 -94.28 -35.78
N GLN O 218 -4.68 -93.70 -34.63
CA GLN O 218 -3.55 -92.80 -34.48
C GLN O 218 -2.86 -93.08 -33.16
N THR O 219 -1.53 -93.14 -33.19
CA THR O 219 -0.74 -93.39 -31.99
C THR O 219 -0.45 -92.07 -31.29
N TYR O 220 -1.00 -91.90 -30.09
CA TYR O 220 -0.74 -90.73 -29.25
C TYR O 220 0.24 -91.15 -28.16
N ILE O 221 1.37 -90.46 -28.09
CA ILE O 221 2.45 -90.85 -27.18
C ILE O 221 3.03 -89.58 -26.55
N CYS O 222 3.26 -89.63 -25.23
CA CYS O 222 3.56 -88.42 -24.45
C CYS O 222 5.03 -88.42 -24.07
N ASN O 223 5.74 -87.36 -24.45
CA ASN O 223 7.15 -87.20 -24.18
C ASN O 223 7.34 -86.23 -23.00
N VAL O 224 8.03 -86.70 -21.97
CA VAL O 224 8.33 -85.90 -20.78
C VAL O 224 9.82 -85.93 -20.54
N ASN O 225 10.43 -84.75 -20.45
CA ASN O 225 11.87 -84.61 -20.27
C ASN O 225 12.13 -83.76 -19.04
N HIS O 226 13.02 -84.24 -18.16
CA HIS O 226 13.45 -83.50 -16.99
C HIS O 226 14.97 -83.41 -17.02
N LYS O 227 15.48 -82.18 -17.04
CA LYS O 227 16.92 -81.96 -17.20
C LYS O 227 17.74 -82.21 -15.93
N PRO O 228 17.35 -81.72 -14.74
CA PRO O 228 18.12 -82.09 -13.55
C PRO O 228 18.10 -83.58 -13.24
N SER O 229 16.99 -84.26 -13.51
CA SER O 229 16.87 -85.69 -13.21
C SER O 229 17.38 -86.57 -14.34
N ASN O 230 17.70 -85.99 -15.50
CA ASN O 230 18.15 -86.69 -16.72
C ASN O 230 17.34 -87.95 -17.00
N THR O 231 16.02 -87.82 -16.88
CA THR O 231 15.09 -88.90 -17.16
C THR O 231 14.24 -88.53 -18.37
N LYS O 232 14.24 -89.39 -19.39
CA LYS O 232 13.44 -89.21 -20.59
C LYS O 232 12.52 -90.40 -20.70
N VAL O 233 11.25 -90.22 -20.32
CA VAL O 233 10.27 -91.30 -20.26
C VAL O 233 9.24 -91.07 -21.35
N ASP O 234 9.04 -92.10 -22.18
CA ASP O 234 8.18 -92.03 -23.37
C ASP O 234 7.12 -93.12 -23.28
N LYS O 235 5.86 -92.72 -23.19
CA LYS O 235 4.76 -93.62 -22.86
C LYS O 235 3.62 -93.48 -23.86
N LYS O 236 3.15 -94.62 -24.36
CA LYS O 236 2.02 -94.67 -25.29
C LYS O 236 0.70 -94.47 -24.53
N VAL O 237 -0.28 -93.91 -25.22
CA VAL O 237 -1.64 -93.75 -24.68
C VAL O 237 -2.51 -94.84 -25.28
N GLU O 238 -3.11 -95.66 -24.42
CA GLU O 238 -4.01 -96.72 -24.86
C GLU O 238 -5.36 -96.56 -24.18
N PRO O 239 -6.46 -96.61 -24.94
CA PRO O 239 -7.79 -96.48 -24.32
C PRO O 239 -8.13 -97.67 -23.43
N LYS O 240 -8.91 -97.39 -22.40
CA LYS O 240 -9.33 -98.44 -21.46
C LYS O 240 -10.57 -99.16 -21.96
N ASN P 18 24.65 -48.02 9.96
CA ASN P 18 23.32 -48.52 9.59
C ASN P 18 22.62 -47.58 8.62
N PHE P 19 23.36 -47.09 7.63
CA PHE P 19 22.79 -46.19 6.65
C PHE P 19 21.80 -46.93 5.75
N MET P 20 20.60 -46.37 5.62
CA MET P 20 19.56 -46.97 4.80
C MET P 20 18.65 -45.87 4.27
N LEU P 21 18.00 -46.17 3.15
CA LEU P 21 17.18 -45.18 2.44
C LEU P 21 15.73 -45.64 2.44
N THR P 22 14.83 -44.74 2.79
CA THR P 22 13.40 -45.03 2.92
C THR P 22 12.65 -44.41 1.75
N GLN P 23 11.90 -45.25 1.03
CA GLN P 23 11.06 -44.81 -0.08
C GLN P 23 9.83 -45.70 -0.12
N PRO P 24 8.70 -45.19 -0.65
CA PRO P 24 7.48 -46.03 -0.72
C PRO P 24 7.59 -47.16 -1.73
N HIS P 25 6.54 -47.97 -1.83
CA HIS P 25 6.55 -49.12 -2.72
C HIS P 25 5.57 -49.03 -3.88
N SER P 26 4.57 -48.16 -3.80
CA SER P 26 3.59 -48.02 -4.88
C SER P 26 3.12 -46.57 -4.90
N VAL P 27 3.53 -45.83 -5.93
CA VAL P 27 3.18 -44.42 -6.08
C VAL P 27 3.10 -44.14 -7.58
N SER P 28 2.68 -42.93 -7.94
CA SER P 28 2.61 -42.41 -9.31
C SER P 28 1.59 -43.17 -10.16
N GLU P 29 0.59 -43.77 -9.54
CA GLU P 29 -0.46 -44.48 -10.27
C GLU P 29 -1.46 -43.44 -10.79
N SER P 30 -1.04 -42.70 -11.82
CA SER P 30 -1.81 -41.57 -12.32
C SER P 30 -1.59 -41.43 -13.82
N PRO P 31 -2.61 -41.00 -14.57
CA PRO P 31 -2.41 -40.76 -16.01
C PRO P 31 -1.97 -39.34 -16.35
N GLY P 32 -0.77 -39.21 -16.93
CA GLY P 32 -0.37 -38.01 -17.65
C GLY P 32 -0.30 -36.68 -16.93
N LYS P 33 0.32 -36.63 -15.75
CA LYS P 33 0.62 -35.36 -15.11
C LYS P 33 1.88 -35.52 -14.27
N THR P 34 2.26 -34.45 -13.58
CA THR P 34 3.52 -34.41 -12.84
C THR P 34 3.33 -34.99 -11.44
N VAL P 35 4.17 -35.97 -11.08
CA VAL P 35 4.13 -36.61 -9.78
C VAL P 35 5.56 -36.84 -9.32
N THR P 36 5.80 -36.66 -8.03
CA THR P 36 7.13 -36.76 -7.46
C THR P 36 7.25 -37.99 -6.57
N ILE P 37 8.47 -38.49 -6.43
CA ILE P 37 8.79 -39.66 -5.61
C ILE P 37 9.88 -39.25 -4.62
N SER P 38 9.66 -39.55 -3.34
CA SER P 38 10.53 -39.09 -2.28
C SER P 38 11.41 -40.23 -1.77
N CYS P 39 12.72 -39.97 -1.67
CA CYS P 39 13.68 -40.90 -1.09
C CYS P 39 14.41 -40.18 0.04
N THR P 40 14.36 -40.74 1.24
CA THR P 40 14.95 -40.12 2.41
C THR P 40 15.78 -41.14 3.19
N GLY P 41 16.73 -40.63 3.97
CA GLY P 41 17.57 -41.45 4.81
C GLY P 41 17.40 -41.10 6.27
N SER P 42 18.02 -41.91 7.13
CA SER P 42 17.86 -41.73 8.57
C SER P 42 19.18 -41.61 9.32
N SER P 43 20.21 -42.38 8.93
CA SER P 43 21.45 -42.39 9.70
C SER P 43 22.25 -41.12 9.50
N GLY P 44 22.29 -40.60 8.27
CA GLY P 44 23.06 -39.42 7.97
C GLY P 44 22.42 -38.61 6.87
N SER P 45 23.03 -37.46 6.58
CA SER P 45 22.53 -36.57 5.55
C SER P 45 22.87 -37.13 4.16
N ILE P 46 21.86 -37.24 3.30
CA ILE P 46 22.07 -37.75 1.95
C ILE P 46 22.65 -36.71 1.01
N ALA P 47 22.70 -35.44 1.42
CA ALA P 47 23.25 -34.39 0.58
C ALA P 47 24.77 -34.32 0.63
N SER P 48 25.40 -35.07 1.54
CA SER P 48 26.86 -35.06 1.63
C SER P 48 27.48 -35.77 0.43
N ASN P 49 26.90 -36.89 0.01
CA ASN P 49 27.38 -37.65 -1.13
C ASN P 49 26.33 -37.66 -2.24
N TYR P 50 26.76 -38.09 -3.42
CA TYR P 50 25.87 -38.15 -4.56
C TYR P 50 24.87 -39.29 -4.41
N VAL P 51 23.63 -39.05 -4.81
CA VAL P 51 22.58 -40.05 -4.81
C VAL P 51 22.01 -40.16 -6.22
N GLN P 52 21.72 -41.38 -6.65
CA GLN P 52 21.29 -41.65 -8.01
C GLN P 52 19.94 -42.38 -8.00
N TRP P 53 19.28 -42.36 -9.15
CA TRP P 53 18.00 -43.03 -9.34
C TRP P 53 18.16 -44.08 -10.42
N TYR P 54 17.76 -45.31 -10.12
CA TYR P 54 17.89 -46.44 -11.03
C TYR P 54 16.53 -47.04 -11.31
N GLN P 55 16.35 -47.56 -12.52
CA GLN P 55 15.13 -48.25 -12.92
C GLN P 55 15.49 -49.62 -13.46
N GLN P 56 14.63 -50.60 -13.19
CA GLN P 56 14.86 -51.96 -13.66
C GLN P 56 13.64 -52.45 -14.44
N ARG P 57 13.89 -53.12 -15.55
CA ARG P 57 12.83 -53.78 -16.29
C ARG P 57 12.65 -55.19 -15.73
N PRO P 58 11.44 -55.57 -15.31
CA PRO P 58 11.24 -56.93 -14.77
C PRO P 58 11.43 -57.97 -15.86
N GLY P 59 12.31 -58.93 -15.58
CA GLY P 59 12.65 -59.97 -16.54
C GLY P 59 13.81 -59.64 -17.45
N SER P 60 14.46 -58.50 -17.29
CA SER P 60 15.61 -58.13 -18.12
C SER P 60 16.50 -57.18 -17.32
N ALA P 61 17.48 -56.58 -18.01
CA ALA P 61 18.51 -55.81 -17.34
C ALA P 61 18.01 -54.44 -16.93
N PRO P 62 18.52 -53.89 -15.83
CA PRO P 62 18.17 -52.53 -15.43
C PRO P 62 18.98 -51.48 -16.18
N THR P 63 18.51 -50.23 -16.08
CA THR P 63 19.20 -49.07 -16.64
C THR P 63 19.21 -47.96 -15.58
N THR P 64 19.73 -46.80 -15.95
CA THR P 64 19.82 -45.66 -15.05
C THR P 64 19.18 -44.44 -15.69
N VAL P 65 18.32 -43.76 -14.96
CA VAL P 65 17.64 -42.57 -15.45
C VAL P 65 18.31 -41.29 -14.95
N ILE P 66 18.82 -41.30 -13.73
CA ILE P 66 19.42 -40.11 -13.11
C ILE P 66 20.78 -40.48 -12.55
N TYR P 67 21.81 -39.74 -12.94
CA TYR P 67 23.12 -39.83 -12.31
C TYR P 67 23.61 -38.42 -12.01
N GLU P 68 24.51 -38.32 -11.04
CA GLU P 68 25.06 -37.06 -10.53
C GLU P 68 23.99 -36.15 -9.96
N ASP P 69 22.82 -36.72 -9.64
CA ASP P 69 21.78 -36.13 -8.79
C ASP P 69 21.06 -35.01 -9.55
N ASN P 70 21.58 -34.63 -10.72
CA ASN P 70 20.95 -33.60 -11.53
C ASN P 70 20.98 -33.88 -13.04
N GLN P 71 21.59 -34.97 -13.49
CA GLN P 71 21.80 -35.20 -14.91
C GLN P 71 21.17 -36.52 -15.36
N ARG P 72 21.07 -36.67 -16.67
CA ARG P 72 20.47 -37.84 -17.32
C ARG P 72 21.38 -38.34 -18.43
N PRO P 73 21.36 -39.64 -18.71
CA PRO P 73 22.22 -40.18 -19.76
C PRO P 73 21.75 -39.77 -21.15
N SER P 74 22.63 -39.98 -22.12
CA SER P 74 22.31 -39.68 -23.51
C SER P 74 21.23 -40.64 -24.02
N GLY P 75 20.22 -40.08 -24.67
CA GLY P 75 19.08 -40.85 -25.12
C GLY P 75 17.93 -40.92 -24.13
N VAL P 76 18.16 -40.56 -22.88
CA VAL P 76 17.09 -40.54 -21.88
C VAL P 76 16.27 -39.28 -22.08
N PRO P 77 14.94 -39.38 -22.14
CA PRO P 77 14.10 -38.20 -22.41
C PRO P 77 14.18 -37.17 -21.29
N ASP P 78 13.90 -35.92 -21.68
CA ASP P 78 13.96 -34.77 -20.76
C ASP P 78 12.82 -34.75 -19.75
N ARG P 79 11.85 -35.66 -19.87
CA ARG P 79 10.69 -35.63 -18.98
C ARG P 79 11.08 -35.89 -17.53
N PHE P 80 12.05 -36.78 -17.31
CA PHE P 80 12.52 -37.07 -15.97
C PHE P 80 13.37 -35.91 -15.43
N SER P 81 13.26 -35.67 -14.12
CA SER P 81 14.05 -34.64 -13.46
C SER P 81 14.14 -34.97 -11.98
N GLY P 82 15.14 -34.38 -11.32
CA GLY P 82 15.38 -34.64 -9.92
C GLY P 82 15.72 -33.36 -9.16
N SER P 83 15.57 -33.44 -7.84
CA SER P 83 15.84 -32.31 -6.97
C SER P 83 16.22 -32.83 -5.58
N ILE P 84 16.82 -31.95 -4.79
CA ILE P 84 17.28 -32.28 -3.44
C ILE P 84 16.73 -31.25 -2.47
N ASP P 85 16.09 -31.74 -1.41
CA ASP P 85 15.60 -30.90 -0.31
C ASP P 85 16.43 -31.22 0.93
N SER P 86 17.32 -30.31 1.31
CA SER P 86 18.17 -30.52 2.47
C SER P 86 17.43 -30.31 3.79
N SER P 87 16.28 -29.62 3.77
CA SER P 87 15.53 -29.39 4.99
C SER P 87 14.86 -30.67 5.48
N SER P 88 14.18 -31.37 4.57
CA SER P 88 13.49 -32.61 4.93
C SER P 88 14.38 -33.83 4.82
N ASN P 89 15.64 -33.66 4.38
CA ASN P 89 16.60 -34.75 4.18
C ASN P 89 16.03 -35.81 3.24
N SER P 90 15.42 -35.35 2.14
CA SER P 90 14.77 -36.23 1.18
C SER P 90 15.20 -35.87 -0.23
N ALA P 91 15.22 -36.88 -1.10
CA ALA P 91 15.54 -36.72 -2.50
C ALA P 91 14.28 -36.94 -3.34
N SER P 92 14.02 -36.03 -4.28
CA SER P 92 12.80 -36.04 -5.07
C SER P 92 13.11 -36.36 -6.51
N LEU P 93 12.39 -37.34 -7.08
CA LEU P 93 12.45 -37.66 -8.49
C LEU P 93 11.10 -37.34 -9.12
N THR P 94 11.11 -36.53 -10.17
CA THR P 94 9.90 -36.04 -10.80
C THR P 94 9.82 -36.55 -12.23
N ILE P 95 8.64 -37.04 -12.62
CA ILE P 95 8.38 -37.51 -13.97
C ILE P 95 7.27 -36.65 -14.54
N SER P 96 7.49 -36.11 -15.74
CA SER P 96 6.58 -35.12 -16.30
C SER P 96 5.57 -35.72 -17.29
N GLY P 97 6.07 -36.38 -18.34
CA GLY P 97 5.18 -36.85 -19.40
C GLY P 97 4.23 -37.95 -18.96
N LEU P 98 4.74 -38.92 -18.21
CA LEU P 98 4.01 -40.15 -17.84
C LEU P 98 3.45 -40.84 -19.09
N LYS P 99 4.37 -41.23 -19.98
CA LYS P 99 4.04 -41.86 -21.24
C LYS P 99 3.77 -43.34 -21.07
N THR P 100 3.78 -44.08 -22.18
CA THR P 100 3.47 -45.51 -22.19
C THR P 100 4.69 -46.36 -21.81
N GLU P 101 5.60 -45.77 -21.03
CA GLU P 101 6.77 -46.48 -20.50
C GLU P 101 6.37 -47.78 -19.82
N ASP P 102 7.21 -48.80 -19.98
CA ASP P 102 6.91 -50.14 -19.52
C ASP P 102 6.84 -50.19 -17.99
N GLU P 103 6.09 -51.17 -17.49
CA GLU P 103 5.95 -51.38 -16.05
C GLU P 103 7.31 -51.65 -15.42
N ALA P 104 7.60 -50.97 -14.32
CA ALA P 104 8.92 -51.04 -13.71
C ALA P 104 8.85 -50.56 -12.27
N ASP P 105 9.94 -50.75 -11.55
CA ASP P 105 10.13 -50.23 -10.20
C ASP P 105 11.51 -49.60 -10.09
N TYR P 106 11.64 -48.67 -9.13
CA TYR P 106 12.80 -47.81 -9.04
C TYR P 106 13.42 -47.89 -7.64
N TYR P 107 14.72 -47.62 -7.58
CA TYR P 107 15.50 -47.76 -6.36
C TYR P 107 16.32 -46.50 -6.12
N CYS P 108 16.82 -46.38 -4.89
CA CYS P 108 17.55 -45.21 -4.43
C CYS P 108 18.87 -45.66 -3.82
N GLN P 109 19.96 -45.04 -4.25
CA GLN P 109 21.30 -45.50 -3.91
C GLN P 109 22.13 -44.34 -3.35
N SER P 110 22.90 -44.62 -2.30
CA SER P 110 23.80 -43.64 -1.70
C SER P 110 25.13 -44.34 -1.38
N TYR P 111 26.01 -43.61 -0.68
CA TYR P 111 27.33 -44.13 -0.32
C TYR P 111 27.73 -43.50 1.00
N ASP P 112 27.86 -44.31 2.05
CA ASP P 112 28.21 -43.78 3.37
C ASP P 112 29.72 -43.85 3.63
N SER P 113 30.30 -45.06 3.65
CA SER P 113 31.74 -45.21 3.84
C SER P 113 32.13 -46.59 3.32
N SER P 114 32.78 -46.62 2.16
CA SER P 114 33.32 -47.84 1.53
C SER P 114 32.25 -48.91 1.30
N ASN P 115 30.97 -48.54 1.30
CA ASN P 115 29.88 -49.48 1.11
C ASN P 115 28.75 -48.80 0.33
N TRP P 116 27.95 -49.61 -0.33
CA TRP P 116 26.82 -49.14 -1.11
C TRP P 116 25.53 -49.60 -0.47
N VAL P 117 24.52 -48.73 -0.48
CA VAL P 117 23.20 -49.02 0.08
C VAL P 117 22.16 -48.77 -1.01
N PHE P 118 21.19 -49.68 -1.10
CA PHE P 118 20.14 -49.60 -2.11
C PHE P 118 18.77 -49.42 -1.44
N GLY P 119 17.82 -48.87 -2.20
CA GLY P 119 16.50 -48.63 -1.69
C GLY P 119 15.63 -49.88 -1.67
N GLY P 120 14.47 -49.74 -1.01
CA GLY P 120 13.55 -50.86 -0.91
C GLY P 120 12.91 -51.22 -2.24
N GLY P 121 12.52 -50.22 -3.02
CA GLY P 121 11.84 -50.45 -4.29
C GLY P 121 10.47 -49.80 -4.34
N THR P 122 10.12 -49.23 -5.49
CA THR P 122 8.87 -48.50 -5.66
C THR P 122 8.20 -48.96 -6.95
N GLN P 123 7.24 -49.87 -6.84
CA GLN P 123 6.54 -50.39 -8.01
C GLN P 123 5.69 -49.32 -8.67
N LEU P 124 5.71 -49.32 -10.01
CA LEU P 124 4.87 -48.42 -10.80
C LEU P 124 4.39 -49.21 -12.00
N THR P 125 3.12 -49.62 -11.98
CA THR P 125 2.57 -50.48 -13.02
C THR P 125 1.48 -49.82 -13.85
N VAL P 126 0.41 -49.33 -13.23
CA VAL P 126 -0.72 -48.77 -13.94
C VAL P 126 -0.42 -47.30 -14.22
N LEU P 127 -0.22 -46.97 -15.49
CA LEU P 127 0.10 -45.61 -15.91
C LEU P 127 -1.15 -44.84 -16.32
N GLY P 135 -14.46 -58.28 -26.14
CA GLY P 135 -15.74 -57.79 -26.62
C GLY P 135 -16.90 -58.17 -25.73
N GLN P 136 -16.79 -59.33 -25.09
CA GLN P 136 -17.84 -59.82 -24.21
C GLN P 136 -17.43 -59.59 -22.76
N PRO P 137 -18.17 -58.77 -21.99
CA PRO P 137 -17.83 -58.58 -20.58
C PRO P 137 -18.02 -59.84 -19.74
N LYS P 138 -18.81 -60.81 -20.20
CA LYS P 138 -19.04 -62.06 -19.49
C LYS P 138 -18.70 -63.22 -20.39
N ALA P 139 -17.92 -64.16 -19.87
CA ALA P 139 -17.52 -65.35 -20.61
C ALA P 139 -17.91 -66.61 -19.84
N ALA P 140 -18.43 -67.59 -20.56
CA ALA P 140 -18.85 -68.84 -19.93
C ALA P 140 -17.63 -69.70 -19.62
N PRO P 141 -17.42 -70.12 -18.37
CA PRO P 141 -16.25 -70.93 -18.04
C PRO P 141 -16.46 -72.39 -18.46
N SER P 142 -15.44 -72.98 -19.05
CA SER P 142 -15.47 -74.38 -19.46
C SER P 142 -14.76 -75.22 -18.40
N VAL P 143 -15.46 -76.20 -17.87
CA VAL P 143 -14.98 -77.02 -16.75
C VAL P 143 -14.90 -78.47 -17.22
N THR P 144 -13.77 -79.12 -16.95
CA THR P 144 -13.52 -80.49 -17.38
C THR P 144 -12.96 -81.30 -16.21
N LEU P 145 -13.37 -82.57 -16.14
CA LEU P 145 -12.96 -83.48 -15.08
C LEU P 145 -12.22 -84.68 -15.67
N PHE P 146 -11.17 -85.11 -14.98
CA PHE P 146 -10.40 -86.29 -15.36
C PHE P 146 -10.38 -87.27 -14.20
N PRO P 147 -11.31 -88.22 -14.17
CA PRO P 147 -11.32 -89.22 -13.10
C PRO P 147 -10.14 -90.18 -13.23
N PRO P 148 -9.71 -90.80 -12.12
CA PRO P 148 -8.60 -91.74 -12.21
C PRO P 148 -8.96 -92.98 -13.03
N SER P 149 -7.95 -93.52 -13.71
CA SER P 149 -8.11 -94.71 -14.52
C SER P 149 -7.58 -95.94 -13.77
N SER P 150 -7.59 -97.08 -14.44
CA SER P 150 -7.08 -98.31 -13.84
C SER P 150 -5.56 -98.25 -13.67
N GLU P 151 -4.88 -97.48 -14.52
CA GLU P 151 -3.43 -97.33 -14.37
C GLU P 151 -3.07 -96.57 -13.10
N GLU P 152 -3.86 -95.56 -12.74
CA GLU P 152 -3.58 -94.79 -11.54
C GLU P 152 -3.82 -95.61 -10.28
N LEU P 153 -4.96 -96.28 -10.19
CA LEU P 153 -5.36 -96.93 -8.95
C LEU P 153 -4.51 -98.15 -8.59
N GLN P 154 -3.84 -98.74 -9.57
CA GLN P 154 -2.96 -99.88 -9.26
C GLN P 154 -1.61 -99.43 -8.70
N ALA P 155 -1.32 -98.13 -8.71
CA ALA P 155 -0.11 -97.59 -8.11
C ALA P 155 -0.36 -96.98 -6.73
N ASN P 156 -1.54 -97.24 -6.15
CA ASN P 156 -1.93 -96.75 -4.83
C ASN P 156 -1.90 -95.22 -4.79
N LYS P 157 -2.51 -94.59 -5.81
CA LYS P 157 -2.68 -93.15 -5.84
C LYS P 157 -3.81 -92.82 -6.81
N ALA P 158 -4.64 -91.85 -6.42
CA ALA P 158 -5.76 -91.41 -7.23
C ALA P 158 -5.72 -89.89 -7.34
N THR P 159 -5.74 -89.38 -8.57
CA THR P 159 -5.70 -87.95 -8.82
C THR P 159 -6.99 -87.52 -9.53
N LEU P 160 -7.59 -86.45 -9.04
CA LEU P 160 -8.79 -85.87 -9.64
C LEU P 160 -8.53 -84.38 -9.84
N VAL P 161 -8.40 -83.96 -11.09
CA VAL P 161 -8.06 -82.58 -11.43
C VAL P 161 -9.34 -81.85 -11.82
N CYS P 162 -9.49 -80.63 -11.33
CA CYS P 162 -10.68 -79.82 -11.57
C CYS P 162 -10.24 -78.60 -12.39
N LEU P 163 -10.33 -78.73 -13.71
CA LEU P 163 -9.80 -77.74 -14.64
C LEU P 163 -10.89 -76.74 -15.02
N ILE P 164 -10.52 -75.46 -15.02
CA ILE P 164 -11.41 -74.38 -15.42
C ILE P 164 -10.65 -73.44 -16.33
N SER P 165 -11.35 -72.85 -17.30
CA SER P 165 -10.74 -71.92 -18.24
C SER P 165 -11.80 -70.99 -18.79
N ASP P 166 -11.33 -69.91 -19.43
CA ASP P 166 -12.18 -68.92 -20.09
C ASP P 166 -13.16 -68.28 -19.11
N PHE P 167 -12.60 -67.59 -18.11
CA PHE P 167 -13.38 -66.84 -17.15
C PHE P 167 -12.81 -65.43 -17.01
N TYR P 168 -13.69 -64.48 -16.71
CA TYR P 168 -13.31 -63.08 -16.61
C TYR P 168 -14.23 -62.35 -15.65
N PRO P 169 -13.71 -61.74 -14.57
CA PRO P 169 -12.30 -61.67 -14.16
C PRO P 169 -11.83 -62.95 -13.48
N GLY P 170 -10.51 -63.12 -13.33
CA GLY P 170 -9.96 -64.32 -12.72
C GLY P 170 -10.02 -64.32 -11.21
N ALA P 171 -11.23 -64.28 -10.65
CA ALA P 171 -11.45 -64.33 -9.20
C ALA P 171 -12.49 -65.42 -8.94
N VAL P 172 -12.02 -66.66 -8.81
CA VAL P 172 -12.89 -67.81 -8.64
C VAL P 172 -12.42 -68.64 -7.46
N THR P 173 -13.35 -69.43 -6.90
CA THR P 173 -13.06 -70.32 -5.80
C THR P 173 -13.44 -71.75 -6.21
N VAL P 174 -12.54 -72.70 -5.93
CA VAL P 174 -12.73 -74.09 -6.30
C VAL P 174 -12.93 -74.90 -5.03
N ALA P 175 -14.01 -75.69 -4.98
CA ALA P 175 -14.32 -76.51 -3.83
C ALA P 175 -14.73 -77.91 -4.30
N TRP P 176 -14.53 -78.88 -3.43
CA TRP P 176 -14.86 -80.28 -3.71
C TRP P 176 -15.90 -80.76 -2.71
N LYS P 177 -16.92 -81.47 -3.20
CA LYS P 177 -18.00 -81.99 -2.38
C LYS P 177 -18.03 -83.50 -2.46
N ALA P 178 -18.06 -84.15 -1.30
CA ALA P 178 -18.19 -85.60 -1.21
C ALA P 178 -19.67 -85.97 -1.12
N ASP P 179 -19.95 -87.23 -0.73
CA ASP P 179 -21.32 -87.69 -0.67
C ASP P 179 -22.12 -86.94 0.40
N SER P 180 -21.52 -86.69 1.57
CA SER P 180 -22.23 -86.04 2.65
C SER P 180 -21.42 -85.00 3.41
N SER P 181 -20.18 -84.72 3.02
CA SER P 181 -19.38 -83.74 3.75
C SER P 181 -18.27 -83.18 2.87
N PRO P 182 -18.23 -81.85 2.67
CA PRO P 182 -17.12 -81.25 1.93
C PRO P 182 -15.78 -81.53 2.59
N VAL P 183 -14.76 -81.67 1.75
CA VAL P 183 -13.41 -81.95 2.23
C VAL P 183 -12.66 -80.65 2.44
N LYS P 184 -11.59 -80.71 3.25
CA LYS P 184 -10.79 -79.54 3.55
C LYS P 184 -9.31 -79.79 3.25
N ALA P 185 -8.86 -81.02 3.48
CA ALA P 185 -7.45 -81.37 3.31
C ALA P 185 -7.25 -82.12 2.01
N GLY P 186 -6.15 -81.80 1.32
CA GLY P 186 -5.81 -82.45 0.08
C GLY P 186 -6.14 -81.69 -1.18
N VAL P 187 -6.64 -80.47 -1.07
CA VAL P 187 -7.04 -79.65 -2.21
C VAL P 187 -6.02 -78.54 -2.40
N GLU P 188 -5.42 -78.48 -3.59
CA GLU P 188 -4.45 -77.45 -3.94
C GLU P 188 -4.89 -76.77 -5.22
N THR P 189 -4.86 -75.43 -5.23
CA THR P 189 -5.30 -74.64 -6.36
C THR P 189 -4.24 -73.60 -6.70
N THR P 190 -3.94 -73.47 -7.99
CA THR P 190 -2.96 -72.52 -8.48
C THR P 190 -3.64 -71.23 -8.96
N THR P 191 -2.83 -70.18 -9.07
CA THR P 191 -3.33 -68.91 -9.57
C THR P 191 -3.64 -68.99 -11.06
N PRO P 192 -4.64 -68.26 -11.54
CA PRO P 192 -4.93 -68.26 -12.98
C PRO P 192 -3.80 -67.64 -13.79
N SER P 193 -3.66 -68.11 -15.02
CA SER P 193 -2.60 -67.68 -15.91
C SER P 193 -3.19 -67.15 -17.21
N LYS P 194 -2.44 -66.25 -17.86
CA LYS P 194 -2.88 -65.65 -19.11
C LYS P 194 -2.57 -66.58 -20.27
N GLN P 195 -3.61 -66.98 -21.00
CA GLN P 195 -3.46 -67.79 -22.20
C GLN P 195 -3.60 -66.91 -23.44
N SER P 196 -3.55 -67.55 -24.61
CA SER P 196 -3.72 -66.84 -25.88
C SER P 196 -5.17 -66.81 -26.32
N ASN P 197 -6.07 -66.35 -25.44
CA ASN P 197 -7.48 -66.21 -25.79
C ASN P 197 -8.11 -65.00 -25.09
N ASN P 198 -7.30 -64.10 -24.55
CA ASN P 198 -7.74 -62.96 -23.75
C ASN P 198 -8.60 -63.42 -22.56
N LYS P 199 -8.23 -64.55 -21.98
CA LYS P 199 -8.95 -65.14 -20.85
C LYS P 199 -7.93 -65.77 -19.91
N TYR P 200 -8.42 -66.33 -18.82
CA TYR P 200 -7.58 -66.95 -17.80
C TYR P 200 -7.98 -68.41 -17.61
N ALA P 201 -7.02 -69.22 -17.16
CA ALA P 201 -7.25 -70.64 -16.91
C ALA P 201 -6.60 -71.03 -15.59
N ALA P 202 -7.29 -71.87 -14.83
CA ALA P 202 -6.82 -72.33 -13.53
C ALA P 202 -7.04 -73.83 -13.41
N SER P 203 -6.25 -74.45 -12.53
CA SER P 203 -6.35 -75.88 -12.28
C SER P 203 -6.30 -76.16 -10.79
N SER P 204 -6.99 -77.22 -10.37
CA SER P 204 -7.01 -77.67 -8.99
C SER P 204 -6.74 -79.16 -8.93
N TYR P 205 -5.92 -79.58 -7.98
CA TYR P 205 -5.53 -80.97 -7.83
C TYR P 205 -6.02 -81.51 -6.50
N LEU P 206 -6.54 -82.74 -6.50
CA LEU P 206 -7.03 -83.40 -5.31
C LEU P 206 -6.44 -84.80 -5.24
N SER P 207 -5.93 -85.18 -4.07
CA SER P 207 -5.33 -86.48 -3.84
C SER P 207 -6.17 -87.25 -2.82
N LEU P 208 -6.72 -88.38 -3.23
CA LEU P 208 -7.52 -89.21 -2.35
C LEU P 208 -7.03 -90.65 -2.34
N THR P 209 -7.80 -91.55 -1.74
CA THR P 209 -7.45 -92.95 -1.61
C THR P 209 -8.56 -93.84 -2.19
N PRO P 210 -8.22 -95.03 -2.69
CA PRO P 210 -9.24 -95.88 -3.34
C PRO P 210 -10.32 -96.38 -2.39
N GLU P 211 -10.08 -96.46 -1.09
CA GLU P 211 -11.08 -97.02 -0.18
C GLU P 211 -12.27 -96.08 -0.01
N GLN P 212 -12.03 -94.77 -0.05
CA GLN P 212 -13.14 -93.83 0.02
C GLN P 212 -13.74 -93.54 -1.35
N TRP P 213 -13.01 -93.82 -2.44
CA TRP P 213 -13.53 -93.59 -3.78
C TRP P 213 -14.71 -94.51 -4.06
N LYS P 214 -14.65 -95.76 -3.61
CA LYS P 214 -15.74 -96.70 -3.78
C LYS P 214 -16.76 -96.66 -2.66
N SER P 215 -16.50 -95.90 -1.59
CA SER P 215 -17.40 -95.80 -0.45
C SER P 215 -18.29 -94.56 -0.50
N HIS P 216 -18.17 -93.75 -1.56
CA HIS P 216 -18.99 -92.56 -1.73
C HIS P 216 -20.13 -92.84 -2.70
N ARG P 217 -20.91 -91.81 -2.98
CA ARG P 217 -22.05 -91.89 -3.89
C ARG P 217 -21.82 -91.13 -5.19
N SER P 218 -21.45 -89.86 -5.11
CA SER P 218 -21.24 -89.04 -6.30
C SER P 218 -20.26 -87.93 -5.98
N TYR P 219 -19.15 -87.87 -6.71
CA TYR P 219 -18.16 -86.82 -6.51
C TYR P 219 -18.58 -85.55 -7.24
N SER P 220 -18.19 -84.41 -6.68
CA SER P 220 -18.59 -83.12 -7.23
C SER P 220 -17.52 -82.07 -6.94
N CYS P 221 -17.23 -81.25 -7.95
CA CYS P 221 -16.32 -80.12 -7.83
C CYS P 221 -17.05 -78.86 -8.27
N GLN P 222 -17.11 -77.86 -7.39
CA GLN P 222 -17.86 -76.64 -7.64
C GLN P 222 -16.93 -75.45 -7.80
N VAL P 223 -17.31 -74.55 -8.70
CA VAL P 223 -16.57 -73.31 -8.97
C VAL P 223 -17.56 -72.16 -8.92
N THR P 224 -17.22 -71.11 -8.16
CA THR P 224 -18.08 -69.96 -7.97
C THR P 224 -17.45 -68.73 -8.62
N HIS P 225 -18.26 -67.93 -9.28
CA HIS P 225 -17.81 -66.73 -9.98
C HIS P 225 -18.79 -65.61 -9.69
N GLU P 226 -18.71 -64.53 -10.46
CA GLU P 226 -19.56 -63.36 -10.25
C GLU P 226 -20.99 -63.66 -10.66
N GLY P 227 -21.82 -64.03 -9.69
CA GLY P 227 -23.20 -64.38 -9.95
C GLY P 227 -23.37 -65.62 -10.82
N SER P 228 -22.47 -66.59 -10.69
CA SER P 228 -22.53 -67.81 -11.47
C SER P 228 -21.97 -68.97 -10.64
N THR P 229 -22.59 -70.14 -10.80
CA THR P 229 -22.15 -71.34 -10.10
C THR P 229 -22.42 -72.55 -11.00
N VAL P 230 -21.35 -73.22 -11.41
CA VAL P 230 -21.44 -74.38 -12.30
C VAL P 230 -21.15 -75.63 -11.46
N GLU P 231 -22.08 -76.57 -11.47
CA GLU P 231 -21.97 -77.79 -10.69
C GLU P 231 -21.92 -78.99 -11.63
N LYS P 232 -20.99 -79.92 -11.37
CA LYS P 232 -20.86 -81.14 -12.14
C LYS P 232 -20.92 -82.34 -11.19
N THR P 233 -21.44 -83.45 -11.71
CA THR P 233 -21.61 -84.65 -10.91
C THR P 233 -21.22 -85.88 -11.73
N VAL P 234 -20.46 -86.78 -11.13
CA VAL P 234 -20.07 -88.03 -11.74
C VAL P 234 -20.35 -89.17 -10.76
N ALA P 235 -20.19 -90.39 -11.25
CA ALA P 235 -20.42 -91.58 -10.45
C ALA P 235 -19.23 -92.52 -10.52
N PRO P 236 -18.96 -93.27 -9.45
CA PRO P 236 -17.85 -94.24 -9.50
C PRO P 236 -18.11 -95.42 -10.43
N THR P 237 -19.35 -95.64 -10.85
CA THR P 237 -19.66 -96.74 -11.75
C THR P 237 -19.13 -96.43 -13.15
N GLU P 238 -18.26 -97.30 -13.66
CA GLU P 238 -17.66 -97.10 -14.97
C GLU P 238 -17.93 -98.30 -15.88
N GLU Q 20 -19.75 19.35 -56.48
CA GLU Q 20 -20.97 20.15 -56.55
C GLU Q 20 -22.12 19.37 -57.18
N VAL Q 21 -23.32 19.54 -56.61
CA VAL Q 21 -24.52 18.88 -57.09
C VAL Q 21 -25.57 19.95 -57.34
N GLN Q 22 -26.12 19.96 -58.55
CA GLN Q 22 -27.06 20.99 -58.98
C GLN Q 22 -28.44 20.36 -59.18
N LEU Q 23 -29.48 21.03 -58.69
CA LEU Q 23 -30.85 20.54 -58.78
C LEU Q 23 -31.72 21.61 -59.43
N VAL Q 24 -32.56 21.21 -60.38
CA VAL Q 24 -33.51 22.08 -61.05
C VAL Q 24 -34.91 21.55 -60.77
N GLU Q 25 -35.80 22.42 -60.27
CA GLU Q 25 -37.20 22.08 -60.07
C GLU Q 25 -38.07 23.09 -60.83
N SER Q 26 -38.90 22.58 -61.74
CA SER Q 26 -39.87 23.41 -62.46
C SER Q 26 -41.09 22.53 -62.76
N GLY Q 27 -42.08 22.59 -61.86
CA GLY Q 27 -43.28 21.81 -62.03
C GLY Q 27 -44.55 22.55 -61.67
N GLY Q 28 -44.41 23.77 -61.15
CA GLY Q 28 -45.56 24.52 -60.72
C GLY Q 28 -45.69 25.89 -61.38
N GLY Q 29 -46.64 26.70 -60.92
CA GLY Q 29 -46.85 28.01 -61.49
C GLY Q 29 -48.26 28.23 -61.99
N LEU Q 30 -49.19 27.37 -61.59
CA LEU Q 30 -50.57 27.47 -62.01
C LEU Q 30 -51.46 26.96 -60.89
N VAL Q 31 -52.73 27.35 -60.95
CA VAL Q 31 -53.72 27.01 -59.93
C VAL Q 31 -54.77 26.09 -60.55
N GLN Q 32 -55.13 25.03 -59.82
CA GLN Q 32 -56.15 24.09 -60.25
C GLN Q 32 -56.70 23.28 -59.07
N PRO Q 33 -58.02 23.25 -58.89
CA PRO Q 33 -58.60 22.41 -57.83
C PRO Q 33 -58.96 21.01 -58.28
N GLY Q 34 -58.41 20.00 -57.61
CA GLY Q 34 -58.83 18.63 -57.83
C GLY Q 34 -58.47 18.03 -59.17
N GLY Q 35 -57.48 18.58 -59.86
CA GLY Q 35 -57.05 18.08 -61.15
C GLY Q 35 -55.76 17.28 -61.06
N SER Q 36 -54.91 17.43 -62.06
CA SER Q 36 -53.65 16.72 -62.14
C SER Q 36 -52.51 17.71 -62.37
N LEU Q 37 -51.31 17.33 -61.90
CA LEU Q 37 -50.15 18.19 -62.02
C LEU Q 37 -48.90 17.31 -62.05
N ARG Q 38 -47.88 17.78 -62.79
CA ARG Q 38 -46.64 17.04 -62.99
C ARG Q 38 -45.48 17.90 -62.51
N LEU Q 39 -44.74 17.39 -61.52
CA LEU Q 39 -43.55 18.05 -61.00
C LEU Q 39 -42.32 17.20 -61.34
N SER Q 40 -41.30 17.85 -61.88
CA SER Q 40 -40.07 17.17 -62.28
C SER Q 40 -38.87 17.85 -61.64
N CYS Q 41 -37.94 17.05 -61.14
CA CYS Q 41 -36.68 17.55 -60.59
C CYS Q 41 -35.53 17.03 -61.43
N ALA Q 42 -34.68 17.94 -61.89
CA ALA Q 42 -33.53 17.59 -62.72
C ALA Q 42 -32.26 17.66 -61.88
N ALA Q 43 -31.45 16.61 -61.97
CA ALA Q 43 -30.27 16.47 -61.13
C ALA Q 43 -29.07 16.13 -61.99
N SER Q 44 -27.88 16.53 -61.52
CA SER Q 44 -26.64 16.31 -62.25
C SER Q 44 -25.49 16.30 -61.26
N GLY Q 45 -24.33 15.82 -61.74
CA GLY Q 45 -23.13 15.80 -60.95
C GLY Q 45 -22.90 14.53 -60.14
N PHE Q 46 -23.74 13.51 -60.31
CA PHE Q 46 -23.63 12.30 -59.52
C PHE Q 46 -24.31 11.15 -60.26
N THR Q 47 -24.11 9.95 -59.74
CA THR Q 47 -24.78 8.76 -60.27
C THR Q 47 -26.18 8.65 -59.68
N PHE Q 48 -27.18 8.55 -60.55
CA PHE Q 48 -28.58 8.57 -60.14
C PHE Q 48 -29.08 7.23 -59.62
N SER Q 49 -28.36 6.14 -59.86
CA SER Q 49 -28.85 4.80 -59.57
C SER Q 49 -28.02 4.10 -58.50
N SER Q 50 -27.57 4.84 -57.48
CA SER Q 50 -26.84 4.21 -56.39
C SER Q 50 -27.24 4.74 -55.01
N TYR Q 51 -27.99 5.84 -54.94
CA TYR Q 51 -28.28 6.50 -53.66
C TYR Q 51 -29.79 6.59 -53.50
N TRP Q 52 -30.21 7.22 -52.41
CA TRP Q 52 -31.62 7.40 -52.08
C TRP Q 52 -32.08 8.79 -52.49
N MET Q 53 -33.34 8.90 -52.90
CA MET Q 53 -34.00 10.18 -53.10
C MET Q 53 -35.34 10.20 -52.37
N SER Q 54 -35.87 11.40 -52.18
CA SER Q 54 -37.11 11.61 -51.45
C SER Q 54 -37.77 12.88 -51.98
N TRP Q 55 -38.99 13.13 -51.53
CA TRP Q 55 -39.70 14.36 -51.87
C TRP Q 55 -40.23 14.97 -50.58
N VAL Q 56 -40.04 16.29 -50.45
CA VAL Q 56 -40.32 17.01 -49.21
C VAL Q 56 -40.98 18.35 -49.56
N ARG Q 57 -41.96 18.75 -48.75
CA ARG Q 57 -42.67 20.00 -48.96
C ARG Q 57 -42.82 20.73 -47.64
N GLN Q 58 -43.07 22.04 -47.74
CA GLN Q 58 -43.35 22.88 -46.57
C GLN Q 58 -44.42 23.90 -46.92
N ALA Q 59 -45.26 24.23 -45.95
CA ALA Q 59 -46.24 25.28 -46.16
C ALA Q 59 -45.58 26.66 -45.97
N PRO Q 60 -46.06 27.68 -46.70
CA PRO Q 60 -45.52 29.03 -46.51
C PRO Q 60 -45.85 29.57 -45.13
N GLY Q 61 -44.81 29.84 -44.35
CA GLY Q 61 -44.97 30.32 -42.99
C GLY Q 61 -45.10 29.24 -41.93
N LYS Q 62 -45.07 27.97 -42.31
CA LYS Q 62 -45.18 26.85 -41.38
C LYS Q 62 -43.90 26.04 -41.41
N GLY Q 63 -43.92 24.92 -40.67
CA GLY Q 63 -42.74 24.09 -40.51
C GLY Q 63 -42.58 23.07 -41.64
N LEU Q 64 -41.57 22.22 -41.47
CA LEU Q 64 -41.25 21.20 -42.45
C LEU Q 64 -42.07 19.93 -42.22
N GLU Q 65 -42.34 19.22 -43.30
CA GLU Q 65 -43.02 17.92 -43.22
C GLU Q 65 -42.57 17.06 -44.40
N TRP Q 66 -42.64 15.75 -44.20
CA TRP Q 66 -42.17 14.78 -45.18
C TRP Q 66 -43.31 14.30 -46.06
N VAL Q 67 -42.99 14.04 -47.32
CA VAL Q 67 -43.99 13.63 -48.32
C VAL Q 67 -43.73 12.21 -48.81
N ALA Q 68 -42.55 11.96 -49.38
CA ALA Q 68 -42.32 10.71 -50.09
C ALA Q 68 -40.85 10.33 -50.02
N ASN Q 69 -40.58 9.09 -50.43
CA ASN Q 69 -39.22 8.58 -50.63
C ASN Q 69 -39.27 7.48 -51.67
N ILE Q 70 -38.11 7.18 -52.28
CA ILE Q 70 -38.04 6.19 -53.34
C ILE Q 70 -36.67 5.54 -53.31
N LYS Q 71 -36.63 4.25 -53.66
CA LYS Q 71 -35.40 3.47 -53.66
C LYS Q 71 -34.59 3.77 -54.93
N GLN Q 72 -33.35 3.31 -54.97
CA GLN Q 72 -32.46 3.61 -56.10
C GLN Q 72 -32.89 2.92 -57.40
N ASP Q 73 -33.82 1.96 -57.34
CA ASP Q 73 -34.34 1.33 -58.54
C ASP Q 73 -35.84 1.48 -58.69
N GLY Q 74 -36.51 2.17 -57.77
CA GLY Q 74 -37.94 2.36 -57.84
C GLY Q 74 -38.78 1.18 -57.41
N SER Q 75 -38.16 0.15 -56.83
CA SER Q 75 -38.93 -1.01 -56.40
C SER Q 75 -39.83 -0.68 -55.22
N GLU Q 76 -39.34 0.12 -54.28
CA GLU Q 76 -40.07 0.44 -53.05
C GLU Q 76 -40.34 1.94 -52.99
N LYS Q 77 -41.59 2.31 -52.76
CA LYS Q 77 -42.00 3.70 -52.58
C LYS Q 77 -42.98 3.78 -51.41
N TYR Q 78 -42.90 4.88 -50.66
CA TYR Q 78 -43.72 5.05 -49.47
C TYR Q 78 -44.18 6.50 -49.36
N TYR Q 79 -45.27 6.71 -48.62
CA TYR Q 79 -45.88 8.02 -48.49
C TYR Q 79 -46.38 8.20 -47.06
N VAL Q 80 -46.87 9.40 -46.76
CA VAL Q 80 -47.48 9.67 -45.47
C VAL Q 80 -48.95 9.29 -45.52
N ASP Q 81 -49.54 9.04 -44.35
CA ASP Q 81 -50.91 8.55 -44.27
C ASP Q 81 -51.93 9.57 -44.73
N SER Q 82 -51.59 10.86 -44.75
CA SER Q 82 -52.52 11.87 -45.23
C SER Q 82 -52.74 11.76 -46.73
N VAL Q 83 -51.75 11.23 -47.47
CA VAL Q 83 -51.78 11.24 -48.92
C VAL Q 83 -51.89 9.83 -49.49
N LYS Q 84 -52.21 8.85 -48.65
CA LYS Q 84 -52.30 7.47 -49.12
C LYS Q 84 -53.31 7.31 -50.24
N GLY Q 85 -52.85 6.78 -51.38
CA GLY Q 85 -53.76 6.53 -52.50
C GLY Q 85 -53.91 7.65 -53.50
N ARG Q 86 -53.42 8.84 -53.16
CA ARG Q 86 -53.56 9.98 -54.07
C ARG Q 86 -52.21 10.55 -54.49
N PHE Q 87 -51.17 9.73 -54.41
CA PHE Q 87 -49.84 10.19 -54.84
C PHE Q 87 -49.04 9.08 -55.48
N THR Q 88 -48.23 9.42 -56.49
CA THR Q 88 -47.43 8.42 -57.18
C THR Q 88 -46.08 9.00 -57.56
N ILE Q 89 -45.07 8.15 -57.69
CA ILE Q 89 -43.74 8.62 -58.06
C ILE Q 89 -43.12 7.60 -59.01
N SER Q 90 -42.42 8.11 -60.03
CA SER Q 90 -41.71 7.26 -60.98
C SER Q 90 -40.33 7.85 -61.23
N ARG Q 91 -39.44 7.04 -61.79
CA ARG Q 91 -38.05 7.43 -61.95
C ARG Q 91 -37.46 6.76 -63.18
N ASP Q 92 -36.30 7.28 -63.60
CA ASP Q 92 -35.48 6.64 -64.62
C ASP Q 92 -34.03 7.09 -64.44
N ASN Q 93 -33.10 6.17 -64.71
CA ASN Q 93 -31.69 6.45 -64.58
C ASN Q 93 -31.01 6.81 -65.90
N ALA Q 94 -31.74 6.73 -67.02
CA ALA Q 94 -31.13 7.03 -68.32
C ALA Q 94 -30.89 8.52 -68.49
N LYS Q 95 -31.88 9.35 -68.13
CA LYS Q 95 -31.78 10.79 -68.32
C LYS Q 95 -31.64 11.56 -67.02
N ASN Q 96 -31.55 10.87 -65.87
CA ASN Q 96 -31.21 11.47 -64.58
C ASN Q 96 -32.23 12.54 -64.16
N SER Q 97 -33.48 12.11 -63.99
CA SER Q 97 -34.54 13.01 -63.58
C SER Q 97 -35.50 12.28 -62.65
N LEU Q 98 -36.24 13.06 -61.87
CA LEU Q 98 -37.26 12.54 -60.96
C LEU Q 98 -38.63 13.00 -61.42
N TYR Q 99 -39.62 12.12 -61.27
CA TYR Q 99 -40.98 12.39 -61.72
C TYR Q 99 -41.93 12.35 -60.54
N LEU Q 100 -43.00 13.14 -60.62
CA LEU Q 100 -44.01 13.23 -59.58
C LEU Q 100 -45.36 13.49 -60.23
N GLN Q 101 -46.30 12.55 -60.07
CA GLN Q 101 -47.64 12.67 -60.63
C GLN Q 101 -48.64 12.90 -59.51
N MET Q 102 -49.49 13.89 -59.69
CA MET Q 102 -50.40 14.39 -58.65
C MET Q 102 -51.85 14.31 -59.14
N ASN Q 103 -52.76 14.03 -58.22
CA ASN Q 103 -54.17 14.00 -58.55
C ASN Q 103 -54.99 14.27 -57.29
N SER Q 104 -56.23 14.73 -57.50
CA SER Q 104 -57.22 14.98 -56.46
C SER Q 104 -56.68 15.95 -55.39
N LEU Q 105 -56.45 17.19 -55.83
CA LEU Q 105 -55.81 18.15 -54.96
C LEU Q 105 -56.82 18.77 -54.00
N ARG Q 106 -56.30 19.27 -52.88
CA ARG Q 106 -57.11 19.98 -51.89
C ARG Q 106 -56.43 21.30 -51.55
N ALA Q 107 -57.14 22.15 -50.79
CA ALA Q 107 -56.70 23.51 -50.55
C ALA Q 107 -55.43 23.59 -49.69
N GLU Q 108 -55.10 22.53 -48.95
CA GLU Q 108 -53.91 22.55 -48.12
C GLU Q 108 -52.62 22.45 -48.94
N ASP Q 109 -52.71 21.99 -50.19
CA ASP Q 109 -51.55 21.66 -51.00
C ASP Q 109 -50.75 22.89 -51.45
N THR Q 110 -51.04 24.08 -50.97
CA THR Q 110 -50.18 25.25 -51.22
C THR Q 110 -48.88 25.05 -50.47
N ALA Q 111 -47.83 24.65 -51.19
CA ALA Q 111 -46.57 24.29 -50.56
C ALA Q 111 -45.44 24.48 -51.56
N VAL Q 112 -44.22 24.51 -51.04
CA VAL Q 112 -43.01 24.61 -51.85
C VAL Q 112 -42.33 23.24 -51.79
N TYR Q 113 -42.15 22.62 -52.95
CA TYR Q 113 -41.70 21.24 -53.03
C TYR Q 113 -40.22 21.18 -53.39
N TYR Q 114 -39.45 20.48 -52.57
CA TYR Q 114 -38.03 20.24 -52.81
C TYR Q 114 -37.81 18.75 -53.08
N CYS Q 115 -37.02 18.44 -54.10
CA CYS Q 115 -36.64 17.07 -54.37
C CYS Q 115 -35.47 16.69 -53.47
N ALA Q 116 -35.70 15.79 -52.52
CA ALA Q 116 -34.72 15.43 -51.51
C ALA Q 116 -33.85 14.28 -52.01
N ARG Q 117 -32.58 14.28 -51.61
CA ARG Q 117 -31.62 13.27 -52.02
C ARG Q 117 -30.96 12.68 -50.78
N GLY Q 118 -30.81 11.36 -50.75
CA GLY Q 118 -30.20 10.66 -49.65
C GLY Q 118 -28.81 10.16 -49.98
N GLN Q 119 -28.16 9.59 -48.97
CA GLN Q 119 -26.80 9.08 -49.09
C GLN Q 119 -26.72 7.58 -48.86
N LEU Q 120 -27.23 7.10 -47.75
CA LEU Q 120 -27.22 5.66 -47.45
C LEU Q 120 -28.60 5.09 -47.17
N GLY Q 121 -29.49 5.88 -46.59
CA GLY Q 121 -30.82 5.42 -46.26
C GLY Q 121 -31.63 6.49 -45.55
N PRO Q 122 -32.76 6.07 -44.95
CA PRO Q 122 -33.59 7.01 -44.21
C PRO Q 122 -33.09 7.34 -42.80
N TRP Q 123 -31.90 6.89 -42.43
CA TRP Q 123 -31.36 7.15 -41.10
C TRP Q 123 -30.28 8.23 -41.08
N VAL Q 124 -29.46 8.32 -42.13
CA VAL Q 124 -28.33 9.24 -42.10
C VAL Q 124 -28.80 10.69 -42.10
N GLY Q 125 -29.79 11.01 -42.92
CA GLY Q 125 -30.34 12.35 -42.99
C GLY Q 125 -30.59 12.76 -44.42
N VAL Q 126 -31.34 13.86 -44.57
CA VAL Q 126 -31.65 14.39 -45.90
C VAL Q 126 -30.42 15.04 -46.48
N ASP Q 127 -29.98 16.14 -45.85
CA ASP Q 127 -28.76 16.88 -46.17
C ASP Q 127 -28.76 17.49 -47.57
N TYR Q 128 -29.84 17.35 -48.33
CA TYR Q 128 -29.92 17.85 -49.69
C TYR Q 128 -31.27 18.54 -49.87
N TRP Q 129 -31.23 19.81 -50.31
CA TRP Q 129 -32.43 20.63 -50.39
C TRP Q 129 -32.32 21.51 -51.63
N GLY Q 130 -33.20 21.30 -52.60
CA GLY Q 130 -33.23 22.14 -53.78
C GLY Q 130 -33.88 23.48 -53.51
N GLN Q 131 -33.78 24.36 -54.51
CA GLN Q 131 -34.40 25.68 -54.39
C GLN Q 131 -35.93 25.59 -54.43
N GLY Q 132 -36.46 24.58 -55.12
CA GLY Q 132 -37.89 24.34 -55.12
C GLY Q 132 -38.65 25.24 -56.09
N THR Q 133 -39.95 24.98 -56.17
CA THR Q 133 -40.86 25.73 -57.03
C THR Q 133 -42.10 26.10 -56.22
N LEU Q 134 -42.51 27.36 -56.32
CA LEU Q 134 -43.71 27.82 -55.63
C LEU Q 134 -44.95 27.19 -56.28
N VAL Q 135 -45.70 26.44 -55.47
CA VAL Q 135 -46.92 25.78 -55.93
C VAL Q 135 -48.08 26.26 -55.08
N THR Q 136 -49.04 26.92 -55.70
CA THR Q 136 -50.25 27.39 -55.04
C THR Q 136 -51.45 26.75 -55.72
N VAL Q 137 -52.37 26.20 -54.92
CA VAL Q 137 -53.56 25.54 -55.43
C VAL Q 137 -54.82 26.35 -55.18
N SER Q 138 -54.69 27.55 -54.61
CA SER Q 138 -55.83 28.37 -54.23
C SER Q 138 -56.38 29.16 -55.43
N SER Q 139 -56.92 28.40 -56.39
CA SER Q 139 -57.59 29.04 -57.53
C SER Q 139 -58.82 29.82 -57.06
N ALA Q 140 -59.84 29.10 -56.59
CA ALA Q 140 -61.04 29.63 -55.93
C ALA Q 140 -61.59 30.89 -56.61
N SER Q 141 -61.98 30.71 -57.87
CA SER Q 141 -62.51 31.78 -58.72
C SER Q 141 -61.49 32.90 -58.89
N THR Q 142 -60.38 32.58 -59.56
CA THR Q 142 -59.38 33.58 -59.91
C THR Q 142 -59.97 34.66 -60.80
N LYS Q 143 -59.83 35.91 -60.38
CA LYS Q 143 -60.41 37.05 -61.07
C LYS Q 143 -59.32 37.99 -61.57
N GLY Q 144 -59.69 38.81 -62.55
CA GLY Q 144 -58.79 39.78 -63.13
C GLY Q 144 -58.45 40.91 -62.17
N PRO Q 145 -57.16 41.20 -62.02
CA PRO Q 145 -56.75 42.30 -61.14
C PRO Q 145 -57.11 43.65 -61.71
N SER Q 146 -57.27 44.63 -60.82
CA SER Q 146 -57.56 46.01 -61.19
C SER Q 146 -56.36 46.88 -60.88
N VAL Q 147 -55.94 47.68 -61.86
CA VAL Q 147 -54.78 48.55 -61.75
C VAL Q 147 -55.26 50.00 -61.67
N PHE Q 148 -54.85 50.70 -60.62
CA PHE Q 148 -55.24 52.09 -60.39
C PHE Q 148 -54.00 52.93 -60.11
N PRO Q 149 -53.30 53.38 -61.17
CA PRO Q 149 -52.13 54.24 -60.96
C PRO Q 149 -52.52 55.67 -60.59
N LEU Q 150 -52.75 55.91 -59.30
CA LEU Q 150 -53.15 57.23 -58.83
C LEU Q 150 -52.05 58.26 -59.07
N ALA Q 151 -52.44 59.45 -59.51
CA ALA Q 151 -51.50 60.53 -59.81
C ALA Q 151 -51.78 61.73 -58.92
N PRO Q 152 -51.03 61.92 -57.84
CA PRO Q 152 -51.21 63.11 -56.98
C PRO Q 152 -50.51 64.35 -57.54
N SER Q 153 -51.21 65.02 -58.47
CA SER Q 153 -50.65 66.20 -59.12
C SER Q 153 -50.43 67.35 -58.13
N SER Q 154 -51.38 67.55 -57.21
CA SER Q 154 -51.31 68.62 -56.23
C SER Q 154 -51.04 68.02 -54.86
N LYS Q 155 -49.81 68.18 -54.36
CA LYS Q 155 -49.45 67.72 -53.03
C LYS Q 155 -48.26 68.53 -52.54
N SER Q 156 -48.27 68.88 -51.26
CA SER Q 156 -47.18 69.65 -50.68
C SER Q 156 -46.00 68.74 -50.36
N THR Q 157 -44.89 69.36 -49.93
CA THR Q 157 -43.68 68.63 -49.58
C THR Q 157 -43.78 68.15 -48.13
N SER Q 158 -42.65 67.67 -47.60
CA SER Q 158 -42.54 67.16 -46.23
C SER Q 158 -43.53 66.02 -45.97
N GLY Q 159 -43.68 65.13 -46.96
CA GLY Q 159 -44.56 63.99 -46.84
C GLY Q 159 -43.82 62.70 -47.15
N GLY Q 160 -44.52 61.59 -46.92
CA GLY Q 160 -43.93 60.28 -47.20
C GLY Q 160 -43.70 60.06 -48.69
N THR Q 161 -44.69 60.39 -49.51
CA THR Q 161 -44.58 60.28 -50.96
C THR Q 161 -44.75 61.66 -51.56
N ALA Q 162 -43.75 62.09 -52.35
CA ALA Q 162 -43.80 63.40 -52.98
C ALA Q 162 -44.95 63.48 -54.00
N ALA Q 163 -44.84 62.72 -55.09
CA ALA Q 163 -45.94 62.63 -56.06
C ALA Q 163 -45.77 61.33 -56.86
N LEU Q 164 -46.50 60.29 -56.46
CA LEU Q 164 -46.53 59.01 -57.15
C LEU Q 164 -47.58 58.14 -56.48
N GLY Q 165 -48.14 57.21 -57.24
CA GLY Q 165 -49.11 56.27 -56.70
C GLY Q 165 -49.50 55.15 -57.65
N CYS Q 166 -49.59 53.94 -57.11
CA CYS Q 166 -50.11 52.80 -57.87
C CYS Q 166 -50.83 51.88 -56.92
N LEU Q 167 -52.01 51.41 -57.32
CA LEU Q 167 -52.86 50.58 -56.46
C LEU Q 167 -53.27 49.33 -57.22
N VAL Q 168 -53.20 48.19 -56.55
CA VAL Q 168 -53.62 46.91 -57.10
C VAL Q 168 -54.73 46.37 -56.20
N LYS Q 169 -55.89 46.07 -56.79
CA LYS Q 169 -57.05 45.63 -56.03
C LYS Q 169 -57.78 44.55 -56.80
N ASP Q 170 -58.52 43.72 -56.06
CA ASP Q 170 -59.39 42.67 -56.60
C ASP Q 170 -58.59 41.65 -57.42
N TYR Q 171 -57.64 41.02 -56.76
CA TYR Q 171 -56.82 39.98 -57.37
C TYR Q 171 -56.81 38.76 -56.46
N PHE Q 172 -56.53 37.60 -57.06
CA PHE Q 172 -56.56 36.33 -56.35
C PHE Q 172 -55.81 35.26 -57.13
N PRO Q 173 -54.86 34.54 -56.52
CA PRO Q 173 -54.27 34.71 -55.19
C PRO Q 173 -52.92 35.43 -55.22
N GLU Q 174 -52.18 35.38 -54.11
CA GLU Q 174 -50.81 35.85 -54.08
C GLU Q 174 -49.93 34.98 -54.97
N PRO Q 175 -48.84 35.55 -55.52
CA PRO Q 175 -48.38 36.93 -55.41
C PRO Q 175 -48.56 37.76 -56.69
N VAL Q 176 -48.23 39.04 -56.62
CA VAL Q 176 -48.26 39.94 -57.75
C VAL Q 176 -46.89 40.60 -57.89
N THR Q 177 -46.28 40.46 -59.07
CA THR Q 177 -45.01 41.11 -59.34
C THR Q 177 -45.27 42.55 -59.77
N VAL Q 178 -44.77 43.50 -58.99
CA VAL Q 178 -44.98 44.92 -59.23
C VAL Q 178 -43.66 45.54 -59.67
N SER Q 179 -43.67 46.19 -60.82
CA SER Q 179 -42.48 46.83 -61.39
C SER Q 179 -42.82 48.23 -61.83
N TRP Q 180 -41.79 49.09 -61.90
CA TRP Q 180 -41.96 50.47 -62.32
C TRP Q 180 -40.98 50.76 -63.46
N ASN Q 181 -41.54 51.25 -64.58
CA ASN Q 181 -40.75 51.63 -65.76
C ASN Q 181 -39.91 50.47 -66.28
N SER Q 182 -40.51 49.28 -66.33
CA SER Q 182 -39.87 48.05 -66.80
C SER Q 182 -38.60 47.73 -66.01
N GLY Q 183 -38.64 48.00 -64.71
CA GLY Q 183 -37.51 47.72 -63.84
C GLY Q 183 -36.35 48.67 -63.97
N ALA Q 184 -36.53 49.82 -64.62
CA ALA Q 184 -35.44 50.78 -64.78
C ALA Q 184 -35.06 51.39 -63.43
N LEU Q 185 -36.04 51.71 -62.60
CA LEU Q 185 -35.79 52.31 -61.29
C LEU Q 185 -36.10 51.31 -60.19
N THR Q 186 -35.24 51.25 -59.18
CA THR Q 186 -35.40 50.35 -58.06
C THR Q 186 -35.18 51.05 -56.73
N SER Q 187 -34.51 52.19 -56.72
CA SER Q 187 -34.26 52.94 -55.49
C SER Q 187 -35.53 53.65 -55.05
N GLY Q 188 -35.84 53.56 -53.76
CA GLY Q 188 -36.99 54.25 -53.19
C GLY Q 188 -38.32 53.54 -53.38
N VAL Q 189 -38.33 52.33 -53.92
CA VAL Q 189 -39.57 51.60 -54.13
C VAL Q 189 -39.98 50.92 -52.82
N HIS Q 190 -41.17 51.26 -52.33
CA HIS Q 190 -41.73 50.66 -51.13
C HIS Q 190 -43.08 50.06 -51.48
N THR Q 191 -43.21 48.75 -51.26
CA THR Q 191 -44.43 48.02 -51.57
C THR Q 191 -45.08 47.57 -50.27
N PHE Q 192 -46.29 48.07 -50.01
CA PHE Q 192 -47.01 47.70 -48.79
C PHE Q 192 -47.55 46.27 -48.90
N PRO Q 193 -47.60 45.55 -47.79
CA PRO Q 193 -48.15 44.20 -47.81
C PRO Q 193 -49.65 44.20 -48.09
N ALA Q 194 -50.12 43.07 -48.63
CA ALA Q 194 -51.53 42.91 -48.96
C ALA Q 194 -52.38 42.89 -47.69
N VAL Q 195 -53.59 43.44 -47.81
CA VAL Q 195 -54.54 43.49 -46.72
C VAL Q 195 -55.73 42.58 -47.06
N LEU Q 196 -56.32 41.99 -46.03
CA LEU Q 196 -57.50 41.15 -46.18
C LEU Q 196 -58.74 42.01 -45.93
N GLN Q 197 -59.70 41.92 -46.85
CA GLN Q 197 -60.93 42.70 -46.75
C GLN Q 197 -62.03 41.85 -46.11
N SER Q 198 -63.26 42.36 -46.12
CA SER Q 198 -64.37 41.64 -45.52
C SER Q 198 -64.78 40.41 -46.33
N SER Q 199 -64.43 40.37 -47.62
CA SER Q 199 -64.75 39.24 -48.48
C SER Q 199 -63.56 38.32 -48.71
N GLY Q 200 -62.50 38.46 -47.93
CA GLY Q 200 -61.29 37.67 -48.13
C GLY Q 200 -60.57 38.01 -49.43
N LEU Q 201 -60.49 39.29 -49.78
CA LEU Q 201 -59.86 39.74 -51.01
C LEU Q 201 -58.63 40.56 -50.67
N TYR Q 202 -57.58 40.42 -51.49
CA TYR Q 202 -56.31 41.07 -51.23
C TYR Q 202 -56.18 42.37 -52.01
N SER Q 203 -55.47 43.32 -51.41
CA SER Q 203 -55.24 44.63 -52.02
C SER Q 203 -53.98 45.22 -51.41
N LEU Q 204 -53.17 45.85 -52.27
CA LEU Q 204 -51.91 46.43 -51.83
C LEU Q 204 -51.57 47.60 -52.73
N SER Q 205 -50.62 48.42 -52.26
CA SER Q 205 -50.14 49.57 -53.00
C SER Q 205 -48.63 49.64 -52.91
N SER Q 206 -48.01 50.25 -53.93
CA SER Q 206 -46.57 50.45 -53.98
C SER Q 206 -46.29 51.91 -54.27
N VAL Q 207 -45.37 52.51 -53.51
CA VAL Q 207 -45.05 53.93 -53.62
C VAL Q 207 -43.55 54.10 -53.85
N VAL Q 208 -43.20 55.09 -54.67
CA VAL Q 208 -41.82 55.43 -54.97
C VAL Q 208 -41.65 56.93 -54.80
N THR Q 209 -40.57 57.34 -54.14
CA THR Q 209 -40.29 58.75 -53.92
C THR Q 209 -39.55 59.32 -55.14
N VAL Q 210 -40.20 60.21 -55.87
CA VAL Q 210 -39.62 60.84 -57.05
C VAL Q 210 -39.81 62.35 -56.93
N PRO Q 211 -38.93 63.17 -57.51
CA PRO Q 211 -39.12 64.62 -57.45
C PRO Q 211 -40.38 65.07 -58.19
N SER Q 212 -40.97 66.15 -57.70
CA SER Q 212 -42.19 66.69 -58.30
C SER Q 212 -41.92 67.48 -59.57
N SER Q 213 -40.67 67.81 -59.86
CA SER Q 213 -40.35 68.53 -61.08
C SER Q 213 -40.33 67.64 -62.32
N SER Q 214 -40.40 66.32 -62.13
CA SER Q 214 -40.37 65.37 -63.24
C SER Q 214 -41.74 64.75 -63.52
N LEU Q 215 -42.82 65.44 -63.13
CA LEU Q 215 -44.16 64.92 -63.40
C LEU Q 215 -44.46 64.92 -64.89
N GLY Q 216 -44.08 65.98 -65.60
CA GLY Q 216 -44.36 66.08 -67.01
C GLY Q 216 -43.17 65.77 -67.91
N THR Q 217 -41.97 65.80 -67.34
CA THR Q 217 -40.74 65.54 -68.09
C THR Q 217 -40.27 64.10 -67.98
N GLN Q 218 -40.97 63.26 -67.23
CA GLN Q 218 -40.61 61.85 -67.09
C GLN Q 218 -41.86 61.00 -67.17
N THR Q 219 -41.78 59.92 -67.94
CA THR Q 219 -42.91 59.00 -68.11
C THR Q 219 -42.80 57.88 -67.09
N TYR Q 220 -43.84 57.71 -66.28
CA TYR Q 220 -43.88 56.69 -65.23
C TYR Q 220 -44.86 55.61 -65.65
N ILE Q 221 -44.38 54.37 -65.71
CA ILE Q 221 -45.19 53.22 -66.11
C ILE Q 221 -45.21 52.23 -64.94
N CYS Q 222 -46.40 51.90 -64.47
CA CYS Q 222 -46.58 50.95 -63.37
C CYS Q 222 -46.93 49.59 -63.96
N ASN Q 223 -46.14 48.57 -63.61
CA ASN Q 223 -46.25 47.25 -64.20
C ASN Q 223 -46.85 46.29 -63.18
N VAL Q 224 -47.86 45.53 -63.60
CA VAL Q 224 -48.53 44.56 -62.74
C VAL Q 224 -48.51 43.20 -63.44
N ASN Q 225 -47.92 42.20 -62.77
CA ASN Q 225 -47.87 40.84 -63.27
C ASN Q 225 -48.61 39.94 -62.29
N HIS Q 226 -49.52 39.11 -62.82
CA HIS Q 226 -50.22 38.11 -62.02
C HIS Q 226 -50.13 36.78 -62.76
N LYS Q 227 -49.43 35.82 -62.17
CA LYS Q 227 -49.12 34.57 -62.85
C LYS Q 227 -50.31 33.62 -62.97
N PRO Q 228 -51.13 33.38 -61.93
CA PRO Q 228 -52.34 32.56 -62.14
C PRO Q 228 -53.32 33.16 -63.13
N SER Q 229 -53.43 34.49 -63.19
CA SER Q 229 -54.34 35.14 -64.13
C SER Q 229 -53.72 35.37 -65.50
N ASN Q 230 -52.41 35.15 -65.63
CA ASN Q 230 -51.62 35.40 -66.85
C ASN Q 230 -51.98 36.74 -67.52
N THR Q 231 -51.98 37.80 -66.71
CA THR Q 231 -52.29 39.15 -67.18
C THR Q 231 -51.10 40.06 -66.94
N LYS Q 232 -50.75 40.84 -67.96
CA LYS Q 232 -49.70 41.86 -67.87
C LYS Q 232 -50.30 43.15 -68.41
N VAL Q 233 -50.58 44.10 -67.52
CA VAL Q 233 -51.23 45.35 -67.87
C VAL Q 233 -50.24 46.49 -67.58
N ASP Q 234 -50.00 47.32 -68.57
CA ASP Q 234 -49.08 48.45 -68.46
C ASP Q 234 -49.89 49.73 -68.61
N LYS Q 235 -49.83 50.61 -67.61
CA LYS Q 235 -50.64 51.82 -67.57
C LYS Q 235 -49.77 53.04 -67.34
N LYS Q 236 -50.08 54.11 -68.05
CA LYS Q 236 -49.36 55.37 -67.92
C LYS Q 236 -49.94 56.23 -66.81
N VAL Q 237 -49.06 56.91 -66.08
CA VAL Q 237 -49.45 57.83 -65.02
C VAL Q 237 -49.49 59.23 -65.61
N GLU Q 238 -50.67 59.86 -65.57
CA GLU Q 238 -50.85 61.20 -66.08
C GLU Q 238 -51.46 62.09 -65.00
N PRO Q 239 -50.91 63.28 -64.77
CA PRO Q 239 -51.46 64.17 -63.74
C PRO Q 239 -52.86 64.66 -64.11
N LYS Q 240 -53.68 64.87 -63.09
CA LYS Q 240 -55.04 65.36 -63.29
C LYS Q 240 -55.07 66.88 -63.42
N ASN R 18 -47.75 7.07 -33.72
CA ASN R 18 -47.89 8.53 -33.67
C ASN R 18 -46.56 9.07 -33.14
N PHE R 19 -45.52 8.98 -33.96
CA PHE R 19 -44.22 9.51 -33.57
C PHE R 19 -44.14 10.99 -33.89
N MET R 20 -43.79 11.80 -32.90
CA MET R 20 -43.76 13.24 -33.06
C MET R 20 -42.67 13.82 -32.17
N LEU R 21 -41.94 14.79 -32.70
CA LEU R 21 -40.82 15.42 -32.01
C LEU R 21 -41.24 16.80 -31.52
N THR R 22 -41.05 17.04 -30.22
CA THR R 22 -41.50 18.27 -29.57
C THR R 22 -40.30 19.18 -29.34
N GLN R 23 -40.38 20.40 -29.87
CA GLN R 23 -39.33 21.41 -29.73
C GLN R 23 -39.97 22.78 -29.69
N PRO R 24 -39.29 23.80 -29.10
CA PRO R 24 -39.90 25.13 -29.04
C PRO R 24 -39.88 25.86 -30.38
N HIS R 25 -40.29 27.13 -30.37
CA HIS R 25 -40.26 27.93 -31.58
C HIS R 25 -39.46 29.23 -31.44
N SER R 26 -39.09 29.63 -30.23
CA SER R 26 -38.35 30.87 -30.03
C SER R 26 -37.40 30.67 -28.86
N VAL R 27 -36.10 30.65 -29.15
CA VAL R 27 -35.05 30.44 -28.15
C VAL R 27 -33.78 31.12 -28.65
N SER R 28 -32.77 31.20 -27.78
CA SER R 28 -31.43 31.70 -28.10
C SER R 28 -31.44 33.18 -28.48
N GLU R 29 -32.39 33.94 -27.94
CA GLU R 29 -32.48 35.38 -28.19
C GLU R 29 -31.53 36.12 -27.25
N SER R 30 -30.24 35.92 -27.50
CA SER R 30 -29.18 36.41 -26.64
C SER R 30 -28.08 37.02 -27.49
N PRO R 31 -27.30 37.99 -26.95
CA PRO R 31 -26.23 38.61 -27.74
C PRO R 31 -25.14 37.61 -28.15
N GLY R 32 -24.49 36.96 -27.18
CA GLY R 32 -23.64 35.85 -27.51
C GLY R 32 -23.11 35.08 -26.31
N LYS R 33 -23.38 33.78 -26.30
CA LYS R 33 -22.90 32.80 -25.32
C LYS R 33 -23.41 31.42 -25.69
N THR R 34 -22.96 30.39 -24.98
CA THR R 34 -23.43 29.03 -25.24
C THR R 34 -24.89 28.91 -24.84
N VAL R 35 -25.69 28.29 -25.71
CA VAL R 35 -27.11 28.06 -25.45
C VAL R 35 -27.51 26.75 -26.11
N THR R 36 -28.36 25.99 -25.43
CA THR R 36 -28.79 24.67 -25.90
C THR R 36 -30.25 24.70 -26.35
N ILE R 37 -30.57 23.84 -27.31
CA ILE R 37 -31.92 23.70 -27.84
C ILE R 37 -32.32 22.24 -27.69
N SER R 38 -33.46 22.00 -27.03
CA SER R 38 -33.90 20.65 -26.69
C SER R 38 -35.07 20.24 -27.57
N CYS R 39 -34.92 19.09 -28.24
CA CYS R 39 -36.01 18.46 -28.98
C CYS R 39 -36.21 17.06 -28.41
N THR R 40 -37.46 16.74 -28.07
CA THR R 40 -37.78 15.46 -27.44
C THR R 40 -38.88 14.76 -28.22
N GLY R 41 -38.88 13.43 -28.12
CA GLY R 41 -39.87 12.60 -28.78
C GLY R 41 -40.85 12.00 -27.78
N SER R 42 -41.95 11.48 -28.31
CA SER R 42 -43.00 10.96 -27.44
C SER R 42 -43.26 9.47 -27.60
N SER R 43 -43.53 9.00 -28.81
CA SER R 43 -44.03 7.64 -28.99
C SER R 43 -42.95 6.60 -28.68
N GLY R 44 -41.70 6.90 -29.00
CA GLY R 44 -40.63 5.96 -28.75
C GLY R 44 -39.36 6.69 -28.37
N SER R 45 -38.33 5.91 -28.04
CA SER R 45 -37.03 6.47 -27.68
C SER R 45 -36.33 6.97 -28.94
N ILE R 46 -35.88 8.23 -28.92
CA ILE R 46 -35.19 8.81 -30.07
C ILE R 46 -33.75 8.35 -30.18
N ALA R 47 -33.22 7.68 -29.17
CA ALA R 47 -31.85 7.18 -29.21
C ALA R 47 -31.73 5.87 -29.98
N SER R 48 -32.84 5.23 -30.34
CA SER R 48 -32.77 3.98 -31.09
C SER R 48 -32.30 4.22 -32.51
N ASN R 49 -32.78 5.29 -33.14
CA ASN R 49 -32.40 5.64 -34.51
C ASN R 49 -31.67 6.98 -34.52
N TYR R 50 -31.03 7.27 -35.64
CA TYR R 50 -30.30 8.52 -35.80
C TYR R 50 -31.27 9.69 -35.93
N VAL R 51 -30.92 10.82 -35.31
CA VAL R 51 -31.68 12.05 -35.44
C VAL R 51 -30.75 13.13 -35.99
N GLN R 52 -31.34 14.09 -36.70
CA GLN R 52 -30.59 15.12 -37.39
C GLN R 52 -31.22 16.49 -37.15
N TRP R 53 -30.39 17.53 -37.28
CA TRP R 53 -30.83 18.91 -37.14
C TRP R 53 -30.67 19.62 -38.48
N TYR R 54 -31.75 20.23 -38.95
CA TYR R 54 -31.76 20.92 -40.24
C TYR R 54 -31.99 22.41 -40.01
N GLN R 55 -31.21 23.24 -40.71
CA GLN R 55 -31.31 24.69 -40.64
C GLN R 55 -31.80 25.24 -41.96
N GLN R 56 -32.72 26.20 -41.90
CA GLN R 56 -33.26 26.83 -43.10
C GLN R 56 -33.23 28.34 -42.96
N ARG R 57 -32.67 29.02 -43.95
CA ARG R 57 -32.77 30.47 -43.99
C ARG R 57 -34.13 30.88 -44.57
N PRO R 58 -34.76 31.94 -44.04
CA PRO R 58 -36.07 32.36 -44.57
C PRO R 58 -35.95 32.92 -45.98
N GLY R 59 -36.76 32.37 -46.88
CA GLY R 59 -36.77 32.82 -48.26
C GLY R 59 -35.77 32.14 -49.17
N SER R 60 -35.11 31.07 -48.74
CA SER R 60 -34.14 30.36 -49.56
C SER R 60 -34.15 28.89 -49.18
N ALA R 61 -33.25 28.13 -49.83
CA ALA R 61 -33.18 26.69 -49.66
C ALA R 61 -32.59 26.34 -48.29
N PRO R 62 -33.08 25.26 -47.67
CA PRO R 62 -32.54 24.83 -46.38
C PRO R 62 -31.19 24.10 -46.56
N THR R 63 -30.51 23.94 -45.43
CA THR R 63 -29.27 23.17 -45.35
C THR R 63 -29.35 22.28 -44.11
N THR R 64 -28.23 21.68 -43.74
CA THR R 64 -28.16 20.81 -42.56
C THR R 64 -26.99 21.24 -41.70
N VAL R 65 -27.24 21.41 -40.41
CA VAL R 65 -26.18 21.77 -39.47
C VAL R 65 -25.58 20.55 -38.79
N ILE R 66 -26.40 19.53 -38.50
CA ILE R 66 -25.96 18.34 -37.78
C ILE R 66 -26.50 17.11 -38.49
N TYR R 67 -25.60 16.16 -38.79
CA TYR R 67 -26.00 14.85 -39.28
C TYR R 67 -25.24 13.80 -38.48
N GLU R 68 -25.81 12.59 -38.43
CA GLU R 68 -25.31 11.44 -37.67
C GLU R 68 -25.26 11.71 -36.18
N ASP R 69 -25.91 12.78 -35.71
CA ASP R 69 -26.19 13.05 -34.30
C ASP R 69 -24.92 13.45 -33.54
N ASN R 70 -23.76 13.39 -34.20
CA ASN R 70 -22.50 13.79 -33.58
C ASN R 70 -21.54 14.53 -34.51
N GLN R 71 -21.87 14.70 -35.78
CA GLN R 71 -20.93 15.25 -36.76
C GLN R 71 -21.55 16.44 -37.48
N ARG R 72 -20.70 17.15 -38.22
CA ARG R 72 -21.05 18.33 -38.98
C ARG R 72 -20.50 18.24 -40.40
N PRO R 73 -21.16 18.88 -41.37
CA PRO R 73 -20.69 18.82 -42.76
C PRO R 73 -19.40 19.60 -42.97
N SER R 74 -18.77 19.34 -44.12
CA SER R 74 -17.55 20.05 -44.49
C SER R 74 -17.87 21.52 -44.79
N GLY R 75 -17.08 22.42 -44.21
CA GLY R 75 -17.32 23.84 -44.31
C GLY R 75 -18.20 24.41 -43.21
N VAL R 76 -18.91 23.57 -42.47
CA VAL R 76 -19.74 24.03 -41.36
C VAL R 76 -18.83 24.30 -40.16
N PRO R 77 -18.96 25.46 -39.50
CA PRO R 77 -18.03 25.80 -38.41
C PRO R 77 -18.18 24.88 -37.21
N ASP R 78 -17.10 24.80 -36.42
CA ASP R 78 -17.03 23.96 -35.25
C ASP R 78 -17.90 24.46 -34.09
N ARG R 79 -18.47 25.65 -34.21
CA ARG R 79 -19.22 26.25 -33.11
C ARG R 79 -20.45 25.42 -32.73
N PHE R 80 -21.14 24.85 -33.72
CA PHE R 80 -22.29 24.01 -33.46
C PHE R 80 -21.86 22.65 -32.93
N SER R 81 -22.65 22.10 -32.02
CA SER R 81 -22.39 20.77 -31.47
C SER R 81 -23.70 20.18 -30.96
N GLY R 82 -23.71 18.85 -30.82
CA GLY R 82 -24.91 18.17 -30.39
C GLY R 82 -24.59 17.11 -29.33
N SER R 83 -25.62 16.71 -28.62
CA SER R 83 -25.50 15.71 -27.57
C SER R 83 -26.83 14.99 -27.41
N ILE R 84 -26.80 13.82 -26.79
CA ILE R 84 -27.96 12.97 -26.59
C ILE R 84 -28.07 12.62 -25.11
N ASP R 85 -29.24 12.88 -24.53
CA ASP R 85 -29.54 12.51 -23.15
C ASP R 85 -30.63 11.44 -23.18
N SER R 86 -30.26 10.21 -22.86
CA SER R 86 -31.21 9.10 -22.89
C SER R 86 -32.18 9.13 -21.71
N SER R 87 -31.82 9.80 -20.61
CA SER R 87 -32.72 9.91 -19.48
C SER R 87 -33.93 10.77 -19.80
N SER R 88 -33.72 11.85 -20.56
CA SER R 88 -34.79 12.78 -20.92
C SER R 88 -35.56 12.35 -22.16
N ASN R 89 -35.03 11.40 -22.94
CA ASN R 89 -35.53 11.09 -24.28
C ASN R 89 -35.58 12.36 -25.14
N SER R 90 -34.53 13.17 -25.03
CA SER R 90 -34.45 14.44 -25.71
C SER R 90 -33.07 14.60 -26.35
N ALA R 91 -33.01 15.41 -27.40
CA ALA R 91 -31.78 15.71 -28.12
C ALA R 91 -31.43 17.17 -27.93
N SER R 92 -30.16 17.46 -27.65
CA SER R 92 -29.70 18.80 -27.37
C SER R 92 -28.77 19.27 -28.48
N LEU R 93 -29.05 20.47 -29.01
CA LEU R 93 -28.20 21.12 -30.00
C LEU R 93 -27.62 22.39 -29.38
N THR R 94 -26.30 22.52 -29.43
CA THR R 94 -25.60 23.62 -28.78
C THR R 94 -24.85 24.45 -29.82
N ILE R 95 -24.98 25.76 -29.73
CA ILE R 95 -24.24 26.71 -30.57
C ILE R 95 -23.42 27.58 -29.63
N SER R 96 -22.14 27.78 -29.96
CA SER R 96 -21.22 28.46 -29.06
C SER R 96 -20.95 29.90 -29.45
N GLY R 97 -20.51 30.15 -30.69
CA GLY R 97 -20.09 31.49 -31.07
C GLY R 97 -21.23 32.49 -31.11
N LEU R 98 -22.36 32.11 -31.71
CA LEU R 98 -23.52 32.98 -31.93
C LEU R 98 -23.11 34.26 -32.66
N LYS R 99 -22.53 34.08 -33.85
CA LYS R 99 -22.07 35.21 -34.65
C LYS R 99 -23.24 35.83 -35.41
N THR R 100 -22.94 36.70 -36.36
CA THR R 100 -23.96 37.41 -37.12
C THR R 100 -24.58 36.58 -38.23
N GLU R 101 -24.08 35.38 -38.48
CA GLU R 101 -24.58 34.52 -39.55
C GLU R 101 -25.60 33.49 -39.05
N ASP R 102 -26.30 33.79 -37.96
CA ASP R 102 -27.28 32.89 -37.38
C ASP R 102 -28.65 33.55 -37.42
N GLU R 103 -29.34 33.41 -38.55
CA GLU R 103 -30.74 33.84 -38.70
C GLU R 103 -31.46 32.70 -39.42
N ALA R 104 -31.96 31.74 -38.64
CA ALA R 104 -32.57 30.54 -39.22
C ALA R 104 -33.47 29.89 -38.19
N ASP R 105 -34.34 29.01 -38.68
CA ASP R 105 -35.18 28.17 -37.83
C ASP R 105 -34.76 26.72 -38.00
N TYR R 106 -34.68 26.00 -36.87
CA TYR R 106 -34.13 24.66 -36.84
C TYR R 106 -35.23 23.62 -36.67
N TYR R 107 -34.96 22.42 -37.17
CA TYR R 107 -35.88 21.29 -37.10
C TYR R 107 -35.12 20.05 -36.62
N CYS R 108 -35.83 19.16 -35.94
CA CYS R 108 -35.30 17.86 -35.55
C CYS R 108 -36.10 16.77 -36.26
N GLN R 109 -35.39 15.87 -36.93
CA GLN R 109 -36.00 14.85 -37.77
C GLN R 109 -35.56 13.46 -37.31
N SER R 110 -36.52 12.52 -37.27
CA SER R 110 -36.23 11.15 -36.87
C SER R 110 -36.83 10.16 -37.85
N TYR R 111 -36.77 8.86 -37.50
CA TYR R 111 -37.27 7.80 -38.35
C TYR R 111 -37.80 6.68 -37.46
N ASP R 112 -39.11 6.43 -37.52
CA ASP R 112 -39.72 5.41 -36.68
C ASP R 112 -39.83 4.07 -37.42
N SER R 113 -40.60 4.02 -38.51
CA SER R 113 -40.73 2.80 -39.31
C SER R 113 -41.23 3.21 -40.69
N SER R 114 -40.33 3.17 -41.68
CA SER R 114 -40.63 3.44 -43.09
C SER R 114 -41.24 4.82 -43.32
N ASN R 115 -41.11 5.73 -42.37
CA ASN R 115 -41.67 7.07 -42.48
C ASN R 115 -40.73 8.07 -41.81
N TRP R 116 -40.84 9.32 -42.24
CA TRP R 116 -40.03 10.41 -41.72
C TRP R 116 -40.91 11.39 -40.96
N VAL R 117 -40.41 11.86 -39.82
CA VAL R 117 -41.12 12.81 -38.97
C VAL R 117 -40.26 14.05 -38.78
N PHE R 118 -40.86 15.23 -38.91
CA PHE R 118 -40.15 16.49 -38.79
C PHE R 118 -40.69 17.30 -37.62
N GLY R 119 -39.82 18.15 -37.06
CA GLY R 119 -40.21 18.98 -35.94
C GLY R 119 -41.01 20.20 -36.35
N GLY R 120 -41.56 20.88 -35.34
CA GLY R 120 -42.36 22.06 -35.59
C GLY R 120 -41.56 23.23 -36.15
N GLY R 121 -40.37 23.47 -35.60
CA GLY R 121 -39.53 24.56 -36.03
C GLY R 121 -39.24 25.55 -34.91
N THR R 122 -37.98 25.99 -34.82
CA THR R 122 -37.54 26.88 -33.73
C THR R 122 -36.91 28.12 -34.34
N GLN R 123 -37.71 29.18 -34.50
CA GLN R 123 -37.24 30.40 -35.13
C GLN R 123 -36.20 31.10 -34.26
N LEU R 124 -35.15 31.61 -34.90
CA LEU R 124 -34.08 32.35 -34.23
C LEU R 124 -33.68 33.51 -35.14
N THR R 125 -34.09 34.72 -34.77
CA THR R 125 -33.85 35.90 -35.61
C THR R 125 -32.99 36.96 -34.96
N VAL R 126 -33.30 37.36 -33.72
CA VAL R 126 -32.57 38.42 -33.04
C VAL R 126 -31.39 37.79 -32.31
N LEU R 127 -30.18 38.07 -32.79
CA LEU R 127 -28.97 37.52 -32.19
C LEU R 127 -28.24 38.57 -31.37
N GLY R 135 -31.65 53.79 -31.91
CA GLY R 135 -31.07 54.85 -31.10
C GLY R 135 -32.11 55.73 -30.44
N GLN R 136 -33.24 55.94 -31.13
CA GLN R 136 -34.31 56.76 -30.60
C GLN R 136 -35.45 55.87 -30.12
N PRO R 137 -35.78 55.86 -28.83
CA PRO R 137 -36.96 55.10 -28.37
C PRO R 137 -38.26 55.55 -29.02
N LYS R 138 -38.39 56.81 -29.40
CA LYS R 138 -39.59 57.34 -30.02
C LYS R 138 -39.26 57.81 -31.42
N ALA R 139 -40.03 57.34 -32.41
CA ALA R 139 -39.92 57.78 -33.79
C ALA R 139 -41.26 58.35 -34.22
N ALA R 140 -41.22 59.50 -34.89
CA ALA R 140 -42.45 60.17 -35.28
C ALA R 140 -43.13 59.42 -36.42
N PRO R 141 -44.39 59.02 -36.27
CA PRO R 141 -45.08 58.32 -37.36
C PRO R 141 -45.54 59.30 -38.42
N SER R 142 -45.37 58.91 -39.69
CA SER R 142 -45.77 59.72 -40.83
C SER R 142 -47.09 59.19 -41.39
N VAL R 143 -48.07 60.08 -41.56
CA VAL R 143 -49.40 59.71 -42.01
C VAL R 143 -49.62 60.26 -43.40
N THR R 144 -50.06 59.40 -44.32
CA THR R 144 -50.34 59.79 -45.70
C THR R 144 -51.74 59.34 -46.06
N LEU R 145 -52.53 60.25 -46.64
CA LEU R 145 -53.90 59.98 -47.04
C LEU R 145 -54.00 60.12 -48.56
N PHE R 146 -54.67 59.15 -49.20
CA PHE R 146 -54.81 59.13 -50.65
C PHE R 146 -56.28 59.18 -51.03
N PRO R 147 -56.79 60.36 -51.41
CA PRO R 147 -58.19 60.45 -51.83
C PRO R 147 -58.38 59.86 -53.23
N PRO R 148 -59.59 59.44 -53.57
CA PRO R 148 -59.83 58.91 -54.92
C PRO R 148 -59.70 59.99 -55.98
N SER R 149 -59.30 59.57 -57.17
CA SER R 149 -59.16 60.46 -58.32
C SER R 149 -60.37 60.32 -59.25
N SER R 150 -60.31 61.03 -60.38
CA SER R 150 -61.39 60.96 -61.35
C SER R 150 -61.45 59.61 -62.04
N GLU R 151 -60.30 58.93 -62.16
CA GLU R 151 -60.28 57.61 -62.76
C GLU R 151 -61.00 56.59 -61.88
N GLU R 152 -60.87 56.72 -60.56
CA GLU R 152 -61.53 55.79 -59.66
C GLU R 152 -63.05 55.96 -59.66
N LEU R 153 -63.51 57.21 -59.55
CA LEU R 153 -64.93 57.46 -59.37
C LEU R 153 -65.76 57.16 -60.61
N GLN R 154 -65.16 57.19 -61.80
CA GLN R 154 -65.88 56.84 -63.01
C GLN R 154 -66.10 55.34 -63.16
N ALA R 155 -65.44 54.52 -62.33
CA ALA R 155 -65.64 53.09 -62.32
C ALA R 155 -66.56 52.63 -61.18
N ASN R 156 -67.25 53.58 -60.54
CA ASN R 156 -68.17 53.30 -59.42
C ASN R 156 -67.45 52.58 -58.28
N LYS R 157 -66.26 53.09 -57.92
CA LYS R 157 -65.50 52.55 -56.80
C LYS R 157 -64.56 53.62 -56.29
N ALA R 158 -64.66 53.93 -55.01
CA ALA R 158 -63.80 54.92 -54.35
C ALA R 158 -62.98 54.24 -53.28
N THR R 159 -61.66 54.41 -53.35
CA THR R 159 -60.73 53.84 -52.38
C THR R 159 -60.02 54.98 -51.63
N LEU R 160 -59.95 54.86 -50.31
CA LEU R 160 -59.31 55.85 -49.47
C LEU R 160 -58.27 55.12 -48.63
N VAL R 161 -56.99 55.41 -48.89
CA VAL R 161 -55.88 54.69 -48.29
C VAL R 161 -55.22 55.61 -47.27
N CYS R 162 -55.10 55.12 -46.04
CA CYS R 162 -54.48 55.86 -44.93
C CYS R 162 -53.22 55.13 -44.54
N LEU R 163 -52.07 55.67 -44.94
CA LEU R 163 -50.77 55.00 -44.78
C LEU R 163 -50.04 55.59 -43.57
N ILE R 164 -49.51 54.71 -42.72
CA ILE R 164 -48.74 55.10 -41.56
C ILE R 164 -47.47 54.24 -41.52
N SER R 165 -46.35 54.86 -41.15
CA SER R 165 -45.07 54.16 -41.11
C SER R 165 -44.18 54.83 -40.07
N ASP R 166 -43.07 54.16 -39.77
CA ASP R 166 -42.04 54.65 -38.84
C ASP R 166 -42.62 54.90 -37.45
N PHE R 167 -43.10 53.82 -36.84
CA PHE R 167 -43.63 53.87 -35.47
C PHE R 167 -43.03 52.74 -34.66
N TYR R 168 -42.90 52.98 -33.35
CA TYR R 168 -42.24 52.05 -32.44
C TYR R 168 -42.80 52.23 -31.03
N PRO R 169 -43.39 51.19 -30.42
CA PRO R 169 -43.66 49.84 -30.95
C PRO R 169 -44.81 49.81 -31.96
N GLY R 170 -44.93 48.73 -32.71
CA GLY R 170 -45.99 48.60 -33.69
C GLY R 170 -47.32 48.19 -33.11
N ALA R 171 -47.88 49.02 -32.22
CA ALA R 171 -49.19 48.79 -31.61
C ALA R 171 -50.00 50.07 -31.80
N VAL R 172 -50.68 50.18 -32.94
CA VAL R 172 -51.43 51.37 -33.30
C VAL R 172 -52.83 50.97 -33.71
N THR R 173 -53.76 51.93 -33.61
CA THR R 173 -55.15 51.74 -34.01
C THR R 173 -55.51 52.80 -35.05
N VAL R 174 -56.14 52.36 -36.13
CA VAL R 174 -56.54 53.25 -37.22
C VAL R 174 -58.05 53.33 -37.25
N ALA R 175 -58.58 54.56 -37.22
CA ALA R 175 -60.01 54.81 -37.25
C ALA R 175 -60.32 55.91 -38.24
N TRP R 176 -61.55 55.89 -38.76
CA TRP R 176 -62.01 56.85 -39.75
C TRP R 176 -63.14 57.68 -39.17
N LYS R 177 -63.08 58.99 -39.38
CA LYS R 177 -64.09 59.92 -38.88
C LYS R 177 -64.77 60.60 -40.06
N ALA R 178 -66.10 60.51 -40.10
CA ALA R 178 -66.90 61.17 -41.11
C ALA R 178 -67.31 62.56 -40.61
N ASP R 179 -68.27 63.18 -41.30
CA ASP R 179 -68.68 64.54 -40.95
C ASP R 179 -69.31 64.61 -39.56
N SER R 180 -70.16 63.63 -39.22
CA SER R 180 -70.85 63.67 -37.94
C SER R 180 -70.98 62.32 -37.24
N SER R 181 -70.42 61.24 -37.80
CA SER R 181 -70.55 59.93 -37.18
C SER R 181 -69.44 59.00 -37.63
N PRO R 182 -68.73 58.35 -36.70
CA PRO R 182 -67.68 57.40 -37.10
C PRO R 182 -68.26 56.18 -37.81
N VAL R 183 -67.46 55.63 -38.72
CA VAL R 183 -67.87 54.47 -39.49
C VAL R 183 -67.38 53.21 -38.80
N LYS R 184 -68.02 52.09 -39.12
CA LYS R 184 -67.66 50.80 -38.52
C LYS R 184 -67.46 49.74 -39.59
N ALA R 185 -68.17 49.86 -40.72
CA ALA R 185 -68.14 48.88 -41.79
C ALA R 185 -67.38 49.42 -42.99
N GLY R 186 -66.55 48.57 -43.60
CA GLY R 186 -65.80 48.94 -44.78
C GLY R 186 -64.35 49.31 -44.54
N VAL R 187 -63.86 49.21 -43.31
CA VAL R 187 -62.49 49.58 -42.96
C VAL R 187 -61.71 48.30 -42.66
N GLU R 188 -60.58 48.12 -43.34
CA GLU R 188 -59.72 46.97 -43.14
C GLU R 188 -58.31 47.45 -42.85
N THR R 189 -57.66 46.82 -41.87
CA THR R 189 -56.32 47.18 -41.43
C THR R 189 -55.47 45.93 -41.35
N THR R 190 -54.24 46.02 -41.87
CA THR R 190 -53.30 44.90 -41.86
C THR R 190 -52.31 45.05 -40.71
N THR R 191 -51.65 43.93 -40.40
CA THR R 191 -50.62 43.94 -39.36
C THR R 191 -49.38 44.69 -39.85
N PRO R 192 -48.66 45.36 -38.95
CA PRO R 192 -47.43 46.05 -39.34
C PRO R 192 -46.36 45.07 -39.79
N SER R 193 -45.51 45.52 -40.70
CA SER R 193 -44.45 44.71 -41.28
C SER R 193 -43.10 45.39 -41.08
N LYS R 194 -42.06 44.58 -41.00
CA LYS R 194 -40.70 45.08 -40.79
C LYS R 194 -40.13 45.55 -42.12
N GLN R 195 -39.71 46.81 -42.17
CA GLN R 195 -39.06 47.38 -43.35
C GLN R 195 -37.56 47.52 -43.09
N SER R 196 -36.85 48.09 -44.06
CA SER R 196 -35.42 48.33 -43.94
C SER R 196 -35.12 49.69 -43.33
N ASN R 197 -35.72 49.99 -42.17
CA ASN R 197 -35.46 51.24 -41.46
C ASN R 197 -35.51 51.04 -39.95
N ASN R 198 -35.49 49.80 -39.48
CA ASN R 198 -35.66 49.45 -38.06
C ASN R 198 -36.97 50.01 -37.50
N LYS R 199 -38.02 49.99 -38.33
CA LYS R 199 -39.33 50.50 -37.95
C LYS R 199 -40.40 49.61 -38.59
N TYR R 200 -41.65 50.00 -38.42
CA TYR R 200 -42.79 49.24 -38.93
C TYR R 200 -43.68 50.15 -39.75
N ALA R 201 -44.41 49.54 -40.70
CA ALA R 201 -45.33 50.26 -41.56
C ALA R 201 -46.65 49.51 -41.64
N ALA R 202 -47.75 50.27 -41.66
CA ALA R 202 -49.09 49.70 -41.73
C ALA R 202 -49.91 50.45 -42.76
N SER R 203 -50.93 49.77 -43.30
CA SER R 203 -51.81 50.35 -44.30
C SER R 203 -53.26 50.09 -43.92
N SER R 204 -54.13 51.03 -44.31
CA SER R 204 -55.56 50.93 -44.07
C SER R 204 -56.30 51.23 -45.37
N TYR R 205 -57.32 50.43 -45.66
CA TYR R 205 -58.12 50.58 -46.86
C TYR R 205 -59.59 50.76 -46.49
N LEU R 206 -60.25 51.69 -47.19
CA LEU R 206 -61.66 51.97 -46.97
C LEU R 206 -62.39 51.93 -48.31
N SER R 207 -63.49 51.18 -48.36
CA SER R 207 -64.33 51.12 -49.54
C SER R 207 -65.53 52.04 -49.34
N LEU R 208 -65.71 52.99 -50.26
CA LEU R 208 -66.71 54.04 -50.09
C LEU R 208 -67.42 54.27 -51.42
N THR R 209 -68.65 54.80 -51.32
CA THR R 209 -69.51 55.12 -52.44
C THR R 209 -69.55 56.64 -52.67
N PRO R 210 -69.68 57.08 -53.93
CA PRO R 210 -69.51 58.52 -54.21
C PRO R 210 -70.61 59.42 -53.66
N GLU R 211 -71.80 58.90 -53.34
CA GLU R 211 -72.89 59.78 -52.91
C GLU R 211 -72.63 60.35 -51.52
N GLN R 212 -72.02 59.57 -50.62
CA GLN R 212 -71.66 60.09 -49.32
C GLN R 212 -70.34 60.86 -49.33
N TRP R 213 -69.54 60.71 -50.39
CA TRP R 213 -68.31 61.48 -50.51
C TRP R 213 -68.59 62.96 -50.71
N LYS R 214 -69.60 63.29 -51.52
CA LYS R 214 -69.97 64.67 -51.79
C LYS R 214 -71.02 65.21 -50.84
N SER R 215 -71.58 64.37 -49.96
CA SER R 215 -72.60 64.79 -49.02
C SER R 215 -72.05 65.06 -47.63
N HIS R 216 -70.73 65.05 -47.47
CA HIS R 216 -70.08 65.27 -46.19
C HIS R 216 -69.38 66.63 -46.20
N ARG R 217 -68.67 66.92 -45.10
CA ARG R 217 -67.97 68.18 -44.95
C ARG R 217 -66.45 68.03 -45.01
N SER R 218 -65.89 67.16 -44.18
CA SER R 218 -64.44 66.94 -44.17
C SER R 218 -64.15 65.53 -43.69
N TYR R 219 -63.17 64.88 -44.31
CA TYR R 219 -62.79 63.52 -43.98
C TYR R 219 -61.50 63.53 -43.16
N SER R 220 -61.48 62.73 -42.10
CA SER R 220 -60.36 62.68 -41.18
C SER R 220 -59.93 61.24 -40.93
N CYS R 221 -58.63 61.00 -40.98
CA CYS R 221 -58.03 59.72 -40.58
C CYS R 221 -57.16 59.98 -39.37
N GLN R 222 -57.42 59.26 -38.28
CA GLN R 222 -56.69 59.44 -37.03
C GLN R 222 -56.06 58.12 -36.61
N VAL R 223 -54.88 58.21 -36.00
CA VAL R 223 -54.13 57.06 -35.51
C VAL R 223 -53.71 57.33 -34.08
N THR R 224 -53.74 56.29 -33.24
CA THR R 224 -53.42 56.39 -31.83
C THR R 224 -52.20 55.54 -31.52
N HIS R 225 -51.29 56.10 -30.71
CA HIS R 225 -50.07 55.41 -30.32
C HIS R 225 -49.85 55.68 -28.84
N GLU R 226 -48.63 55.39 -28.36
CA GLU R 226 -48.30 55.56 -26.95
C GLU R 226 -48.20 57.04 -26.60
N GLY R 227 -49.30 57.62 -26.10
CA GLY R 227 -49.33 59.03 -25.78
C GLY R 227 -49.21 59.94 -26.98
N SER R 228 -49.77 59.54 -28.12
CA SER R 228 -49.69 60.35 -29.33
C SER R 228 -50.93 60.10 -30.17
N THR R 229 -51.41 61.16 -30.82
CA THR R 229 -52.58 61.08 -31.69
C THR R 229 -52.40 62.04 -32.84
N VAL R 230 -52.30 61.51 -34.06
CA VAL R 230 -52.10 62.31 -35.26
C VAL R 230 -53.32 62.14 -36.15
N GLU R 231 -53.95 63.26 -36.52
CA GLU R 231 -55.14 63.27 -37.36
C GLU R 231 -54.87 64.10 -38.60
N LYS R 232 -55.22 63.55 -39.76
CA LYS R 232 -55.07 64.23 -41.04
C LYS R 232 -56.45 64.49 -41.63
N THR R 233 -56.72 65.75 -41.95
CA THR R 233 -58.03 66.18 -42.43
C THR R 233 -57.94 66.59 -43.89
N VAL R 234 -58.88 66.10 -44.70
CA VAL R 234 -58.96 66.43 -46.12
C VAL R 234 -60.37 66.92 -46.43
N ALA R 235 -60.50 67.59 -47.57
CA ALA R 235 -61.77 68.15 -48.00
C ALA R 235 -62.12 67.65 -49.38
N PRO R 236 -63.41 67.46 -49.68
CA PRO R 236 -63.81 67.01 -51.02
C PRO R 236 -63.62 68.06 -52.10
N THR R 237 -63.40 69.33 -51.75
CA THR R 237 -63.20 70.37 -52.74
C THR R 237 -61.83 70.23 -53.38
N GLU R 238 -61.81 69.99 -54.69
CA GLU R 238 -60.56 69.81 -55.41
C GLU R 238 -60.43 70.84 -56.53
C1 NAG S . -51.13 32.31 -1.75
C2 NAG S . -51.54 31.31 -0.67
C3 NAG S . -52.84 30.60 -1.07
C4 NAG S . -53.92 31.62 -1.40
C5 NAG S . -53.41 32.59 -2.46
C6 NAG S . -54.39 33.70 -2.77
C7 NAG S . -50.25 29.81 0.79
C8 NAG S . -49.13 28.82 0.87
N2 NAG S . -50.50 30.34 -0.41
O3 NAG S . -53.27 29.76 -0.01
O4 NAG S . -55.08 30.95 -1.88
O5 NAG S . -52.21 33.22 -2.00
O6 NAG S . -54.85 34.33 -1.57
O7 NAG S . -50.92 30.12 1.78
C1 NAG S . -56.15 31.07 -0.92
C2 NAG S . -57.45 30.59 -1.57
C3 NAG S . -58.60 30.65 -0.57
C4 NAG S . -58.24 29.89 0.70
C5 NAG S . -56.91 30.40 1.26
C6 NAG S . -56.43 29.61 2.46
C7 NAG S . -57.46 30.97 -4.00
C8 NAG S . -57.85 31.90 -5.11
N2 NAG S . -57.76 31.37 -2.75
O3 NAG S . -59.77 30.10 -1.15
O4 NAG S . -59.26 30.08 1.68
O5 NAG S . -55.89 30.30 0.26
O6 NAG S . -57.50 29.30 3.34
O7 NAG S . -56.89 29.90 -4.22
C1 NAG T . -81.18 -17.90 96.76
C2 NAG T . -82.41 -18.62 97.34
C3 NAG T . -82.11 -20.10 97.51
C4 NAG T . -81.62 -20.71 96.20
C5 NAG T . -80.43 -19.91 95.67
C6 NAG T . -79.96 -20.38 94.32
C7 NAG T . -83.77 -17.11 98.71
C8 NAG T . -84.06 -16.60 100.09
N2 NAG T . -82.81 -18.02 98.60
O3 NAG T . -83.29 -20.76 97.94
O4 NAG T . -81.23 -22.06 96.40
O5 NAG T . -80.79 -18.53 95.52
O6 NAG T . -80.99 -20.29 93.34
O7 NAG T . -84.40 -16.70 97.73
C1 NAG T . -82.17 -22.93 95.74
C2 NAG T . -81.50 -24.28 95.49
C3 NAG T . -82.49 -25.24 94.83
C4 NAG T . -83.77 -25.34 95.64
C5 NAG T . -84.35 -23.94 95.89
C6 NAG T . -85.55 -23.96 96.79
C7 NAG T . -79.07 -24.13 95.19
C8 NAG T . -77.94 -23.97 94.21
N2 NAG T . -80.31 -24.13 94.68
O3 NAG T . -81.89 -26.53 94.72
O4 NAG T . -84.73 -26.13 94.94
O5 NAG T . -83.36 -23.11 96.52
O6 NAG T . -85.22 -23.54 98.10
O7 NAG T . -78.87 -24.26 96.39
C1 NAG U . -65.42 -32.49 94.21
C2 NAG U . -66.07 -33.71 94.86
C3 NAG U . -65.65 -34.98 94.12
C4 NAG U . -65.90 -34.87 92.63
C5 NAG U . -65.27 -33.59 92.08
C6 NAG U . -65.63 -33.33 90.63
C7 NAG U . -66.56 -33.39 97.24
C8 NAG U . -66.07 -33.55 98.64
N2 NAG U . -65.74 -33.79 96.27
O3 NAG U . -66.35 -36.10 94.67
O4 NAG U . -65.35 -35.99 91.97
O5 NAG U . -65.75 -32.45 92.82
O6 NAG U . -64.48 -33.47 89.79
O7 NAG U . -67.67 -32.91 97.00
C1 NAG U . -66.38 -36.80 91.38
C2 NAG U . -65.74 -37.76 90.38
C3 NAG U . -66.80 -38.66 89.76
C4 NAG U . -67.60 -39.37 90.84
C5 NAG U . -68.18 -38.35 91.83
C6 NAG U . -68.88 -38.98 93.00
C7 NAG U . -63.69 -36.87 89.36
C8 NAG U . -63.11 -36.10 88.21
N2 NAG U . -65.01 -37.04 89.35
O3 NAG U . -66.17 -39.63 88.92
O4 NAG U . -68.68 -40.10 90.26
O5 NAG U . -67.11 -37.54 92.37
O6 NAG U . -68.23 -40.19 93.40
O7 NAG U . -62.99 -37.34 90.25
C1 NAG V . -94.74 -4.84 107.91
C2 NAG V . -96.15 -5.43 107.90
C3 NAG V . -96.62 -5.69 109.34
C4 NAG V . -95.61 -6.54 110.09
C5 NAG V . -94.21 -5.95 109.99
C6 NAG V . -93.13 -6.84 110.56
C7 NAG V . -97.51 -4.78 105.98
C8 NAG V . -98.47 -3.77 105.41
N2 NAG V . -97.08 -4.55 107.22
O3 NAG V . -97.89 -6.34 109.30
O4 NAG V . -95.98 -6.61 111.46
O5 NAG V . -93.86 -5.72 108.61
O6 NAG V . -93.34 -8.20 110.19
O7 NAG V . -97.16 -5.77 105.33
C1 NAG V . -96.37 -7.95 111.84
C2 NAG V . -97.08 -7.87 113.18
C3 NAG V . -97.55 -9.25 113.61
C4 NAG V . -98.40 -9.89 112.52
C5 NAG V . -97.65 -9.88 111.20
C6 NAG V . -98.49 -10.39 110.04
C7 NAG V . -96.38 -6.06 114.70
C8 NAG V . -95.39 -5.63 115.73
N2 NAG V . -96.20 -7.30 114.20
O3 NAG V . -98.30 -9.15 114.82
O4 NAG V . -98.73 -11.23 112.88
O5 NAG V . -97.25 -8.55 110.87
O6 NAG V . -98.22 -9.66 108.85
O7 NAG V . -97.30 -5.33 114.32
C1 NAG W . -95.01 14.52 112.74
C2 NAG W . -96.10 15.11 111.84
C3 NAG W . -96.15 16.63 112.00
C4 NAG W . -96.29 17.01 113.47
C5 NAG W . -95.20 16.34 114.31
C6 NAG W . -95.36 16.56 115.79
C7 NAG W . -96.86 14.34 109.64
C8 NAG W . -96.46 14.01 108.23
N2 NAG W . -95.88 14.74 110.45
O3 NAG W . -97.24 17.14 111.25
O4 NAG W . -96.20 18.42 113.61
O5 NAG W . -95.23 14.92 114.10
O6 NAG W . -96.17 15.55 116.38
O7 NAG W . -98.02 14.23 110.03
C1 NAG W . -97.48 18.95 114.00
C2 NAG W . -97.25 20.25 114.80
C3 NAG W . -98.58 20.87 115.18
C4 NAG W . -99.46 21.07 113.94
C5 NAG W . -99.60 19.76 113.19
C6 NAG W . -100.36 19.90 111.89
C7 NAG W . -95.12 20.17 116.02
C8 NAG W . -94.45 19.86 117.32
N2 NAG W . -96.45 19.99 115.98
O3 NAG W . -98.36 22.12 115.82
O4 NAG W . -100.75 21.53 114.33
O5 NAG W . -98.31 19.23 112.86
O6 NAG W . -99.68 19.26 110.81
O7 NAG W . -94.49 20.56 115.04
C1 NAG X . 29.70 18.22 46.65
C2 NAG X . 28.43 18.83 47.23
C3 NAG X . 28.57 20.34 47.35
C4 NAG X . 29.83 20.69 48.14
C5 NAG X . 31.05 20.02 47.50
C6 NAG X . 32.32 20.23 48.29
C7 NAG X . 26.04 18.28 46.94
C8 NAG X . 24.96 17.96 45.95
N2 NAG X . 27.27 18.50 46.42
O3 NAG X . 27.43 20.88 48.00
O4 NAG X . 30.03 22.10 48.14
O5 NAG X . 30.83 18.60 47.44
O6 NAG X . 32.15 19.90 49.67
O7 NAG X . 25.83 18.36 48.14
C1 NAG X . 29.83 22.61 49.48
C2 NAG X . 30.30 24.06 49.53
C3 NAG X . 30.05 24.65 50.91
C4 NAG X . 28.59 24.49 51.31
C5 NAG X . 28.17 23.02 51.19
C6 NAG X . 26.71 22.79 51.45
C7 NAG X . 32.12 24.49 47.95
C8 NAG X . 33.61 24.55 47.75
N2 NAG X . 31.70 24.17 49.17
O3 NAG X . 30.39 26.03 50.91
O4 NAG X . 28.39 24.91 52.65
O5 NAG X . 28.43 22.54 49.86
O6 NAG X . 26.26 23.56 52.56
O7 NAG X . 31.35 24.73 47.03
C1 NAG Y . -68.72 27.58 103.84
C2 NAG Y . -69.58 28.57 104.62
C3 NAG Y . -70.79 28.99 103.80
C4 NAG Y . -70.35 29.51 102.43
C5 NAG Y . -69.46 28.49 101.73
C6 NAG Y . -68.90 28.97 100.43
C7 NAG Y . -69.41 28.26 107.05
C8 NAG Y . -69.97 27.57 108.25
N2 NAG Y . -70.00 27.99 105.89
O3 NAG Y . -71.51 29.99 104.50
O4 NAG Y . -71.49 29.77 101.62
O5 NAG Y . -68.35 28.16 102.57
O6 NAG Y . -68.35 30.28 100.56
O7 NAG Y . -68.44 29.02 107.12
C1 NAG Y . -71.64 31.20 101.46
C2 NAG Y . -72.58 31.47 100.29
C3 NAG Y . -72.79 32.97 100.12
C4 NAG Y . -73.25 33.60 101.43
C5 NAG Y . -72.29 33.24 102.56
C6 NAG Y . -72.75 33.72 103.92
C7 NAG Y . -72.52 29.73 98.56
C8 NAG Y . -71.88 29.27 97.28
N2 NAG Y . -72.07 30.88 99.05
O3 NAG Y . -73.77 33.20 99.10
O4 NAG Y . -73.31 35.02 101.30
O5 NAG Y . -72.15 31.81 102.64
O6 NAG Y . -73.42 32.69 104.62
O7 NAG Y . -73.39 29.07 99.12
C1 NAG Z . -79.35 24.12 85.15
C2 NAG Z . -80.60 24.95 85.42
C3 NAG Z . -81.11 25.58 84.13
C4 NAG Z . -80.00 26.35 83.42
C5 NAG Z . -78.77 25.47 83.24
C6 NAG Z . -77.58 26.21 82.67
C7 NAG Z . -81.87 24.16 87.36
C8 NAG Z . -82.98 23.26 87.83
N2 NAG Z . -81.64 24.15 86.05
O3 NAG Z . -82.21 26.44 84.42
O4 NAG Z . -80.46 26.80 82.16
O5 NAG Z . -78.36 24.93 84.51
O6 NAG Z . -77.26 25.73 81.37
O7 NAG Z . -81.22 24.84 88.14
C1 NAG Z . -80.55 28.24 82.15
C2 NAG Z . -80.70 28.71 80.70
C3 NAG Z . -80.83 30.23 80.65
C4 NAG Z . -81.96 30.70 81.55
C5 NAG Z . -81.78 30.14 82.97
C6 NAG Z . -82.93 30.46 83.88
C7 NAG Z . -79.61 27.17 79.12
C8 NAG Z . -78.36 26.87 78.36
N2 NAG Z . -79.57 28.27 79.89
O3 NAG Z . -81.08 30.63 79.31
O4 NAG Z . -81.99 32.12 81.60
O5 NAG Z . -81.66 28.71 82.92
O6 NAG Z . -84.15 30.57 83.17
O7 NAG Z . -80.61 26.47 79.05
C1 NAG AA . -65.47 26.57 125.24
C2 NAG AA . -66.02 27.99 125.33
C3 NAG AA . -66.99 28.11 126.50
C4 NAG AA . -68.08 27.05 126.40
C5 NAG AA . -67.46 25.65 126.25
C6 NAG AA . -68.48 24.57 126.01
C7 NAG AA . -64.46 29.66 124.43
C8 NAG AA . -63.35 30.62 124.75
N2 NAG AA . -64.94 28.96 125.46
O3 NAG AA . -67.58 29.40 126.50
O4 NAG AA . -68.88 27.07 127.57
O5 NAG AA . -66.55 25.64 125.13
O6 NAG AA . -69.25 24.83 124.84
O7 NAG AA . -64.90 29.53 123.30
C1 NAG AA . -70.22 27.50 127.26
C2 NAG AA . -71.01 27.63 128.57
C3 NAG AA . -72.43 28.11 128.29
C4 NAG AA . -72.41 29.39 127.47
C5 NAG AA . -71.57 29.20 126.20
C6 NAG AA . -71.41 30.46 125.41
C7 NAG AA . -70.17 26.07 130.28
C8 NAG AA . -70.34 24.73 130.91
N2 NAG AA . -71.03 26.37 129.30
O3 NAG AA . -73.11 28.34 129.51
O4 NAG AA . -73.73 29.76 127.09
O5 NAG AA . -70.26 28.75 126.56
O6 NAG AA . -71.67 31.62 126.19
O7 NAG AA . -69.31 26.87 130.64
C1 NAG BA . -54.40 14.55 137.34
C2 NAG BA . -53.45 15.57 137.98
C3 NAG BA . -52.37 14.85 138.78
C4 NAG BA . -53.00 13.89 139.79
C5 NAG BA . -53.96 12.94 139.07
C6 NAG BA . -54.71 12.04 140.02
C7 NAG BA . -53.10 17.75 136.88
C8 NAG BA . -52.40 18.47 135.78
N2 NAG BA . -52.86 16.43 136.97
O3 NAG BA . -51.57 15.81 139.45
O4 NAG BA . -51.98 13.13 140.43
O5 NAG BA . -54.95 13.70 138.35
O6 NAG BA . -56.06 12.47 140.20
O7 NAG BA . -53.88 18.31 137.66
C1 NAG BA . -51.90 13.54 141.81
C2 NAG BA . -51.36 12.37 142.64
C3 NAG BA . -51.22 12.78 144.10
C4 NAG BA . -50.37 14.04 144.22
C5 NAG BA . -50.94 15.14 143.33
C6 NAG BA . -50.08 16.38 143.31
C7 NAG BA . -52.02 10.22 141.64
C8 NAG BA . -53.01 9.10 141.66
N2 NAG BA . -52.24 11.20 142.52
O3 NAG BA . -50.61 11.71 144.83
O4 NAG BA . -50.35 14.49 145.57
O5 NAG BA . -51.04 14.67 141.98
O6 NAG BA . -49.90 16.86 141.98
O7 NAG BA . -51.06 10.23 140.87
C1 NAG CA . -19.07 -55.11 18.39
C2 NAG CA . -18.97 -54.51 19.79
C3 NAG CA . -17.86 -55.19 20.59
C4 NAG CA . -18.05 -56.71 20.58
C5 NAG CA . -18.16 -57.21 19.14
C6 NAG CA . -18.46 -58.70 19.06
C7 NAG CA . -19.26 -52.23 20.64
C8 NAG CA . -18.94 -50.78 20.43
N2 NAG CA . -18.76 -53.07 19.74
O3 NAG CA . -17.86 -54.71 21.92
O4 NAG CA . -16.94 -57.33 21.21
O5 NAG CA . -19.24 -56.53 18.49
O6 NAG CA . -19.56 -59.05 19.89
O7 NAG CA . -19.94 -52.60 21.59
C1 NAG CA . -17.36 -57.92 22.47
C2 NAG CA . -16.23 -58.80 23.00
C3 NAG CA . -16.62 -59.40 24.34
C4 NAG CA . -17.04 -58.31 25.31
C5 NAG CA . -18.13 -57.45 24.69
C6 NAG CA . -18.51 -56.27 25.56
C7 NAG CA . -14.89 -59.76 21.18
C8 NAG CA . -14.68 -60.94 20.26
N2 NAG CA . -15.89 -59.86 22.04
O3 NAG CA . -15.51 -60.13 24.88
O4 NAG CA . -17.52 -58.89 26.52
O5 NAG CA . -17.68 -56.92 23.44
O6 NAG CA . -18.58 -56.62 26.93
O7 NAG CA . -14.16 -58.78 21.13
C1 NAG DA . -41.35 -7.49 120.52
C2 NAG DA . -41.06 -7.77 121.99
C3 NAG DA . -40.09 -6.73 122.55
C4 NAG DA . -38.83 -6.66 121.67
C5 NAG DA . -39.22 -6.42 120.22
C6 NAG DA . -38.03 -6.46 119.28
C7 NAG DA . -42.90 -8.90 123.14
C8 NAG DA . -44.16 -8.74 123.95
N2 NAG DA . -42.29 -7.78 122.78
O3 NAG DA . -39.74 -7.08 123.89
O4 NAG DA . -38.00 -5.59 122.12
O5 NAG DA . -40.13 -7.44 119.78
O6 NAG DA . -37.18 -7.56 119.57
O7 NAG DA . -42.47 -10.01 122.84
C1 NAG DA . -36.81 -6.14 122.73
C2 NAG DA . -35.71 -5.08 122.67
C3 NAG DA . -34.44 -5.59 123.36
C4 NAG DA . -34.76 -6.08 124.77
C5 NAG DA . -35.90 -7.09 124.75
C6 NAG DA . -36.35 -7.51 126.13
C7 NAG DA . -35.76 -3.50 120.80
C8 NAG DA . -35.39 -3.26 119.36
N2 NAG DA . -35.42 -4.69 121.30
O3 NAG DA . -33.47 -4.56 123.40
O4 NAG DA . -33.60 -6.68 125.35
O5 NAG DA . -37.05 -6.52 124.09
O6 NAG DA . -37.49 -6.79 126.54
O7 NAG DA . -36.35 -2.65 121.47
C1 NAG EA . -30.26 10.19 114.81
C2 NAG EA . -29.70 10.63 116.16
C3 NAG EA . -28.32 11.25 115.98
C4 NAG EA . -27.40 10.30 115.22
C5 NAG EA . -28.07 9.85 113.93
C6 NAG EA . -27.27 8.79 113.19
C7 NAG EA . -31.47 11.22 117.76
C8 NAG EA . -32.32 12.32 118.32
N2 NAG EA . -30.61 11.57 116.81
O3 NAG EA . -27.77 11.54 117.26
O4 NAG EA . -26.18 10.96 114.92
O5 NAG EA . -29.36 9.28 114.20
O6 NAG EA . -26.61 9.33 112.05
O7 NAG EA . -31.58 10.07 118.16
C1 NAG EA . -25.08 10.34 115.62
C2 NAG EA . -23.78 10.87 115.03
C3 NAG EA . -22.58 10.26 115.76
C4 NAG EA . -22.71 10.48 117.26
C5 NAG EA . -24.05 9.98 117.77
C6 NAG EA . -24.29 10.28 119.22
C7 NAG EA . -23.99 11.51 112.66
C8 NAG EA . -23.86 11.05 111.25
N2 NAG EA . -23.70 10.59 113.60
O3 NAG EA . -21.38 10.85 115.27
O4 NAG EA . -21.65 9.80 117.94
O5 NAG EA . -25.12 10.60 117.03
O6 NAG EA . -23.62 11.47 119.62
O7 NAG EA . -24.34 12.64 112.96
C1 NAG FA . -56.45 -18.70 130.83
C2 NAG FA . -55.72 -19.39 131.99
C3 NAG FA . -56.41 -19.04 133.31
C4 NAG FA . -56.52 -17.53 133.48
C5 NAG FA . -57.18 -16.90 132.27
C6 NAG FA . -57.20 -15.40 132.30
C7 NAG FA . -54.60 -21.46 131.34
C8 NAG FA . -54.74 -22.95 131.19
N2 NAG FA . -55.69 -20.82 131.79
O3 NAG FA . -55.66 -19.60 134.38
O4 NAG FA . -57.29 -17.23 134.64
O5 NAG FA . -56.48 -17.27 131.07
O6 NAG FA . -55.90 -14.85 132.05
O7 NAG FA . -53.57 -20.88 131.06
C1 NAG FA . -56.44 -16.64 135.66
C2 NAG FA . -57.32 -16.30 136.87
C3 NAG FA . -56.47 -15.70 137.98
C4 NAG FA . -55.31 -16.63 138.33
C5 NAG FA . -54.51 -16.96 137.06
C6 NAG FA . -53.42 -17.97 137.30
C7 NAG FA . -59.69 -15.73 136.54
C8 NAG FA . -60.66 -14.67 136.12
N2 NAG FA . -58.39 -15.39 136.49
O3 NAG FA . -57.28 -15.50 139.14
O4 NAG FA . -54.45 -16.00 139.27
O5 NAG FA . -55.38 -17.52 136.07
O6 NAG FA . -53.66 -18.73 138.48
O7 NAG FA . -60.05 -16.84 136.89
C1 NAG GA . -74.72 -26.43 125.55
C2 NAG GA . -74.47 -27.95 125.64
C3 NAG GA . -75.68 -28.71 125.12
C4 NAG GA . -76.94 -28.27 125.85
C5 NAG GA . -77.10 -26.75 125.75
C6 NAG GA . -78.27 -26.22 126.55
C7 NAG GA . -72.16 -28.75 125.50
C8 NAG GA . -71.02 -29.09 124.59
N2 NAG GA . -73.26 -28.31 124.90
O3 NAG GA . -75.47 -30.11 125.32
O4 NAG GA . -78.08 -28.90 125.27
O5 NAG GA . -75.93 -26.10 126.26
O6 NAG GA . -77.84 -25.60 127.76
O7 NAG GA . -72.07 -28.86 126.71
C1 NAG GA . -78.62 -29.86 126.20
C2 NAG GA . -80.12 -30.03 125.93
C3 NAG GA . -80.71 -31.08 126.86
C4 NAG GA . -79.92 -32.38 126.76
C5 NAG GA . -78.43 -32.12 127.00
C6 NAG GA . -77.58 -33.35 126.79
C7 NAG GA . -81.08 -27.95 125.05
C8 NAG GA . -81.82 -26.69 125.38
N2 NAG GA . -80.82 -28.76 126.07
O3 NAG GA . -82.07 -31.31 126.51
O4 NAG GA . -80.39 -33.31 127.73
O5 NAG GA . -77.96 -31.13 126.08
O6 NAG GA . -76.49 -33.09 125.92
O7 NAG GA . -80.76 -28.23 123.90
C1 NAG HA . 30.05 56.31 -14.38
C2 NAG HA . 30.81 55.26 -15.19
C3 NAG HA . 32.16 54.96 -14.55
C4 NAG HA . 32.94 56.25 -14.34
C5 NAG HA . 32.11 57.26 -13.56
C6 NAG HA . 32.77 58.60 -13.40
C7 NAG HA . 30.11 53.21 -16.36
C8 NAG HA . 29.24 52.00 -16.32
N2 NAG HA . 30.03 54.03 -15.31
O3 NAG HA . 32.90 54.07 -15.38
O4 NAG HA . 34.15 55.98 -13.62
O5 NAG HA . 30.86 57.48 -14.23
O6 NAG HA . 33.24 59.09 -14.65
O7 NAG HA . 30.84 53.45 -17.32
C1 NAG HA . 35.28 56.17 -14.49
C2 NAG HA . 36.55 56.13 -13.63
C3 NAG HA . 37.79 56.27 -14.51
C4 NAG HA . 37.78 55.23 -15.62
C5 NAG HA . 36.47 55.30 -16.40
C6 NAG HA . 36.35 54.22 -17.44
C7 NAG HA . 36.12 56.93 -11.35
C8 NAG HA . 36.15 58.12 -10.43
N2 NAG HA . 36.52 57.16 -12.60
O3 NAG HA . 38.96 56.12 -13.70
O4 NAG HA . 38.87 55.46 -16.51
O5 NAG HA . 35.36 55.14 -15.51
O6 NAG HA . 37.58 54.01 -18.12
O7 NAG HA . 35.77 55.83 -10.97
C1 NAG IA . 87.65 -3.96 -92.73
C2 NAG IA . 89.12 -4.00 -93.12
C3 NAG IA . 89.73 -5.36 -92.75
C4 NAG IA . 89.48 -5.68 -91.28
C5 NAG IA . 87.99 -5.56 -90.96
C6 NAG IA . 87.68 -5.74 -89.50
C7 NAG IA . 89.71 -2.55 -95.01
C8 NAG IA . 89.84 -2.46 -96.50
N2 NAG IA . 89.30 -3.74 -94.53
O3 NAG IA . 91.13 -5.33 -93.02
O4 NAG IA . 89.93 -6.99 -90.99
O5 NAG IA . 87.50 -4.26 -91.33
O6 NAG IA . 88.41 -4.83 -88.69
O7 NAG IA . 89.97 -1.62 -94.27
C1 NAG IA . 91.11 -6.94 -90.15
C2 NAG IA . 91.22 -8.26 -89.39
C3 NAG IA . 92.48 -8.27 -88.54
C4 NAG IA . 93.70 -7.95 -89.39
C5 NAG IA . 93.49 -6.64 -90.14
C6 NAG IA . 94.62 -6.32 -91.09
C7 NAG IA . 89.05 -9.32 -88.93
C8 NAG IA . 87.91 -9.44 -87.95
N2 NAG IA . 90.05 -8.49 -88.57
O3 NAG IA . 92.63 -9.56 -87.93
O4 NAG IA . 94.86 -7.84 -88.55
O5 NAG IA . 92.29 -6.72 -90.93
O6 NAG IA . 94.27 -6.64 -92.44
O7 NAG IA . 89.07 -9.93 -89.98
C1 NAG JA . 81.67 -22.63 -83.99
C2 NAG JA . 82.91 -23.48 -84.26
C3 NAG JA . 83.11 -24.48 -83.12
C4 NAG JA . 83.14 -23.76 -81.78
C5 NAG JA . 81.91 -22.88 -81.62
C6 NAG JA . 81.94 -22.02 -80.37
C7 NAG JA . 83.36 -23.75 -86.65
C8 NAG JA . 83.14 -24.60 -87.87
N2 NAG JA . 82.79 -24.18 -85.53
O3 NAG JA . 84.34 -25.19 -83.33
O4 NAG JA . 83.16 -24.73 -80.73
O5 NAG JA . 81.80 -21.98 -82.72
O6 NAG JA . 81.04 -22.51 -79.38
O7 NAG JA . 84.04 -22.72 -86.69
C1 NAG JA . 84.40 -24.65 -80.00
C2 NAG JA . 84.26 -25.43 -78.70
C3 NAG JA . 85.56 -25.41 -77.92
C4 NAG JA . 86.72 -25.90 -78.80
C5 NAG JA . 86.76 -25.11 -80.09
C6 NAG JA . 87.80 -25.63 -81.07
C7 NAG JA . 81.97 -25.46 -77.83
C8 NAG JA . 80.97 -24.78 -76.94
N2 NAG JA . 83.17 -24.90 -77.89
O3 NAG JA . 85.45 -26.24 -76.77
O4 NAG JA . 87.96 -25.76 -78.11
O5 NAG JA . 85.49 -25.19 -80.76
O6 NAG JA . 87.93 -27.04 -80.99
O7 NAG JA . 81.69 -26.48 -78.46
C1 NAG KA . 93.71 9.83 -108.57
C2 NAG KA . 95.21 10.02 -108.41
C3 NAG KA . 95.93 9.66 -109.70
C4 NAG KA . 95.55 8.26 -110.15
C5 NAG KA . 94.02 8.10 -110.20
C6 NAG KA . 93.59 6.68 -110.48
C7 NAG KA . 95.87 11.71 -106.75
C8 NAG KA . 96.16 13.17 -106.52
N2 NAG KA . 95.53 11.38 -108.00
O3 NAG KA . 97.34 9.73 -109.49
O4 NAG KA . 96.07 8.02 -111.46
O5 NAG KA . 93.44 8.48 -108.95
O6 NAG KA . 94.27 5.75 -109.64
O7 NAG KA . 95.94 10.89 -105.86
C1 NAG KA . 97.10 7.02 -111.43
C2 NAG KA . 97.75 6.98 -112.81
C3 NAG KA . 98.89 5.95 -112.83
C4 NAG KA . 99.87 6.22 -111.70
C5 NAG KA . 99.13 6.28 -110.36
C6 NAG KA . 100.03 6.67 -109.21
C7 NAG KA . 96.36 7.60 -114.73
C8 NAG KA . 95.35 7.13 -115.73
N2 NAG KA . 96.78 6.68 -113.85
O3 NAG KA . 99.56 6.02 -114.08
O4 NAG KA . 100.84 5.19 -111.65
O5 NAG KA . 98.10 7.28 -110.42
O6 NAG KA . 99.35 7.50 -108.28
O7 NAG KA . 96.77 8.75 -114.72
C1 NAG LA . 84.39 23.82 -119.51
C2 NAG LA . 84.93 25.14 -118.95
C3 NAG LA . 84.21 26.31 -119.60
C4 NAG LA . 84.29 26.22 -121.12
C5 NAG LA . 83.77 24.86 -121.58
C6 NAG LA . 83.93 24.63 -123.08
C7 NAG LA . 85.78 25.62 -116.71
C8 NAG LA . 85.47 25.62 -115.23
N2 NAG LA . 84.81 25.18 -117.51
O3 NAG LA . 84.81 27.52 -119.16
O4 NAG LA . 83.48 27.23 -121.70
O5 NAG LA . 84.51 23.81 -120.93
O6 NAG LA . 85.19 24.05 -123.37
O7 NAG LA . 86.85 26.03 -117.14
C1 NAG LA . 84.34 28.21 -122.37
C2 NAG LA . 83.55 28.84 -123.50
C3 NAG LA . 84.41 29.90 -124.20
C4 NAG LA . 84.93 30.91 -123.18
C5 NAG LA . 85.66 30.19 -122.06
C6 NAG LA . 86.10 31.12 -120.95
C7 NAG LA . 81.88 27.29 -124.43
C8 NAG LA . 81.60 26.27 -125.50
N2 NAG LA . 83.11 27.84 -124.46
O3 NAG LA . 83.62 30.57 -125.18
O4 NAG LA . 85.83 31.82 -123.82
O5 NAG LA . 84.78 29.22 -121.45
O6 NAG LA . 85.75 30.61 -119.67
O7 NAG LA . 81.06 27.60 -123.58
C1 NAG MA . -33.57 -11.89 -48.35
C2 NAG MA . -32.44 -11.06 -48.95
C3 NAG MA . -32.99 -9.84 -49.69
C4 NAG MA . -34.03 -10.27 -50.72
C5 NAG MA . -35.11 -11.11 -50.05
C6 NAG MA . -36.11 -11.68 -51.03
C7 NAG MA . -30.19 -10.52 -48.12
C8 NAG MA . -29.37 -10.08 -46.95
N2 NAG MA . -31.50 -10.64 -47.91
O3 NAG MA . -31.92 -9.14 -50.33
O4 NAG MA . -34.62 -9.12 -51.31
O5 NAG MA . -34.50 -12.24 -49.40
O6 NAG MA . -35.47 -12.31 -52.13
O7 NAG MA . -29.68 -10.76 -49.21
C1 NAG MA . -34.21 -9.02 -52.69
C2 NAG MA . -35.07 -7.96 -53.38
C3 NAG MA . -34.63 -7.79 -54.84
C4 NAG MA . -33.14 -7.51 -54.91
C5 NAG MA . -32.35 -8.59 -54.16
C6 NAG MA . -30.88 -8.30 -54.09
C7 NAG MA . -37.31 -7.79 -52.39
C8 NAG MA . -38.73 -8.25 -52.46
N2 NAG MA . -36.48 -8.30 -53.31
O3 NAG MA . -35.35 -6.71 -55.43
O4 NAG MA . -32.71 -7.48 -56.27
O5 NAG MA . -32.82 -8.67 -52.81
O6 NAG MA . -30.38 -7.82 -55.34
O7 NAG MA . -36.92 -7.01 -51.54
C1 NAG NA . 54.42 23.69 -112.95
C2 NAG NA . 54.78 24.66 -114.08
C3 NAG NA . 55.55 25.86 -113.52
C4 NAG NA . 54.77 26.50 -112.38
C5 NAG NA . 54.42 25.46 -111.32
C6 NAG NA . 53.56 25.99 -110.21
C7 NAG NA . 55.03 23.46 -116.21
C8 NAG NA . 55.98 22.81 -117.16
N2 NAG NA . 55.57 24.00 -115.11
O3 NAG NA . 55.77 26.80 -114.56
O4 NAG NA . 55.53 27.54 -111.79
O5 NAG NA . 53.69 24.39 -111.93
O6 NAG NA . 52.39 26.59 -110.70
O7 NAG NA . 53.82 23.49 -116.42
C1 NAG NA . 54.90 28.80 -112.10
C2 NAG NA . 55.44 29.89 -111.18
C3 NAG NA . 54.82 31.24 -111.54
C4 NAG NA . 55.01 31.54 -113.01
C5 NAG NA . 54.49 30.38 -113.87
C6 NAG NA . 54.77 30.57 -115.34
C7 NAG NA . 56.09 28.96 -109.00
C8 NAG NA . 55.66 28.70 -107.59
N2 NAG NA . 55.19 29.56 -109.78
O3 NAG NA . 55.41 32.26 -110.74
O4 NAG NA . 54.31 32.73 -113.36
O5 NAG NA . 55.13 29.17 -113.47
O6 NAG NA . 55.88 29.79 -115.76
O7 NAG NA . 57.21 28.66 -109.41
C1 NAG OA . 63.55 32.39 -95.23
C2 NAG OA . 64.21 33.60 -95.86
C3 NAG OA . 64.19 34.78 -94.89
C4 NAG OA . 62.78 35.05 -94.39
C5 NAG OA . 62.17 33.77 -93.82
C6 NAG OA . 60.71 33.92 -93.42
C7 NAG OA . 65.89 32.99 -97.53
C8 NAG OA . 67.34 32.70 -97.79
N2 NAG OA . 65.56 33.30 -96.28
O3 NAG OA . 64.71 35.94 -95.53
O4 NAG OA . 62.81 36.04 -93.36
O5 NAG OA . 62.22 32.72 -94.80
O6 NAG OA . 60.55 33.84 -92.01
O7 NAG OA . 65.05 32.93 -98.43
C1 NAG OA . 62.14 37.23 -93.83
C2 NAG OA . 61.90 38.15 -92.63
C3 NAG OA . 61.24 39.44 -93.09
C4 NAG OA . 62.05 40.10 -94.20
C5 NAG OA . 62.29 39.11 -95.34
C6 NAG OA . 63.19 39.65 -96.42
C7 NAG OA . 61.62 36.89 -90.55
C8 NAG OA . 60.63 36.25 -89.62
N2 NAG OA . 61.09 37.48 -91.63
O3 NAG OA . 61.11 40.33 -91.98
O4 NAG OA . 61.34 41.23 -94.71
O5 NAG OA . 62.93 37.93 -94.82
O6 NAG OA . 64.12 40.59 -95.89
O7 NAG OA . 62.83 36.85 -90.35
C1 NAG PA . 54.18 14.12 -132.43
C2 NAG PA . 53.93 15.49 -133.03
C3 NAG PA . 54.80 15.71 -134.26
C4 NAG PA . 56.27 15.46 -133.93
C5 NAG PA . 56.44 14.09 -133.27
C6 NAG PA . 57.85 13.83 -132.79
C7 NAG PA . 51.66 16.31 -132.58
C8 NAG PA . 50.25 16.40 -133.08
N2 NAG PA . 52.52 15.67 -133.37
O3 NAG PA . 54.63 17.04 -134.74
O4 NAG PA . 57.05 15.52 -135.11
O5 NAG PA . 55.58 13.97 -132.12
O6 NAG PA . 58.26 14.80 -131.85
O7 NAG PA . 51.99 16.79 -131.50
C1 NAG PA . 57.95 16.64 -135.07
C2 NAG PA . 58.67 16.72 -136.42
C3 NAG PA . 59.61 17.92 -136.45
C4 NAG PA . 58.86 19.19 -136.09
C5 NAG PA . 58.12 19.02 -134.76
C6 NAG PA . 57.25 20.21 -134.40
C7 NAG PA . 58.92 14.50 -137.44
C8 NAG PA . 59.82 13.31 -137.62
N2 NAG PA . 59.41 15.50 -136.70
O3 NAG PA . 60.19 18.05 -137.74
O4 NAG PA . 59.77 20.29 -135.98
O5 NAG PA . 57.26 17.88 -134.83
O6 NAG PA . 56.96 21.00 -135.54
O7 NAG PA . 57.81 14.56 -137.95
C1 NAG QA . 52.09 -5.04 -138.85
C2 NAG QA . 50.81 -4.93 -139.69
C3 NAG QA . 50.33 -6.31 -140.11
C4 NAG QA . 51.45 -7.09 -140.80
C5 NAG QA . 52.70 -7.12 -139.92
C6 NAG QA . 53.88 -7.76 -140.59
C7 NAG QA . 49.28 -3.04 -139.35
C8 NAG QA . 48.21 -2.45 -138.47
N2 NAG QA . 49.77 -4.23 -138.96
O3 NAG QA . 49.21 -6.19 -140.97
O4 NAG QA . 51.03 -8.42 -141.07
O5 NAG QA . 53.08 -5.77 -139.58
O6 NAG QA . 54.81 -6.78 -141.03
O7 NAG QA . 49.70 -2.46 -140.34
C1 NAG QA . 50.88 -8.60 -142.50
C2 NAG QA . 51.10 -10.06 -142.84
C3 NAG QA . 50.90 -10.30 -144.33
C4 NAG QA . 49.54 -9.77 -144.78
C5 NAG QA . 49.37 -8.31 -144.35
C6 NAG QA . 47.99 -7.77 -144.65
C7 NAG QA . 52.66 -11.12 -141.26
C8 NAG QA . 54.09 -11.50 -141.00
N2 NAG QA . 52.43 -10.50 -142.43
O3 NAG QA . 51.00 -11.69 -144.61
O4 NAG QA . 49.41 -9.87 -146.20
O5 NAG QA . 49.57 -8.19 -142.93
O6 NAG QA . 47.47 -7.05 -143.55
O7 NAG QA . 51.78 -11.35 -140.46
C1 NAG RA . 49.51 -40.90 0.05
C2 NAG RA . 49.24 -40.85 -1.45
C3 NAG RA . 48.61 -42.17 -1.93
C4 NAG RA . 49.47 -43.34 -1.50
C5 NAG RA . 49.72 -43.31 0.00
C6 NAG RA . 50.67 -44.38 0.49
C7 NAG RA . 48.50 -39.04 -2.94
C8 NAG RA . 47.53 -37.91 -3.13
N2 NAG RA . 48.38 -39.73 -1.80
O3 NAG RA . 48.46 -42.14 -3.34
O4 NAG RA . 48.82 -44.57 -1.83
O5 NAG RA . 50.32 -42.04 0.35
O6 NAG RA . 51.84 -44.45 -0.31
O7 NAG RA . 49.34 -39.32 -3.78
C1 NAG RA . 49.53 -45.23 -2.89
C2 NAG RA . 48.96 -46.64 -3.05
C3 NAG RA . 49.67 -47.37 -4.20
C4 NAG RA . 49.61 -46.53 -5.48
C5 NAG RA . 50.14 -45.13 -5.22
C6 NAG RA . 50.01 -44.21 -6.41
C7 NAG RA . 48.07 -47.55 -0.96
C8 NAG RA . 48.38 -48.36 0.27
N2 NAG RA . 49.08 -47.41 -1.82
O3 NAG RA . 49.05 -48.63 -4.41
O4 NAG RA . 50.38 -47.16 -6.50
O5 NAG RA . 49.43 -44.53 -4.14
O6 NAG RA . 50.32 -44.89 -7.63
O7 NAG RA . 46.98 -47.04 -1.14
C1 NAG SA . 50.68 -23.90 -114.76
C2 NAG SA . 50.66 -24.72 -116.04
C3 NAG SA . 49.34 -24.53 -116.78
C4 NAG SA . 48.16 -24.81 -115.85
C5 NAG SA . 48.28 -23.97 -114.58
C6 NAG SA . 47.21 -24.30 -113.56
C7 NAG SA . 52.96 -24.99 -116.87
C8 NAG SA . 54.00 -24.49 -117.83
N2 NAG SA . 51.78 -24.36 -116.90
O3 NAG SA . 49.31 -25.39 -117.91
O4 NAG SA . 46.94 -24.52 -116.51
O5 NAG SA . 49.54 -24.23 -113.95
O6 NAG SA . 47.11 -25.69 -113.33
O7 NAG SA . 53.18 -25.92 -116.10
C1 NAG SA . 46.27 -25.77 -116.77
C2 NAG SA . 44.78 -25.50 -116.96
C3 NAG SA . 44.05 -26.79 -117.30
C4 NAG SA . 44.70 -27.46 -118.50
C5 NAG SA . 46.20 -27.65 -118.26
C6 NAG SA . 46.93 -28.21 -119.46
C7 NAG SA . 43.89 -23.59 -115.69
C8 NAG SA . 43.32 -23.13 -114.39
N2 NAG SA . 44.21 -24.89 -115.77
O3 NAG SA . 42.68 -26.50 -117.60
O4 NAG SA . 44.09 -28.74 -118.73
O5 NAG SA . 46.80 -26.39 -117.95
O6 NAG SA . 47.62 -27.18 -120.16
O7 NAG SA . 44.07 -22.82 -116.63
C1 NAG TA . 31.60 -13.60 -114.00
C2 NAG TA . 31.02 -13.98 -115.36
C3 NAG TA . 29.51 -14.15 -115.26
C4 NAG TA . 29.14 -15.13 -114.15
C5 NAG TA . 29.81 -14.72 -112.84
C6 NAG TA . 29.62 -15.73 -111.72
C7 NAG TA . 32.38 -13.12 -117.21
C8 NAG TA . 32.58 -11.99 -118.18
N2 NAG TA . 31.36 -12.98 -116.36
O3 NAG TA . 29.00 -14.62 -116.50
O4 NAG TA . 27.73 -15.12 -113.96
O5 NAG TA . 31.23 -14.59 -113.03
O6 NAG TA . 28.68 -15.26 -110.76
O7 NAG TA . 33.11 -14.11 -117.20
C1 NAG TA . 27.19 -16.42 -114.31
C2 NAG TA . 25.74 -16.49 -113.80
C3 NAG TA . 25.11 -17.82 -114.18
C4 NAG TA . 25.24 -18.06 -115.67
C5 NAG TA . 26.70 -17.94 -116.11
C6 NAG TA . 26.89 -18.05 -117.61
C7 NAG TA . 25.39 -15.10 -111.81
C8 NAG TA . 25.37 -15.06 -110.31
N2 NAG TA . 25.68 -16.28 -112.36
O3 NAG TA . 23.74 -17.82 -113.80
O4 NAG TA . 24.78 -19.38 -115.99
O5 NAG TA . 27.22 -16.64 -115.73
O6 NAG TA . 25.75 -17.56 -118.30
O7 NAG TA . 25.15 -14.10 -112.48
C1 NAG UA . 70.33 -28.26 -122.11
C2 NAG UA . 70.18 -29.55 -122.90
C3 NAG UA . 70.71 -29.36 -124.33
C4 NAG UA . 70.03 -28.17 -124.99
C5 NAG UA . 70.17 -26.92 -124.11
C6 NAG UA . 69.41 -25.73 -124.63
C7 NAG UA . 70.23 -31.57 -121.51
C8 NAG UA . 71.09 -32.64 -120.91
N2 NAG UA . 70.86 -30.65 -122.25
O3 NAG UA . 70.45 -30.54 -125.09
O4 NAG UA . 70.64 -27.92 -126.25
O5 NAG UA . 69.66 -27.19 -122.79
O6 NAG UA . 68.00 -25.89 -124.45
O7 NAG UA . 69.01 -31.54 -121.34
C1 NAG UA . 69.70 -28.20 -127.32
C2 NAG UA . 70.39 -27.87 -128.65
C3 NAG UA . 69.45 -28.21 -129.81
C4 NAG UA . 68.97 -29.64 -129.72
C5 NAG UA . 68.35 -29.91 -128.35
C6 NAG UA . 67.96 -31.35 -128.14
C7 NAG UA . 72.08 -26.09 -128.73
C8 NAG UA . 72.31 -24.62 -128.79
N2 NAG UA . 70.79 -26.48 -128.70
O3 NAG UA . 70.14 -28.00 -131.04
O4 NAG UA . 68.00 -29.91 -130.73
O5 NAG UA . 69.29 -29.58 -127.31
O6 NAG UA . 68.67 -32.21 -129.02
O7 NAG UA . 72.99 -26.91 -128.73
C1 NAG VA . 89.38 -23.28 -116.32
C2 NAG VA . 89.94 -24.63 -115.90
C3 NAG VA . 91.32 -24.46 -115.27
C4 NAG VA . 92.24 -23.68 -116.21
C5 NAG VA . 91.60 -22.37 -116.63
C6 NAG VA . 92.39 -21.61 -117.67
C7 NAG VA . 88.37 -26.41 -115.28
C8 NAG VA . 87.49 -26.96 -114.20
N2 NAG VA . 89.04 -25.30 -114.97
O3 NAG VA . 91.88 -25.73 -114.97
O4 NAG VA . 93.49 -23.41 -115.57
O5 NAG VA . 90.31 -22.63 -117.20
O6 NAG VA . 91.81 -21.73 -118.96
O7 NAG VA . 88.48 -26.95 -116.38
C1 NAG VA . 94.53 -24.20 -116.17
C2 NAG VA . 95.86 -23.48 -116.01
C3 NAG VA . 97.00 -24.31 -116.59
C4 NAG VA . 96.99 -25.71 -116.01
C5 NAG VA . 95.61 -26.36 -116.17
C6 NAG VA . 95.49 -27.70 -115.50
C7 NAG VA . 95.54 -21.04 -115.95
C8 NAG VA . 95.55 -19.77 -116.74
N2 NAG VA . 95.82 -22.16 -116.62
O3 NAG VA . 98.24 -23.67 -116.33
O4 NAG VA . 97.96 -26.53 -116.65
O5 NAG VA . 94.61 -25.51 -115.58
O6 NAG VA . 94.34 -27.77 -114.67
O7 NAG VA . 95.28 -21.06 -114.75
C1 NAG WA . -70.22 -24.43 27.00
C2 NAG WA . -71.29 -23.92 27.98
C3 NAG WA . -72.67 -23.99 27.33
C4 NAG WA . -72.67 -23.25 26.00
C5 NAG WA . -71.55 -23.78 25.10
C6 NAG WA . -71.45 -23.02 23.80
C7 NAG WA . -71.11 -24.06 30.41
C8 NAG WA . -71.08 -24.96 31.62
N2 NAG WA . -71.26 -24.66 29.23
O3 NAG WA . -73.61 -23.38 28.20
O4 NAG WA . -73.92 -23.40 25.34
O5 NAG WA . -70.30 -23.66 25.77
O6 NAG WA . -70.27 -22.22 23.75
O7 NAG WA . -71.01 -22.84 30.51
C1 NAG XA . -47.42 -52.15 16.22
C2 NAG XA . -46.50 -53.03 15.36
C3 NAG XA . -45.07 -52.50 15.41
C4 NAG XA . -45.03 -51.03 15.01
C5 NAG XA . -46.01 -50.22 15.87
C6 NAG XA . -46.11 -48.79 15.44
C7 NAG XA . -46.61 -55.45 14.96
C8 NAG XA . -46.66 -56.81 15.59
N2 NAG XA . -46.55 -54.41 15.81
O3 NAG XA . -44.25 -53.26 14.54
O4 NAG XA . -43.72 -50.52 15.19
O5 NAG XA . -47.33 -50.79 15.77
O6 NAG XA . -45.31 -48.51 14.30
O7 NAG XA . -46.62 -55.30 13.75
C1 NAG YA . -32.13 -34.65 9.54
C2 NAG YA . -33.13 -33.48 9.54
C3 NAG YA . -32.47 -32.21 10.09
C4 NAG YA . -31.86 -32.49 11.46
C5 NAG YA . -30.89 -33.66 11.37
C6 NAG YA . -30.31 -34.04 12.71
C7 NAG YA . -34.79 -32.62 7.94
C8 NAG YA . -35.15 -32.46 6.49
N2 NAG YA . -33.63 -33.24 8.19
O3 NAG YA . -33.43 -31.17 10.21
O4 NAG YA . -31.16 -31.33 11.92
O5 NAG YA . -31.58 -34.81 10.87
O6 NAG YA . -29.23 -34.95 12.56
O7 NAG YA . -35.51 -32.20 8.83
C1 NAG ZA . -41.00 -23.13 17.35
C2 NAG ZA . -39.81 -22.47 16.67
C3 NAG ZA . -39.57 -21.08 17.27
C4 NAG ZA . -40.84 -20.25 17.22
C5 NAG ZA . -42.00 -20.99 17.86
C6 NAG ZA . -43.32 -20.28 17.72
C7 NAG ZA . -38.31 -24.25 15.91
C8 NAG ZA . -37.05 -25.00 16.19
N2 NAG ZA . -38.62 -23.29 16.79
O3 NAG ZA . -38.53 -20.42 16.56
O4 NAG ZA . -40.65 -19.01 17.91
O5 NAG ZA . -42.16 -22.28 17.23
O6 NAG ZA . -43.98 -20.63 16.50
O7 NAG ZA . -39.01 -24.49 14.95
C1 NAG AB . -50.99 -44.11 54.34
C2 NAG AB . -50.86 -45.62 54.22
C3 NAG AB . -51.91 -46.29 55.10
C4 NAG AB . -51.79 -45.79 56.53
C5 NAG AB . -51.81 -44.26 56.58
C6 NAG AB . -51.53 -43.71 57.95
C7 NAG AB . -50.02 -46.63 52.14
C8 NAG AB . -50.36 -47.01 50.72
N2 NAG AB . -51.01 -46.05 52.82
O3 NAG AB . -51.74 -47.71 55.06
O4 NAG AB . -52.87 -46.29 57.31
O5 NAG AB . -50.80 -43.72 55.70
O6 NAG AB . -51.35 -44.74 58.91
O7 NAG AB . -48.93 -46.85 52.63
C1 NAG BB . -60.76 28.73 19.96
C2 NAG BB . -61.74 29.73 20.55
C3 NAG BB . -63.07 29.65 19.81
C4 NAG BB . -62.85 29.82 18.30
C5 NAG BB . -61.79 28.85 17.80
C6 NAG BB . -61.42 29.08 16.35
C7 NAG BB . -61.50 30.36 22.92
C8 NAG BB . -60.79 31.59 22.44
N2 NAG BB . -61.94 29.52 21.97
O3 NAG BB . -63.95 30.67 20.29
O4 NAG BB . -64.07 29.58 17.61
O5 NAG BB . -60.58 28.99 18.57
O6 NAG BB . -60.45 28.14 15.91
O7 NAG BB . -61.69 30.15 24.11
C1 NAG CB . -72.86 6.81 44.76
C2 NAG CB . -73.18 8.14 45.44
C3 NAG CB . -74.64 8.53 45.18
C4 NAG CB . -74.93 8.52 43.69
C5 NAG CB . -74.52 7.18 43.07
C6 NAG CB . -74.67 7.14 41.56
C7 NAG CB . -72.15 8.95 47.52
C8 NAG CB . -72.00 8.73 48.99
N2 NAG CB . -72.93 8.07 46.87
O3 NAG CB . -74.90 9.81 45.73
O4 NAG CB . -76.32 8.74 43.46
O5 NAG CB . -73.14 6.91 43.36
O6 NAG CB . -73.41 7.19 40.92
O7 NAG CB . -71.60 9.88 46.94
C1 NAG DB . -88.20 -1.17 59.01
C2 NAG DB . -88.37 -1.05 57.49
C3 NAG DB . -88.63 0.40 57.10
C4 NAG DB . -89.79 0.98 57.90
C5 NAG DB . -89.55 0.78 59.40
C6 NAG DB . -90.72 1.22 60.25
C7 NAG DB . -87.29 -2.64 55.97
C8 NAG DB . -86.00 -3.04 55.32
N2 NAG DB . -87.22 -1.57 56.79
O3 NAG DB . -88.92 0.48 55.71
O4 NAG DB . -89.94 2.36 57.62
O5 NAG DB . -89.33 -0.61 59.68
O6 NAG DB . -91.20 2.50 59.85
O7 NAG DB . -88.33 -3.25 55.78
C1 NAG EB . -90.48 13.57 96.13
C2 NAG EB . -90.94 14.38 97.34
C3 NAG EB . -92.42 14.72 97.22
C4 NAG EB . -92.71 15.40 95.89
C5 NAG EB . -92.18 14.54 94.73
C6 NAG EB . -92.34 15.21 93.39
C7 NAG EB . -89.66 13.98 99.41
C8 NAG EB . -89.54 13.15 100.63
N2 NAG EB . -90.67 13.67 98.58
O3 NAG EB . -92.81 15.57 98.30
O4 NAG EB . -94.12 15.57 95.73
O5 NAG EB . -90.78 14.29 94.92
O6 NAG EB . -91.37 16.23 93.21
O7 NAG EB . -88.89 14.91 99.16
C1 NAG FB . -90.47 -2.19 92.79
C2 NAG FB . -90.31 -3.19 91.63
C3 NAG FB . -89.70 -2.50 90.42
C4 NAG FB . -90.50 -1.27 90.04
C5 NAG FB . -90.66 -0.35 91.25
C6 NAG FB . -91.56 0.84 90.97
C7 NAG FB . -90.03 -5.48 92.46
C8 NAG FB . -89.05 -6.56 92.84
N2 NAG FB . -89.50 -4.33 92.04
O3 NAG FB . -89.65 -3.42 89.33
O4 NAG FB . -89.85 -0.56 88.99
O5 NAG FB . -91.25 -1.07 92.33
O6 NAG FB . -92.92 0.45 90.91
O7 NAG FB . -91.24 -5.66 92.53
C1 NAG GB . -27.62 52.46 51.81
C2 NAG GB . -27.58 51.71 53.16
C3 NAG GB . -26.15 51.33 53.50
C4 NAG GB . -25.51 50.56 52.36
C5 NAG GB . -25.63 51.34 51.06
C6 NAG GB . -25.11 50.58 49.85
C7 NAG GB . -28.88 51.98 55.22
C8 NAG GB . -29.42 52.95 56.23
N2 NAG GB . -28.18 52.51 54.22
O3 NAG GB . -26.13 50.53 54.69
O4 NAG GB . -24.13 50.32 52.63
O5 NAG GB . -27.01 51.64 50.79
O6 NAG GB . -26.16 49.88 49.19
O7 NAG GB . -29.08 50.77 55.31
C1 NAG HB . -43.99 54.94 17.01
C2 NAG HB . -44.35 55.33 15.57
C3 NAG HB . -44.40 54.10 14.69
C4 NAG HB . -43.08 53.34 14.77
C5 NAG HB . -42.74 53.02 16.23
C6 NAG HB . -41.38 52.39 16.39
C7 NAG HB . -45.82 57.12 14.74
C8 NAG HB . -47.18 57.73 14.82
N2 NAG HB . -45.62 56.05 15.52
O3 NAG HB . -44.65 54.49 13.34
O4 NAG HB . -43.17 52.12 14.05
O5 NAG HB . -42.74 54.23 17.01
O6 NAG HB . -40.97 52.38 17.75
O7 NAG HB . -44.94 57.56 14.02
C1 NAG IB . -26.69 39.30 11.30
C2 NAG IB . -26.66 37.81 11.64
C3 NAG IB . -25.36 37.48 12.39
C4 NAG IB . -24.15 37.97 11.61
C5 NAG IB . -24.29 39.45 11.27
C6 NAG IB . -23.18 39.97 10.39
C7 NAG IB . -28.68 36.48 12.04
C8 NAG IB . -29.82 36.22 12.96
N2 NAG IB . -27.82 37.43 12.42
O3 NAG IB . -25.28 36.08 12.60
O4 NAG IB . -22.97 37.78 12.39
O5 NAG IB . -25.52 39.66 10.56
O6 NAG IB . -22.60 41.14 10.93
O7 NAG IB . -28.54 35.88 10.97
C1 NAG JB . -24.51 34.07 26.51
C2 NAG JB . -24.21 33.30 25.22
C3 NAG JB . -23.45 32.02 25.54
C4 NAG JB . -22.21 32.32 26.36
C5 NAG JB . -22.58 33.13 27.60
C6 NAG JB . -21.38 33.57 28.40
C7 NAG JB . -25.61 33.29 23.21
C8 NAG JB . -26.94 32.91 22.62
N2 NAG JB . -25.44 33.00 24.50
O3 NAG JB . -23.07 31.38 24.31
O4 NAG JB . -21.58 31.11 26.76
O5 NAG JB . -23.29 34.32 27.21
O6 NAG JB . -21.22 34.99 28.36
O7 NAG JB . -24.74 33.84 22.53
C1 NAG KB . -62.82 36.06 46.06
C2 NAG KB . -63.26 37.50 45.80
C3 NAG KB . -64.62 37.76 46.42
C4 NAG KB . -65.63 36.72 45.94
C5 NAG KB . -65.10 35.31 46.18
C6 NAG KB . -65.99 34.23 45.60
C7 NAG KB . -61.41 39.10 45.52
C8 NAG KB . -60.46 40.04 46.21
N2 NAG KB . -62.28 38.44 46.32
O3 NAG KB . -65.07 39.06 46.09
O4 NAG KB . -66.86 36.87 46.65
O5 NAG KB . -63.81 35.16 45.55
O6 NAG KB . -65.98 34.25 44.18
O7 NAG KB . -61.38 38.93 44.31
C1 NAG LB . 13.44 23.98 64.44
C2 NAG LB . 14.83 24.30 65.01
C3 NAG LB . 14.69 25.16 66.28
C4 NAG LB . 13.85 26.39 65.99
C5 NAG LB . 12.51 25.98 65.40
C6 NAG LB . 11.66 27.16 64.98
C7 NAG LB . 16.81 22.85 64.84
C8 NAG LB . 17.42 23.91 63.98
N2 NAG LB . 15.58 23.08 65.29
O3 NAG LB . 15.99 25.54 66.72
O4 NAG LB . 13.62 27.10 67.21
O5 NAG LB . 12.72 25.20 64.22
O6 NAG LB . 11.93 27.56 63.64
O7 NAG LB . 17.40 21.80 65.10
C1 NAG MB . -16.37 31.66 78.03
C2 NAG MB . -15.86 30.93 79.28
C3 NAG MB . -15.27 31.93 80.26
C4 NAG MB . -14.21 32.79 79.58
C5 NAG MB . -14.78 33.44 78.32
C6 NAG MB . -13.74 34.20 77.53
C7 NAG MB . -16.76 28.92 80.36
C8 NAG MB . -17.96 28.28 80.98
N2 NAG MB . -16.93 30.16 79.91
O3 NAG MB . -14.70 31.23 81.36
O4 NAG MB . -13.75 33.81 80.47
O5 NAG MB . -15.30 32.42 77.45
O6 NAG MB . -13.30 33.46 76.41
O7 NAG MB . -15.69 28.34 80.27
C1 NAG NB . -30.32 40.70 93.15
C2 NAG NB . -29.20 41.43 92.40
C3 NAG NB . -27.84 41.00 92.95
C4 NAG NB . -27.79 41.19 94.45
C5 NAG NB . -28.96 40.47 95.12
C6 NAG NB . -29.04 40.72 96.61
C7 NAG NB . -29.53 42.14 90.08
C8 NAG NB . -29.56 41.70 88.64
N2 NAG NB . -29.28 41.18 90.97
O3 NAG NB . -26.81 41.77 92.33
O4 NAG NB . -26.57 40.67 94.97
O5 NAG NB . -30.19 40.93 94.56
O6 NAG NB . -27.75 40.80 97.20
O7 NAG NB . -29.71 43.31 90.41
C1 NAG OB . -44.15 18.88 123.72
C2 NAG OB . -44.11 18.38 125.16
C3 NAG OB . -43.34 19.35 126.05
C4 NAG OB . -41.96 19.63 125.47
C5 NAG OB . -42.09 20.12 124.03
C6 NAG OB . -40.76 20.33 123.36
C7 NAG OB . -46.02 16.98 125.86
C8 NAG OB . -47.42 16.99 126.39
N2 NAG OB . -45.46 18.19 125.67
O3 NAG OB . -43.22 18.80 127.36
O4 NAG OB . -41.30 20.63 126.25
O5 NAG OB . -42.80 19.14 123.26
O6 NAG OB . -39.79 19.39 123.81
O7 NAG OB . -45.41 15.94 125.61
C1 NAG PB . -53.22 28.30 115.47
C2 NAG PB . -53.43 29.48 114.51
C3 NAG PB . -52.10 30.17 114.22
C4 NAG PB . -51.39 30.55 115.51
C5 NAG PB . -51.26 29.34 116.42
C6 NAG PB . -50.68 29.69 117.78
C7 NAG PB . -55.06 29.71 112.68
C8 NAG PB . -55.57 29.13 111.40
N2 NAG PB . -54.05 29.05 113.27
O3 NAG PB . -52.30 31.33 113.43
O4 NAG PB . -50.11 31.08 115.23
O5 NAG PB . -52.55 28.76 116.65
O6 NAG PB . -51.56 29.28 118.82
O7 NAG PB . -55.52 30.74 113.16
C1 NAG QB . 8.39 -28.18 74.36
C2 NAG QB . 7.64 -28.71 75.57
C3 NAG QB . 8.39 -29.89 76.19
C4 NAG QB . 8.69 -30.95 75.14
C5 NAG QB . 9.41 -30.32 73.95
C6 NAG QB . 9.63 -31.30 72.81
C7 NAG QB . 6.21 -27.14 76.80
C8 NAG QB . 6.16 -26.07 77.84
N2 NAG QB . 7.42 -27.66 76.55
O3 NAG QB . 7.61 -30.44 77.24
O4 NAG QB . 9.51 -31.97 75.70
O5 NAG QB . 8.63 -29.24 73.42
O6 NAG QB . 9.28 -30.73 71.56
O7 NAG QB . 5.20 -27.51 76.20
C1 NAG RB . 34.52 -2.32 64.90
C2 NAG RB . 33.68 -1.53 63.86
C3 NAG RB . 34.49 -0.35 63.32
C4 NAG RB . 35.04 0.51 64.45
C5 NAG RB . 35.85 -0.35 65.40
C6 NAG RB . 36.37 0.41 66.60
C7 NAG RB . 32.11 -3.06 62.76
C8 NAG RB . 31.85 -3.91 61.55
N2 NAG RB . 33.27 -2.40 62.78
O3 NAG RB . 33.65 0.43 62.47
O4 NAG RB . 35.87 1.53 63.92
O5 NAG RB . 35.02 -1.41 65.92
O6 NAG RB . 37.12 1.54 66.19
O7 NAG RB . 31.29 -2.98 63.68
C1 NAG SB . 23.13 -3.99 42.13
C2 NAG SB . 22.31 -5.09 41.46
C3 NAG SB . 21.16 -4.49 40.66
C4 NAG SB . 20.33 -3.57 41.55
C5 NAG SB . 21.22 -2.51 42.21
C6 NAG SB . 20.48 -1.65 43.20
C7 NAG SB . 23.73 -7.04 41.01
C8 NAG SB . 24.56 -7.76 39.99
N2 NAG SB . 23.15 -5.91 40.59
O3 NAG SB . 20.34 -5.53 40.14
O4 NAG SB . 19.34 -2.90 40.77
O5 NAG SB . 22.27 -3.18 42.94
O6 NAG SB . 19.80 -2.42 44.17
O7 NAG SB . 23.59 -7.46 42.15
C1 NAG TB . 11.64 -12.57 48.53
C2 NAG TB . 10.73 -11.92 47.47
C3 NAG TB . 11.03 -12.51 46.10
C4 NAG TB . 12.52 -12.39 45.78
C5 NAG TB . 13.35 -13.01 46.89
C6 NAG TB . 14.83 -12.82 46.70
C7 NAG TB . 8.47 -11.07 47.86
C8 NAG TB . 7.05 -11.43 48.22
N2 NAG TB . 9.32 -12.09 47.81
O3 NAG TB . 10.26 -11.81 45.12
O4 NAG TB . 12.81 -13.05 44.55
O5 NAG TB . 13.01 -12.40 48.15
O6 NAG TB . 15.12 -11.59 46.04
O7 NAG TB . 8.81 -9.92 47.62
C1 NAG UB . 2.88 7.76 86.89
C2 NAG UB . 3.87 8.92 87.01
C3 NAG UB . 3.90 9.43 88.46
C4 NAG UB . 2.49 9.76 88.94
C5 NAG UB . 1.57 8.57 88.73
C6 NAG UB . 0.12 8.88 89.07
C7 NAG UB . 5.85 9.15 85.59
C8 NAG UB . 7.22 8.62 85.28
N2 NAG UB . 5.20 8.54 86.59
O3 NAG UB . 4.73 10.58 88.54
O4 NAG UB . 2.51 10.11 90.31
O5 NAG UB . 1.58 8.17 87.36
O6 NAG UB . -0.48 7.79 89.76
O7 NAG UB . 5.36 10.09 84.97
C1 NAG VB . -28.18 -50.16 39.68
C2 NAG VB . -29.30 -50.83 40.46
C3 NAG VB . -28.75 -51.45 41.75
C4 NAG VB . -27.58 -52.38 41.43
C5 NAG VB . -26.53 -51.66 40.59
C6 NAG VB . -25.42 -52.57 40.13
C7 NAG VB . -31.56 -49.90 40.15
C8 NAG VB . -31.76 -50.97 39.10
N2 NAG VB . -30.37 -49.88 40.76
O3 NAG VB . -29.79 -52.17 42.40
O4 NAG VB . -26.99 -52.83 42.64
O5 NAG VB . -27.14 -51.11 39.40
O6 NAG VB . -25.83 -53.40 39.07
O7 NAG VB . -32.44 -49.09 40.42
C1 NAG WB . -26.30 -37.58 72.69
C2 NAG WB . -27.71 -38.16 72.78
C3 NAG WB . -27.68 -39.53 73.46
C4 NAG WB . -26.69 -40.45 72.76
C5 NAG WB . -25.32 -39.78 72.66
C6 NAG WB . -24.31 -40.59 71.86
C7 NAG WB . -29.85 -37.02 73.12
C8 NAG WB . -30.63 -36.07 73.98
N2 NAG WB . -28.59 -37.26 73.50
O3 NAG WB . -28.98 -40.11 73.44
O4 NAG WB . -26.57 -41.67 73.47
O5 NAG WB . -25.44 -38.51 72.00
O6 NAG WB . -24.13 -40.05 70.57
O7 NAG WB . -30.35 -37.56 72.13
C1 NAG XB . -28.12 -38.34 94.59
C2 NAG XB . -27.17 -39.15 93.71
C3 NAG XB . -27.94 -40.20 92.92
C4 NAG XB . -28.78 -41.05 93.85
C5 NAG XB . -29.67 -40.17 94.73
C6 NAG XB . -30.45 -40.95 95.76
C7 NAG XB . -25.09 -38.12 92.90
C8 NAG XB . -24.48 -37.19 91.89
N2 NAG XB . -26.41 -38.28 92.82
O3 NAG XB . -27.03 -41.02 92.19
O4 NAG XB . -29.60 -41.94 93.09
O5 NAG XB . -28.86 -39.22 95.45
O6 NAG XB . -30.92 -42.19 95.24
O7 NAG XB . -24.41 -38.70 93.74
C1 NAG YB . -63.57 -30.35 112.76
C2 NAG YB . -64.93 -30.56 113.43
C3 NAG YB . -64.95 -31.89 114.17
C4 NAG YB . -64.53 -33.03 113.24
C5 NAG YB . -63.19 -32.72 112.60
C6 NAG YB . -62.78 -33.75 111.57
C7 NAG YB . -66.08 -28.47 114.00
C8 NAG YB . -66.29 -27.42 115.05
N2 NAG YB . -65.25 -29.47 114.33
O3 NAG YB . -66.25 -32.14 114.67
O4 NAG YB . -64.42 -34.25 113.99
O5 NAG YB . -63.26 -31.46 111.90
O6 NAG YB . -63.55 -33.64 110.39
O7 NAG YB . -66.63 -28.42 112.91
C1 NAG ZB . -49.49 -24.83 119.17
C2 NAG ZB . -50.70 -25.77 119.05
C3 NAG ZB . -50.38 -26.93 118.12
C4 NAG ZB . -49.89 -26.40 116.77
C5 NAG ZB . -48.71 -25.46 116.96
C6 NAG ZB . -48.25 -24.82 115.69
C7 NAG ZB . -52.17 -25.81 121.03
C8 NAG ZB . -52.43 -26.44 122.36
N2 NAG ZB . -51.11 -26.27 120.36
O3 NAG ZB . -51.55 -27.72 117.93
O4 NAG ZB . -49.50 -27.49 115.94
O5 NAG ZB . -49.08 -24.39 117.86
O6 NAG ZB . -47.27 -25.61 115.03
O7 NAG ZB . -52.87 -24.91 120.58
C1 NAG AC . 78.04 8.15 -25.04
C2 NAG AC . 78.74 8.74 -26.25
C3 NAG AC . 79.93 9.59 -25.80
C4 NAG AC . 79.49 10.63 -24.79
C5 NAG AC . 78.75 9.97 -23.63
C6 NAG AC . 78.18 10.97 -22.65
C7 NAG AC . 78.81 7.71 -28.47
C8 NAG AC . 79.31 6.56 -29.30
N2 NAG AC . 79.17 7.70 -27.18
O3 NAG AC . 80.49 10.24 -26.93
O4 NAG AC . 80.59 11.36 -24.28
O5 NAG AC . 77.64 9.21 -24.14
O6 NAG AC . 76.77 11.03 -22.70
O7 NAG AC . 78.11 8.59 -28.94
C1 NAG BC . 71.93 -21.57 -3.06
C2 NAG BC . 71.54 -22.45 -1.87
C3 NAG BC . 70.04 -22.76 -1.91
C4 NAG BC . 69.23 -21.47 -2.00
C5 NAG BC . 69.72 -20.64 -3.18
C6 NAG BC . 69.03 -19.28 -3.25
C7 NAG BC . 72.83 -24.19 -0.72
C8 NAG BC . 73.61 -25.47 -0.87
N2 NAG BC . 72.32 -23.68 -1.84
O3 NAG BC . 69.67 -23.49 -0.74
O4 NAG BC . 67.86 -21.78 -2.17
O5 NAG BC . 71.12 -20.38 -3.06
O6 NAG BC . 68.12 -19.10 -2.17
O7 NAG BC . 72.66 -23.66 0.38
C1 NAG CC . 49.48 -12.95 -0.53
C2 NAG CC . 49.75 -11.53 -1.03
C3 NAG CC . 48.57 -11.03 -1.86
C4 NAG CC . 48.25 -12.02 -2.98
C5 NAG CC . 48.01 -13.40 -2.40
C6 NAG CC . 47.78 -14.45 -3.45
C7 NAG CC . 50.66 -9.47 -0.02
C8 NAG CC . 50.81 -8.67 1.24
N2 NAG CC . 49.99 -10.63 0.10
O3 NAG CC . 48.88 -9.75 -2.43
O4 NAG CC . 47.09 -11.59 -3.70
O5 NAG CC . 49.16 -13.81 -1.65
O6 NAG CC . 47.38 -15.69 -2.88
O7 NAG CC . 51.12 -9.08 -1.09
C1 NAG DC . 51.57 -2.22 -12.29
C2 NAG DC . 50.44 -2.60 -11.35
C3 NAG DC . 49.09 -2.12 -11.92
C4 NAG DC . 49.16 -0.63 -12.25
C5 NAG DC . 50.36 -0.34 -13.15
C6 NAG DC . 50.55 1.14 -13.40
C7 NAG DC . 51.12 -4.62 -10.15
C8 NAG DC . 50.97 -6.11 -10.04
N2 NAG DC . 50.40 -4.03 -11.10
O3 NAG DC . 48.06 -2.37 -10.98
O4 NAG DC . 47.96 -0.23 -12.91
O5 NAG DC . 51.56 -0.81 -12.53
O6 NAG DC . 51.37 1.74 -12.41
O7 NAG DC . 51.85 -3.99 -9.40
C1 NAG EC . 73.14 -26.47 -41.87
C2 NAG EC . 73.79 -27.69 -41.25
C3 NAG EC . 75.08 -28.02 -42.00
C4 NAG EC . 74.81 -28.16 -43.49
C5 NAG EC . 74.05 -26.95 -44.03
C6 NAG EC . 73.61 -27.10 -45.47
C7 NAG EC . 73.46 -28.21 -38.87
C8 NAG EC . 73.86 -27.87 -37.46
N2 NAG EC . 74.06 -27.49 -39.83
O3 NAG EC . 75.65 -29.22 -41.48
O4 NAG EC . 76.04 -28.29 -44.20
O5 NAG EC . 72.87 -26.71 -43.25
O6 NAG EC . 74.02 -28.36 -46.00
O7 NAG EC . 72.65 -29.09 -39.13
C1 NAG FC . 39.37 47.51 -33.71
C2 NAG FC . 39.65 48.67 -34.65
C3 NAG FC . 40.72 49.58 -34.05
C4 NAG FC . 40.30 50.03 -32.65
C5 NAG FC . 39.94 48.83 -31.78
C6 NAG FC . 39.37 49.23 -30.44
C7 NAG FC . 39.30 48.29 -37.06
C8 NAG FC . 37.96 48.92 -36.89
N2 NAG FC . 40.07 48.19 -35.96
O3 NAG FC . 40.92 50.70 -34.89
O4 NAG FC . 41.37 50.74 -32.04
O5 NAG FC . 38.94 48.02 -32.43
O6 NAG FC . 38.82 48.11 -29.76
O7 NAG FC . 39.69 47.87 -38.15
C1 NAG GC . 63.07 28.42 -50.94
C2 NAG GC . 62.75 29.41 -52.06
C3 NAG GC . 63.78 30.54 -52.07
C4 NAG GC . 63.89 31.18 -50.71
C5 NAG GC . 64.18 30.12 -49.65
C6 NAG GC . 64.20 30.66 -48.24
C7 NAG GC . 61.66 28.87 -54.19
C8 NAG GC . 61.78 28.10 -55.48
N2 NAG GC . 62.70 28.74 -53.35
O3 NAG GC . 63.39 31.51 -53.04
O4 NAG GC . 64.95 32.14 -50.69
O5 NAG GC . 63.16 29.11 -49.69
O6 NAG GC . 63.04 30.28 -47.51
O7 NAG GC . 60.68 29.56 -53.92
C1 NAG HC . 81.64 25.36 -63.19
C2 NAG HC . 81.60 26.05 -61.82
C3 NAG HC . 81.03 27.46 -61.96
C4 NAG HC . 81.80 28.26 -63.01
C5 NAG HC . 81.83 27.49 -64.33
C6 NAG HC . 82.68 28.15 -65.38
C7 NAG HC . 81.35 24.72 -59.77
C8 NAG HC . 80.39 23.96 -58.90
N2 NAG HC . 80.82 25.28 -60.87
O3 NAG HC . 81.10 28.13 -60.70
O4 NAG HC . 81.19 29.52 -63.21
O5 NAG HC . 82.38 26.17 -64.12
O6 NAG HC . 82.40 29.55 -65.47
O7 NAG HC . 82.53 24.84 -59.49
C1 NAG IC . 79.49 26.09 -103.13
C2 NAG IC . 79.55 26.59 -104.57
C3 NAG IC . 80.63 27.67 -104.71
C4 NAG IC . 80.40 28.78 -103.69
C5 NAG IC . 80.30 28.20 -102.29
C6 NAG IC . 79.95 29.23 -101.24
C7 NAG IC . 78.88 24.96 -106.28
C8 NAG IC . 79.33 23.84 -107.17
N2 NAG IC . 79.81 25.49 -105.48
O3 NAG IC . 80.60 28.20 -106.03
O4 NAG IC . 81.47 29.71 -103.74
O5 NAG IC . 79.27 27.20 -102.25
O6 NAG IC . 78.60 29.65 -101.35
O7 NAG IC . 77.72 25.39 -106.30
C1 NAG JC . 87.25 14.74 -94.88
C2 NAG JC . 87.54 14.24 -93.46
C3 NAG JC . 86.54 14.87 -92.48
C4 NAG JC . 86.55 16.38 -92.60
C5 NAG JC . 86.32 16.80 -94.05
C6 NAG JC . 86.45 18.29 -94.26
C7 NAG JC . 88.59 12.02 -93.44
C8 NAG JC . 88.36 10.55 -93.35
N2 NAG JC . 87.49 12.79 -93.38
O3 NAG JC . 86.88 14.47 -91.15
O4 NAG JC . 85.54 16.95 -91.78
O5 NAG JC . 87.29 16.17 -94.90
O6 NAG JC . 87.80 18.71 -94.18
O7 NAG JC . 89.71 12.51 -93.56
C1 NAG KC . 3.34 40.81 -68.85
C2 NAG KC . 3.79 39.73 -69.85
C3 NAG KC . 2.78 38.58 -69.88
C4 NAG KC . 2.53 38.05 -68.48
C5 NAG KC . 2.13 39.19 -67.54
C6 NAG KC . 1.98 38.74 -66.10
C7 NAG KC . 4.92 39.88 -72.03
C8 NAG KC . 4.96 40.56 -73.35
N2 NAG KC . 3.97 40.29 -71.18
O3 NAG KC . 3.26 37.54 -70.72
O4 NAG KC . 1.49 37.08 -68.50
O5 NAG KC . 3.15 40.21 -67.55
O6 NAG KC . 3.20 38.88 -65.38
O7 NAG KC . 5.70 38.98 -71.73
C1 NAG LC . 13.55 62.71 -38.89
C2 NAG LC . 13.56 63.68 -37.71
C3 NAG LC . 14.12 63.00 -36.47
C4 NAG LC . 13.35 61.73 -36.17
C5 NAG LC . 13.32 60.81 -37.40
C6 NAG LC . 12.45 59.59 -37.21
C7 NAG LC . 13.91 66.11 -37.65
C8 NAG LC . 14.81 67.24 -38.06
N2 NAG LC . 14.31 64.88 -38.03
O3 NAG LC . 14.05 63.89 -35.37
O4 NAG LC . 13.95 61.03 -35.09
O5 NAG LC . 12.80 61.52 -38.53
O6 NAG LC . 12.36 58.83 -38.40
O7 NAG LC . 12.88 66.28 -37.02
C1 NAG MC . 6.10 43.60 -26.41
C2 NAG MC . 6.85 42.28 -26.25
C3 NAG MC . 5.98 41.11 -26.71
C4 NAG MC . 4.63 41.14 -26.01
C5 NAG MC . 3.97 42.51 -26.19
C6 NAG MC . 2.67 42.65 -25.42
C7 NAG MC . 9.29 42.04 -26.41
C8 NAG MC . 10.48 42.10 -27.32
N2 NAG MC . 8.11 42.29 -26.98
O3 NAG MC . 6.64 39.89 -26.43
O4 NAG MC . 3.78 40.14 -26.54
O5 NAG MC . 4.85 43.53 -25.71
O6 NAG MC . 1.62 43.11 -26.26
O7 NAG MC . 9.39 41.78 -25.21
C1 NAG NC . 7.75 33.48 -38.51
C2 NAG NC . 7.66 32.92 -37.08
C3 NAG NC . 7.35 31.42 -37.13
C4 NAG NC . 6.11 31.16 -37.97
C5 NAG NC . 6.26 31.79 -39.35
C6 NAG NC . 5.01 31.67 -40.20
C7 NAG NC . 8.91 33.75 -35.14
C8 NAG NC . 10.26 33.93 -34.53
N2 NAG NC . 8.88 33.17 -36.35
O3 NAG NC . 7.15 30.95 -35.80
O4 NAG NC . 5.91 29.76 -38.11
O5 NAG NC . 6.54 33.20 -39.22
O6 NAG NC . 4.41 32.94 -40.43
O7 NAG NC . 7.89 34.11 -34.58
C1 NAG OC . 41.45 47.06 -61.95
C2 NAG OC . 41.09 48.51 -62.24
C3 NAG OC . 42.18 49.18 -63.06
C4 NAG OC . 43.54 49.02 -62.38
C5 NAG OC . 43.80 47.54 -62.06
C6 NAG OC . 45.07 47.33 -61.27
C7 NAG OC . 38.68 48.98 -62.29
C8 NAG OC . 37.44 49.02 -63.15
N2 NAG OC . 39.81 48.62 -62.91
O3 NAG OC . 41.89 50.57 -63.22
O4 NAG OC . 44.57 49.51 -63.21
O5 NAG OC . 42.72 47.00 -61.29
O6 NAG OC . 44.95 47.83 -59.94
O7 NAG OC . 38.66 49.24 -61.10
C1 NAG PC . -16.75 -11.80 -66.11
C2 NAG PC . -16.98 -12.63 -67.38
C3 NAG PC . -17.60 -11.75 -68.47
C4 NAG PC . -18.87 -11.07 -67.95
C5 NAG PC . -18.58 -10.33 -66.65
C6 NAG PC . -19.82 -9.75 -66.01
C7 NAG PC . -15.50 -14.54 -67.82
C8 NAG PC . -16.59 -15.41 -67.26
N2 NAG PC . -15.74 -13.22 -67.85
O3 NAG PC . -17.91 -12.56 -69.60
O4 NAG PC . -19.36 -10.16 -68.92
O5 NAG PC . -17.99 -11.22 -65.69
O6 NAG PC . -21.00 -10.36 -66.51
O7 NAG PC . -14.44 -15.02 -68.23
C1 NAG QC . 5.30 8.26 -85.07
C2 NAG QC . 5.36 7.01 -85.96
C3 NAG QC . 4.42 7.18 -87.16
C4 NAG QC . 3.01 7.53 -86.70
C5 NAG QC . 3.06 8.75 -85.78
C6 NAG QC . 1.70 9.08 -85.19
C7 NAG QC . 7.26 5.53 -86.40
C8 NAG QC . 8.68 5.45 -86.89
N2 NAG QC . 6.72 6.75 -86.40
O3 NAG QC . 4.40 5.97 -87.91
O4 NAG QC . 2.19 7.81 -87.83
O5 NAG QC . 3.94 8.51 -84.68
O6 NAG QC . 1.61 8.65 -83.84
O7 NAG QC . 6.64 4.54 -86.03
C1 NAG RC . 13.96 17.68 -103.57
C2 NAG RC . 12.56 17.95 -103.02
C3 NAG RC . 11.67 16.73 -103.25
C4 NAG RC . 11.68 16.33 -104.72
C5 NAG RC . 13.12 16.13 -105.21
C6 NAG RC . 13.20 15.86 -106.68
C7 NAG RC . 12.26 19.48 -101.13
C8 NAG RC . 12.38 19.65 -99.64
N2 NAG RC . 12.61 18.28 -101.61
O3 NAG RC . 10.33 17.04 -102.84
O4 NAG RC . 10.95 15.13 -104.91
O5 NAG RC . 13.88 17.33 -104.95
O6 NAG RC . 12.08 15.12 -107.15
O7 NAG RC . 11.88 20.38 -101.86
C1 NAG SC . 39.87 -2.19 -126.57
C2 NAG SC . 40.39 -3.07 -127.71
C3 NAG SC . 39.51 -2.90 -128.94
C4 NAG SC . 38.04 -3.15 -128.60
C5 NAG SC . 37.62 -2.26 -127.43
C6 NAG SC . 36.22 -2.55 -126.96
C7 NAG SC . 42.80 -3.55 -127.69
C8 NAG SC . 44.15 -3.07 -128.09
N2 NAG SC . 41.77 -2.76 -128.03
O3 NAG SC . 39.93 -3.81 -129.96
O4 NAG SC . 37.22 -2.87 -129.73
O5 NAG SC . 38.49 -2.50 -126.31
O6 NAG SC . 36.07 -3.89 -126.51
O7 NAG SC . 42.63 -4.59 -127.07
C1 NAG TC . 41.95 12.36 -122.66
C2 NAG TC . 41.41 13.19 -121.48
C3 NAG TC . 40.23 12.46 -120.81
C4 NAG TC . 39.17 12.09 -121.84
C5 NAG TC . 39.80 11.30 -122.98
C6 NAG TC . 38.83 11.01 -124.10
C7 NAG TC . 42.62 14.67 -119.94
C8 NAG TC . 43.73 14.78 -118.94
N2 NAG TC . 42.45 13.47 -120.50
O3 NAG TC . 39.65 13.27 -119.81
O4 NAG TC . 38.14 11.33 -121.24
O5 NAG TC . 40.88 12.05 -123.57
O6 NAG TC . 39.30 11.51 -125.34
O7 NAG TC . 41.89 15.62 -120.22
C1 NAG UC . 14.54 -49.99 -58.09
C2 NAG UC . 15.48 -50.47 -59.19
C3 NAG UC . 15.43 -52.00 -59.30
C4 NAG UC . 15.71 -52.63 -57.94
C5 NAG UC . 14.76 -52.07 -56.89
C6 NAG UC . 15.06 -52.57 -55.49
C7 NAG UC . 15.91 -48.94 -61.06
C8 NAG UC . 15.41 -48.41 -62.37
N2 NAG UC . 15.14 -49.86 -60.46
O3 NAG UC . 16.40 -52.43 -60.25
O4 NAG UC . 15.54 -54.05 -58.02
O5 NAG UC . 14.87 -50.64 -56.85
O6 NAG UC . 15.07 -51.50 -54.55
O7 NAG UC . 16.96 -48.55 -60.57
C1 NAG VC . -21.31 -38.67 -52.42
C2 NAG VC . -21.05 -37.26 -51.85
C3 NAG VC . -22.37 -36.56 -51.56
C4 NAG VC . -23.27 -36.56 -52.79
C5 NAG VC . -23.48 -37.98 -53.27
C6 NAG VC . -24.29 -38.06 -54.55
C7 NAG VC . -18.92 -37.13 -50.62
C8 NAG VC . -18.27 -37.25 -49.28
N2 NAG VC . -20.25 -37.33 -50.64
O3 NAG VC . -22.12 -35.22 -51.14
O4 NAG VC . -24.54 -35.99 -52.47
O5 NAG VC . -22.20 -38.58 -53.56
O6 NAG VC . -25.58 -37.46 -54.39
O7 NAG VC . -18.29 -36.87 -51.64
C1 NAG WC . 3.58 -29.80 -37.81
C2 NAG WC . 3.91 -28.41 -37.25
C3 NAG WC . 4.01 -28.46 -35.73
C4 NAG WC . 2.75 -29.06 -35.13
C5 NAG WC . 2.46 -30.43 -35.75
C6 NAG WC . 1.16 -31.03 -35.29
C7 NAG WC . 5.24 -26.71 -38.41
C8 NAG WC . 6.59 -26.34 -38.94
N2 NAG WC . 5.15 -27.91 -37.83
O3 NAG WC . 4.22 -27.15 -35.23
O4 NAG WC . 2.90 -29.21 -33.72
O5 NAG WC . 2.38 -30.31 -37.18
O6 NAG WC . 0.08 -30.11 -35.42
O7 NAG WC . 4.28 -25.95 -38.49
C1 NAG XC . 0.97 -22.81 -81.66
C2 NAG XC . -0.49 -22.40 -81.97
C3 NAG XC . -0.74 -22.50 -83.47
C4 NAG XC . 0.29 -21.69 -84.25
C5 NAG XC . 1.70 -22.13 -83.86
C6 NAG XC . 2.78 -21.30 -84.50
C7 NAG XC . -2.17 -22.75 -80.23
C8 NAG XC . -3.10 -23.74 -79.58
N2 NAG XC . -1.43 -23.22 -81.23
O3 NAG XC . -2.05 -22.00 -83.76
O4 NAG XC . 0.11 -21.89 -85.65
O5 NAG XC . 1.88 -22.01 -82.44
O6 NAG XC . 3.86 -22.11 -84.95
O7 NAG XC . -2.12 -21.58 -79.88
C1 NAG YC . 53.64 -38.09 -23.34
C2 NAG YC . 55.03 -38.20 -23.96
C3 NAG YC . 55.06 -39.34 -24.97
C4 NAG YC . 54.56 -40.64 -24.34
C5 NAG YC . 53.20 -40.42 -23.68
C6 NAG YC . 52.71 -41.63 -22.91
C7 NAG YC . 56.37 -36.14 -24.06
C8 NAG YC . 57.00 -36.59 -22.77
N2 NAG YC . 55.44 -36.95 -24.58
O3 NAG YC . 56.38 -39.52 -25.45
O4 NAG YC . 54.45 -41.65 -25.32
O5 NAG YC . 53.27 -39.34 -22.73
O6 NAG YC . 53.36 -41.75 -21.65
O7 NAG YC . 56.69 -35.09 -24.61
C1 NAG ZC . 48.79 -39.94 -58.50
C2 NAG ZC . 50.29 -39.63 -58.50
C3 NAG ZC . 51.09 -40.93 -58.66
C4 NAG ZC . 50.67 -41.95 -57.62
C5 NAG ZC . 49.15 -42.16 -57.66
C6 NAG ZC . 48.65 -43.08 -56.57
C7 NAG ZC . 51.57 -37.74 -59.38
C8 NAG ZC . 51.80 -36.84 -60.56
N2 NAG ZC . 50.64 -38.68 -59.54
O3 NAG ZC . 52.47 -40.65 -58.54
O4 NAG ZC . 51.32 -43.20 -57.86
O5 NAG ZC . 48.48 -40.91 -57.49
O6 NAG ZC . 48.14 -42.34 -55.47
O7 NAG ZC . 52.20 -37.61 -58.34
C1 NAG AD . 52.81 -46.69 -78.85
C2 NAG AD . 52.41 -47.62 -77.71
C3 NAG AD . 53.55 -47.76 -76.71
C4 NAG AD . 54.83 -48.19 -77.41
C5 NAG AD . 55.13 -47.25 -78.57
C6 NAG AD . 56.32 -47.70 -79.40
C7 NAG AD . 49.99 -47.65 -77.24
C8 NAG AD . 48.87 -47.03 -76.48
N2 NAG AD . 51.21 -47.13 -77.04
O3 NAG AD . 53.19 -48.72 -75.71
O4 NAG AD . 55.92 -48.20 -76.50
O5 NAG AD . 54.01 -47.19 -79.47
O6 NAG AD . 57.27 -48.41 -78.61
O7 NAG AD . 49.82 -48.59 -78.02
C1 NAG BD . 80.64 -27.92 -102.00
C2 NAG BD . 81.99 -27.61 -102.67
C3 NAG BD . 82.75 -28.91 -102.92
C4 NAG BD . 82.88 -29.72 -101.63
C5 NAG BD . 81.50 -29.94 -101.01
C6 NAG BD . 81.57 -30.63 -99.67
C7 NAG BD . 81.97 -25.56 -104.01
C8 NAG BD . 81.73 -24.97 -105.36
N2 NAG BD . 81.80 -26.89 -103.91
O3 NAG BD . 84.04 -28.62 -103.43
O4 NAG BD . 83.47 -30.98 -101.91
O5 NAG BD . 80.86 -28.67 -100.79
O6 NAG BD . 82.15 -29.79 -98.68
O7 NAG BD . 82.30 -24.87 -103.05
C1 NAG CD . 66.38 -32.89 -108.59
C2 NAG CD . 67.84 -32.99 -108.10
C3 NAG CD . 67.91 -33.86 -106.85
C4 NAG CD . 66.92 -33.35 -105.80
C5 NAG CD . 65.52 -33.22 -106.38
C6 NAG CD . 64.52 -32.61 -105.42
C7 NAG CD . 69.97 -33.08 -109.32
C8 NAG CD . 70.74 -33.74 -110.43
N2 NAG CD . 68.72 -33.51 -109.13
O3 NAG CD . 69.23 -33.84 -106.32
O4 NAG CD . 66.89 -34.25 -104.69
O5 NAG CD . 65.55 -32.38 -107.55
O6 NAG CD . 64.36 -33.42 -104.27
O7 NAG CD . 70.46 -32.20 -108.61
C1 NAG DD . -10.81 -26.49 -32.68
C2 NAG DD . -9.55 -26.74 -31.86
C3 NAG DD . -8.88 -25.42 -31.50
C4 NAG DD . -8.63 -24.59 -32.74
C5 NAG DD . -9.93 -24.41 -33.53
C6 NAG DD . -9.73 -23.69 -34.85
C7 NAG DD . -9.76 -28.84 -30.60
C8 NAG DD . -10.12 -29.46 -29.28
N2 NAG DD . -9.85 -27.51 -30.66
O3 NAG DD . -7.65 -25.67 -30.83
O4 NAG DD . -8.13 -23.30 -32.38
O5 NAG DD . -10.48 -25.70 -33.84
O6 NAG DD . -8.73 -24.32 -35.63
O7 NAG DD . -9.41 -29.51 -31.56
#